data_8OIQ
#
_entry.id   8OIQ
#
loop_
_entity.id
_entity.type
_entity.pdbx_description
1 polymer 'Mitochondrial ribosomal protein L12'
2 polymer 'E-site tRNA'
3 polymer '16S rRNA'
4 polymer 'CP Phe-tRNA'
5 polymer 'Large ribosomal subunit protein uL22m'
6 polymer '39S ribosomal protein L23, mitochondrial'
7 polymer uL24m
8 polymer '39S ribosomal protein L27, mitochondrial'
9 polymer 'Mitochondrial ribosomal protein L28'
10 polymer 'Mitochondrial ribosomal protein L47'
11 polymer 'Large ribosomal subunit protein uL30m'
12 polymer 'Mitochondrial ribosomal protein L32'
13 polymer 'Large ribosomal subunit protein bL33m'
14 polymer 'Large ribosomal subunit protein bL34m'
15 polymer '39S ribosomal protein L35, mitochondrial'
16 polymer 'Mitochondrial ribosomal protein L2'
17 polymer ICT1
18 polymer 'Mitochondrial ribosomal protein L4'
19 polymer 'Mitochondrial ribosomal protein L9'
20 polymer 'Mitochondrial ribosomal protein L10'
21 polymer 'Mitochondrial ribosomal protein L11'
22 polymer '39S ribosomal protein L13, mitochondrial'
23 polymer 'Mitochondrial ribosomal protein L14'
24 polymer '39S ribosomal protein L15, mitochondrial'
25 polymer uL16m
26 polymer bL17m
27 polymer 'Mitochondrial ribosomal protein L18'
28 polymer '39S ribosomal protein L19, mitochondrial'
29 polymer 'Mitochondrial ribosomal protein L20'
30 polymer 'Mitochondrial ribosomal protein L21'
31 polymer '39S ribosomal protein L52, mitochondrial'
32 polymer 'Mitochondrial ribosomal protein L53'
33 polymer mL54
34 polymer 'Mitochondrial ribosomal protein L55'
35 polymer 'Mitochondrial ribosomal protein L57'
36 polymer 'mL62 (ICT1)'
37 polymer mL64
38 polymer 'Mitochondrial ribosomal protein S18A'
39 polymer '39S ribosomal protein S30, mitochondrial'
40 polymer '39S ribosomal protein L1, mitochondrial'
41 polymer 'Ribosomal protein'
42 polymer 'Mitochondrial ribosomal protein L37'
43 polymer 'Mitochondrial ribosomal protein L38'
44 polymer 'Mitochondrial ribosomal protein L39'
45 polymer 'Mitochondrial ribosomal protein L40'
46 polymer '39S ribosomal protein L41, mitochondrial'
47 polymer mL42
48 polymer 'Large ribosomal subunit protein mL43'
49 polymer mL44
50 polymer 'Mitochondrial ribosomal protein L45'
51 polymer 'Mitochondrial ribosomal protein L46'
52 polymer '39S ribosomal protein L48, mitochondrial'
53 polymer '39S ribosomal protein L49, mitochondrial'
54 polymer 'Mitochondrial ribosomal protein L50'
55 polymer 'Large ribosomal subunit protein mL51'
56 polymer 'P-site Met-tRNA(fMet)'
57 polymer 'Peptide chain release factor 1, mitochondrial'
58 non-polymer 'MAGNESIUM ION'
59 non-polymer 'POTASSIUM ION'
60 non-polymer PHENYLALANINE
61 non-polymer 'ZINC ION'
62 non-polymer 'FE2/S2 (INORGANIC) CLUSTER'
63 non-polymer N-FORMYLMETHIONINE
#
loop_
_entity_poly.entity_id
_entity_poly.type
_entity_poly.pdbx_seq_one_letter_code
_entity_poly.pdbx_strand_id
1 'polypeptide(L)'
;MLPAAASSLWGPCFGLRAAALRVARHQGPRLCGVRLMRCSSHRKGEALAGAPLDNAPKEYPPKIQQLVQDIASLTLLEIS
DLNELLKKTLKIQDVGFMPMGAVAPGAPPAAAAPEAAEEDLPKRKEQTHFTVRLTEAKPVDKVKLIKEIKSHIQGINLVQ
AKKLVESLPQEIKANVPKAEAEKIKAALEAVGGTVVLE
;
B1,B2,B3,B4,B5,B6
2 'polyribonucleotide' CCA B7
3 'polyribonucleotide'
;ACCAAAGCUAGCUCAACAUACUAAACAAAUACAAAAAUACACCAAAAUAAAAUAAAACAUUCACCUAACAUUAAAGUAUA
GGAGAUAGAAAUUUUUAUCCUGACGCUAUAGAGAUAGUACCGUAAGGGAAAGAUGAAAGAAUAAAAUAAAAGUAAAAAAA
AGCAAAGAUUACCCCUUCUACCUUUUGCAUAAUGGUUUAACCAGAAAAAAUCUAACAAAGAGAACUUUAGCUAGAUACCC
CGAAACCAGACGAGCUACCCAUGAGCAGUUUAAAAGAACCAACUCAUCUAUGUGGCAAAAUAGUGAGAAGACUUGUAGGU
AGAGGUGAAAAGCCUAACGAGCCUGGUGAUAGCUGGUUGUCCGAGAAAGAAUUUUAGUUCAACCUUAAAAAUACCCCAAA
AACCCUAAAUUCCAAUGUAUUUUUAAGAGAUAGUCUAAAAAGGUACAGCUUUUUAGAAACGGAUACAACCUUGACUAGAG
AGUAAAAUCUUAAUACUACCAUAGUAGGCCUAAAAGCAGCCAUCAAUUGAGAAAGCGUUAAAGCUCAACAAAUUCACCAA
CAUAAUCCCAAAAACUAAUAACAAACUCCUAGCCCAAUACCGGACUAAUCUAUUGAAACAUAGAAGCAAUAAUGUUAAUA
UGAGUAACAAGAAGCCUUUCUCCUCGCACACGCUUACAUCAGUAACUAAUAAUAUACUGAUAAUUAACAACCAAUAAACC
AAAACAACACUAAAACGUUUAUUAAUUACAUUGUUAACCCAACACAGGAGUGCACCAAGGAAAGAUUAAAAGAAGUAAAA
GGAACUCGGCAAACACAAACCCCGCCUGUUUACCAAAAACAUCACCUCUAGCAUUACUAGUAUUAGAGGCAAUGCCUGCC
CAGUGACACCAGUUUAACGGCCGCGGUAUUCUGACCGUGCAAAGGUAGCAUAAUCACUUGUUCUCCAA(1MA)UAAGGAC
UUGUAUGAAUGGCCACACGAGGGUUUUACUGUCUCUUACUUCCAAUCAGUGAAAUUAACCUUCCCGUGAAGAGGCGGGAA
UAAAAAAAUAAGACGAGAAGACCCUAUGGAGCUUUAAUUAACUAUUCCAAAAGUUAAACAACUCAACCACAAAGGGAUAA
AACAUAACUUAACAUGGACUAGCAAUUUCGGUUG(OMG)GGUGACCUCGGAGUACAAAAAACCCUCCGAGUGAUUUUAAU
CUAGACAAACCAGUCAAAAUAACCAUAACAUCACUUAUUGAUCCAAAAUUUUGAUCAACGGAACAAGUUACCCUAGGGAU
AACAGCGCAAUCCUGUUCUAGAGUUCCUAUCGACAAUAGGGUUUACGACCUCGAUGUUGGAUCAGGACACCCAAAUGGUG
CAACCGCUAUUAAAGGUUCGUU(OMU)(OMG)UUCAACGAUUAAAGUCCUACGUGAUC(PSU)GAGUUCAGACCGGAGCA
AUCCAGGUCGGUUUCUAUCUAUUAUAAAUUUCUCCCAGUACGAAAGGACAAGAGAAAUGGGACCAACCUCACAAACGCGU
CUCAGAGAUAAUUAAUGAUUUAAUCUUAACCUAAUUAACUCAUAAUAAAUCCAGCCCUAGAACAGGGCACA
;
B8
4 'polyribonucleotide' GUUAAUGUAGCUUAAAUUAUCAAAGCAAGGCACUGAA(MIA)AUGCCUAGAUGAGCCUCACAGCUCCAUAAACACCA B9
5 'polypeptide(L)'
;MAAAVLERLGGLWMQNLRGKLALRLLSSHSILPQSHIHTSASVEISRKWEKKNKIVYPPQLPGEPRRPAEIYHCRRQIKY
SKDKMWYLAKLIRGMSIDQALAQLEFSDKKGAQIIKEVLLEAQDMAVRDHNVEFRSNLYVAESTSGRGQYLKRIRYHGRG
RFGIMEKVFCHYFVKLVEGPPPPREAPKTAVAHAREYIQELRNRTITHAL
;
BA
6 'polypeptide(L)'
;M(AYA)RNVLYPLYQLGNPQLRVFRTNFFIQLVRPGTAQPEDTVQFRIPMEMTRVDLRNYLERIYNVPVAAVRTRVQYGS
NRRRDHRNIRIKKPDYKVAYVQLALGQTFTFPDLFPERKGASVDVDVRDQVLEDQRQKHSPDPRRGGVPGWFGL
;
BB
7 'polypeptide(L)'
;MRLSALLALASKVTLPPNYRYGMSRPGSLSDKRKNPPGTRRRRVPVEPISDEDWHLFCGDKVEILEGKDAGKQGKVVQVI
RQRNWVVVEGLNTHYRYVGKTVDYRGTMIPSEAPLLHNQVKLVDPTDRKPTDVEWRFTEAGERVRVSTRSGRIIPKPEFP
RADGIVPETWIDGPKDTSVEDALEKTYVPRLKTLEEEVMEAMGIQETRRHKKVYWY
;
BC
8 'polypeptide(L)'
;MALAVLALRTRAAVTALLSPPQAAALAVRYASKKTGGSSKNLGGKSPGKRFGIKKMEGHYVHAGNILATQRHFRWHPGAH
VGLGKNKCLYALEEGVVRYTKEVYVPNPSNSEAVDLVTRLPQGAVLYKTFVHVVPAKPEGTFKLVAML
;
BD
9 'polypeptide(L)'
;MPLHKVPVGLWKQLRLWEGIYSRLPRHYLRSLEEARTPTPVHYRPHGAKFKINPKNWQRERVEDVPIPVHYPPESQLGLW
GGEGWVLGHRYVNNDKLSKRVRKVWKPQLFQRELYSEILDKRFTVTVTMRTLDLIDQACGFDFYILKTPKEDLCSKFGMD
LKRGMLLRLARQDPQLHPDDPARRAAIYDRYKAFVIPEAEAEWVGLTLDEAVEKQRLLEEKDPIPLFKIFVEELLGQLQQ
QALSEPAVVQTRASRK
;
BE
10 'polypeptide(L)'
;MAAAGLAVFCRRVSAALKACRLLIRPQAPPSTRFSPSLLPKNTPNVTSFHQFRIFHTTFSRRGLEEFFDDPKNWGEEKVK
SGASWTCQQLRNKSNEDLHKLWYVLLKERNMLLTLEQEAKRQRLPMPSPERLEKVVDSMDALDKVVQEREDALRLLQTGQ
EKARPGAWRRDIFGRIIWHKFKQWPIPWYLNKKYNRKRFFAMPYVERFVRMRIEKQARIKARKRSLERKKEKFLQEKFPH
LSETQKSSHV
;
BF
11 'polypeptide(L)'
;HPPRQDFLVRRQPHRNRTVTKGMESLICTDWIRHKFTRSRIPDKVFQPSPEDHEKYGGDPQYPHKLHIVTRIKSTKRRPY
WEKDIIKMLGLEKAHTPQVHKNIPSVNAKLKVVKHLIRIKPLKLPQGLPTEEDMANTCLKSNGELVVRWLLNPANQEARK
S
;
BG
12 'polypeptide(L)'
;MLEVGVGPRPDGRGFWASNMASAMLVLVVPPWPAARGLLRNWWEQLQRKLQHNRLGLPLHPWGPALAVQGPAICTEPAND
TNGSKAISSLLDSVFWMAAPKNRRSIEVNRCRRRNPQKLIKVKNNIDVCPECGHLKQKHILCGYCYEKVRKETAEIRRQM
GKQEGGPFRAPTTETVVLYSGETPSEQDQGKRIIERERKRPSWFTQN
;
BH
13 'polypeptide(L)' MFLSAVTFAKSKSKTILVKMMSQAGTGFSFNTKRSRLREKLTLLHYDPVVKKKVLFVEQKKIRSL BI
14 'polypeptide(L)'
;MAFLARSVGRLLDPVSRSAALVGGRWLQPQAWLGFPDTWGLPAMQQTRGKARGNEYQPSNIKRKHKHGWVRRLRTPTGVQ
VILRRMHKGRKSLSH
;
BJ
15 'polypeptide(L)'
;MAASAFAGAVRAATGILRPLHILASSAYQNCAKNACLSSVLSSRHFSHIQTSALLSAPRLITSVRNLMCGPTAPVLNRVA
PLLPHVLKPPVRTVTYFSSRKGKRKTVKAVIYRFLRLHSGLWLRRKAGYKKKLWKKTAARKRRLREFVFCNKTQSKLLDK
MTTSFWKRRNWYADDPYQKYQDRTNLKV
;
BK
16 'polypeptide(L)'
;MALRVLTRALSSLSLTPRIAVAPGLNLLPAVQVTNNVLLTLPSGLMSLPCRPILTSVALSATSVSWKSRTKYTVMPVKMR
KSGGRNHTGQIQVHGIGGGHKQRYRMIDFLRFRPEHESKPGPFEEKVIAVRYDPCRSADIALVAGGNRKRWIIATENMKA
GDTVLNSDHIGRMAVAAREGDAHPLGALPVGTLINNVESEPGRGAQYIRAAGTCGVLLRKVNGTAIIQLPSKRQMQVLET
CIATVGRVSNVDHNKRVIGKAGRNRWLGKRPNSGLWQRKGGWAGRKIRPLPPMKSYVKLPSAAAQS
;
BL
17 'polypeptide(L)'
;MAPAALLPSWGQRGAAAGGGGKAWEGRRRNALKAEWRGAQRCSGRALLGLTMPGWGLLGRAGARVLGCGADGLGASRGLG
NRTDICLLVRSLHGKSVTWWDEHLSEENVPFVKQLVSDENKAQLASKLCPLKDEPWPIHPWEPGSSRVGLIALKLGMMPL
WTKDGQKHVVTLLQVQDCHVLKYTPKENHNGRMAALTVGGKTVSHFHKSASILEFYQELGLPPKQKVKIFNVTENAVIKP
GTPLYAAHFRPGQYVDVTAKTIGKGFQGVMRRWGFKGQPATHGQTKTHRRPGAISTGDVARVWPGTKMPGQLGNIDRTAF
GLKVWRINTKHNIIYVNGSVPGHKNCLVKIKDSKLPAYKDFCKNLPFPTYFPDGDEEALPEDLYDENVCQPGAPSITFT
;
BM
18 'polypeptide(L)'
;MLQLVRAGARTWFRPSGCRGLNTLAEEAVQQAEKPESVASLGLQPPVLRKCELPVPAHRRPVQAWIESLRGYEQERVGLT
ELHPDVFSTAPRLDILHQVAIWQKNFKRISYAKTKTRAEVRGGGRKPWVQKGSGRARHGSIRSPIWRGGGVAHGPRGPTS
YYYMLPMKVRVQGLKVALTVKLAQDDLHIVDSLELPTADPQYLIELARYRRWGDSVLLVDLEHEDMPQNVVAATSGLKTF
NLVPAVGLNVHSMLKHQTLVLTLPTVAFLEEKLLWHNSRYTPLYPFRLPYCDFP
;
BN
19 'polypeptide(L)'
;MAAAACTAAGGGLLRAGLERLLRGGVRALLRPRLEGVTPRSERAFSLSLSRSTVIVERWWKVPLAGEGRKPRLHRRHRVY
KLVEDTKHRPKDNLELVLTQSVEELGVRGDLVSVKKSVGRNRLLPQGLAVYASPENKKLFEEEKLLRQEGKLEKLQTKAG
EATVKFLRRCHLEVGMKNNVKWELNPEIVARHFLRNLGVVVAPHALKLPEEPITQRGEYWCEVTVNGLDTVRVPMSVVNF
ERPKTKRYKYWLAQQAAKGDVPTSSQMI
;
BO
20 'polypeptide(L)'
;MSSQAFRRHPPQGRLPTFQTVRYGSKAVTRHRRVMHFERQKLMAVTEYIPPKPTINPRCLPPPPTPPQEETGLVRLLRRE
IAAVFRDNRMIAVCQHVALSAEDKLLLRHQLRKHKILMKIFPNQVLKPFLEESKYQNLLPLFVGHNLLLVSEEPKVKEMV
RILKGIPFLPLLGGCIDDTILSRQGFINYSKLPSLALVQGELVGGLTFLTAQTYSMLQHQPRQLTALLDQYVKQQQEGHP
AVPASGQPEPPDPVPDP
;
BP
21 'polypeptide(L)'
;MSKLSRATRALKKPEASGMIRAIVRAGQARPGPPLGPILGQRGVSINQFCKEFNEKTKDIKEGIPLPTKIFVKPDRTFEI
KIGQPTVSYFLKAAAGIEKGARHTGKEVAGLVTLKHVYEIARVKAQDDAFALQDVPLSSVVRSIIGSARSLGIRVVKDLS
SEELAAFQKERALFLAAQREADLAAQAEAAKK
;
BQ
22 'polypeptide(L)'
;MRRDTSWILRKGRSCCWGNM(SAC)SFSKAPQQWATFARVWYLLDGKMQPPGKLAAMASVKLQGLHKPVYHQLSDCGDHV
VIMNTRHIAFSGNKWEQKVYSSHTGYPGGFRQVTAAQLHQKDPVAIVKLAIYGMLPKNLHRRTMMQRLHLFPDEDIPEDI
LKNLVEELPQPRKVPRRLDEYTQEEIEAFPRVWSPPEDYRL
;
BR
23 'polypeptide(L)'
;MVRGWGQRPAPLGPAGPGTSGSRRRLKGGDAQPSPGFFFGWWWDPQRKERGPGKGRVLTPRRRLGSSSEPRVGAGRGWGR
GRGSRWAARAPGSCGGRGCVWGRGSGRREGEEEGRGHEGPTPHASSRKARAHSQIAARPAGSDAQAQDYRPRGGEGGPGP
VGPAAGYSRAAKAGLPSRDCMAFCTGLRGPFAQVSRALSQRCFSTTGSLSAIQKMTRVRVVDNSALGTTPYHRPPRCIHV
YNKTGVGKVGDRILLAIRGQKKKALIVGHRMPGPRMTPRFDSNNVVLLEDNGNPVGTRIKTPIPSSLRQREGEFSKVLAI
AQNFV
;
BS
24 'polypeptide(L)'
;MGGPVQGGGPRALDLLRALPRVSLANLKPNPGSRKPERRPRGRRRGRKCGRGHKGERQRGTRPRLGFEGGQTPFYLRIPK
YGFNEGHSFRHQYQPLSLNRLQYLIDLGRVDPTQPIDLTQLVNGRGVTIQPSKRDYGVQLVEEGADTFKAKVNIEVQMAS
ELAIAAIEKNGGVVTTAFYDPRSLEILCKPVPFFLRGQPIPKRMLPPEALVPYYTDAKNRGYLADPARFPEARLELARKY
GYVLPDITKDELFKMLSTRKDPRQIFFGLAPGWVVNMADKKILKPTDENLLKYYSS
;
BT
25 'polypeptide(L)'
;MWRLLARACAPLLRAPLSDSWAAPSATAGFKTLLPVPTFEDVAIPEKPKLRFVERVPLVPKVRRERKNLSDIRGPSTEAT
EFTEGRFAILALGGGYLHWGHFEMMRLTINRSMDPKNMFALWRVPAPFKPITRKGMGQRMGGGKGAIDHYVTPVKAGRLI
VEMGGRCEFKEVQGFLDLVAHKLPFPAKAVSRETLEKMRKDQEERERNNQNPWTFERIATANMLGIRKVLSPYDLTHKGR
YWGKFYTPERV
;
BU
26 'polypeptide(L)'
;MRLSVAAAISHGRVFRRLGLGPESRIHLLQNLLTGLVRHERIEASWARVDELRGYAEKLIDYGKLGDTNERAMRMADFWL
TEKDLIPKLFQVLAPRFQGQNGGYTRMLQIPNRNEQDRAKMAVIEYKGNCLPPLPLPRRDSNLTLLNQLLQGLRQDQEAS
SHTAQTPAV
;
BV
27 'polypeptide(L)'
;MVLRSSVPLKQVAHARLHFLVPSRKGCRAAALSTSCKPATNPETDPVENEAVAPEFTNRNPRNLELLAVARKERGWGTVW
PSREFWHRLRVIRTQHHIEALVEHRNGQVVVSASTREWAIKKHLYSTRNVVACESVGRVLAERCLEAGINFMVYHPTPWE
AASDSIKRLQHAMTEGGVVLREPRRIYE
;
BW
28 'polypeptide(L)'
;MGVVVSTQRAGMAASITRGSWAAVGLGQSFPPTRALLPAPASVICRTLAGSGRQQVTGSSEPGAFQPPPKPVIVDKRRPQ
RPETRFLSPEFIPPRGRTNPLKFQIERKDMLERRKILHIPEFYVGSILRVTTADPYASAKTSQFLGICIQRSGSGLGATF
ILRNTIEGQGVEICFELYNPRIQEIQVVKLEKRLDNSLLYLRDALPEYSTFDVNMKPITQEFNQEVPVNQLKVKMKPKPW
SKRWERPKFNIKGIRFDLCLTEEQMREAQKWSQPWLEFDMMREYDTSKIEAAIWDEIEASKNS
;
BX
29 'polypeptide(L)'
;MVFLTVPLWLRSRVTDRYWRVQEVLKHARHFRGRKNRCYRLAVRAVTRAFVKCTRARRLKKRSLRTLWINRITAASQEHG
LKYPAFIINLIKCQVELNRKVLADLAIYEPKTFKSLAALAKRRREEGFAAALGDGKEPDGIFSRVVQHR
;
BY
30 'polypeptide(L)'
;MAAAVAASVLQGTFGRLVSAYSRSVLRTSRPGTAPPWSAPRRLSSQHTSSLRGCVPKTSLGSPPWPDIVLPDPVEETRHH
AEVVGQVNELIAAGRYGRLFAVVHFAGHQWKVTAEDLILIENELDVACGERIRLEKVLLVGADNFTLLGKPLLGKELVRV
EATVIEKTESWPKINMKFQKRKNYQRKRITVNPQTVLRINSIEIAPCLC
;
BZ
31 'polypeptide(L)'
;MAGPVIENQIQDGYFRLPPQRPAWPSRPRPFPALRLSMAAWGILLSSVRRLHCGTAAQAGSQWRLQQGFAANPSGYGPLT
ELPDWSYADGRPAPPMKGQLRRKAQREKFARRVVLLSQEMDAGLQAWQLRQQEKLQEEEGKQKNALKSKGALLQNPQPSQ
;
Ba
32 'polypeptide(L)'
;M(AYA)AALARLGLRAVKQVRVQFCPFEKNVESTRTFLQAVSSEKVRCTNLNCSVIADVRHDGSEPCVDVLFGDGHRLIM
RGAHLTAQEMLTAFASHIQARGAAGSGDKPSASTGR
;
Bb
33 'polypeptide(L)'
;MAARRLFGAARSWAAWRAWELSDAAVSGRLHVRNYAKRPVIKGGKGGKGAVVGEALKDPEVCTDPFRLTTHAMGVNIYKE
GQDVVLKPDSEYPEWLFEMNVGPPKKLEELDPETREYWRLLRKHNIWRHNRLSKNRKF
;
Bc
34 'polypeptide(L)'
;MAAKGSLLRLLWQRVVTGAAPESCRHLYTSSWRADCNRALLTRLHRQTYARLYPVLLVKQDGSTIHIRYREPRRMLTMPV
DLDSLSPEERRARFRKREAKFKEKKEEPELSDDFDVEQYKRFWTKK
;
Bd
35 'polypeptide(L)'
;MFLTALLRRNRIPGRQWIGKHRRPRPVSAQAKQNMIRRLETEAENQYWLSRPFLTAEQERGHAAVRRAAAFQALKAAQAA
RFPAHRRLEEQLGHLLVTRKWS
;
Be
36 'polypeptide(L)'
;MAAARCLRWGLNRAGAWLLPSPTRYPRRALHKQVEGTEFQSIYSLDKLYPESRGSDTAWRLPDDAKQANDIPVDRLTISY
CRSSGPGGQNVNKVNSKAEVRFHLASADWIAEPVRLKLAVKHKNRINRSGELILTSECSRYQFRNLADCLQKLRDMIAEA
SQPAKEPSREDAELRRSRIENMNRERLRKKRISSAIKTSRRVDVD
;
Bf
37 'polypeptide(L)'
;MAAPVQQARTLLRLVTTLGQGSRGYRARPPPRRSQEPRWPDPDDPLTPRWQLSPRYAAKQFARHGAASGVAAGSLWPSQE
QLRELEAEEREWYPSLAAMQESLRVQQLAEEQKRQAREQLIEECMAKMPQMIENWRQQQQERREKEQADKDRRARLQAEA
QERLGYHVDPRSARFQELLQDMEKQHRKRLKEEKQRKKKEARAAAMAAAAAQDPADSETPSS
;
Bg
38 'polypeptide(L)'
;MVGLNVLVSGCGRLLRGLLAGPAATSWARPPSRGFREVVEILDGKTTIIEGRITETPQESPNPPNPTGQCPICRWNLKHK
YNYEDVLLLSQFIRPHGGMLPRRITGLCQEEHLKIEECVKMAHRAGLLPNHRPKLPEGFVPKSKPRLNRYLTRWSPRSVK
PIYNKGHRWNKVRMPVGSPLLKDNVSYSGRPLLLYH
;
Bh
39 'polypeptide(L)'
;MAAARCWRFPLRGAGLSLHTAAKAAVTAPEVTGPDVPATPVARYPPIVASLTAKSKAARQRRVEQWQATVHAAKSVDEKL
RILTKMQFMKYVVYPQTFALNADNWYQSFTKTVFLSGLPPTPAKLEPEPTLDITALREAVCDCLLQEHFFLRRKKRAPVI
QDREAIASPFLDQLVASLTGLLSVHNPVLAAAALDCKRPVHFFWLRGEEIIPRGHRKGRVDALRYQINDKPHNQIRISRQ
LPEFVPLDYSIPIEVPVMSCKPDKLPLFKRQYENTIFIGSKTADPLCYGHTQFHLLPDKLKREKLLKQNCADQIEVVFRA
NAIASLFAWTGAQAMYQGFWSEADVTRPFVSQGVITDGKYFSFFCYQLNTLALTAQADQNNPRKNICWGTQSKPLYETIE
DNNVKGFNDDVLLQLVQFLLNRPKEDKSQLLEN
;
Bi
40 'polypeptide(L)'
;MVSQMPLYPRSVYIQLPNRHFAAAATKPAKKTQKGAKGKASDEKKDDIEKIKSYPFMEGEPEDDVYLKRLYPRQIYEVEK
AIHLLKKFQVLDFTNPNQGVYLDLTLDMTLGKKKKVEPFASVLSLPYPFTSEINKVAVFTGNASEIKIAEEKGAAFAGGT
NLIQKILDDEIQPDFYVAVPEIMPELNPLRKKLKKRFPKLTRNSIGRDIPKMLELFKTGHEIKVDEERENFLETKIATLN
MSSDQIAANLQAVINEVCRQRPLNLGPFVVRAFLRSSTSEGLLIKIEPLLPKEVEAKESGTLTA
;
Bj
41 'polypeptide(L)'
;MATAFLRTVLSAVGPLLHLGGRPLSTFAAGPPRAALAVGAQPSPAAALLSARPLLGPQPALGFKTKGVLKKRCRDCYLVK
RRGRWFIYCKTNPKHKQRQM
;
Bl
42 'polypeptide(L)'
;MALASGPARRALARLGRLGLGGCGAPRRGAYEWGVRSTRKPEPPPLDRVYEIPGLEPITYAGKMHFMPGLARPVFPPWDP
GWTHPKFRRLPPLHEHPLYKDQACYVFHQRCRLLEGVKQALWLTKTQLIEGLPEKVLRLADDPRNHIENQDERVLNAISH
ARLWHSTEDIPKRETYCPVIVDSLIQLCKSQILKHPSLARRICAQNNTLSATWNRESILLQVHGSSGARLNAKDPLPPVA
SQEEVEATKNHVLETFYPISPTMGLQECNVYDVNDDTGFQEGYPYPCPHTLYFLESANLRPRRFQPDQLRAKMILFAFGS
ALAQARLLYGNDSKVLEQPVVVQSVGTDGRLFQFLVLQLNTTDLASDEGVKNLAWVDSDQLLYQHFWCLPVIKKKVVVEP
VGPIGFQPETFRKFLALYLHGAV
;
Bm
43 'polypeptide(L)'
;MAAPWWRAALCASRRWRGFSTSAALSRRAAPLGPMPNEDIDVSDLERLKKYRSFDRYRRRAEQEARKPHWWRTYREHFGE
ESGPKDRVDIGLPPPKVSRTQQLLERKQALRELRANVEEERAARLQTARIPLEAVRAEWERTCGPYHKQRLAEYCGLYRD
LFHGATFVPRVPLHVAYAVGEDDLMPVYHGNEVTPTEAAQAPEVTYEADEGSLWTLLLTNLDGHLLEPDAEYVHWLVTNI
PGNRVTEGQETCPYLPPFPARGSGFHRFAFLLFKQDKRIDFSGDTRPSPCYQLAQRTFHTFDFYKKHQDAMTPAGLAFFQ
CRWDDSVTRVFHQLLDMREPVFEFVRPPPYHPKQKRFPHRQPLRYLDRYRDSHEPTYGIY
;
Bn
44 'polypeptide(L)'
;MAMGAWGLRLWRAVPRGEAGWRLIATSPASQLSPTELIEMQNDLFNKEKNRQLSLTPRTEKIEVKHVGKTDPGTVFVMNK
NISTPYSCAMHLSEWYCRKSILALVDGQPWDMYKPLTKSCEIKFLTFKDDDPGEVNKAYWRSCAMMMGCVIERAFKDEYV
VSLVRAPEVPVIAGAFCYDVVLDKRLDEWMPTKENLHSFTKDARALIYKDLPFETLEVEAKVALEIFQHNKYKLDFIEEK
ASQNPERIVKLHRFGDFIDVSEGPLIPRTSICFQYEVSAVHNLQTQSSLVRRFQGLSLPVHLRAHFTIWNKLLERSRKMV
TEDKTKPTEESAST
;
Bo
45 'polypeptide(L)'
;MRAEPLRKKKKVDPKKDQAAKDRLKKRIRRLEKASQELIPIEDFITPVKFLNKERQRPPVELPFEESERRALLLKRWSLY
KQREHEMERSAIRSLLEAQEEALQELRLSSPELHAEATKRDPSLFPFERQGPDYTPPISDYQPPEGRYQDITKVYTQVEF
KK
;
Bp
46 'polypeptide(L)'
;MGLLSGAARALVRGADRMSKWTSKRGPRTFCKGRGAKGTGFHGRDGKFVQIKEMIPELVVPELAGFKLKPYVNYRAPEGT
DTPLTAKQLFLETAAPAIEKDFKAGTFDPEHLEKYGFEPTQEGKLFQLYPKNFPR
;
Bq
47 'polypeptide(L)'
;MALAAVKWVISSRTILKHLFPIQNSASYCVCHKSTYSSLPDDYNCKVELALTSDGRTIVCYHPSVDIPYEHTKPIPRPDP
VHNIEETHDLVLKTRLEEKGEHLEQGPMIEQLSKMFFTTKHRWYPRGQYHRRRRKPNPPKDR
;
Br
48 'polypeptide(L)'
;(ACE)TARGTASRFLTSVLHNGLGRYVQQLQRLSFSLSRDAPSSRGAREFVEREVTDFARRNPGVVIYVNPRPCCVPRVV
AEYLNGAVREESIHCKSVEEIAALVQKLADQSGLDVIRIRKPFHTDSPSIQGQWHPFTNKPTTLGGLRPREVQDPAPAQV
QAQ
;
Bs
49 'polypeptide(L)'
;MASGLVRLLQWGPRRLLAPAAPTLAPPVRGAKKGFRAAYRFQKELERWRLLRCPPPPVRRSEKPNWDYHAEIQAFGHRLQ
ETFSLDLLKTAFVNSCYIKSEEAKRQKLGIDKEAALLNLKDNQELSEQGISFSQTCLTQFFEDAFPDLPTEGVTSLVDFL
TSEEVVCHVARNLAVEQLALSAEFPVPPPVLRQTFFAVIGALLQSSGPERTALFIRDFLITQMTGKELFEMWTITNPMGL
LVEELKKRKISAPESRLTRQSGSTTALPVYFVGLYCDRKLIAEGPGETVLVAEEEAARVALRKLFGFTENRRPWDYSKPK
EHVRAEKTITAS
;
Bt
50 'polypeptide(L)'
;MAAPVTRGLSCLPRVLGWWSRQPVLVTQSTAVVPVRTKKRFTPPTYQPKYKSEKEFVEHARKAGLVIPHERLERPIHLAC
TAGIFDAYVPPEGDARISSLSKEGLAQRAERLKKNVASQLSIRKIRESDPNFKIKDFPEKAKDIFIEAHLCLNNSDHDRL
HTLVTENCFPDMVWDIRYKTVRWSFVESLEPPQVVQVRCSSLMNQGNIYGQVTVRMHTRQTLAIYDRFGRLMYGQEDVPR
DVLEYVVFEKHLVDPYGSWRMHGKIIPPWAPPKQPILKTVMIPGPQLKPWEEFEEPQGEVHKPQPA
;
Bu
51 'polypeptide(L)'
;MAAPVRRTMLRVVRGWRRFEGPWAHSLGSRNLALAVAPSSSSSPWRLLGALCLQRPPLVTKPLTPLQEEMADLLQQIEIE
RSLYSDHELRALDEAQQLAKKKSDLYEEEDEQNILLAQDLEDMWEQKFLHFKLGARLTEADKKDDRTSLHRKLDRNLILL
VREKLGDQDIWMLPQSDWQPGETLRQTAERTLATLSENNMEAKFLGNAPCGHYKFKFPQAMRTETSLGAKVFFFKALLLT
GDFSQAGKKGHHVWVSKEELGDYLKPKYLAQVRRFLLDL
;
Bv
52 'polypeptide(L)'
;MSEAAGTKVLRELNASRSDIVTGPDQGRSVSIFRPPGIAAAWADLQLARLHTTRQQRMNGALGKALCLRNDTVLKQALSL
IRVRASGESPICSAGGILLSTSRHYRSKPTHGIGRYKHLVKAQEPKKKKGKVEVRPINLGTDYEYGVLNIHLIAYDMALA
ESYAQYVHNLCNHLAIKVEESYAMPTKTMEVLQLQEQGSKMFLDAVLTTHERVVQISGLSATFAEIFLEIIHSNLPEGVK
LSVREHTEEDFKGRFKARPELEELLAKLN
;
Bw
53 'polypeptide(L)'
;MAATVLCGVLRAWRTGVPLGCGLRRLSQTQGTPEYPSFVESVDEYHFVERLLPPASIPRPPKHEHYPTPSGWQPPRDPAP
SLPYFVRRSRMHNIPVYRDITHGNRQMTVIRKVEGDIWALQKDVEDFLSPLLGKTPVTQVNEVTGTLRVKGYFDQQLKAW
LLEKGF
;
Bx
54 'polypeptide(L)'
;MVRLRGKRECLTLSLRLIGWSWRVTAGGGRCFVSKFSSKMAARWVSGLARRSLTCAVSGAPRREFWSPFRKEKQPVVAET
VEEVKKEPILVCPPIQSRTYIPPEDLQSRLESHVKEVFGSSVPSNWQDISLEDVHLKFSFLARLANDLRHAVPNSRLHQM
CRVRDVLDFYNVPVQDRSKFDELIASNLPHNLKITWGY
;
By
55 'polypeptide(L)'
;MAGSLSWVTGRGLWGRLPLTCRSFSLGIPRLFHVRVTLPPRKVVDRWNEKRAMFGVYDNIGILGNFEKHPKELIKGPIWL
RGWKGNELQRCIRKKRMVGNRMFIDDLHNLNKRISYLYKHFNRHGKYR
;
Bz
56 'polyribonucleotide' AGUAAGGUCAGCUAAAUAAGCUAUCGGGCCCAUACCCCGAAAAUGUUGGUUAUACCCUUCCCGUACUACCA AG
57 'polypeptide(L)'
;MNRHLCVWLFRHPSLNGYLQCHIQLHSHQFRQIHLDTRLQVFRQNRNCILHLLSKNWSRRYCHQDTKMLWKHKALQKYME
NLSKEYQTLEQCLQHIPVNEENRRSLNRRHAELAPLAAIYQEIQETEQAIEELESMCKSLNKQDEKQLQELALEERQTID
QKINMLYNELFQSLVPKEKYDKNDVILEVTAGRTTGGDICQQFTREIFDMYQNYSCYKHWQFELLNYTPADYGGLHHAAA
RISGDGVYKHLKYEGGIHRVQRIPEVGLSSRMQRIHTGTMSVIVLPQPDEVDVKLDPKDLRIDTFRAKGAGGQHVNKTDS
AVRLVHIPTGLVVECQQERSQIKNKEIAFRVLRARLYQQIIEKDKRQQQSARKLQVGTRAQSERIRTYNFTQDRVSDHRI
AYEVRDIKEFLCGGKGLDQLIQRLLQSADEEAIAELLDEHLKSAKGGSGGSGDYKDHDGDYKDHDIDYKDDDDK
;
Aa
#
loop_
_chem_comp.id
_chem_comp.type
_chem_comp.name
_chem_comp.formula
1MA RNA linking 6-HYDRO-1-METHYLADENOSINE-5'-MONOPHOSPHATE 'C11 H16 N5 O7 P'
A RNA linking ADENOSINE-5'-MONOPHOSPHATE 'C10 H14 N5 O7 P'
ACE non-polymer 'ACETYL GROUP' 'C2 H4 O'
C RNA linking CYTIDINE-5'-MONOPHOSPHATE 'C9 H14 N3 O8 P'
FES non-polymer 'FE2/S2 (INORGANIC) CLUSTER' 'Fe2 S2'
G RNA linking GUANOSINE-5'-MONOPHOSPHATE 'C10 H14 N5 O8 P'
K non-polymer 'POTASSIUM ION' 'K 1'
MG non-polymer 'MAGNESIUM ION' 'Mg 2'
MIA RNA linking 2-METHYLTHIO-N6-ISOPENTENYL-ADENOSINE-5'-MONOPHOSPHATE 'C16 H24 N5 O7 P S'
OMG RNA linking O2'-METHYLGUANOSINE-5'-MONOPHOSPHATE 'C11 H16 N5 O8 P'
OMU RNA linking 'O2'-METHYLURIDINE 5'-MONOPHOSPHATE' 'C10 H15 N2 O9 P'
PSU RNA linking PSEUDOURIDINE-5'-MONOPHOSPHATE 'C9 H13 N2 O9 P'
U RNA linking URIDINE-5'-MONOPHOSPHATE 'C9 H13 N2 O9 P'
ZN non-polymer 'ZINC ION' 'Zn 2'
#
# COMPACT_ATOMS: atom_id res chain seq x y z
N GLU A 46 -95.59 -13.45 -63.70
CA GLU A 46 -96.45 -14.63 -63.70
C GLU A 46 -95.79 -15.79 -62.96
N ALA A 47 -96.48 -16.93 -62.94
CA ALA A 47 -95.96 -18.12 -62.27
C ALA A 47 -96.48 -19.36 -62.98
N LEU A 48 -95.78 -20.48 -62.76
CA LEU A 48 -96.14 -21.74 -63.39
C LEU A 48 -97.05 -22.54 -62.46
N ALA A 49 -97.32 -23.79 -62.83
CA ALA A 49 -98.22 -24.65 -62.07
C ALA A 49 -97.49 -25.26 -60.87
N GLY A 50 -98.28 -25.88 -59.99
CA GLY A 50 -97.77 -26.51 -58.79
C GLY A 50 -97.28 -27.93 -58.94
N ALA A 51 -97.34 -28.50 -60.16
CA ALA A 51 -96.85 -29.84 -60.45
C ALA A 51 -97.50 -30.88 -59.56
N PRO A 52 -98.79 -31.16 -59.75
CA PRO A 52 -99.44 -32.19 -58.92
C PRO A 52 -98.88 -33.57 -59.20
N LEU A 53 -98.94 -34.42 -58.18
CA LEU A 53 -98.34 -35.74 -58.22
C LEU A 53 -99.40 -36.81 -58.52
N ASP A 54 -98.95 -38.06 -58.57
CA ASP A 54 -99.84 -39.19 -58.76
C ASP A 54 -100.33 -39.80 -57.46
N ASN A 55 -99.78 -39.38 -56.32
CA ASN A 55 -100.26 -39.89 -55.04
C ASN A 55 -101.70 -39.44 -54.76
N ALA A 56 -102.00 -38.18 -55.04
CA ALA A 56 -103.36 -37.65 -54.91
C ALA A 56 -103.72 -36.86 -56.16
N PRO A 57 -103.72 -37.51 -57.32
CA PRO A 57 -104.12 -36.82 -58.56
C PRO A 57 -105.64 -36.76 -58.66
N LYS A 58 -106.20 -35.58 -58.43
CA LYS A 58 -107.64 -35.39 -58.52
C LYS A 58 -108.07 -34.11 -59.19
N GLU A 59 -107.18 -33.13 -59.38
CA GLU A 59 -107.54 -31.82 -59.91
C GLU A 59 -107.15 -31.76 -61.39
N TYR A 60 -108.16 -31.81 -62.27
CA TYR A 60 -107.94 -31.62 -63.69
C TYR A 60 -107.91 -30.14 -64.03
N PRO A 61 -107.24 -29.76 -65.12
CA PRO A 61 -107.17 -28.34 -65.50
C PRO A 61 -108.55 -27.77 -65.76
N PRO A 62 -108.81 -26.53 -65.34
CA PRO A 62 -110.11 -25.92 -65.61
C PRO A 62 -110.33 -25.55 -67.06
N LYS A 63 -109.25 -25.34 -67.82
CA LYS A 63 -109.41 -24.99 -69.24
C LYS A 63 -110.07 -26.11 -70.02
N ILE A 64 -109.73 -27.36 -69.70
CA ILE A 64 -110.39 -28.50 -70.35
C ILE A 64 -111.87 -28.53 -69.99
N GLN A 65 -112.20 -28.30 -68.72
CA GLN A 65 -113.58 -28.38 -68.28
C GLN A 65 -114.47 -27.36 -69.00
N GLN A 66 -113.99 -26.12 -69.13
CA GLN A 66 -114.77 -25.11 -69.82
C GLN A 66 -114.89 -25.40 -71.32
N LEU A 67 -113.88 -26.04 -71.90
CA LEU A 67 -113.97 -26.45 -73.30
C LEU A 67 -115.03 -27.54 -73.47
N VAL A 68 -115.15 -28.45 -72.51
CA VAL A 68 -116.18 -29.47 -72.58
C VAL A 68 -117.56 -28.82 -72.53
N GLN A 69 -117.75 -27.85 -71.63
CA GLN A 69 -119.03 -27.16 -71.55
C GLN A 69 -119.33 -26.38 -72.83
N ASP A 70 -118.31 -25.71 -73.38
CA ASP A 70 -118.51 -24.96 -74.62
C ASP A 70 -118.87 -25.89 -75.77
N ILE A 71 -118.21 -27.05 -75.86
CA ILE A 71 -118.53 -28.01 -76.91
C ILE A 71 -119.96 -28.53 -76.72
N ALA A 72 -120.31 -28.88 -75.48
CA ALA A 72 -121.63 -29.41 -75.19
C ALA A 72 -122.74 -28.38 -75.38
N SER A 73 -122.39 -27.09 -75.44
CA SER A 73 -123.36 -26.03 -75.63
C SER A 73 -123.61 -25.71 -77.11
N LEU A 74 -123.37 -26.67 -78.00
CA LEU A 74 -123.53 -26.46 -79.43
C LEU A 74 -124.47 -27.51 -80.00
N THR A 75 -125.17 -27.14 -81.07
CA THR A 75 -126.13 -28.03 -81.70
C THR A 75 -125.42 -29.04 -82.59
N LEU A 76 -126.19 -30.04 -83.03
CA LEU A 76 -125.63 -31.09 -83.88
C LEU A 76 -125.20 -30.55 -85.23
N LEU A 77 -125.88 -29.52 -85.75
CA LEU A 77 -125.44 -28.88 -86.97
C LEU A 77 -124.06 -28.25 -86.78
N GLU A 78 -123.82 -27.62 -85.63
CA GLU A 78 -122.51 -27.08 -85.33
C GLU A 78 -121.49 -28.17 -85.02
N ILE A 79 -121.96 -29.36 -84.64
CA ILE A 79 -121.04 -30.49 -84.46
C ILE A 79 -120.43 -30.88 -85.80
N SER A 80 -121.25 -30.96 -86.85
CA SER A 80 -120.72 -31.26 -88.17
C SER A 80 -119.78 -30.17 -88.65
N ASP A 81 -120.12 -28.90 -88.41
CA ASP A 81 -119.24 -27.81 -88.76
C ASP A 81 -117.93 -27.89 -88.00
N LEU A 82 -117.99 -28.20 -86.71
CA LEU A 82 -116.78 -28.36 -85.91
C LEU A 82 -115.96 -29.54 -86.39
N ASN A 83 -116.61 -30.67 -86.68
CA ASN A 83 -115.88 -31.85 -87.15
C ASN A 83 -115.23 -31.60 -88.50
N GLU A 84 -115.96 -31.00 -89.44
CA GLU A 84 -115.41 -30.78 -90.77
C GLU A 84 -114.20 -29.85 -90.73
N LEU A 85 -114.27 -28.79 -89.92
CA LEU A 85 -113.14 -27.89 -89.78
C LEU A 85 -111.94 -28.61 -89.17
N LEU A 86 -112.17 -29.43 -88.14
CA LEU A 86 -111.08 -30.19 -87.54
C LEU A 86 -110.50 -31.20 -88.53
N LYS A 87 -111.35 -31.87 -89.29
CA LYS A 87 -110.86 -32.83 -90.29
C LYS A 87 -110.04 -32.12 -91.36
N LYS A 88 -110.49 -30.95 -91.81
CA LYS A 88 -109.74 -30.21 -92.82
C LYS A 88 -108.40 -29.75 -92.27
N THR A 89 -108.38 -29.23 -91.04
CA THR A 89 -107.12 -28.78 -90.45
C THR A 89 -106.26 -29.97 -90.01
N LEU A 90 -106.88 -30.99 -89.43
CA LEU A 90 -106.13 -32.15 -88.94
C LEU A 90 -106.64 -33.43 -89.59
N ILE B 64 -115.37 -21.88 -82.23
CA ILE B 64 -114.99 -23.00 -83.08
C ILE B 64 -113.55 -22.82 -83.57
N GLN B 65 -113.31 -21.70 -84.26
CA GLN B 65 -111.97 -21.44 -84.78
C GLN B 65 -110.97 -21.27 -83.65
N GLN B 66 -111.35 -20.57 -82.57
CA GLN B 66 -110.47 -20.43 -81.42
C GLN B 66 -110.20 -21.77 -80.76
N LEU B 67 -111.17 -22.69 -80.80
CA LEU B 67 -110.95 -24.03 -80.28
C LEU B 67 -109.85 -24.75 -81.05
N VAL B 68 -109.84 -24.61 -82.38
CA VAL B 68 -108.81 -25.24 -83.19
C VAL B 68 -107.43 -24.68 -82.85
N GLN B 69 -107.35 -23.36 -82.68
CA GLN B 69 -106.06 -22.74 -82.36
C GLN B 69 -105.57 -23.17 -80.99
N ASP B 70 -106.47 -23.27 -80.01
CA ASP B 70 -106.06 -23.61 -78.65
C ASP B 70 -105.55 -25.05 -78.57
N ILE B 71 -106.29 -26.00 -79.14
CA ILE B 71 -105.90 -27.41 -79.02
C ILE B 71 -104.57 -27.67 -79.72
N ALA B 72 -104.31 -26.99 -80.85
CA ALA B 72 -103.01 -27.13 -81.49
C ALA B 72 -101.90 -26.56 -80.63
N SER B 73 -102.20 -25.52 -79.85
CA SER B 73 -101.21 -24.95 -78.94
C SER B 73 -101.03 -25.77 -77.67
N LEU B 74 -101.95 -26.67 -77.36
CA LEU B 74 -101.85 -27.48 -76.16
C LEU B 74 -100.72 -28.50 -76.30
N THR B 75 -100.25 -28.98 -75.15
CA THR B 75 -99.22 -30.01 -75.11
C THR B 75 -99.85 -31.38 -75.25
N LEU B 76 -99.00 -32.42 -75.25
CA LEU B 76 -99.52 -33.79 -75.36
C LEU B 76 -100.39 -34.15 -74.17
N LEU B 77 -99.95 -33.79 -72.96
CA LEU B 77 -100.75 -34.09 -71.77
C LEU B 77 -102.08 -33.34 -71.79
N GLU B 78 -102.04 -32.06 -72.17
CA GLU B 78 -103.24 -31.23 -72.13
C GLU B 78 -104.31 -31.74 -73.10
N ILE B 79 -103.89 -32.18 -74.29
CA ILE B 79 -104.84 -32.78 -75.22
C ILE B 79 -105.31 -34.15 -74.71
N SER B 80 -104.37 -34.96 -74.21
CA SER B 80 -104.74 -36.28 -73.71
C SER B 80 -105.65 -36.18 -72.48
N ASP B 81 -105.33 -35.25 -71.56
CA ASP B 81 -106.23 -35.02 -70.44
C ASP B 81 -107.58 -34.49 -70.92
N LEU B 82 -107.59 -33.73 -72.01
CA LEU B 82 -108.85 -33.33 -72.64
C LEU B 82 -109.61 -34.55 -73.15
N ASN B 83 -108.90 -35.47 -73.82
CA ASN B 83 -109.54 -36.66 -74.35
C ASN B 83 -110.04 -37.57 -73.23
N GLU B 84 -109.24 -37.72 -72.17
CA GLU B 84 -109.65 -38.56 -71.05
C GLU B 84 -110.91 -38.02 -70.38
N LEU B 85 -110.96 -36.70 -70.17
CA LEU B 85 -112.17 -36.10 -69.60
C LEU B 85 -113.34 -36.19 -70.58
N LEU B 86 -113.05 -36.05 -71.89
CA LEU B 86 -114.10 -36.27 -72.89
C LEU B 86 -114.59 -37.70 -72.84
N LYS B 87 -113.67 -38.67 -72.69
CA LYS B 87 -114.08 -40.06 -72.58
C LYS B 87 -114.91 -40.30 -71.32
N LYS B 88 -114.53 -39.67 -70.21
CA LYS B 88 -115.29 -39.81 -68.98
C LYS B 88 -116.65 -39.13 -69.09
N THR B 89 -116.71 -37.98 -69.77
CA THR B 89 -117.97 -37.25 -69.89
C THR B 89 -118.88 -37.91 -70.92
N LEU B 90 -118.42 -38.02 -72.17
CA LEU B 90 -119.21 -38.64 -73.22
C LEU B 90 -119.24 -40.16 -73.06
N ILE C 64 -135.94 -36.05 -76.53
CA ILE C 64 -135.39 -37.37 -76.27
C ILE C 64 -136.51 -38.40 -76.20
N GLN C 65 -137.36 -38.28 -75.18
CA GLN C 65 -138.46 -39.22 -75.03
C GLN C 65 -139.44 -39.13 -76.19
N GLN C 66 -139.75 -37.91 -76.63
CA GLN C 66 -140.66 -37.74 -77.77
C GLN C 66 -140.04 -38.31 -79.04
N LEU C 67 -138.73 -38.13 -79.21
CA LEU C 67 -138.05 -38.69 -80.39
C LEU C 67 -138.14 -40.21 -80.40
N VAL C 68 -137.97 -40.85 -79.25
CA VAL C 68 -138.09 -42.31 -79.18
C VAL C 68 -139.47 -42.75 -79.60
N GLN C 69 -140.52 -42.06 -79.12
CA GLN C 69 -141.87 -42.40 -79.51
C GLN C 69 -142.11 -42.13 -81.00
N ASP C 70 -141.61 -41.00 -81.50
CA ASP C 70 -141.82 -40.66 -82.92
C ASP C 70 -141.09 -41.64 -83.84
N ILE C 71 -139.86 -42.00 -83.48
CA ILE C 71 -139.13 -42.98 -84.28
C ILE C 71 -139.80 -44.35 -84.20
N ALA C 72 -140.37 -44.68 -83.04
CA ALA C 72 -141.00 -45.99 -82.84
C ALA C 72 -142.23 -46.20 -83.72
N SER C 73 -142.78 -45.14 -84.30
CA SER C 73 -143.96 -45.24 -85.14
C SER C 73 -143.64 -45.40 -86.62
N LEU C 74 -142.36 -45.53 -86.97
CA LEU C 74 -141.95 -45.63 -88.36
C LEU C 74 -141.67 -47.08 -88.73
N THR C 75 -141.89 -47.40 -90.00
CA THR C 75 -141.66 -48.74 -90.51
C THR C 75 -140.16 -48.98 -90.72
N LEU C 76 -139.80 -50.25 -90.94
CA LEU C 76 -138.39 -50.60 -91.13
C LEU C 76 -137.81 -49.96 -92.38
N LEU C 77 -138.61 -49.83 -93.43
CA LEU C 77 -138.13 -49.16 -94.65
C LEU C 77 -137.77 -47.71 -94.36
N GLU C 78 -138.61 -47.01 -93.59
CA GLU C 78 -138.31 -45.63 -93.24
C GLU C 78 -137.13 -45.55 -92.27
N ILE C 79 -136.95 -46.57 -91.43
CA ILE C 79 -135.79 -46.60 -90.54
C ILE C 79 -134.50 -46.65 -91.35
N SER C 80 -134.46 -47.49 -92.38
CA SER C 80 -133.28 -47.51 -93.25
C SER C 80 -133.13 -46.22 -94.04
N ASP C 81 -134.25 -45.61 -94.43
CA ASP C 81 -134.18 -44.34 -95.15
C ASP C 81 -133.60 -43.24 -94.28
N LEU C 82 -134.03 -43.15 -93.02
CA LEU C 82 -133.51 -42.12 -92.13
C LEU C 82 -132.06 -42.40 -91.73
N ASN C 83 -131.69 -43.68 -91.59
CA ASN C 83 -130.30 -44.01 -91.29
C ASN C 83 -129.38 -43.58 -92.43
N GLU C 84 -129.81 -43.79 -93.67
CA GLU C 84 -129.01 -43.35 -94.81
C GLU C 84 -128.88 -41.83 -94.85
N LEU C 85 -129.97 -41.13 -94.52
CA LEU C 85 -129.92 -39.66 -94.50
C LEU C 85 -128.95 -39.16 -93.44
N LEU C 86 -128.95 -39.78 -92.26
CA LEU C 86 -127.99 -39.39 -91.23
C LEU C 86 -126.57 -39.67 -91.67
N LYS C 87 -126.34 -40.82 -92.32
CA LYS C 87 -125.03 -41.11 -92.87
C LYS C 87 -124.68 -40.15 -94.00
N LYS C 88 -125.66 -39.80 -94.83
CA LYS C 88 -125.43 -38.84 -95.90
C LYS C 88 -125.10 -37.45 -95.34
N THR C 89 -125.81 -37.03 -94.30
CA THR C 89 -125.65 -35.68 -93.77
C THR C 89 -124.40 -35.55 -92.91
N LEU C 90 -124.33 -36.33 -91.83
CA LEU C 90 -123.24 -36.21 -90.88
C LEU C 90 -122.02 -37.05 -91.29
N LYS C 91 -122.23 -38.34 -91.52
CA LYS C 91 -121.16 -39.28 -91.85
C LYS C 91 -120.05 -39.28 -90.80
N ILE D 64 -139.77 -38.31 -91.00
CA ILE D 64 -138.39 -38.64 -91.31
C ILE D 64 -137.53 -37.37 -91.25
N GLN D 65 -137.86 -36.40 -92.11
CA GLN D 65 -137.08 -35.17 -92.17
C GLN D 65 -137.25 -34.35 -90.89
N GLN D 66 -138.46 -34.36 -90.32
CA GLN D 66 -138.69 -33.63 -89.08
C GLN D 66 -137.84 -34.20 -87.93
N LEU D 67 -137.71 -35.53 -87.88
CA LEU D 67 -136.89 -36.15 -86.85
C LEU D 67 -135.44 -35.73 -86.96
N VAL D 68 -134.91 -35.65 -88.19
CA VAL D 68 -133.54 -35.21 -88.38
C VAL D 68 -133.34 -33.79 -87.87
N GLN D 69 -134.31 -32.91 -88.15
CA GLN D 69 -134.22 -31.54 -87.67
C GLN D 69 -134.27 -31.48 -86.14
N ASP D 70 -135.16 -32.26 -85.53
CA ASP D 70 -135.26 -32.26 -84.07
C ASP D 70 -133.99 -32.81 -83.43
N ILE D 71 -133.41 -33.87 -84.00
CA ILE D 71 -132.15 -34.40 -83.49
C ILE D 71 -131.04 -33.37 -83.66
N ALA D 72 -131.01 -32.68 -84.80
CA ALA D 72 -130.02 -31.64 -85.04
C ALA D 72 -130.19 -30.44 -84.11
N SER D 73 -131.34 -30.31 -83.45
CA SER D 73 -131.61 -29.18 -82.57
C SER D 73 -131.25 -29.47 -81.12
N LEU D 74 -130.67 -30.63 -80.83
CA LEU D 74 -130.30 -31.01 -79.47
C LEU D 74 -128.82 -30.78 -79.22
N THR D 75 -128.46 -30.70 -77.94
CA THR D 75 -127.08 -30.49 -77.54
C THR D 75 -126.38 -31.85 -77.34
N LEU D 76 -125.12 -31.79 -76.91
CA LEU D 76 -124.35 -33.02 -76.71
C LEU D 76 -124.94 -33.87 -75.59
N LEU D 77 -125.30 -33.25 -74.47
CA LEU D 77 -125.81 -34.01 -73.33
C LEU D 77 -127.14 -34.68 -73.65
N GLU D 78 -128.03 -33.98 -74.34
CA GLU D 78 -129.31 -34.58 -74.72
C GLU D 78 -129.12 -35.72 -75.71
N ILE D 79 -128.22 -35.55 -76.68
CA ILE D 79 -127.97 -36.63 -77.64
C ILE D 79 -127.30 -37.81 -76.96
N SER D 80 -126.34 -37.55 -76.07
CA SER D 80 -125.67 -38.63 -75.35
C SER D 80 -126.65 -39.40 -74.48
N ASP D 81 -127.55 -38.69 -73.80
CA ASP D 81 -128.59 -39.36 -73.01
C ASP D 81 -129.60 -40.07 -73.90
N LEU D 82 -129.84 -39.55 -75.11
CA LEU D 82 -130.71 -40.23 -76.06
C LEU D 82 -130.13 -41.58 -76.46
N ASN D 83 -128.81 -41.63 -76.72
CA ASN D 83 -128.17 -42.89 -77.09
C ASN D 83 -128.18 -43.88 -75.94
N GLU D 84 -128.02 -43.40 -74.70
CA GLU D 84 -128.03 -44.28 -73.55
C GLU D 84 -129.38 -44.97 -73.38
N LEU D 85 -130.47 -44.22 -73.58
CA LEU D 85 -131.80 -44.82 -73.49
C LEU D 85 -132.02 -45.84 -74.60
N LEU D 86 -131.53 -45.56 -75.81
CA LEU D 86 -131.61 -46.53 -76.89
C LEU D 86 -130.81 -47.79 -76.56
N LYS D 87 -129.65 -47.62 -75.95
CA LYS D 87 -128.87 -48.77 -75.49
C LYS D 87 -129.64 -49.57 -74.45
N LYS D 88 -130.34 -48.89 -73.54
CA LYS D 88 -131.14 -49.59 -72.55
C LYS D 88 -132.34 -50.27 -73.20
N THR D 89 -132.92 -49.66 -74.22
CA THR D 89 -134.07 -50.25 -74.90
C THR D 89 -133.63 -51.30 -75.92
N LEU D 90 -132.79 -50.89 -76.87
CA LEU D 90 -132.30 -51.81 -77.90
C LEU D 90 -130.77 -51.89 -77.88
N ILE E 64 -147.05 -60.71 -84.77
CA ILE E 64 -145.67 -61.13 -84.91
C ILE E 64 -145.53 -62.63 -84.63
N GLN E 65 -146.56 -63.20 -84.01
CA GLN E 65 -146.55 -64.63 -83.71
C GLN E 65 -146.51 -65.47 -84.98
N GLN E 66 -147.24 -65.04 -86.02
CA GLN E 66 -147.20 -65.75 -87.29
C GLN E 66 -145.81 -65.67 -87.91
N LEU E 67 -145.13 -64.53 -87.75
CA LEU E 67 -143.77 -64.40 -88.27
C LEU E 67 -142.81 -65.35 -87.55
N VAL E 68 -143.00 -65.53 -86.24
CA VAL E 68 -142.17 -66.46 -85.48
C VAL E 68 -142.35 -67.89 -86.00
N GLN E 69 -143.60 -68.29 -86.24
CA GLN E 69 -143.86 -69.63 -86.75
C GLN E 69 -143.28 -69.82 -88.15
N ASP E 70 -143.45 -68.82 -89.02
CA ASP E 70 -142.93 -68.92 -90.37
C ASP E 70 -141.41 -68.99 -90.39
N ILE E 71 -140.75 -68.17 -89.55
CA ILE E 71 -139.30 -68.13 -89.53
C ILE E 71 -138.73 -69.46 -89.06
N ALA E 72 -139.29 -70.02 -87.99
CA ALA E 72 -138.79 -71.28 -87.46
C ALA E 72 -139.16 -72.48 -88.32
N SER E 73 -140.06 -72.32 -89.29
CA SER E 73 -140.51 -73.41 -90.14
C SER E 73 -139.72 -73.52 -91.44
N LEU E 74 -138.75 -72.64 -91.67
CA LEU E 74 -137.97 -72.66 -92.90
C LEU E 74 -136.65 -73.42 -92.68
N THR E 75 -136.10 -73.90 -93.78
CA THR E 75 -134.88 -74.70 -93.72
C THR E 75 -133.65 -73.80 -93.64
N LEU E 76 -132.47 -74.42 -93.70
CA LEU E 76 -131.22 -73.68 -93.57
C LEU E 76 -131.01 -72.76 -94.77
N LEU E 77 -131.23 -73.28 -95.98
CA LEU E 77 -130.99 -72.49 -97.18
C LEU E 77 -131.98 -71.32 -97.27
N GLU E 78 -133.24 -71.55 -96.95
CA GLU E 78 -134.23 -70.48 -97.01
C GLU E 78 -133.92 -69.39 -95.99
N ILE E 79 -133.53 -69.78 -94.77
CA ILE E 79 -133.13 -68.81 -93.77
C ILE E 79 -131.84 -68.10 -94.19
N SER E 80 -130.92 -68.84 -94.82
CA SER E 80 -129.72 -68.22 -95.37
C SER E 80 -130.08 -67.22 -96.47
N ASP E 81 -131.05 -67.58 -97.32
CA ASP E 81 -131.52 -66.65 -98.34
C ASP E 81 -132.21 -65.44 -97.73
N LEU E 82 -132.85 -65.62 -96.57
CA LEU E 82 -133.45 -64.48 -95.87
C LEU E 82 -132.39 -63.46 -95.45
N ASN E 83 -131.26 -63.95 -94.94
CA ASN E 83 -130.19 -63.04 -94.52
C ASN E 83 -129.66 -62.23 -95.70
N GLU E 84 -129.46 -62.88 -96.84
CA GLU E 84 -128.95 -62.17 -98.01
C GLU E 84 -129.92 -61.09 -98.48
N LEU E 85 -131.22 -61.41 -98.51
CA LEU E 85 -132.21 -60.41 -98.90
C LEU E 85 -132.29 -59.26 -97.92
N LEU E 86 -132.23 -59.56 -96.62
CA LEU E 86 -132.31 -58.50 -95.62
C LEU E 86 -131.09 -57.57 -95.69
N LYS E 87 -129.90 -58.13 -95.89
CA LYS E 87 -128.70 -57.30 -96.02
C LYS E 87 -128.80 -56.40 -97.25
N LYS E 88 -129.25 -56.94 -98.39
CA LYS E 88 -129.38 -56.13 -99.60
C LYS E 88 -130.49 -55.10 -99.45
N THR E 89 -131.63 -55.49 -98.90
CA THR E 89 -132.72 -54.54 -98.69
C THR E 89 -132.35 -53.49 -97.65
N LEU E 90 -131.73 -53.92 -96.55
CA LEU E 90 -131.36 -53.00 -95.48
C LEU E 90 -129.85 -52.91 -95.32
N ILE F 64 -141.15 -66.74 -99.41
CA ILE F 64 -140.03 -66.06 -98.79
C ILE F 64 -140.17 -64.55 -98.95
N GLN F 65 -140.64 -64.13 -100.12
CA GLN F 65 -140.83 -62.70 -100.38
C GLN F 65 -141.95 -62.12 -99.51
N GLN F 66 -143.00 -62.91 -99.28
CA GLN F 66 -144.08 -62.45 -98.42
C GLN F 66 -143.58 -62.22 -96.99
N LEU F 67 -142.71 -63.11 -96.50
CA LEU F 67 -142.17 -62.96 -95.15
C LEU F 67 -141.35 -61.68 -95.03
N VAL F 68 -140.56 -61.36 -96.04
CA VAL F 68 -139.74 -60.14 -96.01
C VAL F 68 -140.64 -58.90 -96.00
N GLN F 69 -141.69 -58.90 -96.82
CA GLN F 69 -142.60 -57.76 -96.86
C GLN F 69 -143.30 -57.55 -95.52
N ASP F 70 -143.71 -58.63 -94.87
CA ASP F 70 -144.39 -58.51 -93.58
C ASP F 70 -143.46 -57.92 -92.52
N ILE F 71 -142.19 -58.35 -92.50
CA ILE F 71 -141.24 -57.83 -91.52
C ILE F 71 -140.99 -56.34 -91.75
N ALA F 72 -140.77 -55.94 -93.00
CA ALA F 72 -140.49 -54.55 -93.30
C ALA F 72 -141.70 -53.65 -93.08
N SER F 73 -142.90 -54.21 -93.04
CA SER F 73 -144.11 -53.42 -92.85
C SER F 73 -144.38 -53.09 -91.38
N LEU F 74 -143.59 -53.63 -90.46
CA LEU F 74 -143.77 -53.40 -89.04
C LEU F 74 -142.84 -52.31 -88.54
N THR F 75 -143.19 -51.77 -87.36
CA THR F 75 -142.36 -50.77 -86.71
C THR F 75 -141.28 -51.43 -85.86
N LEU F 76 -140.40 -50.61 -85.30
CA LEU F 76 -139.31 -51.13 -84.48
C LEU F 76 -139.82 -51.72 -83.17
N LEU F 77 -140.92 -51.20 -82.63
CA LEU F 77 -141.49 -51.79 -81.42
C LEU F 77 -141.99 -53.20 -81.69
N GLU F 78 -142.62 -53.42 -82.84
CA GLU F 78 -143.15 -54.74 -83.16
C GLU F 78 -142.02 -55.74 -83.42
N ILE F 79 -140.94 -55.30 -84.08
CA ILE F 79 -139.81 -56.20 -84.28
C ILE F 79 -138.99 -56.37 -83.01
N SER F 80 -139.07 -55.42 -82.08
CA SER F 80 -138.37 -55.58 -80.81
C SER F 80 -138.93 -56.74 -80.01
N ASP F 81 -140.26 -56.87 -79.98
CA ASP F 81 -140.88 -58.04 -79.37
C ASP F 81 -140.68 -59.29 -80.23
N LEU F 82 -140.60 -59.11 -81.56
CA LEU F 82 -140.30 -60.22 -82.44
C LEU F 82 -138.91 -60.78 -82.17
N ASN F 83 -137.91 -59.90 -82.01
CA ASN F 83 -136.56 -60.35 -81.70
C ASN F 83 -136.47 -60.95 -80.30
N GLU F 84 -137.21 -60.40 -79.35
CA GLU F 84 -137.16 -60.89 -77.98
C GLU F 84 -137.63 -62.33 -77.89
N LEU F 85 -138.70 -62.68 -78.60
CA LEU F 85 -139.15 -64.06 -78.64
C LEU F 85 -138.14 -64.96 -79.34
N LEU F 86 -137.50 -64.45 -80.39
CA LEU F 86 -136.48 -65.24 -81.07
C LEU F 86 -135.22 -65.40 -80.23
N LYS F 87 -134.89 -64.39 -79.41
CA LYS F 87 -133.73 -64.52 -78.52
C LYS F 87 -133.97 -65.59 -77.47
N LYS F 88 -135.20 -65.71 -76.98
CA LYS F 88 -135.52 -66.74 -76.00
C LYS F 88 -135.49 -68.15 -76.60
N THR F 89 -135.62 -68.25 -77.93
CA THR F 89 -135.62 -69.54 -78.63
C THR F 89 -136.64 -70.51 -78.05
P 1MA H 949 6.73 -51.31 -25.21
OP1 1MA H 949 6.76 -50.22 -26.27
OP2 1MA H 949 7.53 -52.58 -25.42
O5' 1MA H 949 7.20 -50.65 -23.83
C5' 1MA H 949 6.68 -49.40 -23.40
C4' 1MA H 949 7.77 -48.44 -23.03
O4' 1MA H 949 8.62 -49.06 -22.01
C3' 1MA H 949 8.70 -48.04 -24.17
O3' 1MA H 949 9.07 -46.67 -24.06
C2' 1MA H 949 9.93 -48.93 -23.96
O2' 1MA H 949 11.14 -48.40 -24.46
C1' 1MA H 949 9.96 -49.07 -22.44
N9 1MA H 949 10.56 -50.33 -21.99
C8 1MA H 949 10.96 -51.36 -22.79
N7 1MA H 949 11.45 -52.36 -22.11
C5 1MA H 949 11.38 -51.97 -20.82
C6 1MA H 949 11.79 -52.66 -19.63
N6 1MA H 949 12.30 -53.83 -19.63
N1 1MA H 949 11.52 -51.89 -18.48
CM1 1MA H 949 11.89 -52.47 -17.20
C2 1MA H 949 10.98 -50.66 -18.52
N3 1MA H 949 10.61 -50.02 -19.58
C4 1MA H 949 10.83 -50.71 -20.71
P OMG H 1151 2.76 -2.98 -19.18
OP1 OMG H 1151 3.52 -3.41 -20.41
OP2 OMG H 1151 2.10 -4.02 -18.32
O5' OMG H 1151 3.74 -2.17 -18.22
C5' OMG H 1151 3.28 -1.68 -16.97
C4' OMG H 1151 4.11 -2.19 -15.82
O4' OMG H 1151 3.89 -3.60 -15.65
C3' OMG H 1151 5.62 -2.09 -16.02
O3' OMG H 1151 6.12 -0.79 -15.76
C2' OMG H 1151 6.14 -3.15 -15.07
O2' OMG H 1151 6.19 -2.68 -13.74
CM2 OMG H 1151 7.53 -2.34 -13.35
C1' OMG H 1151 5.07 -4.23 -15.17
N9 OMG H 1151 5.43 -5.30 -16.11
C8 OMG H 1151 4.84 -5.55 -17.29
N7 OMG H 1151 5.42 -6.61 -17.91
C5 OMG H 1151 6.40 -7.04 -17.11
C6 OMG H 1151 7.41 -8.13 -17.16
O6 OMG H 1151 7.46 -8.91 -18.13
N1 OMG H 1151 8.24 -8.24 -16.12
C2 OMG H 1151 8.19 -7.41 -15.06
N2 OMG H 1151 9.09 -7.62 -14.06
N3 OMG H 1151 7.31 -6.41 -14.94
C4 OMG H 1151 6.40 -6.18 -15.92
N1 OMU H 1375 7.03 -40.64 -17.50
C2 OMU H 1375 5.73 -40.16 -17.70
N3 OMU H 1375 4.68 -40.79 -17.16
C4 OMU H 1375 4.86 -41.88 -16.41
C5 OMU H 1375 6.14 -42.38 -16.19
C6 OMU H 1375 7.23 -41.74 -16.77
O2 OMU H 1375 5.55 -39.13 -18.40
O4 OMU H 1375 3.87 -42.46 -15.90
C1' OMU H 1375 8.18 -39.94 -18.13
C2' OMU H 1375 8.78 -38.87 -17.22
O2' OMU H 1375 9.17 -37.77 -18.03
CM2 OMU H 1375 8.97 -36.51 -17.38
C3' OMU H 1375 9.99 -39.58 -16.66
C4' OMU H 1375 10.43 -40.47 -17.81
O3' OMU H 1375 11.01 -38.71 -16.21
O4' OMU H 1375 9.18 -40.88 -18.42
C5' OMU H 1375 11.23 -41.68 -17.43
O5' OMU H 1375 10.57 -42.44 -16.44
P OMU H 1375 11.10 -43.89 -16.03
OP1 OMU H 1375 12.56 -43.77 -15.67
OP2 OMU H 1375 10.14 -44.49 -15.04
P OMG H 1376 11.54 -38.81 -14.70
OP1 OMG H 1376 12.69 -37.85 -14.50
OP2 OMG H 1376 11.75 -40.27 -14.37
O5' OMG H 1376 10.32 -38.29 -13.83
C5' OMG H 1376 10.30 -38.46 -12.41
C4' OMG H 1376 9.29 -37.54 -11.76
O4' OMG H 1376 9.73 -36.17 -11.89
C3' OMG H 1376 7.89 -37.54 -12.38
O3' OMG H 1376 7.09 -38.62 -11.94
C2' OMG H 1376 7.35 -36.17 -11.96
O2' OMG H 1376 6.83 -36.22 -10.64
CM2 OMG H 1376 5.40 -36.35 -10.62
C1' OMG H 1376 8.61 -35.31 -11.96
N9 OMG H 1376 8.72 -34.49 -13.17
C8 OMG H 1376 9.58 -34.68 -14.19
N7 OMG H 1376 9.44 -33.74 -15.15
C5 OMG H 1376 8.46 -32.91 -14.73
C6 OMG H 1376 7.82 -31.70 -15.27
O6 OMG H 1376 8.15 -31.22 -16.37
N1 OMG H 1376 6.85 -31.14 -14.54
C2 OMG H 1376 6.46 -31.63 -13.34
N2 OMG H 1376 5.48 -30.99 -12.67
N3 OMG H 1376 7.01 -32.74 -12.79
C4 OMG H 1376 8.00 -33.40 -13.43
N1 PSU H 1403 3.73 -32.69 0.48
C2 PSU H 1403 3.43 -32.28 -0.75
N3 PSU H 1403 3.62 -33.07 -1.83
C4 PSU H 1403 4.12 -34.30 -1.69
C5 PSU H 1403 4.47 -34.77 -0.34
C6 PSU H 1403 4.24 -33.91 0.72
O2 PSU H 1403 2.95 -31.14 -0.92
O4 PSU H 1403 4.30 -35.02 -2.69
C1' PSU H 1403 5.02 -36.13 -0.12
C2' PSU H 1403 6.46 -36.23 -0.63
O2' PSU H 1403 6.67 -37.53 -1.17
C3' PSU H 1403 7.26 -36.04 0.66
C4' PSU H 1403 6.38 -36.68 1.70
O3' PSU H 1403 8.56 -36.62 0.60
O4' PSU H 1403 5.04 -36.39 1.27
C5' PSU H 1403 6.58 -36.18 3.11
O5' PSU H 1403 6.26 -34.80 3.20
P PSU H 1403 6.03 -34.11 4.63
OP1 PSU H 1403 7.32 -34.22 5.40
OP2 PSU H 1403 5.39 -32.76 4.42
P MIA I 38 -8.39 37.56 -80.29
OP1 MIA I 38 -9.87 37.86 -80.27
OP2 MIA I 38 -7.50 38.27 -81.29
O5' MIA I 38 -7.82 37.84 -78.83
C5' MIA I 38 -8.47 37.31 -77.69
C4' MIA I 38 -7.64 37.51 -76.45
O4' MIA I 38 -6.47 36.65 -76.51
C3' MIA I 38 -7.06 38.91 -76.27
O3' MIA I 38 -7.97 39.80 -75.67
C2' MIA I 38 -5.82 38.65 -75.43
O2' MIA I 38 -6.17 38.46 -74.06
C1' MIA I 38 -5.35 37.31 -75.98
N9 MIA I 38 -4.36 37.49 -77.07
C8 MIA I 38 -4.60 37.54 -78.42
N7 MIA I 38 -3.50 37.70 -79.13
C5 MIA I 38 -2.48 37.74 -78.18
C6 MIA I 38 -1.08 37.85 -78.29
N6 MIA I 38 -0.45 37.99 -79.48
N1 MIA I 38 -0.35 37.85 -77.16
C2 MIA I 38 -0.99 37.72 -75.97
N3 MIA I 38 -2.31 37.59 -75.77
C4 MIA I 38 -3.00 37.59 -76.92
S10 MIA I 38 0.04 37.71 -74.53
C11 MIA I 38 -0.68 37.60 -72.87
C12 MIA I 38 0.99 37.95 -79.63
C13 MIA I 38 1.75 39.03 -78.95
C14 MIA I 38 3.06 39.13 -78.87
C15 MIA I 38 3.74 40.26 -78.16
C16 MIA I 38 3.99 38.13 -79.49
N ILE J 45 1.71 -3.16 49.94
CA ILE J 45 0.87 -4.16 50.58
C ILE J 45 -0.27 -3.48 51.32
N SER J 46 -1.31 -4.26 51.63
CA SER J 46 -2.46 -3.77 52.37
C SER J 46 -2.89 -4.83 53.38
N ARG J 47 -3.12 -4.39 54.62
CA ARG J 47 -3.53 -5.30 55.70
C ARG J 47 -4.71 -4.64 56.42
N LYS J 48 -5.92 -4.93 55.94
CA LYS J 48 -7.13 -4.44 56.57
C LYS J 48 -7.98 -5.53 57.19
N TRP J 49 -7.81 -6.79 56.77
CA TRP J 49 -8.59 -7.87 57.33
C TRP J 49 -8.22 -8.11 58.78
N GLU J 50 -6.94 -7.98 59.13
CA GLU J 50 -6.50 -8.20 60.50
C GLU J 50 -7.09 -7.17 61.45
N LYS J 51 -7.25 -5.93 60.98
CA LYS J 51 -7.72 -4.86 61.84
C LYS J 51 -9.23 -4.88 62.05
N LYS J 52 -9.97 -5.77 61.38
CA LYS J 52 -11.41 -5.82 61.58
C LYS J 52 -11.80 -6.44 62.92
N ASN J 53 -10.88 -7.14 63.58
CA ASN J 53 -11.17 -7.73 64.88
C ASN J 53 -11.04 -6.73 66.03
N LYS J 54 -10.53 -5.53 65.78
CA LYS J 54 -10.35 -4.52 66.81
C LYS J 54 -11.53 -3.57 66.94
N ILE J 55 -12.59 -3.76 66.14
CA ILE J 55 -13.74 -2.88 66.19
C ILE J 55 -14.57 -3.20 67.43
N VAL J 56 -14.82 -2.19 68.25
CA VAL J 56 -15.58 -2.34 69.48
C VAL J 56 -16.92 -1.64 69.30
N TYR J 57 -18.00 -2.40 69.40
CA TYR J 57 -19.34 -1.86 69.25
C TYR J 57 -19.84 -1.29 70.58
N PRO J 58 -20.74 -0.31 70.53
CA PRO J 58 -21.29 0.23 71.77
C PRO J 58 -22.16 -0.82 72.46
N PRO J 59 -22.28 -0.75 73.78
CA PRO J 59 -23.10 -1.74 74.50
C PRO J 59 -24.55 -1.71 74.06
N GLN J 60 -25.17 -2.88 74.05
CA GLN J 60 -26.55 -3.02 73.61
C GLN J 60 -27.51 -2.77 74.75
N LEU J 61 -28.57 -2.02 74.45
CA LEU J 61 -29.63 -1.80 75.43
C LEU J 61 -30.43 -3.09 75.63
N PRO J 62 -30.97 -3.30 76.84
CA PRO J 62 -31.77 -4.50 77.08
C PRO J 62 -33.01 -4.52 76.19
N GLY J 63 -33.38 -5.73 75.76
CA GLY J 63 -34.50 -5.93 74.87
C GLY J 63 -34.13 -6.00 73.41
N GLU J 64 -32.95 -5.51 73.03
CA GLU J 64 -32.51 -5.58 71.65
C GLU J 64 -32.14 -7.03 71.29
N PRO J 65 -32.25 -7.40 70.01
CA PRO J 65 -31.84 -8.75 69.60
C PRO J 65 -30.36 -8.98 69.88
N ARG J 66 -30.04 -10.22 70.26
CA ARG J 66 -28.66 -10.58 70.54
C ARG J 66 -27.82 -10.46 69.27
N ARG J 67 -26.68 -9.81 69.37
CA ARG J 67 -25.82 -9.61 68.21
C ARG J 67 -24.96 -10.85 67.98
N PRO J 68 -25.06 -11.50 66.83
CA PRO J 68 -24.20 -12.66 66.57
C PRO J 68 -22.74 -12.25 66.46
N ALA J 69 -21.87 -13.17 66.86
CA ALA J 69 -20.44 -12.89 66.85
C ALA J 69 -19.90 -12.91 65.42
N GLU J 70 -18.82 -12.17 65.20
CA GLU J 70 -18.14 -12.10 63.91
C GLU J 70 -16.65 -12.20 64.14
N ILE J 71 -16.01 -13.20 63.56
CA ILE J 71 -14.59 -13.45 63.72
C ILE J 71 -13.94 -13.36 62.35
N TYR J 72 -12.92 -12.51 62.23
CA TYR J 72 -12.17 -12.32 61.00
C TYR J 72 -10.76 -12.88 61.16
N HIS J 73 -10.38 -13.78 60.26
CA HIS J 73 -9.06 -14.38 60.31
C HIS J 73 -8.55 -14.57 58.89
N CYS J 74 -7.22 -14.58 58.75
CA CYS J 74 -6.61 -14.74 57.44
C CYS J 74 -5.18 -15.23 57.61
N ARG J 75 -4.63 -15.76 56.52
CA ARG J 75 -3.23 -16.17 56.45
C ARG J 75 -2.60 -15.54 55.22
N ARG J 76 -1.36 -15.08 55.38
CA ARG J 76 -0.66 -14.33 54.34
C ARG J 76 0.48 -15.14 53.77
N GLN J 77 0.70 -14.97 52.46
CA GLN J 77 1.84 -15.56 51.75
C GLN J 77 1.84 -17.09 51.86
N ILE J 78 0.80 -17.70 51.31
CA ILE J 78 0.72 -19.14 51.17
C ILE J 78 1.31 -19.54 49.82
N LYS J 79 2.11 -20.60 49.81
CA LYS J 79 2.78 -21.02 48.59
C LYS J 79 1.79 -21.50 47.53
N TYR J 80 0.57 -21.84 47.92
CA TYR J 80 -0.41 -22.34 46.96
C TYR J 80 -0.83 -21.24 46.01
N SER J 81 -1.34 -21.64 44.85
CA SER J 81 -1.70 -20.68 43.81
C SER J 81 -3.03 -20.01 44.12
N LYS J 82 -3.28 -18.89 43.44
CA LYS J 82 -4.49 -18.13 43.68
C LYS J 82 -5.72 -18.84 43.13
N ASP J 83 -5.65 -19.31 41.89
CA ASP J 83 -6.81 -19.93 41.26
C ASP J 83 -7.12 -21.29 41.87
N LYS J 84 -6.08 -22.07 42.18
CA LYS J 84 -6.30 -23.39 42.77
C LYS J 84 -6.94 -23.26 44.16
N MET J 85 -6.49 -22.28 44.96
CA MET J 85 -7.04 -22.07 46.28
C MET J 85 -8.50 -21.63 46.24
N TRP J 86 -8.93 -21.03 45.13
CA TRP J 86 -10.30 -20.51 45.06
C TRP J 86 -11.32 -21.64 45.11
N TYR J 87 -11.05 -22.76 44.43
CA TYR J 87 -12.02 -23.85 44.38
C TYR J 87 -12.27 -24.42 45.78
N LEU J 88 -11.23 -24.53 46.60
CA LEU J 88 -11.43 -24.94 47.98
C LEU J 88 -12.25 -23.93 48.76
N ALA J 89 -11.99 -22.63 48.55
CA ALA J 89 -12.75 -21.60 49.26
C ALA J 89 -14.21 -21.62 48.86
N LYS J 90 -14.49 -21.80 47.56
CA LYS J 90 -15.87 -21.87 47.10
C LYS J 90 -16.61 -23.07 47.71
N LEU J 91 -15.86 -24.13 48.03
CA LEU J 91 -16.49 -25.35 48.53
C LEU J 91 -17.18 -25.13 49.88
N ILE J 92 -16.55 -24.39 50.79
CA ILE J 92 -16.96 -24.36 52.18
C ILE J 92 -17.81 -23.12 52.51
N ARG J 93 -18.26 -22.38 51.51
CA ARG J 93 -19.12 -21.23 51.78
C ARG J 93 -20.50 -21.70 52.22
N GLY J 94 -20.98 -21.12 53.33
CA GLY J 94 -22.32 -21.40 53.80
C GLY J 94 -22.49 -22.65 54.63
N MET J 95 -21.43 -23.41 54.87
CA MET J 95 -21.51 -24.62 55.67
C MET J 95 -21.03 -24.36 57.09
N SER J 96 -21.55 -25.15 58.03
CA SER J 96 -21.11 -25.04 59.41
C SER J 96 -19.67 -25.51 59.55
N ILE J 97 -19.02 -25.07 60.62
CA ILE J 97 -17.58 -25.28 60.75
C ILE J 97 -17.25 -26.76 60.88
N ASP J 98 -18.11 -27.54 61.53
CA ASP J 98 -17.80 -28.95 61.74
C ASP J 98 -17.83 -29.73 60.43
N GLN J 99 -18.85 -29.50 59.59
CA GLN J 99 -18.88 -30.18 58.31
C GLN J 99 -17.91 -29.56 57.30
N ALA J 100 -17.54 -28.29 57.49
CA ALA J 100 -16.52 -27.69 56.64
C ALA J 100 -15.16 -28.37 56.86
N LEU J 101 -14.84 -28.67 58.12
CA LEU J 101 -13.60 -29.39 58.42
C LEU J 101 -13.66 -30.83 57.91
N ALA J 102 -14.83 -31.46 57.95
CA ALA J 102 -14.94 -32.83 57.48
C ALA J 102 -14.67 -32.93 55.99
N GLN J 103 -15.21 -31.99 55.20
CA GLN J 103 -14.98 -32.03 53.76
C GLN J 103 -13.51 -31.81 53.42
N LEU J 104 -12.86 -30.87 54.11
CA LEU J 104 -11.46 -30.58 53.86
C LEU J 104 -10.52 -31.62 54.46
N GLU J 105 -11.01 -32.48 55.33
CA GLU J 105 -10.17 -33.53 55.91
C GLU J 105 -9.68 -34.50 54.85
N PHE J 106 -10.56 -34.89 53.93
CA PHE J 106 -10.26 -35.92 52.94
C PHE J 106 -9.94 -35.36 51.56
N SER J 107 -9.94 -34.05 51.40
CA SER J 107 -9.58 -33.46 50.11
C SER J 107 -8.09 -33.66 49.86
N ASP J 108 -7.75 -33.98 48.61
CA ASP J 108 -6.37 -34.27 48.24
C ASP J 108 -5.58 -33.04 47.84
N LYS J 109 -6.21 -31.87 47.76
CA LYS J 109 -5.49 -30.65 47.43
C LYS J 109 -4.49 -30.31 48.53
N LYS J 110 -3.37 -29.71 48.13
CA LYS J 110 -2.38 -29.28 49.12
C LYS J 110 -2.93 -28.15 49.98
N GLY J 111 -3.84 -27.34 49.45
CA GLY J 111 -4.45 -26.28 50.21
C GLY J 111 -5.52 -26.71 51.18
N ALA J 112 -5.97 -27.96 51.09
CA ALA J 112 -6.98 -28.45 52.03
C ALA J 112 -6.45 -28.46 53.45
N GLN J 113 -5.19 -28.89 53.64
CA GLN J 113 -4.59 -28.87 54.95
C GLN J 113 -4.37 -27.44 55.45
N ILE J 114 -3.99 -26.54 54.54
CA ILE J 114 -3.74 -25.16 54.94
C ILE J 114 -5.01 -24.49 55.43
N ILE J 115 -6.13 -24.69 54.73
CA ILE J 115 -7.38 -24.07 55.13
C ILE J 115 -7.87 -24.66 56.45
N LYS J 116 -7.70 -25.98 56.63
CA LYS J 116 -8.16 -26.61 57.87
C LYS J 116 -7.43 -26.05 59.08
N GLU J 117 -6.13 -25.76 58.93
CA GLU J 117 -5.40 -25.13 60.02
C GLU J 117 -5.95 -23.74 60.32
N VAL J 118 -6.33 -22.99 59.28
CA VAL J 118 -6.86 -21.64 59.48
C VAL J 118 -8.18 -21.70 60.24
N LEU J 119 -9.07 -22.61 59.87
CA LEU J 119 -10.35 -22.73 60.55
C LEU J 119 -10.17 -23.16 62.00
N LEU J 120 -9.27 -24.11 62.26
CA LEU J 120 -9.06 -24.58 63.62
C LEU J 120 -8.51 -23.47 64.53
N GLU J 121 -7.55 -22.70 64.03
CA GLU J 121 -6.98 -21.63 64.84
C GLU J 121 -7.94 -20.45 64.96
N ALA J 122 -8.81 -20.26 63.96
CA ALA J 122 -9.83 -19.22 64.07
C ALA J 122 -10.92 -19.61 65.05
N GLN J 123 -11.21 -20.91 65.16
CA GLN J 123 -12.20 -21.37 66.14
C GLN J 123 -11.70 -21.17 67.56
N ASP J 124 -10.41 -21.38 67.80
CA ASP J 124 -9.84 -21.16 69.13
C ASP J 124 -9.94 -19.69 69.53
N MET J 125 -9.69 -18.79 68.58
CA MET J 125 -9.83 -17.36 68.87
C MET J 125 -11.28 -17.02 69.21
N ALA J 126 -12.24 -17.62 68.51
CA ALA J 126 -13.64 -17.32 68.75
C ALA J 126 -14.07 -17.72 70.16
N VAL J 127 -13.60 -18.88 70.63
CA VAL J 127 -14.05 -19.37 71.93
C VAL J 127 -13.26 -18.76 73.09
N ARG J 128 -12.03 -18.29 72.84
CA ARG J 128 -11.22 -17.71 73.90
C ARG J 128 -11.21 -16.18 73.87
N ASP J 129 -10.72 -15.59 72.76
CA ASP J 129 -10.64 -14.14 72.69
C ASP J 129 -12.02 -13.50 72.73
N HIS J 130 -12.98 -14.10 72.04
CA HIS J 130 -14.37 -13.67 72.09
C HIS J 130 -15.15 -14.57 73.04
N ASN J 131 -16.31 -14.09 73.46
CA ASN J 131 -17.16 -14.84 74.38
C ASN J 131 -18.15 -15.72 73.64
N VAL J 132 -17.64 -16.49 72.68
CA VAL J 132 -18.47 -17.37 71.86
C VAL J 132 -18.44 -18.75 72.50
N GLU J 133 -19.53 -19.11 73.15
CA GLU J 133 -19.71 -20.47 73.62
C GLU J 133 -20.19 -21.36 72.47
N PHE J 134 -20.22 -22.66 72.72
CA PHE J 134 -20.68 -23.64 71.73
C PHE J 134 -19.82 -23.55 70.46
N ARG J 135 -18.55 -23.94 70.61
CA ARG J 135 -17.58 -23.84 69.53
C ARG J 135 -18.02 -24.57 68.26
N SER J 136 -19.10 -25.35 68.31
CA SER J 136 -19.67 -25.97 67.13
C SER J 136 -20.77 -25.13 66.48
N ASN J 137 -21.06 -23.95 67.02
CA ASN J 137 -22.16 -23.12 66.56
C ASN J 137 -21.71 -22.01 65.61
N LEU J 138 -20.69 -22.28 64.80
CA LEU J 138 -20.16 -21.30 63.86
C LEU J 138 -20.36 -21.80 62.43
N TYR J 139 -20.58 -20.86 61.52
CA TYR J 139 -20.68 -21.18 60.11
C TYR J 139 -19.80 -20.22 59.31
N VAL J 140 -19.23 -20.74 58.21
CA VAL J 140 -18.34 -19.95 57.37
C VAL J 140 -19.20 -18.99 56.56
N ALA J 141 -19.25 -17.73 56.99
CA ALA J 141 -20.08 -16.76 56.29
C ALA J 141 -19.46 -16.33 54.97
N GLU J 142 -18.14 -16.20 54.93
CA GLU J 142 -17.47 -15.74 53.72
C GLU J 142 -16.05 -16.29 53.68
N SER J 143 -15.66 -16.83 52.53
CA SER J 143 -14.30 -17.30 52.31
C SER J 143 -13.89 -16.95 50.88
N THR J 144 -12.66 -16.47 50.72
CA THR J 144 -12.18 -16.05 49.41
C THR J 144 -10.66 -16.14 49.41
N SER J 145 -10.08 -16.04 48.21
CA SER J 145 -8.64 -16.11 48.03
C SER J 145 -8.17 -14.90 47.24
N GLY J 146 -7.13 -14.24 47.75
CA GLY J 146 -6.46 -13.17 47.06
C GLY J 146 -5.06 -13.56 46.62
N ARG J 147 -4.43 -12.64 45.89
CA ARG J 147 -3.09 -12.87 45.38
C ARG J 147 -2.07 -12.11 46.22
N GLY J 148 -0.92 -12.72 46.42
CA GLY J 148 0.17 -12.13 47.17
C GLY J 148 1.21 -11.50 46.27
N GLN J 149 2.45 -11.46 46.75
CA GLN J 149 3.58 -10.95 45.99
C GLN J 149 4.27 -12.10 45.27
N TYR J 150 4.48 -11.96 43.97
CA TYR J 150 5.09 -12.99 43.15
C TYR J 150 6.59 -12.77 43.03
N LEU J 151 7.32 -13.86 42.86
CA LEU J 151 8.74 -13.84 42.57
C LEU J 151 8.95 -14.21 41.11
N LYS J 152 9.74 -13.41 40.41
CA LYS J 152 9.98 -13.61 38.98
C LYS J 152 11.30 -14.34 38.77
N ARG J 153 11.27 -15.38 37.94
CA ARG J 153 12.45 -16.17 37.62
C ARG J 153 12.54 -16.31 36.10
N ILE J 154 13.55 -17.04 35.64
CA ILE J 154 13.78 -17.27 34.22
C ILE J 154 13.60 -18.76 33.94
N ARG J 155 12.75 -19.08 32.96
CA ARG J 155 12.51 -20.45 32.54
C ARG J 155 13.07 -20.64 31.14
N TYR J 156 13.95 -21.62 30.98
CA TYR J 156 14.66 -21.83 29.73
C TYR J 156 13.89 -22.78 28.82
N HIS J 157 13.97 -22.52 27.51
CA HIS J 157 13.34 -23.38 26.52
C HIS J 157 14.36 -24.06 25.62
N GLY J 158 15.23 -23.30 24.98
CA GLY J 158 16.11 -23.82 23.95
C GLY J 158 16.25 -22.79 22.84
N ARG J 159 17.19 -23.00 21.93
CA ARG J 159 17.52 -22.04 20.87
C ARG J 159 17.90 -20.67 21.44
N GLY J 160 18.35 -20.62 22.69
CA GLY J 160 18.71 -19.37 23.31
C GLY J 160 17.54 -18.53 23.78
N ARG J 161 16.33 -19.08 23.78
CA ARG J 161 15.15 -18.34 24.21
C ARG J 161 14.89 -18.59 25.70
N PHE J 162 13.98 -17.80 26.26
CA PHE J 162 13.66 -17.89 27.67
C PHE J 162 12.25 -17.38 27.91
N GLY J 163 11.71 -17.71 29.07
CA GLY J 163 10.41 -17.20 29.48
C GLY J 163 10.42 -16.86 30.96
N ILE J 164 9.66 -15.84 31.30
CA ILE J 164 9.63 -15.36 32.69
C ILE J 164 8.69 -16.24 33.50
N MET J 165 9.21 -16.77 34.61
CA MET J 165 8.47 -17.66 35.49
C MET J 165 8.00 -16.88 36.71
N GLU J 166 6.73 -17.04 37.07
CA GLU J 166 6.13 -16.32 38.18
C GLU J 166 5.87 -17.31 39.31
N LYS J 167 6.66 -17.22 40.38
CA LYS J 167 6.35 -17.96 41.59
C LYS J 167 5.07 -17.40 42.21
N VAL J 168 4.10 -18.26 42.47
CA VAL J 168 2.75 -17.84 42.82
C VAL J 168 2.56 -17.96 44.32
N PHE J 169 2.02 -16.89 44.92
CA PHE J 169 1.65 -16.87 46.32
C PHE J 169 0.23 -16.33 46.44
N CYS J 170 -0.53 -16.84 47.40
CA CYS J 170 -1.91 -16.44 47.56
C CYS J 170 -2.25 -16.29 49.04
N HIS J 171 -3.29 -15.50 49.30
CA HIS J 171 -3.81 -15.29 50.64
C HIS J 171 -5.16 -15.98 50.78
N TYR J 172 -5.54 -16.29 52.02
CA TYR J 172 -6.82 -16.89 52.33
C TYR J 172 -7.54 -16.06 53.38
N PHE J 173 -8.80 -15.75 53.13
CA PHE J 173 -9.61 -14.95 54.05
C PHE J 173 -10.86 -15.74 54.43
N VAL J 174 -11.16 -15.78 55.72
CA VAL J 174 -12.32 -16.50 56.24
C VAL J 174 -12.98 -15.66 57.32
N LYS J 175 -14.31 -15.65 57.33
CA LYS J 175 -15.09 -14.97 58.36
C LYS J 175 -16.10 -15.94 58.95
N LEU J 176 -16.07 -16.09 60.27
CA LEU J 176 -16.97 -17.01 60.97
C LEU J 176 -17.99 -16.20 61.75
N VAL J 177 -19.26 -16.60 61.65
CA VAL J 177 -20.35 -15.92 62.33
C VAL J 177 -21.08 -16.93 63.20
N GLU J 178 -21.33 -16.56 64.45
CA GLU J 178 -22.03 -17.44 65.38
C GLU J 178 -23.47 -17.66 64.94
N GLY J 179 -23.92 -18.90 65.00
CA GLY J 179 -25.28 -19.24 64.67
C GLY J 179 -25.37 -20.39 63.69
N PRO J 180 -26.58 -20.97 63.56
CA PRO J 180 -26.76 -22.04 62.60
C PRO J 180 -26.62 -21.53 61.18
N PRO J 181 -26.21 -22.38 60.23
CA PRO J 181 -26.02 -21.91 58.87
C PRO J 181 -27.34 -21.47 58.26
N PRO J 182 -27.32 -20.46 57.39
CA PRO J 182 -28.55 -20.04 56.73
C PRO J 182 -29.05 -21.11 55.78
N PRO J 183 -30.36 -21.18 55.53
CA PRO J 183 -30.89 -22.21 54.64
C PRO J 183 -30.69 -21.82 53.18
N ARG J 184 -30.22 -22.77 52.38
CA ARG J 184 -29.95 -22.52 50.97
C ARG J 184 -31.25 -22.32 50.21
N GLU J 185 -31.24 -21.39 49.26
CA GLU J 185 -32.45 -21.05 48.52
C GLU J 185 -32.80 -22.16 47.53
N ALA J 186 -34.07 -22.57 47.54
CA ALA J 186 -34.57 -23.54 46.60
C ALA J 186 -34.91 -22.89 45.26
N PRO J 187 -34.88 -23.65 44.16
CA PRO J 187 -35.26 -23.08 42.87
C PRO J 187 -36.72 -22.64 42.86
N LYS J 188 -37.01 -21.62 42.05
CA LYS J 188 -38.37 -21.11 41.95
C LYS J 188 -39.31 -22.20 41.45
N THR J 189 -40.46 -22.31 42.10
CA THR J 189 -41.44 -23.33 41.75
C THR J 189 -42.28 -22.88 40.56
N ALA J 190 -43.20 -23.75 40.14
CA ALA J 190 -44.06 -23.42 39.00
C ALA J 190 -44.98 -22.24 39.33
N VAL J 191 -45.49 -22.19 40.56
CA VAL J 191 -46.38 -21.10 40.95
C VAL J 191 -45.63 -19.78 40.98
N ALA J 192 -44.37 -19.80 41.43
CA ALA J 192 -43.58 -18.58 41.51
C ALA J 192 -43.37 -17.97 40.12
N HIS J 193 -43.06 -18.81 39.12
CA HIS J 193 -42.90 -18.31 37.76
C HIS J 193 -44.20 -17.73 37.24
N ALA J 194 -45.32 -18.41 37.48
CA ALA J 194 -46.61 -17.91 37.01
C ALA J 194 -46.97 -16.59 37.68
N ARG J 195 -46.68 -16.46 38.97
CA ARG J 195 -47.01 -15.23 39.69
C ARG J 195 -46.22 -14.04 39.14
N GLU J 196 -44.93 -14.24 38.87
CA GLU J 196 -44.12 -13.16 38.31
C GLU J 196 -44.60 -12.77 36.91
N TYR J 197 -44.93 -13.77 36.08
CA TYR J 197 -45.35 -13.47 34.71
C TYR J 197 -46.67 -12.73 34.67
N ILE J 198 -47.64 -13.15 35.48
CA ILE J 198 -48.92 -12.45 35.52
C ILE J 198 -48.73 -11.04 36.08
N GLN J 199 -47.88 -10.89 37.09
CA GLN J 199 -47.59 -9.56 37.63
C GLN J 199 -46.91 -8.68 36.59
N GLU J 200 -46.03 -9.27 35.77
CA GLU J 200 -45.38 -8.50 34.72
C GLU J 200 -46.39 -8.01 33.69
N LEU J 201 -47.35 -8.85 33.32
CA LEU J 201 -48.38 -8.44 32.36
C LEU J 201 -49.34 -7.41 32.95
N ARG J 202 -49.34 -7.25 34.27
CA ARG J 202 -50.21 -6.27 34.92
C ARG J 202 -49.55 -4.92 35.12
N ASN J 203 -48.21 -4.86 35.05
CA ASN J 203 -47.50 -3.59 35.16
C ASN J 203 -47.50 -2.80 33.87
N ARG J 204 -47.98 -3.36 32.77
CA ARG J 204 -47.88 -2.70 31.47
C ARG J 204 -48.75 -1.45 31.43
N THR J 205 -48.20 -0.38 30.86
CA THR J 205 -48.91 0.86 30.64
C THR J 205 -48.74 1.28 29.19
N ILE J 206 -49.65 2.13 28.72
CA ILE J 206 -49.66 2.57 27.33
C ILE J 206 -48.42 3.42 27.09
N THR J 207 -47.49 2.91 26.29
CA THR J 207 -46.25 3.62 26.00
C THR J 207 -46.51 4.76 25.03
N HIS J 208 -45.93 5.92 25.32
CA HIS J 208 -46.15 7.13 24.53
C HIS J 208 -47.65 7.42 24.39
N ALA J 209 -48.34 7.34 25.52
CA ALA J 209 -49.81 7.29 25.52
C ALA J 209 -50.42 8.60 25.05
N LEU J 210 -50.44 9.61 25.91
CA LEU J 210 -51.12 10.85 25.60
C LEU J 210 -50.22 11.74 24.77
N AYA K 2 60.50 -10.79 61.53
CA AYA K 2 59.52 -9.73 61.59
CB AYA K 2 60.18 -8.43 62.04
C AYA K 2 58.83 -9.51 60.27
O AYA K 2 59.44 -9.73 59.21
CT AYA K 2 60.75 -11.56 62.58
OT AYA K 2 60.20 -11.38 63.65
CM AYA K 2 61.74 -12.66 62.37
N ARG K 3 57.57 -9.08 60.32
CA ARG K 3 56.79 -8.86 59.11
C ARG K 3 56.64 -7.37 58.83
N ASN K 4 56.36 -7.04 57.57
CA ASN K 4 56.21 -5.64 57.12
C ASN K 4 57.46 -4.82 57.42
N VAL K 5 58.63 -5.46 57.30
CA VAL K 5 59.91 -4.79 57.47
C VAL K 5 60.84 -5.22 56.34
N LEU K 6 61.88 -4.43 56.11
CA LEU K 6 62.83 -4.68 55.05
C LEU K 6 64.09 -5.34 55.62
N TYR K 7 64.31 -6.60 55.25
CA TYR K 7 65.49 -7.31 55.70
C TYR K 7 66.74 -6.81 54.99
N PRO K 8 67.90 -6.91 55.63
CA PRO K 8 69.15 -6.54 54.94
C PRO K 8 69.51 -7.57 53.89
N LEU K 9 69.93 -7.09 52.72
CA LEU K 9 70.43 -7.98 51.69
C LEU K 9 71.69 -8.69 52.17
N TYR K 10 71.78 -9.99 51.91
CA TYR K 10 72.89 -10.79 52.40
C TYR K 10 73.89 -11.04 51.28
N GLN K 11 75.16 -10.78 51.57
CA GLN K 11 76.28 -11.15 50.73
C GLN K 11 77.25 -12.00 51.56
N LEU K 12 78.39 -12.33 50.98
CA LEU K 12 79.35 -13.16 51.68
C LEU K 12 80.04 -12.37 52.78
N GLY K 13 80.07 -12.93 53.99
CA GLY K 13 80.73 -12.31 55.11
C GLY K 13 79.89 -11.32 55.90
N ASN K 14 78.60 -11.22 55.62
CA ASN K 14 77.76 -10.29 56.37
C ASN K 14 77.57 -10.78 57.80
N PRO K 15 77.30 -9.86 58.73
CA PRO K 15 77.05 -10.26 60.12
C PRO K 15 75.73 -10.99 60.26
N GLN K 16 75.57 -11.64 61.40
CA GLN K 16 74.34 -12.39 61.69
C GLN K 16 73.15 -11.45 61.75
N LEU K 17 72.03 -11.88 61.19
CA LEU K 17 70.81 -11.09 61.20
C LEU K 17 70.08 -11.30 62.52
N ARG K 18 69.77 -10.21 63.21
CA ARG K 18 69.16 -10.27 64.53
C ARG K 18 67.90 -9.43 64.56
N VAL K 19 66.83 -10.00 65.09
CA VAL K 19 65.57 -9.30 65.30
C VAL K 19 65.27 -9.30 66.79
N PHE K 20 65.07 -8.10 67.36
CA PHE K 20 64.94 -7.94 68.80
C PHE K 20 63.48 -7.89 69.25
N ARG K 21 62.61 -7.20 68.52
CA ARG K 21 61.20 -7.13 68.83
C ARG K 21 60.43 -7.76 67.67
N THR K 22 60.05 -9.03 67.85
CA THR K 22 59.37 -9.76 66.79
C THR K 22 57.97 -9.21 66.56
N ASN K 23 57.57 -9.15 65.29
CA ASN K 23 56.25 -8.68 64.91
C ASN K 23 55.24 -9.82 64.77
N PHE K 24 55.66 -11.06 65.04
CA PHE K 24 54.81 -12.22 64.83
C PHE K 24 53.99 -12.53 66.07
N PHE K 25 52.82 -13.13 65.85
CA PHE K 25 51.93 -13.55 66.93
C PHE K 25 51.35 -14.90 66.59
N ILE K 26 51.22 -15.75 67.60
CA ILE K 26 50.91 -17.17 67.42
C ILE K 26 49.64 -17.51 68.19
N GLN K 27 48.74 -18.22 67.54
CA GLN K 27 47.54 -18.77 68.18
C GLN K 27 47.71 -20.26 68.36
N LEU K 28 47.40 -20.76 69.55
CA LEU K 28 47.33 -22.20 69.80
C LEU K 28 45.88 -22.63 69.73
N VAL K 29 45.58 -23.57 68.84
CA VAL K 29 44.21 -23.95 68.55
C VAL K 29 44.01 -25.43 68.79
N ARG K 30 42.77 -25.81 69.11
CA ARG K 30 42.42 -27.21 69.28
C ARG K 30 42.27 -27.88 67.91
N PRO K 31 42.94 -29.00 67.68
CA PRO K 31 42.81 -29.66 66.38
C PRO K 31 41.37 -30.09 66.11
N GLY K 32 40.96 -29.97 64.85
CA GLY K 32 39.62 -30.36 64.46
C GLY K 32 39.44 -31.84 64.22
N THR K 33 40.53 -32.57 64.03
CA THR K 33 40.50 -34.01 63.80
C THR K 33 41.39 -34.70 64.83
N ALA K 34 41.54 -36.01 64.66
CA ALA K 34 42.39 -36.79 65.55
C ALA K 34 43.85 -36.49 65.27
N GLN K 35 44.62 -36.24 66.32
CA GLN K 35 46.04 -35.96 66.22
C GLN K 35 46.81 -36.83 67.19
N PRO K 36 48.06 -37.17 66.87
CA PRO K 36 48.87 -37.98 67.80
C PRO K 36 49.16 -37.24 69.10
N GLU K 37 49.84 -37.92 70.03
CA GLU K 37 50.02 -37.36 71.36
C GLU K 37 51.03 -36.21 71.37
N ASP K 38 51.98 -36.21 70.43
CA ASP K 38 53.06 -35.23 70.42
C ASP K 38 52.79 -34.02 69.54
N THR K 39 51.63 -33.97 68.86
CA THR K 39 51.37 -32.93 67.87
C THR K 39 50.62 -31.76 68.49
N VAL K 40 51.17 -30.56 68.32
CA VAL K 40 50.54 -29.32 68.75
C VAL K 40 50.32 -28.45 67.53
N GLN K 41 49.11 -27.96 67.35
CA GLN K 41 48.72 -27.20 66.16
C GLN K 41 48.68 -25.72 66.47
N PHE K 42 49.40 -24.93 65.67
CA PHE K 42 49.45 -23.48 65.82
C PHE K 42 48.94 -22.81 64.55
N ARG K 43 48.46 -21.58 64.70
CA ARG K 43 48.11 -20.72 63.58
C ARG K 43 49.12 -19.58 63.52
N ILE K 44 49.76 -19.43 62.37
CA ILE K 44 50.90 -18.52 62.25
C ILE K 44 50.63 -17.55 61.10
N PRO K 45 51.24 -16.36 61.14
CA PRO K 45 51.09 -15.42 60.02
C PRO K 45 51.79 -15.93 58.78
N MET K 46 51.37 -15.39 57.63
CA MET K 46 51.86 -15.88 56.35
C MET K 46 53.36 -15.74 56.19
N GLU K 47 53.95 -14.69 56.78
CA GLU K 47 55.37 -14.41 56.60
C GLU K 47 56.24 -15.20 57.58
N MET K 48 55.72 -16.27 58.18
CA MET K 48 56.47 -17.10 59.10
C MET K 48 56.80 -18.44 58.46
N THR K 49 58.06 -18.84 58.53
CA THR K 49 58.54 -20.09 57.96
C THR K 49 58.72 -21.13 59.06
N ARG K 50 59.13 -22.34 58.66
CA ARG K 50 59.37 -23.39 59.64
C ARG K 50 60.48 -23.01 60.61
N VAL K 51 61.59 -22.47 60.09
CA VAL K 51 62.71 -22.14 60.95
C VAL K 51 62.37 -21.03 61.92
N ASP K 52 61.56 -20.07 61.49
CA ASP K 52 61.15 -18.99 62.39
C ASP K 52 60.32 -19.52 63.56
N LEU K 53 59.41 -20.44 63.28
CA LEU K 53 58.57 -20.99 64.35
C LEU K 53 59.38 -21.83 65.31
N ARG K 54 60.37 -22.58 64.80
CA ARG K 54 61.22 -23.38 65.66
C ARG K 54 62.01 -22.51 66.63
N ASN K 55 62.55 -21.40 66.14
CA ASN K 55 63.25 -20.47 67.03
C ASN K 55 62.27 -19.70 67.91
N TYR K 56 61.05 -19.48 67.43
CA TYR K 56 60.05 -18.76 68.22
C TYR K 56 59.70 -19.53 69.48
N LEU K 57 59.54 -20.85 69.38
CA LEU K 57 59.14 -21.64 70.53
C LEU K 57 60.33 -22.00 71.41
N GLU K 58 61.48 -22.32 70.82
CA GLU K 58 62.63 -22.77 71.61
C GLU K 58 63.21 -21.65 72.45
N ARG K 59 63.11 -20.40 71.99
CA ARG K 59 63.70 -19.27 72.70
C ARG K 59 62.70 -18.55 73.59
N ILE K 60 61.55 -18.12 73.04
CA ILE K 60 60.60 -17.35 73.82
C ILE K 60 59.93 -18.22 74.87
N TYR K 61 59.49 -19.42 74.50
CA TYR K 61 58.72 -20.27 75.39
C TYR K 61 59.49 -21.47 75.92
N ASN K 62 60.67 -21.77 75.37
CA ASN K 62 61.50 -22.90 75.80
C ASN K 62 60.72 -24.22 75.71
N VAL K 63 60.24 -24.50 74.51
CA VAL K 63 59.52 -25.73 74.19
C VAL K 63 60.42 -26.56 73.26
N PRO K 64 60.89 -27.72 73.69
CA PRO K 64 61.81 -28.52 72.86
C PRO K 64 61.10 -29.20 71.70
N VAL K 65 60.89 -28.46 70.61
CA VAL K 65 60.23 -29.03 69.44
C VAL K 65 61.21 -29.89 68.65
N ALA K 66 60.66 -30.82 67.86
CA ALA K 66 61.46 -31.72 67.05
C ALA K 66 61.27 -31.49 65.56
N ALA K 67 60.04 -31.56 65.06
CA ALA K 67 59.75 -31.35 63.66
C ALA K 67 58.56 -30.42 63.51
N VAL K 68 58.61 -29.54 62.51
CA VAL K 68 57.57 -28.56 62.25
C VAL K 68 57.11 -28.72 60.81
N ARG K 69 55.79 -28.84 60.62
CA ARG K 69 55.19 -28.95 59.30
C ARG K 69 54.10 -27.90 59.17
N THR K 70 54.03 -27.25 58.02
CA THR K 70 53.13 -26.11 57.82
C THR K 70 52.38 -26.25 56.51
N ARG K 71 51.22 -25.60 56.46
CA ARG K 71 50.38 -25.58 55.26
C ARG K 71 49.61 -24.28 55.23
N VAL K 72 49.08 -23.95 54.05
CA VAL K 72 48.34 -22.71 53.84
C VAL K 72 46.87 -23.06 53.62
N GLN K 73 45.99 -22.41 54.36
CA GLN K 73 44.55 -22.66 54.27
C GLN K 73 43.89 -21.57 53.44
N TYR K 74 42.86 -21.96 52.70
CA TYR K 74 42.14 -21.06 51.79
C TYR K 74 40.77 -20.75 52.37
N GLY K 75 40.45 -19.45 52.47
CA GLY K 75 39.17 -19.05 53.01
C GLY K 75 38.08 -19.01 51.97
N SER K 76 36.84 -19.03 52.45
CA SER K 76 35.67 -19.05 51.57
C SER K 76 35.45 -17.67 50.96
N ASN K 77 35.29 -17.63 49.64
CA ASN K 77 35.02 -16.40 48.91
C ASN K 77 33.71 -16.49 48.14
N ARG K 78 32.76 -17.25 48.65
CA ARG K 78 31.51 -17.53 47.95
C ARG K 78 30.36 -16.65 48.38
N ARG K 79 30.17 -16.44 49.68
CA ARG K 79 29.02 -15.68 50.16
C ARG K 79 29.09 -14.24 49.67
N ARG K 80 27.92 -13.71 49.29
CA ARG K 80 27.82 -12.39 48.70
C ARG K 80 27.29 -11.39 49.72
N ASP K 81 27.70 -10.13 49.55
CA ASP K 81 27.25 -9.05 50.41
C ASP K 81 25.82 -8.66 50.01
N HIS K 82 25.27 -7.65 50.69
CA HIS K 82 23.93 -7.17 50.35
C HIS K 82 23.90 -6.55 48.96
N ARG K 83 25.02 -5.99 48.51
CA ARG K 83 25.14 -5.42 47.18
C ARG K 83 25.75 -6.39 46.18
N ASN K 84 25.70 -7.69 46.48
CA ASN K 84 26.20 -8.75 45.60
C ASN K 84 27.68 -8.59 45.30
N ILE K 85 28.46 -8.42 46.35
CA ILE K 85 29.92 -8.37 46.25
C ILE K 85 30.49 -9.45 47.16
N ARG K 86 31.42 -10.24 46.63
CA ARG K 86 32.01 -11.33 47.39
C ARG K 86 32.80 -10.79 48.58
N ILE K 87 32.60 -11.41 49.74
CA ILE K 87 33.36 -11.09 50.94
C ILE K 87 34.25 -12.29 51.26
N LYS K 88 35.56 -12.06 51.29
CA LYS K 88 36.54 -13.13 51.42
C LYS K 88 37.10 -13.19 52.83
N LYS K 89 36.99 -14.36 53.46
CA LYS K 89 37.65 -14.57 54.73
C LYS K 89 39.16 -14.62 54.53
N PRO K 90 39.93 -14.14 55.50
CA PRO K 90 41.39 -14.12 55.35
C PRO K 90 41.97 -15.52 55.31
N ASP K 91 43.06 -15.68 54.56
CA ASP K 91 43.78 -16.94 54.50
C ASP K 91 44.80 -16.99 55.63
N TYR K 92 44.87 -18.14 56.30
CA TYR K 92 45.74 -18.31 57.45
C TYR K 92 46.62 -19.53 57.25
N LYS K 93 47.79 -19.50 57.88
CA LYS K 93 48.81 -20.52 57.75
C LYS K 93 48.83 -21.36 59.02
N VAL K 94 48.67 -22.67 58.88
CA VAL K 94 48.58 -23.58 60.01
C VAL K 94 49.84 -24.42 60.06
N ALA K 95 50.48 -24.48 61.22
CA ALA K 95 51.73 -25.21 61.40
C ALA K 95 51.58 -26.20 62.54
N TYR K 96 52.02 -27.44 62.31
CA TYR K 96 51.98 -28.49 63.32
C TYR K 96 53.40 -28.78 63.78
N VAL K 97 53.59 -28.85 65.10
CA VAL K 97 54.90 -29.14 65.67
C VAL K 97 54.81 -30.42 66.48
N GLN K 98 55.95 -31.10 66.63
CA GLN K 98 56.04 -32.32 67.41
C GLN K 98 57.16 -32.17 68.43
N LEU K 99 56.87 -32.49 69.68
CA LEU K 99 57.82 -32.32 70.76
C LEU K 99 58.91 -33.39 70.69
N ALA K 100 60.06 -33.08 71.28
CA ALA K 100 61.28 -33.85 71.09
C ALA K 100 61.56 -34.83 72.23
N LEU K 101 61.50 -34.37 73.48
CA LEU K 101 61.89 -35.18 74.62
C LEU K 101 60.78 -36.09 75.13
N GLY K 102 59.81 -36.41 74.28
CA GLY K 102 58.70 -37.23 74.72
C GLY K 102 57.66 -36.50 75.52
N GLN K 103 57.68 -35.17 75.51
CA GLN K 103 56.69 -34.40 76.24
C GLN K 103 55.31 -34.59 75.63
N THR K 104 54.31 -34.70 76.49
CA THR K 104 52.93 -34.93 76.08
C THR K 104 52.11 -33.67 76.31
N PHE K 105 51.35 -33.26 75.31
CA PHE K 105 50.48 -32.09 75.41
C PHE K 105 49.07 -32.46 75.00
N THR K 106 48.11 -32.14 75.86
CA THR K 106 46.69 -32.28 75.56
C THR K 106 46.02 -30.92 75.74
N PHE K 107 45.15 -30.57 74.81
CA PHE K 107 44.51 -29.26 74.85
C PHE K 107 43.53 -29.20 76.02
N PRO K 108 43.68 -28.27 76.95
CA PRO K 108 42.83 -28.24 78.13
C PRO K 108 41.43 -27.71 77.82
N ASP K 109 40.51 -28.00 78.73
CA ASP K 109 39.14 -27.51 78.64
C ASP K 109 39.09 -26.13 79.29
N LEU K 110 38.98 -25.09 78.46
CA LEU K 110 39.08 -23.73 78.94
C LEU K 110 37.78 -23.18 79.50
N PHE K 111 36.67 -23.90 79.38
CA PHE K 111 35.36 -23.44 79.87
C PHE K 111 34.69 -24.54 80.69
N PRO K 112 35.21 -24.81 81.90
CA PRO K 112 34.53 -25.76 82.78
C PRO K 112 33.36 -25.09 83.49
N GLU K 113 32.19 -25.70 83.38
CA GLU K 113 31.01 -25.12 84.01
C GLU K 113 31.10 -25.25 85.53
N ARG K 114 30.33 -24.41 86.22
CA ARG K 114 30.29 -24.40 87.67
C ARG K 114 29.01 -25.07 88.15
N LYS K 115 29.14 -25.97 89.13
CA LYS K 115 27.98 -26.65 89.68
C LYS K 115 27.02 -25.67 90.33
N GLY K 116 27.56 -24.69 91.06
CA GLY K 116 26.70 -23.67 91.65
C GLY K 116 26.02 -22.81 90.61
N ALA K 117 26.75 -22.43 89.56
CA ALA K 117 26.14 -21.66 88.47
C ALA K 117 25.09 -22.47 87.74
N SER K 118 25.35 -23.77 87.53
CA SER K 118 24.35 -24.63 86.90
C SER K 118 23.11 -24.76 87.77
N VAL K 119 23.30 -24.89 89.09
CA VAL K 119 22.16 -24.94 90.01
C VAL K 119 21.40 -23.63 89.99
N ASP K 120 22.13 -22.50 89.98
CA ASP K 120 21.48 -21.20 89.94
C ASP K 120 20.69 -21.01 88.64
N VAL K 121 21.24 -21.49 87.53
CA VAL K 121 20.52 -21.40 86.26
C VAL K 121 19.24 -22.24 86.30
N ASP K 122 19.32 -23.42 86.90
CA ASP K 122 18.13 -24.25 87.04
C ASP K 122 17.09 -23.57 87.93
N VAL K 123 17.53 -22.94 89.02
CA VAL K 123 16.59 -22.23 89.90
C VAL K 123 15.97 -21.05 89.16
N ARG K 124 16.78 -20.30 88.40
CA ARG K 124 16.27 -19.18 87.64
C ARG K 124 15.27 -19.64 86.58
N ASP K 125 15.57 -20.75 85.89
CA ASP K 125 14.62 -21.30 84.93
C ASP K 125 13.36 -21.80 85.62
N GLN K 126 13.50 -22.43 86.79
CA GLN K 126 12.34 -22.92 87.52
C GLN K 126 11.45 -21.76 87.98
N VAL K 127 12.06 -20.67 88.42
CA VAL K 127 11.30 -19.50 88.84
C VAL K 127 10.52 -18.93 87.67
N LEU K 128 11.15 -18.83 86.51
CA LEU K 128 10.46 -18.31 85.32
C LEU K 128 9.30 -19.21 84.92
N GLU K 129 9.50 -20.53 84.98
CA GLU K 129 8.42 -21.46 84.67
C GLU K 129 7.26 -21.31 85.65
N ASP K 130 7.58 -21.16 86.93
CA ASP K 130 6.53 -20.93 87.93
C ASP K 130 5.80 -19.61 87.67
N GLN K 131 6.55 -18.57 87.30
CA GLN K 131 5.92 -17.28 87.01
C GLN K 131 4.98 -17.38 85.82
N ARG K 132 5.37 -18.11 84.79
CA ARG K 132 4.50 -18.31 83.63
C ARG K 132 3.25 -19.08 84.02
N GLN K 133 3.39 -20.09 84.89
CA GLN K 133 2.22 -20.84 85.34
C GLN K 133 1.27 -19.96 86.14
N LYS K 134 1.80 -19.10 87.00
CA LYS K 134 0.95 -18.18 87.75
C LYS K 134 0.23 -17.20 86.83
N HIS K 135 0.94 -16.70 85.81
CA HIS K 135 0.35 -15.76 84.87
C HIS K 135 -0.65 -16.41 83.92
N SER K 136 -0.68 -17.74 83.86
CA SER K 136 -1.59 -18.43 82.95
C SER K 136 -3.04 -18.20 83.37
N PRO K 137 -3.92 -17.83 82.44
CA PRO K 137 -5.31 -17.57 82.82
C PRO K 137 -6.02 -18.83 83.30
N ASP K 138 -6.99 -18.63 84.18
CA ASP K 138 -7.81 -19.73 84.66
C ASP K 138 -8.82 -20.13 83.59
N PRO K 139 -8.83 -21.38 83.12
CA PRO K 139 -9.77 -21.75 82.05
C PRO K 139 -11.23 -21.58 82.43
N ARG K 140 -11.58 -21.77 83.69
CA ARG K 140 -12.99 -21.69 84.09
C ARG K 140 -13.51 -20.25 84.09
N ARG K 141 -12.61 -19.26 84.07
CA ARG K 141 -13.05 -17.86 84.05
C ARG K 141 -13.59 -17.43 82.70
N GLY K 142 -13.28 -18.17 81.64
CA GLY K 142 -13.82 -17.86 80.33
C GLY K 142 -13.31 -16.57 79.71
N GLY K 143 -12.11 -16.13 80.10
CA GLY K 143 -11.56 -14.91 79.58
C GLY K 143 -11.96 -13.65 80.34
N VAL K 144 -12.85 -13.77 81.32
CA VAL K 144 -13.24 -12.62 82.13
C VAL K 144 -12.06 -12.16 82.95
N PRO K 145 -11.76 -10.85 83.00
CA PRO K 145 -10.63 -10.38 83.81
C PRO K 145 -10.81 -10.73 85.28
N GLY K 146 -9.71 -11.13 85.92
CA GLY K 146 -9.71 -11.49 87.30
C GLY K 146 -9.23 -10.43 88.27
N TRP K 147 -8.89 -9.24 87.76
CA TRP K 147 -8.39 -8.19 88.65
C TRP K 147 -9.50 -7.66 89.55
N PHE K 148 -10.69 -7.42 89.00
CA PHE K 148 -11.78 -6.86 89.78
C PHE K 148 -12.25 -7.84 90.84
N GLY K 149 -12.58 -7.33 92.01
CA GLY K 149 -13.09 -8.17 93.09
C GLY K 149 -14.46 -8.71 92.79
N LEU K 150 -15.45 -7.82 92.72
CA LEU K 150 -16.82 -8.22 92.40
C LEU K 150 -17.50 -7.14 91.55
N SER L 11 38.63 -0.61 68.55
CA SER L 11 37.92 -0.91 67.31
C SER L 11 36.93 0.20 66.96
N LYS L 12 36.95 0.63 65.70
CA LYS L 12 36.07 1.68 65.21
C LYS L 12 35.21 1.12 64.08
N VAL L 13 33.91 1.34 64.17
CA VAL L 13 32.96 0.83 63.20
C VAL L 13 32.63 1.93 62.20
N THR L 14 32.79 1.63 60.91
CA THR L 14 32.49 2.59 59.86
C THR L 14 30.99 2.67 59.65
N LEU L 15 30.49 3.89 59.42
CA LEU L 15 29.08 4.14 59.21
C LEU L 15 28.83 4.68 57.80
N PRO L 16 27.64 4.47 57.26
CA PRO L 16 27.32 5.01 55.93
C PRO L 16 27.31 6.52 55.94
N PRO L 17 27.50 7.17 54.78
CA PRO L 17 27.49 8.64 54.75
C PRO L 17 26.22 9.25 55.29
N ASN L 18 25.07 8.63 55.04
CA ASN L 18 23.80 9.05 55.60
C ASN L 18 23.31 7.98 56.57
N TYR L 19 22.96 8.42 57.78
CA TYR L 19 22.65 7.49 58.87
C TYR L 19 21.67 8.16 59.83
N ARG L 20 20.92 7.33 60.55
CA ARG L 20 19.94 7.81 61.52
C ARG L 20 20.27 7.24 62.89
N TYR L 21 20.26 8.10 63.90
CA TYR L 21 20.57 7.71 65.27
C TYR L 21 19.30 7.65 66.10
N GLY L 22 19.17 6.57 66.88
CA GLY L 22 17.95 6.31 67.64
C GLY L 22 18.18 5.88 69.07
N MET L 23 19.20 6.45 69.72
CA MET L 23 19.58 6.11 71.09
C MET L 23 20.09 4.68 71.20
N SER L 24 20.76 4.19 70.15
CA SER L 24 21.38 2.88 70.19
C SER L 24 22.78 2.99 69.56
N ARG L 25 23.74 2.32 70.19
CA ARG L 25 25.11 2.36 69.68
C ARG L 25 25.18 1.66 68.33
N PRO L 26 26.06 2.11 67.43
CA PRO L 26 26.09 1.55 66.07
C PRO L 26 26.36 0.06 66.01
N GLY L 27 27.13 -0.49 66.94
CA GLY L 27 27.51 -1.89 66.85
C GLY L 27 26.64 -2.83 67.67
N SER L 28 25.42 -2.43 67.96
CA SER L 28 24.51 -3.22 68.77
C SER L 28 23.55 -4.02 67.90
N LEU L 29 23.10 -5.15 68.43
CA LEU L 29 22.13 -5.97 67.71
C LEU L 29 20.79 -5.26 67.57
N SER L 30 20.43 -4.42 68.54
CA SER L 30 19.21 -3.64 68.41
C SER L 30 19.29 -2.67 67.24
N ASP L 31 20.45 -2.04 67.05
CA ASP L 31 20.63 -1.13 65.92
C ASP L 31 20.56 -1.87 64.60
N LYS L 32 21.20 -3.05 64.51
CA LYS L 32 21.13 -3.84 63.29
C LYS L 32 19.71 -4.29 63.00
N ARG L 33 18.97 -4.67 64.05
CA ARG L 33 17.58 -5.04 63.86
C ARG L 33 16.76 -3.85 63.36
N LYS L 34 16.99 -2.67 63.93
CA LYS L 34 16.29 -1.47 63.49
C LYS L 34 16.73 -1.06 62.09
N ASN L 35 18.05 -0.96 61.88
CA ASN L 35 18.61 -0.51 60.61
C ASN L 35 19.37 -1.64 59.95
N PRO L 36 18.79 -2.39 59.00
CA PRO L 36 19.58 -3.38 58.28
C PRO L 36 20.64 -2.72 57.43
N PRO L 37 21.74 -3.42 57.13
CA PRO L 37 22.82 -2.79 56.36
C PRO L 37 22.42 -2.36 54.96
N GLY L 38 21.35 -2.91 54.41
CA GLY L 38 20.93 -2.61 53.06
C GLY L 38 19.96 -1.46 52.91
N THR L 39 19.69 -0.71 53.97
CA THR L 39 18.68 0.35 53.92
C THR L 39 19.31 1.70 54.23
N ARG L 40 18.63 2.75 53.79
CA ARG L 40 19.01 4.13 54.09
C ARG L 40 17.75 4.98 54.06
N ARG L 41 17.62 5.87 55.05
CA ARG L 41 16.40 6.63 55.25
C ARG L 41 16.64 8.11 54.95
N ARG L 42 15.59 8.90 55.19
CA ARG L 42 15.65 10.34 54.97
C ARG L 42 16.58 11.00 55.97
N ARG L 43 17.24 12.07 55.54
CA ARG L 43 18.14 12.83 56.39
C ARG L 43 17.36 13.87 57.17
N VAL L 44 17.40 13.78 58.49
CA VAL L 44 16.70 14.71 59.38
C VAL L 44 17.44 16.04 59.41
N PRO L 45 16.74 17.17 59.53
CA PRO L 45 17.42 18.46 59.65
C PRO L 45 17.97 18.66 61.06
N VAL L 46 19.28 18.82 61.16
CA VAL L 46 19.96 19.05 62.43
C VAL L 46 20.69 20.39 62.33
N GLU L 47 20.38 21.30 63.25
CA GLU L 47 21.03 22.60 63.25
C GLU L 47 22.48 22.44 63.73
N PRO L 48 23.45 22.97 62.99
CA PRO L 48 24.86 22.74 63.37
C PRO L 48 25.24 23.52 64.62
N ILE L 49 25.76 22.79 65.60
CA ILE L 49 26.32 23.38 66.82
C ILE L 49 27.78 22.98 66.89
N SER L 50 28.67 23.96 66.91
CA SER L 50 30.09 23.68 67.02
C SER L 50 30.41 23.12 68.41
N ASP L 51 31.53 22.40 68.49
CA ASP L 51 31.91 21.77 69.75
C ASP L 51 32.13 22.79 70.84
N GLU L 52 32.46 24.04 70.48
CA GLU L 52 32.65 25.10 71.45
C GLU L 52 31.37 25.77 71.87
N ASP L 53 30.23 25.41 71.28
CA ASP L 53 28.94 26.00 71.62
C ASP L 53 28.00 25.01 72.32
N TRP L 54 28.44 23.78 72.56
CA TRP L 54 27.63 22.78 73.22
C TRP L 54 27.90 22.86 74.71
N HIS L 55 26.98 23.50 75.45
CA HIS L 55 27.15 23.74 76.88
C HIS L 55 26.46 22.70 77.74
N LEU L 56 25.79 21.71 77.15
CA LEU L 56 25.08 20.68 77.90
C LEU L 56 25.92 19.42 77.95
N PHE L 57 26.25 18.98 79.16
CA PHE L 57 26.98 17.75 79.40
C PHE L 57 26.09 16.75 80.13
N CYS L 58 26.68 15.62 80.51
CA CYS L 58 25.96 14.56 81.19
C CYS L 58 26.27 14.60 82.68
N GLY L 59 25.22 14.66 83.50
CA GLY L 59 25.36 14.68 84.94
C GLY L 59 24.92 15.95 85.61
N ASP L 60 24.58 16.99 84.86
CA ASP L 60 24.16 18.27 85.43
C ASP L 60 22.64 18.39 85.36
N LYS L 61 22.07 18.97 86.41
CA LYS L 61 20.62 19.12 86.49
C LYS L 61 20.13 20.11 85.44
N VAL L 62 19.05 19.74 84.74
CA VAL L 62 18.43 20.59 83.73
C VAL L 62 16.93 20.62 83.96
N GLU L 63 16.28 21.61 83.36
CA GLU L 63 14.85 21.81 83.49
C GLU L 63 14.17 21.63 82.15
N ILE L 64 13.10 20.85 82.12
CA ILE L 64 12.36 20.56 80.89
C ILE L 64 11.29 21.63 80.70
N LEU L 65 11.26 22.23 79.51
CA LEU L 65 10.33 23.30 79.21
C LEU L 65 9.05 22.81 78.54
N GLU L 66 9.16 21.89 77.58
CA GLU L 66 8.02 21.48 76.77
C GLU L 66 7.86 19.96 76.85
N GLY L 67 6.62 19.51 76.87
CA GLY L 67 6.27 18.11 76.97
C GLY L 67 5.11 17.93 77.92
N LYS L 68 4.80 16.67 78.24
CA LYS L 68 3.74 16.39 79.19
C LYS L 68 4.09 16.89 80.58
N ASP L 69 5.37 16.95 80.91
CA ASP L 69 5.85 17.51 82.17
C ASP L 69 6.61 18.79 81.89
N ALA L 70 6.20 19.87 82.55
CA ALA L 70 6.81 21.18 82.36
C ALA L 70 7.25 21.73 83.70
N GLY L 71 8.47 22.30 83.73
CA GLY L 71 9.01 22.88 84.93
C GLY L 71 9.74 21.91 85.84
N LYS L 72 9.71 20.62 85.54
CA LYS L 72 10.41 19.63 86.34
C LYS L 72 11.91 19.66 86.04
N GLN L 73 12.70 19.22 87.01
CA GLN L 73 14.14 19.17 86.89
C GLN L 73 14.64 17.74 87.04
N GLY L 74 15.70 17.40 86.31
CA GLY L 74 16.25 16.06 86.36
C GLY L 74 17.71 16.07 85.95
N LYS L 75 18.31 14.88 85.99
CA LYS L 75 19.73 14.71 85.71
C LYS L 75 19.92 14.14 84.31
N VAL L 76 20.88 14.68 83.58
CA VAL L 76 21.18 14.19 82.24
C VAL L 76 22.04 12.94 82.35
N VAL L 77 21.63 11.88 81.65
CA VAL L 77 22.33 10.61 81.69
C VAL L 77 23.03 10.29 80.37
N GLN L 78 22.41 10.67 79.25
CA GLN L 78 23.00 10.39 77.93
C GLN L 78 22.78 11.59 77.02
N VAL L 79 23.79 11.91 76.22
CA VAL L 79 23.73 12.99 75.24
C VAL L 79 24.07 12.42 73.87
N ILE L 80 23.23 12.71 72.88
CA ILE L 80 23.46 12.29 71.51
C ILE L 80 23.97 13.51 70.75
N ARG L 81 25.28 13.57 70.53
CA ARG L 81 25.89 14.73 69.89
C ARG L 81 25.52 14.81 68.41
N GLN L 82 25.30 13.67 67.76
CA GLN L 82 25.04 13.67 66.32
C GLN L 82 23.71 14.35 65.99
N ARG L 83 22.68 14.12 66.79
CA ARG L 83 21.36 14.71 66.54
C ARG L 83 21.01 15.80 67.56
N ASN L 84 21.96 16.23 68.38
CA ASN L 84 21.74 17.27 69.38
C ASN L 84 20.60 16.90 70.34
N TRP L 85 20.82 15.82 71.07
CA TRP L 85 19.85 15.28 72.02
C TRP L 85 20.43 15.26 73.42
N VAL L 86 19.58 15.56 74.40
CA VAL L 86 19.89 15.40 75.82
C VAL L 86 18.79 14.57 76.44
N VAL L 87 19.17 13.53 77.17
CA VAL L 87 18.22 12.59 77.76
C VAL L 87 18.24 12.77 79.27
N VAL L 88 17.11 13.21 79.81
CA VAL L 88 16.97 13.33 81.27
C VAL L 88 16.74 11.96 81.87
N GLU L 89 16.81 11.88 83.20
CA GLU L 89 16.67 10.62 83.91
C GLU L 89 15.21 10.47 84.32
N GLY L 90 14.43 9.81 83.47
CA GLY L 90 13.07 9.42 83.81
C GLY L 90 12.09 10.54 84.07
N LEU L 91 12.07 11.56 83.20
CA LEU L 91 11.07 12.61 83.30
C LEU L 91 10.11 12.61 82.12
N ASN L 92 10.63 12.68 80.89
CA ASN L 92 9.79 12.57 79.69
C ASN L 92 9.75 11.10 79.30
N THR L 93 8.87 10.36 79.97
CA THR L 93 8.90 8.91 79.94
C THR L 93 7.69 8.34 79.21
N HIS L 94 7.92 7.25 78.48
CA HIS L 94 6.87 6.43 77.90
C HIS L 94 7.16 4.97 78.28
N TYR L 95 6.10 4.18 78.38
CA TYR L 95 6.19 2.85 78.96
C TYR L 95 6.24 1.78 77.88
N ARG L 96 7.11 0.80 78.09
CA ARG L 96 7.29 -0.30 77.16
C ARG L 96 7.46 -1.60 77.95
N TYR L 97 7.41 -2.72 77.23
CA TYR L 97 7.64 -4.03 77.82
C TYR L 97 9.01 -4.54 77.41
N VAL L 98 9.64 -5.29 78.31
CA VAL L 98 10.98 -5.84 78.09
C VAL L 98 10.94 -7.35 77.96
N GLY L 99 10.50 -8.04 79.01
CA GLY L 99 10.40 -9.49 78.96
C GLY L 99 9.22 -9.97 78.14
N LYS L 100 9.50 -10.55 76.97
CA LYS L 100 8.46 -11.03 76.07
C LYS L 100 8.73 -12.47 75.69
N THR L 101 7.73 -13.32 75.84
CA THR L 101 7.81 -14.70 75.37
C THR L 101 6.43 -15.12 74.89
N VAL L 102 6.28 -16.40 74.55
CA VAL L 102 5.04 -16.89 73.96
C VAL L 102 3.89 -16.78 74.97
N ASP L 103 4.12 -17.20 76.21
CA ASP L 103 3.05 -17.32 77.19
C ASP L 103 3.20 -16.38 78.38
N TYR L 104 4.11 -15.39 78.30
CA TYR L 104 4.32 -14.51 79.42
C TYR L 104 4.85 -13.16 78.94
N ARG L 105 4.37 -12.09 79.57
CA ARG L 105 4.88 -10.75 79.36
C ARG L 105 4.87 -10.05 80.71
N GLY L 106 5.82 -9.13 80.91
CA GLY L 106 5.88 -8.41 82.17
C GLY L 106 6.96 -7.36 82.24
N THR L 107 7.48 -7.15 83.44
CA THR L 107 8.53 -6.18 83.76
C THR L 107 8.35 -4.88 82.96
N MET L 108 7.18 -4.28 83.14
CA MET L 108 6.85 -3.00 82.51
C MET L 108 7.82 -1.92 82.99
N ILE L 109 8.70 -1.48 82.11
CA ILE L 109 9.79 -0.57 82.46
C ILE L 109 9.56 0.75 81.74
N PRO L 110 9.45 1.87 82.45
CA PRO L 110 9.36 3.17 81.77
C PRO L 110 10.64 3.47 80.99
N SER L 111 10.46 4.13 79.84
CA SER L 111 11.56 4.53 78.99
C SER L 111 11.45 6.02 78.69
N GLU L 112 12.59 6.70 78.69
CA GLU L 112 12.63 8.14 78.52
C GLU L 112 12.89 8.50 77.05
N ALA L 113 12.06 9.37 76.51
CA ALA L 113 12.19 9.82 75.13
C ALA L 113 13.22 10.95 75.05
N PRO L 114 13.87 11.10 73.89
CA PRO L 114 14.88 12.16 73.74
C PRO L 114 14.25 13.54 73.75
N LEU L 115 15.08 14.53 74.08
CA LEU L 115 14.70 15.94 74.03
C LEU L 115 15.79 16.73 73.31
N LEU L 116 15.38 17.76 72.58
CA LEU L 116 16.32 18.61 71.88
C LEU L 116 16.96 19.62 72.83
N HIS L 117 17.94 20.35 72.30
CA HIS L 117 18.64 21.35 73.12
C HIS L 117 17.76 22.57 73.40
N ASN L 118 16.84 22.90 72.49
CA ASN L 118 16.03 24.10 72.67
C ASN L 118 14.97 23.92 73.77
N GLN L 119 14.63 22.68 74.11
CA GLN L 119 13.64 22.42 75.16
C GLN L 119 14.29 22.22 76.52
N VAL L 120 15.61 22.34 76.62
CA VAL L 120 16.33 22.10 77.86
C VAL L 120 17.24 23.29 78.12
N LYS L 121 17.12 23.89 79.30
CA LYS L 121 17.98 24.98 79.73
C LYS L 121 18.66 24.61 81.04
N LEU L 122 19.94 24.95 81.14
CA LEU L 122 20.72 24.59 82.32
C LEU L 122 20.21 25.33 83.55
N VAL L 123 20.35 24.70 84.71
CA VAL L 123 19.81 25.21 85.97
C VAL L 123 20.98 25.65 86.85
N ASP L 124 20.91 26.88 87.33
CA ASP L 124 21.96 27.39 88.20
C ASP L 124 21.85 26.75 89.58
N PRO L 125 22.97 26.46 90.23
CA PRO L 125 22.90 25.78 91.55
C PRO L 125 22.19 26.58 92.62
N THR L 126 22.28 27.91 92.59
CA THR L 126 21.80 28.72 93.70
C THR L 126 20.29 28.93 93.65
N ASP L 127 19.81 29.59 92.59
CA ASP L 127 18.40 29.96 92.51
C ASP L 127 17.50 28.84 92.00
N ARG L 128 18.08 27.78 91.43
CA ARG L 128 17.32 26.63 90.93
C ARG L 128 16.27 27.05 89.90
N LYS L 129 16.69 27.89 88.95
CA LYS L 129 15.84 28.34 87.85
C LYS L 129 16.59 28.23 86.54
N PRO L 130 15.87 28.06 85.43
CA PRO L 130 16.55 28.03 84.12
C PRO L 130 17.18 29.37 83.80
N THR L 131 18.40 29.31 83.24
CA THR L 131 19.14 30.52 82.92
C THR L 131 20.01 30.26 81.71
N ASP L 132 20.07 31.24 80.80
CA ASP L 132 20.93 31.13 79.63
C ASP L 132 22.39 31.09 80.06
N VAL L 133 23.19 30.30 79.36
CA VAL L 133 24.59 30.07 79.70
C VAL L 133 25.46 30.43 78.51
N GLU L 134 26.51 31.18 78.75
CA GLU L 134 27.50 31.52 77.72
C GLU L 134 28.90 31.19 78.24
N TRP L 135 29.72 30.64 77.36
CA TRP L 135 31.10 30.33 77.73
C TRP L 135 31.91 31.62 77.85
N ARG L 136 32.67 31.73 78.94
CA ARG L 136 33.53 32.87 79.18
C ARG L 136 34.93 32.38 79.53
N PHE L 137 35.92 33.19 79.20
CA PHE L 137 37.33 32.89 79.49
C PHE L 137 37.75 33.78 80.66
N THR L 138 38.05 33.15 81.80
CA THR L 138 38.43 33.88 82.99
C THR L 138 39.93 34.15 83.00
N GLU L 139 40.40 34.84 84.05
CA GLU L 139 41.81 35.17 84.18
C GLU L 139 42.66 33.97 84.60
N ALA L 140 42.05 32.85 84.97
CA ALA L 140 42.77 31.66 85.37
C ALA L 140 43.07 30.73 84.21
N GLY L 141 42.62 31.04 83.01
CA GLY L 141 42.88 30.22 81.85
C GLY L 141 41.97 29.03 81.66
N GLU L 142 40.93 28.89 82.48
CA GLU L 142 40.02 27.76 82.40
C GLU L 142 38.70 28.19 81.78
N ARG L 143 38.13 27.32 80.95
CA ARG L 143 36.84 27.57 80.32
C ARG L 143 35.74 27.12 81.28
N VAL L 144 35.03 28.08 81.87
CA VAL L 144 33.98 27.82 82.83
C VAL L 144 32.70 28.46 82.33
N ARG L 145 31.61 27.68 82.35
CA ARG L 145 30.31 28.21 81.93
C ARG L 145 29.87 29.31 82.90
N VAL L 146 29.28 30.37 82.34
CA VAL L 146 28.85 31.53 83.12
C VAL L 146 27.39 31.81 82.79
N SER L 147 26.57 31.97 83.83
CA SER L 147 25.16 32.28 83.65
C SER L 147 24.98 33.74 83.23
N THR L 148 23.80 34.04 82.71
CA THR L 148 23.47 35.38 82.24
C THR L 148 22.73 36.20 83.29
N ARG L 149 21.68 35.63 83.89
CA ARG L 149 20.88 36.37 84.86
C ARG L 149 21.59 36.49 86.21
N SER L 150 21.91 35.34 86.82
CA SER L 150 22.55 35.37 88.13
C SER L 150 24.01 35.76 88.05
N GLY L 151 24.68 35.46 86.94
CA GLY L 151 26.08 35.79 86.81
C GLY L 151 27.03 34.89 87.57
N ARG L 152 26.60 33.70 87.95
CA ARG L 152 27.43 32.76 88.68
C ARG L 152 27.93 31.66 87.75
N ILE L 153 29.16 31.24 87.97
CA ILE L 153 29.75 30.16 87.18
C ILE L 153 29.20 28.83 87.66
N ILE L 154 29.13 27.86 86.74
CA ILE L 154 28.59 26.54 87.02
C ILE L 154 29.70 25.52 86.80
N PRO L 155 30.01 24.69 87.79
CA PRO L 155 31.09 23.70 87.62
C PRO L 155 30.71 22.60 86.66
N LYS L 156 31.73 21.92 86.14
CA LYS L 156 31.50 20.83 85.21
C LYS L 156 30.86 19.65 85.93
N PRO L 157 29.94 18.94 85.27
CA PRO L 157 29.26 17.81 85.93
C PRO L 157 30.06 16.52 85.92
N GLU L 158 30.94 16.36 86.91
CA GLU L 158 31.72 15.13 87.03
C GLU L 158 30.80 13.92 87.05
N PHE L 159 31.01 13.01 86.10
CA PHE L 159 30.16 11.84 85.94
C PHE L 159 31.03 10.59 85.81
N PRO L 160 30.61 9.47 86.39
CA PRO L 160 31.41 8.24 86.27
C PRO L 160 31.52 7.77 84.83
N ARG L 161 32.66 7.17 84.50
CA ARG L 161 32.92 6.76 83.14
C ARG L 161 32.12 5.50 82.80
N ALA L 162 32.10 5.18 81.50
CA ALA L 162 31.31 4.04 81.04
C ALA L 162 31.88 2.71 81.52
N ASP L 163 33.19 2.66 81.80
CA ASP L 163 33.79 1.42 82.28
C ASP L 163 33.22 0.99 83.63
N GLY L 164 32.75 1.95 84.42
CA GLY L 164 32.21 1.64 85.73
C GLY L 164 33.24 1.36 86.80
N ILE L 165 34.52 1.64 86.55
CA ILE L 165 35.59 1.37 87.48
C ILE L 165 36.07 2.70 88.05
N VAL L 166 36.04 2.82 89.37
CA VAL L 166 36.49 4.03 90.06
C VAL L 166 37.96 3.85 90.43
N PRO L 167 38.87 4.69 89.93
CA PRO L 167 40.30 4.53 90.28
C PRO L 167 40.59 4.70 91.77
N GLU L 168 39.72 5.36 92.52
CA GLU L 168 39.96 5.54 93.95
C GLU L 168 40.00 4.20 94.67
N THR L 169 39.04 3.32 94.37
CA THR L 169 38.94 2.01 95.00
C THR L 169 39.32 0.95 93.96
N TRP L 170 40.56 0.47 94.03
CA TRP L 170 41.05 -0.51 93.07
C TRP L 170 42.08 -1.41 93.74
N ILE L 171 42.09 -2.67 93.34
CA ILE L 171 43.03 -3.67 93.87
C ILE L 171 43.84 -4.20 92.70
N ASP L 172 45.17 -4.15 92.84
CA ASP L 172 46.04 -4.62 91.77
C ASP L 172 45.96 -6.14 91.65
N GLY L 173 45.76 -6.62 90.42
CA GLY L 173 45.69 -8.03 90.16
C GLY L 173 47.08 -8.63 89.94
N PRO L 174 47.13 -9.92 89.64
CA PRO L 174 48.44 -10.55 89.37
C PRO L 174 49.20 -9.93 88.22
N LYS L 175 48.49 -9.45 87.19
CA LYS L 175 49.11 -8.86 86.01
C LYS L 175 48.94 -7.34 85.98
N ASP L 176 48.94 -6.71 87.15
CA ASP L 176 48.83 -5.25 87.26
C ASP L 176 50.14 -4.68 87.80
N THR L 177 50.61 -3.62 87.16
CA THR L 177 51.85 -2.97 87.57
C THR L 177 51.57 -1.95 88.66
N SER L 178 52.43 -1.92 89.67
CA SER L 178 52.27 -0.98 90.78
C SER L 178 52.52 0.44 90.30
N VAL L 179 51.95 1.39 91.04
CA VAL L 179 52.09 2.81 90.68
C VAL L 179 53.54 3.24 90.79
N GLU L 180 54.28 2.70 91.77
CA GLU L 180 55.67 3.07 91.95
C GLU L 180 56.51 2.69 90.75
N ASP L 181 56.31 1.47 90.22
CA ASP L 181 57.10 1.02 89.08
C ASP L 181 56.66 1.72 87.80
N ALA L 182 55.37 2.06 87.67
CA ALA L 182 54.91 2.75 86.47
C ALA L 182 55.53 4.13 86.35
N LEU L 183 55.66 4.84 87.46
CA LEU L 183 56.24 6.17 87.47
C LEU L 183 57.75 6.17 87.69
N GLU L 184 58.35 5.01 87.91
CA GLU L 184 59.80 4.93 88.08
C GLU L 184 60.49 5.26 86.78
N LYS L 185 61.49 6.13 86.84
CA LYS L 185 62.23 6.57 85.66
C LYS L 185 63.61 5.91 85.65
N THR L 186 63.94 5.25 84.54
CA THR L 186 65.23 4.62 84.37
C THR L 186 65.89 5.01 83.05
N TYR L 187 65.35 5.99 82.34
CA TYR L 187 65.89 6.38 81.04
C TYR L 187 67.16 7.19 81.23
N VAL L 188 68.22 6.76 80.57
CA VAL L 188 69.47 7.53 80.51
C VAL L 188 69.65 7.97 79.07
N PRO L 189 69.35 9.24 78.74
CA PRO L 189 69.31 9.64 77.34
C PRO L 189 70.68 9.76 76.70
N ARG L 190 71.21 8.65 76.22
CA ARG L 190 72.44 8.63 75.44
C ARG L 190 72.11 8.60 73.96
N LEU L 191 73.15 8.67 73.12
CA LEU L 191 72.98 8.72 71.68
C LEU L 191 73.14 7.35 71.02
N LYS L 192 72.72 6.28 71.69
CA LYS L 192 72.73 4.94 71.12
C LYS L 192 71.31 4.43 70.99
N THR L 193 71.02 3.80 69.86
CA THR L 193 69.68 3.29 69.59
C THR L 193 69.38 2.10 70.49
N LEU L 194 68.10 1.66 70.46
CA LEU L 194 67.71 0.49 71.22
C LEU L 194 68.47 -0.74 70.78
N GLU L 195 68.83 -0.82 69.49
CA GLU L 195 69.62 -1.93 68.99
C GLU L 195 70.98 -1.99 69.66
N GLU L 196 71.64 -0.84 69.79
CA GLU L 196 72.99 -0.82 70.36
C GLU L 196 72.98 -1.12 71.85
N GLU L 197 72.01 -0.58 72.59
CA GLU L 197 72.02 -0.74 74.04
C GLU L 197 71.81 -2.19 74.45
N VAL L 198 70.86 -2.88 73.82
CA VAL L 198 70.58 -4.26 74.20
C VAL L 198 71.75 -5.16 73.84
N MET L 199 72.40 -4.90 72.71
CA MET L 199 73.51 -5.75 72.28
C MET L 199 74.66 -5.71 73.27
N GLU L 200 74.98 -4.52 73.79
CA GLU L 200 76.05 -4.39 74.78
C GLU L 200 75.59 -4.75 76.18
N ALA L 201 74.29 -4.79 76.44
CA ALA L 201 73.79 -5.14 77.76
C ALA L 201 73.92 -6.64 78.03
N MET L 202 73.65 -7.47 77.02
CA MET L 202 73.74 -8.91 77.15
C MET L 202 75.08 -9.48 76.72
N GLY L 203 76.01 -8.62 76.28
CA GLY L 203 77.31 -9.10 75.86
C GLY L 203 77.35 -9.74 74.49
N ILE L 204 76.40 -9.43 73.61
CA ILE L 204 76.44 -9.94 72.25
C ILE L 204 77.54 -9.22 71.48
N GLN L 205 78.48 -9.96 70.96
CA GLN L 205 79.65 -9.40 70.29
C GLN L 205 79.63 -9.79 68.81
N GLU L 206 79.76 -8.79 67.94
CA GLU L 206 79.79 -8.99 66.50
C GLU L 206 81.05 -8.35 65.95
N THR L 207 81.76 -9.07 65.08
CA THR L 207 83.04 -8.61 64.55
C THR L 207 82.95 -8.08 63.13
N ARG L 208 82.40 -8.87 62.22
CA ARG L 208 82.36 -8.49 60.81
C ARG L 208 81.32 -7.39 60.56
N ARG L 209 81.42 -6.76 59.40
CA ARG L 209 80.55 -5.67 59.01
C ARG L 209 79.94 -5.96 57.65
N HIS L 210 78.79 -5.32 57.39
CA HIS L 210 78.09 -5.52 56.13
C HIS L 210 78.89 -4.96 54.96
N LYS L 211 78.70 -5.57 53.79
CA LYS L 211 79.32 -5.08 52.56
C LYS L 211 78.52 -3.91 52.01
N LYS L 212 78.96 -3.38 50.87
CA LYS L 212 78.28 -2.27 50.23
C LYS L 212 77.04 -2.77 49.50
N VAL L 213 75.91 -2.09 49.72
CA VAL L 213 74.63 -2.45 49.11
C VAL L 213 74.12 -1.24 48.34
N TYR L 214 73.74 -1.45 47.08
CA TYR L 214 73.31 -0.37 46.22
C TYR L 214 71.79 -0.23 46.26
N TRP L 215 71.32 1.00 46.46
CA TRP L 215 69.91 1.30 46.62
C TRP L 215 69.42 2.04 45.38
N TYR L 216 68.41 1.48 44.72
CA TYR L 216 67.76 2.13 43.59
C TYR L 216 66.45 1.42 43.25
N GLY M 37 4.19 -3.64 -33.30
CA GLY M 37 5.36 -3.21 -34.03
C GLY M 37 6.06 -2.02 -33.39
N SER M 38 6.47 -1.06 -34.22
CA SER M 38 7.15 0.14 -33.75
C SER M 38 6.52 1.36 -34.41
N SER M 39 6.61 2.49 -33.72
CA SER M 39 6.03 3.73 -34.23
C SER M 39 6.87 4.28 -35.38
N LYS M 40 6.20 4.69 -36.45
CA LYS M 40 6.87 5.27 -37.61
C LYS M 40 6.72 6.78 -37.68
N ASN M 41 5.65 7.34 -37.14
CA ASN M 41 5.42 8.77 -37.19
C ASN M 41 6.22 9.49 -36.11
N LEU M 42 6.94 10.54 -36.50
CA LEU M 42 7.79 11.28 -35.59
C LEU M 42 7.59 12.77 -35.81
N GLY M 43 7.82 13.54 -34.75
CA GLY M 43 7.80 14.98 -34.86
C GLY M 43 6.43 15.62 -34.98
N GLY M 44 5.38 14.93 -34.59
CA GLY M 44 4.05 15.50 -34.68
C GLY M 44 3.69 16.48 -33.60
N LYS M 45 4.57 16.70 -32.63
CA LYS M 45 4.28 17.56 -31.49
C LYS M 45 4.78 18.97 -31.76
N SER M 46 3.88 19.94 -31.72
CA SER M 46 4.21 21.34 -31.90
C SER M 46 3.12 22.21 -31.31
N PRO M 47 3.45 23.18 -30.47
CA PRO M 47 2.42 24.02 -29.86
C PRO M 47 1.83 25.00 -30.87
N GLY M 48 0.59 25.40 -30.61
CA GLY M 48 -0.07 26.35 -31.48
C GLY M 48 0.55 27.72 -31.41
N LYS M 49 0.43 28.48 -32.49
CA LYS M 49 0.99 29.82 -32.58
C LYS M 49 0.01 30.91 -32.17
N ARG M 50 -1.18 30.53 -31.71
CA ARG M 50 -2.20 31.48 -31.25
C ARG M 50 -2.59 32.45 -32.37
N PHE M 51 -2.61 31.96 -33.60
CA PHE M 51 -3.09 32.76 -34.72
C PHE M 51 -4.60 32.94 -34.61
N GLY M 52 -5.06 34.18 -34.70
CA GLY M 52 -6.47 34.45 -34.54
C GLY M 52 -6.72 35.95 -34.53
N ILE M 53 -7.95 36.30 -34.16
CA ILE M 53 -8.41 37.68 -34.17
C ILE M 53 -8.38 38.20 -32.74
N LYS M 54 -7.79 39.38 -32.55
CA LYS M 54 -7.60 39.95 -31.22
C LYS M 54 -8.67 40.96 -30.85
N LYS M 55 -8.90 41.97 -31.69
CA LYS M 55 -9.86 43.03 -31.41
C LYS M 55 -11.09 42.83 -32.27
N MET M 56 -12.24 42.65 -31.62
CA MET M 56 -13.50 42.53 -32.33
C MET M 56 -14.03 43.93 -32.69
N GLU M 57 -15.18 43.97 -33.35
CA GLU M 57 -15.75 45.25 -33.73
C GLU M 57 -16.19 46.02 -32.50
N GLY M 58 -15.92 47.33 -32.51
CA GLY M 58 -16.32 48.22 -31.44
C GLY M 58 -15.26 48.47 -30.39
N HIS M 59 -14.21 47.65 -30.36
CA HIS M 59 -13.15 47.87 -29.39
C HIS M 59 -12.37 49.13 -29.70
N TYR M 60 -12.04 49.89 -28.67
CA TYR M 60 -11.27 51.12 -28.80
C TYR M 60 -9.79 50.78 -28.72
N VAL M 61 -9.07 51.02 -29.81
CA VAL M 61 -7.65 50.66 -29.88
C VAL M 61 -6.83 51.91 -30.13
N HIS M 62 -5.59 51.87 -29.67
CA HIS M 62 -4.63 52.94 -29.88
C HIS M 62 -3.66 52.55 -30.98
N ALA M 63 -2.82 53.52 -31.36
CA ALA M 63 -1.84 53.27 -32.42
C ALA M 63 -0.81 52.25 -31.96
N GLY M 64 -0.58 51.24 -32.79
CA GLY M 64 0.37 50.20 -32.50
C GLY M 64 -0.22 48.90 -32.00
N ASN M 65 -1.50 48.89 -31.61
CA ASN M 65 -2.12 47.66 -31.14
C ASN M 65 -2.32 46.69 -32.30
N ILE M 66 -1.97 45.43 -32.07
CA ILE M 66 -2.10 44.40 -33.10
C ILE M 66 -3.56 43.99 -33.18
N LEU M 67 -4.21 44.31 -34.29
CA LEU M 67 -5.62 43.95 -34.45
C LEU M 67 -5.80 42.45 -34.58
N ALA M 68 -4.96 41.79 -35.37
CA ALA M 68 -5.06 40.35 -35.58
C ALA M 68 -3.76 39.83 -36.16
N THR M 69 -3.49 38.56 -35.89
CA THR M 69 -2.35 37.85 -36.47
C THR M 69 -2.86 36.61 -37.18
N GLN M 70 -2.23 36.25 -38.30
CA GLN M 70 -2.76 35.21 -39.16
C GLN M 70 -1.60 34.50 -39.85
N ARG M 71 -1.89 33.28 -40.33
CA ARG M 71 -0.93 32.50 -41.10
C ARG M 71 -1.05 32.82 -42.58
N HIS M 72 -2.22 32.59 -43.16
CA HIS M 72 -2.54 33.01 -44.51
C HIS M 72 -3.39 34.27 -44.45
N PHE M 73 -3.63 34.86 -45.63
CA PHE M 73 -4.42 36.08 -45.67
C PHE M 73 -5.89 35.78 -45.43
N ARG M 74 -6.30 35.85 -44.16
CA ARG M 74 -7.69 35.67 -43.78
C ARG M 74 -8.44 36.98 -43.79
N TRP M 75 -7.90 38.01 -43.14
CA TRP M 75 -8.45 39.35 -43.16
C TRP M 75 -7.43 40.27 -43.81
N HIS M 76 -7.86 40.97 -44.86
CA HIS M 76 -6.96 41.93 -45.49
C HIS M 76 -7.00 43.26 -44.74
N PRO M 77 -5.87 43.97 -44.69
CA PRO M 77 -5.85 45.28 -44.02
C PRO M 77 -6.68 46.31 -44.78
N GLY M 78 -7.25 47.25 -44.03
CA GLY M 78 -8.06 48.29 -44.61
C GLY M 78 -7.54 49.68 -44.33
N ALA M 79 -8.45 50.62 -44.06
CA ALA M 79 -8.05 52.00 -43.81
C ALA M 79 -7.42 52.13 -42.43
N HIS M 80 -6.30 52.85 -42.37
CA HIS M 80 -5.59 53.13 -41.12
C HIS M 80 -5.10 51.84 -40.44
N VAL M 81 -4.87 50.79 -41.22
CA VAL M 81 -4.38 49.53 -40.68
C VAL M 81 -3.16 49.12 -41.50
N GLY M 82 -2.04 48.92 -40.82
CA GLY M 82 -0.82 48.50 -41.48
C GLY M 82 -0.78 47.02 -41.73
N LEU M 83 0.38 46.55 -42.19
CA LEU M 83 0.60 45.13 -42.45
C LEU M 83 2.07 44.83 -42.25
N GLY M 84 2.38 43.99 -41.26
CA GLY M 84 3.74 43.62 -40.98
C GLY M 84 4.26 42.59 -41.96
N LYS M 85 5.56 42.29 -41.82
CA LYS M 85 6.18 41.29 -42.68
C LYS M 85 5.66 39.88 -42.40
N ASN M 86 5.13 39.64 -41.20
CA ASN M 86 4.52 38.36 -40.86
C ASN M 86 3.01 38.40 -40.98
N LYS M 87 2.48 39.29 -41.83
CA LYS M 87 1.06 39.34 -42.18
C LYS M 87 0.16 39.63 -40.98
N CYS M 88 0.67 40.35 -39.98
CA CYS M 88 -0.14 40.76 -38.85
C CYS M 88 -0.70 42.15 -39.09
N LEU M 89 -1.92 42.37 -38.63
CA LEU M 89 -2.64 43.63 -38.83
C LEU M 89 -2.58 44.46 -37.56
N TYR M 90 -2.06 45.68 -37.67
CA TYR M 90 -1.93 46.60 -36.53
C TYR M 90 -2.53 47.94 -36.91
N ALA M 91 -3.25 48.54 -35.96
CA ALA M 91 -3.91 49.81 -36.21
C ALA M 91 -2.88 50.94 -36.26
N LEU M 92 -3.09 51.89 -37.17
CA LEU M 92 -2.22 53.04 -37.32
C LEU M 92 -2.73 54.29 -36.62
N GLU M 93 -4.05 54.39 -36.41
CA GLU M 93 -4.65 55.54 -35.77
C GLU M 93 -5.55 55.09 -34.63
N GLU M 94 -5.70 55.95 -33.64
CA GLU M 94 -6.58 55.66 -32.50
C GLU M 94 -8.03 55.80 -32.92
N GLY M 95 -8.83 54.79 -32.62
CA GLY M 95 -10.23 54.82 -33.03
C GLY M 95 -10.94 53.51 -32.76
N VAL M 96 -11.98 53.26 -33.55
CA VAL M 96 -12.86 52.12 -33.38
C VAL M 96 -12.61 51.13 -34.51
N VAL M 97 -12.44 49.86 -34.16
CA VAL M 97 -12.19 48.82 -35.14
C VAL M 97 -13.50 48.41 -35.80
N ARG M 98 -13.50 48.32 -37.13
CA ARG M 98 -14.66 47.91 -37.88
C ARG M 98 -14.27 46.89 -38.95
N TYR M 99 -15.17 45.96 -39.22
CA TYR M 99 -14.96 44.91 -40.21
C TYR M 99 -15.93 45.08 -41.36
N THR M 100 -15.45 44.83 -42.58
CA THR M 100 -16.19 45.21 -43.77
C THR M 100 -15.87 44.23 -44.91
N LYS M 101 -16.88 43.96 -45.73
CA LYS M 101 -16.71 43.19 -46.96
C LYS M 101 -16.61 44.15 -48.13
N GLU M 102 -15.49 44.11 -48.84
CA GLU M 102 -15.24 45.00 -49.96
C GLU M 102 -14.74 44.21 -51.16
N VAL M 103 -14.58 44.92 -52.28
CA VAL M 103 -14.09 44.30 -53.50
C VAL M 103 -12.56 44.22 -53.47
N TYR M 104 -12.02 43.35 -54.31
CA TYR M 104 -10.59 43.06 -54.34
C TYR M 104 -10.04 43.41 -55.71
N VAL M 105 -9.12 44.37 -55.76
CA VAL M 105 -8.42 44.75 -56.98
C VAL M 105 -6.93 44.53 -56.76
N PRO M 106 -6.38 43.45 -57.27
CA PRO M 106 -4.99 43.10 -56.94
C PRO M 106 -3.99 44.03 -57.59
N ASN M 107 -2.80 44.06 -57.01
CA ASN M 107 -1.70 44.85 -57.57
C ASN M 107 -1.29 44.25 -58.91
N PRO M 108 -1.15 45.06 -59.96
CA PRO M 108 -0.78 44.50 -61.27
C PRO M 108 0.57 43.80 -61.29
N SER M 109 1.49 44.17 -60.40
CA SER M 109 2.79 43.52 -60.37
C SER M 109 2.74 42.12 -59.76
N ASN M 110 1.62 41.73 -59.15
CA ASN M 110 1.46 40.40 -58.58
C ASN M 110 0.94 39.48 -59.69
N SER M 111 1.84 38.65 -60.24
CA SER M 111 1.50 37.86 -61.40
C SER M 111 0.41 36.84 -61.11
N GLU M 112 0.49 36.17 -59.96
CA GLU M 112 -0.49 35.13 -59.64
C GLU M 112 -1.89 35.70 -59.46
N ALA M 113 -2.00 36.84 -58.78
CA ALA M 113 -3.31 37.41 -58.50
C ALA M 113 -3.97 37.96 -59.76
N VAL M 114 -3.20 38.66 -60.60
CA VAL M 114 -3.78 39.25 -61.81
C VAL M 114 -4.23 38.16 -62.78
N ASP M 115 -3.56 37.00 -62.76
CA ASP M 115 -3.99 35.89 -63.61
C ASP M 115 -5.35 35.36 -63.17
N LEU M 116 -5.58 35.27 -61.87
CA LEU M 116 -6.87 34.82 -61.36
C LEU M 116 -7.98 35.77 -61.78
N VAL M 117 -7.73 37.08 -61.72
CA VAL M 117 -8.72 38.06 -62.13
C VAL M 117 -9.01 37.95 -63.62
N THR M 118 -7.97 37.66 -64.42
CA THR M 118 -8.14 37.60 -65.86
C THR M 118 -9.12 36.50 -66.27
N ARG M 119 -9.05 35.35 -65.61
CA ARG M 119 -9.85 34.19 -66.00
C ARG M 119 -11.28 34.24 -65.47
N LEU M 120 -11.64 35.23 -64.67
CA LEU M 120 -12.99 35.32 -64.14
C LEU M 120 -13.98 35.66 -65.26
N PRO M 121 -15.21 35.18 -65.16
CA PRO M 121 -16.25 35.60 -66.12
C PRO M 121 -16.61 37.07 -65.91
N GLN M 122 -17.27 37.62 -66.93
CA GLN M 122 -17.52 39.07 -66.95
C GLN M 122 -18.45 39.51 -65.81
N GLY M 123 -19.34 38.64 -65.36
CA GLY M 123 -20.31 39.03 -64.37
C GLY M 123 -19.89 38.87 -62.92
N ALA M 124 -18.63 38.54 -62.65
CA ALA M 124 -18.17 38.24 -61.30
C ALA M 124 -17.12 39.24 -60.85
N VAL M 125 -17.11 39.51 -59.54
CA VAL M 125 -16.11 40.35 -58.91
C VAL M 125 -15.67 39.69 -57.61
N LEU M 126 -14.36 39.72 -57.35
CA LEU M 126 -13.84 39.16 -56.11
C LEU M 126 -14.28 40.01 -54.91
N TYR M 127 -14.63 39.33 -53.83
CA TYR M 127 -14.99 39.99 -52.57
C TYR M 127 -14.10 39.45 -51.46
N LYS M 128 -13.59 40.35 -50.63
CA LYS M 128 -12.73 39.99 -49.51
C LYS M 128 -13.16 40.77 -48.28
N THR M 129 -12.73 40.31 -47.12
CA THR M 129 -13.01 40.98 -45.86
C THR M 129 -11.85 41.89 -45.49
N PHE M 130 -12.17 43.03 -44.87
CA PHE M 130 -11.18 44.02 -44.51
C PHE M 130 -11.40 44.48 -43.07
N VAL M 131 -10.33 44.99 -42.47
CA VAL M 131 -10.35 45.51 -41.11
C VAL M 131 -10.04 46.99 -41.16
N HIS M 132 -10.96 47.81 -40.65
CA HIS M 132 -10.79 49.26 -40.67
C HIS M 132 -10.68 49.79 -39.24
N VAL M 133 -10.15 51.00 -39.12
CA VAL M 133 -10.07 51.72 -37.86
C VAL M 133 -10.51 53.16 -38.14
N VAL M 134 -11.75 53.48 -37.81
CA VAL M 134 -12.26 54.84 -38.00
C VAL M 134 -11.63 55.74 -36.95
N PRO M 135 -10.91 56.78 -37.35
CA PRO M 135 -10.27 57.65 -36.35
C PRO M 135 -11.29 58.35 -35.46
N ALA M 136 -10.93 58.52 -34.19
CA ALA M 136 -11.76 59.22 -33.23
C ALA M 136 -11.21 60.59 -32.86
N LYS M 137 -9.97 60.64 -32.39
CA LYS M 137 -9.37 61.92 -32.04
C LYS M 137 -9.05 62.72 -33.30
N PRO M 138 -9.33 64.02 -33.32
CA PRO M 138 -8.97 64.83 -34.47
C PRO M 138 -7.46 65.02 -34.56
N GLU M 139 -7.03 65.52 -35.72
CA GLU M 139 -5.60 65.70 -35.96
C GLU M 139 -5.01 66.70 -34.96
N GLY M 140 -5.71 67.79 -34.71
CA GLY M 140 -5.25 68.78 -33.75
C GLY M 140 -6.22 69.93 -33.69
N THR M 141 -5.96 70.84 -32.75
CA THR M 141 -6.78 72.01 -32.54
C THR M 141 -5.90 73.24 -32.40
N PHE M 142 -6.47 74.40 -32.73
CA PHE M 142 -5.76 75.67 -32.67
C PHE M 142 -6.06 76.36 -31.35
N LYS M 143 -5.02 76.76 -30.63
CA LYS M 143 -5.16 77.42 -29.34
C LYS M 143 -4.43 78.74 -29.35
N LEU M 144 -4.91 79.68 -28.54
CA LEU M 144 -4.31 81.01 -28.44
C LEU M 144 -3.07 80.92 -27.54
N VAL M 145 -1.90 81.15 -28.12
CA VAL M 145 -0.65 81.02 -27.39
C VAL M 145 -0.12 82.38 -26.99
N ALA M 146 -0.40 83.40 -27.80
CA ALA M 146 0.08 84.75 -27.51
C ALA M 146 -0.81 85.74 -28.24
N MET M 147 -1.17 86.82 -27.56
CA MET M 147 -1.97 87.90 -28.14
C MET M 147 -1.14 89.19 -28.07
N LEU M 148 -0.44 89.49 -29.15
CA LEU M 148 0.40 90.68 -29.21
C LEU M 148 -0.40 91.90 -29.63
N PRO N 2 32.01 24.86 35.21
CA PRO N 2 33.35 25.22 35.71
C PRO N 2 34.36 25.38 34.59
N LEU N 3 35.14 26.47 34.64
CA LEU N 3 36.14 26.76 33.63
C LEU N 3 37.47 27.04 34.30
N HIS N 4 38.55 26.81 33.56
CA HIS N 4 39.88 27.11 34.06
C HIS N 4 40.07 28.61 34.22
N LYS N 5 40.69 29.01 35.33
CA LYS N 5 40.98 30.43 35.55
C LYS N 5 42.02 30.92 34.55
N VAL N 6 43.06 30.13 34.30
CA VAL N 6 44.09 30.48 33.35
C VAL N 6 43.86 29.67 32.08
N PRO N 7 43.95 30.27 30.89
CA PRO N 7 43.72 29.51 29.66
C PRO N 7 44.74 28.40 29.48
N VAL N 8 44.31 27.36 28.75
CA VAL N 8 45.13 26.16 28.61
C VAL N 8 46.44 26.47 27.87
N GLY N 9 46.39 27.40 26.91
CA GLY N 9 47.58 27.73 26.14
C GLY N 9 48.70 28.30 26.97
N LEU N 10 48.40 28.86 28.15
CA LEU N 10 49.40 29.46 29.01
C LEU N 10 49.91 28.51 30.09
N TRP N 11 49.43 27.26 30.11
CA TRP N 11 49.91 26.32 31.13
C TRP N 11 51.40 26.02 30.96
N LYS N 12 51.84 25.82 29.71
CA LYS N 12 53.25 25.55 29.48
C LYS N 12 54.12 26.76 29.82
N GLN N 13 53.64 27.97 29.51
CA GLN N 13 54.41 29.17 29.84
C GLN N 13 54.52 29.35 31.35
N LEU N 14 53.44 29.12 32.08
CA LEU N 14 53.48 29.22 33.53
C LEU N 14 54.26 28.09 34.18
N ARG N 15 54.49 26.98 33.45
CA ARG N 15 55.31 25.91 33.99
C ARG N 15 56.75 26.37 34.20
N LEU N 16 57.22 27.31 33.39
CA LEU N 16 58.59 27.81 33.50
C LEU N 16 58.78 28.77 34.65
N TRP N 17 57.71 29.33 35.20
CA TRP N 17 57.80 30.35 36.25
C TRP N 17 57.90 29.76 37.65
N GLU N 18 57.83 28.45 37.81
CA GLU N 18 57.83 27.84 39.13
C GLU N 18 58.76 26.65 39.15
N GLY N 19 59.20 26.30 40.36
CA GLY N 19 60.04 25.12 40.57
C GLY N 19 61.47 25.29 40.12
N ILE N 20 62.07 24.22 39.60
CA ILE N 20 63.46 24.27 39.16
C ILE N 20 63.62 25.23 37.99
N TYR N 21 62.59 25.34 37.14
CA TYR N 21 62.66 26.26 36.00
C TYR N 21 62.82 27.70 36.45
N SER N 22 62.35 28.04 37.65
CA SER N 22 62.48 29.40 38.14
C SER N 22 63.92 29.75 38.50
N ARG N 23 64.69 28.78 39.00
CA ARG N 23 66.07 29.02 39.43
C ARG N 23 67.05 28.98 38.27
N LEU N 24 66.60 28.72 37.05
CA LEU N 24 67.48 28.74 35.90
C LEU N 24 68.02 30.15 35.66
N PRO N 25 69.25 30.27 35.15
CA PRO N 25 69.82 31.60 34.92
C PRO N 25 68.97 32.40 33.94
N ARG N 26 68.91 33.72 34.19
CA ARG N 26 68.01 34.57 33.43
C ARG N 26 68.41 34.66 31.96
N HIS N 27 69.71 34.66 31.67
CA HIS N 27 70.15 34.79 30.29
C HIS N 27 69.71 33.60 29.44
N TYR N 28 69.73 32.40 30.01
CA TYR N 28 69.23 31.24 29.28
C TYR N 28 67.73 31.35 29.02
N LEU N 29 66.96 31.79 30.03
CA LEU N 29 65.52 31.91 29.86
C LEU N 29 65.15 32.97 28.84
N ARG N 30 65.89 34.08 28.81
CA ARG N 30 65.58 35.16 27.88
C ARG N 30 65.74 34.70 26.43
N SER N 31 66.79 33.94 26.13
CA SER N 31 66.97 33.45 24.77
C SER N 31 65.93 32.40 24.41
N LEU N 32 65.48 31.60 25.39
CA LEU N 32 64.51 30.55 25.11
C LEU N 32 63.14 31.12 24.77
N GLU N 33 62.72 32.18 25.48
CA GLU N 33 61.39 32.73 25.28
C GLU N 33 61.26 33.53 23.99
N GLU N 34 62.37 33.93 23.38
CA GLU N 34 62.34 34.71 22.14
C GLU N 34 62.14 33.77 20.96
N ALA N 35 60.94 33.76 20.39
CA ALA N 35 60.62 32.91 19.24
C ALA N 35 60.64 33.77 17.99
N ARG N 36 61.83 33.91 17.40
CA ARG N 36 61.99 34.71 16.20
C ARG N 36 61.76 33.86 14.96
N THR N 37 61.13 34.45 13.95
CA THR N 37 60.86 33.73 12.72
C THR N 37 62.17 33.36 12.02
N PRO N 38 62.35 32.10 11.64
CA PRO N 38 63.59 31.69 10.99
C PRO N 38 63.69 32.23 9.58
N THR N 39 64.90 32.17 9.05
CA THR N 39 65.16 32.64 7.69
C THR N 39 64.38 31.77 6.70
N PRO N 40 63.64 32.38 5.76
CA PRO N 40 62.88 31.58 4.80
C PRO N 40 63.78 30.69 3.96
N VAL N 41 63.42 29.42 3.86
CA VAL N 41 64.19 28.43 3.11
C VAL N 41 63.41 27.93 1.90
N HIS N 42 62.22 27.37 2.12
CA HIS N 42 61.43 26.82 1.01
C HIS N 42 60.63 27.91 0.31
N TYR N 43 59.73 28.57 1.02
CA TYR N 43 58.87 29.57 0.40
C TYR N 43 59.68 30.80 0.03
N ARG N 44 59.25 31.47 -1.05
CA ARG N 44 59.92 32.67 -1.53
C ARG N 44 59.16 33.89 -1.05
N PRO N 45 59.70 34.68 -0.14
CA PRO N 45 58.95 35.82 0.39
C PRO N 45 58.92 36.99 -0.58
N HIS N 46 57.95 37.87 -0.36
CA HIS N 46 57.82 39.10 -1.12
C HIS N 46 58.28 40.28 -0.27
N GLY N 47 59.17 41.09 -0.83
CA GLY N 47 59.76 42.18 -0.06
C GLY N 47 58.75 43.25 0.34
N ALA N 48 57.89 43.65 -0.59
CA ALA N 48 56.99 44.76 -0.34
C ALA N 48 55.92 44.37 0.67
N LYS N 49 55.66 45.27 1.62
CA LYS N 49 54.57 45.07 2.58
C LYS N 49 53.21 45.36 1.95
N PHE N 50 53.15 46.31 1.03
CA PHE N 50 51.92 46.64 0.32
C PHE N 50 52.11 46.38 -1.17
N LYS N 51 51.08 45.83 -1.80
CA LYS N 51 51.14 45.45 -3.21
C LYS N 51 49.88 45.94 -3.92
N ILE N 52 50.00 46.08 -5.24
CA ILE N 52 48.89 46.54 -6.08
C ILE N 52 48.28 45.32 -6.76
N ASN N 53 46.98 45.15 -6.62
CA ASN N 53 46.29 44.02 -7.21
C ASN N 53 46.20 44.18 -8.72
N PRO N 54 46.76 43.27 -9.51
CA PRO N 54 46.68 43.42 -10.98
C PRO N 54 45.26 43.45 -11.50
N LYS N 55 44.36 42.66 -10.92
CA LYS N 55 42.98 42.64 -11.38
C LYS N 55 42.23 43.88 -10.90
N ASN N 56 42.46 44.29 -9.65
CA ASN N 56 41.68 45.35 -9.03
C ASN N 56 42.28 46.74 -9.21
N TRP N 57 43.58 46.83 -9.49
CA TRP N 57 44.28 48.11 -9.62
C TRP N 57 44.09 48.99 -8.38
N GLN N 58 44.21 48.37 -7.21
CA GLN N 58 44.05 49.06 -5.94
C GLN N 58 45.15 48.65 -4.99
N ARG N 59 45.45 49.54 -4.04
CA ARG N 59 46.46 49.28 -3.04
C ARG N 59 45.93 48.30 -1.99
N GLU N 60 46.66 47.21 -1.76
CA GLU N 60 46.24 46.20 -0.80
C GLU N 60 47.43 45.76 0.03
N ARG N 61 47.14 45.24 1.22
CA ARG N 61 48.16 44.77 2.13
C ARG N 61 48.46 43.29 1.89
N VAL N 62 49.74 42.93 1.95
CA VAL N 62 50.18 41.55 1.73
C VAL N 62 51.09 41.15 2.88
N GLU N 63 51.00 39.87 3.27
CA GLU N 63 51.76 39.34 4.40
C GLU N 63 52.37 38.00 4.02
N ASP N 64 53.61 37.77 4.46
CA ASP N 64 54.27 36.49 4.23
C ASP N 64 53.86 35.49 5.29
N VAL N 65 53.42 34.32 4.86
CA VAL N 65 53.04 33.22 5.75
C VAL N 65 54.03 32.08 5.54
N PRO N 66 54.81 31.70 6.55
CA PRO N 66 55.77 30.62 6.37
C PRO N 66 55.08 29.28 6.08
N ILE N 67 55.74 28.47 5.27
CA ILE N 67 55.23 27.15 4.90
C ILE N 67 55.75 26.14 5.91
N PRO N 68 54.88 25.39 6.59
CA PRO N 68 55.35 24.43 7.59
C PRO N 68 56.26 23.38 6.96
N VAL N 69 57.30 23.01 7.70
CA VAL N 69 58.29 22.04 7.26
C VAL N 69 58.52 21.04 8.38
N HIS N 70 58.60 19.76 8.04
CA HIS N 70 58.78 18.69 9.01
C HIS N 70 60.26 18.33 9.12
N TYR N 71 60.76 18.29 10.36
CA TYR N 71 62.15 17.95 10.62
C TYR N 71 62.23 16.55 11.21
N PRO N 72 62.69 15.57 10.46
CA PRO N 72 62.80 14.20 11.00
C PRO N 72 63.90 14.12 12.03
N PRO N 73 63.83 13.14 12.94
CA PRO N 73 64.90 12.98 13.93
C PRO N 73 66.26 12.72 13.32
N GLU N 74 66.32 12.18 12.09
CA GLU N 74 67.59 11.98 11.43
C GLU N 74 68.32 13.29 11.18
N SER N 75 67.58 14.39 11.04
CA SER N 75 68.20 15.69 10.76
C SER N 75 69.02 16.18 11.94
N GLN N 76 68.61 15.87 13.17
CA GLN N 76 69.30 16.39 14.35
C GLN N 76 70.72 15.85 14.49
N LEU N 77 71.05 14.76 13.79
CA LEU N 77 72.40 14.22 13.83
C LEU N 77 73.34 14.88 12.83
N GLY N 78 72.84 15.79 11.99
CA GLY N 78 73.68 16.42 10.99
C GLY N 78 73.39 17.90 10.81
N LEU N 79 73.81 18.46 9.69
CA LEU N 79 73.60 19.88 9.37
C LEU N 79 72.90 19.97 8.02
N TRP N 80 71.59 20.19 8.05
CA TRP N 80 70.79 20.29 6.84
C TRP N 80 70.58 21.74 6.38
N GLY N 81 71.13 22.71 7.10
CA GLY N 81 70.98 24.09 6.72
C GLY N 81 69.62 24.69 7.00
N GLY N 82 68.86 24.12 7.93
CA GLY N 82 67.57 24.67 8.30
C GLY N 82 66.41 24.23 7.44
N GLU N 83 66.52 23.09 6.76
CA GLU N 83 65.45 22.58 5.91
C GLU N 83 65.18 21.12 6.24
N GLY N 84 64.09 20.61 5.68
CA GLY N 84 63.69 19.24 5.90
C GLY N 84 62.59 18.80 4.95
N TRP N 85 61.81 17.80 5.36
CA TRP N 85 60.72 17.32 4.51
C TRP N 85 59.60 18.34 4.45
N VAL N 86 59.04 18.52 3.26
CA VAL N 86 57.90 19.41 3.04
C VAL N 86 56.69 18.53 2.80
N LEU N 87 55.72 18.60 3.70
CA LEU N 87 54.51 17.79 3.63
C LEU N 87 53.35 18.64 3.12
N GLY N 88 52.64 18.13 2.13
CA GLY N 88 51.53 18.86 1.57
C GLY N 88 50.88 18.08 0.45
N HIS N 89 49.98 18.75 -0.26
CA HIS N 89 49.25 18.17 -1.37
C HIS N 89 49.67 18.87 -2.66
N ARG N 90 49.18 18.36 -3.78
CA ARG N 90 49.44 18.98 -5.07
C ARG N 90 48.36 18.58 -6.04
N TYR N 91 48.28 19.30 -7.15
CA TYR N 91 47.36 19.00 -8.24
C TYR N 91 48.14 18.38 -9.39
N VAL N 92 47.65 17.25 -9.90
CA VAL N 92 48.27 16.63 -11.06
C VAL N 92 48.07 17.51 -12.28
N ASN N 93 49.09 17.59 -13.12
CA ASN N 93 49.13 18.43 -14.32
C ASN N 93 49.00 19.92 -13.98
N ASN N 94 49.13 20.29 -12.71
CA ASN N 94 49.04 21.68 -12.26
C ASN N 94 47.73 22.34 -12.67
N ASP N 95 46.68 21.55 -12.80
CA ASP N 95 45.34 22.05 -13.13
C ASP N 95 44.46 21.97 -11.89
N LYS N 96 43.71 23.05 -11.63
CA LYS N 96 42.88 23.08 -10.43
C LYS N 96 41.80 22.01 -10.47
N LEU N 97 41.17 21.81 -11.63
CA LEU N 97 40.08 20.85 -11.78
C LEU N 97 40.57 19.40 -11.84
N SER N 98 41.83 19.14 -11.53
CA SER N 98 42.38 17.80 -11.59
C SER N 98 42.33 17.15 -10.20
N LYS N 99 42.88 15.94 -10.13
CA LYS N 99 42.87 15.18 -8.90
C LYS N 99 43.78 15.82 -7.85
N ARG N 100 43.39 15.70 -6.59
CA ARG N 100 44.20 16.17 -5.47
C ARG N 100 45.05 15.00 -4.96
N VAL N 101 46.34 15.23 -4.83
CA VAL N 101 47.31 14.17 -4.58
C VAL N 101 48.23 14.56 -3.43
N ARG N 102 48.44 13.63 -2.50
CA ARG N 102 49.42 13.83 -1.45
C ARG N 102 50.83 13.74 -2.02
N LYS N 103 51.69 14.69 -1.66
CA LYS N 103 53.05 14.72 -2.18
C LYS N 103 54.02 15.13 -1.08
N VAL N 104 55.15 14.43 -1.00
CA VAL N 104 56.19 14.72 -0.03
C VAL N 104 57.47 15.04 -0.78
N TRP N 105 58.06 16.19 -0.48
CA TRP N 105 59.32 16.60 -1.08
C TRP N 105 60.44 16.43 -0.06
N LYS N 106 61.50 15.73 -0.47
CA LYS N 106 62.60 15.44 0.43
C LYS N 106 63.88 16.09 -0.08
N PRO N 107 64.69 16.66 0.82
CA PRO N 107 65.97 17.23 0.38
C PRO N 107 66.95 16.13 0.01
N GLN N 108 67.89 16.48 -0.87
CA GLN N 108 68.92 15.55 -1.31
C GLN N 108 70.10 15.62 -0.36
N LEU N 109 70.41 14.51 0.29
CA LEU N 109 71.42 14.47 1.34
C LEU N 109 72.73 13.92 0.80
N PHE N 110 73.83 14.45 1.34
CA PHE N 110 75.17 14.07 0.91
C PHE N 110 76.04 13.81 2.14
N GLN N 111 77.06 12.99 1.96
CA GLN N 111 77.97 12.61 3.03
C GLN N 111 79.31 13.33 2.84
N ARG N 112 79.61 14.25 3.74
CA ARG N 112 80.85 15.01 3.69
C ARG N 112 81.46 15.07 5.09
N GLU N 113 82.78 15.22 5.13
CA GLU N 113 83.49 15.45 6.38
C GLU N 113 84.05 16.87 6.38
N LEU N 114 83.83 17.59 7.46
CA LEU N 114 84.15 19.01 7.55
C LEU N 114 85.24 19.23 8.58
N TYR N 115 85.99 20.31 8.40
CA TYR N 115 87.11 20.66 9.27
C TYR N 115 86.81 21.96 10.00
N SER N 116 86.95 21.96 11.32
CA SER N 116 86.73 23.13 12.15
C SER N 116 88.05 23.56 12.78
N GLU N 117 88.39 24.84 12.60
CA GLU N 117 89.67 25.34 13.10
C GLU N 117 89.68 25.46 14.62
N ILE N 118 88.54 25.80 15.22
CA ILE N 118 88.50 25.97 16.68
C ILE N 118 88.75 24.65 17.39
N LEU N 119 88.14 23.56 16.92
CA LEU N 119 88.28 22.27 17.57
C LEU N 119 89.38 21.40 16.96
N ASP N 120 89.82 21.71 15.75
CA ASP N 120 90.86 20.93 15.05
C ASP N 120 90.50 19.45 15.00
N LYS N 121 89.24 19.16 14.66
CA LYS N 121 88.76 17.80 14.49
C LYS N 121 87.89 17.74 13.25
N ARG N 122 87.87 16.57 12.62
CA ARG N 122 87.08 16.35 11.42
C ARG N 122 85.82 15.57 11.77
N PHE N 123 84.67 16.11 11.40
CA PHE N 123 83.38 15.49 11.65
C PHE N 123 82.75 15.07 10.33
N THR N 124 82.37 13.80 10.23
CA THR N 124 81.64 13.30 9.06
C THR N 124 80.17 13.58 9.30
N VAL N 125 79.65 14.62 8.64
CA VAL N 125 78.32 15.15 8.91
C VAL N 125 77.50 15.08 7.63
N THR N 126 76.28 14.56 7.75
CA THR N 126 75.33 14.55 6.64
C THR N 126 74.91 15.98 6.34
N VAL N 127 75.40 16.53 5.23
CA VAL N 127 75.16 17.92 4.88
C VAL N 127 74.40 17.98 3.57
N THR N 128 73.72 19.11 3.37
CA THR N 128 72.97 19.37 2.15
C THR N 128 73.70 20.44 1.33
N MET N 129 73.32 20.54 0.06
CA MET N 129 73.95 21.52 -0.82
C MET N 129 73.70 22.94 -0.34
N ARG N 130 72.58 23.18 0.35
CA ARG N 130 72.33 24.51 0.89
C ARG N 130 73.29 24.82 2.05
N THR N 131 73.61 23.81 2.85
CA THR N 131 74.55 24.03 3.96
C THR N 131 75.92 24.43 3.45
N LEU N 132 76.40 23.76 2.39
CA LEU N 132 77.70 24.12 1.83
C LEU N 132 77.69 25.52 1.24
N ASP N 133 76.58 25.92 0.61
CA ASP N 133 76.47 27.28 0.10
C ASP N 133 76.48 28.29 1.24
N LEU N 134 75.82 27.98 2.36
CA LEU N 134 75.88 28.86 3.52
C LEU N 134 77.29 28.90 4.12
N ILE N 135 78.02 27.79 4.05
CA ILE N 135 79.40 27.78 4.52
C ILE N 135 80.25 28.73 3.69
N ASP N 136 80.10 28.67 2.37
CA ASP N 136 80.83 29.59 1.49
C ASP N 136 80.38 31.02 1.68
N GLN N 137 79.08 31.23 1.92
CA GLN N 137 78.57 32.58 2.12
C GLN N 137 79.16 33.21 3.37
N ALA N 138 79.31 32.43 4.43
CA ALA N 138 79.90 32.92 5.67
C ALA N 138 81.42 32.92 5.64
N CYS N 139 82.03 32.41 4.56
CA CYS N 139 83.49 32.37 4.40
C CYS N 139 84.16 31.60 5.53
N GLY N 140 83.60 30.44 5.86
CA GLY N 140 84.21 29.59 6.88
C GLY N 140 83.22 28.71 7.60
N PHE N 141 83.61 27.46 7.88
CA PHE N 141 82.75 26.56 8.62
C PHE N 141 82.51 27.06 10.04
N ASP N 142 83.55 27.53 10.71
CA ASP N 142 83.39 28.08 12.05
C ASP N 142 82.53 29.34 12.03
N PHE N 143 82.71 30.17 11.00
CA PHE N 143 81.88 31.36 10.87
C PHE N 143 80.41 30.99 10.69
N TYR N 144 80.13 29.95 9.90
CA TYR N 144 78.75 29.54 9.66
C TYR N 144 78.07 29.12 10.95
N ILE N 145 78.76 28.36 11.80
CA ILE N 145 78.16 27.93 13.06
C ILE N 145 78.00 29.11 14.00
N LEU N 146 79.01 29.98 14.10
CA LEU N 146 79.00 31.05 15.08
C LEU N 146 78.17 32.26 14.67
N LYS N 147 77.81 32.38 13.39
CA LYS N 147 77.02 33.51 12.93
C LYS N 147 75.54 33.19 12.77
N THR N 148 75.21 31.99 12.32
CA THR N 148 73.81 31.62 12.15
C THR N 148 73.17 31.39 13.51
N PRO N 149 72.00 31.95 13.77
CA PRO N 149 71.35 31.78 15.07
C PRO N 149 70.71 30.40 15.19
N LYS N 150 70.07 30.17 16.33
CA LYS N 150 69.45 28.87 16.58
C LYS N 150 68.31 28.59 15.61
N GLU N 151 67.48 29.61 15.34
CA GLU N 151 66.34 29.41 14.45
C GLU N 151 66.78 29.12 13.03
N ASP N 152 67.98 29.57 12.63
CA ASP N 152 68.47 29.30 11.29
C ASP N 152 69.14 27.94 11.20
N LEU N 153 69.73 27.46 12.29
CA LEU N 153 70.48 26.20 12.25
C LEU N 153 69.54 25.00 12.35
N CYS N 154 68.66 24.99 13.36
CA CYS N 154 67.67 23.93 13.54
C CYS N 154 68.32 22.55 13.61
N SER N 155 69.34 22.42 14.44
CA SER N 155 69.99 21.14 14.66
C SER N 155 70.64 21.12 16.03
N LYS N 156 70.37 20.07 16.81
CA LYS N 156 70.97 19.96 18.12
C LYS N 156 72.49 19.74 18.02
N PHE N 157 72.94 19.05 16.97
CA PHE N 157 74.37 18.91 16.76
C PHE N 157 75.04 20.26 16.51
N GLY N 158 74.37 21.13 15.75
CA GLY N 158 74.92 22.45 15.51
C GLY N 158 75.02 23.27 16.79
N MET N 159 73.99 23.23 17.62
CA MET N 159 74.02 23.98 18.89
C MET N 159 75.12 23.45 19.80
N ASP N 160 75.26 22.13 19.90
CA ASP N 160 76.35 21.56 20.68
C ASP N 160 77.70 21.90 20.06
N LEU N 161 77.77 21.92 18.73
CA LEU N 161 79.01 22.31 18.07
C LEU N 161 79.36 23.76 18.36
N LYS N 162 78.36 24.64 18.35
CA LYS N 162 78.60 26.03 18.72
C LYS N 162 79.01 26.15 20.18
N ARG N 163 78.33 25.44 21.07
CA ARG N 163 78.63 25.51 22.49
C ARG N 163 80.04 25.00 22.78
N GLY N 164 80.47 23.96 22.06
CA GLY N 164 81.83 23.48 22.24
C GLY N 164 82.87 24.50 21.85
N MET N 165 82.65 25.21 20.74
CA MET N 165 83.59 26.23 20.30
C MET N 165 83.45 27.51 21.11
N LEU N 166 82.24 27.86 21.53
CA LEU N 166 82.06 29.06 22.34
C LEU N 166 82.76 28.94 23.69
N LEU N 167 82.67 27.77 24.31
CA LEU N 167 83.43 27.53 25.54
C LEU N 167 84.93 27.52 25.28
N ARG N 168 85.34 27.06 24.09
CA ARG N 168 86.77 27.04 23.77
C ARG N 168 87.34 28.45 23.75
N LEU N 169 86.61 29.40 23.17
CA LEU N 169 87.11 30.77 23.10
C LEU N 169 87.14 31.44 24.47
N ALA N 170 86.05 31.30 25.24
CA ALA N 170 85.97 31.96 26.54
C ALA N 170 87.01 31.40 27.51
N ARG N 171 87.18 30.08 27.53
CA ARG N 171 88.14 29.48 28.44
C ARG N 171 89.58 29.72 27.99
N GLN N 172 89.78 29.95 26.69
CA GLN N 172 91.11 30.15 26.12
C GLN N 172 92.01 28.95 26.45
N ASP N 173 91.51 27.77 26.09
CA ASP N 173 92.19 26.53 26.46
C ASP N 173 93.52 26.41 25.72
N PRO N 174 94.62 26.16 26.42
CA PRO N 174 95.91 25.94 25.74
C PRO N 174 96.03 24.58 25.06
N GLN N 175 95.00 23.75 25.12
CA GLN N 175 95.04 22.40 24.56
C GLN N 175 94.76 22.37 23.06
N LEU N 176 94.44 23.52 22.45
CA LEU N 176 94.23 23.55 21.00
C LEU N 176 95.50 23.18 20.26
N HIS N 177 96.63 23.75 20.68
CA HIS N 177 97.93 23.43 20.08
C HIS N 177 99.00 23.62 21.14
N PRO N 178 99.32 22.56 21.89
CA PRO N 178 100.35 22.69 22.93
C PRO N 178 101.73 23.01 22.40
N ASP N 179 101.99 22.76 21.11
CA ASP N 179 103.32 22.96 20.55
C ASP N 179 103.44 24.23 19.71
N ASP N 180 102.32 24.86 19.35
CA ASP N 180 102.33 26.05 18.50
C ASP N 180 101.53 27.16 19.18
N PRO N 181 102.12 27.82 20.17
CA PRO N 181 101.42 28.96 20.80
C PRO N 181 101.12 30.09 19.83
N ALA N 182 101.97 30.30 18.83
CA ALA N 182 101.70 31.33 17.82
C ALA N 182 100.46 30.98 17.02
N ARG N 183 100.30 29.71 16.65
CA ARG N 183 99.11 29.29 15.92
C ARG N 183 97.86 29.44 16.77
N ARG N 184 97.99 29.23 18.08
CA ARG N 184 96.84 29.39 18.98
C ARG N 184 96.33 30.83 18.95
N ALA N 185 97.24 31.80 18.99
CA ALA N 185 96.83 33.20 18.99
C ALA N 185 96.15 33.57 17.69
N ALA N 186 96.64 33.05 16.56
CA ALA N 186 96.06 33.39 15.26
C ALA N 186 94.62 32.89 15.15
N ILE N 187 94.35 31.67 15.64
CA ILE N 187 93.03 31.09 15.48
C ILE N 187 91.99 31.88 16.25
N TYR N 188 92.27 32.21 17.51
CA TYR N 188 91.31 32.94 18.33
C TYR N 188 91.24 34.42 17.98
N ASP N 189 92.19 34.94 17.21
CA ASP N 189 92.16 36.36 16.86
C ASP N 189 91.07 36.65 15.84
N ARG N 190 90.85 35.74 14.89
CA ARG N 190 89.86 35.99 13.85
C ARG N 190 88.43 35.97 14.40
N TYR N 191 88.16 35.11 15.37
CA TYR N 191 86.83 34.98 15.97
C TYR N 191 86.70 35.78 17.26
N LYS N 192 87.44 36.88 17.38
CA LYS N 192 87.40 37.68 18.60
C LYS N 192 86.07 38.40 18.78
N ALA N 193 85.30 38.57 17.71
CA ALA N 193 84.01 39.25 17.81
C ALA N 193 82.92 38.38 18.41
N PHE N 194 83.12 37.06 18.45
CA PHE N 194 82.13 36.14 18.97
C PHE N 194 82.40 35.73 20.41
N VAL N 195 83.36 36.37 21.08
CA VAL N 195 83.72 35.98 22.44
C VAL N 195 82.61 36.38 23.39
N ILE N 196 82.19 35.44 24.22
CA ILE N 196 81.15 35.66 25.23
C ILE N 196 81.67 35.18 26.57
N PRO N 197 81.20 35.77 27.66
CA PRO N 197 81.66 35.35 28.99
C PRO N 197 81.34 33.89 29.28
N GLU N 198 82.03 33.35 30.30
CA GLU N 198 81.91 31.93 30.60
C GLU N 198 80.49 31.57 31.02
N ALA N 199 79.83 32.43 31.81
CA ALA N 199 78.50 32.12 32.29
C ALA N 199 77.46 32.09 31.17
N GLU N 200 77.81 32.57 29.99
CA GLU N 200 76.89 32.54 28.84
C GLU N 200 77.23 31.47 27.83
N ALA N 201 78.48 31.01 27.79
CA ALA N 201 78.92 30.11 26.73
C ALA N 201 78.60 28.64 26.97
N GLU N 202 78.19 28.27 28.18
CA GLU N 202 77.87 26.88 28.49
C GLU N 202 76.37 26.61 28.56
N TRP N 203 75.54 27.56 28.12
CA TRP N 203 74.09 27.37 28.11
C TRP N 203 73.48 27.62 26.74
N VAL N 204 74.29 27.81 25.70
CA VAL N 204 73.75 28.16 24.39
C VAL N 204 73.24 26.93 23.65
N GLY N 205 73.79 25.75 23.92
CA GLY N 205 73.42 24.55 23.19
C GLY N 205 72.61 23.56 23.99
N LEU N 206 72.01 24.00 25.08
CA LEU N 206 71.25 23.13 25.97
C LEU N 206 69.76 23.25 25.70
N THR N 207 69.08 22.11 25.70
CA THR N 207 67.63 22.09 25.62
C THR N 207 67.03 22.28 27.01
N LEU N 208 65.70 22.30 27.07
CA LEU N 208 65.03 22.49 28.36
C LEU N 208 65.31 21.35 29.32
N ASP N 209 65.29 20.11 28.82
CA ASP N 209 65.53 18.96 29.69
C ASP N 209 66.99 18.91 30.16
N GLU N 210 67.93 19.22 29.27
CA GLU N 210 69.34 19.19 29.64
C GLU N 210 69.67 20.24 30.69
N ALA N 211 69.09 21.44 30.56
CA ALA N 211 69.37 22.51 31.51
C ALA N 211 68.87 22.16 32.91
N VAL N 212 67.69 21.56 33.01
CA VAL N 212 67.13 21.22 34.32
C VAL N 212 68.03 20.20 35.01
N GLU N 213 68.52 19.20 34.27
CA GLU N 213 69.45 18.24 34.85
C GLU N 213 70.73 18.92 35.31
N LYS N 214 71.25 19.85 34.50
CA LYS N 214 72.45 20.58 34.90
C LYS N 214 72.19 21.44 36.12
N GLN N 215 71.03 22.09 36.19
CA GLN N 215 70.70 22.93 37.34
C GLN N 215 70.55 22.08 38.60
N ARG N 216 69.91 20.92 38.49
CA ARG N 216 69.79 20.04 39.65
C ARG N 216 71.14 19.55 40.12
N LEU N 217 72.04 19.22 39.18
CA LEU N 217 73.36 18.72 39.55
C LEU N 217 74.15 19.76 40.33
N LEU N 218 74.07 21.03 39.91
CA LEU N 218 74.76 22.09 40.64
C LEU N 218 74.12 22.32 42.02
N GLU N 219 72.80 22.18 42.12
CA GLU N 219 72.10 22.40 43.38
C GLU N 219 71.96 21.14 44.22
N GLU N 220 72.51 20.01 43.77
CA GLU N 220 72.39 18.76 44.51
C GLU N 220 73.24 18.86 45.77
N LYS N 221 72.59 19.09 46.91
CA LYS N 221 73.27 19.23 48.19
C LYS N 221 72.70 18.23 49.18
N ASP N 222 73.57 17.52 49.87
CA ASP N 222 73.13 16.62 50.93
C ASP N 222 72.58 17.44 52.10
N PRO N 223 71.55 16.93 52.78
CA PRO N 223 70.98 17.67 53.90
C PRO N 223 71.99 17.84 55.02
N ILE N 224 71.96 19.01 55.65
CA ILE N 224 72.86 19.33 56.75
C ILE N 224 72.34 18.66 58.01
N PRO N 225 73.15 17.86 58.71
CA PRO N 225 72.67 17.20 59.93
C PRO N 225 72.24 18.21 60.97
N LEU N 226 71.20 17.85 61.73
CA LEU N 226 70.71 18.75 62.77
C LEU N 226 71.71 18.90 63.92
N PHE N 227 72.68 18.01 64.03
CA PHE N 227 73.73 18.18 65.04
C PHE N 227 74.56 19.42 64.75
N LYS N 228 74.93 19.63 63.48
CA LYS N 228 75.70 20.81 63.12
C LYS N 228 74.89 22.09 63.33
N ILE N 229 73.60 22.07 62.98
CA ILE N 229 72.76 23.25 63.16
C ILE N 229 72.62 23.59 64.64
N PHE N 230 72.42 22.57 65.48
CA PHE N 230 72.21 22.81 66.91
C PHE N 230 73.50 23.27 67.59
N VAL N 231 74.66 22.77 67.15
CA VAL N 231 75.92 23.20 67.74
C VAL N 231 76.14 24.69 67.50
N GLU N 232 75.88 25.15 66.27
CA GLU N 232 76.04 26.57 65.97
C GLU N 232 75.08 27.41 66.80
N GLU N 233 73.85 26.92 66.99
CA GLU N 233 72.88 27.65 67.81
C GLU N 233 73.36 27.76 69.25
N LEU N 234 73.92 26.68 69.80
CA LEU N 234 74.37 26.72 71.18
C LEU N 234 75.57 27.63 71.36
N LEU N 235 76.50 27.63 70.39
CA LEU N 235 77.68 28.49 70.49
C LEU N 235 77.28 29.96 70.49
N GLY N 236 76.30 30.33 69.67
CA GLY N 236 75.85 31.72 69.65
C GLY N 236 75.29 32.17 70.99
N GLN N 237 74.50 31.31 71.64
CA GLN N 237 73.97 31.65 72.96
C GLN N 237 75.08 31.77 73.99
N LEU N 238 76.07 30.85 73.95
CA LEU N 238 77.17 30.91 74.91
C LEU N 238 78.00 32.16 74.72
N GLN N 239 78.29 32.55 73.48
CA GLN N 239 79.01 33.79 73.23
C GLN N 239 78.16 34.99 73.61
N GLN N 240 76.85 34.92 73.37
CA GLN N 240 75.96 36.00 73.79
C GLN N 240 75.96 36.15 75.31
N GLN N 241 75.93 35.03 76.04
CA GLN N 241 76.02 35.10 77.49
C GLN N 241 77.39 35.58 77.95
N ALA N 242 78.45 35.17 77.23
CA ALA N 242 79.80 35.60 77.58
C ALA N 242 79.96 37.11 77.44
N LEU N 243 79.42 37.68 76.37
CA LEU N 243 79.50 39.12 76.16
C LEU N 243 78.53 39.90 77.03
N SER N 244 77.61 39.23 77.73
CA SER N 244 76.68 39.88 78.62
C SER N 244 77.24 40.06 80.03
N GLU N 245 78.42 39.53 80.31
CA GLU N 245 79.02 39.66 81.63
C GLU N 245 80.26 40.54 81.60
N GLY O 63 57.14 -25.47 79.30
CA GLY O 63 56.80 -24.06 79.18
C GLY O 63 55.72 -23.80 78.16
N LEU O 64 54.96 -24.84 77.82
CA LEU O 64 53.89 -24.73 76.85
C LEU O 64 52.57 -24.28 77.47
N GLU O 65 52.50 -24.15 78.79
CA GLU O 65 51.30 -23.67 79.46
C GLU O 65 51.18 -22.14 79.39
N GLU O 66 52.22 -21.45 78.92
CA GLU O 66 52.17 -19.99 78.84
C GLU O 66 51.11 -19.51 77.86
N PHE O 67 50.71 -20.35 76.91
CA PHE O 67 49.65 -19.96 75.97
C PHE O 67 48.28 -19.90 76.62
N PHE O 68 48.13 -20.44 77.82
CA PHE O 68 46.86 -20.42 78.54
C PHE O 68 47.02 -19.69 79.86
N ASP O 69 45.93 -19.11 80.33
CA ASP O 69 45.92 -18.43 81.62
C ASP O 69 46.04 -19.45 82.75
N ASP O 70 46.21 -18.95 83.97
CA ASP O 70 46.31 -19.84 85.11
C ASP O 70 45.00 -20.59 85.31
N PRO O 71 45.06 -21.85 85.76
CA PRO O 71 43.84 -22.67 85.83
C PRO O 71 42.76 -22.11 86.74
N LYS O 72 43.12 -21.28 87.71
CA LYS O 72 42.11 -20.71 88.61
C LYS O 72 41.19 -19.74 87.88
N ASN O 73 41.58 -19.24 86.71
CA ASN O 73 40.84 -18.20 86.01
C ASN O 73 40.16 -18.71 84.74
N TRP O 74 40.16 -20.02 84.50
CA TRP O 74 39.60 -20.54 83.25
C TRP O 74 38.08 -20.38 83.22
N GLY O 75 37.40 -20.71 84.31
CA GLY O 75 35.96 -20.67 84.33
C GLY O 75 35.33 -19.37 84.74
N GLU O 76 36.13 -18.32 84.93
CA GLU O 76 35.60 -17.04 85.39
C GLU O 76 34.94 -16.31 84.22
N GLU O 77 33.71 -15.85 84.44
CA GLU O 77 32.97 -15.19 83.36
C GLU O 77 33.51 -13.79 83.07
N LYS O 78 33.91 -13.06 84.12
CA LYS O 78 34.47 -11.72 83.96
C LYS O 78 35.82 -11.65 84.66
N VAL O 79 36.82 -11.15 83.95
CA VAL O 79 38.18 -11.00 84.48
C VAL O 79 38.56 -9.53 84.38
N LYS O 80 39.01 -8.96 85.50
CA LYS O 80 39.41 -7.57 85.54
C LYS O 80 40.89 -7.41 85.19
N SER O 81 41.22 -6.27 84.60
CA SER O 81 42.60 -5.99 84.22
C SER O 81 42.85 -4.50 84.36
N GLY O 82 44.13 -4.14 84.49
CA GLY O 82 44.52 -2.76 84.63
C GLY O 82 44.49 -2.01 83.32
N ALA O 83 44.84 -0.73 83.39
CA ALA O 83 44.84 0.12 82.22
C ALA O 83 46.04 -0.18 81.33
N SER O 84 45.92 0.19 80.06
CA SER O 84 47.01 0.01 79.12
C SER O 84 48.11 1.04 79.37
N TRP O 85 49.31 0.72 78.91
CA TRP O 85 50.43 1.64 79.04
C TRP O 85 50.22 2.86 78.16
N THR O 86 50.35 4.04 78.74
CA THR O 86 50.24 5.29 77.97
C THR O 86 51.60 5.63 77.35
N CYS O 87 51.55 6.53 76.37
CA CYS O 87 52.76 6.92 75.66
C CYS O 87 53.78 7.56 76.59
N GLN O 88 53.33 8.43 77.49
CA GLN O 88 54.26 9.16 78.35
C GLN O 88 55.00 8.24 79.31
N GLN O 89 54.33 7.19 79.81
CA GLN O 89 54.96 6.31 80.78
C GLN O 89 56.13 5.55 80.17
N LEU O 90 56.06 5.20 78.89
CA LEU O 90 57.11 4.43 78.26
C LEU O 90 58.31 5.28 77.87
N ARG O 91 58.17 6.60 77.80
CA ARG O 91 59.33 7.44 77.52
C ARG O 91 60.27 7.53 78.70
N ASN O 92 59.80 7.26 79.91
CA ASN O 92 60.66 7.26 81.09
C ASN O 92 61.45 5.98 81.24
N LYS O 93 61.10 4.93 80.51
CA LYS O 93 61.79 3.65 80.59
C LYS O 93 62.99 3.63 79.68
N SER O 94 64.00 2.87 80.06
CA SER O 94 65.21 2.74 79.26
C SER O 94 64.95 1.85 78.05
N ASN O 95 65.88 1.90 77.09
CA ASN O 95 65.76 1.06 75.91
C ASN O 95 65.86 -0.41 76.27
N GLU O 96 66.71 -0.75 77.25
CA GLU O 96 66.75 -2.12 77.75
C GLU O 96 65.44 -2.50 78.40
N ASP O 97 64.82 -1.57 79.13
CA ASP O 97 63.54 -1.83 79.77
C ASP O 97 62.45 -2.08 78.74
N LEU O 98 62.42 -1.30 77.66
CA LEU O 98 61.39 -1.48 76.64
C LEU O 98 61.54 -2.83 75.94
N HIS O 99 62.78 -3.27 75.73
CA HIS O 99 63.01 -4.57 75.11
C HIS O 99 62.41 -5.69 75.94
N LYS O 100 62.58 -5.65 77.25
CA LYS O 100 62.03 -6.69 78.11
C LYS O 100 60.51 -6.57 78.22
N LEU O 101 59.98 -5.35 78.19
CA LEU O 101 58.54 -5.17 78.30
C LEU O 101 57.82 -5.63 77.03
N TRP O 102 58.49 -5.59 75.89
CA TRP O 102 57.86 -6.05 74.65
C TRP O 102 57.51 -7.53 74.71
N TYR O 103 58.40 -8.34 75.27
CA TYR O 103 58.13 -9.77 75.35
C TYR O 103 57.11 -10.10 76.44
N VAL O 104 57.05 -9.30 77.51
CA VAL O 104 55.99 -9.48 78.50
C VAL O 104 54.63 -9.23 77.85
N LEU O 105 54.55 -8.18 77.02
CA LEU O 105 53.33 -7.96 76.23
C LEU O 105 53.14 -9.06 75.20
N LEU O 106 54.23 -9.55 74.61
CA LEU O 106 54.12 -10.56 73.55
C LEU O 106 53.51 -11.85 74.09
N LYS O 107 53.96 -12.30 75.26
CA LYS O 107 53.39 -13.51 75.85
C LYS O 107 51.95 -13.30 76.26
N GLU O 108 51.59 -12.09 76.69
CA GLU O 108 50.20 -11.79 77.03
C GLU O 108 49.30 -11.82 75.81
N ARG O 109 49.78 -11.27 74.69
CA ARG O 109 48.92 -11.18 73.50
C ARG O 109 48.68 -12.55 72.89
N ASN O 110 49.67 -13.45 72.94
CA ASN O 110 49.48 -14.80 72.43
C ASN O 110 48.41 -15.54 73.22
N MET O 111 48.41 -15.38 74.55
CA MET O 111 47.41 -16.05 75.37
C MET O 111 46.01 -15.53 75.07
N LEU O 112 45.86 -14.22 74.87
CA LEU O 112 44.55 -13.66 74.59
C LEU O 112 44.02 -14.12 73.24
N LEU O 113 44.88 -14.22 72.23
CA LEU O 113 44.45 -14.71 70.93
C LEU O 113 44.02 -16.16 71.01
N THR O 114 44.73 -16.98 71.80
CA THR O 114 44.32 -18.36 71.97
C THR O 114 42.94 -18.46 72.61
N LEU O 115 42.69 -17.67 73.65
CA LEU O 115 41.39 -17.70 74.31
C LEU O 115 40.29 -17.22 73.38
N GLU O 116 40.55 -16.19 72.58
CA GLU O 116 39.54 -15.66 71.69
C GLU O 116 39.12 -16.69 70.66
N GLN O 117 40.07 -17.40 70.07
CA GLN O 117 39.74 -18.45 69.10
C GLN O 117 39.01 -19.60 69.77
N GLU O 118 39.43 -19.96 70.99
CA GLU O 118 38.74 -21.03 71.71
C GLU O 118 37.32 -20.66 72.05
N ALA O 119 37.04 -19.37 72.26
CA ALA O 119 35.68 -18.92 72.51
C ALA O 119 34.77 -19.20 71.32
N LYS O 120 35.27 -18.93 70.11
CA LYS O 120 34.48 -19.21 68.91
C LYS O 120 34.24 -20.70 68.74
N ARG O 121 35.25 -21.51 69.02
CA ARG O 121 35.12 -22.96 68.89
C ARG O 121 34.05 -23.50 69.83
N GLN O 122 34.02 -23.00 71.07
CA GLN O 122 33.06 -23.44 72.06
C GLN O 122 31.72 -22.72 71.95
N ARG O 123 31.59 -21.77 71.02
CA ARG O 123 30.36 -21.00 70.83
C ARG O 123 29.95 -20.28 72.10
N LEU O 124 30.93 -19.71 72.79
CA LEU O 124 30.72 -18.95 74.02
C LEU O 124 31.44 -17.62 73.93
N PRO O 125 30.92 -16.59 74.59
CA PRO O 125 31.58 -15.28 74.54
C PRO O 125 32.94 -15.30 75.21
N MET O 126 33.84 -14.47 74.71
CA MET O 126 35.18 -14.35 75.29
C MET O 126 35.10 -13.58 76.60
N PRO O 127 35.68 -14.09 77.68
CA PRO O 127 35.61 -13.38 78.97
C PRO O 127 36.38 -12.07 78.92
N SER O 128 35.65 -10.96 79.07
CA SER O 128 36.22 -9.61 79.08
C SER O 128 37.09 -9.38 77.86
N PRO O 129 36.50 -9.23 76.67
CA PRO O 129 37.32 -9.12 75.45
C PRO O 129 38.12 -7.83 75.36
N GLU O 130 37.87 -6.86 76.23
CA GLU O 130 38.60 -5.59 76.18
C GLU O 130 40.06 -5.73 76.54
N ARG O 131 40.48 -6.87 77.10
CA ARG O 131 41.89 -7.08 77.42
C ARG O 131 42.75 -7.05 76.17
N LEU O 132 42.27 -7.68 75.09
CA LEU O 132 43.03 -7.69 73.84
C LEU O 132 43.18 -6.29 73.27
N GLU O 133 42.14 -5.47 73.38
CA GLU O 133 42.22 -4.09 72.91
C GLU O 133 43.24 -3.29 73.70
N LYS O 134 43.34 -3.54 75.01
CA LYS O 134 44.32 -2.84 75.83
C LYS O 134 45.74 -3.24 75.45
N VAL O 135 45.97 -4.54 75.20
CA VAL O 135 47.31 -5.02 74.93
C VAL O 135 47.82 -4.49 73.59
N VAL O 136 46.97 -4.52 72.56
CA VAL O 136 47.42 -4.05 71.25
C VAL O 136 47.68 -2.54 71.28
N ASP O 137 46.93 -1.80 72.11
CA ASP O 137 47.23 -0.38 72.30
C ASP O 137 48.58 -0.18 72.95
N SER O 138 48.92 -1.03 73.94
CA SER O 138 50.24 -0.96 74.56
C SER O 138 51.33 -1.28 73.57
N MET O 139 51.09 -2.26 72.68
CA MET O 139 52.09 -2.61 71.67
C MET O 139 52.35 -1.44 70.73
N ASP O 140 51.29 -0.78 70.27
CA ASP O 140 51.47 0.34 69.35
C ASP O 140 52.19 1.50 70.02
N ALA O 141 51.86 1.78 71.28
CA ALA O 141 52.55 2.86 72.00
C ALA O 141 54.03 2.54 72.17
N LEU O 142 54.36 1.28 72.47
CA LEU O 142 55.76 0.89 72.59
C LEU O 142 56.48 1.02 71.26
N ASP O 143 55.83 0.65 70.16
CA ASP O 143 56.43 0.82 68.84
C ASP O 143 56.63 2.29 68.51
N LYS O 144 55.68 3.14 68.90
CA LYS O 144 55.78 4.57 68.59
C LYS O 144 56.97 5.20 69.29
N VAL O 145 57.15 4.93 70.58
CA VAL O 145 58.16 5.63 71.35
C VAL O 145 59.57 5.24 70.90
N VAL O 146 59.78 3.97 70.58
CA VAL O 146 61.08 3.55 70.06
C VAL O 146 61.33 4.18 68.70
N GLN O 147 60.29 4.25 67.87
CA GLN O 147 60.43 4.94 66.58
C GLN O 147 60.68 6.43 66.78
N GLU O 148 60.12 7.02 67.86
CA GLU O 148 60.42 8.41 68.18
C GLU O 148 61.88 8.58 68.57
N ARG O 149 62.51 7.55 69.13
CA ARG O 149 63.93 7.63 69.43
C ARG O 149 64.80 7.36 68.21
N GLU O 150 64.33 6.51 67.29
CA GLU O 150 65.14 6.20 66.12
C GLU O 150 65.21 7.38 65.15
N ASP O 151 64.08 7.99 64.84
CA ASP O 151 64.09 9.09 63.88
C ASP O 151 64.77 10.33 64.46
N ALA O 152 64.57 10.59 65.75
CA ALA O 152 65.25 11.71 66.39
C ALA O 152 66.77 11.52 66.37
N LEU O 153 67.23 10.30 66.63
CA LEU O 153 68.66 10.04 66.57
C LEU O 153 69.17 10.08 65.12
N ARG O 154 68.35 9.65 64.17
CA ARG O 154 68.74 9.71 62.76
C ARG O 154 68.88 11.17 62.30
N LEU O 155 67.97 12.03 62.73
CA LEU O 155 68.05 13.44 62.32
C LEU O 155 69.31 14.10 62.85
N LEU O 156 69.70 13.79 64.09
CA LEU O 156 70.93 14.35 64.64
C LEU O 156 72.15 13.88 63.87
N GLN O 157 72.20 12.60 63.52
CA GLN O 157 73.40 12.06 62.87
C GLN O 157 73.41 12.36 61.37
N THR O 158 72.28 12.19 60.69
CA THR O 158 72.23 12.33 59.24
C THR O 158 71.28 13.42 58.76
N GLY O 159 70.16 13.65 59.45
CA GLY O 159 69.21 14.68 59.04
C GLY O 159 68.20 14.26 58.00
N GLN O 160 68.16 12.98 57.64
CA GLN O 160 67.19 12.49 56.66
C GLN O 160 65.87 12.19 57.33
N GLU O 161 64.77 12.64 56.72
CA GLU O 161 63.45 12.46 57.32
C GLU O 161 63.02 11.00 57.29
N LYS O 162 63.28 10.29 56.19
CA LYS O 162 62.80 8.93 55.99
C LYS O 162 63.95 7.95 56.05
N ALA O 163 63.72 6.80 56.68
CA ALA O 163 64.75 5.80 56.88
C ALA O 163 64.97 4.91 55.66
N ARG O 164 64.11 4.99 54.66
CA ARG O 164 64.29 4.22 53.43
C ARG O 164 64.52 5.17 52.26
N PRO O 165 65.65 5.06 51.56
CA PRO O 165 65.95 6.01 50.47
C PRO O 165 64.90 5.94 49.37
N GLY O 166 64.64 7.10 48.78
CA GLY O 166 63.68 7.18 47.69
C GLY O 166 63.75 8.53 47.01
N ALA O 167 63.09 8.62 45.86
CA ALA O 167 63.06 9.86 45.10
C ALA O 167 61.73 9.94 44.35
N TRP O 168 61.28 11.17 44.10
CA TRP O 168 60.05 11.39 43.36
C TRP O 168 60.28 11.11 41.88
N ARG O 169 59.45 10.26 41.31
CA ARG O 169 59.56 9.87 39.90
C ARG O 169 58.21 10.03 39.21
N ARG O 170 58.26 10.18 37.90
CA ARG O 170 57.06 10.26 37.06
C ARG O 170 56.96 8.96 36.27
N ASP O 171 55.93 8.17 36.57
CA ASP O 171 55.77 6.87 35.93
C ASP O 171 55.20 7.03 34.53
N ILE O 172 54.98 5.89 33.85
CA ILE O 172 54.50 5.92 32.48
C ILE O 172 53.09 6.48 32.41
N PHE O 173 52.31 6.36 33.48
CA PHE O 173 50.94 6.84 33.50
C PHE O 173 50.84 8.35 33.70
N GLY O 174 51.96 9.03 33.95
CA GLY O 174 51.98 10.46 34.14
C GLY O 174 51.85 10.92 35.57
N ARG O 175 51.57 10.02 36.50
CA ARG O 175 51.41 10.40 37.90
C ARG O 175 52.77 10.71 38.54
N ILE O 176 52.72 11.28 39.73
CA ILE O 176 53.90 11.48 40.56
C ILE O 176 53.87 10.42 41.65
N ILE O 177 54.88 9.55 41.68
CA ILE O 177 54.93 8.41 42.57
C ILE O 177 56.21 8.47 43.38
N TRP O 178 56.11 8.29 44.69
CA TRP O 178 57.27 8.21 45.57
C TRP O 178 57.86 6.82 45.44
N HIS O 179 58.94 6.70 44.67
CA HIS O 179 59.54 5.40 44.37
C HIS O 179 60.53 5.03 45.48
N LYS O 180 60.14 4.07 46.32
CA LYS O 180 61.06 3.55 47.32
C LYS O 180 62.19 2.78 46.65
N PHE O 181 63.37 2.83 47.27
CA PHE O 181 64.52 2.12 46.73
C PHE O 181 64.58 0.70 47.28
N LYS O 182 65.29 -0.16 46.54
CA LYS O 182 65.44 -1.56 46.89
C LYS O 182 66.92 -1.91 46.96
N GLN O 183 67.23 -2.97 47.68
CA GLN O 183 68.60 -3.40 47.88
C GLN O 183 69.02 -4.34 46.75
N TRP O 184 70.12 -4.03 46.09
CA TRP O 184 70.65 -4.85 45.02
C TRP O 184 72.16 -5.00 45.19
N PRO O 185 72.72 -6.13 44.78
CA PRO O 185 74.18 -6.32 44.80
C PRO O 185 74.91 -5.78 43.58
N ILE O 186 74.19 -5.26 42.59
CA ILE O 186 74.80 -4.72 41.38
C ILE O 186 74.25 -3.33 41.13
N PRO O 187 74.97 -2.44 40.42
CA PRO O 187 74.47 -1.07 40.22
C PRO O 187 73.21 -1.02 39.36
N TRP O 188 72.67 0.19 39.19
CA TRP O 188 71.43 0.35 38.45
C TRP O 188 71.60 0.00 36.98
N TYR O 189 72.73 0.38 36.37
CA TYR O 189 72.90 0.18 34.94
C TYR O 189 73.24 -1.26 34.57
N LEU O 190 73.58 -2.11 35.53
CA LEU O 190 73.88 -3.51 35.27
C LEU O 190 72.72 -4.44 35.65
N ASN O 191 71.54 -3.88 35.91
CA ASN O 191 70.39 -4.66 36.30
C ASN O 191 69.47 -4.85 35.10
N LYS O 192 69.16 -6.11 34.78
CA LYS O 192 68.29 -6.38 33.63
C LYS O 192 66.85 -6.00 33.94
N LYS O 193 66.35 -6.38 35.12
CA LYS O 193 64.96 -6.10 35.46
C LYS O 193 64.73 -4.62 35.67
N TYR O 194 65.62 -3.96 36.43
CA TYR O 194 65.43 -2.54 36.73
C TYR O 194 65.47 -1.69 35.47
N ASN O 195 66.36 -2.01 34.54
CA ASN O 195 66.47 -1.21 33.31
C ASN O 195 65.29 -1.40 32.38
N ARG O 196 64.36 -2.30 32.70
CA ARG O 196 63.14 -2.45 31.91
C ARG O 196 62.01 -1.58 32.41
N LYS O 197 62.04 -1.18 33.68
CA LYS O 197 61.06 -0.23 34.19
C LYS O 197 61.34 1.15 33.62
N ARG O 198 60.27 1.90 33.33
CA ARG O 198 60.37 3.21 32.72
C ARG O 198 59.85 4.27 33.70
N PHE O 199 60.64 5.32 33.89
CA PHE O 199 60.21 6.47 34.71
C PHE O 199 60.27 7.72 33.84
N PHE O 200 59.20 7.94 33.06
CA PHE O 200 58.99 9.13 32.25
C PHE O 200 57.66 8.98 31.54
N ALA O 201 57.12 10.10 31.09
CA ALA O 201 55.80 10.14 30.45
C ALA O 201 55.95 10.41 28.97
N MET O 202 55.33 9.56 28.15
CA MET O 202 55.34 9.75 26.71
C MET O 202 54.40 10.89 26.32
N PRO O 203 54.56 11.44 25.10
CA PRO O 203 53.71 12.58 24.71
C PRO O 203 52.22 12.28 24.72
N TYR O 204 51.80 11.05 24.43
CA TYR O 204 50.38 10.74 24.45
C TYR O 204 49.79 10.75 25.85
N VAL O 205 50.63 10.74 26.89
CA VAL O 205 50.13 10.80 28.26
C VAL O 205 49.67 12.20 28.65
N GLU O 206 50.09 13.22 27.91
CA GLU O 206 49.75 14.59 28.26
C GLU O 206 48.24 14.80 28.24
N ARG O 207 47.56 14.28 27.22
CA ARG O 207 46.11 14.43 27.14
C ARG O 207 45.40 13.72 28.29
N PHE O 208 45.88 12.51 28.64
CA PHE O 208 45.24 11.78 29.72
C PHE O 208 45.53 12.40 31.08
N VAL O 209 46.71 13.00 31.25
CA VAL O 209 46.99 13.72 32.50
C VAL O 209 46.07 14.91 32.64
N ARG O 210 45.81 15.61 31.54
CA ARG O 210 44.91 16.77 31.58
C ARG O 210 43.50 16.35 31.97
N MET O 211 43.03 15.21 31.46
CA MET O 211 41.67 14.77 31.75
C MET O 211 41.49 14.43 33.23
N ARG O 212 42.51 13.87 33.87
CA ARG O 212 42.41 13.58 35.30
C ARG O 212 42.23 14.85 36.11
N ILE O 213 42.87 15.95 35.68
CA ILE O 213 42.69 17.23 36.37
C ILE O 213 41.25 17.70 36.25
N GLU O 214 40.66 17.57 35.07
CA GLU O 214 39.26 17.98 34.90
C GLU O 214 38.32 17.14 35.76
N LYS O 215 38.58 15.83 35.83
CA LYS O 215 37.72 14.96 36.63
C LYS O 215 37.77 15.34 38.11
N GLN O 216 38.97 15.60 38.64
CA GLN O 216 39.08 16.01 40.03
C GLN O 216 38.51 17.40 40.27
N ALA O 217 38.63 18.28 39.27
CA ALA O 217 38.06 19.62 39.41
C ALA O 217 36.54 19.59 39.53
N ARG O 218 35.89 18.76 38.71
CA ARG O 218 34.44 18.65 38.78
C ARG O 218 33.98 18.03 40.09
N ILE O 219 34.71 17.05 40.60
CA ILE O 219 34.36 16.43 41.87
C ILE O 219 34.42 17.44 43.00
N LYS O 220 35.49 18.25 43.03
CA LYS O 220 35.61 19.27 44.06
C LYS O 220 34.58 20.37 43.86
N ALA O 221 34.28 20.72 42.60
CA ALA O 221 33.27 21.75 42.35
C ALA O 221 31.89 21.31 42.82
N ARG O 222 31.55 20.04 42.61
CA ARG O 222 30.27 19.53 43.11
C ARG O 222 30.24 19.52 44.63
N LYS O 223 31.35 19.17 45.27
CA LYS O 223 31.39 19.15 46.73
C LYS O 223 31.18 20.53 47.32
N ARG O 224 31.82 21.55 46.74
CA ARG O 224 31.70 22.90 47.29
C ARG O 224 30.28 23.44 47.16
N SER O 225 29.62 23.17 46.03
CA SER O 225 28.25 23.63 45.86
C SER O 225 27.29 22.89 46.77
N LEU O 226 27.61 21.64 47.13
CA LEU O 226 26.76 20.90 48.04
C LEU O 226 26.79 21.50 49.44
N GLU O 227 27.95 21.97 49.89
CA GLU O 227 28.06 22.57 51.21
C GLU O 227 27.23 23.86 51.29
N ARG O 228 27.25 24.66 50.23
CA ARG O 228 26.47 25.89 50.21
C ARG O 228 24.97 25.60 50.31
N LYS O 229 24.50 24.59 49.59
CA LYS O 229 23.07 24.28 49.58
C LYS O 229 22.58 23.87 50.96
N LYS O 230 23.37 23.07 51.67
CA LYS O 230 22.95 22.62 53.01
C LYS O 230 22.85 23.79 53.98
N GLU O 231 23.79 24.74 53.89
CA GLU O 231 23.76 25.90 54.80
C GLU O 231 22.49 26.72 54.60
N LYS O 232 22.09 26.95 53.35
CA LYS O 232 20.84 27.67 53.10
C LYS O 232 19.64 26.86 53.60
N PHE O 233 19.66 25.54 53.38
CA PHE O 233 18.52 24.70 53.75
C PHE O 233 18.31 24.69 55.26
N LEU O 234 19.41 24.60 56.03
CA LEU O 234 19.28 24.54 57.48
C LEU O 234 18.85 25.86 58.08
N GLN O 235 19.23 26.98 57.47
CA GLN O 235 18.84 28.28 58.01
C GLN O 235 17.33 28.48 57.97
N GLU O 236 16.69 28.04 56.89
CA GLU O 236 15.24 28.21 56.77
C GLU O 236 14.50 27.44 57.86
N LYS O 237 14.93 26.22 58.16
CA LYS O 237 14.29 25.42 59.20
C LYS O 237 14.73 25.80 60.60
N PHE O 238 15.83 26.54 60.75
CA PHE O 238 16.29 27.03 62.04
C PHE O 238 16.58 28.52 61.97
N PRO O 239 15.54 29.34 61.87
CA PRO O 239 15.72 30.81 61.82
C PRO O 239 15.90 31.43 63.20
N HIS O 240 16.94 31.01 63.90
CA HIS O 240 17.26 31.53 65.22
C HIS O 240 18.11 32.78 65.17
N LEU O 241 18.52 33.22 63.98
CA LEU O 241 19.36 34.41 63.84
C LEU O 241 18.51 35.67 63.72
N LYS P 35 -19.40 16.90 -26.35
CA LYS P 35 -19.32 18.02 -25.43
C LYS P 35 -20.71 18.50 -25.04
N PHE P 36 -20.88 18.86 -23.77
CA PHE P 36 -22.13 19.40 -23.27
C PHE P 36 -22.01 20.91 -23.14
N THR P 37 -22.93 21.63 -23.78
CA THR P 37 -22.91 23.08 -23.83
C THR P 37 -24.29 23.64 -23.51
N ARG P 38 -24.43 24.96 -23.61
CA ARG P 38 -25.71 25.60 -23.36
C ARG P 38 -26.72 25.19 -24.42
N SER P 39 -27.99 25.28 -24.06
CA SER P 39 -29.08 24.89 -24.94
C SER P 39 -29.75 26.15 -25.48
N ARG P 40 -29.85 26.23 -26.80
CA ARG P 40 -30.49 27.37 -27.46
C ARG P 40 -31.95 27.04 -27.72
N ILE P 41 -32.85 27.85 -27.18
CA ILE P 41 -34.29 27.60 -27.25
C ILE P 41 -34.82 28.30 -28.51
N PRO P 42 -35.36 27.58 -29.48
CA PRO P 42 -35.92 28.24 -30.66
C PRO P 42 -37.12 29.09 -30.30
N ASP P 43 -37.29 30.18 -31.06
CA ASP P 43 -38.37 31.12 -30.79
C ASP P 43 -39.75 30.56 -31.12
N LYS P 44 -39.83 29.43 -31.83
CA LYS P 44 -41.12 28.84 -32.13
C LYS P 44 -41.79 28.26 -30.88
N VAL P 45 -41.02 27.96 -29.84
CA VAL P 45 -41.60 27.41 -28.62
C VAL P 45 -42.48 28.43 -27.92
N PHE P 46 -42.06 29.70 -27.93
CA PHE P 46 -42.74 30.75 -27.19
C PHE P 46 -43.84 31.44 -27.99
N GLN P 47 -44.43 30.75 -28.97
CA GLN P 47 -45.58 31.28 -29.67
C GLN P 47 -46.83 30.59 -29.13
N PRO P 48 -47.68 31.29 -28.39
CA PRO P 48 -48.82 30.63 -27.76
C PRO P 48 -49.93 30.32 -28.75
N SER P 49 -50.55 29.16 -28.59
CA SER P 49 -51.71 28.81 -29.38
C SER P 49 -52.94 29.59 -28.89
N PRO P 50 -53.94 29.77 -29.76
CA PRO P 50 -55.15 30.47 -29.31
C PRO P 50 -55.84 29.78 -28.14
N GLU P 51 -55.69 28.47 -28.00
CA GLU P 51 -56.27 27.74 -26.88
C GLU P 51 -55.45 27.85 -25.60
N ASP P 52 -54.20 28.32 -25.69
CA ASP P 52 -53.37 28.44 -24.50
C ASP P 52 -53.94 29.47 -23.54
N HIS P 53 -54.44 30.59 -24.06
CA HIS P 53 -54.93 31.67 -23.20
C HIS P 53 -56.13 31.20 -22.37
N GLU P 54 -57.04 30.44 -22.99
CA GLU P 54 -58.20 29.94 -22.25
C GLU P 54 -57.81 28.86 -21.24
N LYS P 55 -56.78 28.08 -21.56
CA LYS P 55 -56.38 26.99 -20.66
C LYS P 55 -55.71 27.52 -19.40
N TYR P 56 -54.79 28.48 -19.54
CA TYR P 56 -54.02 28.98 -18.42
C TYR P 56 -54.60 30.26 -17.82
N GLY P 57 -55.74 30.73 -18.33
CA GLY P 57 -56.34 31.93 -17.78
C GLY P 57 -55.64 33.21 -18.13
N GLY P 58 -54.87 33.23 -19.22
CA GLY P 58 -54.21 34.45 -19.64
C GLY P 58 -55.14 35.39 -20.36
N ASP P 59 -54.66 36.63 -20.55
CA ASP P 59 -55.42 37.65 -21.25
C ASP P 59 -54.95 37.72 -22.69
N PRO P 60 -55.82 37.48 -23.67
CA PRO P 60 -55.36 37.47 -25.07
C PRO P 60 -54.79 38.79 -25.55
N GLN P 61 -55.29 39.92 -25.06
CA GLN P 61 -54.83 41.22 -25.55
C GLN P 61 -53.70 41.80 -24.70
N TYR P 62 -53.92 41.92 -23.39
CA TYR P 62 -53.00 42.65 -22.53
C TYR P 62 -52.18 41.68 -21.70
N PRO P 63 -50.87 41.59 -21.92
CA PRO P 63 -50.04 40.74 -21.06
C PRO P 63 -49.98 41.27 -19.64
N HIS P 64 -49.75 40.36 -18.70
CA HIS P 64 -49.65 40.73 -17.30
C HIS P 64 -48.39 41.56 -17.05
N LYS P 65 -48.35 42.22 -15.88
CA LYS P 65 -47.34 43.22 -15.60
C LYS P 65 -46.15 42.69 -14.80
N LEU P 66 -46.39 41.80 -13.83
CA LEU P 66 -45.33 41.36 -12.94
C LEU P 66 -45.34 39.84 -12.79
N HIS P 67 -44.16 39.27 -12.60
CA HIS P 67 -43.98 37.85 -12.38
C HIS P 67 -43.94 37.53 -10.89
N ILE P 68 -44.29 36.29 -10.56
CA ILE P 68 -44.02 35.70 -9.25
C ILE P 68 -43.26 34.41 -9.50
N VAL P 69 -42.00 34.37 -9.07
CA VAL P 69 -41.10 33.27 -9.39
C VAL P 69 -40.78 32.52 -8.11
N THR P 70 -40.99 31.20 -8.13
CA THR P 70 -40.70 30.33 -7.00
C THR P 70 -39.83 29.18 -7.50
N ARG P 71 -38.69 28.97 -6.86
CA ARG P 71 -37.80 27.89 -7.26
C ARG P 71 -38.31 26.56 -6.70
N ILE P 72 -38.22 25.52 -7.51
CA ILE P 72 -38.71 24.20 -7.15
C ILE P 72 -37.56 23.21 -6.96
N LYS P 73 -36.72 23.06 -7.97
CA LYS P 73 -35.66 22.05 -7.92
C LYS P 73 -34.37 22.66 -7.36
N SER P 74 -33.29 21.90 -7.41
CA SER P 74 -32.03 22.27 -6.82
C SER P 74 -31.04 22.70 -7.90
N THR P 75 -30.13 23.60 -7.53
CA THR P 75 -29.05 23.99 -8.41
C THR P 75 -27.96 22.92 -8.50
N LYS P 76 -27.92 21.97 -7.56
CA LYS P 76 -26.95 20.90 -7.62
C LYS P 76 -27.27 19.97 -8.79
N ARG P 77 -26.22 19.29 -9.28
CA ARG P 77 -26.31 18.40 -10.43
C ARG P 77 -26.78 19.14 -11.67
N ARG P 78 -26.50 20.44 -11.74
CA ARG P 78 -26.80 21.30 -12.87
C ARG P 78 -25.56 22.13 -13.19
N PRO P 79 -25.41 22.59 -14.42
CA PRO P 79 -24.20 23.32 -14.81
C PRO P 79 -24.04 24.62 -14.02
N TYR P 80 -22.84 25.19 -14.12
CA TYR P 80 -22.52 26.38 -13.33
C TYR P 80 -23.28 27.60 -13.81
N TRP P 81 -23.53 27.71 -15.12
CA TRP P 81 -24.23 28.89 -15.62
C TRP P 81 -25.67 28.95 -15.13
N GLU P 82 -26.29 27.80 -14.87
CA GLU P 82 -27.62 27.79 -14.28
C GLU P 82 -27.57 28.17 -12.80
N LYS P 83 -26.48 27.85 -12.12
CA LYS P 83 -26.34 28.25 -10.71
C LYS P 83 -26.26 29.76 -10.57
N ASP P 84 -25.48 30.42 -11.42
CA ASP P 84 -25.32 31.87 -11.31
C ASP P 84 -26.62 32.59 -11.61
N ILE P 85 -27.39 32.12 -12.60
CA ILE P 85 -28.65 32.78 -12.94
C ILE P 85 -29.64 32.67 -11.79
N ILE P 86 -29.67 31.52 -11.12
CA ILE P 86 -30.50 31.39 -9.93
C ILE P 86 -30.05 32.35 -8.84
N LYS P 87 -28.73 32.48 -8.65
CA LYS P 87 -28.20 33.36 -7.62
C LYS P 87 -28.54 34.82 -7.90
N MET P 88 -28.43 35.24 -9.16
CA MET P 88 -28.63 36.64 -9.50
C MET P 88 -30.10 37.02 -9.70
N LEU P 89 -31.02 36.07 -9.55
CA LEU P 89 -32.44 36.36 -9.59
C LEU P 89 -33.07 36.40 -8.19
N GLY P 90 -32.29 36.21 -7.14
CA GLY P 90 -32.83 36.20 -5.80
C GLY P 90 -33.57 34.93 -5.43
N LEU P 91 -33.32 33.82 -6.13
CA LEU P 91 -33.99 32.56 -5.89
C LEU P 91 -33.09 31.58 -5.14
N GLU P 92 -32.28 32.08 -4.21
CA GLU P 92 -31.38 31.20 -3.46
C GLU P 92 -32.15 30.20 -2.61
N LYS P 93 -33.20 30.65 -1.94
CA LYS P 93 -33.98 29.81 -1.05
C LYS P 93 -35.22 29.31 -1.77
N ALA P 94 -35.45 28.00 -1.74
CA ALA P 94 -36.57 27.41 -2.44
C ALA P 94 -37.88 27.72 -1.75
N HIS P 95 -38.97 27.65 -2.51
CA HIS P 95 -40.32 27.83 -2.01
C HIS P 95 -40.53 29.19 -1.37
N THR P 96 -39.83 30.20 -1.85
CA THR P 96 -40.02 31.57 -1.39
C THR P 96 -40.35 32.44 -2.58
N PRO P 97 -41.57 33.00 -2.67
CA PRO P 97 -41.93 33.80 -3.84
C PRO P 97 -41.07 35.04 -3.98
N GLN P 98 -40.77 35.38 -5.22
CA GLN P 98 -39.99 36.58 -5.55
C GLN P 98 -40.63 37.22 -6.78
N VAL P 99 -40.75 38.53 -6.76
CA VAL P 99 -41.44 39.27 -7.82
C VAL P 99 -40.41 39.90 -8.74
N HIS P 100 -40.59 39.69 -10.05
CA HIS P 100 -39.72 40.28 -11.06
C HIS P 100 -40.58 40.91 -12.15
N LYS P 101 -39.97 41.82 -12.90
CA LYS P 101 -40.66 42.48 -13.99
C LYS P 101 -40.90 41.52 -15.14
N ASN P 102 -41.68 41.96 -16.12
CA ASN P 102 -41.98 41.18 -17.30
C ASN P 102 -41.26 41.70 -18.54
N ILE P 103 -40.17 42.44 -18.34
CA ILE P 103 -39.38 43.00 -19.44
C ILE P 103 -38.61 41.86 -20.11
N PRO P 104 -38.22 42.00 -21.38
CA PRO P 104 -37.44 40.93 -22.02
C PRO P 104 -36.11 40.65 -21.36
N SER P 105 -35.51 41.64 -20.70
CA SER P 105 -34.21 41.41 -20.06
C SER P 105 -34.31 40.36 -18.96
N VAL P 106 -35.35 40.43 -18.14
CA VAL P 106 -35.55 39.40 -17.12
C VAL P 106 -35.99 38.08 -17.76
N ASN P 107 -36.87 38.16 -18.77
CA ASN P 107 -37.36 36.94 -19.41
C ASN P 107 -36.23 36.19 -20.10
N ALA P 108 -35.19 36.89 -20.54
CA ALA P 108 -34.06 36.20 -21.17
C ALA P 108 -33.37 35.27 -20.19
N LYS P 109 -33.24 35.70 -18.92
CA LYS P 109 -32.59 34.87 -17.92
C LYS P 109 -33.51 33.75 -17.45
N LEU P 110 -34.81 34.01 -17.35
CA LEU P 110 -35.74 32.99 -16.88
C LEU P 110 -35.83 31.82 -17.85
N LYS P 111 -35.72 32.08 -19.15
CA LYS P 111 -35.81 31.01 -20.13
C LYS P 111 -34.70 29.98 -19.96
N VAL P 112 -33.55 30.41 -19.43
CA VAL P 112 -32.46 29.46 -19.21
C VAL P 112 -32.79 28.50 -18.08
N VAL P 113 -33.42 29.00 -17.02
CA VAL P 113 -33.70 28.18 -15.84
C VAL P 113 -35.20 27.96 -15.69
N LYS P 114 -35.92 27.94 -16.81
CA LYS P 114 -37.37 27.76 -16.76
C LYS P 114 -37.78 26.39 -16.28
N HIS P 115 -36.87 25.42 -16.22
CA HIS P 115 -37.17 24.09 -15.73
C HIS P 115 -36.89 23.92 -14.24
N LEU P 116 -36.42 24.97 -13.57
CA LEU P 116 -36.13 24.92 -12.14
C LEU P 116 -37.03 25.81 -11.32
N ILE P 117 -37.94 26.56 -11.95
CA ILE P 117 -38.75 27.54 -11.26
C ILE P 117 -40.22 27.37 -11.64
N ARG P 118 -41.09 27.96 -10.84
CA ARG P 118 -42.51 28.04 -11.12
C ARG P 118 -42.90 29.49 -11.26
N ILE P 119 -43.58 29.82 -12.35
CA ILE P 119 -43.89 31.21 -12.70
C ILE P 119 -45.40 31.36 -12.75
N LYS P 120 -45.92 32.31 -11.99
CA LYS P 120 -47.33 32.65 -11.97
C LYS P 120 -47.49 34.16 -12.06
N PRO P 121 -48.57 34.63 -12.67
CA PRO P 121 -48.81 36.07 -12.74
C PRO P 121 -49.19 36.63 -11.38
N LEU P 122 -48.92 37.92 -11.21
CA LEU P 122 -49.28 38.63 -9.99
C LEU P 122 -50.59 39.37 -10.23
N LYS P 123 -51.62 39.01 -9.47
CA LYS P 123 -52.94 39.62 -9.59
C LYS P 123 -53.17 40.59 -8.45
N LEU P 124 -53.90 41.67 -8.74
CA LEU P 124 -54.14 42.76 -7.81
C LEU P 124 -55.63 43.03 -7.72
N PRO P 125 -56.35 42.27 -6.89
CA PRO P 125 -57.80 42.53 -6.74
C PRO P 125 -58.13 43.92 -6.24
N GLN P 126 -57.31 44.47 -5.35
CA GLN P 126 -57.53 45.80 -4.80
C GLN P 126 -56.57 46.85 -5.35
N GLY P 127 -55.77 46.49 -6.36
CA GLY P 127 -54.83 47.42 -6.91
C GLY P 127 -53.55 47.51 -6.10
N LEU P 128 -52.69 48.43 -6.50
CA LEU P 128 -51.40 48.60 -5.83
C LEU P 128 -51.61 49.12 -4.41
N PRO P 129 -50.87 48.61 -3.43
CA PRO P 129 -50.98 49.13 -2.08
C PRO P 129 -50.48 50.56 -1.98
N THR P 130 -51.11 51.33 -1.10
CA THR P 130 -50.68 52.69 -0.83
C THR P 130 -49.68 52.68 0.33
N GLU P 131 -49.22 53.88 0.71
CA GLU P 131 -48.29 53.99 1.83
C GLU P 131 -48.98 53.73 3.17
N GLU P 132 -50.31 53.82 3.23
CA GLU P 132 -51.02 53.56 4.47
C GLU P 132 -51.15 52.07 4.76
N ASP P 133 -51.26 51.23 3.73
CA ASP P 133 -51.55 49.81 3.89
C ASP P 133 -50.34 48.94 3.55
N MET P 134 -49.13 49.47 3.71
CA MET P 134 -47.94 48.68 3.40
C MET P 134 -47.81 47.49 4.35
N ALA P 135 -48.11 47.67 5.63
CA ALA P 135 -47.86 46.64 6.63
C ALA P 135 -48.95 45.58 6.69
N ASN P 136 -50.06 45.75 6.00
CA ASN P 136 -51.17 44.81 6.04
C ASN P 136 -51.24 43.92 4.80
N THR P 137 -50.22 43.94 3.95
CA THR P 137 -50.27 43.16 2.71
C THR P 137 -49.95 41.70 2.99
N CYS P 138 -50.62 40.82 2.25
CA CYS P 138 -50.38 39.39 2.32
C CYS P 138 -50.54 38.80 0.93
N LEU P 139 -49.68 37.85 0.59
CA LEU P 139 -49.67 37.23 -0.74
C LEU P 139 -50.24 35.82 -0.62
N LYS P 140 -51.41 35.61 -1.21
CA LYS P 140 -52.05 34.31 -1.16
C LYS P 140 -51.34 33.33 -2.09
N SER P 141 -51.67 32.05 -1.93
CA SER P 141 -51.04 31.01 -2.73
C SER P 141 -51.45 31.06 -4.20
N ASN P 142 -52.71 31.44 -4.48
CA ASN P 142 -53.19 31.42 -5.86
C ASN P 142 -52.56 32.49 -6.73
N GLY P 143 -51.82 33.42 -6.14
CA GLY P 143 -51.10 34.42 -6.90
C GLY P 143 -51.71 35.82 -6.89
N GLU P 144 -52.47 36.16 -5.86
CA GLU P 144 -53.06 37.49 -5.73
C GLU P 144 -52.58 38.13 -4.45
N LEU P 145 -52.40 39.45 -4.51
CA LEU P 145 -51.90 40.24 -3.38
C LEU P 145 -53.08 40.97 -2.76
N VAL P 146 -53.40 40.63 -1.52
CA VAL P 146 -54.52 41.24 -0.80
C VAL P 146 -53.97 42.38 0.05
N VAL P 147 -54.48 43.59 -0.21
CA VAL P 147 -53.95 44.79 0.45
C VAL P 147 -54.31 44.79 1.92
N ARG P 148 -55.59 44.53 2.23
CA ARG P 148 -56.08 44.55 3.61
C ARG P 148 -56.30 43.11 4.06
N TRP P 149 -55.48 42.65 5.01
CA TRP P 149 -55.48 41.28 5.48
C TRP P 149 -55.82 41.25 6.96
N LEU P 150 -56.91 40.56 7.31
CA LEU P 150 -57.36 40.41 8.70
C LEU P 150 -57.59 41.76 9.36
N LEU P 151 -58.53 42.51 8.80
CA LEU P 151 -58.88 43.81 9.35
C LEU P 151 -59.55 43.66 10.71
N ASN P 152 -59.21 44.57 11.62
CA ASN P 152 -59.78 44.59 12.98
C ASN P 152 -59.58 43.26 13.70
N ALA Q 98 -0.85 -23.56 16.56
CA ALA Q 98 -1.75 -22.45 16.30
C ALA Q 98 -1.67 -21.41 17.41
N ALA Q 99 -2.06 -20.17 17.09
CA ALA Q 99 -2.03 -19.08 18.05
C ALA Q 99 -3.42 -18.48 18.21
N PRO Q 100 -3.77 -18.05 19.42
CA PRO Q 100 -5.10 -17.47 19.64
C PRO Q 100 -5.28 -16.19 18.83
N LYS Q 101 -6.52 -15.97 18.39
CA LYS Q 101 -6.85 -14.84 17.55
C LYS Q 101 -7.15 -13.58 18.35
N ASN Q 102 -7.76 -13.72 19.53
CA ASN Q 102 -8.12 -12.57 20.35
C ASN Q 102 -8.04 -12.96 21.81
N ARG Q 103 -8.00 -11.93 22.66
CA ARG Q 103 -7.94 -12.15 24.10
C ARG Q 103 -9.31 -12.57 24.62
N ARG Q 104 -9.34 -13.65 25.41
CA ARG Q 104 -10.58 -14.09 26.02
C ARG Q 104 -11.04 -13.08 27.08
N SER Q 105 -12.29 -12.66 26.99
CA SER Q 105 -12.82 -11.73 27.98
C SER Q 105 -13.05 -12.44 29.30
N ILE Q 106 -13.02 -11.66 30.38
CA ILE Q 106 -13.19 -12.23 31.71
C ILE Q 106 -14.59 -12.81 31.88
N GLU Q 107 -15.58 -12.29 31.12
CA GLU Q 107 -16.92 -12.85 31.18
C GLU Q 107 -16.95 -14.29 30.69
N VAL Q 108 -16.21 -14.57 29.61
CA VAL Q 108 -16.13 -15.94 29.11
C VAL Q 108 -15.31 -16.82 30.04
N ASN Q 109 -14.20 -16.28 30.56
CA ASN Q 109 -13.33 -17.06 31.44
C ASN Q 109 -14.05 -17.48 32.71
N ARG Q 110 -14.85 -16.57 33.28
CA ARG Q 110 -15.57 -16.91 34.51
C ARG Q 110 -16.54 -18.05 34.29
N CYS Q 111 -17.22 -18.08 33.14
CA CYS Q 111 -18.13 -19.17 32.85
C CYS Q 111 -17.40 -20.50 32.78
N ARG Q 112 -16.23 -20.52 32.15
CA ARG Q 112 -15.49 -21.76 32.01
C ARG Q 112 -14.85 -22.19 33.33
N ARG Q 113 -14.28 -21.25 34.07
CA ARG Q 113 -13.55 -21.58 35.29
C ARG Q 113 -14.46 -21.91 36.47
N ARG Q 114 -15.78 -21.68 36.35
CA ARG Q 114 -16.71 -21.92 37.44
C ARG Q 114 -17.82 -22.88 37.04
N ASN Q 115 -17.65 -23.63 35.96
CA ASN Q 115 -18.65 -24.58 35.53
C ASN Q 115 -18.82 -25.67 36.60
N PRO Q 116 -20.05 -26.18 36.79
CA PRO Q 116 -20.26 -27.16 37.86
C PRO Q 116 -19.39 -28.40 37.74
N GLN Q 117 -18.99 -28.78 36.54
CA GLN Q 117 -18.09 -29.93 36.38
C GLN Q 117 -16.75 -29.66 37.04
N LYS Q 118 -16.19 -28.46 36.86
CA LYS Q 118 -14.87 -28.15 37.35
C LYS Q 118 -14.83 -27.83 38.84
N LEU Q 119 -15.99 -27.69 39.49
CA LEU Q 119 -16.02 -27.43 40.92
C LEU Q 119 -15.76 -28.71 41.70
N ILE Q 120 -15.36 -28.54 42.95
CA ILE Q 120 -15.09 -29.68 43.82
C ILE Q 120 -16.41 -30.22 44.34
N LYS Q 121 -16.62 -31.53 44.16
CA LYS Q 121 -17.83 -32.17 44.62
C LYS Q 121 -17.73 -32.52 46.09
N VAL Q 122 -18.85 -32.39 46.81
CA VAL Q 122 -18.89 -32.73 48.22
C VAL Q 122 -18.91 -34.24 48.40
N LYS Q 123 -18.51 -34.68 49.59
CA LYS Q 123 -18.49 -36.09 49.94
C LYS Q 123 -19.55 -36.37 51.00
N ASN Q 124 -20.42 -37.33 50.74
CA ASN Q 124 -21.50 -37.70 51.65
C ASN Q 124 -21.25 -39.02 52.35
N ASN Q 125 -20.05 -39.60 52.22
CA ASN Q 125 -19.73 -40.88 52.86
C ASN Q 125 -18.73 -40.71 54.00
N ILE Q 126 -18.85 -39.62 54.76
CA ILE Q 126 -17.99 -39.38 55.91
C ILE Q 126 -18.73 -39.77 57.18
N ASP Q 127 -18.06 -40.56 58.03
CA ASP Q 127 -18.68 -41.07 59.24
C ASP Q 127 -17.67 -41.00 60.38
N VAL Q 128 -18.19 -41.04 61.61
CA VAL Q 128 -17.37 -41.00 62.81
C VAL Q 128 -17.01 -42.43 63.21
N CYS Q 129 -15.74 -42.63 63.58
CA CYS Q 129 -15.29 -43.95 63.97
C CYS Q 129 -15.86 -44.31 65.34
N PRO Q 130 -16.52 -45.45 65.49
CA PRO Q 130 -17.11 -45.80 66.79
C PRO Q 130 -16.09 -45.93 67.91
N GLU Q 131 -14.88 -46.39 67.61
CA GLU Q 131 -13.91 -46.67 68.66
C GLU Q 131 -13.26 -45.39 69.19
N CYS Q 132 -12.72 -44.56 68.30
CA CYS Q 132 -11.96 -43.39 68.71
C CYS Q 132 -12.69 -42.07 68.50
N GLY Q 133 -13.80 -42.07 67.77
CA GLY Q 133 -14.56 -40.85 67.57
C GLY Q 133 -14.02 -39.91 66.51
N HIS Q 134 -12.97 -40.28 65.80
CA HIS Q 134 -12.42 -39.46 64.74
C HIS Q 134 -13.25 -39.65 63.46
N LEU Q 135 -12.78 -39.09 62.35
CA LEU Q 135 -13.48 -39.14 61.09
C LEU Q 135 -12.87 -40.19 60.17
N LYS Q 136 -13.73 -40.88 59.41
CA LYS Q 136 -13.29 -41.86 58.44
C LYS Q 136 -14.39 -42.02 57.41
N GLN Q 137 -14.02 -42.58 56.26
CA GLN Q 137 -15.00 -42.92 55.24
C GLN Q 137 -15.53 -44.32 55.47
N LYS Q 138 -16.71 -44.60 54.91
CA LYS Q 138 -17.39 -45.86 55.18
C LYS Q 138 -16.60 -47.05 54.65
N HIS Q 139 -15.99 -46.93 53.47
CA HIS Q 139 -15.29 -48.04 52.84
C HIS Q 139 -13.80 -48.04 53.13
N ILE Q 140 -13.32 -47.15 53.97
CA ILE Q 140 -11.89 -47.02 54.26
C ILE Q 140 -11.68 -47.25 55.76
N LEU Q 141 -10.61 -47.95 56.09
CA LEU Q 141 -10.27 -48.15 57.50
C LEU Q 141 -9.94 -46.81 58.15
N CYS Q 142 -10.20 -46.73 59.45
CA CYS Q 142 -9.92 -45.50 60.19
C CYS Q 142 -8.43 -45.19 60.16
N GLY Q 143 -8.10 -43.94 59.87
CA GLY Q 143 -6.70 -43.55 59.84
C GLY Q 143 -6.06 -43.59 61.22
N TYR Q 144 -6.80 -43.15 62.24
CA TYR Q 144 -6.24 -43.13 63.59
C TYR Q 144 -6.08 -44.53 64.14
N CYS Q 145 -7.09 -45.39 63.94
CA CYS Q 145 -7.00 -46.75 64.47
C CYS Q 145 -5.92 -47.56 63.78
N TYR Q 146 -5.80 -47.43 62.46
CA TYR Q 146 -4.75 -48.15 61.74
C TYR Q 146 -3.36 -47.66 62.14
N GLU Q 147 -3.21 -46.35 62.30
CA GLU Q 147 -1.93 -45.81 62.77
C GLU Q 147 -1.60 -46.32 64.16
N LYS Q 148 -2.62 -46.54 64.99
CA LYS Q 148 -2.39 -47.16 66.30
C LYS Q 148 -1.84 -48.57 66.15
N VAL Q 149 -2.39 -49.33 65.19
CA VAL Q 149 -1.92 -50.70 64.98
C VAL Q 149 -0.53 -50.71 64.35
N ARG Q 150 -0.29 -49.82 63.38
CA ARG Q 150 0.98 -49.85 62.65
C ARG Q 150 2.15 -49.54 63.58
N LYS Q 151 1.97 -48.60 64.50
CA LYS Q 151 3.02 -48.30 65.46
C LYS Q 151 3.34 -49.52 66.33
N GLU Q 152 2.31 -50.24 66.77
CA GLU Q 152 2.53 -51.44 67.57
C GLU Q 152 3.18 -52.55 66.75
N THR Q 153 2.75 -52.71 65.49
CA THR Q 153 3.33 -53.75 64.64
C THR Q 153 4.82 -53.51 64.41
N ALA Q 154 5.21 -52.24 64.24
CA ALA Q 154 6.63 -51.93 64.05
C ALA Q 154 7.44 -52.30 65.29
N GLU Q 155 6.88 -52.05 66.48
CA GLU Q 155 7.58 -52.42 67.71
C GLU Q 155 7.77 -53.92 67.82
N ILE Q 156 6.73 -54.70 67.48
CA ILE Q 156 6.84 -56.15 67.53
C ILE Q 156 7.89 -56.63 66.53
N ARG Q 157 7.84 -56.11 65.31
CA ARG Q 157 8.82 -56.51 64.30
C ARG Q 157 10.23 -56.09 64.68
N ARG Q 158 10.37 -54.94 65.36
CA ARG Q 158 11.69 -54.51 65.80
C ARG Q 158 12.26 -55.47 66.84
N GLN Q 159 11.40 -56.02 67.69
CA GLN Q 159 11.86 -57.02 68.66
C GLN Q 159 12.28 -58.30 67.97
N MET Q 160 11.56 -58.69 66.90
CA MET Q 160 11.92 -59.90 66.17
C MET Q 160 13.30 -59.77 65.53
N GLY Q 161 13.63 -58.59 65.02
CA GLY Q 161 14.93 -58.39 64.40
C GLY Q 161 16.08 -58.66 65.35
N LYS Q 162 15.94 -58.24 66.62
CA LYS Q 162 16.98 -58.50 67.60
C LYS Q 162 17.06 -59.96 67.99
N GLN Q 163 16.00 -60.74 67.78
CA GLN Q 163 16.01 -62.16 68.10
C GLN Q 163 16.52 -63.02 66.95
N GLU Q 164 16.76 -62.43 65.78
CA GLU Q 164 17.39 -63.12 64.65
C GLU Q 164 18.43 -62.16 64.07
N GLY Q 165 19.67 -62.30 64.53
CA GLY Q 165 20.72 -61.36 64.14
C GLY Q 165 20.99 -61.37 62.64
N GLY Q 166 21.04 -62.56 62.04
CA GLY Q 166 21.36 -62.69 60.64
C GLY Q 166 20.27 -62.15 59.74
N PRO Q 167 20.66 -61.70 58.54
CA PRO Q 167 19.66 -61.22 57.59
C PRO Q 167 18.87 -62.32 56.91
N PHE Q 168 19.35 -63.56 56.96
CA PHE Q 168 18.68 -64.68 56.32
C PHE Q 168 18.25 -65.73 57.33
N ARG Q 169 17.97 -65.30 58.57
CA ARG Q 169 17.49 -66.20 59.61
C ARG Q 169 16.00 -65.99 59.79
N ALA Q 170 15.21 -67.02 59.49
CA ALA Q 170 13.77 -66.96 59.65
C ALA Q 170 13.30 -68.20 60.41
N PRO Q 171 12.29 -68.05 61.27
CA PRO Q 171 11.81 -69.21 62.03
C PRO Q 171 11.15 -70.24 61.13
N THR Q 172 11.26 -71.50 61.52
CA THR Q 172 10.59 -72.60 60.84
C THR Q 172 9.30 -72.99 61.52
N THR Q 173 8.88 -72.26 62.56
CA THR Q 173 7.68 -72.55 63.31
C THR Q 173 6.81 -71.30 63.41
N GLU Q 174 5.64 -71.47 64.01
CA GLU Q 174 4.72 -70.37 64.22
C GLU Q 174 5.28 -69.40 65.26
N THR Q 175 4.72 -68.19 65.28
CA THR Q 175 5.18 -67.13 66.16
C THR Q 175 4.03 -66.67 67.05
N VAL Q 176 4.32 -66.42 68.32
CA VAL Q 176 3.36 -65.90 69.28
C VAL Q 176 4.00 -64.74 70.03
N VAL Q 177 3.22 -63.67 70.24
CA VAL Q 177 3.67 -62.47 70.90
C VAL Q 177 3.04 -62.41 72.28
N LEU Q 178 3.88 -62.30 73.31
CA LEU Q 178 3.43 -62.24 74.70
C LEU Q 178 3.91 -60.96 75.35
N TYR Q 179 3.04 -60.33 76.13
CA TYR Q 179 3.35 -59.09 76.81
C TYR Q 179 3.71 -59.36 78.27
N SER Q 180 3.89 -58.28 79.03
CA SER Q 180 4.26 -58.41 80.43
C SER Q 180 3.13 -59.03 81.24
N GLY Q 181 3.50 -59.84 82.23
CA GLY Q 181 2.51 -60.47 83.08
C GLY Q 181 1.81 -61.67 82.47
N GLU Q 182 2.38 -62.25 81.42
CA GLU Q 182 1.78 -63.42 80.77
C GLU Q 182 2.85 -64.49 80.57
N THR Q 183 2.40 -65.74 80.50
CA THR Q 183 3.25 -66.89 80.28
C THR Q 183 2.70 -67.72 79.13
N PRO Q 184 3.57 -68.43 78.41
CA PRO Q 184 3.09 -69.22 77.26
C PRO Q 184 2.13 -70.32 77.71
N SER Q 185 1.13 -70.57 76.87
CA SER Q 185 0.14 -71.60 77.12
C SER Q 185 0.65 -72.95 76.61
N GLU Q 186 -0.10 -74.01 76.94
CA GLU Q 186 0.26 -75.34 76.47
C GLU Q 186 0.18 -75.43 74.94
N GLN Q 187 -0.86 -74.84 74.35
CA GLN Q 187 -0.98 -74.82 72.89
C GLN Q 187 0.04 -73.90 72.25
N ASP Q 188 0.57 -72.92 72.99
CA ASP Q 188 1.55 -72.00 72.46
C ASP Q 188 2.98 -72.52 72.53
N GLN Q 189 3.20 -73.67 73.16
CA GLN Q 189 4.54 -74.23 73.24
C GLN Q 189 4.99 -74.75 71.87
N GLY Q 190 6.30 -74.81 71.69
CA GLY Q 190 6.86 -75.17 70.40
C GLY Q 190 6.94 -74.03 69.41
N LYS Q 191 6.71 -72.79 69.86
CA LYS Q 191 6.74 -71.62 68.99
C LYS Q 191 7.67 -70.57 69.60
N ARG Q 192 8.23 -69.73 68.75
CA ARG Q 192 9.09 -68.66 69.21
C ARG Q 192 8.27 -67.64 70.02
N ILE Q 193 8.91 -67.07 71.04
CA ILE Q 193 8.25 -66.19 71.98
C ILE Q 193 8.81 -64.79 71.81
N ILE Q 194 7.93 -63.81 71.65
CA ILE Q 194 8.28 -62.39 71.57
C ILE Q 194 7.80 -61.73 72.84
N GLU Q 195 8.72 -61.10 73.57
CA GLU Q 195 8.41 -60.47 74.84
C GLU Q 195 8.39 -58.96 74.68
N ARG Q 196 7.33 -58.33 75.19
CA ARG Q 196 7.19 -56.89 75.19
C ARG Q 196 6.93 -56.39 76.61
N GLU Q 197 7.59 -55.31 76.99
CA GLU Q 197 7.52 -54.83 78.36
C GLU Q 197 6.19 -54.16 78.68
N ARG Q 198 5.57 -53.50 77.70
CA ARG Q 198 4.33 -52.78 77.95
C ARG Q 198 3.19 -53.76 78.22
N LYS Q 199 2.18 -53.26 78.92
CA LYS Q 199 1.00 -54.05 79.20
C LYS Q 199 0.27 -54.37 77.90
N ARG Q 200 -0.41 -55.52 77.88
CA ARG Q 200 -1.11 -55.97 76.68
C ARG Q 200 -2.16 -54.95 76.26
N PRO Q 201 -2.11 -54.47 75.01
CA PRO Q 201 -3.10 -53.48 74.57
C PRO Q 201 -4.51 -54.03 74.53
N SER Q 202 -5.48 -53.14 74.77
CA SER Q 202 -6.88 -53.53 74.79
C SER Q 202 -7.34 -54.13 73.47
N TRP Q 203 -7.01 -53.47 72.35
CA TRP Q 203 -7.49 -53.94 71.06
C TRP Q 203 -6.93 -55.32 70.73
N PHE Q 204 -5.66 -55.56 71.02
CA PHE Q 204 -5.08 -56.89 70.83
C PHE Q 204 -5.76 -57.89 71.76
N THR Q 205 -6.18 -59.02 71.20
CA THR Q 205 -6.92 -60.04 71.94
C THR Q 205 -6.09 -61.33 72.01
N GLN Q 206 -5.92 -61.86 73.22
CA GLN Q 206 -5.26 -63.14 73.40
C GLN Q 206 -6.20 -64.29 73.04
N ASN Q 207 -5.62 -65.37 72.54
CA ASN Q 207 -6.36 -66.60 72.27
C ASN Q 207 -5.90 -67.72 73.18
N SER R 13 28.60 20.69 -50.55
CA SER R 13 28.95 22.11 -50.60
C SER R 13 28.79 22.76 -49.23
N LYS R 14 29.88 23.32 -48.71
CA LYS R 14 29.88 23.99 -47.43
C LYS R 14 30.21 25.46 -47.61
N THR R 15 29.60 26.30 -46.78
CA THR R 15 29.82 27.73 -46.82
C THR R 15 30.80 28.15 -45.73
N ILE R 16 31.39 29.33 -45.92
CA ILE R 16 32.43 29.85 -45.03
C ILE R 16 31.96 31.18 -44.48
N LEU R 17 32.29 31.44 -43.22
CA LEU R 17 31.96 32.70 -42.55
C LEU R 17 33.23 33.55 -42.47
N VAL R 18 33.19 34.73 -43.06
CA VAL R 18 34.34 35.61 -43.15
C VAL R 18 34.00 36.95 -42.53
N LYS R 19 35.00 37.60 -41.94
CA LYS R 19 34.85 38.92 -41.34
C LYS R 19 35.36 39.98 -42.30
N MET R 20 34.54 41.00 -42.53
CA MET R 20 34.87 42.06 -43.47
C MET R 20 35.14 43.36 -42.72
N MET R 21 36.30 43.95 -42.96
CA MET R 21 36.71 45.20 -42.34
C MET R 21 36.52 46.36 -43.32
N SER R 22 36.08 47.49 -42.78
CA SER R 22 35.82 48.66 -43.62
C SER R 22 37.11 49.19 -44.24
N GLN R 23 37.00 49.69 -45.47
CA GLN R 23 38.11 50.33 -46.15
C GLN R 23 38.17 51.83 -45.92
N ALA R 24 37.30 52.35 -45.06
CA ALA R 24 37.29 53.78 -44.72
C ALA R 24 38.21 54.13 -43.56
N GLY R 25 38.96 53.15 -43.05
CA GLY R 25 39.87 53.37 -41.95
C GLY R 25 39.28 53.13 -40.58
N THR R 26 37.99 53.40 -40.42
CA THR R 26 37.33 53.15 -39.14
C THR R 26 37.29 51.67 -38.84
N GLY R 27 37.31 51.33 -37.55
CA GLY R 27 37.23 49.94 -37.16
C GLY R 27 35.80 49.45 -37.09
N PHE R 28 35.36 48.73 -38.12
CA PHE R 28 34.01 48.22 -38.20
C PHE R 28 34.05 46.89 -38.94
N SER R 29 33.57 45.83 -38.29
CA SER R 29 33.63 44.48 -38.84
C SER R 29 32.29 43.79 -38.65
N PHE R 30 31.73 43.28 -39.75
CA PHE R 30 30.51 42.47 -39.72
C PHE R 30 30.76 41.18 -40.49
N ASN R 31 30.28 40.08 -39.95
CA ASN R 31 30.52 38.76 -40.55
C ASN R 31 29.46 38.45 -41.59
N THR R 32 29.88 37.73 -42.63
CA THR R 32 29.01 37.36 -43.75
C THR R 32 29.29 35.93 -44.17
N LYS R 33 28.23 35.18 -44.44
CA LYS R 33 28.36 33.80 -44.88
C LYS R 33 28.66 33.76 -46.37
N ARG R 34 29.68 33.01 -46.76
CA ARG R 34 30.14 32.96 -48.14
C ARG R 34 30.36 31.52 -48.55
N SER R 35 30.12 31.24 -49.83
CA SER R 35 30.39 29.91 -50.37
C SER R 35 31.90 29.68 -50.47
N ARG R 36 32.30 28.43 -50.24
CA ARG R 36 33.72 28.11 -50.18
C ARG R 36 34.39 28.23 -51.55
N LEU R 37 33.73 27.75 -52.60
CA LEU R 37 34.33 27.78 -53.93
C LEU R 37 34.44 29.18 -54.51
N ARG R 38 33.72 30.16 -53.95
CA ARG R 38 33.81 31.52 -54.43
C ARG R 38 35.13 32.16 -54.00
N GLU R 39 35.58 33.13 -54.79
CA GLU R 39 36.82 33.83 -54.50
C GLU R 39 36.60 34.85 -53.37
N LYS R 40 37.58 35.71 -53.14
CA LYS R 40 37.45 36.75 -52.13
C LYS R 40 36.27 37.66 -52.46
N LEU R 41 35.45 37.94 -51.46
CA LEU R 41 34.24 38.73 -51.64
C LEU R 41 34.51 40.19 -51.29
N THR R 42 33.80 41.09 -51.98
CA THR R 42 33.91 42.52 -51.74
C THR R 42 32.53 43.13 -51.92
N LEU R 43 32.01 43.77 -50.88
CA LEU R 43 30.64 44.26 -50.86
C LEU R 43 30.62 45.77 -50.65
N LEU R 44 29.40 46.32 -50.58
CA LEU R 44 29.16 47.73 -50.34
C LEU R 44 28.21 47.85 -49.14
N HIS R 45 28.76 47.83 -47.93
CA HIS R 45 27.96 47.89 -46.72
C HIS R 45 27.81 49.35 -46.31
N TYR R 46 27.29 49.58 -45.10
CA TYR R 46 26.99 50.92 -44.59
C TYR R 46 27.38 50.98 -43.12
N ASP R 47 28.57 51.51 -42.85
CA ASP R 47 29.06 51.62 -41.48
C ASP R 47 28.51 52.88 -40.82
N PRO R 48 27.88 52.78 -39.65
CA PRO R 48 27.38 53.99 -38.98
C PRO R 48 28.48 54.95 -38.53
N VAL R 49 29.72 54.50 -38.43
CA VAL R 49 30.80 55.36 -37.93
C VAL R 49 30.99 56.56 -38.84
N VAL R 50 31.02 56.32 -40.16
CA VAL R 50 31.14 57.43 -41.12
C VAL R 50 29.79 57.90 -41.64
N LYS R 51 28.70 57.17 -41.36
CA LYS R 51 27.36 57.52 -41.80
C LYS R 51 27.26 57.61 -43.32
N LYS R 52 28.12 56.86 -44.02
CA LYS R 52 28.11 56.85 -45.47
C LYS R 52 28.52 55.46 -45.95
N LYS R 53 28.01 55.07 -47.12
CA LYS R 53 28.36 53.77 -47.67
C LYS R 53 29.82 53.75 -48.12
N VAL R 54 30.55 52.72 -47.70
CA VAL R 54 31.97 52.59 -47.99
C VAL R 54 32.25 51.15 -48.41
N LEU R 55 33.36 50.95 -49.10
CA LEU R 55 33.74 49.63 -49.56
C LEU R 55 34.17 48.73 -48.40
N PHE R 56 33.75 47.46 -48.46
CA PHE R 56 34.15 46.45 -47.49
C PHE R 56 34.79 45.28 -48.23
N VAL R 57 35.90 44.78 -47.67
CA VAL R 57 36.61 43.66 -48.27
C VAL R 57 36.77 42.57 -47.22
N GLU R 58 36.91 41.33 -47.71
CA GLU R 58 37.11 40.19 -46.83
C GLU R 58 38.50 40.25 -46.21
N GLN R 59 38.58 40.06 -44.90
CA GLN R 59 39.84 40.12 -44.18
C GLN R 59 40.24 38.77 -43.60
N LYS R 60 39.39 38.16 -42.79
CA LYS R 60 39.75 36.93 -42.07
C LYS R 60 38.64 35.91 -42.17
N LYS R 61 39.03 34.64 -42.07
CA LYS R 61 38.11 33.51 -41.99
C LYS R 61 37.98 33.08 -40.54
N ILE R 62 36.75 33.01 -40.05
CA ILE R 62 36.47 32.72 -38.64
C ILE R 62 35.86 31.33 -38.47
N ARG R 63 34.72 31.08 -39.12
CA ARG R 63 33.97 29.85 -38.94
C ARG R 63 33.64 29.24 -40.29
N SER R 64 33.63 27.91 -40.33
CA SER R 64 33.24 27.17 -41.53
C SER R 64 31.80 26.70 -41.44
N LYS S 50 31.02 -28.58 15.34
CA LYS S 50 29.71 -28.65 14.71
C LYS S 50 28.62 -28.20 15.67
N ALA S 51 29.01 -27.99 16.93
CA ALA S 51 28.11 -27.48 17.97
C ALA S 51 28.83 -26.33 18.66
N ARG S 52 28.69 -25.13 18.09
CA ARG S 52 29.40 -23.97 18.59
C ARG S 52 28.77 -23.47 19.90
N GLY S 53 29.50 -22.61 20.59
CA GLY S 53 29.03 -22.06 21.84
C GLY S 53 30.04 -22.17 22.96
N ASN S 54 30.99 -23.09 22.80
CA ASN S 54 32.04 -23.34 23.79
C ASN S 54 33.41 -22.90 23.28
N GLU S 55 33.44 -21.75 22.60
CA GLU S 55 34.70 -21.27 22.03
C GLU S 55 35.74 -20.92 23.09
N TYR S 56 35.31 -20.73 24.34
CA TYR S 56 36.23 -20.34 25.40
C TYR S 56 36.71 -21.60 26.12
N GLN S 57 37.96 -21.98 25.87
CA GLN S 57 38.59 -23.06 26.60
C GLN S 57 39.59 -22.46 27.59
N PRO S 58 39.33 -22.54 28.89
CA PRO S 58 40.14 -21.78 29.85
C PRO S 58 41.59 -22.22 29.86
N SER S 59 42.48 -21.26 30.12
CA SER S 59 43.91 -21.53 30.25
C SER S 59 44.55 -20.33 30.93
N ASN S 60 45.23 -20.55 32.06
CA ASN S 60 45.86 -19.44 32.76
C ASN S 60 47.12 -18.96 32.06
N ILE S 61 47.86 -19.86 31.42
CA ILE S 61 49.07 -19.45 30.71
C ILE S 61 48.71 -18.50 29.57
N LYS S 62 47.67 -18.84 28.81
CA LYS S 62 47.28 -17.99 27.68
C LYS S 62 46.65 -16.68 28.16
N ARG S 63 45.82 -16.75 29.21
CA ARG S 63 45.10 -15.56 29.65
C ARG S 63 46.06 -14.50 30.17
N LYS S 64 47.08 -14.91 30.93
CA LYS S 64 48.03 -13.95 31.48
C LYS S 64 49.06 -13.50 30.47
N HIS S 65 49.21 -14.21 29.35
CA HIS S 65 50.13 -13.78 28.31
C HIS S 65 49.49 -12.86 27.29
N LYS S 66 48.18 -12.97 27.08
CA LYS S 66 47.49 -12.13 26.10
C LYS S 66 46.93 -10.86 26.72
N HIS S 67 46.31 -10.96 27.90
CA HIS S 67 45.66 -9.81 28.53
C HIS S 67 46.30 -9.46 29.87
N GLY S 68 47.56 -9.85 30.07
CA GLY S 68 48.22 -9.61 31.34
C GLY S 68 48.62 -8.15 31.52
N TRP S 69 48.98 -7.82 32.75
CA TRP S 69 49.42 -6.47 33.07
C TRP S 69 50.77 -6.17 32.43
N VAL S 70 51.65 -7.17 32.34
CA VAL S 70 52.97 -6.95 31.75
C VAL S 70 52.85 -6.61 30.27
N ARG S 71 52.01 -7.36 29.55
CA ARG S 71 51.85 -7.10 28.12
C ARG S 71 51.25 -5.72 27.86
N ARG S 72 50.30 -5.31 28.70
CA ARG S 72 49.65 -4.02 28.51
C ARG S 72 50.65 -2.87 28.58
N LEU S 73 51.74 -3.04 29.34
CA LEU S 73 52.73 -1.98 29.51
C LEU S 73 53.91 -2.10 28.55
N ARG S 74 53.89 -3.06 27.64
CA ARG S 74 54.99 -3.23 26.69
C ARG S 74 54.75 -2.56 25.35
N THR S 75 53.50 -2.32 24.99
CA THR S 75 53.21 -1.65 23.73
C THR S 75 52.64 -0.27 23.99
N PRO S 76 53.01 0.74 23.19
CA PRO S 76 52.47 2.09 23.40
C PRO S 76 50.95 2.15 23.29
N THR S 77 50.36 1.35 22.40
CA THR S 77 48.90 1.29 22.33
C THR S 77 48.32 0.60 23.55
N GLY S 78 49.04 -0.37 24.11
CA GLY S 78 48.54 -1.04 25.31
C GLY S 78 48.47 -0.12 26.51
N VAL S 79 49.46 0.77 26.65
CA VAL S 79 49.45 1.70 27.78
C VAL S 79 48.25 2.62 27.71
N GLN S 80 47.86 3.03 26.51
CA GLN S 80 46.67 3.86 26.36
C GLN S 80 45.41 3.13 26.82
N VAL S 81 45.37 1.80 26.66
CA VAL S 81 44.25 1.03 27.17
C VAL S 81 44.19 1.14 28.69
N ILE S 82 45.34 1.03 29.36
CA ILE S 82 45.38 1.18 30.80
C ILE S 82 44.95 2.59 31.21
N LEU S 83 45.41 3.60 30.48
CA LEU S 83 45.06 4.97 30.81
C LEU S 83 43.56 5.22 30.68
N ARG S 84 42.93 4.66 29.64
CA ARG S 84 41.50 4.83 29.47
C ARG S 84 40.73 4.18 30.61
N ARG S 85 41.15 3.00 31.05
CA ARG S 85 40.43 2.31 32.11
C ARG S 85 40.66 2.98 33.47
N MET S 86 41.84 3.54 33.70
CA MET S 86 42.06 4.29 34.93
C MET S 86 41.20 5.56 34.96
N HIS S 87 41.08 6.24 33.83
CA HIS S 87 40.25 7.43 33.76
C HIS S 87 38.78 7.11 34.00
N LYS S 88 38.30 6.00 33.42
CA LYS S 88 36.90 5.63 33.57
C LYS S 88 36.56 5.17 34.98
N GLY S 89 37.57 4.75 35.75
CA GLY S 89 37.33 4.29 37.10
C GLY S 89 37.12 2.80 37.24
N ARG S 90 37.72 2.00 36.36
CA ARG S 90 37.53 0.56 36.41
C ARG S 90 38.13 -0.03 37.67
N LYS S 91 37.48 -1.07 38.20
CA LYS S 91 38.00 -1.74 39.39
C LYS S 91 39.19 -2.62 39.04
N SER S 92 39.18 -3.23 37.86
CA SER S 92 40.27 -4.09 37.40
C SER S 92 40.77 -3.54 36.07
N LEU S 93 41.98 -2.98 36.07
CA LEU S 93 42.55 -2.44 34.85
C LEU S 93 42.82 -3.55 33.83
N SER S 94 43.33 -4.69 34.30
CA SER S 94 43.67 -5.80 33.42
C SER S 94 43.69 -7.08 34.24
N HIS S 95 43.81 -8.21 33.55
CA HIS S 95 43.84 -9.51 34.21
C HIS S 95 45.04 -9.65 35.14
N VAL T 94 21.70 29.78 0.06
CA VAL T 94 21.79 30.97 0.91
C VAL T 94 22.05 30.55 2.35
N THR T 95 23.12 31.10 2.94
CA THR T 95 23.48 30.82 4.32
C THR T 95 22.74 31.79 5.22
N TYR T 96 21.66 31.31 5.86
CA TYR T 96 20.89 32.18 6.74
C TYR T 96 21.71 32.61 7.96
N PHE T 97 22.47 31.69 8.55
CA PHE T 97 23.29 31.98 9.71
C PHE T 97 24.70 31.48 9.44
N SER T 98 25.67 32.40 9.41
CA SER T 98 27.05 32.02 9.19
C SER T 98 27.66 31.45 10.47
N SER T 99 28.78 30.75 10.31
CA SER T 99 29.43 30.07 11.42
C SER T 99 30.48 30.92 12.11
N ARG T 100 30.82 32.09 11.58
CA ARG T 100 31.82 32.95 12.20
C ARG T 100 31.20 34.08 13.00
N LYS T 101 30.36 34.89 12.36
CA LYS T 101 29.71 36.01 13.02
C LYS T 101 28.24 35.78 13.33
N GLY T 102 27.61 34.78 12.70
CA GLY T 102 26.21 34.51 12.93
C GLY T 102 25.26 35.39 12.15
N LYS T 103 25.75 36.23 11.25
CA LYS T 103 24.89 37.10 10.48
C LYS T 103 24.41 36.38 9.22
N ARG T 104 23.77 37.10 8.31
CA ARG T 104 23.19 36.54 7.10
C ARG T 104 24.10 36.85 5.92
N LYS T 105 24.52 35.80 5.21
CA LYS T 105 25.40 35.97 4.07
C LYS T 105 24.61 36.31 2.82
N THR T 106 25.34 36.67 1.77
CA THR T 106 24.76 37.00 0.48
C THR T 106 25.31 36.07 -0.59
N VAL T 107 24.61 36.00 -1.72
CA VAL T 107 25.00 35.19 -2.86
C VAL T 107 25.69 36.11 -3.86
N LYS T 108 26.97 35.87 -4.13
CA LYS T 108 27.73 36.72 -5.02
C LYS T 108 27.35 36.55 -6.48
N ALA T 109 26.58 35.52 -6.82
CA ALA T 109 26.13 35.36 -8.20
C ALA T 109 25.15 36.46 -8.59
N VAL T 110 24.30 36.87 -7.66
CA VAL T 110 23.25 37.86 -7.98
C VAL T 110 23.87 39.23 -8.26
N ILE T 111 24.80 39.67 -7.41
CA ILE T 111 25.32 41.03 -7.54
C ILE T 111 26.16 41.18 -8.80
N TYR T 112 26.83 40.11 -9.24
CA TYR T 112 27.70 40.22 -10.41
C TYR T 112 26.93 40.40 -11.70
N ARG T 113 25.61 40.18 -11.70
CA ARG T 113 24.84 40.25 -12.93
C ARG T 113 23.49 40.94 -12.76
N PHE T 114 23.25 41.63 -11.65
CA PHE T 114 22.01 42.36 -11.45
C PHE T 114 22.31 43.71 -10.83
N LEU T 115 21.43 44.67 -11.10
CA LEU T 115 21.49 46.00 -10.50
C LEU T 115 20.16 46.27 -9.81
N ARG T 116 20.22 46.72 -8.55
CA ARG T 116 19.04 46.98 -7.75
C ARG T 116 18.85 48.49 -7.65
N LEU T 117 17.71 48.97 -8.12
CA LEU T 117 17.33 50.35 -7.92
C LEU T 117 16.66 50.51 -6.56
N HIS T 118 16.75 51.71 -6.00
CA HIS T 118 16.21 51.95 -4.67
C HIS T 118 14.70 51.81 -4.60
N SER T 119 14.01 51.82 -5.74
CA SER T 119 12.56 51.65 -5.77
C SER T 119 12.14 50.21 -5.60
N GLY T 120 13.09 49.27 -5.54
CA GLY T 120 12.80 47.86 -5.47
C GLY T 120 12.95 47.12 -6.79
N LEU T 121 12.94 47.85 -7.90
CA LEU T 121 13.09 47.22 -9.21
C LEU T 121 14.52 46.75 -9.40
N TRP T 122 14.67 45.59 -10.04
CA TRP T 122 15.98 45.06 -10.39
C TRP T 122 16.19 45.17 -11.90
N LEU T 123 17.46 45.27 -12.28
CA LEU T 123 17.84 45.48 -13.68
C LEU T 123 18.76 44.35 -14.12
N ARG T 124 18.59 43.90 -15.37
CA ARG T 124 19.36 42.80 -15.90
C ARG T 124 19.50 42.94 -17.40
N ARG T 125 20.43 42.17 -17.96
CA ARG T 125 20.65 42.11 -19.39
C ARG T 125 19.90 40.93 -19.99
N LYS T 126 19.53 41.06 -21.27
CA LYS T 126 18.87 39.97 -21.97
C LYS T 126 19.83 38.78 -22.13
N ALA T 127 19.27 37.58 -22.09
CA ALA T 127 20.06 36.38 -22.27
C ALA T 127 20.40 36.17 -23.74
N GLY T 128 21.67 35.90 -24.03
CA GLY T 128 22.09 35.66 -25.39
C GLY T 128 22.37 36.89 -26.21
N TYR T 129 22.86 37.96 -25.59
CA TYR T 129 23.17 39.18 -26.33
C TYR T 129 24.58 39.19 -26.90
N LYS T 130 25.35 38.13 -26.72
CA LYS T 130 26.70 38.03 -27.27
C LYS T 130 26.92 36.78 -28.10
N LYS T 131 25.88 35.97 -28.33
CA LYS T 131 26.01 34.67 -28.98
C LYS T 131 25.39 34.71 -30.36
N LYS T 132 26.18 34.41 -31.38
CA LYS T 132 25.71 34.20 -32.75
C LYS T 132 24.95 35.43 -33.27
N LEU T 133 25.69 36.54 -33.37
CA LEU T 133 25.08 37.78 -33.81
C LEU T 133 24.84 37.79 -35.32
N TRP T 134 25.71 37.14 -36.10
CA TRP T 134 25.51 37.11 -37.55
C TRP T 134 24.23 36.39 -37.93
N LYS T 135 23.76 35.46 -37.08
CA LYS T 135 22.56 34.69 -37.39
C LYS T 135 21.28 35.49 -37.19
N LYS T 136 21.26 36.40 -36.23
CA LYS T 136 20.04 37.09 -35.83
C LYS T 136 19.82 38.35 -36.67
N THR T 137 18.56 38.74 -36.79
CA THR T 137 18.18 39.90 -37.58
C THR T 137 18.55 41.20 -36.86
N ALA T 138 18.37 42.31 -37.56
CA ALA T 138 18.70 43.61 -36.99
C ALA T 138 17.80 43.95 -35.80
N ALA T 139 16.50 43.66 -35.92
CA ALA T 139 15.58 43.94 -34.82
C ALA T 139 15.86 43.05 -33.62
N ARG T 140 16.18 41.77 -33.85
CA ARG T 140 16.42 40.85 -32.75
C ARG T 140 17.67 41.24 -31.96
N LYS T 141 18.72 41.67 -32.64
CA LYS T 141 19.92 42.10 -31.94
C LYS T 141 19.67 43.33 -31.09
N ARG T 142 18.87 44.27 -31.60
CA ARG T 142 18.52 45.44 -30.82
C ARG T 142 17.75 45.07 -29.56
N ARG T 143 16.82 44.12 -29.68
CA ARG T 143 16.03 43.71 -28.53
C ARG T 143 16.89 43.04 -27.46
N LEU T 144 17.89 42.27 -27.88
CA LEU T 144 18.75 41.58 -26.92
C LEU T 144 19.74 42.50 -26.25
N ARG T 145 20.01 43.67 -26.82
CA ARG T 145 20.96 44.61 -26.23
C ARG T 145 20.31 45.59 -25.27
N GLU T 146 19.03 45.43 -24.97
CA GLU T 146 18.31 46.37 -24.12
C GLU T 146 18.20 45.86 -22.69
N PHE T 147 18.35 46.79 -21.73
CA PHE T 147 18.14 46.46 -20.33
C PHE T 147 16.66 46.22 -20.06
N VAL T 148 16.37 45.28 -19.18
CA VAL T 148 14.99 44.92 -18.87
C VAL T 148 14.80 44.83 -17.36
N PHE T 149 13.55 44.94 -16.94
CA PHE T 149 13.17 44.81 -15.54
C PHE T 149 12.73 43.39 -15.22
N CYS T 150 12.64 43.09 -13.93
CA CYS T 150 12.24 41.78 -13.45
C CYS T 150 10.91 41.89 -12.72
N ASN T 151 10.08 40.86 -12.88
CA ASN T 151 8.74 40.89 -12.30
C ASN T 151 8.81 40.71 -10.79
N LYS T 152 7.63 40.65 -10.16
CA LYS T 152 7.57 40.68 -8.70
C LYS T 152 8.22 39.46 -8.08
N THR T 153 7.95 38.26 -8.62
CA THR T 153 8.50 37.05 -8.04
C THR T 153 10.03 37.03 -8.14
N GLN T 154 10.57 37.43 -9.29
CA GLN T 154 12.02 37.50 -9.43
C GLN T 154 12.61 38.58 -8.53
N SER T 155 11.94 39.73 -8.45
CA SER T 155 12.43 40.80 -7.58
C SER T 155 12.36 40.38 -6.12
N LYS T 156 11.29 39.71 -5.71
CA LYS T 156 11.18 39.23 -4.34
C LYS T 156 12.20 38.14 -4.06
N LEU T 157 12.47 37.28 -5.04
CA LEU T 157 13.45 36.22 -4.85
C LEU T 157 14.84 36.77 -4.62
N LEU T 158 15.24 37.79 -5.38
CA LEU T 158 16.58 38.34 -5.27
C LEU T 158 16.76 39.18 -4.01
N ASP T 159 15.69 39.64 -3.38
CA ASP T 159 15.81 40.38 -2.14
C ASP T 159 16.10 39.46 -0.95
N LYS T 160 15.69 38.20 -1.02
CA LYS T 160 15.99 37.25 0.04
C LYS T 160 17.32 36.54 -0.16
N MET T 161 17.97 36.73 -1.30
CA MET T 161 19.28 36.13 -1.55
C MET T 161 20.43 37.08 -1.25
N THR T 162 20.17 38.36 -1.11
CA THR T 162 21.20 39.35 -0.82
C THR T 162 20.91 40.01 0.52
N THR T 163 21.97 40.47 1.18
CA THR T 163 21.85 41.07 2.50
C THR T 163 21.34 42.50 2.36
N SER T 164 21.34 43.23 3.47
CA SER T 164 20.79 44.58 3.51
C SER T 164 21.80 45.65 3.11
N PHE T 165 23.06 45.28 2.85
CA PHE T 165 24.04 46.27 2.40
C PHE T 165 23.75 46.77 1.01
N TRP T 166 23.19 45.91 0.15
CA TRP T 166 22.96 46.26 -1.25
C TRP T 166 21.65 46.98 -1.48
N LYS T 167 20.81 47.11 -0.45
CA LYS T 167 19.55 47.83 -0.56
C LYS T 167 19.66 49.27 -0.08
N ARG T 168 20.85 49.72 0.30
CA ARG T 168 21.03 51.06 0.84
C ARG T 168 20.91 52.11 -0.27
N ARG T 169 20.80 53.36 0.16
CA ARG T 169 20.75 54.49 -0.76
C ARG T 169 22.18 54.97 -1.04
N ASN T 170 22.58 54.95 -2.30
CA ASN T 170 23.92 55.33 -2.70
C ASN T 170 23.87 56.57 -3.58
N TRP T 171 24.78 57.50 -3.31
CA TRP T 171 24.91 58.74 -4.10
C TRP T 171 26.26 58.68 -4.80
N TYR T 172 26.29 58.05 -5.97
CA TYR T 172 27.53 57.97 -6.73
C TYR T 172 27.74 59.24 -7.53
N ALA T 173 29.01 59.55 -7.80
CA ALA T 173 29.35 60.68 -8.65
C ALA T 173 29.27 60.26 -10.11
N ASP T 174 28.55 61.04 -10.91
CA ASP T 174 28.36 60.77 -12.33
C ASP T 174 27.77 59.37 -12.57
N ASP T 175 26.71 59.06 -11.83
CA ASP T 175 26.05 57.77 -11.96
C ASP T 175 24.95 57.86 -13.00
N PRO T 176 25.02 57.10 -14.09
CA PRO T 176 23.95 57.16 -15.10
C PRO T 176 22.58 56.76 -14.56
N TYR T 177 22.52 55.84 -13.61
CA TYR T 177 21.26 55.35 -13.07
C TYR T 177 20.81 56.14 -11.83
N GLN T 178 21.51 57.23 -11.51
CA GLN T 178 21.18 57.99 -10.30
C GLN T 178 19.79 58.59 -10.38
N LYS T 179 19.35 58.98 -11.58
CA LYS T 179 18.02 59.56 -11.74
C LYS T 179 16.91 58.53 -11.75
N TYR T 180 17.24 57.24 -11.91
CA TYR T 180 16.24 56.18 -11.93
C TYR T 180 15.98 55.59 -10.55
N GLN T 181 16.66 56.09 -9.51
CA GLN T 181 16.57 55.46 -8.20
C GLN T 181 15.16 55.54 -7.62
N ASP T 182 14.50 56.69 -7.75
CA ASP T 182 13.21 56.90 -7.12
C ASP T 182 12.08 56.83 -8.14
N ARG T 183 10.96 56.28 -7.71
CA ARG T 183 9.76 56.20 -8.51
C ARG T 183 8.97 57.50 -8.43
N THR T 184 8.13 57.73 -9.44
CA THR T 184 7.38 58.97 -9.50
C THR T 184 6.06 58.76 -10.21
N ASN T 185 5.03 59.48 -9.77
CA ASN T 185 3.71 59.48 -10.40
C ASN T 185 3.16 58.06 -10.51
N LEU T 186 3.28 57.30 -9.42
CA LEU T 186 2.83 55.91 -9.38
C LEU T 186 1.52 55.87 -8.60
N LYS T 187 0.41 55.78 -9.33
CA LYS T 187 -0.93 55.73 -8.74
C LYS T 187 -1.35 54.27 -8.63
N VAL T 188 -1.11 53.67 -7.48
CA VAL T 188 -1.49 52.28 -7.24
C VAL T 188 -2.76 52.23 -6.39
N ALA U 61 55.78 -10.62 16.00
CA ALA U 61 56.96 -10.74 16.86
C ALA U 61 58.14 -11.29 16.07
N THR U 62 59.30 -10.67 16.26
CA THR U 62 60.51 -11.09 15.56
C THR U 62 60.98 -12.45 16.09
N SER U 63 61.28 -13.37 15.17
CA SER U 63 61.81 -14.67 15.51
C SER U 63 63.33 -14.68 15.36
N VAL U 64 63.93 -15.79 15.77
CA VAL U 64 65.38 -15.95 15.74
C VAL U 64 65.71 -17.11 14.82
N SER U 65 66.67 -16.89 13.91
CA SER U 65 67.09 -17.95 13.00
C SER U 65 67.87 -19.02 13.74
N TRP U 66 67.69 -20.27 13.33
CA TRP U 66 68.35 -21.40 13.97
C TRP U 66 69.84 -21.46 13.65
N LYS U 67 70.32 -20.67 12.69
CA LYS U 67 71.71 -20.72 12.26
C LYS U 67 72.59 -19.91 13.22
N SER U 68 72.74 -20.43 14.43
CA SER U 68 73.47 -19.74 15.47
C SER U 68 74.83 -20.36 15.77
N ARG U 69 75.12 -21.56 15.26
CA ARG U 69 76.39 -22.20 15.56
C ARG U 69 77.55 -21.43 14.93
N THR U 70 78.63 -21.27 15.69
CA THR U 70 79.79 -20.51 15.26
C THR U 70 80.98 -21.38 14.90
N LYS U 71 81.16 -22.51 15.58
CA LYS U 71 82.31 -23.38 15.35
C LYS U 71 81.92 -24.56 14.46
N TYR U 72 82.76 -24.85 13.48
CA TYR U 72 82.52 -25.98 12.59
C TYR U 72 82.62 -27.30 13.36
N THR U 73 81.73 -28.23 13.05
CA THR U 73 81.75 -29.55 13.66
C THR U 73 81.12 -30.55 12.70
N VAL U 74 81.73 -31.74 12.62
CA VAL U 74 81.29 -32.75 11.66
C VAL U 74 79.95 -33.34 12.07
N MET U 75 79.67 -33.39 13.37
CA MET U 75 78.45 -34.02 13.84
C MET U 75 77.22 -33.24 13.38
N PRO U 76 76.11 -33.93 13.13
CA PRO U 76 74.89 -33.23 12.70
C PRO U 76 74.41 -32.26 13.76
N VAL U 77 73.89 -31.13 13.29
CA VAL U 77 73.40 -30.06 14.17
C VAL U 77 71.88 -29.99 14.04
N LYS U 78 71.24 -29.50 15.10
CA LYS U 78 69.79 -29.41 15.11
C LYS U 78 69.32 -28.37 14.10
N MET U 79 68.12 -28.58 13.59
CA MET U 79 67.59 -27.76 12.51
C MET U 79 66.10 -27.53 12.72
N ARG U 80 65.65 -26.29 12.49
CA ARG U 80 64.24 -25.93 12.61
C ARG U 80 63.73 -25.49 11.26
N LYS U 81 62.57 -26.02 10.88
CA LYS U 81 61.95 -25.65 9.61
C LYS U 81 61.33 -24.26 9.71
N SER U 82 61.16 -23.63 8.54
CA SER U 82 60.58 -22.30 8.46
C SER U 82 59.13 -22.32 7.98
N GLY U 83 58.87 -22.99 6.86
CA GLY U 83 57.53 -23.05 6.32
C GLY U 83 57.15 -21.90 5.42
N GLY U 84 58.12 -21.14 4.93
CA GLY U 84 57.84 -19.97 4.11
C GLY U 84 57.61 -18.69 4.88
N ARG U 85 57.56 -18.75 6.22
CA ARG U 85 57.34 -17.56 7.02
C ARG U 85 58.66 -16.81 7.22
N ASN U 86 58.63 -15.51 6.97
CA ASN U 86 59.81 -14.67 7.19
C ASN U 86 59.93 -14.36 8.68
N HIS U 87 60.86 -13.49 9.04
CA HIS U 87 61.06 -13.16 10.45
C HIS U 87 59.85 -12.48 11.05
N THR U 88 59.09 -11.73 10.23
CA THR U 88 57.87 -11.11 10.72
C THR U 88 56.85 -12.15 11.15
N GLY U 89 56.63 -13.16 10.30
CA GLY U 89 55.68 -14.21 10.61
C GLY U 89 54.67 -14.46 9.50
N GLN U 90 54.79 -13.74 8.39
CA GLN U 90 53.87 -13.86 7.27
C GLN U 90 54.45 -14.78 6.20
N ILE U 91 53.54 -15.36 5.41
CA ILE U 91 53.97 -16.25 4.33
C ILE U 91 54.61 -15.41 3.22
N GLN U 92 55.80 -15.82 2.80
CA GLN U 92 56.48 -15.20 1.68
C GLN U 92 56.70 -16.16 0.52
N VAL U 93 56.99 -17.42 0.82
CA VAL U 93 57.13 -18.47 -0.20
C VAL U 93 56.09 -19.54 0.11
N HIS U 94 55.21 -19.81 -0.85
CA HIS U 94 54.13 -20.77 -0.65
C HIS U 94 54.58 -22.19 -0.98
N GLY U 95 53.79 -23.15 -0.52
CA GLY U 95 54.05 -24.54 -0.84
C GLY U 95 55.20 -25.17 -0.11
N ILE U 96 55.56 -24.65 1.07
CA ILE U 96 56.63 -25.19 1.88
C ILE U 96 56.12 -25.37 3.31
N GLY U 97 56.32 -26.55 3.87
CA GLY U 97 55.96 -26.82 5.24
C GLY U 97 55.51 -28.25 5.43
N GLY U 98 55.52 -28.68 6.69
CA GLY U 98 55.05 -30.01 7.04
C GLY U 98 55.89 -31.15 6.52
N GLY U 99 57.22 -31.04 6.61
CA GLY U 99 58.10 -32.09 6.16
C GLY U 99 58.64 -32.94 7.31
N HIS U 100 59.33 -34.00 6.95
CA HIS U 100 59.96 -34.86 7.94
C HIS U 100 61.11 -34.14 8.62
N LYS U 101 61.30 -34.40 9.91
CA LYS U 101 62.33 -33.72 10.67
C LYS U 101 63.72 -34.12 10.17
N GLN U 102 64.61 -33.13 10.09
CA GLN U 102 65.93 -33.33 9.50
C GLN U 102 67.00 -32.71 10.39
N ARG U 103 68.22 -33.23 10.25
CA ARG U 103 69.41 -32.67 10.88
C ARG U 103 70.37 -32.18 9.81
N TYR U 104 71.09 -31.10 10.11
CA TYR U 104 71.98 -30.47 9.14
C TYR U 104 73.43 -30.84 9.40
N ARG U 105 74.15 -31.17 8.34
CA ARG U 105 75.57 -31.45 8.40
C ARG U 105 76.35 -30.22 7.94
N MET U 106 77.35 -29.84 8.71
CA MET U 106 78.18 -28.68 8.38
C MET U 106 79.08 -29.03 7.21
N ILE U 107 78.80 -28.44 6.04
CA ILE U 107 79.51 -28.74 4.81
C ILE U 107 80.60 -27.71 4.59
N ASP U 108 81.83 -28.17 4.38
CA ASP U 108 82.96 -27.29 4.13
C ASP U 108 83.10 -27.10 2.62
N PHE U 109 82.68 -25.93 2.13
CA PHE U 109 82.71 -25.67 0.70
C PHE U 109 84.12 -25.40 0.20
N LEU U 110 84.92 -24.67 0.97
CA LEU U 110 86.28 -24.31 0.55
C LEU U 110 87.16 -25.56 0.57
N ARG U 111 87.49 -26.08 -0.62
CA ARG U 111 88.28 -27.30 -0.69
C ARG U 111 89.69 -27.09 -0.13
N PHE U 112 90.32 -25.97 -0.45
CA PHE U 112 91.68 -25.69 -0.02
C PHE U 112 91.65 -24.88 1.27
N ARG U 113 91.96 -25.55 2.38
CA ARG U 113 91.98 -24.89 3.69
C ARG U 113 92.98 -25.62 4.57
N PRO U 114 94.20 -25.12 4.68
CA PRO U 114 95.21 -25.78 5.52
C PRO U 114 94.84 -25.74 6.98
N GLU U 115 95.31 -26.76 7.71
CA GLU U 115 95.06 -26.80 9.16
C GLU U 115 95.73 -25.64 9.86
N HIS U 116 96.97 -25.33 9.49
CA HIS U 116 97.72 -24.23 10.08
C HIS U 116 98.35 -23.39 8.97
N GLU U 117 98.61 -22.13 9.28
CA GLU U 117 99.23 -21.23 8.32
C GLU U 117 100.75 -21.41 8.26
N SER U 118 101.32 -22.25 9.13
CA SER U 118 102.76 -22.48 9.10
C SER U 118 103.19 -23.15 7.80
N LYS U 119 102.39 -24.09 7.30
CA LYS U 119 102.70 -24.84 6.09
C LYS U 119 101.57 -24.65 5.08
N PRO U 120 101.66 -23.63 4.22
CA PRO U 120 100.60 -23.39 3.23
C PRO U 120 100.66 -24.30 2.02
N GLY U 121 101.48 -25.34 2.04
CA GLY U 121 101.65 -26.21 0.89
C GLY U 121 100.44 -27.09 0.65
N PRO U 122 100.40 -27.72 -0.53
CA PRO U 122 99.31 -28.65 -0.82
C PRO U 122 99.30 -29.83 0.15
N PHE U 123 98.11 -30.32 0.45
CA PHE U 123 97.92 -31.41 1.38
C PHE U 123 96.98 -32.45 0.78
N GLU U 124 97.11 -33.69 1.25
CA GLU U 124 96.34 -34.81 0.76
C GLU U 124 95.54 -35.42 1.90
N GLU U 125 94.28 -35.74 1.63
CA GLU U 125 93.37 -36.25 2.66
C GLU U 125 92.82 -37.61 2.24
N LYS U 126 92.14 -38.25 3.19
CA LYS U 126 91.60 -39.59 3.02
C LYS U 126 90.10 -39.58 3.23
N VAL U 127 89.39 -40.33 2.39
CA VAL U 127 87.94 -40.42 2.46
C VAL U 127 87.57 -41.59 3.36
N ILE U 128 86.68 -41.35 4.33
CA ILE U 128 86.30 -42.38 5.29
C ILE U 128 85.01 -43.06 4.86
N ALA U 129 83.96 -42.28 4.64
CA ALA U 129 82.66 -42.85 4.27
C ALA U 129 81.89 -41.84 3.44
N VAL U 130 80.94 -42.37 2.67
CA VAL U 130 80.04 -41.56 1.85
C VAL U 130 78.63 -41.76 2.40
N ARG U 131 77.98 -40.67 2.81
CA ARG U 131 76.68 -40.72 3.46
C ARG U 131 75.64 -40.01 2.60
N TYR U 132 74.40 -40.06 3.06
CA TYR U 132 73.27 -39.41 2.40
C TYR U 132 72.88 -38.18 3.19
N ASP U 133 72.82 -37.04 2.51
CA ASP U 133 72.50 -35.77 3.16
C ASP U 133 71.07 -35.38 2.84
N PRO U 134 70.17 -35.29 3.82
CA PRO U 134 68.77 -34.95 3.52
C PRO U 134 68.59 -33.56 2.93
N CYS U 135 69.46 -32.61 3.26
CA CYS U 135 69.26 -31.24 2.81
C CYS U 135 69.47 -31.10 1.31
N ARG U 136 70.68 -31.39 0.83
CA ARG U 136 70.99 -31.26 -0.58
C ARG U 136 70.63 -32.52 -1.35
N SER U 137 70.53 -32.37 -2.67
CA SER U 137 70.18 -33.47 -3.55
C SER U 137 71.35 -34.38 -3.89
N ALA U 138 72.56 -34.03 -3.46
CA ALA U 138 73.74 -34.82 -3.73
C ALA U 138 74.08 -35.68 -2.51
N ASP U 139 75.23 -36.36 -2.59
CA ASP U 139 75.73 -37.18 -1.51
C ASP U 139 77.04 -36.60 -1.00
N ILE U 140 77.16 -36.49 0.32
CA ILE U 140 78.34 -35.91 0.93
C ILE U 140 79.23 -37.03 1.43
N ALA U 141 80.52 -36.76 1.52
CA ALA U 141 81.51 -37.74 1.95
C ALA U 141 82.36 -37.16 3.08
N LEU U 142 82.62 -37.98 4.09
CA LEU U 142 83.44 -37.57 5.21
C LEU U 142 84.91 -37.70 4.83
N VAL U 143 85.68 -36.65 5.04
CA VAL U 143 87.08 -36.59 4.65
C VAL U 143 87.90 -36.12 5.84
N ALA U 144 88.94 -36.87 6.19
CA ALA U 144 89.77 -36.58 7.35
C ALA U 144 91.23 -36.44 6.92
N GLY U 145 91.91 -35.47 7.53
CA GLY U 145 93.32 -35.25 7.26
C GLY U 145 93.97 -34.42 8.35
N GLY U 146 95.15 -34.82 8.78
CA GLY U 146 95.82 -34.12 9.87
C GLY U 146 95.15 -34.35 11.21
N ASN U 147 94.47 -33.33 11.73
CA ASN U 147 93.79 -33.43 13.01
C ASN U 147 92.34 -32.93 12.92
N ARG U 148 91.75 -32.91 11.73
CA ARG U 148 90.39 -32.43 11.56
C ARG U 148 89.68 -33.25 10.49
N LYS U 149 88.35 -33.24 10.55
CA LYS U 149 87.50 -33.91 9.57
C LYS U 149 86.59 -32.88 8.93
N ARG U 150 86.17 -33.17 7.69
CA ARG U 150 85.35 -32.25 6.92
C ARG U 150 84.30 -33.02 6.14
N TRP U 151 83.12 -32.41 6.00
CA TRP U 151 82.09 -32.92 5.10
C TRP U 151 82.19 -32.17 3.78
N ILE U 152 82.57 -32.86 2.71
CA ILE U 152 82.64 -32.25 1.39
C ILE U 152 81.77 -33.06 0.44
N ILE U 153 81.37 -32.41 -0.66
CA ILE U 153 80.48 -33.04 -1.61
C ILE U 153 81.24 -34.10 -2.40
N ALA U 154 80.70 -35.32 -2.43
CA ALA U 154 81.34 -36.43 -3.10
C ALA U 154 81.03 -36.41 -4.59
N THR U 155 82.02 -36.79 -5.40
CA THR U 155 81.85 -36.83 -6.84
C THR U 155 81.18 -38.15 -7.24
N GLU U 156 81.17 -38.45 -8.54
CA GLU U 156 80.32 -39.52 -9.07
C GLU U 156 80.66 -40.88 -8.44
N ASN U 157 81.94 -41.20 -8.32
CA ASN U 157 82.38 -42.53 -7.90
C ASN U 157 83.40 -42.44 -6.77
N MET U 158 83.11 -41.63 -5.76
CA MET U 158 83.92 -41.59 -4.55
C MET U 158 83.41 -42.64 -3.58
N LYS U 159 84.33 -43.44 -3.03
CA LYS U 159 83.99 -44.53 -2.13
C LYS U 159 84.85 -44.44 -0.88
N ALA U 160 84.64 -45.37 0.02
CA ALA U 160 85.41 -45.42 1.26
C ALA U 160 86.84 -45.86 1.00
N GLY U 161 87.74 -45.45 1.89
CA GLY U 161 89.14 -45.83 1.78
C GLY U 161 89.81 -45.29 0.54
N ASP U 162 89.56 -44.02 0.23
CA ASP U 162 90.11 -43.36 -0.95
C ASP U 162 90.87 -42.12 -0.52
N THR U 163 91.84 -41.73 -1.34
CA THR U 163 92.72 -40.61 -1.05
C THR U 163 92.44 -39.47 -2.03
N VAL U 164 92.28 -38.26 -1.49
CA VAL U 164 91.95 -37.08 -2.28
C VAL U 164 93.03 -36.04 -2.08
N LEU U 165 93.51 -35.46 -3.17
CA LEU U 165 94.58 -34.46 -3.14
C LEU U 165 94.00 -33.08 -3.37
N ASN U 166 94.36 -32.14 -2.49
CA ASN U 166 93.98 -30.74 -2.63
C ASN U 166 95.23 -29.91 -2.84
N SER U 167 95.24 -29.09 -3.90
CA SER U 167 96.41 -28.31 -4.24
C SER U 167 96.00 -27.02 -4.91
N ASP U 168 96.91 -26.04 -4.87
CA ASP U 168 96.69 -24.74 -5.48
C ASP U 168 97.85 -24.27 -6.33
N HIS U 169 98.93 -25.05 -6.44
CA HIS U 169 100.12 -24.63 -7.18
C HIS U 169 99.83 -24.65 -8.67
N ILE U 170 99.78 -23.48 -9.29
CA ILE U 170 99.52 -23.37 -10.72
C ILE U 170 100.81 -23.67 -11.48
N GLY U 171 100.87 -24.84 -12.12
CA GLY U 171 102.04 -25.26 -12.85
C GLY U 171 101.91 -24.91 -14.32
N ARG U 172 103.04 -24.78 -14.99
CA ARG U 172 103.02 -24.29 -16.38
C ARG U 172 102.43 -25.33 -17.32
N MET U 173 103.01 -26.54 -17.37
CA MET U 173 102.61 -27.56 -18.32
C MET U 173 101.19 -28.06 -18.08
N ALA U 174 100.96 -28.81 -17.01
CA ALA U 174 99.65 -29.38 -16.72
C ALA U 174 99.71 -30.12 -15.38
N VAL U 175 98.56 -30.66 -14.98
CA VAL U 175 98.46 -31.65 -13.91
C VAL U 175 97.39 -32.66 -14.31
N ALA U 176 97.66 -33.94 -14.09
CA ALA U 176 96.69 -34.99 -14.43
C ALA U 176 95.41 -34.81 -13.62
N ALA U 177 94.28 -34.90 -14.30
CA ALA U 177 92.98 -34.67 -13.67
C ALA U 177 92.46 -35.99 -13.12
N ARG U 178 92.37 -36.10 -11.79
CA ARG U 178 91.79 -37.26 -11.16
C ARG U 178 90.33 -36.97 -10.83
N GLU U 179 89.62 -38.01 -10.35
CA GLU U 179 88.18 -37.90 -10.13
C GLU U 179 87.83 -37.16 -8.84
N GLY U 180 88.78 -36.94 -7.95
CA GLY U 180 88.49 -36.29 -6.68
C GLY U 180 89.33 -35.08 -6.38
N ASP U 181 90.46 -34.94 -7.08
CA ASP U 181 91.39 -33.86 -6.79
C ASP U 181 90.78 -32.49 -7.06
N ALA U 182 91.18 -31.52 -6.25
CA ALA U 182 90.78 -30.13 -6.43
C ALA U 182 92.01 -29.32 -6.78
N HIS U 183 91.99 -28.71 -7.96
CA HIS U 183 93.11 -27.93 -8.46
C HIS U 183 92.61 -26.59 -8.99
N PRO U 184 93.47 -25.57 -9.02
CA PRO U 184 93.07 -24.29 -9.61
C PRO U 184 92.80 -24.45 -11.10
N LEU U 185 91.92 -23.60 -11.61
CA LEU U 185 91.53 -23.69 -13.02
C LEU U 185 92.69 -23.38 -13.96
N GLY U 186 93.77 -22.78 -13.47
CA GLY U 186 94.92 -22.51 -14.31
C GLY U 186 95.76 -23.72 -14.64
N ALA U 187 95.68 -24.78 -13.83
CA ALA U 187 96.46 -25.98 -14.05
C ALA U 187 95.66 -27.12 -14.67
N LEU U 188 94.36 -26.96 -14.79
CA LEU U 188 93.59 -28.08 -15.33
C LEU U 188 93.66 -28.11 -16.85
N PRO U 189 93.52 -29.29 -17.45
CA PRO U 189 93.48 -29.36 -18.92
C PRO U 189 92.25 -28.66 -19.47
N VAL U 190 92.31 -28.38 -20.78
CA VAL U 190 91.22 -27.65 -21.43
C VAL U 190 89.92 -28.43 -21.35
N GLY U 191 89.97 -29.71 -21.72
CA GLY U 191 88.78 -30.54 -21.70
C GLY U 191 88.56 -31.26 -20.39
N THR U 192 88.19 -30.52 -19.34
CA THR U 192 88.00 -31.08 -18.02
C THR U 192 86.59 -30.78 -17.51
N LEU U 193 85.94 -31.79 -16.94
CA LEU U 193 84.65 -31.61 -16.29
C LEU U 193 84.86 -31.22 -14.83
N ILE U 194 84.22 -30.14 -14.40
CA ILE U 194 84.45 -29.58 -13.08
C ILE U 194 83.13 -29.32 -12.37
N ASN U 195 83.21 -29.21 -11.05
CA ASN U 195 82.08 -28.85 -10.20
C ASN U 195 82.62 -28.13 -8.98
N ASN U 196 81.71 -27.54 -8.21
CA ASN U 196 82.05 -26.70 -7.06
C ASN U 196 82.95 -25.55 -7.49
N VAL U 197 82.42 -24.71 -8.36
CA VAL U 197 83.17 -23.62 -8.96
C VAL U 197 83.29 -22.47 -7.96
N GLU U 198 84.51 -21.98 -7.78
CA GLU U 198 84.78 -20.85 -6.91
C GLU U 198 84.75 -19.56 -7.74
N SER U 199 83.79 -18.68 -7.44
CA SER U 199 83.59 -17.49 -8.27
C SER U 199 84.74 -16.51 -8.13
N GLU U 200 85.27 -16.35 -6.92
CA GLU U 200 86.38 -15.43 -6.68
C GLU U 200 87.40 -16.11 -5.78
N PRO U 201 88.68 -15.76 -5.90
CA PRO U 201 89.71 -16.41 -5.09
C PRO U 201 89.48 -16.29 -3.59
N GLY U 202 89.29 -17.43 -2.93
CA GLY U 202 89.05 -17.44 -1.50
C GLY U 202 87.61 -17.28 -1.09
N ARG U 203 86.69 -17.05 -2.03
CA ARG U 203 85.29 -16.85 -1.67
C ARG U 203 84.64 -18.18 -1.30
N GLY U 204 84.93 -19.25 -2.02
CA GLY U 204 84.36 -20.55 -1.77
C GLY U 204 83.47 -21.00 -2.91
N ALA U 205 83.17 -22.30 -2.88
CA ALA U 205 82.36 -22.91 -3.93
C ALA U 205 80.90 -22.48 -3.80
N GLN U 206 80.34 -21.99 -4.90
CA GLN U 206 78.95 -21.55 -4.91
C GLN U 206 78.15 -22.21 -6.03
N TYR U 207 78.81 -22.46 -7.16
CA TYR U 207 78.14 -22.92 -8.36
C TYR U 207 78.40 -24.41 -8.60
N ILE U 208 77.46 -25.04 -9.30
CA ILE U 208 77.55 -26.44 -9.70
C ILE U 208 77.72 -27.33 -8.47
N ARG U 209 76.64 -27.52 -7.71
CA ARG U 209 76.65 -28.43 -6.58
C ARG U 209 75.49 -29.42 -6.57
N ALA U 210 74.52 -29.30 -7.48
CA ALA U 210 73.40 -30.22 -7.49
C ALA U 210 73.83 -31.60 -7.97
N ALA U 211 72.93 -32.56 -7.82
CA ALA U 211 73.24 -33.95 -8.17
C ALA U 211 73.38 -34.09 -9.68
N GLY U 212 74.51 -34.65 -10.12
CA GLY U 212 74.73 -34.94 -11.52
C GLY U 212 75.09 -33.76 -12.38
N THR U 213 75.32 -32.58 -11.81
CA THR U 213 75.64 -31.39 -12.58
C THR U 213 77.14 -31.21 -12.67
N CYS U 214 77.64 -31.04 -13.89
CA CYS U 214 79.07 -30.87 -14.12
C CYS U 214 79.30 -29.81 -15.18
N GLY U 215 80.21 -28.89 -14.91
CA GLY U 215 80.62 -27.89 -15.87
C GLY U 215 81.91 -28.29 -16.56
N VAL U 216 82.11 -27.75 -17.75
CA VAL U 216 83.24 -28.10 -18.60
C VAL U 216 84.07 -26.84 -18.86
N LEU U 217 85.36 -26.92 -18.61
CA LEU U 217 86.27 -25.82 -18.92
C LEU U 217 86.37 -25.65 -20.43
N LEU U 218 86.41 -24.39 -20.88
CA LEU U 218 86.42 -24.09 -22.31
C LEU U 218 87.79 -23.64 -22.80
N ARG U 219 88.36 -22.59 -22.22
CA ARG U 219 89.64 -22.08 -22.67
C ARG U 219 90.24 -21.18 -21.59
N LYS U 220 91.55 -20.97 -21.69
CA LYS U 220 92.28 -20.11 -20.75
C LYS U 220 93.03 -19.08 -21.58
N VAL U 221 92.64 -17.81 -21.46
CA VAL U 221 93.20 -16.73 -22.24
C VAL U 221 93.68 -15.63 -21.30
N ASN U 222 94.83 -15.05 -21.62
CA ASN U 222 95.46 -13.95 -20.87
C ASN U 222 95.35 -14.15 -19.36
N GLY U 223 95.67 -15.36 -18.93
CA GLY U 223 95.59 -15.68 -17.50
C GLY U 223 94.19 -15.61 -16.94
N THR U 224 93.20 -16.12 -17.67
CA THR U 224 91.82 -16.11 -17.22
C THR U 224 91.10 -17.31 -17.84
N ALA U 225 90.33 -18.03 -17.03
CA ALA U 225 89.64 -19.23 -17.47
C ALA U 225 88.17 -18.95 -17.72
N ILE U 226 87.62 -19.64 -18.72
CA ILE U 226 86.21 -19.54 -19.08
C ILE U 226 85.60 -20.92 -19.00
N ILE U 227 84.50 -21.03 -18.24
CA ILE U 227 83.84 -22.31 -18.00
C ILE U 227 82.41 -22.24 -18.52
N GLN U 228 81.81 -23.42 -18.69
CA GLN U 228 80.42 -23.55 -19.11
C GLN U 228 79.60 -24.10 -17.95
N LEU U 229 78.63 -23.31 -17.49
CA LEU U 229 77.76 -23.74 -16.41
C LEU U 229 76.76 -24.77 -16.90
N PRO U 230 76.14 -25.52 -15.99
CA PRO U 230 75.11 -26.49 -16.43
C PRO U 230 73.96 -25.86 -17.18
N SER U 231 73.68 -24.58 -16.95
CA SER U 231 72.65 -23.87 -17.71
C SER U 231 73.13 -23.46 -19.10
N LYS U 232 74.25 -24.00 -19.56
CA LYS U 232 74.81 -23.69 -20.87
C LYS U 232 75.08 -22.20 -21.03
N ARG U 233 75.50 -21.55 -19.95
CA ARG U 233 75.89 -20.14 -19.96
C ARG U 233 77.36 -20.03 -19.62
N GLN U 234 78.12 -19.34 -20.48
CA GLN U 234 79.54 -19.20 -20.27
C GLN U 234 79.83 -18.23 -19.13
N MET U 235 80.82 -18.57 -18.31
CA MET U 235 81.19 -17.77 -17.15
C MET U 235 82.70 -17.58 -17.16
N GLN U 236 83.15 -16.35 -16.92
CA GLN U 236 84.56 -16.00 -16.90
C GLN U 236 85.02 -15.81 -15.45
N VAL U 237 86.15 -16.40 -15.11
CA VAL U 237 86.66 -16.39 -13.74
C VAL U 237 88.18 -16.48 -13.78
N LEU U 238 88.81 -15.89 -12.76
CA LEU U 238 90.26 -15.94 -12.65
C LEU U 238 90.73 -17.39 -12.52
N GLU U 239 91.88 -17.69 -13.12
CA GLU U 239 92.37 -19.05 -13.19
C GLU U 239 92.87 -19.58 -11.85
N THR U 240 93.06 -18.72 -10.86
CA THR U 240 93.56 -19.14 -9.56
C THR U 240 92.49 -19.68 -8.63
N CYS U 241 91.23 -19.65 -9.04
CA CYS U 241 90.15 -20.19 -8.22
C CYS U 241 90.20 -21.71 -8.20
N ILE U 242 89.89 -22.29 -7.05
CA ILE U 242 89.95 -23.73 -6.87
C ILE U 242 88.67 -24.37 -7.39
N ALA U 243 88.80 -25.49 -8.08
CA ALA U 243 87.65 -26.25 -8.57
C ALA U 243 87.93 -27.73 -8.44
N THR U 244 86.86 -28.52 -8.42
CA THR U 244 86.93 -29.96 -8.24
C THR U 244 86.60 -30.66 -9.55
N VAL U 245 87.40 -31.67 -9.90
CA VAL U 245 87.27 -32.39 -11.15
C VAL U 245 86.32 -33.57 -10.95
N GLY U 246 85.36 -33.71 -11.85
CA GLY U 246 84.43 -34.81 -11.83
C GLY U 246 82.99 -34.35 -11.87
N ARG U 247 82.08 -35.31 -11.76
CA ARG U 247 80.65 -35.06 -11.74
C ARG U 247 80.09 -35.38 -10.36
N VAL U 248 79.12 -34.56 -9.92
CA VAL U 248 78.57 -34.72 -8.58
C VAL U 248 77.84 -36.06 -8.46
N SER U 249 77.86 -36.64 -7.26
CA SER U 249 77.33 -37.97 -7.03
C SER U 249 75.81 -38.00 -7.20
N ASN U 250 75.25 -39.19 -7.04
CA ASN U 250 73.81 -39.45 -7.21
C ASN U 250 73.34 -38.98 -8.60
N VAL U 251 73.89 -39.65 -9.63
CA VAL U 251 73.66 -39.23 -11.01
C VAL U 251 72.18 -39.37 -11.39
N ASP U 252 71.50 -40.40 -10.90
CA ASP U 252 70.13 -40.68 -11.31
C ASP U 252 69.10 -40.05 -10.39
N HIS U 253 69.42 -38.90 -9.79
CA HIS U 253 68.43 -38.17 -9.03
C HIS U 253 67.32 -37.62 -9.92
N ASN U 254 67.66 -37.31 -11.18
CA ASN U 254 66.66 -36.81 -12.11
C ASN U 254 65.68 -37.91 -12.52
N LYS U 255 66.16 -39.15 -12.61
CA LYS U 255 65.33 -40.27 -13.02
C LYS U 255 64.49 -40.85 -11.88
N ARG U 256 64.64 -40.35 -10.67
CA ARG U 256 63.83 -40.81 -9.55
C ARG U 256 62.36 -40.45 -9.79
N VAL U 257 61.48 -41.40 -9.49
CA VAL U 257 60.04 -41.24 -9.69
C VAL U 257 59.35 -41.24 -8.33
N ILE U 258 58.48 -40.25 -8.12
CA ILE U 258 57.70 -40.14 -6.90
C ILE U 258 56.40 -40.91 -7.10
N GLY U 259 56.17 -41.93 -6.26
CA GLY U 259 55.07 -42.85 -6.51
C GLY U 259 53.70 -42.35 -6.11
N LYS U 260 53.61 -41.39 -5.20
CA LYS U 260 52.32 -40.96 -4.68
C LYS U 260 52.43 -39.52 -4.19
N ALA U 261 51.27 -38.93 -3.93
CA ALA U 261 51.24 -37.55 -3.43
C ALA U 261 51.86 -37.45 -2.04
N GLY U 262 51.78 -38.52 -1.25
CA GLY U 262 52.33 -38.47 0.09
C GLY U 262 53.83 -38.26 0.12
N ARG U 263 54.55 -38.81 -0.85
CA ARG U 263 55.99 -38.69 -0.86
C ARG U 263 56.42 -37.23 -1.04
N ASN U 264 55.62 -36.43 -1.74
CA ASN U 264 55.89 -34.99 -1.79
C ASN U 264 55.77 -34.36 -0.41
N ARG U 265 54.76 -34.78 0.37
CA ARG U 265 54.58 -34.23 1.70
C ARG U 265 55.74 -34.63 2.62
N TRP U 266 56.27 -35.83 2.45
CA TRP U 266 57.43 -36.25 3.26
C TRP U 266 58.63 -35.36 2.98
N LEU U 267 58.86 -35.03 1.71
CA LEU U 267 59.98 -34.15 1.36
C LEU U 267 59.80 -32.75 1.93
N GLY U 268 58.56 -32.30 2.09
CA GLY U 268 58.27 -31.00 2.64
C GLY U 268 57.60 -30.00 1.72
N LYS U 269 56.91 -30.46 0.68
CA LYS U 269 56.23 -29.58 -0.25
C LYS U 269 54.73 -29.66 -0.05
N ARG U 270 54.10 -28.52 0.23
CA ARG U 270 52.65 -28.50 0.37
C ARG U 270 51.97 -28.40 -1.00
N PRO U 271 50.75 -28.89 -1.13
CA PRO U 271 50.08 -28.87 -2.43
C PRO U 271 49.77 -27.45 -2.90
N ASN U 272 49.69 -27.30 -4.21
CA ASN U 272 49.44 -26.00 -4.82
C ASN U 272 48.01 -25.55 -4.56
N SER U 273 47.78 -24.24 -4.71
CA SER U 273 46.46 -23.68 -4.50
C SER U 273 45.52 -24.08 -5.64
N GLY U 274 44.23 -24.13 -5.31
CA GLY U 274 43.22 -24.54 -6.27
C GLY U 274 42.61 -23.45 -7.11
N LEU U 275 43.12 -22.22 -7.01
CA LEU U 275 42.57 -21.13 -7.81
C LEU U 275 42.93 -21.33 -9.28
N TRP U 276 41.95 -21.15 -10.16
CA TRP U 276 42.15 -21.33 -11.59
C TRP U 276 42.51 -19.98 -12.20
N GLN U 277 43.76 -19.85 -12.65
CA GLN U 277 44.26 -18.61 -13.23
C GLN U 277 44.41 -18.79 -14.74
N ARG U 278 43.77 -17.91 -15.50
CA ARG U 278 43.93 -17.94 -16.95
C ARG U 278 45.34 -17.52 -17.34
N LYS U 279 45.90 -18.23 -18.31
CA LYS U 279 47.26 -17.93 -18.76
C LYS U 279 47.30 -16.57 -19.44
N GLY U 280 48.36 -15.81 -19.17
CA GLY U 280 48.58 -14.52 -19.77
C GLY U 280 49.50 -14.59 -20.97
N GLY U 281 50.11 -13.45 -21.28
CA GLY U 281 51.06 -13.40 -22.38
C GLY U 281 52.43 -13.98 -22.07
N TRP U 282 52.74 -14.19 -20.80
CA TRP U 282 54.04 -14.74 -20.44
C TRP U 282 54.21 -16.17 -20.91
N ALA U 283 53.12 -16.93 -21.00
CA ALA U 283 53.19 -18.33 -21.38
C ALA U 283 53.45 -18.47 -22.88
N GLY U 284 53.74 -19.69 -23.29
CA GLY U 284 54.09 -19.98 -24.66
C GLY U 284 55.58 -20.23 -24.81
N ARG U 285 55.92 -21.09 -25.77
CA ARG U 285 57.32 -21.49 -25.97
C ARG U 285 58.12 -20.29 -26.44
N LYS U 286 59.04 -19.82 -25.59
CA LYS U 286 59.85 -18.64 -25.88
C LYS U 286 61.23 -19.07 -26.34
N ILE U 287 61.64 -18.58 -27.52
CA ILE U 287 62.97 -18.81 -28.05
C ILE U 287 63.76 -17.51 -27.89
N ARG U 288 64.82 -17.55 -27.08
CA ARG U 288 65.59 -16.37 -26.75
C ARG U 288 67.08 -16.65 -26.94
N PRO U 289 67.83 -15.70 -27.51
CA PRO U 289 69.27 -15.89 -27.66
C PRO U 289 69.96 -16.01 -26.31
N LEU U 290 71.06 -16.75 -26.30
CA LEU U 290 71.81 -16.97 -25.07
C LEU U 290 72.35 -15.64 -24.55
N PRO U 291 72.21 -15.35 -23.26
CA PRO U 291 72.74 -14.10 -22.71
C PRO U 291 74.26 -14.08 -22.78
N PRO U 292 74.86 -12.90 -22.81
CA PRO U 292 76.32 -12.81 -22.94
C PRO U 292 77.04 -13.37 -21.73
N MET U 293 78.33 -13.62 -21.91
CA MET U 293 79.14 -14.25 -20.87
C MET U 293 79.20 -13.37 -19.62
N LYS U 294 79.04 -14.00 -18.46
CA LYS U 294 79.13 -13.32 -17.18
C LYS U 294 80.57 -13.40 -16.69
N SER U 295 81.20 -12.25 -16.48
CA SER U 295 82.60 -12.17 -16.10
C SER U 295 82.72 -11.53 -14.72
N TYR U 296 83.48 -12.19 -13.84
CA TYR U 296 83.77 -11.67 -12.51
C TYR U 296 85.17 -11.08 -12.41
N VAL U 297 85.86 -10.92 -13.53
CA VAL U 297 87.19 -10.34 -13.56
C VAL U 297 87.05 -8.83 -13.66
N LYS U 298 87.61 -8.11 -12.68
CA LYS U 298 87.53 -6.64 -12.66
C LYS U 298 88.68 -6.08 -13.48
N LEU U 299 88.35 -5.51 -14.63
CA LEU U 299 89.36 -4.92 -15.50
C LEU U 299 89.76 -3.55 -14.96
N PRO U 300 91.05 -3.31 -14.65
CA PRO U 300 91.49 -2.02 -14.13
C PRO U 300 91.48 -0.92 -15.20
N HIS V 93 -30.91 -30.87 55.06
CA HIS V 93 -30.54 -32.13 55.69
C HIS V 93 -29.65 -32.97 54.79
N GLY V 94 -28.34 -32.94 55.07
CA GLY V 94 -27.39 -33.70 54.28
C GLY V 94 -27.37 -35.17 54.66
N LYS V 95 -28.43 -35.90 54.29
CA LYS V 95 -28.53 -37.30 54.64
C LYS V 95 -27.47 -38.12 53.92
N SER V 96 -26.84 -39.04 54.65
CA SER V 96 -25.78 -39.85 54.09
C SER V 96 -26.34 -40.90 53.14
N VAL V 97 -25.50 -41.34 52.22
CA VAL V 97 -25.87 -42.37 51.26
C VAL V 97 -25.93 -43.71 51.97
N THR V 98 -26.81 -44.59 51.50
CA THR V 98 -27.01 -45.89 52.12
C THR V 98 -27.25 -46.93 51.04
N TRP V 99 -27.04 -48.19 51.43
CA TRP V 99 -27.32 -49.33 50.57
C TRP V 99 -27.94 -50.43 51.43
N TRP V 100 -28.46 -51.46 50.76
CA TRP V 100 -29.27 -52.46 51.46
C TRP V 100 -28.48 -53.22 52.52
N ASP V 101 -27.18 -53.38 52.31
CA ASP V 101 -26.34 -54.19 53.19
C ASP V 101 -25.65 -53.38 54.27
N GLU V 102 -25.98 -52.08 54.39
CA GLU V 102 -25.28 -51.22 55.33
C GLU V 102 -25.62 -51.57 56.77
N HIS V 103 -26.90 -51.59 57.11
CA HIS V 103 -27.34 -51.75 58.49
C HIS V 103 -27.73 -53.18 58.84
N LEU V 104 -27.58 -54.12 57.92
CA LEU V 104 -27.96 -55.50 58.18
C LEU V 104 -26.88 -56.21 58.98
N SER V 105 -27.30 -56.95 60.01
CA SER V 105 -26.37 -57.69 60.85
C SER V 105 -25.97 -59.00 60.17
N GLU V 106 -24.86 -59.57 60.65
CA GLU V 106 -24.35 -60.81 60.07
C GLU V 106 -25.33 -61.97 60.23
N GLU V 107 -26.22 -61.92 61.22
CA GLU V 107 -27.19 -62.99 61.43
C GLU V 107 -28.46 -62.79 60.62
N ASN V 108 -28.61 -61.64 59.95
CA ASN V 108 -29.79 -61.36 59.15
C ASN V 108 -29.52 -61.22 57.66
N VAL V 109 -28.27 -61.03 57.25
CA VAL V 109 -27.96 -60.98 55.81
C VAL V 109 -28.35 -62.26 55.10
N PRO V 110 -27.99 -63.46 55.59
CA PRO V 110 -28.52 -64.68 54.94
C PRO V 110 -30.03 -64.78 54.98
N PHE V 111 -30.67 -64.24 56.02
CA PHE V 111 -32.12 -64.33 56.14
C PHE V 111 -32.81 -63.50 55.06
N VAL V 112 -32.35 -62.28 54.84
CA VAL V 112 -32.99 -61.41 53.85
C VAL V 112 -32.85 -62.00 52.45
N LYS V 113 -31.68 -62.58 52.14
CA LYS V 113 -31.50 -63.21 50.85
C LYS V 113 -32.47 -64.37 50.66
N GLN V 114 -32.68 -65.17 51.70
CA GLN V 114 -33.68 -66.24 51.63
C GLN V 114 -35.08 -65.66 51.47
N LEU V 115 -35.36 -64.55 52.14
CA LEU V 115 -36.69 -63.97 52.11
C LEU V 115 -37.08 -63.54 50.69
N VAL V 116 -36.18 -62.82 50.00
CA VAL V 116 -36.49 -62.36 48.66
C VAL V 116 -36.46 -63.53 47.67
N SER V 117 -35.56 -64.49 47.88
CA SER V 117 -35.46 -65.63 46.96
C SER V 117 -36.73 -66.47 46.97
N ASP V 118 -37.29 -66.71 48.15
CA ASP V 118 -38.51 -67.50 48.24
C ASP V 118 -39.69 -66.76 47.60
N GLU V 119 -39.72 -65.43 47.69
CA GLU V 119 -40.79 -64.67 47.06
C GLU V 119 -40.75 -64.80 45.54
N ASN V 120 -39.55 -64.79 44.95
CA ASN V 120 -39.44 -64.87 43.49
C ASN V 120 -39.99 -66.19 42.97
N LYS V 121 -39.63 -67.29 43.61
CA LYS V 121 -40.08 -68.61 43.14
C LYS V 121 -41.59 -68.73 43.28
N ALA V 122 -42.16 -68.22 44.37
CA ALA V 122 -43.61 -68.26 44.53
C ALA V 122 -44.31 -67.42 43.47
N GLN V 123 -43.77 -66.24 43.18
CA GLN V 123 -44.41 -65.37 42.19
C GLN V 123 -44.28 -65.94 40.79
N LEU V 124 -43.10 -66.46 40.43
CA LEU V 124 -42.91 -66.99 39.09
C LEU V 124 -43.76 -68.24 38.86
N ALA V 125 -43.87 -69.11 39.86
CA ALA V 125 -44.62 -70.34 39.72
C ALA V 125 -46.12 -70.14 39.79
N SER V 126 -46.58 -68.97 40.21
CA SER V 126 -48.01 -68.68 40.26
C SER V 126 -48.54 -68.12 38.95
N LYS V 127 -47.67 -67.82 37.98
CA LYS V 127 -48.07 -67.30 36.68
C LYS V 127 -48.06 -68.37 35.60
N LEU V 128 -47.86 -69.64 35.96
CA LEU V 128 -47.72 -70.70 34.98
C LEU V 128 -49.06 -71.25 34.50
N CYS V 129 -50.16 -70.53 34.70
CA CYS V 129 -51.48 -70.94 34.25
C CYS V 129 -52.15 -69.78 33.52
N PRO V 130 -51.64 -69.42 32.33
CA PRO V 130 -52.23 -68.30 31.60
C PRO V 130 -53.69 -68.51 31.20
N LEU V 131 -54.08 -69.75 30.91
CA LEU V 131 -55.44 -70.04 30.49
C LEU V 131 -56.35 -70.44 31.65
N LYS V 132 -55.86 -70.42 32.88
CA LYS V 132 -56.65 -70.75 34.05
C LYS V 132 -56.89 -69.57 34.96
N ASP V 133 -56.41 -68.38 34.61
CA ASP V 133 -56.53 -67.18 35.42
C ASP V 133 -57.30 -66.09 34.66
N GLU V 134 -58.36 -66.50 33.96
CA GLU V 134 -59.25 -65.60 33.22
C GLU V 134 -58.48 -64.76 32.21
N PRO V 135 -57.98 -65.36 31.14
CA PRO V 135 -57.25 -64.59 30.13
C PRO V 135 -58.19 -63.82 29.22
N TRP V 136 -57.60 -62.89 28.47
CA TRP V 136 -58.36 -62.11 27.51
C TRP V 136 -58.82 -63.00 26.36
N PRO V 137 -59.90 -62.64 25.68
CA PRO V 137 -60.41 -63.48 24.59
C PRO V 137 -59.39 -63.61 23.47
N ILE V 138 -59.41 -64.78 22.82
CA ILE V 138 -58.49 -65.12 21.75
C ILE V 138 -59.24 -65.08 20.43
N HIS V 139 -58.69 -64.36 19.45
CA HIS V 139 -59.32 -64.22 18.16
C HIS V 139 -58.59 -65.05 17.10
N PRO V 140 -59.31 -65.51 16.07
CA PRO V 140 -58.65 -66.27 15.00
C PRO V 140 -57.74 -65.39 14.17
N TRP V 141 -56.79 -66.03 13.51
CA TRP V 141 -55.80 -65.31 12.71
C TRP V 141 -56.47 -64.58 11.56
N GLU V 142 -55.95 -63.40 11.25
CA GLU V 142 -56.43 -62.58 10.15
C GLU V 142 -55.24 -62.07 9.34
N PRO V 143 -55.46 -61.77 8.05
CA PRO V 143 -54.36 -61.23 7.23
C PRO V 143 -53.87 -59.91 7.77
N GLY V 144 -52.56 -59.70 7.69
CA GLY V 144 -51.96 -58.46 8.16
C GLY V 144 -51.80 -58.34 9.65
N SER V 145 -51.90 -59.45 10.38
CA SER V 145 -51.77 -59.43 11.83
C SER V 145 -50.32 -59.62 12.24
N SER V 146 -49.95 -59.00 13.35
CA SER V 146 -48.60 -59.09 13.91
C SER V 146 -48.65 -59.72 15.28
N ARG V 147 -47.68 -60.57 15.56
CA ARG V 147 -47.59 -61.29 16.82
C ARG V 147 -46.66 -60.57 17.78
N VAL V 148 -46.45 -61.18 18.95
CA VAL V 148 -45.64 -60.60 20.01
C VAL V 148 -44.29 -61.30 20.03
N GLY V 149 -43.22 -60.52 20.13
CA GLY V 149 -41.88 -61.07 20.21
C GLY V 149 -41.49 -61.44 21.62
N LEU V 150 -40.22 -61.80 21.78
CA LEU V 150 -39.67 -62.22 23.06
C LEU V 150 -38.39 -61.44 23.35
N ILE V 151 -37.88 -61.62 24.56
CA ILE V 151 -36.57 -61.12 24.96
C ILE V 151 -35.74 -62.31 25.40
N ALA V 152 -34.63 -62.55 24.70
CA ALA V 152 -33.81 -63.73 24.91
C ALA V 152 -32.37 -63.34 25.20
N LEU V 153 -31.59 -64.33 25.62
CA LEU V 153 -30.20 -64.15 26.00
C LEU V 153 -29.31 -64.91 25.03
N LYS V 154 -28.27 -64.25 24.52
CA LYS V 154 -27.40 -64.84 23.51
C LYS V 154 -26.32 -65.68 24.19
N LEU V 155 -26.35 -66.99 23.95
CA LEU V 155 -25.36 -67.87 24.56
C LEU V 155 -24.07 -67.92 23.76
N GLY V 156 -24.15 -68.37 22.51
CA GLY V 156 -22.97 -68.53 21.69
C GLY V 156 -23.29 -68.98 20.28
N MET V 157 -22.36 -69.68 19.63
CA MET V 157 -22.54 -70.14 18.26
C MET V 157 -22.19 -71.62 18.14
N MET V 158 -22.88 -72.29 17.24
CA MET V 158 -22.66 -73.70 16.94
C MET V 158 -22.70 -73.91 15.43
N PRO V 159 -21.98 -74.89 14.92
CA PRO V 159 -22.11 -75.25 13.51
C PRO V 159 -23.28 -76.21 13.29
N LEU V 160 -23.93 -76.06 12.14
CA LEU V 160 -25.08 -76.87 11.78
C LEU V 160 -25.01 -77.21 10.31
N TRP V 161 -25.37 -78.44 9.96
CA TRP V 161 -25.28 -78.94 8.60
C TRP V 161 -26.66 -79.33 8.09
N THR V 162 -26.89 -79.08 6.81
CA THR V 162 -28.15 -79.41 6.16
C THR V 162 -28.01 -80.70 5.36
N LYS V 163 -29.14 -81.17 4.84
CA LYS V 163 -29.16 -82.44 4.12
C LYS V 163 -28.47 -82.37 2.76
N ASP V 164 -28.19 -81.18 2.25
CA ASP V 164 -27.46 -81.04 1.00
C ASP V 164 -25.94 -80.98 1.21
N GLY V 165 -25.48 -81.10 2.45
CA GLY V 165 -24.06 -81.09 2.75
C GLY V 165 -23.50 -79.74 3.13
N GLN V 166 -24.26 -78.66 2.93
CA GLN V 166 -23.76 -77.33 3.25
C GLN V 166 -23.68 -77.15 4.77
N LYS V 167 -22.82 -76.22 5.17
CA LYS V 167 -22.58 -75.93 6.58
C LYS V 167 -23.14 -74.55 6.90
N HIS V 168 -23.89 -74.46 8.00
CA HIS V 168 -24.44 -73.20 8.47
C HIS V 168 -24.05 -72.99 9.93
N VAL V 169 -24.03 -71.74 10.33
CA VAL V 169 -23.70 -71.34 11.71
C VAL V 169 -24.96 -70.80 12.35
N VAL V 170 -25.29 -71.31 13.53
CA VAL V 170 -26.49 -70.94 14.26
C VAL V 170 -26.09 -70.34 15.59
N THR V 171 -26.85 -69.34 16.03
CA THR V 171 -26.61 -68.66 17.30
C THR V 171 -27.64 -69.12 18.32
N LEU V 172 -27.18 -69.57 19.48
CA LEU V 172 -28.07 -70.08 20.51
C LEU V 172 -28.64 -68.90 21.30
N LEU V 173 -29.94 -68.68 21.16
CA LEU V 173 -30.64 -67.64 21.91
C LEU V 173 -31.57 -68.32 22.91
N GLN V 174 -31.34 -68.06 24.20
CA GLN V 174 -32.10 -68.69 25.27
C GLN V 174 -33.07 -67.69 25.88
N VAL V 175 -34.31 -68.10 26.06
CA VAL V 175 -35.31 -67.30 26.75
C VAL V 175 -35.33 -67.73 28.21
N GLN V 176 -34.91 -66.84 29.10
CA GLN V 176 -34.78 -67.17 30.53
C GLN V 176 -36.06 -66.84 31.29
N ASP V 177 -36.48 -65.58 31.30
CA ASP V 177 -37.69 -65.15 31.98
C ASP V 177 -38.35 -64.09 31.12
N CYS V 178 -39.47 -64.44 30.49
CA CYS V 178 -40.16 -63.54 29.58
C CYS V 178 -41.61 -63.44 30.01
N HIS V 179 -42.05 -62.24 30.37
CA HIS V 179 -43.43 -61.99 30.75
C HIS V 179 -43.87 -60.66 30.16
N VAL V 180 -45.09 -60.63 29.62
CA VAL V 180 -45.66 -59.37 29.16
C VAL V 180 -46.00 -58.50 30.36
N LEU V 181 -45.57 -57.24 30.32
CA LEU V 181 -45.66 -56.37 31.48
C LEU V 181 -46.89 -55.47 31.47
N LYS V 182 -47.07 -54.67 30.42
CA LYS V 182 -48.22 -53.78 30.37
C LYS V 182 -48.70 -53.66 28.93
N TYR V 183 -49.99 -53.33 28.81
CA TYR V 183 -50.65 -53.19 27.52
C TYR V 183 -51.10 -51.74 27.34
N THR V 184 -50.73 -51.15 26.21
CA THR V 184 -51.09 -49.78 25.90
C THR V 184 -52.14 -49.76 24.80
N PRO V 185 -53.24 -49.01 24.97
CA PRO V 185 -54.28 -48.99 23.94
C PRO V 185 -53.77 -48.42 22.63
N LYS V 186 -54.52 -48.72 21.56
CA LYS V 186 -54.10 -48.34 20.21
C LYS V 186 -54.01 -46.82 20.07
N GLU V 187 -54.99 -46.09 20.60
CA GLU V 187 -55.04 -44.64 20.44
C GLU V 187 -54.10 -43.89 21.39
N ASN V 188 -53.46 -44.57 22.34
CA ASN V 188 -52.58 -43.92 23.28
C ASN V 188 -51.10 -44.13 22.99
N HIS V 189 -50.76 -44.98 22.03
CA HIS V 189 -49.36 -45.26 21.71
C HIS V 189 -48.96 -44.75 20.34
N ASN V 190 -49.67 -45.16 19.29
CA ASN V 190 -49.30 -44.79 17.93
C ASN V 190 -50.49 -44.33 17.11
N GLY V 191 -51.68 -44.86 17.43
CA GLY V 191 -52.87 -44.61 16.64
C GLY V 191 -53.14 -45.61 15.55
N ARG V 192 -52.23 -46.56 15.32
CA ARG V 192 -52.42 -47.59 14.30
C ARG V 192 -52.37 -48.99 14.88
N MET V 193 -51.41 -49.28 15.76
CA MET V 193 -51.26 -50.59 16.37
C MET V 193 -51.03 -50.44 17.87
N ALA V 194 -51.51 -51.42 18.61
CA ALA V 194 -51.32 -51.42 20.05
C ALA V 194 -49.89 -51.77 20.42
N ALA V 195 -49.51 -51.45 21.65
CA ALA V 195 -48.16 -51.69 22.14
C ALA V 195 -48.19 -52.65 23.32
N LEU V 196 -47.37 -53.68 23.26
CA LEU V 196 -47.23 -54.64 24.35
C LEU V 196 -45.80 -54.58 24.88
N THR V 197 -45.67 -54.53 26.20
CA THR V 197 -44.39 -54.37 26.86
C THR V 197 -43.91 -55.72 27.38
N VAL V 198 -42.65 -56.06 27.08
CA VAL V 198 -42.06 -57.34 27.45
C VAL V 198 -40.77 -57.09 28.22
N GLY V 199 -40.59 -57.83 29.32
CA GLY V 199 -39.41 -57.68 30.15
C GLY V 199 -38.34 -58.72 29.88
N GLY V 200 -37.18 -58.50 30.47
CA GLY V 200 -36.02 -59.36 30.32
C GLY V 200 -35.85 -60.33 31.46
N LYS V 201 -34.61 -60.76 31.69
CA LYS V 201 -34.34 -61.74 32.71
C LYS V 201 -34.41 -61.11 34.11
N THR V 202 -34.61 -61.98 35.10
CA THR V 202 -34.79 -61.52 36.48
C THR V 202 -33.52 -60.90 37.02
N VAL V 203 -33.68 -59.80 37.76
CA VAL V 203 -32.57 -59.13 38.43
C VAL V 203 -32.93 -58.93 39.90
N SER V 204 -31.97 -58.43 40.66
CA SER V 204 -32.14 -58.24 42.10
C SER V 204 -33.00 -57.02 42.40
N HIS V 205 -33.80 -57.13 43.46
CA HIS V 205 -34.63 -56.01 43.89
C HIS V 205 -33.81 -54.85 44.43
N PHE V 206 -32.67 -55.16 45.06
CA PHE V 206 -31.94 -54.18 45.85
C PHE V 206 -31.24 -53.12 45.03
N HIS V 207 -31.19 -53.25 43.71
CA HIS V 207 -30.48 -52.30 42.86
C HIS V 207 -31.37 -51.67 41.80
N LYS V 208 -32.67 -51.59 42.05
CA LYS V 208 -33.60 -50.93 41.14
C LYS V 208 -34.20 -49.70 41.80
N SER V 209 -34.79 -48.85 40.96
CA SER V 209 -35.39 -47.61 41.44
C SER V 209 -36.66 -47.89 42.24
N ALA V 210 -37.07 -46.90 43.04
CA ALA V 210 -38.27 -47.06 43.85
C ALA V 210 -39.51 -47.23 42.99
N SER V 211 -39.62 -46.45 41.91
CA SER V 211 -40.78 -46.57 41.03
C SER V 211 -40.78 -47.91 40.31
N ILE V 212 -39.61 -48.39 39.89
CA ILE V 212 -39.53 -49.66 39.17
C ILE V 212 -39.95 -50.81 40.08
N LEU V 213 -39.46 -50.82 41.33
CA LEU V 213 -39.86 -51.86 42.26
C LEU V 213 -41.35 -51.79 42.56
N GLU V 214 -41.88 -50.58 42.72
CA GLU V 214 -43.30 -50.41 43.02
C GLU V 214 -44.17 -50.90 41.85
N PHE V 215 -43.73 -50.65 40.62
CA PHE V 215 -44.49 -51.07 39.45
C PHE V 215 -44.63 -52.58 39.38
N TYR V 216 -43.55 -53.31 39.66
CA TYR V 216 -43.61 -54.77 39.61
C TYR V 216 -44.36 -55.35 40.80
N GLN V 217 -44.36 -54.66 41.94
CA GLN V 217 -45.07 -55.16 43.11
C GLN V 217 -46.56 -55.28 42.84
N GLU V 218 -47.13 -54.28 42.16
CA GLU V 218 -48.56 -54.33 41.85
C GLU V 218 -48.89 -55.50 40.94
N LEU V 219 -48.04 -55.76 39.94
CA LEU V 219 -48.25 -56.90 39.05
C LEU V 219 -47.93 -58.23 39.74
N GLY V 220 -46.88 -58.25 40.56
CA GLY V 220 -46.51 -59.46 41.27
C GLY V 220 -45.41 -60.26 40.58
N LEU V 221 -44.40 -59.58 40.05
CA LEU V 221 -43.29 -60.24 39.37
C LEU V 221 -41.97 -59.66 39.85
N PRO V 222 -40.90 -60.45 39.79
CA PRO V 222 -39.58 -59.91 40.12
C PRO V 222 -39.10 -58.93 39.06
N PRO V 223 -38.19 -58.03 39.41
CA PRO V 223 -37.75 -57.02 38.44
C PRO V 223 -37.05 -57.65 37.24
N LYS V 224 -37.17 -56.99 36.10
CA LYS V 224 -36.56 -57.44 34.86
C LYS V 224 -35.38 -56.53 34.50
N GLN V 225 -34.48 -57.06 33.67
CA GLN V 225 -33.28 -56.32 33.29
C GLN V 225 -33.57 -55.32 32.18
N LYS V 226 -34.02 -55.80 31.03
CA LYS V 226 -34.30 -54.96 29.88
C LYS V 226 -35.78 -55.04 29.51
N VAL V 227 -36.34 -53.89 29.16
CA VAL V 227 -37.76 -53.77 28.83
C VAL V 227 -37.87 -53.15 27.45
N LYS V 228 -38.63 -53.80 26.57
CA LYS V 228 -38.78 -53.35 25.19
C LYS V 228 -40.26 -53.24 24.85
N ILE V 229 -40.54 -52.43 23.83
CA ILE V 229 -41.90 -52.15 23.38
C ILE V 229 -42.12 -52.84 22.05
N PHE V 230 -43.20 -53.62 21.96
CA PHE V 230 -43.56 -54.34 20.75
C PHE V 230 -44.84 -53.79 20.17
N ASN V 231 -44.88 -53.62 18.85
CA ASN V 231 -46.07 -53.16 18.14
C ASN V 231 -46.90 -54.36 17.74
N VAL V 232 -48.10 -54.47 18.31
CA VAL V 232 -48.98 -55.62 18.11
C VAL V 232 -50.36 -55.11 17.72
N THR V 233 -50.97 -55.77 16.74
CA THR V 233 -52.33 -55.42 16.34
C THR V 233 -53.32 -55.80 17.43
N GLU V 234 -54.52 -55.22 17.33
CA GLU V 234 -55.53 -55.41 18.37
C GLU V 234 -56.04 -56.84 18.45
N ASN V 235 -55.88 -57.64 17.40
CA ASN V 235 -56.38 -59.00 17.39
C ASN V 235 -55.42 -60.00 18.02
N ALA V 236 -54.25 -59.55 18.47
CA ALA V 236 -53.24 -60.42 19.06
C ALA V 236 -52.75 -59.87 20.39
N VAL V 237 -53.66 -59.31 21.19
CA VAL V 237 -53.31 -58.74 22.48
C VAL V 237 -53.28 -59.85 23.52
N ILE V 238 -52.33 -59.74 24.46
CA ILE V 238 -52.14 -60.74 25.50
C ILE V 238 -52.29 -60.06 26.86
N LYS V 239 -52.94 -60.73 27.79
CA LYS V 239 -53.12 -60.18 29.13
C LYS V 239 -51.76 -60.04 29.81
N PRO V 240 -51.46 -58.89 30.41
CA PRO V 240 -50.16 -58.72 31.06
C PRO V 240 -49.96 -59.74 32.17
N GLY V 241 -48.71 -60.19 32.33
CA GLY V 241 -48.39 -61.24 33.27
C GLY V 241 -48.41 -62.64 32.69
N THR V 242 -48.63 -62.79 31.39
CA THR V 242 -48.66 -64.09 30.75
C THR V 242 -47.26 -64.50 30.35
N PRO V 243 -46.75 -65.64 30.82
CA PRO V 243 -45.38 -66.05 30.46
C PRO V 243 -45.28 -66.42 28.99
N LEU V 244 -44.06 -66.29 28.47
CA LEU V 244 -43.77 -66.63 27.09
C LEU V 244 -42.56 -67.55 27.05
N TYR V 245 -42.56 -68.47 26.08
CA TYR V 245 -41.55 -69.50 25.97
C TYR V 245 -40.96 -69.47 24.56
N ALA V 246 -39.85 -70.21 24.40
CA ALA V 246 -39.19 -70.29 23.10
C ALA V 246 -40.03 -71.01 22.06
N ALA V 247 -41.05 -71.76 22.48
CA ALA V 247 -41.94 -72.42 21.53
C ALA V 247 -42.81 -71.42 20.79
N HIS V 248 -42.80 -70.14 21.18
CA HIS V 248 -43.53 -69.12 20.45
C HIS V 248 -43.11 -69.06 19.00
N PHE V 249 -41.87 -69.43 18.69
CA PHE V 249 -41.37 -69.49 17.32
C PHE V 249 -41.26 -70.95 16.89
N ARG V 250 -41.87 -71.27 15.75
CA ARG V 250 -41.79 -72.61 15.18
C ARG V 250 -40.68 -72.67 14.14
N PRO V 251 -39.90 -73.74 14.09
CA PRO V 251 -38.82 -73.82 13.11
C PRO V 251 -39.33 -73.68 11.69
N GLY V 252 -38.56 -73.01 10.85
CA GLY V 252 -38.96 -72.69 9.49
C GLY V 252 -39.31 -71.23 9.29
N GLN V 253 -39.43 -70.45 10.37
CA GLN V 253 -39.81 -69.05 10.29
C GLN V 253 -38.58 -68.17 10.21
N TYR V 254 -38.76 -66.97 9.67
CA TYR V 254 -37.69 -65.97 9.55
C TYR V 254 -37.98 -64.88 10.57
N VAL V 255 -36.99 -64.57 11.41
CA VAL V 255 -37.18 -63.65 12.53
C VAL V 255 -36.10 -62.56 12.48
N ASP V 256 -36.40 -61.45 13.14
CA ASP V 256 -35.46 -60.35 13.27
C ASP V 256 -34.83 -60.37 14.66
N VAL V 257 -33.71 -59.64 14.78
CA VAL V 257 -32.97 -59.57 16.04
C VAL V 257 -32.46 -58.14 16.23
N THR V 258 -32.80 -57.55 17.38
CA THR V 258 -32.39 -56.18 17.68
C THR V 258 -31.71 -56.16 19.04
N ALA V 259 -30.47 -55.69 19.07
CA ALA V 259 -29.71 -55.60 20.32
C ALA V 259 -28.57 -54.62 20.13
N LYS V 260 -28.02 -54.15 21.25
CA LYS V 260 -26.90 -53.23 21.20
C LYS V 260 -25.64 -53.97 20.77
N THR V 261 -24.95 -53.43 19.77
CA THR V 261 -23.77 -54.07 19.23
C THR V 261 -22.59 -53.92 20.20
N ILE V 262 -21.46 -54.51 19.82
CA ILE V 262 -20.27 -54.49 20.67
C ILE V 262 -19.65 -53.10 20.58
N GLY V 263 -19.51 -52.45 21.73
CA GLY V 263 -18.94 -51.12 21.78
C GLY V 263 -17.42 -51.13 21.78
N LYS V 264 -16.81 -50.47 20.79
CA LYS V 264 -15.36 -50.43 20.65
C LYS V 264 -14.76 -49.12 21.14
N GLY V 265 -15.54 -48.27 21.81
CA GLY V 265 -15.01 -47.05 22.37
C GLY V 265 -14.72 -45.99 21.32
N PHE V 266 -13.83 -45.07 21.70
CA PHE V 266 -13.43 -43.97 20.82
C PHE V 266 -12.41 -44.49 19.82
N GLN V 267 -12.88 -44.83 18.62
CA GLN V 267 -12.03 -45.40 17.59
C GLN V 267 -11.79 -44.39 16.47
N GLY V 268 -10.60 -44.46 15.88
CA GLY V 268 -10.18 -43.52 14.86
C GLY V 268 -10.99 -43.68 13.59
N VAL V 269 -10.69 -42.79 12.63
CA VAL V 269 -11.47 -42.73 11.40
C VAL V 269 -11.23 -43.96 10.54
N MET V 270 -10.02 -44.53 10.59
CA MET V 270 -9.72 -45.72 9.78
C MET V 270 -10.55 -46.91 10.23
N ARG V 271 -10.66 -47.12 11.54
CA ARG V 271 -11.45 -48.24 12.04
C ARG V 271 -12.95 -47.97 11.95
N ARG V 272 -13.36 -46.73 12.22
CA ARG V 272 -14.79 -46.42 12.29
C ARG V 272 -15.44 -46.46 10.92
N TRP V 273 -14.84 -45.79 9.93
CA TRP V 273 -15.45 -45.65 8.61
C TRP V 273 -14.75 -46.45 7.52
N GLY V 274 -13.50 -46.84 7.72
CA GLY V 274 -12.79 -47.62 6.72
C GLY V 274 -12.00 -46.84 5.70
N PHE V 275 -11.61 -45.60 6.02
CA PHE V 275 -10.79 -44.83 5.11
C PHE V 275 -9.44 -45.49 4.93
N LYS V 276 -8.91 -45.46 3.70
CA LYS V 276 -7.55 -45.89 3.48
C LYS V 276 -6.58 -44.93 4.15
N GLY V 277 -5.45 -45.46 4.60
CA GLY V 277 -4.43 -44.66 5.25
C GLY V 277 -3.34 -44.22 4.29
N GLN V 278 -2.52 -43.30 4.77
CA GLN V 278 -1.37 -42.84 4.03
C GLN V 278 -0.29 -43.92 4.02
N PRO V 279 0.63 -43.89 3.04
CA PRO V 279 1.72 -44.88 3.03
C PRO V 279 2.57 -44.78 4.28
N ALA V 280 3.34 -45.84 4.52
CA ALA V 280 4.03 -45.99 5.80
C ALA V 280 5.50 -45.58 5.77
N THR V 281 6.17 -45.68 4.62
CA THR V 281 7.62 -45.49 4.60
C THR V 281 8.13 -44.50 3.58
N HIS V 282 7.34 -44.10 2.58
CA HIS V 282 7.84 -43.24 1.50
C HIS V 282 7.87 -41.77 1.94
N GLY V 283 8.57 -41.51 3.03
CA GLY V 283 8.83 -40.16 3.49
C GLY V 283 7.75 -39.55 4.36
N GLN V 284 6.61 -40.22 4.53
CA GLN V 284 5.49 -39.64 5.25
C GLN V 284 5.89 -39.28 6.67
N THR V 285 5.48 -38.10 7.12
CA THR V 285 5.87 -37.55 8.41
C THR V 285 4.63 -37.36 9.27
N LYS V 286 4.54 -38.16 10.34
CA LYS V 286 3.48 -38.03 11.34
C LYS V 286 2.10 -38.08 10.70
N THR V 287 1.94 -38.96 9.70
CA THR V 287 0.66 -39.13 9.04
C THR V 287 0.60 -40.55 8.51
N HIS V 288 -0.11 -41.41 9.23
CA HIS V 288 -0.33 -42.79 8.79
C HIS V 288 -1.76 -43.26 8.92
N ARG V 289 -2.58 -42.66 9.78
CA ARG V 289 -3.97 -43.08 9.93
C ARG V 289 -4.94 -41.91 10.00
N ARG V 290 -4.48 -40.69 9.72
CA ARG V 290 -5.31 -39.50 9.81
C ARG V 290 -6.28 -39.41 8.62
N PRO V 291 -7.46 -38.82 8.83
CA PRO V 291 -8.41 -38.73 7.72
C PRO V 291 -7.92 -37.93 6.53
N GLY V 292 -7.10 -36.90 6.76
CA GLY V 292 -6.64 -36.06 5.67
C GLY V 292 -7.54 -34.85 5.46
N ALA V 293 -7.69 -34.42 4.21
CA ALA V 293 -8.56 -33.29 3.91
C ALA V 293 -9.99 -33.62 4.29
N ILE V 294 -10.65 -32.68 4.97
CA ILE V 294 -12.01 -32.89 5.46
C ILE V 294 -13.05 -32.05 4.75
N SER V 295 -12.64 -31.10 3.92
CA SER V 295 -13.58 -30.24 3.21
C SER V 295 -12.85 -29.62 2.03
N THR V 296 -13.48 -28.62 1.42
CA THR V 296 -12.89 -27.85 0.33
C THR V 296 -12.57 -26.44 0.80
N GLY V 297 -11.73 -25.76 0.03
CA GLY V 297 -11.31 -24.41 0.42
C GLY V 297 -12.44 -23.39 0.33
N ASP V 298 -13.28 -23.49 -0.69
CA ASP V 298 -14.24 -22.43 -0.96
C ASP V 298 -15.31 -22.34 0.13
N VAL V 299 -15.87 -23.48 0.54
CA VAL V 299 -17.00 -23.47 1.47
C VAL V 299 -16.61 -22.88 2.82
N ALA V 300 -15.34 -22.98 3.20
CA ALA V 300 -14.83 -22.40 4.44
C ALA V 300 -15.56 -22.93 5.66
N ARG V 301 -16.07 -24.15 5.59
CA ARG V 301 -16.75 -24.78 6.71
C ARG V 301 -16.73 -26.28 6.50
N VAL V 302 -17.22 -27.01 7.51
CA VAL V 302 -17.28 -28.46 7.49
C VAL V 302 -18.73 -28.87 7.44
N TRP V 303 -19.09 -29.69 6.45
CA TRP V 303 -20.48 -30.09 6.28
C TRP V 303 -20.93 -30.95 7.46
N PRO V 304 -22.21 -30.86 7.84
CA PRO V 304 -22.69 -31.65 8.97
C PRO V 304 -22.56 -33.16 8.78
N GLY V 305 -22.55 -33.64 7.55
CA GLY V 305 -22.43 -35.07 7.32
C GLY V 305 -21.01 -35.60 7.25
N THR V 306 -20.02 -34.76 7.52
CA THR V 306 -18.63 -35.17 7.38
C THR V 306 -18.30 -36.29 8.37
N LYS V 307 -17.50 -37.25 7.91
CA LYS V 307 -17.07 -38.36 8.75
C LYS V 307 -15.85 -37.96 9.56
N MET V 308 -15.94 -38.12 10.87
CA MET V 308 -14.90 -37.73 11.81
C MET V 308 -14.76 -38.82 12.85
N PRO V 309 -13.60 -38.90 13.53
CA PRO V 309 -13.45 -39.87 14.60
C PRO V 309 -14.46 -39.63 15.72
N GLY V 310 -14.87 -40.73 16.36
CA GLY V 310 -15.82 -40.62 17.45
C GLY V 310 -16.19 -41.98 17.99
N GLN V 311 -17.29 -42.01 18.74
CA GLN V 311 -17.76 -43.25 19.34
C GLN V 311 -18.14 -44.26 18.27
N LEU V 312 -17.87 -45.53 18.54
CA LEU V 312 -18.16 -46.61 17.59
C LEU V 312 -18.63 -47.85 18.33
N GLY V 313 -19.82 -48.34 17.97
CA GLY V 313 -20.23 -49.66 18.37
C GLY V 313 -21.43 -49.77 19.28
N ASN V 314 -21.52 -48.92 20.29
CA ASN V 314 -22.56 -49.07 21.32
C ASN V 314 -23.83 -48.33 20.88
N ILE V 315 -24.52 -48.94 19.90
CA ILE V 315 -25.77 -48.41 19.37
C ILE V 315 -26.68 -49.59 19.04
N ASP V 316 -27.96 -49.29 18.81
CA ASP V 316 -28.96 -50.30 18.53
C ASP V 316 -28.98 -50.63 17.04
N ARG V 317 -28.89 -51.92 16.73
CA ARG V 317 -28.92 -52.39 15.35
C ARG V 317 -29.88 -53.57 15.24
N THR V 318 -30.35 -53.81 14.01
CA THR V 318 -31.33 -54.86 13.74
C THR V 318 -30.84 -55.72 12.58
N ALA V 319 -30.97 -57.03 12.72
CA ALA V 319 -30.67 -57.99 11.66
C ALA V 319 -31.96 -58.58 11.12
N PHE V 320 -32.12 -58.59 9.81
CA PHE V 320 -33.35 -59.02 9.16
C PHE V 320 -33.14 -60.35 8.45
N GLY V 321 -34.23 -61.10 8.30
CA GLY V 321 -34.22 -62.32 7.50
C GLY V 321 -33.37 -63.45 8.07
N LEU V 322 -33.39 -63.64 9.38
CA LEU V 322 -32.69 -64.76 10.00
C LEU V 322 -33.65 -65.94 10.14
N LYS V 323 -33.29 -67.06 9.52
CA LYS V 323 -34.16 -68.23 9.53
C LYS V 323 -33.97 -69.02 10.81
N VAL V 324 -35.08 -69.55 11.33
CA VAL V 324 -35.06 -70.36 12.56
C VAL V 324 -34.91 -71.82 12.17
N TRP V 325 -33.84 -72.45 12.65
CA TRP V 325 -33.56 -73.84 12.28
C TRP V 325 -34.12 -74.82 13.31
N ARG V 326 -33.71 -74.69 14.57
CA ARG V 326 -34.07 -75.65 15.60
C ARG V 326 -34.57 -74.91 16.84
N ILE V 327 -35.61 -75.46 17.45
CA ILE V 327 -36.18 -74.93 18.68
C ILE V 327 -36.05 -76.00 19.75
N ASN V 328 -35.49 -75.64 20.90
CA ASN V 328 -35.36 -76.53 22.04
C ASN V 328 -36.45 -76.18 23.05
N THR V 329 -37.10 -77.22 23.60
CA THR V 329 -38.28 -77.01 24.43
C THR V 329 -37.94 -76.84 25.90
N LYS V 330 -37.28 -77.84 26.50
CA LYS V 330 -37.08 -77.81 27.94
C LYS V 330 -36.15 -76.68 28.37
N HIS V 331 -35.11 -76.41 27.58
CA HIS V 331 -34.18 -75.34 27.92
C HIS V 331 -34.57 -74.00 27.31
N ASN V 332 -35.59 -73.97 26.45
CA ASN V 332 -36.06 -72.75 25.81
C ASN V 332 -34.92 -72.04 25.07
N ILE V 333 -34.39 -72.72 24.06
CA ILE V 333 -33.29 -72.21 23.25
C ILE V 333 -33.76 -72.11 21.80
N ILE V 334 -33.45 -71.00 21.16
CA ILE V 334 -33.81 -70.74 19.77
C ILE V 334 -32.54 -70.68 18.95
N TYR V 335 -32.52 -71.38 17.81
CA TYR V 335 -31.38 -71.38 16.90
C TYR V 335 -31.72 -70.49 15.71
N VAL V 336 -30.88 -69.49 15.47
CA VAL V 336 -31.08 -68.54 14.38
C VAL V 336 -29.88 -68.60 13.46
N ASN V 337 -30.15 -68.62 12.15
CA ASN V 337 -29.08 -68.67 11.16
C ASN V 337 -28.31 -67.36 11.16
N GLY V 338 -27.00 -67.44 10.95
CA GLY V 338 -26.19 -66.27 10.85
C GLY V 338 -25.80 -65.70 12.19
N SER V 339 -25.28 -64.48 12.15
CA SER V 339 -24.74 -63.80 13.32
C SER V 339 -25.70 -62.69 13.73
N VAL V 340 -26.04 -62.65 15.02
CA VAL V 340 -26.92 -61.63 15.57
C VAL V 340 -26.06 -60.55 16.22
N PRO V 341 -26.44 -59.29 16.14
CA PRO V 341 -25.66 -58.24 16.80
C PRO V 341 -25.71 -58.38 18.32
N GLY V 342 -24.63 -57.96 18.96
CA GLY V 342 -24.55 -57.99 20.41
C GLY V 342 -23.53 -59.01 20.89
N HIS V 343 -22.94 -58.72 22.05
CA HIS V 343 -21.94 -59.60 22.63
C HIS V 343 -22.60 -60.78 23.34
N LYS V 344 -21.77 -61.70 23.82
CA LYS V 344 -22.28 -62.88 24.52
C LYS V 344 -22.96 -62.48 25.82
N ASN V 345 -23.98 -63.26 26.20
CA ASN V 345 -24.72 -63.06 27.44
C ASN V 345 -25.37 -61.68 27.47
N CYS V 346 -25.81 -61.20 26.31
CA CYS V 346 -26.58 -59.97 26.21
C CYS V 346 -28.03 -60.31 25.93
N LEU V 347 -28.90 -59.32 26.09
CA LEU V 347 -30.33 -59.50 25.89
C LEU V 347 -30.70 -59.06 24.49
N VAL V 348 -31.45 -59.90 23.78
CA VAL V 348 -31.73 -59.74 22.36
C VAL V 348 -33.24 -59.66 22.18
N LYS V 349 -33.70 -58.67 21.42
CA LYS V 349 -35.11 -58.51 21.10
C LYS V 349 -35.42 -59.28 19.82
N ILE V 350 -36.28 -60.28 19.91
CA ILE V 350 -36.63 -61.16 18.80
C ILE V 350 -38.05 -60.88 18.38
N LYS V 351 -38.28 -60.77 17.07
CA LYS V 351 -39.61 -60.56 16.52
C LYS V 351 -39.70 -61.23 15.16
N ASP V 352 -40.93 -61.38 14.68
CA ASP V 352 -41.14 -61.92 13.34
C ASP V 352 -40.60 -60.94 12.29
N SER V 353 -40.05 -61.48 11.22
CA SER V 353 -39.42 -60.66 10.19
C SER V 353 -40.46 -59.80 9.48
N LYS V 354 -40.08 -58.55 9.22
CA LYS V 354 -40.96 -57.59 8.57
C LYS V 354 -40.65 -57.42 7.08
N LEU V 355 -39.79 -58.27 6.52
CA LEU V 355 -39.47 -58.16 5.10
C LEU V 355 -40.72 -58.47 4.27
N PRO V 356 -40.85 -57.83 3.10
CA PRO V 356 -42.05 -58.04 2.28
C PRO V 356 -42.27 -59.49 1.86
N ALA V 357 -41.19 -60.23 1.61
CA ALA V 357 -41.34 -61.63 1.23
C ALA V 357 -41.93 -62.45 2.37
N TYR V 358 -41.52 -62.17 3.60
CA TYR V 358 -41.97 -62.93 4.76
C TYR V 358 -43.18 -62.28 5.42
N LYS V 359 -44.23 -62.04 4.63
CA LYS V 359 -45.48 -61.49 5.12
C LYS V 359 -46.53 -62.60 5.17
N ASP V 360 -47.41 -62.50 6.17
CA ASP V 360 -48.50 -63.45 6.39
C ASP V 360 -48.01 -64.87 6.65
N PHE V 361 -46.76 -65.04 7.09
CA PHE V 361 -46.21 -66.35 7.40
C PHE V 361 -46.40 -66.65 8.89
N CYS V 362 -47.65 -66.49 9.34
CA CYS V 362 -48.01 -66.78 10.71
C CYS V 362 -49.32 -67.55 10.84
N LYS V 363 -49.95 -67.90 9.72
CA LYS V 363 -51.16 -68.71 9.78
C LYS V 363 -50.89 -70.09 10.37
N ASN V 364 -49.76 -70.69 10.00
CA ASN V 364 -49.35 -71.99 10.52
C ASN V 364 -48.51 -71.88 11.79
N LEU V 365 -48.67 -70.82 12.55
CA LEU V 365 -47.94 -70.56 13.78
C LEU V 365 -48.90 -70.32 14.92
N PRO V 366 -48.46 -70.53 16.17
CA PRO V 366 -49.35 -70.26 17.31
C PRO V 366 -49.80 -68.80 17.33
N PHE V 367 -51.06 -68.60 17.72
CA PHE V 367 -51.67 -67.27 17.71
C PHE V 367 -52.58 -67.11 18.92
N PRO V 368 -52.36 -66.10 19.76
CA PRO V 368 -51.33 -65.06 19.67
C PRO V 368 -49.98 -65.53 20.20
N THR V 369 -49.95 -66.64 20.93
CA THR V 369 -48.71 -67.20 21.45
C THR V 369 -48.95 -68.65 21.82
N TYR V 370 -47.86 -69.36 22.10
CA TYR V 370 -47.93 -70.77 22.46
C TYR V 370 -48.33 -70.89 23.93
N PHE V 371 -49.51 -71.48 24.17
CA PHE V 371 -49.94 -71.78 25.53
C PHE V 371 -49.73 -73.25 25.80
N PRO V 372 -48.76 -73.64 26.62
CA PRO V 372 -48.55 -75.07 26.89
C PRO V 372 -49.73 -75.74 27.58
N ASP V 373 -50.51 -74.99 28.36
CA ASP V 373 -51.59 -75.60 29.13
C ASP V 373 -52.73 -76.04 28.22
N GLY V 374 -53.06 -75.23 27.20
CA GLY V 374 -54.21 -75.53 26.37
C GLY V 374 -54.05 -76.79 25.55
N ASP V 375 -52.84 -77.04 25.05
CA ASP V 375 -52.61 -78.21 24.20
C ASP V 375 -52.82 -79.50 24.97
N GLU V 376 -52.39 -79.54 26.23
CA GLU V 376 -52.48 -80.73 27.08
C GLU V 376 -51.68 -81.89 26.49
N GLU V 377 -50.67 -81.58 25.66
CA GLU V 377 -49.81 -82.58 25.07
C GLU V 377 -48.36 -82.13 25.20
N ALA V 378 -47.45 -83.10 25.25
CA ALA V 378 -46.03 -82.81 25.41
C ALA V 378 -45.39 -82.62 24.04
N LEU V 379 -44.78 -81.46 23.84
CA LEU V 379 -44.07 -81.20 22.61
C LEU V 379 -42.78 -82.03 22.56
N PRO V 380 -42.24 -82.27 21.36
CA PRO V 380 -40.95 -82.97 21.27
C PRO V 380 -39.85 -82.19 21.97
N GLU V 381 -38.82 -82.92 22.39
CA GLU V 381 -37.70 -82.29 23.07
C GLU V 381 -37.04 -81.24 22.20
N ASP V 382 -36.83 -81.56 20.92
CA ASP V 382 -36.27 -80.63 19.96
C ASP V 382 -37.13 -80.60 18.71
N LEU V 383 -37.37 -79.41 18.17
CA LEU V 383 -38.08 -79.24 16.91
C LEU V 383 -37.07 -78.94 15.82
N TYR V 384 -37.06 -79.76 14.78
CA TYR V 384 -36.08 -79.63 13.70
C TYR V 384 -36.75 -79.14 12.43
N ASP V 385 -36.01 -78.33 11.68
CA ASP V 385 -36.42 -77.98 10.34
C ASP V 385 -36.24 -79.19 9.42
N GLU V 386 -37.02 -79.21 8.33
CA GLU V 386 -37.02 -80.38 7.45
C GLU V 386 -35.69 -80.58 6.74
N ASN V 387 -34.85 -79.55 6.65
CA ASN V 387 -33.57 -79.64 5.96
C ASN V 387 -32.39 -79.86 6.89
N VAL V 388 -32.61 -80.00 8.20
CA VAL V 388 -31.53 -80.10 9.16
C VAL V 388 -31.15 -81.56 9.36
N CYS V 389 -29.85 -81.84 9.30
CA CYS V 389 -29.34 -83.17 9.63
C CYS V 389 -29.32 -83.33 11.15
N GLN V 390 -30.15 -84.23 11.66
CA GLN V 390 -30.23 -84.42 13.09
C GLN V 390 -29.00 -85.16 13.60
N PRO V 391 -28.62 -84.95 14.86
CA PRO V 391 -27.46 -85.66 15.40
C PRO V 391 -27.63 -87.17 15.48
N GLY V 392 -28.87 -87.67 15.48
CA GLY V 392 -29.09 -89.09 15.53
C GLY V 392 -29.62 -89.63 14.21
N ALA V 393 -29.12 -89.06 13.11
CA ALA V 393 -29.51 -89.45 11.76
C ALA V 393 -28.36 -90.16 11.07
N PRO V 394 -28.64 -91.08 10.15
CA PRO V 394 -27.56 -91.77 9.44
C PRO V 394 -26.73 -90.81 8.62
N SER V 395 -25.46 -91.19 8.42
CA SER V 395 -24.51 -90.32 7.73
C SER V 395 -24.96 -90.06 6.30
N ILE V 396 -24.56 -88.91 5.77
CA ILE V 396 -25.01 -88.48 4.45
C ILE V 396 -24.42 -89.37 3.38
N THR V 397 -25.28 -89.91 2.51
CA THR V 397 -24.86 -90.67 1.34
C THR V 397 -25.44 -90.00 0.10
N PHE V 398 -24.57 -89.57 -0.81
CA PHE V 398 -24.98 -88.88 -2.02
C PHE V 398 -25.35 -89.83 -3.15
N THR V 399 -25.66 -91.09 -2.84
CA THR V 399 -26.07 -92.05 -3.85
C THR V 399 -27.32 -91.59 -4.61
N PRO W 45 7.11 81.40 58.67
CA PRO W 45 8.12 81.25 57.63
C PRO W 45 7.76 80.18 56.61
N PRO W 46 6.84 80.50 55.69
CA PRO W 46 6.45 79.51 54.67
C PRO W 46 7.62 79.17 53.77
N VAL W 47 7.65 77.92 53.33
CA VAL W 47 8.67 77.42 52.41
C VAL W 47 8.03 77.27 51.04
N LEU W 48 8.47 78.08 50.08
CA LEU W 48 7.94 78.07 48.74
C LEU W 48 9.01 77.63 47.75
N ARG W 49 8.55 77.24 46.57
CA ARG W 49 9.46 76.80 45.50
C ARG W 49 8.78 77.07 44.17
N LYS W 50 9.33 78.00 43.40
CA LYS W 50 8.82 78.34 42.08
C LYS W 50 9.63 77.62 41.02
N CYS W 51 8.94 77.16 39.97
CA CYS W 51 9.60 76.41 38.91
C CYS W 51 10.64 77.27 38.22
N GLU W 52 11.82 76.69 38.00
CA GLU W 52 12.94 77.39 37.39
C GLU W 52 12.96 77.24 35.88
N LEU W 53 12.81 76.02 35.38
CA LEU W 53 12.82 75.79 33.95
C LEU W 53 11.57 76.40 33.31
N PRO W 54 11.66 76.85 32.06
CA PRO W 54 10.53 77.55 31.44
C PRO W 54 9.28 76.69 31.28
N VAL W 55 8.23 77.04 32.01
CA VAL W 55 6.95 76.36 31.88
C VAL W 55 6.32 76.73 30.53
N PRO W 56 5.74 75.78 29.79
CA PRO W 56 5.12 76.13 28.52
C PRO W 56 4.00 77.14 28.70
N ALA W 57 3.86 78.03 27.70
CA ALA W 57 2.93 79.14 27.83
C ALA W 57 1.48 78.67 27.89
N HIS W 58 1.12 77.68 27.07
CA HIS W 58 -0.28 77.28 26.97
C HIS W 58 -0.77 76.53 28.20
N ARG W 59 0.11 76.16 29.13
CA ARG W 59 -0.26 75.47 30.35
C ARG W 59 0.23 76.25 31.56
N ARG W 60 -0.16 75.77 32.74
CA ARG W 60 0.23 76.37 34.00
C ARG W 60 0.74 75.28 34.94
N PRO W 61 1.68 75.61 35.82
CA PRO W 61 2.23 74.60 36.72
C PRO W 61 1.21 74.09 37.73
N VAL W 62 1.38 72.84 38.14
CA VAL W 62 0.55 72.22 39.15
C VAL W 62 1.24 72.40 40.50
N GLN W 63 0.44 72.49 41.56
CA GLN W 63 0.94 72.81 42.90
C GLN W 63 0.59 71.69 43.87
N ALA W 64 1.44 71.53 44.88
CA ALA W 64 1.25 70.51 45.90
C ALA W 64 1.79 71.02 47.22
N TRP W 65 1.21 70.54 48.32
CA TRP W 65 1.64 70.95 49.64
C TRP W 65 3.04 70.46 49.95
N ILE W 66 3.75 71.22 50.77
CA ILE W 66 5.06 70.85 51.29
C ILE W 66 4.89 70.44 52.75
N GLU W 67 5.35 69.25 53.09
CA GLU W 67 5.21 68.71 54.44
C GLU W 67 6.57 68.59 55.11
N SER W 68 6.54 68.33 56.41
CA SER W 68 7.76 68.13 57.19
C SER W 68 7.56 66.92 58.10
N LEU W 69 8.66 66.20 58.33
CA LEU W 69 8.64 65.01 59.17
C LEU W 69 9.09 65.27 60.60
N ARG W 70 9.38 66.53 60.95
CA ARG W 70 9.81 66.84 62.31
C ARG W 70 8.68 66.72 63.32
N GLY W 71 7.43 66.57 62.88
CA GLY W 71 6.32 66.43 63.80
C GLY W 71 5.15 65.74 63.12
N TYR W 72 4.26 65.19 63.95
CA TYR W 72 3.07 64.52 63.42
C TYR W 72 2.15 65.51 62.72
N GLU W 73 1.95 66.68 63.31
CA GLU W 73 1.02 67.68 62.78
C GLU W 73 1.69 68.75 61.94
N GLN W 74 3.01 68.65 61.73
CA GLN W 74 3.73 69.64 60.93
C GLN W 74 3.56 69.37 59.43
N GLU W 75 2.31 69.41 59.00
CA GLU W 75 1.94 69.25 57.61
C GLU W 75 1.39 70.55 57.05
N ARG W 76 1.50 70.71 55.74
CA ARG W 76 1.09 71.93 55.04
C ARG W 76 1.83 73.14 55.59
N VAL W 77 3.15 73.09 55.46
CA VAL W 77 4.02 74.17 55.92
C VAL W 77 4.52 75.02 54.75
N GLY W 78 3.88 74.91 53.59
CA GLY W 78 4.28 75.68 52.44
C GLY W 78 3.56 75.22 51.20
N LEU W 79 3.96 75.79 50.07
CA LEU W 79 3.38 75.47 48.77
C LEU W 79 4.47 75.47 47.72
N THR W 80 4.53 74.42 46.91
CA THR W 80 5.53 74.28 45.86
C THR W 80 4.85 74.07 44.52
N GLU W 81 5.43 74.65 43.47
CA GLU W 81 4.92 74.48 42.12
C GLU W 81 5.69 73.36 41.41
N LEU W 82 4.95 72.50 40.72
CA LEU W 82 5.52 71.38 39.99
C LEU W 82 5.32 71.59 38.50
N HIS W 83 6.33 71.26 37.72
CA HIS W 83 6.28 71.51 36.28
C HIS W 83 5.19 70.66 35.63
N PRO W 84 4.32 71.24 34.82
CA PRO W 84 3.24 70.44 34.22
C PRO W 84 3.73 69.35 33.28
N ASP W 85 4.86 69.55 32.61
CA ASP W 85 5.32 68.56 31.64
C ASP W 85 5.86 67.29 32.28
N VAL W 86 6.06 67.28 33.60
CA VAL W 86 6.53 66.11 34.33
C VAL W 86 5.45 65.53 35.22
N PHE W 87 4.89 66.35 36.11
CA PHE W 87 3.92 65.89 37.09
C PHE W 87 2.48 66.02 36.63
N SER W 88 2.26 66.53 35.41
CA SER W 88 0.89 66.71 34.89
C SER W 88 0.83 66.29 33.42
N THR W 89 1.56 65.23 33.06
CA THR W 89 1.59 64.77 31.68
C THR W 89 0.42 63.83 31.42
N ALA W 90 0.35 63.29 30.21
CA ALA W 90 -0.72 62.39 29.85
C ALA W 90 -0.62 61.10 30.66
N PRO W 91 -1.75 60.56 31.13
CA PRO W 91 -1.73 59.31 31.93
C PRO W 91 -1.62 58.07 31.07
N ARG W 92 -0.38 57.76 30.64
CA ARG W 92 -0.11 56.61 29.79
C ARG W 92 0.07 55.38 30.68
N LEU W 93 -0.99 54.57 30.77
CA LEU W 93 -0.97 53.35 31.57
C LEU W 93 -0.48 52.15 30.78
N ASP W 94 -0.17 52.32 29.49
CA ASP W 94 0.41 51.27 28.69
C ASP W 94 1.89 51.47 28.43
N ILE W 95 2.39 52.70 28.59
CA ILE W 95 3.84 52.93 28.58
C ILE W 95 4.47 52.59 29.91
N LEU W 96 3.68 52.48 30.97
CA LEU W 96 4.14 51.93 32.23
C LEU W 96 4.26 50.41 32.18
N HIS W 97 3.37 49.76 31.43
CA HIS W 97 3.45 48.31 31.28
C HIS W 97 4.73 47.90 30.58
N GLN W 98 5.14 48.64 29.55
CA GLN W 98 6.38 48.31 28.85
C GLN W 98 7.58 48.45 29.77
N VAL W 99 7.63 49.54 30.54
CA VAL W 99 8.78 49.77 31.42
C VAL W 99 8.77 48.80 32.59
N ALA W 100 7.61 48.55 33.18
CA ALA W 100 7.54 47.62 34.30
C ALA W 100 7.95 46.22 33.90
N ILE W 101 7.52 45.77 32.71
CA ILE W 101 7.96 44.48 32.20
C ILE W 101 9.44 44.53 31.84
N TRP W 102 9.91 45.66 31.30
CA TRP W 102 11.31 45.76 30.90
C TRP W 102 12.25 45.60 32.09
N GLN W 103 11.94 46.23 33.22
CA GLN W 103 12.78 46.10 34.40
C GLN W 103 12.75 44.70 34.98
N LYS W 104 11.82 43.86 34.55
CA LYS W 104 11.71 42.49 35.03
C LYS W 104 12.39 41.50 34.10
N ASN W 105 12.38 41.76 32.80
CA ASN W 105 12.89 40.84 31.79
C ASN W 105 14.04 41.43 30.98
N PHE W 106 14.87 42.26 31.61
CA PHE W 106 16.06 42.78 30.92
C PHE W 106 17.36 42.29 31.55
N LYS W 107 17.30 41.74 32.76
CA LYS W 107 18.46 41.10 33.37
C LYS W 107 18.27 39.63 33.67
N ARG W 108 17.09 39.07 33.42
CA ARG W 108 16.85 37.64 33.63
C ARG W 108 17.76 36.81 32.74
N ILE W 109 18.68 36.06 33.33
CA ILE W 109 19.53 35.12 32.62
C ILE W 109 19.25 33.74 33.20
N SER W 110 18.49 32.93 32.46
CA SER W 110 18.13 31.59 32.91
C SER W 110 19.37 30.72 33.05
N TYR W 111 19.28 29.66 33.85
CA TYR W 111 20.39 28.73 34.07
C TYR W 111 19.93 27.29 33.91
N ALA W 112 18.99 27.05 33.01
CA ALA W 112 18.45 25.72 32.77
C ALA W 112 19.08 25.16 31.50
N LYS W 113 19.75 24.01 31.62
CA LYS W 113 20.41 23.37 30.49
C LYS W 113 20.25 21.87 30.64
N THR W 114 19.31 21.29 29.90
CA THR W 114 19.13 19.85 29.87
C THR W 114 19.97 19.25 28.75
N LYS W 115 20.36 18.00 28.93
CA LYS W 115 21.28 17.33 28.00
C LYS W 115 20.50 16.66 26.88
N THR W 116 20.77 17.06 25.65
CA THR W 116 20.18 16.42 24.48
C THR W 116 20.85 15.07 24.24
N ARG W 117 20.34 14.33 23.25
CA ARG W 117 20.81 12.97 23.01
C ARG W 117 22.29 12.94 22.64
N ALA W 118 22.86 14.06 22.21
CA ALA W 118 24.29 14.10 21.89
C ALA W 118 25.16 14.11 23.14
N GLU W 119 24.70 14.78 24.21
CA GLU W 119 25.51 14.98 25.40
C GLU W 119 25.29 13.91 26.46
N VAL W 120 24.42 12.92 26.21
CA VAL W 120 24.25 11.84 27.18
C VAL W 120 25.50 10.98 27.23
N ARG W 121 25.65 10.24 28.33
CA ARG W 121 26.89 9.53 28.62
C ARG W 121 27.21 8.49 27.55
N GLY W 122 26.26 7.61 27.25
CA GLY W 122 26.54 6.50 26.37
C GLY W 122 25.63 6.39 25.16
N GLY W 123 25.21 5.16 24.87
CA GLY W 123 24.33 4.90 23.73
C GLY W 123 24.96 5.13 22.38
N GLY W 124 26.21 4.70 22.23
CA GLY W 124 26.91 4.84 20.97
C GLY W 124 26.80 3.67 20.02
N ARG W 125 25.99 2.67 20.33
CA ARG W 125 25.89 1.45 19.54
C ARG W 125 24.43 1.12 19.27
N LYS W 126 24.19 0.47 18.15
CA LYS W 126 22.84 0.04 17.83
C LYS W 126 22.43 -1.09 18.78
N PRO W 127 21.29 -0.96 19.46
CA PRO W 127 20.94 -1.98 20.47
C PRO W 127 20.70 -3.35 19.88
N TRP W 128 19.94 -3.46 18.79
CA TRP W 128 19.69 -4.75 18.17
C TRP W 128 19.54 -4.56 16.66
N VAL W 129 19.81 -5.64 15.91
CA VAL W 129 19.75 -5.62 14.46
C VAL W 129 18.35 -5.23 13.99
N GLN W 130 18.27 -4.38 12.96
CA GLN W 130 17.01 -3.78 12.55
C GLN W 130 16.00 -4.82 12.08
N LYS W 131 16.45 -5.79 11.28
CA LYS W 131 15.55 -6.74 10.64
C LYS W 131 15.71 -8.13 11.28
N GLY W 132 14.58 -8.75 11.61
CA GLY W 132 14.55 -10.12 12.06
C GLY W 132 14.33 -10.28 13.55
N SER W 133 14.64 -9.26 14.35
CA SER W 133 14.47 -9.36 15.80
C SER W 133 13.00 -9.46 16.16
N GLY W 134 12.14 -8.69 15.49
CA GLY W 134 10.72 -8.67 15.79
C GLY W 134 10.27 -7.51 16.65
N ARG W 135 11.16 -6.57 16.97
CA ARG W 135 10.84 -5.40 17.78
CA ARG W 135 10.85 -5.40 17.78
C ARG W 135 11.01 -4.14 16.95
N ALA W 136 10.64 -3.01 17.55
CA ALA W 136 10.76 -1.73 16.88
C ALA W 136 12.23 -1.39 16.67
N ARG W 137 12.52 -0.76 15.53
CA ARG W 137 13.89 -0.43 15.17
C ARG W 137 14.37 0.79 15.96
N HIS W 138 15.56 0.69 16.54
CA HIS W 138 16.16 1.80 17.25
C HIS W 138 17.62 1.93 16.85
N GLY W 139 18.18 3.11 17.08
CA GLY W 139 19.55 3.38 16.68
C GLY W 139 20.46 3.76 17.82
N SER W 140 19.88 4.07 18.97
CA SER W 140 20.66 4.35 20.17
C SER W 140 19.76 4.16 21.38
N ILE W 141 20.37 3.88 22.53
CA ILE W 141 19.62 3.69 23.77
C ILE W 141 19.56 4.99 24.53
N ARG W 142 19.86 6.09 23.85
CA ARG W 142 19.78 7.41 24.47
C ARG W 142 18.87 8.36 23.68
N SER W 143 18.09 7.85 22.74
CA SER W 143 17.17 8.68 21.99
C SER W 143 16.04 9.16 22.90
N PRO W 144 15.36 10.26 22.56
CA PRO W 144 14.32 10.79 23.44
C PRO W 144 13.18 9.82 23.68
N ILE W 145 12.95 8.84 22.80
CA ILE W 145 11.91 7.84 23.04
C ILE W 145 12.26 7.00 24.27
N TRP W 146 13.51 6.58 24.39
CA TRP W 146 13.91 5.64 25.44
C TRP W 146 13.80 6.29 26.82
N ARG W 147 13.81 5.42 27.84
CA ARG W 147 13.59 5.88 29.21
C ARG W 147 14.68 6.86 29.64
N GLY W 148 15.94 6.47 29.50
CA GLY W 148 17.05 7.28 29.94
C GLY W 148 17.56 8.27 28.93
N GLY W 149 16.82 8.51 27.85
CA GLY W 149 17.29 9.37 26.79
C GLY W 149 17.24 10.84 27.16
N GLY W 150 17.75 11.66 26.24
CA GLY W 150 17.80 13.09 26.43
C GLY W 150 16.46 13.75 26.19
N VAL W 151 16.52 15.06 25.95
CA VAL W 151 15.32 15.86 25.69
C VAL W 151 15.40 16.37 24.27
N ALA W 152 14.36 16.07 23.48
CA ALA W 152 14.33 16.50 22.09
C ALA W 152 14.28 18.02 21.99
N HIS W 153 13.45 18.65 22.82
CA HIS W 153 13.33 20.11 22.84
C HIS W 153 13.25 20.57 24.29
N GLY W 154 14.38 21.00 24.83
CA GLY W 154 14.44 21.49 26.19
C GLY W 154 15.20 22.79 26.28
N PRO W 155 15.25 23.38 27.48
CA PRO W 155 16.02 24.61 27.67
C PRO W 155 17.50 24.36 27.45
N ARG W 156 18.09 25.12 26.53
CA ARG W 156 19.46 24.90 26.09
C ARG W 156 20.35 26.01 26.61
N GLY W 157 21.22 25.68 27.57
CA GLY W 157 22.21 26.60 28.06
C GLY W 157 21.63 27.79 28.77
N PRO W 158 22.50 28.66 29.30
CA PRO W 158 22.02 29.91 29.91
C PRO W 158 21.46 30.85 28.83
N THR W 159 20.19 31.18 28.95
CA THR W 159 19.50 32.03 27.98
C THR W 159 19.35 33.42 28.57
N SER W 160 19.72 34.44 27.80
CA SER W 160 19.69 35.82 28.23
C SER W 160 18.56 36.57 27.54
N TYR W 161 17.76 37.29 28.31
CA TYR W 161 16.69 38.13 27.81
C TYR W 161 17.11 39.58 28.02
N TYR W 162 17.84 40.13 27.05
CA TYR W 162 18.37 41.49 27.14
C TYR W 162 17.85 42.30 25.96
N TYR W 163 16.94 43.23 26.22
CA TYR W 163 16.46 44.16 25.22
C TYR W 163 16.31 45.53 25.86
N MET W 164 16.75 46.56 25.16
CA MET W 164 16.76 47.93 25.68
C MET W 164 15.70 48.74 24.95
N LEU W 165 14.72 49.23 25.71
CA LEU W 165 13.76 50.18 25.17
C LEU W 165 14.48 51.48 24.81
N PRO W 166 13.97 52.21 23.81
CA PRO W 166 14.57 53.51 23.50
C PRO W 166 14.47 54.46 24.69
N MET W 167 15.46 55.33 24.81
CA MET W 167 15.62 56.13 26.02
C MET W 167 14.40 57.02 26.26
N LYS W 168 13.85 57.61 25.19
CA LYS W 168 12.71 58.50 25.36
C LYS W 168 11.46 57.77 25.84
N VAL W 169 11.37 56.46 25.64
CA VAL W 169 10.27 55.70 26.23
C VAL W 169 10.50 55.50 27.72
N ARG W 170 11.73 55.18 28.12
CA ARG W 170 12.02 55.03 29.54
C ARG W 170 11.81 56.34 30.29
N VAL W 171 12.25 57.46 29.70
CA VAL W 171 12.01 58.77 30.31
C VAL W 171 10.51 59.04 30.41
N GLN W 172 9.78 58.72 29.35
CA GLN W 172 8.32 58.87 29.40
C GLN W 172 7.70 57.96 30.46
N GLY W 173 8.36 56.84 30.76
CA GLY W 173 7.85 55.98 31.82
C GLY W 173 7.94 56.61 33.20
N LEU W 174 9.00 57.36 33.47
CA LEU W 174 9.12 58.03 34.76
C LEU W 174 8.12 59.17 34.89
N LYS W 175 7.89 59.91 33.79
CA LYS W 175 6.98 61.04 33.86
C LYS W 175 5.55 60.60 34.19
N VAL W 176 5.08 59.54 33.53
CA VAL W 176 3.70 59.10 33.75
C VAL W 176 3.54 58.51 35.15
N ALA W 177 4.56 57.82 35.66
CA ALA W 177 4.46 57.25 37.00
C ALA W 177 4.33 58.34 38.05
N LEU W 178 5.10 59.42 37.92
CA LEU W 178 5.00 60.53 38.86
C LEU W 178 3.63 61.20 38.77
N THR W 179 3.11 61.38 37.54
CA THR W 179 1.80 61.99 37.37
C THR W 179 0.70 61.14 37.97
N VAL W 180 0.79 59.81 37.80
CA VAL W 180 -0.21 58.92 38.38
C VAL W 180 -0.16 58.99 39.90
N LYS W 181 1.05 59.03 40.48
CA LYS W 181 1.18 59.13 41.93
C LYS W 181 0.59 60.43 42.45
N LEU W 182 0.84 61.54 41.75
CA LEU W 182 0.31 62.82 42.21
C LEU W 182 -1.21 62.90 42.03
N ALA W 183 -1.72 62.38 40.92
CA ALA W 183 -3.14 62.49 40.63
C ALA W 183 -4.01 61.70 41.59
N GLN W 184 -3.46 60.66 42.22
CA GLN W 184 -4.21 59.83 43.16
C GLN W 184 -3.86 60.15 44.62
N ASP W 185 -3.23 61.29 44.87
CA ASP W 185 -2.87 61.73 46.21
C ASP W 185 -1.93 60.74 46.90
N ASP W 186 -1.09 60.06 46.13
CA ASP W 186 -0.08 59.17 46.66
C ASP W 186 1.30 59.80 46.71
N LEU W 187 1.41 61.08 46.37
CA LEU W 187 2.68 61.80 46.36
C LEU W 187 2.67 62.86 47.44
N HIS W 188 3.67 62.82 48.32
CA HIS W 188 3.84 63.80 49.37
C HIS W 188 5.23 64.39 49.30
N ILE W 189 5.33 65.70 49.42
CA ILE W 189 6.60 66.41 49.37
C ILE W 189 7.05 66.71 50.80
N VAL W 190 8.28 66.31 51.12
CA VAL W 190 8.84 66.48 52.46
C VAL W 190 10.03 67.41 52.35
N ASP W 191 10.08 68.42 53.22
CA ASP W 191 11.12 69.44 53.18
C ASP W 191 12.31 68.97 53.99
N SER W 192 13.39 68.62 53.30
CA SER W 192 14.73 68.38 53.85
C SER W 192 14.83 67.06 54.62
N LEU W 193 13.71 66.38 54.86
CA LEU W 193 13.70 64.98 55.30
C LEU W 193 14.54 64.76 56.56
N GLU W 194 14.09 65.37 57.66
CA GLU W 194 14.69 65.14 58.96
C GLU W 194 13.67 64.49 59.91
N LEU W 195 14.19 63.74 60.87
CA LEU W 195 13.36 63.05 61.85
C LEU W 195 13.82 63.41 63.26
N PRO W 196 12.88 63.57 64.20
CA PRO W 196 13.27 63.90 65.58
C PRO W 196 14.11 62.82 66.24
N THR W 197 13.88 61.55 65.91
CA THR W 197 14.56 60.46 66.61
C THR W 197 14.82 59.33 65.65
N ALA W 198 15.74 58.45 66.04
CA ALA W 198 16.12 57.29 65.25
C ALA W 198 15.26 56.07 65.54
N ASP W 199 14.24 56.20 66.38
CA ASP W 199 13.38 55.09 66.71
C ASP W 199 12.52 54.72 65.50
N PRO W 200 12.57 53.48 65.02
CA PRO W 200 11.73 53.11 63.86
C PRO W 200 10.24 53.17 64.13
N GLN W 201 9.82 53.12 65.39
CA GLN W 201 8.39 53.19 65.71
C GLN W 201 7.81 54.56 65.37
N TYR W 202 8.65 55.60 65.35
CA TYR W 202 8.16 56.94 65.05
C TYR W 202 7.58 57.03 63.64
N LEU W 203 8.25 56.41 62.67
CA LEU W 203 7.75 56.44 61.30
C LEU W 203 6.46 55.65 61.16
N ILE W 204 6.34 54.54 61.89
CA ILE W 204 5.15 53.70 61.78
C ILE W 204 3.91 54.46 62.22
N GLU W 205 4.01 55.15 63.37
CA GLU W 205 2.87 55.91 63.86
C GLU W 205 2.62 57.15 63.02
N LEU W 206 3.69 57.77 62.52
CA LEU W 206 3.53 58.95 61.67
C LEU W 206 2.76 58.62 60.39
N ALA W 207 3.09 57.49 59.76
CA ALA W 207 2.37 57.08 58.56
C ALA W 207 0.93 56.69 58.89
N ARG W 208 0.73 56.07 60.05
CA ARG W 208 -0.62 55.70 60.46
C ARG W 208 -1.48 56.92 60.70
N TYR W 209 -0.91 57.96 61.34
CA TYR W 209 -1.67 59.17 61.63
C TYR W 209 -2.08 59.89 60.35
N ARG W 210 -1.17 59.99 59.38
CA ARG W 210 -1.42 60.71 58.14
C ARG W 210 -2.07 59.82 57.07
N ARG W 211 -2.27 58.54 57.35
CA ARG W 211 -2.82 57.59 56.39
C ARG W 211 -1.98 57.54 55.12
N TRP W 212 -0.70 57.22 55.30
CA TRP W 212 0.25 57.08 54.19
C TRP W 212 0.25 55.68 53.60
N GLY W 213 -0.82 54.91 53.80
CA GLY W 213 -0.87 53.58 53.25
C GLY W 213 0.00 52.60 54.02
N ASP W 214 0.27 51.48 53.39
CA ASP W 214 1.04 50.41 54.02
C ASP W 214 2.53 50.55 53.80
N SER W 215 2.96 51.03 52.63
CA SER W 215 4.37 51.16 52.30
C SER W 215 4.66 52.58 51.82
N VAL W 216 5.82 53.08 52.23
CA VAL W 216 6.25 54.44 51.88
C VAL W 216 7.66 54.36 51.31
N LEU W 217 7.87 55.04 50.18
CA LEU W 217 9.17 55.09 49.52
C LEU W 217 9.80 56.46 49.78
N LEU W 218 10.89 56.48 50.54
CA LEU W 218 11.60 57.71 50.87
C LEU W 218 12.80 57.86 49.94
N VAL W 219 12.95 59.06 49.37
CA VAL W 219 14.05 59.34 48.46
C VAL W 219 14.90 60.47 49.02
N ASP W 220 16.14 60.54 48.54
CA ASP W 220 17.07 61.59 48.91
C ASP W 220 17.97 61.87 47.73
N LEU W 221 18.57 63.07 47.72
CA LEU W 221 19.32 63.51 46.55
C LEU W 221 20.60 62.69 46.36
N GLU W 222 21.33 62.45 47.45
CA GLU W 222 22.60 61.75 47.34
C GLU W 222 22.75 60.78 48.51
N HIS W 223 23.59 59.76 48.30
CA HIS W 223 23.76 58.71 49.29
C HIS W 223 24.46 59.22 50.55
N GLU W 224 25.56 59.94 50.37
CA GLU W 224 26.36 60.38 51.52
C GLU W 224 25.68 61.50 52.31
N ASP W 225 24.67 62.15 51.75
CA ASP W 225 24.02 63.28 52.41
C ASP W 225 22.79 62.88 53.20
N MET W 226 22.47 61.60 53.27
CA MET W 226 21.28 61.17 54.01
C MET W 226 21.53 61.27 55.51
N PRO W 227 20.66 61.92 56.26
CA PRO W 227 20.90 62.10 57.69
C PRO W 227 20.87 60.78 58.45
N GLN W 228 21.59 60.76 59.58
CA GLN W 228 21.70 59.54 60.36
C GLN W 228 20.38 59.11 60.98
N ASN W 229 19.54 60.06 61.38
CA ASN W 229 18.26 59.72 61.99
C ASN W 229 17.37 58.96 61.02
N VAL W 230 17.30 59.40 59.77
CA VAL W 230 16.45 58.73 58.79
C VAL W 230 17.02 57.36 58.43
N VAL W 231 18.34 57.28 58.26
CA VAL W 231 18.96 56.01 57.85
C VAL W 231 18.73 54.95 58.93
N ALA W 232 18.98 55.30 60.19
CA ALA W 232 18.83 54.33 61.27
C ALA W 232 17.36 53.98 61.50
N ALA W 233 16.44 54.90 61.22
CA ALA W 233 15.03 54.61 61.44
C ALA W 233 14.48 53.66 60.38
N THR W 234 14.89 53.83 59.13
CA THR W 234 14.37 53.01 58.03
C THR W 234 15.18 51.74 57.79
N SER W 235 16.33 51.57 58.46
CA SER W 235 17.11 50.37 58.27
C SER W 235 16.51 49.15 58.95
N GLY W 236 15.61 49.36 59.91
CA GLY W 236 14.94 48.29 60.60
C GLY W 236 13.52 48.02 60.18
N LEU W 237 13.07 48.59 59.06
CA LEU W 237 11.71 48.43 58.59
C LEU W 237 11.70 47.81 57.20
N LYS W 238 10.66 47.02 56.92
CA LYS W 238 10.52 46.37 55.62
C LYS W 238 9.68 47.20 54.65
N THR W 239 8.52 47.70 55.12
CA THR W 239 7.64 48.46 54.25
C THR W 239 8.15 49.86 53.98
N PHE W 240 9.10 50.36 54.78
CA PHE W 240 9.68 51.68 54.60
C PHE W 240 11.10 51.51 54.08
N ASN W 241 11.39 52.13 52.93
CA ASN W 241 12.67 51.98 52.28
C ASN W 241 13.20 53.35 51.86
N LEU W 242 14.51 53.53 51.98
CA LEU W 242 15.19 54.77 51.62
C LEU W 242 16.10 54.51 50.43
N VAL W 243 15.93 55.28 49.37
CA VAL W 243 16.67 55.09 48.13
C VAL W 243 17.16 56.44 47.63
N PRO W 244 18.39 56.56 47.15
CA PRO W 244 18.85 57.83 46.58
C PRO W 244 18.07 58.19 45.31
N ALA W 245 18.16 59.46 44.94
CA ALA W 245 17.40 59.96 43.80
C ALA W 245 17.79 59.25 42.50
N VAL W 246 19.02 58.78 42.40
CA VAL W 246 19.44 58.06 41.20
C VAL W 246 18.87 56.65 41.15
N GLY W 247 18.36 56.15 42.27
CA GLY W 247 17.80 54.81 42.32
C GLY W 247 16.29 54.77 42.17
N LEU W 248 15.71 55.83 41.61
CA LEU W 248 14.27 55.91 41.42
C LEU W 248 13.89 55.36 40.06
N ASN W 249 12.78 54.63 40.01
CA ASN W 249 12.32 54.00 38.77
C ASN W 249 10.86 53.60 38.92
N VAL W 250 10.31 53.03 37.85
CA VAL W 250 8.88 52.73 37.80
C VAL W 250 8.51 51.60 38.76
N HIS W 251 9.29 50.53 38.76
CA HIS W 251 8.92 49.36 39.57
C HIS W 251 8.87 49.69 41.04
N SER W 252 9.81 50.49 41.52
CA SER W 252 9.81 50.87 42.94
C SER W 252 8.58 51.70 43.28
N MET W 253 8.18 52.61 42.40
CA MET W 253 7.01 53.43 42.66
C MET W 253 5.75 52.59 42.78
N LEU W 254 5.57 51.62 41.87
CA LEU W 254 4.37 50.79 41.90
C LEU W 254 4.41 49.76 43.03
N LYS W 255 5.60 49.44 43.54
CA LYS W 255 5.69 48.48 44.64
C LYS W 255 5.20 49.10 45.94
N HIS W 256 5.57 50.35 46.21
CA HIS W 256 5.20 51.02 47.45
C HIS W 256 3.99 51.91 47.20
N GLN W 257 3.01 51.84 48.11
CA GLN W 257 1.75 52.55 47.92
C GLN W 257 1.87 54.06 48.08
N THR W 258 2.98 54.57 48.61
CA THR W 258 3.15 55.99 48.82
C THR W 258 4.57 56.40 48.44
N LEU W 259 4.69 57.50 47.71
CA LEU W 259 5.98 58.04 47.30
C LEU W 259 6.22 59.37 48.00
N VAL W 260 7.42 59.54 48.55
CA VAL W 260 7.82 60.76 49.24
C VAL W 260 9.01 61.34 48.51
N LEU W 261 8.88 62.59 48.06
CA LEU W 261 9.93 63.29 47.34
C LEU W 261 10.42 64.48 48.16
N THR W 262 11.74 64.63 48.24
CA THR W 262 12.33 65.76 48.92
C THR W 262 12.44 66.94 47.97
N LEU W 263 12.31 68.15 48.53
CA LEU W 263 12.34 69.35 47.69
C LEU W 263 13.61 69.47 46.85
N PRO W 264 14.82 69.24 47.38
CA PRO W 264 15.99 69.21 46.48
C PRO W 264 15.90 68.13 45.42
N THR W 265 15.29 66.99 45.72
CA THR W 265 15.15 65.94 44.72
C THR W 265 14.14 66.32 43.63
N VAL W 266 13.09 67.06 44.00
CA VAL W 266 12.10 67.46 43.01
C VAL W 266 12.73 68.33 41.94
N ALA W 267 13.57 69.29 42.34
CA ALA W 267 14.30 70.09 41.36
C ALA W 267 15.27 69.22 40.56
N PHE W 268 15.84 68.20 41.19
CA PHE W 268 16.75 67.30 40.48
C PHE W 268 16.00 66.51 39.41
N LEU W 269 14.80 66.02 39.73
CA LEU W 269 14.05 65.23 38.76
C LEU W 269 13.59 66.07 37.58
N GLU W 270 13.07 67.27 37.84
CA GLU W 270 12.57 68.10 36.75
C GLU W 270 13.70 68.50 35.80
N GLU W 271 14.89 68.78 36.34
CA GLU W 271 16.02 69.13 35.49
C GLU W 271 16.44 67.97 34.60
N LYS W 272 16.45 66.75 35.14
CA LYS W 272 16.90 65.60 34.36
C LYS W 272 15.86 65.12 33.36
N LEU W 273 14.57 65.17 33.71
CA LEU W 273 13.53 64.61 32.85
C LEU W 273 13.09 65.56 31.75
N LEU W 274 13.17 66.87 31.98
CA LEU W 274 12.78 67.84 30.96
C LEU W 274 13.88 68.09 29.93
N TRP W 275 15.09 67.56 30.15
CA TRP W 275 16.16 67.78 29.19
C TRP W 275 15.95 67.00 27.90
N HIS W 276 15.21 65.89 27.97
CA HIS W 276 15.02 65.05 26.79
C HIS W 276 14.00 65.61 25.81
N ASN W 277 13.16 66.57 26.25
CA ASN W 277 12.17 67.15 25.35
C ASN W 277 12.83 67.90 24.20
N SER W 278 13.91 68.63 24.49
CA SER W 278 14.54 69.49 23.49
C SER W 278 16.01 69.16 23.28
N ARG W 279 16.33 67.88 23.15
CA ARG W 279 17.70 67.43 22.95
C ARG W 279 17.90 66.91 21.54
N TYR W 280 19.16 66.73 21.18
CA TYR W 280 19.54 66.15 19.89
C TYR W 280 19.85 64.67 20.06
N THR W 281 19.84 63.96 18.93
CA THR W 281 20.22 62.56 18.95
C THR W 281 21.72 62.45 19.22
N PRO W 282 22.15 61.45 19.98
CA PRO W 282 23.55 61.38 20.37
C PRO W 282 24.49 61.01 19.23
N LEU W 283 25.31 61.96 18.81
CA LEU W 283 26.36 61.66 17.83
C LEU W 283 27.35 60.67 18.41
N TYR W 284 27.76 60.89 19.65
CA TYR W 284 28.57 59.96 20.43
C TYR W 284 28.03 59.96 21.85
N PRO W 285 28.33 58.93 22.64
CA PRO W 285 27.67 58.80 23.95
C PRO W 285 27.92 60.00 24.85
N PHE W 286 26.90 60.34 25.64
CA PHE W 286 26.93 61.57 26.42
C PHE W 286 28.00 61.56 27.50
N ARG W 287 28.55 60.40 27.85
CA ARG W 287 29.67 60.38 28.79
C ARG W 287 30.87 61.12 28.23
N LEU W 288 30.99 61.18 26.90
CA LEU W 288 32.02 61.97 26.27
C LEU W 288 31.66 63.46 26.36
N PRO W 289 32.66 64.35 26.29
CA PRO W 289 32.39 65.78 26.44
C PRO W 289 31.43 66.30 25.38
N TYR W 290 30.54 67.20 25.80
CA TYR W 290 29.63 67.91 24.92
C TYR W 290 29.77 69.41 25.15
N CYS W 291 29.27 70.19 24.19
CA CYS W 291 29.40 71.64 24.27
C CYS W 291 28.67 72.20 25.48
N ASP W 292 27.45 71.75 25.72
CA ASP W 292 26.64 72.27 26.83
C ASP W 292 25.99 71.13 27.62
N PHE W 293 26.70 70.01 27.75
CA PHE W 293 26.23 68.89 28.56
C PHE W 293 27.42 68.20 29.19
N PRO W 294 27.90 68.70 30.35
CA PRO W 294 29.05 68.13 31.05
C PRO W 294 28.66 66.94 31.92
N THR X 53 67.01 21.79 -2.69
CA THR X 53 66.05 22.64 -2.00
C THR X 53 64.93 23.06 -2.92
N VAL X 54 63.70 22.69 -2.56
CA VAL X 54 62.53 23.00 -3.37
C VAL X 54 61.91 24.30 -2.88
N ILE X 55 61.26 25.01 -3.81
CA ILE X 55 60.56 26.26 -3.51
C ILE X 55 59.13 26.10 -4.00
N VAL X 56 58.16 26.25 -3.09
CA VAL X 56 56.76 26.03 -3.39
C VAL X 56 55.94 27.20 -2.90
N GLU X 57 54.75 27.37 -3.48
CA GLU X 57 53.81 28.38 -3.05
C GLU X 57 52.41 27.78 -3.01
N ARG X 58 51.56 28.36 -2.17
CA ARG X 58 50.22 27.83 -1.97
C ARG X 58 49.32 28.17 -3.16
N TRP X 59 48.44 27.22 -3.50
CA TRP X 59 47.46 27.48 -4.55
C TRP X 59 46.39 28.44 -4.07
N TRP X 60 45.88 28.25 -2.85
CA TRP X 60 44.80 29.04 -2.32
C TRP X 60 45.33 30.16 -1.43
N LYS X 61 44.70 31.33 -1.54
CA LYS X 61 45.12 32.49 -0.76
C LYS X 61 44.83 32.29 0.72
N VAL X 62 45.65 32.90 1.55
CA VAL X 62 45.51 32.85 3.01
C VAL X 62 44.96 34.18 3.49
N PRO X 63 43.89 34.20 4.28
CA PRO X 63 43.39 35.47 4.80
C PRO X 63 44.39 36.15 5.72
N LEU X 64 44.33 37.47 5.75
CA LEU X 64 45.33 38.27 6.44
C LEU X 64 45.12 38.26 7.94
N ALA X 65 46.17 38.64 8.67
CA ALA X 65 46.09 38.89 10.12
C ALA X 65 47.18 39.92 10.43
N GLY X 66 46.79 41.19 10.43
CA GLY X 66 47.73 42.28 10.45
C GLY X 66 48.19 42.80 11.80
N GLU X 67 47.69 42.24 12.90
CA GLU X 67 48.07 42.70 14.23
C GLU X 67 49.16 41.82 14.85
N GLY X 68 50.07 41.30 14.03
CA GLY X 68 51.08 40.39 14.55
C GLY X 68 50.53 39.08 15.05
N ARG X 69 49.43 38.60 14.47
CA ARG X 69 48.79 37.37 14.89
C ARG X 69 48.97 36.29 13.84
N LYS X 70 49.12 35.06 14.32
CA LYS X 70 49.29 33.93 13.41
C LYS X 70 48.00 33.71 12.62
N PRO X 71 48.07 33.64 11.29
CA PRO X 71 46.83 33.53 10.51
C PRO X 71 46.23 32.14 10.59
N ARG X 72 44.93 32.08 10.28
CA ARG X 72 44.23 30.80 10.26
C ARG X 72 44.62 30.00 9.03
N LEU X 73 45.03 28.75 9.25
CA LEU X 73 45.44 27.86 8.19
C LEU X 73 44.42 26.75 8.02
N HIS X 74 43.96 26.56 6.79
CA HIS X 74 42.96 25.56 6.45
C HIS X 74 43.62 24.43 5.66
N ARG X 75 42.84 23.37 5.42
CA ARG X 75 43.35 22.24 4.66
C ARG X 75 43.69 22.64 3.24
N ARG X 76 42.86 23.50 2.62
CA ARG X 76 43.10 23.91 1.24
C ARG X 76 44.33 24.81 1.10
N HIS X 77 44.90 25.27 2.21
CA HIS X 77 46.15 26.03 2.18
C HIS X 77 47.37 25.13 2.18
N ARG X 78 47.19 23.81 2.28
CA ARG X 78 48.29 22.87 2.18
C ARG X 78 48.64 22.51 0.74
N VAL X 79 47.82 22.90 -0.22
CA VAL X 79 48.04 22.53 -1.62
C VAL X 79 49.14 23.43 -2.18
N TYR X 80 50.31 22.84 -2.44
CA TYR X 80 51.47 23.56 -2.95
C TYR X 80 51.66 23.23 -4.42
N LYS X 81 52.45 24.07 -5.08
CA LYS X 81 52.91 23.79 -6.43
C LYS X 81 54.38 24.18 -6.55
N LEU X 82 55.16 23.31 -7.20
CA LEU X 82 56.58 23.55 -7.37
C LEU X 82 56.79 24.64 -8.42
N VAL X 83 57.36 25.76 -8.01
CA VAL X 83 57.56 26.89 -8.92
C VAL X 83 59.01 26.91 -9.41
N GLU X 84 59.92 26.38 -8.61
CA GLU X 84 61.33 26.39 -8.97
C GLU X 84 62.07 25.42 -8.05
N ASP X 85 63.07 24.74 -8.61
CA ASP X 85 63.93 23.85 -7.85
C ASP X 85 65.37 24.35 -7.96
N THR X 86 66.04 24.48 -6.81
CA THR X 86 67.36 25.10 -6.78
C THR X 86 68.45 24.22 -7.38
N LYS X 87 68.23 22.92 -7.49
CA LYS X 87 69.25 22.05 -8.05
C LYS X 87 69.29 22.04 -9.57
N HIS X 88 68.26 22.56 -10.22
CA HIS X 88 68.21 22.60 -11.67
C HIS X 88 68.71 23.92 -12.25
N ARG X 89 69.06 24.89 -11.42
CA ARG X 89 69.58 26.15 -11.92
C ARG X 89 70.99 25.96 -12.48
N PRO X 90 71.39 26.79 -13.45
CA PRO X 90 72.79 26.79 -13.86
C PRO X 90 73.66 27.37 -12.76
N LYS X 91 74.44 26.51 -12.10
CA LYS X 91 75.16 26.91 -10.91
C LYS X 91 76.32 27.84 -11.25
N ASP X 92 76.67 28.69 -10.29
CA ASP X 92 77.69 29.72 -10.48
C ASP X 92 79.06 29.15 -10.16
N ASN X 93 80.06 30.04 -10.09
CA ASN X 93 81.43 29.67 -9.77
C ASN X 93 81.82 30.30 -8.43
N LEU X 94 82.85 29.73 -7.82
CA LEU X 94 83.34 30.16 -6.51
C LEU X 94 84.70 30.82 -6.69
N GLU X 95 84.83 32.05 -6.19
CA GLU X 95 86.09 32.78 -6.24
C GLU X 95 86.90 32.49 -4.99
N LEU X 96 88.15 32.08 -5.17
CA LEU X 96 89.05 31.72 -4.08
C LEU X 96 90.40 32.38 -4.27
N VAL X 97 91.09 32.63 -3.16
CA VAL X 97 92.45 33.17 -3.18
C VAL X 97 93.42 32.02 -2.98
N LEU X 98 94.39 31.90 -3.88
CA LEU X 98 95.33 30.78 -3.83
C LEU X 98 96.47 31.09 -2.87
N THR X 99 96.68 30.20 -1.91
CA THR X 99 97.82 30.29 -1.00
C THR X 99 99.03 29.49 -1.48
N GLN X 100 98.93 28.86 -2.66
CA GLN X 100 100.04 28.12 -3.25
C GLN X 100 99.75 27.95 -4.73
N SER X 101 100.80 28.02 -5.54
CA SER X 101 100.63 28.00 -6.99
C SER X 101 100.16 26.63 -7.46
N VAL X 102 99.14 26.63 -8.32
CA VAL X 102 98.59 25.40 -8.85
C VAL X 102 99.15 25.17 -10.25
N GLU X 103 99.11 23.90 -10.69
CA GLU X 103 99.71 23.54 -11.97
C GLU X 103 99.01 24.23 -13.15
N GLU X 104 97.69 24.30 -13.11
CA GLU X 104 96.93 24.91 -14.19
C GLU X 104 96.15 26.15 -13.79
N LEU X 105 96.01 26.42 -12.49
CA LEU X 105 95.32 27.61 -12.02
C LEU X 105 96.33 28.74 -11.86
N GLY X 106 95.96 29.81 -11.17
CA GLY X 106 96.83 30.93 -10.94
C GLY X 106 98.01 30.58 -10.04
N VAL X 107 98.66 31.62 -9.55
CA VAL X 107 99.87 31.50 -8.76
C VAL X 107 99.58 31.83 -7.30
N ARG X 108 100.59 31.67 -6.45
CA ARG X 108 100.51 32.10 -5.06
C ARG X 108 99.99 33.52 -4.95
N GLY X 109 98.88 33.69 -4.22
CA GLY X 109 98.26 34.99 -4.07
C GLY X 109 97.62 35.50 -5.35
N ASP X 110 96.55 34.85 -5.80
CA ASP X 110 95.87 35.27 -7.01
C ASP X 110 94.38 34.96 -6.88
N LEU X 111 93.57 35.67 -7.64
CA LEU X 111 92.12 35.51 -7.61
C LEU X 111 91.70 34.63 -8.79
N VAL X 112 91.02 33.53 -8.49
CA VAL X 112 90.53 32.60 -9.49
C VAL X 112 89.10 32.22 -9.15
N SER X 113 88.22 32.27 -10.15
CA SER X 113 86.82 31.86 -9.98
C SER X 113 86.69 30.42 -10.47
N VAL X 114 87.16 29.50 -9.63
CA VAL X 114 87.14 28.09 -9.98
C VAL X 114 85.73 27.53 -9.80
N LYS X 115 85.51 26.34 -10.38
CA LYS X 115 84.22 25.67 -10.24
C LYS X 115 83.95 25.35 -8.77
N LYS X 116 82.67 25.45 -8.39
CA LYS X 116 82.30 25.34 -6.98
C LYS X 116 82.64 23.97 -6.42
N SER X 117 82.44 22.91 -7.20
CA SER X 117 82.75 21.56 -6.73
C SER X 117 84.24 21.40 -6.45
N VAL X 118 85.09 21.96 -7.30
CA VAL X 118 86.53 21.80 -7.15
C VAL X 118 87.02 22.48 -5.86
N GLY X 119 86.51 23.67 -5.57
CA GLY X 119 87.01 24.43 -4.44
C GLY X 119 86.83 23.71 -3.12
N ARG X 120 85.68 23.09 -2.91
CA ARG X 120 85.35 22.47 -1.64
C ARG X 120 85.99 21.09 -1.47
N ASN X 121 86.57 20.51 -2.52
CA ASN X 121 87.04 19.13 -2.48
C ASN X 121 88.54 18.98 -2.51
N ARG X 122 89.26 19.80 -3.28
CA ARG X 122 90.69 19.60 -3.43
C ARG X 122 91.49 20.86 -3.11
N LEU X 123 90.88 22.03 -3.29
CA LEU X 123 91.61 23.28 -3.04
C LEU X 123 91.59 23.64 -1.56
N LEU X 124 90.41 23.89 -1.01
CA LEU X 124 90.31 24.29 0.40
C LEU X 124 90.79 23.22 1.37
N PRO X 125 90.37 21.95 1.29
CA PRO X 125 90.83 20.98 2.30
C PRO X 125 92.34 20.78 2.30
N GLN X 126 92.99 20.86 1.15
CA GLN X 126 94.43 20.60 1.06
C GLN X 126 95.27 21.82 1.33
N GLY X 127 94.66 22.98 1.55
CA GLY X 127 95.41 24.19 1.85
C GLY X 127 95.97 24.92 0.65
N LEU X 128 95.66 24.47 -0.57
CA LEU X 128 96.16 25.16 -1.75
C LEU X 128 95.53 26.54 -1.91
N ALA X 129 94.33 26.74 -1.37
CA ALA X 129 93.64 28.01 -1.48
C ALA X 129 92.82 28.26 -0.23
N VAL X 130 92.43 29.52 -0.05
CA VAL X 130 91.60 29.92 1.09
C VAL X 130 90.43 30.72 0.55
N TYR X 131 89.40 30.87 1.40
CA TYR X 131 88.22 31.62 1.02
C TYR X 131 88.58 33.05 0.65
N ALA X 132 87.95 33.54 -0.42
CA ALA X 132 88.20 34.90 -0.89
C ALA X 132 87.32 35.91 -0.15
N SER X 133 87.39 35.88 1.18
CA SER X 133 86.67 36.88 1.97
C SER X 133 87.29 38.25 1.75
N PRO X 134 86.49 39.33 1.83
CA PRO X 134 87.05 40.67 1.62
C PRO X 134 88.20 40.99 2.57
N GLU X 135 88.13 40.53 3.81
CA GLU X 135 89.26 40.73 4.73
C GLU X 135 90.45 39.89 4.31
N ASN X 136 90.21 38.71 3.74
CA ASN X 136 91.30 37.86 3.30
C ASN X 136 92.00 38.42 2.06
N LYS X 137 91.24 39.10 1.19
CA LYS X 137 91.84 39.64 -0.04
C LYS X 137 92.89 40.70 0.27
N LYS X 138 92.60 41.60 1.19
CA LYS X 138 93.52 42.70 1.48
C LYS X 138 94.82 42.22 2.11
N LEU X 139 94.80 41.06 2.78
CA LEU X 139 96.04 40.49 3.30
C LEU X 139 97.00 40.15 2.17
N PHE X 140 96.48 39.56 1.09
CA PHE X 140 97.33 39.25 -0.05
C PHE X 140 97.69 40.51 -0.84
N GLU X 141 96.75 41.45 -0.95
CA GLU X 141 97.03 42.70 -1.64
C GLU X 141 98.14 43.47 -0.94
N GLU X 142 98.09 43.56 0.38
CA GLU X 142 99.18 44.16 1.13
C GLU X 142 100.45 43.34 1.01
N GLU X 143 100.32 42.01 0.97
CA GLU X 143 101.50 41.15 0.84
C GLU X 143 102.20 41.39 -0.49
N LYS X 144 101.44 41.66 -1.55
CA LYS X 144 102.04 41.95 -2.86
C LYS X 144 102.86 43.23 -2.82
N LEU X 145 102.40 44.23 -2.07
CA LEU X 145 103.08 45.53 -2.05
C LEU X 145 104.51 45.39 -1.53
N LEU X 146 104.72 44.50 -0.56
CA LEU X 146 106.05 44.33 0.02
C LEU X 146 107.04 43.81 -1.02
N ARG X 147 106.64 42.79 -1.79
CA ARG X 147 107.56 42.19 -2.75
C ARG X 147 107.78 43.09 -3.96
N GLN X 148 106.70 43.66 -4.50
CA GLN X 148 106.82 44.43 -5.73
C GLN X 148 107.50 45.77 -5.51
N GLU X 149 107.54 46.27 -4.28
CA GLU X 149 108.31 47.48 -3.99
C GLU X 149 109.79 47.27 -4.26
N GLY X 150 110.32 46.13 -3.83
CA GLY X 150 111.69 45.75 -4.11
C GLY X 150 111.85 44.75 -5.23
N LYS X 151 110.80 44.47 -5.99
CA LYS X 151 110.82 43.50 -7.08
C LYS X 151 111.25 42.11 -6.59
N LEU X 152 110.44 41.58 -5.68
CA LEU X 152 110.71 40.28 -5.06
C LEU X 152 109.59 39.27 -5.24
N GLU X 153 108.60 39.56 -6.09
CA GLU X 153 107.50 38.64 -6.31
C GLU X 153 107.99 37.32 -6.90
N LYS X 154 108.51 37.37 -8.13
CA LYS X 154 109.07 36.21 -8.82
C LYS X 154 108.05 35.06 -8.88
N LEU X 155 106.77 35.40 -9.04
CA LEU X 155 105.71 34.40 -9.05
C LEU X 155 105.01 34.26 -10.40
N GLN X 156 105.18 35.22 -11.31
CA GLN X 156 104.57 35.20 -12.63
C GLN X 156 103.05 35.37 -12.55
N THR X 157 102.41 35.65 -13.67
CA THR X 157 100.96 35.76 -13.71
C THR X 157 100.32 34.37 -13.76
N LYS X 158 98.99 34.34 -13.87
CA LYS X 158 98.27 33.07 -13.95
C LYS X 158 98.72 32.26 -15.14
N ALA X 159 98.84 32.90 -16.31
CA ALA X 159 99.35 32.20 -17.49
C ALA X 159 100.86 32.02 -17.42
N GLY X 160 101.57 32.95 -16.76
CA GLY X 160 103.03 32.88 -16.75
C GLY X 160 103.56 31.62 -16.12
N GLU X 161 102.92 31.15 -15.05
CA GLU X 161 103.34 29.90 -14.43
C GLU X 161 103.15 28.72 -15.39
N ALA X 162 102.04 28.72 -16.13
CA ALA X 162 101.81 27.65 -17.09
C ALA X 162 102.83 27.67 -18.23
N THR X 163 103.33 28.86 -18.58
CA THR X 163 104.37 28.94 -19.61
C THR X 163 105.64 28.24 -19.15
N VAL X 164 106.01 28.40 -17.88
CA VAL X 164 107.18 27.72 -17.35
C VAL X 164 106.96 26.21 -17.37
N LYS X 165 105.77 25.75 -16.97
CA LYS X 165 105.50 24.32 -16.92
C LYS X 165 105.62 23.68 -18.29
N PHE X 166 105.03 24.31 -19.31
CA PHE X 166 105.10 23.77 -20.66
C PHE X 166 106.54 23.76 -21.19
N LEU X 167 107.29 24.83 -20.94
CA LEU X 167 108.65 24.93 -21.45
C LEU X 167 109.61 24.03 -20.68
N ARG X 168 109.25 23.57 -19.48
CA ARG X 168 110.10 22.64 -18.75
C ARG X 168 110.24 21.32 -19.50
N ARG X 169 109.15 20.84 -20.10
CA ARG X 169 109.14 19.59 -20.87
C ARG X 169 108.61 19.91 -22.27
N CYS X 170 109.49 20.32 -23.17
CA CYS X 170 109.11 20.60 -24.54
C CYS X 170 110.35 20.49 -25.42
N HIS X 171 110.11 20.24 -26.70
CA HIS X 171 111.18 20.16 -27.69
C HIS X 171 110.74 20.89 -28.95
N LEU X 172 111.61 21.74 -29.48
CA LEU X 172 111.32 22.56 -30.65
C LEU X 172 112.08 22.04 -31.85
N GLU X 173 111.36 21.87 -32.96
CA GLU X 173 111.95 21.46 -34.23
C GLU X 173 112.14 22.70 -35.09
N VAL X 174 113.40 23.09 -35.30
CA VAL X 174 113.73 24.28 -36.09
C VAL X 174 113.97 23.78 -37.53
N GLY X 175 112.91 23.80 -38.34
CA GLY X 175 113.01 23.37 -39.71
C GLY X 175 113.65 24.40 -40.62
N MET X 176 114.80 24.06 -41.20
CA MET X 176 115.53 24.95 -42.09
C MET X 176 115.72 24.28 -43.44
N LYS X 177 115.67 25.07 -44.50
CA LYS X 177 115.80 24.58 -45.87
C LYS X 177 117.21 24.84 -46.36
N ASN X 178 117.90 23.78 -46.79
CA ASN X 178 119.30 23.88 -47.18
C ASN X 178 119.50 24.40 -48.60
N ASN X 179 118.43 24.56 -49.37
CA ASN X 179 118.57 25.09 -50.73
C ASN X 179 119.10 26.52 -50.72
N VAL X 180 118.86 27.27 -49.64
CA VAL X 180 119.37 28.62 -49.48
C VAL X 180 120.07 28.71 -48.13
N LYS X 181 121.20 29.43 -48.11
CA LYS X 181 121.99 29.56 -46.89
C LYS X 181 121.18 30.24 -45.79
N TRP X 182 121.25 29.69 -44.58
CA TRP X 182 120.46 30.15 -43.45
C TRP X 182 121.37 30.37 -42.24
N GLU X 183 121.13 31.48 -41.54
CA GLU X 183 121.82 31.79 -40.29
C GLU X 183 120.78 32.00 -39.21
N LEU X 184 120.97 31.34 -38.07
CA LEU X 184 119.98 31.35 -36.99
C LEU X 184 120.23 32.53 -36.06
N ASN X 185 119.20 33.33 -35.84
CA ASN X 185 119.20 34.49 -34.96
C ASN X 185 117.98 34.41 -34.06
N PRO X 186 117.97 35.14 -32.94
CA PRO X 186 116.82 35.04 -32.01
C PRO X 186 115.49 35.36 -32.65
N GLU X 187 115.46 36.23 -33.67
CA GLU X 187 114.20 36.50 -34.36
C GLU X 187 113.71 35.27 -35.10
N ILE X 188 114.62 34.50 -35.70
CA ILE X 188 114.22 33.30 -36.43
C ILE X 188 113.74 32.22 -35.47
N VAL X 189 114.44 32.05 -34.34
CA VAL X 189 114.10 30.98 -33.41
C VAL X 189 112.69 31.19 -32.83
N ALA X 190 112.34 32.45 -32.55
CA ALA X 190 111.00 32.73 -32.01
C ALA X 190 109.91 32.37 -33.00
N ARG X 191 110.22 32.37 -34.30
CA ARG X 191 109.23 31.97 -35.30
C ARG X 191 108.83 30.51 -35.13
N HIS X 192 109.81 29.63 -34.92
CA HIS X 192 109.51 28.21 -34.84
C HIS X 192 108.68 27.86 -33.61
N PHE X 193 108.80 28.64 -32.54
CA PHE X 193 107.95 28.42 -31.37
C PHE X 193 106.48 28.60 -31.70
N LEU X 194 106.16 29.65 -32.47
CA LEU X 194 104.77 29.95 -32.78
C LEU X 194 104.15 28.87 -33.66
N ARG X 195 104.91 28.36 -34.63
CA ARG X 195 104.36 27.38 -35.56
C ARG X 195 104.40 25.96 -34.99
N ASN X 196 105.57 25.53 -34.52
CA ASN X 196 105.73 24.16 -34.05
C ASN X 196 105.12 23.96 -32.66
N LEU X 197 105.64 24.68 -31.67
CA LEU X 197 105.19 24.52 -30.30
C LEU X 197 104.02 25.42 -29.91
N GLY X 198 103.61 26.33 -30.79
CA GLY X 198 102.55 27.26 -30.46
C GLY X 198 102.90 28.20 -29.33
N VAL X 199 104.11 28.76 -29.34
CA VAL X 199 104.60 29.63 -28.28
C VAL X 199 104.97 30.97 -28.90
N VAL X 200 104.48 32.05 -28.32
CA VAL X 200 104.84 33.40 -28.73
C VAL X 200 105.99 33.87 -27.86
N VAL X 201 107.13 34.18 -28.49
CA VAL X 201 108.35 34.52 -27.79
C VAL X 201 108.78 35.92 -28.21
N ALA X 202 109.06 36.78 -27.23
CA ALA X 202 109.59 38.09 -27.52
C ALA X 202 111.01 37.96 -28.09
N PRO X 203 111.36 38.76 -29.10
CA PRO X 203 112.69 38.62 -29.71
C PRO X 203 113.84 38.82 -28.74
N HIS X 204 113.69 39.74 -27.78
CA HIS X 204 114.76 39.99 -26.82
C HIS X 204 114.85 38.91 -25.75
N ALA X 205 113.79 38.13 -25.55
CA ALA X 205 113.79 37.11 -24.50
C ALA X 205 114.78 35.99 -24.80
N LEU X 206 114.86 35.57 -26.07
CA LEU X 206 115.72 34.46 -26.43
C LEU X 206 117.20 34.82 -26.28
N LYS X 207 117.97 33.88 -25.76
CA LYS X 207 119.41 34.04 -25.58
C LYS X 207 120.10 32.85 -26.24
N LEU X 208 120.50 33.01 -27.50
CA LEU X 208 121.16 31.93 -28.22
C LEU X 208 122.56 31.70 -27.67
N PRO X 209 123.12 30.49 -27.90
CA PRO X 209 124.48 30.22 -27.40
C PRO X 209 125.57 31.04 -28.09
N GLU X 210 125.18 32.03 -28.90
CA GLU X 210 126.05 33.00 -29.56
C GLU X 210 126.92 32.37 -30.63
N GLU X 211 126.79 31.06 -30.88
CA GLU X 211 127.53 30.41 -31.95
C GLU X 211 126.67 30.39 -33.21
N PRO X 212 127.15 30.97 -34.32
CA PRO X 212 126.37 30.88 -35.57
C PRO X 212 126.16 29.44 -35.98
N ILE X 213 124.95 29.15 -36.46
CA ILE X 213 124.55 27.81 -36.84
C ILE X 213 124.24 27.80 -38.33
N THR X 214 124.95 26.96 -39.08
CA THR X 214 124.73 26.82 -40.51
C THR X 214 124.42 25.39 -40.93
N GLN X 215 124.47 24.43 -39.99
CA GLN X 215 124.18 23.04 -40.29
C GLN X 215 123.20 22.50 -39.25
N ARG X 216 122.50 21.45 -39.64
CA ARG X 216 121.53 20.82 -38.74
C ARG X 216 122.26 20.13 -37.58
N GLY X 217 121.63 20.17 -36.42
CA GLY X 217 122.22 19.58 -35.23
C GLY X 217 121.34 19.81 -34.02
N GLU X 218 121.92 19.56 -32.85
CA GLU X 218 121.24 19.73 -31.58
C GLU X 218 121.91 20.84 -30.79
N TYR X 219 121.11 21.78 -30.29
CA TYR X 219 121.61 22.92 -29.55
C TYR X 219 120.64 23.19 -28.39
N TRP X 220 120.81 24.34 -27.74
CA TRP X 220 119.96 24.73 -26.63
C TRP X 220 119.61 26.20 -26.75
N CYS X 221 118.41 26.54 -26.27
CA CYS X 221 117.91 27.91 -26.28
C CYS X 221 117.46 28.30 -24.87
N GLU X 222 117.85 29.48 -24.42
CA GLU X 222 117.47 29.99 -23.12
C GLU X 222 116.24 30.89 -23.27
N VAL X 223 115.18 30.56 -22.54
CA VAL X 223 113.91 31.29 -22.61
C VAL X 223 113.62 31.84 -21.22
N THR X 224 113.38 33.16 -21.17
CA THR X 224 113.08 33.85 -19.92
C THR X 224 111.72 34.52 -20.03
N VAL X 225 110.88 34.33 -19.02
CA VAL X 225 109.52 34.87 -18.99
C VAL X 225 109.47 35.93 -17.90
N ASN X 226 109.04 37.14 -18.29
CA ASN X 226 108.89 38.29 -17.38
C ASN X 226 110.19 38.67 -16.69
N GLY X 227 111.32 38.18 -17.19
CA GLY X 227 112.59 38.49 -16.55
C GLY X 227 112.77 37.89 -15.17
N LEU X 228 111.98 36.87 -14.83
CA LEU X 228 112.04 36.24 -13.51
C LEU X 228 112.47 34.79 -13.58
N ASP X 229 111.84 33.99 -14.43
CA ASP X 229 112.16 32.57 -14.56
C ASP X 229 112.88 32.33 -15.89
N THR X 230 114.03 31.67 -15.82
CA THR X 230 114.83 31.35 -17.00
C THR X 230 114.70 29.87 -17.30
N VAL X 231 114.31 29.54 -18.53
CA VAL X 231 114.10 28.16 -18.95
C VAL X 231 115.01 27.86 -20.12
N ARG X 232 115.74 26.75 -20.04
CA ARG X 232 116.63 26.29 -21.10
C ARG X 232 115.95 25.13 -21.81
N VAL X 233 115.42 25.39 -23.01
CA VAL X 233 114.68 24.39 -23.75
C VAL X 233 115.59 23.72 -24.78
N PRO X 234 115.42 22.42 -25.03
CA PRO X 234 116.22 21.78 -26.08
C PRO X 234 115.91 22.35 -27.45
N MET X 235 116.94 22.42 -28.29
CA MET X 235 116.81 22.89 -29.67
C MET X 235 117.21 21.77 -30.61
N SER X 236 116.33 21.49 -31.57
CA SER X 236 116.57 20.45 -32.57
C SER X 236 116.43 21.08 -33.95
N VAL X 237 117.55 21.29 -34.63
CA VAL X 237 117.56 21.87 -35.97
C VAL X 237 117.59 20.72 -36.97
N VAL X 238 116.47 20.52 -37.67
CA VAL X 238 116.34 19.48 -38.69
C VAL X 238 115.90 20.14 -39.99
N ASN X 239 116.01 19.37 -41.07
CA ASN X 239 115.60 19.87 -42.37
C ASN X 239 114.10 20.18 -42.37
N PHE X 240 113.74 21.32 -42.98
CA PHE X 240 112.35 21.73 -43.03
C PHE X 240 111.54 20.79 -43.91
N GLU X 241 110.28 20.58 -43.53
CA GLU X 241 109.33 19.81 -44.30
C GLU X 241 107.99 20.53 -44.33
N ARG X 242 107.29 20.44 -45.46
CA ARG X 242 105.95 20.97 -45.54
C ARG X 242 105.04 20.20 -44.60
N PRO X 243 104.28 20.87 -43.72
CA PRO X 243 103.38 20.15 -42.82
C PRO X 243 102.39 19.27 -43.55
N LYS X 244 101.91 19.68 -44.71
CA LYS X 244 101.04 18.81 -45.51
C LYS X 244 101.79 17.56 -45.95
N THR X 245 103.05 17.71 -46.36
CA THR X 245 103.87 16.56 -46.70
C THR X 245 104.32 15.81 -45.45
N LYS X 246 104.71 16.55 -44.40
CA LYS X 246 105.23 15.93 -43.19
C LYS X 246 104.17 15.06 -42.53
N ARG X 247 102.95 15.58 -42.40
CA ARG X 247 101.89 14.81 -41.76
C ARG X 247 101.46 13.63 -42.62
N TYR X 248 101.51 13.79 -43.95
CA TYR X 248 101.21 12.65 -44.83
C TYR X 248 102.26 11.55 -44.70
N LYS X 249 103.53 11.93 -44.61
CA LYS X 249 104.60 10.93 -44.62
C LYS X 249 104.62 10.13 -43.31
N TYR X 250 104.42 10.79 -42.17
CA TYR X 250 104.58 10.15 -40.88
C TYR X 250 103.27 9.90 -40.17
N TRP X 251 102.43 10.92 -40.01
CA TRP X 251 101.21 10.77 -39.22
C TRP X 251 100.21 9.86 -39.93
N LEU X 252 99.96 10.10 -41.22
CA LEU X 252 99.00 9.27 -41.95
C LEU X 252 99.50 7.85 -42.09
N ALA X 253 100.78 7.66 -42.39
CA ALA X 253 101.33 6.31 -42.49
C ALA X 253 101.29 5.59 -41.15
N GLN X 254 101.63 6.29 -40.07
CA GLN X 254 101.66 5.70 -38.74
C GLN X 254 100.77 6.47 -37.77
N GLY Y 24 -15.84 3.17 -20.29
CA GLY Y 24 -16.90 3.67 -21.14
C GLY Y 24 -16.84 3.12 -22.54
N SER Y 25 -18.00 2.96 -23.16
CA SER Y 25 -18.10 2.40 -24.50
C SER Y 25 -18.26 3.50 -25.54
N LYS Y 26 -18.11 3.11 -26.80
CA LYS Y 26 -18.23 4.06 -27.90
C LYS Y 26 -19.69 4.49 -28.07
N ALA Y 27 -19.90 5.49 -28.91
CA ALA Y 27 -21.26 5.97 -29.18
C ALA Y 27 -22.07 4.90 -29.90
N VAL Y 28 -21.43 4.13 -30.78
CA VAL Y 28 -22.10 3.07 -31.53
C VAL Y 28 -21.49 1.75 -31.10
N THR Y 29 -22.32 0.85 -30.59
CA THR Y 29 -21.90 -0.46 -30.12
C THR Y 29 -22.74 -1.55 -30.77
N ARG Y 30 -22.53 -2.79 -30.31
CA ARG Y 30 -23.19 -3.95 -30.87
C ARG Y 30 -24.20 -4.59 -29.93
N HIS Y 31 -24.41 -4.03 -28.74
CA HIS Y 31 -25.13 -4.74 -27.68
C HIS Y 31 -26.28 -3.92 -27.11
N ARG Y 32 -26.91 -3.07 -27.92
CA ARG Y 32 -28.06 -2.27 -27.48
C ARG Y 32 -27.72 -1.51 -26.19
N ARG Y 33 -26.81 -0.55 -26.35
CA ARG Y 33 -26.26 0.21 -25.23
C ARG Y 33 -27.34 0.65 -24.25
N VAL Y 34 -27.11 0.36 -22.98
CA VAL Y 34 -28.09 0.69 -21.94
C VAL Y 34 -28.16 2.20 -21.75
N MET Y 35 -29.37 2.74 -21.77
CA MET Y 35 -29.58 4.16 -21.65
C MET Y 35 -29.40 4.61 -20.20
N HIS Y 36 -29.12 5.90 -20.03
CA HIS Y 36 -29.16 6.51 -18.71
C HIS Y 36 -30.57 6.43 -18.16
N PHE Y 37 -30.70 6.27 -16.85
CA PHE Y 37 -32.00 6.03 -16.24
C PHE Y 37 -32.95 7.20 -16.51
N GLU Y 38 -32.44 8.42 -16.48
CA GLU Y 38 -33.27 9.58 -16.82
C GLU Y 38 -33.77 9.49 -18.25
N ARG Y 39 -32.91 9.02 -19.16
CA ARG Y 39 -33.34 8.86 -20.55
C ARG Y 39 -34.39 7.76 -20.69
N GLN Y 40 -34.31 6.72 -19.86
CA GLN Y 40 -35.30 5.66 -19.94
C GLN Y 40 -36.69 6.18 -19.60
N LYS Y 41 -36.80 7.04 -18.59
CA LYS Y 41 -38.08 7.66 -18.27
C LYS Y 41 -38.57 8.53 -19.42
N LEU Y 42 -37.65 9.21 -20.11
CA LEU Y 42 -38.03 9.99 -21.27
C LEU Y 42 -38.56 9.11 -22.39
N MET Y 43 -37.93 7.95 -22.61
CA MET Y 43 -38.39 7.03 -23.64
C MET Y 43 -39.71 6.37 -23.28
N ALA Y 44 -40.08 6.36 -22.00
CA ALA Y 44 -41.32 5.74 -21.56
C ALA Y 44 -42.47 6.73 -21.42
N VAL Y 45 -42.17 8.02 -21.27
CA VAL Y 45 -43.21 9.05 -21.20
C VAL Y 45 -43.56 9.62 -22.56
N THR Y 46 -42.73 9.37 -23.59
CA THR Y 46 -42.99 9.86 -24.93
C THR Y 46 -43.42 8.74 -25.87
N GLU Y 47 -44.15 7.76 -25.34
CA GLU Y 47 -44.61 6.64 -26.15
C GLU Y 47 -45.75 7.08 -27.07
N TYR Y 48 -46.14 6.17 -27.95
CA TYR Y 48 -47.24 6.40 -28.87
C TYR Y 48 -48.50 5.70 -28.35
N ILE Y 49 -49.57 6.47 -28.19
CA ILE Y 49 -50.86 5.95 -27.75
C ILE Y 49 -51.83 6.05 -28.92
N PRO Y 50 -52.23 4.93 -29.53
CA PRO Y 50 -53.16 5.01 -30.66
C PRO Y 50 -54.50 5.53 -30.21
N PRO Y 51 -55.24 6.22 -31.09
CA PRO Y 51 -56.56 6.73 -30.70
C PRO Y 51 -57.51 5.60 -30.35
N LYS Y 52 -58.35 5.85 -29.35
CA LYS Y 52 -59.31 4.86 -28.88
C LYS Y 52 -60.72 5.35 -29.18
N PRO Y 53 -61.41 4.78 -30.17
CA PRO Y 53 -62.78 5.22 -30.46
C PRO Y 53 -63.72 4.90 -29.31
N THR Y 54 -64.75 5.74 -29.18
CA THR Y 54 -65.73 5.56 -28.11
C THR Y 54 -66.45 4.23 -28.24
N ILE Y 55 -66.89 3.88 -29.44
CA ILE Y 55 -67.55 2.62 -29.72
C ILE Y 55 -66.81 1.93 -30.86
N ASN Y 56 -66.49 0.65 -30.68
CA ASN Y 56 -65.77 -0.08 -31.70
C ASN Y 56 -66.60 -0.16 -32.98
N PRO Y 57 -66.01 0.09 -34.14
CA PRO Y 57 -66.81 0.10 -35.38
C PRO Y 57 -67.45 -1.24 -35.72
N ARG Y 58 -66.92 -2.34 -35.18
CA ARG Y 58 -67.55 -3.64 -35.41
C ARG Y 58 -68.94 -3.69 -34.78
N CYS Y 59 -69.08 -3.13 -33.57
CA CYS Y 59 -70.39 -3.16 -32.90
C CYS Y 59 -71.37 -2.20 -33.55
N LEU Y 60 -70.88 -1.13 -34.18
CA LEU Y 60 -71.76 -0.19 -34.85
C LEU Y 60 -72.43 -0.86 -36.04
N PRO Y 61 -73.60 -0.37 -36.45
CA PRO Y 61 -74.26 -0.95 -37.62
C PRO Y 61 -73.38 -0.81 -38.84
N PRO Y 62 -73.48 -1.75 -39.79
CA PRO Y 62 -72.55 -1.75 -40.91
C PRO Y 62 -72.74 -0.52 -41.78
N PRO Y 63 -71.70 -0.07 -42.46
CA PRO Y 63 -71.82 1.09 -43.37
C PRO Y 63 -72.78 0.78 -44.50
N PRO Y 64 -73.19 1.79 -45.27
CA PRO Y 64 -74.06 1.51 -46.42
C PRO Y 64 -73.41 0.52 -47.37
N THR Y 65 -74.22 -0.39 -47.89
CA THR Y 65 -73.71 -1.48 -48.70
C THR Y 65 -73.23 -0.96 -50.05
N PRO Y 66 -71.98 -1.18 -50.43
CA PRO Y 66 -71.51 -0.76 -51.74
C PRO Y 66 -72.25 -1.51 -52.84
N PRO Y 67 -72.54 -0.85 -53.96
CA PRO Y 67 -73.27 -1.50 -55.05
C PRO Y 67 -72.35 -2.37 -55.90
N GLN Y 68 -72.54 -3.68 -55.82
CA GLN Y 68 -71.75 -4.59 -56.63
C GLN Y 68 -72.15 -4.47 -58.10
N GLU Y 69 -71.16 -4.53 -58.97
CA GLU Y 69 -71.36 -4.38 -60.41
C GLU Y 69 -71.25 -5.74 -61.08
N GLU Y 70 -72.26 -6.08 -61.88
CA GLU Y 70 -72.24 -7.33 -62.64
C GLU Y 70 -71.28 -7.22 -63.80
N THR Y 71 -70.37 -8.19 -63.92
CA THR Y 71 -69.36 -8.16 -64.95
C THR Y 71 -69.92 -8.74 -66.25
N GLY Y 72 -69.06 -8.81 -67.28
CA GLY Y 72 -69.48 -9.35 -68.55
C GLY Y 72 -69.79 -10.84 -68.48
N LEU Y 73 -68.99 -11.58 -67.73
CA LEU Y 73 -69.21 -13.03 -67.63
C LEU Y 73 -70.55 -13.35 -66.99
N VAL Y 74 -70.92 -12.63 -65.93
CA VAL Y 74 -72.21 -12.85 -65.31
C VAL Y 74 -73.33 -12.48 -66.27
N ARG Y 75 -73.21 -11.34 -66.95
CA ARG Y 75 -74.23 -10.94 -67.91
C ARG Y 75 -74.28 -11.86 -69.11
N LEU Y 76 -73.14 -12.47 -69.49
CA LEU Y 76 -73.17 -13.45 -70.57
C LEU Y 76 -74.00 -14.67 -70.19
N LEU Y 77 -73.87 -15.15 -68.95
CA LEU Y 77 -74.66 -16.28 -68.51
C LEU Y 77 -76.14 -15.92 -68.38
N ARG Y 78 -76.44 -14.67 -68.06
CA ARG Y 78 -77.85 -14.26 -67.91
C ARG Y 78 -78.61 -14.40 -69.21
N ARG Y 79 -78.02 -13.97 -70.33
CA ARG Y 79 -78.71 -14.06 -71.61
C ARG Y 79 -78.70 -15.47 -72.17
N GLU Y 80 -77.65 -16.25 -71.92
CA GLU Y 80 -77.62 -17.63 -72.37
C GLU Y 80 -78.72 -18.44 -71.69
N ILE Y 81 -78.92 -18.22 -70.38
CA ILE Y 81 -80.01 -18.87 -69.67
C ILE Y 81 -81.35 -18.39 -70.23
N ALA Y 82 -81.46 -17.10 -70.51
CA ALA Y 82 -82.67 -16.58 -71.13
C ALA Y 82 -82.89 -17.19 -72.51
N ALA Y 83 -81.82 -17.35 -73.28
CA ALA Y 83 -81.93 -17.93 -74.62
C ALA Y 83 -82.33 -19.40 -74.54
N VAL Y 84 -81.65 -20.17 -73.68
CA VAL Y 84 -81.93 -21.60 -73.59
C VAL Y 84 -83.30 -21.87 -73.00
N PHE Y 85 -83.88 -20.91 -72.27
CA PHE Y 85 -85.23 -21.05 -71.75
C PHE Y 85 -86.29 -20.47 -72.67
N ARG Y 86 -85.90 -19.86 -73.80
CA ARG Y 86 -86.83 -19.21 -74.71
C ARG Y 86 -87.08 -20.02 -75.97
N ASP Y 87 -86.01 -20.40 -76.69
CA ASP Y 87 -86.18 -21.07 -77.97
C ASP Y 87 -86.28 -22.58 -77.84
N ASN Y 88 -86.10 -23.14 -76.65
CA ASN Y 88 -86.17 -24.57 -76.44
C ASN Y 88 -87.51 -24.97 -75.85
N ARG Y 89 -88.08 -26.06 -76.37
CA ARG Y 89 -89.40 -26.52 -75.96
C ARG Y 89 -89.35 -27.47 -74.77
N MET Y 90 -88.33 -28.32 -74.70
CA MET Y 90 -88.18 -29.27 -73.60
C MET Y 90 -86.99 -28.86 -72.74
N ILE Y 91 -87.22 -28.72 -71.44
CA ILE Y 91 -86.19 -28.42 -70.47
C ILE Y 91 -86.28 -29.48 -69.37
N ALA Y 92 -85.32 -30.39 -69.35
CA ALA Y 92 -85.32 -31.49 -68.39
C ALA Y 92 -84.16 -31.31 -67.41
N VAL Y 93 -84.48 -31.29 -66.12
CA VAL Y 93 -83.48 -31.14 -65.07
C VAL Y 93 -83.06 -32.53 -64.60
N CYS Y 94 -81.84 -32.63 -64.10
CA CYS Y 94 -81.31 -33.90 -63.63
C CYS Y 94 -80.30 -33.64 -62.53
N GLN Y 95 -80.08 -34.64 -61.69
CA GLN Y 95 -79.07 -34.56 -60.65
C GLN Y 95 -77.74 -35.02 -61.22
N HIS Y 96 -76.80 -34.10 -61.37
CA HIS Y 96 -75.49 -34.44 -61.91
C HIS Y 96 -74.75 -35.34 -60.94
N VAL Y 97 -74.21 -36.44 -61.46
CA VAL Y 97 -73.53 -37.45 -60.65
C VAL Y 97 -72.11 -37.61 -61.18
N ALA Y 98 -71.14 -37.66 -60.28
CA ALA Y 98 -69.74 -37.82 -60.66
C ALA Y 98 -69.55 -39.21 -61.26
N LEU Y 99 -69.35 -39.27 -62.57
CA LEU Y 99 -69.16 -40.51 -63.31
C LEU Y 99 -67.75 -40.55 -63.89
N SER Y 100 -67.44 -41.65 -64.55
CA SER Y 100 -66.16 -41.78 -65.24
C SER Y 100 -66.08 -40.79 -66.40
N ALA Y 101 -64.87 -40.31 -66.66
CA ALA Y 101 -64.68 -39.38 -67.77
C ALA Y 101 -65.03 -40.04 -69.11
N GLU Y 102 -64.63 -41.30 -69.29
CA GLU Y 102 -65.02 -42.04 -70.48
C GLU Y 102 -66.52 -42.24 -70.53
N ASP Y 103 -67.13 -42.59 -69.39
CA ASP Y 103 -68.58 -42.78 -69.36
C ASP Y 103 -69.32 -41.47 -69.57
N LYS Y 104 -68.83 -40.38 -68.98
CA LYS Y 104 -69.47 -39.08 -69.18
C LYS Y 104 -69.41 -38.66 -70.65
N LEU Y 105 -68.26 -38.87 -71.30
CA LEU Y 105 -68.16 -38.56 -72.72
C LEU Y 105 -69.04 -39.49 -73.54
N LEU Y 106 -69.16 -40.76 -73.14
CA LEU Y 106 -70.04 -41.68 -73.83
C LEU Y 106 -71.49 -41.24 -73.73
N LEU Y 107 -71.90 -40.72 -72.57
CA LEU Y 107 -73.26 -40.23 -72.41
C LEU Y 107 -73.53 -39.05 -73.34
N ARG Y 108 -72.53 -38.17 -73.52
CA ARG Y 108 -72.68 -37.06 -74.46
C ARG Y 108 -72.87 -37.56 -75.88
N HIS Y 109 -72.09 -38.57 -76.28
CA HIS Y 109 -72.22 -39.10 -77.64
C HIS Y 109 -73.57 -39.75 -77.87
N GLN Y 110 -74.05 -40.52 -76.88
CA GLN Y 110 -75.34 -41.18 -77.02
C GLN Y 110 -76.48 -40.18 -77.10
N LEU Y 111 -76.43 -39.13 -76.28
CA LEU Y 111 -77.45 -38.08 -76.37
C LEU Y 111 -77.34 -37.30 -77.67
N ARG Y 112 -76.15 -37.25 -78.27
CA ARG Y 112 -75.99 -36.59 -79.56
C ARG Y 112 -76.75 -37.31 -80.66
N LYS Y 113 -76.91 -38.64 -80.54
CA LYS Y 113 -77.62 -39.41 -81.54
C LYS Y 113 -79.09 -39.00 -81.67
N HIS Y 114 -79.66 -38.41 -80.62
CA HIS Y 114 -81.06 -37.99 -80.63
C HIS Y 114 -81.20 -36.48 -80.50
N LYS Y 115 -80.15 -35.73 -80.84
CA LYS Y 115 -80.11 -34.27 -80.83
C LYS Y 115 -80.29 -33.67 -79.44
N ILE Y 116 -80.14 -34.47 -78.38
CA ILE Y 116 -80.29 -33.96 -77.03
C ILE Y 116 -78.94 -33.44 -76.53
N LEU Y 117 -78.92 -32.21 -76.05
CA LEU Y 117 -77.73 -31.60 -75.49
C LEU Y 117 -77.90 -31.39 -73.99
N MET Y 118 -76.77 -31.22 -73.31
CA MET Y 118 -76.75 -31.01 -71.87
C MET Y 118 -75.76 -29.90 -71.53
N LYS Y 119 -76.19 -29.00 -70.64
CA LYS Y 119 -75.36 -27.89 -70.20
C LYS Y 119 -75.45 -27.78 -68.68
N ILE Y 120 -74.42 -27.15 -68.10
CA ILE Y 120 -74.33 -26.95 -66.65
C ILE Y 120 -74.22 -25.46 -66.39
N PHE Y 121 -75.04 -24.96 -65.45
CA PHE Y 121 -75.00 -23.57 -65.07
C PHE Y 121 -74.82 -23.44 -63.56
N PRO Y 122 -73.95 -22.54 -63.11
CA PRO Y 122 -73.79 -22.33 -61.66
C PRO Y 122 -75.04 -21.73 -61.04
N ASN Y 123 -75.30 -22.09 -59.79
CA ASN Y 123 -76.47 -21.58 -59.08
C ASN Y 123 -76.32 -20.11 -58.71
N GLN Y 124 -75.12 -19.55 -58.80
CA GLN Y 124 -74.92 -18.14 -58.46
C GLN Y 124 -75.64 -17.23 -59.45
N VAL Y 125 -75.71 -17.63 -60.72
CA VAL Y 125 -76.34 -16.83 -61.76
C VAL Y 125 -77.61 -17.47 -62.30
N LEU Y 126 -78.02 -18.63 -61.78
CA LEU Y 126 -79.23 -19.29 -62.24
C LEU Y 126 -80.39 -19.14 -61.26
N LYS Y 127 -80.15 -19.33 -59.96
CA LYS Y 127 -81.21 -19.17 -58.98
C LYS Y 127 -81.79 -17.76 -58.96
N PRO Y 128 -81.00 -16.68 -58.95
CA PRO Y 128 -81.61 -15.35 -59.05
C PRO Y 128 -82.37 -15.13 -60.34
N PHE Y 129 -81.94 -15.75 -61.44
CA PHE Y 129 -82.62 -15.57 -62.71
C PHE Y 129 -83.96 -16.29 -62.73
N LEU Y 130 -83.99 -17.54 -62.25
CA LEU Y 130 -85.25 -18.30 -62.23
C LEU Y 130 -86.22 -17.79 -61.19
N GLU Y 131 -85.72 -17.15 -60.12
CA GLU Y 131 -86.61 -16.59 -59.11
C GLU Y 131 -87.46 -15.46 -59.69
N GLU Y 132 -86.87 -14.63 -60.54
CA GLU Y 132 -87.59 -13.54 -61.17
C GLU Y 132 -88.39 -13.98 -62.39
N SER Y 133 -88.13 -15.18 -62.91
CA SER Y 133 -88.78 -15.66 -64.12
C SER Y 133 -90.06 -16.43 -63.80
N LYS Y 134 -90.67 -16.98 -64.84
CA LYS Y 134 -91.91 -17.73 -64.71
C LYS Y 134 -91.69 -19.19 -64.31
N TYR Y 135 -90.44 -19.63 -64.19
CA TYR Y 135 -90.12 -20.97 -63.75
C TYR Y 135 -89.63 -21.00 -62.31
N GLN Y 136 -90.20 -20.15 -61.45
CA GLN Y 136 -89.78 -20.11 -60.04
C GLN Y 136 -90.10 -21.40 -59.31
N ASN Y 137 -90.96 -22.26 -59.86
CA ASN Y 137 -91.35 -23.50 -59.20
C ASN Y 137 -90.31 -24.61 -59.36
N LEU Y 138 -89.27 -24.38 -60.16
CA LEU Y 138 -88.17 -25.32 -60.28
C LEU Y 138 -87.05 -25.04 -59.29
N LEU Y 139 -87.18 -23.99 -58.49
CA LEU Y 139 -86.16 -23.64 -57.49
C LEU Y 139 -85.82 -24.77 -56.53
N PRO Y 140 -86.78 -25.53 -55.97
CA PRO Y 140 -86.40 -26.63 -55.08
C PRO Y 140 -85.50 -27.66 -55.73
N LEU Y 141 -85.58 -27.82 -57.05
CA LEU Y 141 -84.71 -28.74 -57.76
C LEU Y 141 -83.33 -28.18 -58.03
N PHE Y 142 -83.13 -26.88 -57.86
CA PHE Y 142 -81.85 -26.23 -58.13
C PHE Y 142 -81.17 -25.75 -56.85
N VAL Y 143 -81.27 -26.54 -55.78
CA VAL Y 143 -80.59 -26.20 -54.53
C VAL Y 143 -79.21 -26.83 -54.45
N GLY Y 144 -79.11 -28.12 -54.75
CA GLY Y 144 -77.85 -28.84 -54.74
C GLY Y 144 -77.25 -28.97 -56.12
N HIS Y 145 -76.47 -30.03 -56.29
CA HIS Y 145 -75.90 -30.34 -57.60
C HIS Y 145 -77.01 -30.63 -58.59
N ASN Y 146 -76.83 -30.16 -59.83
CA ASN Y 146 -77.88 -30.27 -60.82
C ASN Y 146 -77.27 -30.42 -62.21
N LEU Y 147 -78.10 -30.91 -63.13
CA LEU Y 147 -77.74 -31.06 -64.54
C LEU Y 147 -78.96 -30.75 -65.38
N LEU Y 148 -78.75 -30.05 -66.49
CA LEU Y 148 -79.83 -29.57 -67.33
C LEU Y 148 -79.77 -30.25 -68.70
N LEU Y 149 -80.91 -30.78 -69.15
CA LEU Y 149 -81.02 -31.41 -70.46
C LEU Y 149 -81.86 -30.52 -71.38
N VAL Y 150 -81.36 -30.31 -72.59
CA VAL Y 150 -81.98 -29.42 -73.57
C VAL Y 150 -82.25 -30.19 -74.84
N SER Y 151 -83.45 -30.03 -75.40
CA SER Y 151 -83.84 -30.75 -76.61
C SER Y 151 -84.82 -29.90 -77.42
N GLU Y 152 -84.77 -30.05 -78.73
CA GLU Y 152 -85.74 -29.47 -79.65
C GLU Y 152 -86.61 -30.57 -80.24
N GLU Y 153 -87.87 -30.23 -80.53
CA GLU Y 153 -88.88 -31.21 -80.95
C GLU Y 153 -88.89 -32.32 -79.90
N PRO Y 154 -89.46 -32.07 -78.73
CA PRO Y 154 -89.24 -32.96 -77.58
C PRO Y 154 -89.71 -34.39 -77.84
N LYS Y 155 -88.90 -35.34 -77.36
CA LYS Y 155 -89.22 -36.76 -77.45
C LYS Y 155 -88.42 -37.46 -76.36
N VAL Y 156 -89.11 -37.94 -75.33
CA VAL Y 156 -88.45 -38.50 -74.15
C VAL Y 156 -88.40 -40.02 -74.17
N LYS Y 157 -88.97 -40.66 -75.19
CA LYS Y 157 -88.90 -42.11 -75.29
C LYS Y 157 -87.46 -42.59 -75.43
N GLU Y 158 -86.67 -41.89 -76.23
CA GLU Y 158 -85.25 -42.23 -76.37
C GLU Y 158 -84.38 -41.60 -75.29
N MET Y 159 -84.95 -40.72 -74.45
CA MET Y 159 -84.20 -40.11 -73.36
C MET Y 159 -84.32 -40.89 -72.07
N VAL Y 160 -85.52 -41.36 -71.74
CA VAL Y 160 -85.69 -42.18 -70.54
C VAL Y 160 -84.98 -43.52 -70.68
N ARG Y 161 -84.94 -44.08 -71.89
CA ARG Y 161 -84.26 -45.35 -72.10
C ARG Y 161 -82.78 -45.25 -71.73
N ILE Y 162 -82.13 -44.16 -72.12
CA ILE Y 162 -80.74 -43.95 -71.73
C ILE Y 162 -80.64 -43.76 -70.22
N LEU Y 163 -81.57 -43.01 -69.63
CA LEU Y 163 -81.56 -42.78 -68.18
C LEU Y 163 -81.76 -44.07 -67.41
N LYS Y 164 -82.67 -44.93 -67.87
CA LYS Y 164 -82.90 -46.20 -67.19
C LYS Y 164 -81.79 -47.22 -67.43
N GLY Y 165 -80.92 -46.97 -68.40
CA GLY Y 165 -79.77 -47.84 -68.60
C GLY Y 165 -78.71 -47.70 -67.54
N ILE Y 166 -78.72 -46.60 -66.79
CA ILE Y 166 -77.81 -46.37 -65.67
C ILE Y 166 -78.67 -46.15 -64.43
N PRO Y 167 -78.63 -47.05 -63.45
CA PRO Y 167 -79.59 -46.99 -62.33
C PRO Y 167 -79.34 -45.89 -61.33
N PHE Y 168 -78.25 -45.14 -61.45
CA PHE Y 168 -77.95 -44.10 -60.46
C PHE Y 168 -77.85 -42.71 -61.08
N LEU Y 169 -78.79 -42.38 -61.97
CA LEU Y 169 -78.88 -41.04 -62.55
C LEU Y 169 -80.33 -40.59 -62.42
N PRO Y 170 -80.68 -39.97 -61.28
CA PRO Y 170 -82.07 -39.63 -61.03
C PRO Y 170 -82.59 -38.58 -62.01
N LEU Y 171 -83.89 -38.67 -62.30
CA LEU Y 171 -84.60 -37.68 -63.09
C LEU Y 171 -85.54 -36.94 -62.14
N LEU Y 172 -85.13 -35.74 -61.71
CA LEU Y 172 -85.90 -35.01 -60.72
C LEU Y 172 -87.23 -34.55 -61.30
N GLY Y 173 -87.18 -33.74 -62.35
CA GLY Y 173 -88.39 -33.23 -62.97
C GLY Y 173 -88.11 -32.44 -64.23
N GLY Y 174 -88.83 -31.33 -64.40
CA GLY Y 174 -88.60 -30.47 -65.54
C GLY Y 174 -89.88 -29.83 -66.06
N CYS Y 175 -89.74 -28.94 -67.03
CA CYS Y 175 -90.87 -28.24 -67.64
C CYS Y 175 -90.87 -28.54 -69.13
N ILE Y 176 -92.00 -29.03 -69.64
CA ILE Y 176 -92.17 -29.36 -71.04
C ILE Y 176 -93.26 -28.48 -71.60
N ASP Y 177 -92.90 -27.57 -72.50
CA ASP Y 177 -93.84 -26.64 -73.13
C ASP Y 177 -94.62 -25.85 -72.09
N ASP Y 178 -93.87 -25.21 -71.19
CA ASP Y 178 -94.43 -24.39 -70.12
C ASP Y 178 -95.39 -25.19 -69.24
N THR Y 179 -95.02 -26.44 -68.96
CA THR Y 179 -95.80 -27.31 -68.09
C THR Y 179 -94.83 -28.13 -67.24
N ILE Y 180 -94.92 -27.98 -65.92
CA ILE Y 180 -93.97 -28.61 -65.01
C ILE Y 180 -94.44 -30.03 -64.72
N LEU Y 181 -93.52 -30.98 -64.84
CA LEU Y 181 -93.81 -32.40 -64.64
C LEU Y 181 -92.83 -32.99 -63.63
N SER Y 182 -93.27 -34.07 -62.98
CA SER Y 182 -92.42 -34.86 -62.12
C SER Y 182 -91.88 -36.04 -62.93
N ARG Y 183 -91.16 -36.95 -62.26
CA ARG Y 183 -90.66 -38.13 -62.95
C ARG Y 183 -91.80 -38.99 -63.45
N GLN Y 184 -92.84 -39.18 -62.63
CA GLN Y 184 -94.01 -39.94 -63.05
C GLN Y 184 -94.71 -39.25 -64.21
N GLY Y 185 -94.80 -37.92 -64.17
CA GLY Y 185 -95.36 -37.19 -65.30
C GLY Y 185 -94.54 -37.37 -66.56
N PHE Y 186 -93.22 -37.40 -66.43
CA PHE Y 186 -92.36 -37.70 -67.57
C PHE Y 186 -92.61 -39.11 -68.10
N ILE Y 187 -92.77 -40.08 -67.20
CA ILE Y 187 -93.05 -41.45 -67.60
C ILE Y 187 -94.38 -41.54 -68.34
N ASN Y 188 -95.41 -40.89 -67.80
CA ASN Y 188 -96.70 -40.86 -68.48
C ASN Y 188 -96.60 -40.13 -69.81
N TYR Y 189 -95.84 -39.05 -69.86
CA TYR Y 189 -95.63 -38.33 -71.12
C TYR Y 189 -94.88 -39.19 -72.13
N SER Y 190 -93.99 -40.05 -71.66
CA SER Y 190 -93.24 -40.92 -72.56
C SER Y 190 -94.16 -41.94 -73.23
N LYS Y 191 -95.02 -42.60 -72.44
CA LYS Y 191 -95.95 -43.57 -72.99
C LYS Y 191 -97.05 -42.92 -73.81
N LEU Y 192 -97.20 -41.60 -73.72
CA LEU Y 192 -98.24 -40.91 -74.46
C LEU Y 192 -97.89 -40.86 -75.95
N PRO Y 193 -98.88 -40.97 -76.84
CA PRO Y 193 -98.60 -40.88 -78.27
C PRO Y 193 -98.18 -39.48 -78.70
N SER Y 194 -97.87 -39.32 -79.98
CA SER Y 194 -97.45 -38.02 -80.52
C SER Y 194 -98.66 -37.15 -80.82
N LEU Y 195 -98.39 -35.93 -81.29
CA LEU Y 195 -99.48 -35.01 -81.61
C LEU Y 195 -100.34 -35.55 -82.75
N ALA Y 196 -99.71 -36.11 -83.78
CA ALA Y 196 -100.46 -36.63 -84.92
C ALA Y 196 -101.39 -37.77 -84.51
N LEU Y 197 -100.89 -38.69 -83.68
CA LEU Y 197 -101.70 -39.82 -83.25
C LEU Y 197 -102.83 -39.37 -82.33
N VAL Y 198 -102.53 -38.51 -81.35
CA VAL Y 198 -103.54 -38.08 -80.39
C VAL Y 198 -104.62 -37.25 -81.07
N GLN Y 199 -104.21 -36.30 -81.92
CA GLN Y 199 -105.18 -35.50 -82.65
C GLN Y 199 -105.96 -36.34 -83.65
N GLY Y 200 -105.31 -37.34 -84.26
CA GLY Y 200 -106.01 -38.24 -85.16
C GLY Y 200 -107.08 -39.05 -84.46
N GLU Y 201 -106.82 -39.43 -83.20
CA GLU Y 201 -107.83 -40.11 -82.40
C GLU Y 201 -108.83 -39.15 -81.78
N LEU Y 202 -108.51 -37.85 -81.75
CA LEU Y 202 -109.45 -36.87 -81.21
C LEU Y 202 -110.71 -36.79 -82.05
N VAL Y 203 -110.57 -36.76 -83.38
CA VAL Y 203 -111.74 -36.69 -84.25
C VAL Y 203 -112.54 -37.98 -84.17
N GLY Y 204 -111.87 -39.11 -83.90
CA GLY Y 204 -112.58 -40.37 -83.75
C GLY Y 204 -113.53 -40.36 -82.56
N GLY Y 205 -113.07 -39.80 -81.44
CA GLY Y 205 -113.93 -39.73 -80.26
C GLY Y 205 -115.04 -38.71 -80.38
N LEU Y 206 -114.78 -37.57 -81.02
CA LEU Y 206 -115.82 -36.56 -81.21
C LEU Y 206 -116.92 -37.07 -82.14
N THR Y 207 -116.53 -37.77 -83.22
CA THR Y 207 -117.48 -38.35 -84.14
C THR Y 207 -117.95 -39.73 -83.71
N PHE Y 208 -117.44 -40.25 -82.58
CA PHE Y 208 -117.90 -41.53 -82.08
C PHE Y 208 -119.37 -41.48 -81.68
N LEU Y 209 -119.83 -40.34 -81.17
CA LEU Y 209 -121.23 -40.23 -80.76
C LEU Y 209 -122.16 -40.41 -81.95
N THR Y 210 -121.85 -39.78 -83.08
CA THR Y 210 -122.63 -39.99 -84.29
C THR Y 210 -122.44 -41.40 -84.84
N ALA Y 211 -121.21 -41.91 -84.80
CA ALA Y 211 -120.95 -43.25 -85.30
C ALA Y 211 -121.65 -44.31 -84.45
N GLN Y 212 -121.67 -44.12 -83.13
CA GLN Y 212 -122.37 -45.05 -82.26
C GLN Y 212 -123.87 -45.03 -82.52
N THR Y 213 -124.42 -43.84 -82.77
CA THR Y 213 -125.86 -43.75 -83.06
C THR Y 213 -126.22 -44.49 -84.34
N TYR Y 214 -125.40 -44.33 -85.39
CA TYR Y 214 -125.68 -45.01 -86.65
C TYR Y 214 -125.53 -46.52 -86.50
N SER Y 215 -124.52 -46.97 -85.75
CA SER Y 215 -124.32 -48.40 -85.56
C SER Y 215 -125.49 -49.02 -84.78
N MET Y 216 -125.95 -48.34 -83.73
CA MET Y 216 -127.06 -48.86 -82.94
C MET Y 216 -128.35 -48.92 -83.75
N LEU Y 217 -128.61 -47.89 -84.56
CA LEU Y 217 -129.82 -47.89 -85.39
C LEU Y 217 -129.76 -48.98 -86.46
N GLN Y 218 -128.58 -49.19 -87.06
CA GLN Y 218 -128.40 -50.25 -88.04
C GLN Y 218 -128.28 -51.63 -87.38
N HIS Y 219 -128.10 -51.68 -86.07
CA HIS Y 219 -127.97 -52.96 -85.38
C HIS Y 219 -129.30 -53.70 -85.31
N GLN Y 220 -130.42 -53.00 -85.36
CA GLN Y 220 -131.73 -53.66 -85.29
C GLN Y 220 -131.94 -54.65 -86.43
N PRO Y 221 -131.71 -54.31 -87.70
CA PRO Y 221 -131.75 -55.36 -88.74
C PRO Y 221 -130.68 -56.42 -88.54
N ARG Y 222 -129.52 -56.06 -87.99
CA ARG Y 222 -128.46 -57.04 -87.80
C ARG Y 222 -128.78 -58.01 -86.66
N GLN Y 223 -129.62 -57.59 -85.71
CA GLN Y 223 -130.03 -58.51 -84.64
C GLN Y 223 -130.82 -59.68 -85.21
N LEU Y 224 -131.73 -59.42 -86.15
CA LEU Y 224 -132.49 -60.50 -86.77
C LEU Y 224 -131.57 -61.42 -87.58
N THR Y 225 -130.61 -60.84 -88.31
CA THR Y 225 -129.68 -61.65 -89.09
C THR Y 225 -128.84 -62.55 -88.19
N ALA Y 226 -128.36 -62.02 -87.07
CA ALA Y 226 -127.57 -62.83 -86.14
C ALA Y 226 -128.39 -63.98 -85.58
N LEU Y 227 -129.65 -63.72 -85.21
CA LEU Y 227 -130.51 -64.79 -84.71
C LEU Y 227 -130.80 -65.82 -85.81
N LEU Y 228 -131.01 -65.36 -87.04
CA LEU Y 228 -131.21 -66.29 -88.14
C LEU Y 228 -129.94 -67.11 -88.40
N ASP Y 229 -128.77 -66.48 -88.34
CA ASP Y 229 -127.51 -67.20 -88.51
C ASP Y 229 -127.28 -68.16 -87.35
N GLN Y 230 -127.69 -67.77 -86.14
CA GLN Y 230 -127.54 -68.66 -84.98
C GLN Y 230 -128.39 -69.92 -85.15
N TYR Y 231 -129.61 -69.78 -85.68
CA TYR Y 231 -130.45 -70.95 -85.92
C TYR Y 231 -129.81 -71.90 -86.92
N VAL Y 232 -129.22 -71.35 -87.99
CA VAL Y 232 -128.49 -72.19 -88.94
C VAL Y 232 -127.32 -72.88 -88.26
N LYS Y 233 -126.65 -72.17 -87.35
CA LYS Y 233 -125.58 -72.80 -86.57
C LYS Y 233 -126.11 -73.94 -85.72
N GLN Y 234 -127.29 -73.76 -85.11
CA GLN Y 234 -127.89 -74.84 -84.32
C GLN Y 234 -128.24 -76.04 -85.20
N GLN Y 235 -128.79 -75.79 -86.39
CA GLN Y 235 -129.15 -76.86 -87.30
C GLN Y 235 -128.24 -76.85 -88.53
N SER Z 17 -55.64 -54.64 -67.01
CA SER Z 17 -54.66 -54.28 -66.00
C SER Z 17 -54.09 -52.89 -66.25
N GLY Z 18 -54.31 -52.38 -67.46
CA GLY Z 18 -53.84 -51.06 -67.81
C GLY Z 18 -54.06 -50.78 -69.27
N MET Z 19 -53.62 -49.58 -69.68
CA MET Z 19 -53.67 -49.16 -71.07
C MET Z 19 -52.27 -48.72 -71.50
N ILE Z 20 -51.92 -49.04 -72.74
CA ILE Z 20 -50.61 -48.73 -73.29
C ILE Z 20 -50.79 -47.83 -74.50
N ARG Z 21 -50.12 -46.68 -74.49
CA ARG Z 21 -50.14 -45.74 -75.60
C ARG Z 21 -48.83 -45.91 -76.37
N ALA Z 22 -48.92 -46.58 -77.52
CA ALA Z 22 -47.76 -46.87 -78.35
C ALA Z 22 -48.03 -46.48 -79.79
N ILE Z 23 -47.01 -45.93 -80.44
CA ILE Z 23 -47.06 -45.58 -81.86
C ILE Z 23 -46.21 -46.59 -82.61
N VAL Z 24 -46.84 -47.36 -83.50
CA VAL Z 24 -46.19 -48.42 -84.24
C VAL Z 24 -46.44 -48.23 -85.73
N ARG Z 25 -45.41 -48.44 -86.54
CA ARG Z 25 -45.58 -48.42 -87.98
C ARG Z 25 -46.50 -49.53 -88.43
N ALA Z 26 -47.21 -49.30 -89.54
CA ALA Z 26 -48.20 -50.25 -90.03
C ALA Z 26 -47.55 -51.57 -90.40
N GLY Z 27 -47.83 -52.61 -89.61
CA GLY Z 27 -47.29 -53.93 -89.87
C GLY Z 27 -45.77 -54.02 -89.79
N GLN Z 28 -45.17 -53.34 -88.82
CA GLN Z 28 -43.72 -53.37 -88.64
C GLN Z 28 -43.38 -53.52 -87.17
N ALA Z 29 -44.11 -54.38 -86.45
CA ALA Z 29 -43.89 -54.58 -85.02
C ALA Z 29 -42.60 -55.37 -84.83
N ARG Z 30 -41.55 -54.69 -84.33
CA ARG Z 30 -40.27 -55.36 -84.09
C ARG Z 30 -40.23 -55.99 -82.70
N PRO Z 31 -39.54 -57.13 -82.56
CA PRO Z 31 -39.39 -57.78 -81.25
C PRO Z 31 -38.35 -57.10 -80.35
N GLY Z 32 -38.46 -55.78 -80.24
CA GLY Z 32 -37.52 -55.01 -79.45
C GLY Z 32 -38.07 -53.67 -79.03
N PRO Z 33 -37.18 -52.72 -78.75
CA PRO Z 33 -37.62 -51.41 -78.28
C PRO Z 33 -38.26 -50.63 -79.41
N PRO Z 34 -39.23 -49.76 -79.10
CA PRO Z 34 -39.79 -49.48 -77.76
C PRO Z 34 -40.94 -50.43 -77.42
N LEU Z 35 -41.30 -51.33 -78.33
CA LEU Z 35 -42.42 -52.23 -78.10
C LEU Z 35 -42.06 -53.36 -77.13
N GLY Z 36 -40.84 -53.88 -77.21
CA GLY Z 36 -40.43 -55.01 -76.42
C GLY Z 36 -40.48 -54.78 -74.92
N PRO Z 37 -39.62 -53.88 -74.42
CA PRO Z 37 -39.58 -53.63 -72.97
C PRO Z 37 -40.90 -53.12 -72.41
N ILE Z 38 -41.71 -52.43 -73.22
CA ILE Z 38 -42.96 -51.87 -72.71
C ILE Z 38 -44.07 -52.92 -72.72
N LEU Z 39 -44.35 -53.48 -73.90
CA LEU Z 39 -45.43 -54.45 -74.01
C LEU Z 39 -45.09 -55.76 -73.30
N GLY Z 40 -43.81 -56.16 -73.30
CA GLY Z 40 -43.41 -57.38 -72.64
C GLY Z 40 -43.37 -57.28 -71.12
N GLN Z 41 -43.26 -56.06 -70.59
CA GLN Z 41 -43.23 -55.90 -69.13
C GLN Z 41 -44.55 -56.33 -68.50
N ARG Z 42 -45.67 -56.02 -69.15
CA ARG Z 42 -46.97 -56.43 -68.63
C ARG Z 42 -47.21 -57.92 -68.74
N GLY Z 43 -46.37 -58.65 -69.46
CA GLY Z 43 -46.51 -60.07 -69.62
C GLY Z 43 -47.10 -60.53 -70.95
N VAL Z 44 -46.86 -59.79 -72.03
CA VAL Z 44 -47.39 -60.13 -73.35
C VAL Z 44 -46.20 -60.31 -74.29
N SER Z 45 -46.19 -61.44 -74.98
CA SER Z 45 -45.11 -61.73 -75.93
C SER Z 45 -45.27 -60.89 -77.20
N ILE Z 46 -44.15 -60.69 -77.89
CA ILE Z 46 -44.18 -59.86 -79.09
C ILE Z 46 -44.68 -60.64 -80.29
N ASN Z 47 -44.45 -61.97 -80.32
CA ASN Z 47 -44.92 -62.77 -81.46
C ASN Z 47 -46.43 -62.69 -81.60
N GLN Z 48 -47.16 -62.52 -80.50
CA GLN Z 48 -48.58 -62.28 -80.58
C GLN Z 48 -48.88 -60.98 -81.33
N PHE Z 49 -48.11 -59.93 -81.03
CA PHE Z 49 -48.28 -58.66 -81.72
C PHE Z 49 -47.75 -58.70 -83.14
N CYS Z 50 -46.82 -59.62 -83.44
CA CYS Z 50 -46.31 -59.75 -84.81
C CYS Z 50 -47.35 -60.29 -85.76
N LYS Z 51 -48.43 -60.89 -85.25
CA LYS Z 51 -49.50 -61.43 -86.08
C LYS Z 51 -50.78 -60.62 -85.99
N GLU Z 52 -51.17 -60.21 -84.78
CA GLU Z 52 -52.40 -59.43 -84.62
C GLU Z 52 -52.31 -58.08 -85.32
N PHE Z 53 -51.37 -57.23 -84.87
CA PHE Z 53 -51.30 -55.87 -85.39
C PHE Z 53 -50.90 -55.84 -86.86
N ASN Z 54 -49.97 -56.71 -87.26
CA ASN Z 54 -49.53 -56.73 -88.65
C ASN Z 54 -50.68 -57.10 -89.59
N GLU Z 55 -51.49 -58.08 -89.20
CA GLU Z 55 -52.68 -58.45 -89.97
C GLU Z 55 -53.85 -57.50 -89.72
N LYS Z 56 -53.78 -56.68 -88.68
CA LYS Z 56 -54.86 -55.74 -88.40
C LYS Z 56 -55.02 -54.73 -89.52
N THR Z 57 -53.90 -54.19 -90.03
CA THR Z 57 -53.91 -53.28 -91.16
C THR Z 57 -52.94 -53.80 -92.20
N LYS Z 58 -53.44 -54.02 -93.43
CA LYS Z 58 -52.60 -54.47 -94.52
C LYS Z 58 -52.66 -53.56 -95.74
N ASP Z 59 -53.56 -52.58 -95.77
CA ASP Z 59 -53.67 -51.63 -96.86
C ASP Z 59 -53.03 -50.29 -96.53
N ILE Z 60 -52.32 -50.19 -95.40
CA ILE Z 60 -51.67 -48.96 -94.96
C ILE Z 60 -50.17 -49.15 -95.10
N LYS Z 61 -49.51 -48.17 -95.71
CA LYS Z 61 -48.06 -48.24 -95.90
C LYS Z 61 -47.34 -48.28 -94.56
N GLU Z 62 -46.27 -49.07 -94.50
CA GLU Z 62 -45.41 -49.05 -93.33
C GLU Z 62 -44.55 -47.80 -93.32
N GLY Z 63 -44.14 -47.37 -92.13
CA GLY Z 63 -43.41 -46.15 -91.94
C GLY Z 63 -44.27 -44.95 -91.59
N ILE Z 64 -45.58 -45.04 -91.76
CA ILE Z 64 -46.50 -43.99 -91.36
C ILE Z 64 -46.87 -44.22 -89.89
N PRO Z 65 -46.59 -43.28 -89.00
CA PRO Z 65 -46.90 -43.50 -87.58
C PRO Z 65 -48.39 -43.69 -87.35
N LEU Z 66 -48.72 -44.58 -86.42
CA LEU Z 66 -50.11 -44.89 -86.07
C LEU Z 66 -50.24 -45.00 -84.56
N PRO Z 67 -50.83 -44.01 -83.88
CA PRO Z 67 -51.05 -44.13 -82.44
C PRO Z 67 -52.10 -45.19 -82.14
N THR Z 68 -51.70 -46.21 -81.40
CA THR Z 68 -52.55 -47.35 -81.10
C THR Z 68 -52.80 -47.44 -79.60
N LYS Z 69 -53.99 -47.92 -79.24
CA LYS Z 69 -54.38 -48.12 -77.86
C LYS Z 69 -54.39 -49.61 -77.56
N ILE Z 70 -53.59 -50.02 -76.58
CA ILE Z 70 -53.48 -51.42 -76.17
C ILE Z 70 -54.03 -51.54 -74.76
N PHE Z 71 -55.04 -52.39 -74.58
CA PHE Z 71 -55.67 -52.62 -73.29
C PHE Z 71 -55.27 -54.01 -72.81
N VAL Z 72 -54.29 -54.06 -71.91
CA VAL Z 72 -53.84 -55.32 -71.34
C VAL Z 72 -54.82 -55.76 -70.27
N LYS Z 73 -55.28 -57.00 -70.38
CA LYS Z 73 -56.27 -57.58 -69.49
C LYS Z 73 -55.60 -58.39 -68.39
N PRO Z 74 -56.28 -58.59 -67.26
CA PRO Z 74 -55.64 -59.31 -66.14
C PRO Z 74 -55.18 -60.72 -66.48
N ASP Z 75 -55.82 -61.38 -67.44
CA ASP Z 75 -55.39 -62.71 -67.87
C ASP Z 75 -54.29 -62.65 -68.93
N ARG Z 76 -53.55 -61.54 -68.98
CA ARG Z 76 -52.42 -61.30 -69.87
C ARG Z 76 -52.82 -61.26 -71.34
N THR Z 77 -54.12 -61.28 -71.64
CA THR Z 77 -54.58 -61.08 -73.00
C THR Z 77 -54.60 -59.59 -73.33
N PHE Z 78 -54.88 -59.27 -74.59
CA PHE Z 78 -54.82 -57.88 -75.02
C PHE Z 78 -55.86 -57.64 -76.11
N GLU Z 79 -56.22 -56.36 -76.27
CA GLU Z 79 -57.11 -55.91 -77.32
C GLU Z 79 -56.46 -54.73 -78.01
N ILE Z 80 -56.67 -54.61 -79.33
CA ILE Z 80 -56.03 -53.59 -80.14
C ILE Z 80 -57.08 -52.83 -80.91
N LYS Z 81 -57.00 -51.49 -80.86
CA LYS Z 81 -57.84 -50.61 -81.67
C LYS Z 81 -56.95 -49.56 -82.30
N ILE Z 82 -57.15 -49.31 -83.59
CA ILE Z 82 -56.27 -48.46 -84.37
C ILE Z 82 -56.98 -47.15 -84.68
N GLY Z 83 -56.27 -46.04 -84.47
CA GLY Z 83 -56.79 -44.72 -84.77
C GLY Z 83 -56.06 -44.06 -85.92
N GLN Z 84 -56.46 -42.82 -86.18
CA GLN Z 84 -55.87 -42.06 -87.28
C GLN Z 84 -54.43 -41.67 -86.95
N PRO Z 85 -53.60 -41.47 -87.96
CA PRO Z 85 -52.19 -41.10 -87.71
C PRO Z 85 -52.08 -39.72 -87.06
N THR Z 86 -50.87 -39.42 -86.59
CA THR Z 86 -50.62 -38.18 -85.90
C THR Z 86 -50.64 -36.99 -86.86
N VAL Z 87 -50.92 -35.81 -86.32
CA VAL Z 87 -50.93 -34.60 -87.14
C VAL Z 87 -49.54 -34.27 -87.64
N SER Z 88 -48.50 -34.65 -86.90
CA SER Z 88 -47.14 -34.28 -87.26
C SER Z 88 -46.75 -34.85 -88.62
N TYR Z 89 -47.07 -36.12 -88.86
CA TYR Z 89 -46.74 -36.72 -90.15
C TYR Z 89 -47.56 -36.13 -91.28
N PHE Z 90 -48.83 -35.77 -91.02
CA PHE Z 90 -49.69 -35.25 -92.08
C PHE Z 90 -49.15 -33.92 -92.62
N LEU Z 91 -48.82 -32.98 -91.73
CA LEU Z 91 -48.38 -31.67 -92.17
C LEU Z 91 -46.96 -31.70 -92.72
N LYS Z 92 -46.09 -32.56 -92.18
CA LYS Z 92 -44.76 -32.71 -92.76
C LYS Z 92 -44.85 -33.27 -94.18
N ALA Z 93 -45.76 -34.23 -94.40
CA ALA Z 93 -45.98 -34.74 -95.75
C ALA Z 93 -46.69 -33.70 -96.62
N ALA Z 94 -47.60 -32.91 -96.03
CA ALA Z 94 -48.28 -31.87 -96.80
C ALA Z 94 -47.31 -30.80 -97.24
N ALA Z 95 -46.37 -30.42 -96.38
CA ALA Z 95 -45.37 -29.42 -96.74
C ALA Z 95 -44.15 -30.01 -97.43
N GLY Z 96 -44.04 -31.34 -97.49
CA GLY Z 96 -42.92 -31.96 -98.17
C GLY Z 96 -41.60 -31.86 -97.44
N ILE Z 97 -41.63 -31.67 -96.13
CA ILE Z 97 -40.40 -31.56 -95.33
C ILE Z 97 -40.23 -32.83 -94.53
N GLU Z 98 -38.97 -33.21 -94.31
CA GLU Z 98 -38.66 -34.46 -93.63
C GLU Z 98 -38.70 -34.35 -92.12
N LYS Z 99 -38.66 -33.15 -91.56
CA LYS Z 99 -38.68 -32.95 -90.12
C LYS Z 99 -39.24 -31.57 -89.81
N GLY Z 100 -39.62 -31.39 -88.54
CA GLY Z 100 -40.11 -30.10 -88.09
C GLY Z 100 -38.99 -29.11 -87.85
N ALA Z 101 -39.39 -27.85 -87.69
CA ALA Z 101 -38.43 -26.79 -87.46
C ALA Z 101 -37.77 -26.94 -86.09
N ARG Z 102 -36.45 -26.74 -86.06
CA ARG Z 102 -35.73 -26.83 -84.79
C ARG Z 102 -36.15 -25.71 -83.84
N HIS Z 103 -36.29 -24.49 -84.35
CA HIS Z 103 -36.69 -23.32 -83.56
C HIS Z 103 -38.02 -22.82 -84.11
N THR Z 104 -39.11 -23.22 -83.49
CA THR Z 104 -40.42 -22.78 -83.91
C THR Z 104 -40.59 -21.29 -83.69
N GLY Z 105 -41.19 -20.61 -84.65
CA GLY Z 105 -41.38 -19.17 -84.58
C GLY Z 105 -40.26 -18.36 -85.22
N LYS Z 106 -39.02 -18.70 -84.89
CA LYS Z 106 -37.88 -18.02 -85.52
C LYS Z 106 -37.82 -18.33 -87.01
N GLU Z 107 -38.11 -19.57 -87.39
CA GLU Z 107 -38.04 -20.00 -88.77
C GLU Z 107 -39.31 -20.75 -89.14
N VAL Z 108 -39.63 -20.75 -90.44
CA VAL Z 108 -40.79 -21.46 -90.97
C VAL Z 108 -40.31 -22.73 -91.65
N ALA Z 109 -40.85 -23.87 -91.20
CA ALA Z 109 -40.41 -25.16 -91.74
C ALA Z 109 -41.04 -25.44 -93.10
N GLY Z 110 -42.36 -25.30 -93.20
CA GLY Z 110 -43.06 -25.60 -94.43
C GLY Z 110 -44.22 -24.64 -94.64
N LEU Z 111 -44.65 -24.55 -95.90
CA LEU Z 111 -45.78 -23.73 -96.30
C LEU Z 111 -46.85 -24.62 -96.94
N VAL Z 112 -48.07 -24.53 -96.43
CA VAL Z 112 -49.19 -25.27 -96.97
C VAL Z 112 -50.39 -24.33 -97.12
N THR Z 113 -51.30 -24.70 -98.01
CA THR Z 113 -52.51 -23.93 -98.25
C THR Z 113 -53.59 -24.36 -97.28
N LEU Z 114 -54.76 -23.72 -97.38
CA LEU Z 114 -55.87 -24.09 -96.52
C LEU Z 114 -56.52 -25.41 -96.94
N LYS Z 115 -56.27 -25.87 -98.16
CA LYS Z 115 -56.83 -27.15 -98.60
C LYS Z 115 -56.22 -28.32 -97.81
N HIS Z 116 -54.90 -28.27 -97.57
CA HIS Z 116 -54.27 -29.37 -96.85
C HIS Z 116 -54.81 -29.51 -95.44
N VAL Z 117 -54.96 -28.39 -94.73
CA VAL Z 117 -55.51 -28.44 -93.37
C VAL Z 117 -56.96 -28.86 -93.40
N TYR Z 118 -57.74 -28.32 -94.34
CA TYR Z 118 -59.16 -28.66 -94.43
C TYR Z 118 -59.36 -30.13 -94.80
N GLU Z 119 -58.53 -30.63 -95.73
CA GLU Z 119 -58.67 -32.02 -96.17
C GLU Z 119 -58.27 -32.99 -95.06
N ILE Z 120 -57.25 -32.62 -94.27
CA ILE Z 120 -56.83 -33.44 -93.14
C ILE Z 120 -57.95 -33.54 -92.10
N ALA Z 121 -58.79 -32.50 -92.00
CA ALA Z 121 -59.84 -32.49 -91.00
C ALA Z 121 -60.80 -33.66 -91.16
N ARG Z 122 -61.18 -33.98 -92.41
CA ARG Z 122 -62.08 -35.10 -92.63
C ARG Z 122 -61.44 -36.43 -92.26
N VAL Z 123 -60.13 -36.58 -92.49
CA VAL Z 123 -59.44 -37.82 -92.14
C VAL Z 123 -59.44 -38.01 -90.63
N LYS Z 124 -59.15 -36.95 -89.88
CA LYS Z 124 -59.10 -37.04 -88.43
C LYS Z 124 -60.48 -36.90 -87.79
N ALA Z 125 -61.49 -36.47 -88.53
CA ALA Z 125 -62.83 -36.38 -87.98
C ALA Z 125 -63.40 -37.73 -87.58
N GLN Z 126 -62.91 -38.81 -88.17
CA GLN Z 126 -63.34 -40.16 -87.82
C GLN Z 126 -62.47 -40.79 -86.74
N ASP Z 127 -61.49 -40.06 -86.22
CA ASP Z 127 -60.68 -40.58 -85.13
C ASP Z 127 -61.52 -40.69 -83.87
N ASP Z 128 -61.22 -41.70 -83.05
CA ASP Z 128 -62.02 -41.97 -81.85
C ASP Z 128 -62.00 -40.79 -80.89
N ALA Z 129 -60.95 -39.97 -80.92
CA ALA Z 129 -60.90 -38.81 -80.05
C ALA Z 129 -61.92 -37.74 -80.46
N PHE Z 130 -62.04 -37.46 -81.76
CA PHE Z 130 -62.92 -36.41 -82.23
C PHE Z 130 -64.30 -36.92 -82.60
N ALA Z 131 -64.39 -38.11 -83.20
CA ALA Z 131 -65.67 -38.63 -83.64
C ALA Z 131 -66.59 -38.93 -82.47
N LEU Z 132 -66.03 -39.36 -81.33
CA LEU Z 132 -66.86 -39.66 -80.17
C LEU Z 132 -67.56 -38.40 -79.66
N GLN Z 133 -66.86 -37.28 -79.61
CA GLN Z 133 -67.47 -36.03 -79.17
C GLN Z 133 -68.39 -35.42 -80.22
N ASP Z 134 -68.36 -35.91 -81.46
CA ASP Z 134 -69.14 -35.37 -82.56
C ASP Z 134 -68.87 -33.88 -82.73
N VAL Z 135 -67.58 -33.53 -82.73
CA VAL Z 135 -67.14 -32.15 -82.89
C VAL Z 135 -67.44 -31.69 -84.31
N PRO Z 136 -67.74 -30.41 -84.52
CA PRO Z 136 -67.97 -29.93 -85.89
C PRO Z 136 -66.67 -29.90 -86.68
N LEU Z 137 -66.82 -29.67 -87.99
CA LEU Z 137 -65.65 -29.63 -88.87
C LEU Z 137 -64.73 -28.46 -88.51
N SER Z 138 -65.29 -27.37 -87.99
CA SER Z 138 -64.46 -26.24 -87.59
C SER Z 138 -63.58 -26.58 -86.39
N SER Z 139 -64.02 -27.52 -85.55
CA SER Z 139 -63.24 -27.90 -84.38
C SER Z 139 -61.91 -28.55 -84.78
N VAL Z 140 -61.95 -29.46 -85.76
CA VAL Z 140 -60.75 -30.19 -86.13
C VAL Z 140 -59.73 -29.29 -86.82
N VAL Z 141 -60.20 -28.42 -87.71
CA VAL Z 141 -59.28 -27.60 -88.50
C VAL Z 141 -58.51 -26.64 -87.60
N ARG Z 142 -59.17 -26.10 -86.57
CA ARG Z 142 -58.48 -25.23 -85.63
C ARG Z 142 -57.38 -25.98 -84.89
N SER Z 143 -57.66 -27.24 -84.49
CA SER Z 143 -56.64 -28.03 -83.81
C SER Z 143 -55.44 -28.28 -84.71
N ILE Z 144 -55.69 -28.56 -85.99
CA ILE Z 144 -54.58 -28.76 -86.92
C ILE Z 144 -53.78 -27.47 -87.08
N ILE Z 145 -54.47 -26.33 -87.19
CA ILE Z 145 -53.79 -25.05 -87.26
C ILE Z 145 -53.00 -24.79 -85.99
N GLY Z 146 -53.62 -25.07 -84.83
CA GLY Z 146 -52.90 -24.93 -83.57
C GLY Z 146 -51.70 -25.83 -83.48
N SER Z 147 -51.82 -27.06 -83.98
CA SER Z 147 -50.68 -27.96 -84.03
C SER Z 147 -49.60 -27.43 -84.96
N ALA Z 148 -50.01 -26.86 -86.11
CA ALA Z 148 -49.06 -26.28 -87.04
C ALA Z 148 -48.34 -25.08 -86.44
N ARG Z 149 -48.93 -24.41 -85.44
CA ARG Z 149 -48.26 -23.30 -84.80
C ARG Z 149 -46.97 -23.74 -84.13
N SER Z 150 -46.99 -24.89 -83.46
CA SER Z 150 -45.79 -25.43 -82.83
C SER Z 150 -44.97 -26.30 -83.77
N LEU Z 151 -45.58 -26.81 -84.84
CA LEU Z 151 -44.87 -27.66 -85.79
C LEU Z 151 -43.92 -26.88 -86.69
N GLY Z 152 -44.05 -25.56 -86.73
CA GLY Z 152 -43.20 -24.73 -87.57
C GLY Z 152 -43.73 -24.49 -88.97
N ILE Z 153 -44.81 -25.15 -89.36
CA ILE Z 153 -45.41 -24.98 -90.68
C ILE Z 153 -46.44 -23.87 -90.60
N ARG Z 154 -46.30 -22.86 -91.45
CA ARG Z 154 -47.22 -21.74 -91.49
C ARG Z 154 -48.34 -22.01 -92.48
N VAL Z 155 -49.58 -21.83 -92.05
CA VAL Z 155 -50.73 -21.95 -92.94
C VAL Z 155 -50.80 -20.71 -93.82
N VAL Z 156 -51.04 -20.92 -95.12
CA VAL Z 156 -51.10 -19.84 -96.10
C VAL Z 156 -52.51 -19.81 -96.68
N LYS Z 157 -53.03 -18.59 -96.88
CA LYS Z 157 -54.35 -18.40 -97.45
C LYS Z 157 -54.49 -19.14 -98.78
N ASP Z 158 -53.55 -18.89 -99.70
CA ASP Z 158 -53.51 -19.56 -100.99
C ASP Z 158 -52.18 -19.21 -101.67
N LEU Z 159 -51.54 -20.21 -102.25
CA LEU Z 159 -50.30 -20.00 -102.98
C LEU Z 159 -50.31 -20.86 -104.24
N SER Z 160 -49.33 -20.63 -105.10
CA SER Z 160 -49.17 -21.36 -106.35
C SER Z 160 -47.86 -22.12 -106.34
N SER Z 161 -47.53 -22.73 -107.49
CA SER Z 161 -46.34 -23.57 -107.59
C SER Z 161 -45.06 -22.77 -107.33
N GLU Z 162 -44.93 -21.60 -107.96
CA GLU Z 162 -43.71 -20.81 -107.84
C GLU Z 162 -43.51 -20.21 -106.45
N GLU Z 163 -44.59 -19.82 -105.77
CA GLU Z 163 -44.47 -19.32 -104.42
C GLU Z 163 -43.97 -20.42 -103.49
N LEU Z 164 -44.52 -21.63 -103.64
CA LEU Z 164 -44.01 -22.76 -102.88
C LEU Z 164 -42.58 -23.11 -103.29
N ALA Z 165 -42.28 -23.04 -104.59
CA ALA Z 165 -40.94 -23.38 -105.06
C ALA Z 165 -39.89 -22.46 -104.47
N ALA Z 166 -40.19 -21.16 -104.39
CA ALA Z 166 -39.25 -20.22 -103.81
C ALA Z 166 -38.94 -20.55 -102.35
N PHE Z 167 -39.97 -20.97 -101.60
CA PHE Z 167 -39.76 -21.35 -100.21
C PHE Z 167 -38.86 -22.58 -100.10
N GLN Z 168 -39.03 -23.54 -101.01
CA GLN Z 168 -38.22 -24.76 -100.97
C GLN Z 168 -36.74 -24.43 -101.11
N LYS Z 169 -36.39 -23.58 -102.07
CA LYS Z 169 -35.00 -23.23 -102.30
C LYS Z 169 -34.41 -22.49 -101.10
N GLU Z 170 -35.17 -21.54 -100.53
CA GLU Z 170 -34.70 -20.83 -99.35
C GLU Z 170 -34.53 -21.78 -98.17
N ARG Z 171 -35.48 -22.71 -98.00
CA ARG Z 171 -35.38 -23.66 -96.90
C ARG Z 171 -34.17 -24.57 -97.09
N ALA Z 172 -33.91 -25.00 -98.33
CA ALA Z 172 -32.77 -25.87 -98.60
C ALA Z 172 -31.45 -25.19 -98.25
N LEU Z 173 -31.32 -23.91 -98.60
CA LEU Z 173 -30.10 -23.18 -98.29
C LEU Z 173 -29.89 -23.05 -96.78
N PHE Z 174 -30.95 -22.76 -96.03
CA PHE Z 174 -30.84 -22.68 -94.59
C PHE Z 174 -30.61 -24.06 -93.97
N LEU Z 175 -31.29 -25.07 -94.50
CA LEU Z 175 -31.06 -26.44 -94.05
C LEU Z 175 -29.62 -26.86 -94.30
N ALA Z 176 -29.11 -26.57 -95.50
CA ALA Z 176 -27.74 -26.93 -95.84
C ALA Z 176 -26.75 -26.19 -94.93
N ALA Z 177 -27.03 -24.94 -94.61
CA ALA Z 177 -26.19 -24.19 -93.68
C ALA Z 177 -26.18 -24.85 -92.31
N GLN Z 178 -27.35 -25.28 -91.83
CA GLN Z 178 -27.41 -25.94 -90.53
C GLN Z 178 -26.85 -27.35 -90.59
N ARG Z 179 -27.05 -28.05 -91.72
CA ARG Z 179 -26.53 -29.41 -91.84
C ARG Z 179 -25.01 -29.44 -91.73
N GLU Z 180 -24.33 -28.51 -92.40
CA GLU Z 180 -22.88 -28.46 -92.32
C GLU Z 180 -22.40 -27.85 -91.01
N ALA Z 181 -23.17 -26.91 -90.45
CA ALA Z 181 -22.81 -26.31 -89.16
C ALA Z 181 -22.82 -27.36 -88.06
N ASP Z 182 -23.81 -28.26 -88.09
CA ASP Z 182 -23.88 -29.33 -87.09
C ASP Z 182 -22.67 -30.25 -87.19
N LEU Z 183 -22.20 -30.52 -88.41
CA LEU Z 183 -21.03 -31.36 -88.59
C LEU Z 183 -19.80 -30.72 -87.96
N ALA Z 184 -19.63 -29.42 -88.13
CA ALA Z 184 -18.52 -28.72 -87.49
C ALA Z 184 -18.69 -28.69 -85.97
N ALA Z 185 -19.93 -28.51 -85.51
CA ALA Z 185 -20.18 -28.44 -84.07
C ALA Z 185 -19.81 -29.75 -83.38
N GLN Z 186 -20.15 -30.89 -83.98
CA GLN Z 186 -19.78 -32.18 -83.40
C GLN Z 186 -18.28 -32.36 -83.37
N ALA Z 187 -17.58 -31.91 -84.42
CA ALA Z 187 -16.13 -32.01 -84.45
C ALA Z 187 -15.49 -31.14 -83.37
N GLU Z 188 -16.05 -29.94 -83.16
CA GLU Z 188 -15.51 -29.06 -82.11
C GLU Z 188 -15.63 -29.71 -80.74
N ALA Z 189 -16.78 -30.30 -80.44
CA ALA Z 189 -17.01 -30.91 -79.13
C ALA Z 189 -16.05 -32.08 -78.89
N ALA Z 190 -15.86 -32.92 -79.91
CA ALA Z 190 -15.02 -34.10 -79.74
C ALA Z 190 -13.56 -33.74 -79.52
N LYS Z 191 -13.02 -32.86 -80.37
CA LYS Z 191 -11.60 -32.51 -80.29
C LYS Z 191 -11.29 -31.78 -78.99
N LYS Z 192 -12.15 -30.86 -78.58
CA LYS Z 192 -11.93 -30.11 -77.34
C LYS Z 192 -12.20 -30.99 -76.12
C1A SAC AA 21 -64.39 6.72 32.89
C2A SAC AA 21 -65.67 7.13 32.24
OAC SAC AA 21 -63.73 7.49 33.58
N SAC AA 21 -64.01 5.46 32.70
CA SAC AA 21 -64.90 4.33 32.91
C SAC AA 21 -65.16 4.11 34.41
O SAC AA 21 -65.96 3.22 34.75
CB SAC AA 21 -64.34 3.05 32.28
OG SAC AA 21 -65.36 2.35 31.58
N SER AA 22 -64.47 4.87 35.27
CA SER AA 22 -64.61 4.76 36.72
C SER AA 22 -64.26 3.36 37.22
N PHE AA 23 -63.39 2.68 36.50
CA PHE AA 23 -62.89 1.39 36.94
C PHE AA 23 -61.75 1.58 37.94
N SER AA 24 -61.55 0.65 38.70
CA SER AA 24 -60.38 0.67 39.56
C SER AA 24 -59.12 0.49 38.71
N LYS AA 25 -57.97 0.88 39.29
CA LYS AA 25 -56.74 0.90 38.53
C LYS AA 25 -56.36 -0.48 38.02
N ALA AA 26 -56.53 -1.52 38.84
CA ALA AA 26 -56.13 -2.86 38.41
C ALA AA 26 -57.03 -3.41 37.32
N PRO AA 27 -58.36 -3.50 37.51
CA PRO AA 27 -59.21 -4.05 36.43
C PRO AA 27 -59.22 -3.20 35.17
N GLN AA 28 -58.92 -1.90 35.26
CA GLN AA 28 -58.87 -1.08 34.06
C GLN AA 28 -57.71 -1.48 33.17
N GLN AA 29 -56.53 -1.71 33.75
CA GLN AA 29 -55.38 -2.14 32.97
C GLN AA 29 -55.60 -3.53 32.37
N TRP AA 30 -56.23 -4.43 33.14
CA TRP AA 30 -56.46 -5.78 32.65
C TRP AA 30 -57.40 -5.79 31.45
N ALA AA 31 -58.46 -4.97 31.50
CA ALA AA 31 -59.42 -4.95 30.40
C ALA AA 31 -58.82 -4.39 29.12
N THR AA 32 -57.98 -3.36 29.24
CA THR AA 32 -57.40 -2.72 28.06
C THR AA 32 -56.45 -3.65 27.32
N PHE AA 33 -55.62 -4.38 28.06
CA PHE AA 33 -54.62 -5.27 27.47
C PHE AA 33 -55.09 -6.73 27.43
N ALA AA 34 -56.39 -6.95 27.24
CA ALA AA 34 -56.93 -8.30 27.21
C ALA AA 34 -56.56 -9.00 25.92
N ARG AA 35 -56.48 -10.33 25.98
CA ARG AA 35 -56.29 -11.16 24.80
C ARG AA 35 -57.65 -11.58 24.26
N VAL AA 36 -57.80 -11.49 22.93
CA VAL AA 36 -59.05 -11.81 22.26
C VAL AA 36 -58.79 -12.91 21.24
N TRP AA 37 -59.65 -13.92 21.22
CA TRP AA 37 -59.55 -15.02 20.27
C TRP AA 37 -60.44 -14.73 19.08
N TYR AA 38 -59.92 -14.94 17.88
CA TYR AA 38 -60.66 -14.74 16.64
C TYR AA 38 -60.78 -16.06 15.89
N LEU AA 39 -61.87 -16.20 15.13
CA LEU AA 39 -62.08 -17.33 14.25
C LEU AA 39 -62.10 -16.85 12.81
N LEU AA 40 -61.43 -17.59 11.94
CA LEU AA 40 -61.28 -17.21 10.54
C LEU AA 40 -61.46 -18.44 9.67
N ASP AA 41 -62.56 -18.50 8.92
CA ASP AA 41 -62.83 -19.63 8.05
C ASP AA 41 -61.90 -19.59 6.83
N GLY AA 42 -61.66 -20.76 6.26
CA GLY AA 42 -60.71 -20.88 5.16
C GLY AA 42 -61.27 -21.60 3.94
N LYS AA 43 -62.58 -21.82 3.92
CA LYS AA 43 -63.22 -22.50 2.81
C LYS AA 43 -63.06 -21.71 1.52
N MET AA 44 -62.24 -22.22 0.60
CA MET AA 44 -61.99 -21.58 -0.69
C MET AA 44 -61.57 -20.11 -0.53
N GLN AA 45 -60.49 -19.93 0.22
CA GLN AA 45 -59.90 -18.61 0.44
C GLN AA 45 -58.40 -18.71 0.18
N PRO AA 46 -57.82 -17.78 -0.59
CA PRO AA 46 -56.39 -17.83 -0.85
C PRO AA 46 -55.60 -17.65 0.43
N PRO AA 47 -54.50 -18.39 0.60
CA PRO AA 47 -53.70 -18.23 1.83
C PRO AA 47 -53.10 -16.85 1.99
N GLY AA 48 -52.77 -16.17 0.89
CA GLY AA 48 -52.22 -14.83 0.99
C GLY AA 48 -53.21 -13.84 1.59
N LYS AA 49 -54.45 -13.86 1.09
CA LYS AA 49 -55.47 -13.00 1.68
C LYS AA 49 -55.87 -13.49 3.07
N LEU AA 50 -55.69 -14.78 3.34
CA LEU AA 50 -55.95 -15.30 4.68
C LEU AA 50 -54.87 -14.85 5.65
N ALA AA 51 -53.62 -14.81 5.20
CA ALA AA 51 -52.51 -14.41 6.05
C ALA AA 51 -52.43 -12.91 6.27
N ALA AA 52 -52.96 -12.11 5.35
CA ALA AA 52 -52.84 -10.66 5.48
C ALA AA 52 -53.59 -10.16 6.71
N MET AA 53 -54.82 -10.62 6.92
CA MET AA 53 -55.57 -10.22 8.10
C MET AA 53 -55.11 -10.98 9.34
N ALA AA 54 -54.63 -12.22 9.17
CA ALA AA 54 -54.14 -12.98 10.32
C ALA AA 54 -52.84 -12.39 10.87
N SER AA 55 -51.99 -11.83 10.00
CA SER AA 55 -50.76 -11.21 10.46
C SER AA 55 -51.05 -9.98 11.31
N VAL AA 56 -52.06 -9.19 10.92
CA VAL AA 56 -52.39 -7.98 11.67
C VAL AA 56 -52.86 -8.33 13.08
N LYS AA 57 -53.74 -9.33 13.20
CA LYS AA 57 -54.27 -9.69 14.50
C LYS AA 57 -53.19 -10.23 15.42
N LEU AA 58 -52.28 -11.04 14.88
CA LEU AA 58 -51.20 -11.59 15.72
C LEU AA 58 -50.30 -10.50 16.27
N GLN AA 59 -49.94 -9.53 15.42
CA GLN AA 59 -49.06 -8.45 15.87
C GLN AA 59 -49.76 -7.53 16.85
N GLY AA 60 -51.06 -7.32 16.68
CA GLY AA 60 -51.76 -6.31 17.45
C GLY AA 60 -51.87 -4.98 16.76
N LEU AA 61 -51.71 -4.93 15.45
CA LEU AA 61 -51.81 -3.69 14.68
C LEU AA 61 -53.25 -3.21 14.51
N HIS AA 62 -54.20 -3.84 15.19
CA HIS AA 62 -55.59 -3.40 15.18
C HIS AA 62 -55.98 -2.67 16.45
N LYS AA 63 -55.17 -2.75 17.51
CA LYS AA 63 -55.42 -2.04 18.76
C LYS AA 63 -54.79 -0.66 18.71
N PRO AA 64 -55.54 0.41 18.98
CA PRO AA 64 -54.93 1.74 19.09
C PRO AA 64 -53.96 1.89 20.24
N VAL AA 65 -53.79 0.88 21.08
CA VAL AA 65 -52.79 0.89 22.14
C VAL AA 65 -51.53 0.12 21.72
N TYR AA 66 -51.35 -0.09 20.41
CA TYR AA 66 -50.27 -0.92 19.91
C TYR AA 66 -48.90 -0.30 20.22
N HIS AA 67 -47.92 -1.16 20.50
CA HIS AA 67 -46.53 -0.78 20.63
C HIS AA 67 -45.70 -2.06 20.60
N GLN AA 68 -44.58 -2.02 19.88
CA GLN AA 68 -43.80 -3.24 19.68
C GLN AA 68 -43.23 -3.77 20.99
N LEU AA 69 -42.82 -2.89 21.91
CA LEU AA 69 -42.27 -3.33 23.17
C LEU AA 69 -43.32 -4.04 24.02
N SER AA 70 -44.57 -3.57 23.98
CA SER AA 70 -45.62 -4.21 24.75
C SER AA 70 -45.93 -5.59 24.17
N ASP AA 71 -46.50 -6.44 25.02
CA ASP AA 71 -46.82 -7.82 24.65
C ASP AA 71 -48.23 -7.97 24.09
N CYS AA 72 -48.76 -6.91 23.49
CA CYS AA 72 -50.11 -6.98 22.93
C CYS AA 72 -50.15 -7.95 21.75
N GLY AA 73 -51.15 -8.83 21.75
CA GLY AA 73 -51.28 -9.84 20.72
C GLY AA 73 -52.52 -10.69 20.93
N ASP AA 74 -53.15 -11.09 19.85
CA ASP AA 74 -54.43 -11.80 19.90
C ASP AA 74 -54.30 -13.16 19.21
N HIS AA 75 -54.92 -14.17 19.82
CA HIS AA 75 -54.95 -15.49 19.22
C HIS AA 75 -55.85 -15.49 17.98
N VAL AA 76 -55.48 -16.30 17.00
CA VAL AA 76 -56.26 -16.47 15.79
C VAL AA 76 -56.42 -17.97 15.52
N VAL AA 77 -57.66 -18.40 15.30
CA VAL AA 77 -57.98 -19.79 15.01
C VAL AA 77 -58.48 -19.86 13.58
N ILE AA 78 -57.79 -20.61 12.74
CA ILE AA 78 -58.13 -20.76 11.33
C ILE AA 78 -58.54 -22.21 11.09
N MET AA 79 -59.77 -22.39 10.63
CA MET AA 79 -60.29 -23.72 10.34
C MET AA 79 -60.48 -23.90 8.83
N ASN AA 80 -60.70 -25.14 8.43
CA ASN AA 80 -60.83 -25.52 7.03
C ASN AA 80 -59.66 -24.99 6.20
N THR AA 81 -58.45 -25.44 6.56
CA THR AA 81 -57.24 -25.07 5.85
C THR AA 81 -56.87 -26.08 4.78
N ARG AA 82 -57.62 -27.17 4.66
CA ARG AA 82 -57.42 -28.10 3.56
C ARG AA 82 -58.10 -27.65 2.29
N HIS AA 83 -59.02 -26.69 2.38
CA HIS AA 83 -59.84 -26.27 1.25
C HIS AA 83 -59.42 -24.90 0.70
N ILE AA 84 -58.19 -24.48 0.96
CA ILE AA 84 -57.73 -23.21 0.42
C ILE AA 84 -57.63 -23.28 -1.09
N ALA AA 85 -57.79 -22.13 -1.75
CA ALA AA 85 -57.87 -22.04 -3.20
C ALA AA 85 -56.78 -21.11 -3.70
N PHE AA 86 -55.67 -21.69 -4.15
CA PHE AA 86 -54.60 -20.90 -4.75
C PHE AA 86 -55.06 -20.34 -6.10
N SER AA 87 -54.78 -19.06 -6.32
CA SER AA 87 -55.19 -18.40 -7.55
C SER AA 87 -54.25 -18.77 -8.69
N GLY AA 88 -54.82 -18.91 -9.88
CA GLY AA 88 -54.02 -19.23 -11.05
C GLY AA 88 -53.42 -20.62 -10.95
N ASN AA 89 -52.28 -20.80 -11.62
CA ASN AA 89 -51.58 -22.08 -11.66
C ASN AA 89 -50.56 -22.22 -10.55
N LYS AA 90 -50.75 -21.53 -9.42
CA LYS AA 90 -49.78 -21.60 -8.34
C LYS AA 90 -49.75 -22.94 -7.64
N TRP AA 91 -50.74 -23.81 -7.90
CA TRP AA 91 -50.70 -25.15 -7.31
C TRP AA 91 -49.57 -25.99 -7.88
N GLU AA 92 -49.17 -25.72 -9.13
CA GLU AA 92 -48.10 -26.47 -9.77
C GLU AA 92 -46.84 -25.67 -10.02
N GLN AA 93 -46.91 -24.34 -9.95
CA GLN AA 93 -45.74 -23.51 -10.24
C GLN AA 93 -44.99 -23.11 -8.98
N LYS AA 94 -45.70 -22.66 -7.94
CA LYS AA 94 -45.04 -22.26 -6.70
C LYS AA 94 -44.42 -23.47 -6.02
N VAL AA 95 -43.17 -23.33 -5.58
CA VAL AA 95 -42.45 -24.40 -4.92
C VAL AA 95 -41.93 -23.90 -3.57
N TYR AA 96 -41.91 -24.81 -2.59
CA TYR AA 96 -41.36 -24.54 -1.27
C TYR AA 96 -40.10 -25.37 -1.10
N SER AA 97 -38.99 -24.71 -0.83
CA SER AA 97 -37.68 -25.35 -0.79
C SER AA 97 -37.04 -25.19 0.58
N SER AA 98 -36.30 -26.22 0.99
CA SER AA 98 -35.58 -26.20 2.25
C SER AA 98 -34.37 -27.11 2.13
N HIS AA 99 -33.40 -26.88 2.99
CA HIS AA 99 -32.17 -27.65 3.00
C HIS AA 99 -31.96 -28.26 4.38
N THR AA 100 -31.69 -29.56 4.41
CA THR AA 100 -31.50 -30.27 5.67
C THR AA 100 -30.13 -30.02 6.29
N GLY AA 101 -29.21 -29.39 5.56
CA GLY AA 101 -27.88 -29.13 6.07
C GLY AA 101 -26.83 -30.09 5.54
N TYR AA 102 -27.16 -31.38 5.50
CA TYR AA 102 -26.21 -32.36 5.02
C TYR AA 102 -26.00 -32.20 3.52
N PRO AA 103 -24.83 -32.57 3.01
CA PRO AA 103 -24.59 -32.45 1.56
C PRO AA 103 -25.58 -33.30 0.77
N GLY AA 104 -26.03 -32.74 -0.35
CA GLY AA 104 -27.04 -33.41 -1.14
C GLY AA 104 -28.41 -33.42 -0.50
N GLY AA 105 -28.68 -32.50 0.42
CA GLY AA 105 -29.94 -32.48 1.11
C GLY AA 105 -30.81 -31.28 0.76
N PHE AA 106 -30.81 -30.89 -0.51
CA PHE AA 106 -31.63 -29.78 -1.00
C PHE AA 106 -32.92 -30.35 -1.57
N ARG AA 107 -34.04 -30.05 -0.93
CA ARG AA 107 -35.34 -30.59 -1.30
C ARG AA 107 -36.25 -29.45 -1.74
N GLN AA 108 -36.80 -29.56 -2.95
CA GLN AA 108 -37.78 -28.62 -3.46
C GLN AA 108 -39.10 -29.36 -3.65
N VAL AA 109 -40.16 -28.87 -3.02
CA VAL AA 109 -41.47 -29.51 -3.03
C VAL AA 109 -42.47 -28.55 -3.68
N THR AA 110 -43.22 -29.06 -4.64
CA THR AA 110 -44.27 -28.27 -5.27
C THR AA 110 -45.37 -27.95 -4.27
N ALA AA 111 -46.11 -26.87 -4.54
CA ALA AA 111 -47.18 -26.46 -3.63
C ALA AA 111 -48.23 -27.55 -3.48
N ALA AA 112 -48.57 -28.23 -4.58
CA ALA AA 112 -49.55 -29.31 -4.50
C ALA AA 112 -49.04 -30.47 -3.66
N GLN AA 113 -47.77 -30.84 -3.83
CA GLN AA 113 -47.22 -31.95 -3.07
C GLN AA 113 -47.18 -31.64 -1.58
N LEU AA 114 -46.78 -30.42 -1.22
CA LEU AA 114 -46.70 -30.06 0.20
C LEU AA 114 -48.07 -30.06 0.85
N HIS AA 115 -49.09 -29.55 0.15
CA HIS AA 115 -50.43 -29.53 0.70
C HIS AA 115 -51.01 -30.94 0.82
N GLN AA 116 -50.58 -31.86 -0.03
CA GLN AA 116 -51.07 -33.23 0.05
C GLN AA 116 -50.48 -33.97 1.25
N LYS AA 117 -49.30 -33.55 1.71
CA LYS AA 117 -48.64 -34.21 2.84
C LYS AA 117 -49.01 -33.53 4.17
N ASP AA 118 -48.78 -32.23 4.25
CA ASP AA 118 -49.10 -31.45 5.46
C ASP AA 118 -50.20 -30.45 5.13
N PRO AA 119 -51.44 -30.70 5.54
CA PRO AA 119 -52.54 -29.81 5.13
C PRO AA 119 -52.39 -28.37 5.56
N VAL AA 120 -51.80 -28.11 6.73
CA VAL AA 120 -51.70 -26.75 7.26
C VAL AA 120 -50.36 -26.09 6.94
N ALA AA 121 -49.50 -26.74 6.16
CA ALA AA 121 -48.18 -26.17 5.90
C ALA AA 121 -48.25 -24.94 5.00
N ILE AA 122 -49.21 -24.91 4.06
CA ILE AA 122 -49.30 -23.80 3.13
C ILE AA 122 -49.64 -22.51 3.86
N VAL AA 123 -50.66 -22.56 4.73
CA VAL AA 123 -51.08 -21.36 5.45
C VAL AA 123 -50.04 -20.96 6.49
N LYS AA 124 -49.46 -21.94 7.20
CA LYS AA 124 -48.50 -21.63 8.25
C LYS AA 124 -47.27 -20.94 7.69
N LEU AA 125 -46.76 -21.43 6.55
CA LEU AA 125 -45.59 -20.80 5.95
C LEU AA 125 -45.91 -19.40 5.42
N ALA AA 126 -47.14 -19.19 4.92
CA ALA AA 126 -47.51 -17.87 4.44
C ALA AA 126 -47.50 -16.84 5.56
N ILE AA 127 -48.06 -17.21 6.72
CA ILE AA 127 -48.06 -16.29 7.86
C ILE AA 127 -46.65 -16.15 8.43
N TYR AA 128 -45.90 -17.26 8.48
CA TYR AA 128 -44.57 -17.24 9.09
C TYR AA 128 -43.62 -16.32 8.33
N GLY AA 129 -43.90 -16.04 7.07
CA GLY AA 129 -43.10 -15.12 6.28
C GLY AA 129 -43.55 -13.69 6.27
N MET AA 130 -44.77 -13.42 6.76
CA MET AA 130 -45.32 -12.07 6.72
C MET AA 130 -45.14 -11.31 8.03
N LEU AA 131 -44.97 -12.02 9.14
CA LEU AA 131 -44.76 -11.39 10.44
C LEU AA 131 -43.39 -10.71 10.47
N PRO AA 132 -43.20 -9.74 11.36
CA PRO AA 132 -41.89 -9.08 11.48
C PRO AA 132 -40.82 -10.09 11.84
N LYS AA 133 -39.61 -9.85 11.30
CA LYS AA 133 -38.51 -10.80 11.38
C LYS AA 133 -37.69 -10.68 12.67
N ASN AA 134 -38.25 -10.10 13.72
CA ASN AA 134 -37.57 -9.99 15.00
C ASN AA 134 -37.68 -11.31 15.75
N LEU AA 135 -37.32 -11.30 17.03
CA LEU AA 135 -37.40 -12.47 17.89
C LEU AA 135 -38.80 -12.70 18.45
N HIS AA 136 -39.71 -11.74 18.26
CA HIS AA 136 -41.08 -11.92 18.69
C HIS AA 136 -41.88 -12.80 17.74
N ARG AA 137 -41.36 -13.07 16.54
CA ARG AA 137 -42.10 -13.90 15.59
C ARG AA 137 -42.31 -15.30 16.12
N ARG AA 138 -41.29 -15.87 16.77
CA ARG AA 138 -41.45 -17.19 17.38
C ARG AA 138 -42.52 -17.16 18.47
N THR AA 139 -42.52 -16.10 19.29
CA THR AA 139 -43.49 -16.00 20.38
C THR AA 139 -44.91 -15.86 19.84
N MET AA 140 -45.10 -15.02 18.81
CA MET AA 140 -46.44 -14.76 18.32
C MET AA 140 -46.96 -15.85 17.39
N MET AA 141 -46.09 -16.73 16.89
CA MET AA 141 -46.58 -17.86 16.10
C MET AA 141 -47.21 -18.92 16.99
N GLN AA 142 -46.83 -18.99 18.26
CA GLN AA 142 -47.43 -19.95 19.17
C GLN AA 142 -48.89 -19.68 19.43
N ARG AA 143 -49.34 -18.44 19.20
CA ARG AA 143 -50.74 -18.09 19.42
C ARG AA 143 -51.62 -18.43 18.22
N LEU AA 144 -51.03 -18.88 17.11
CA LEU AA 144 -51.77 -19.21 15.91
C LEU AA 144 -52.15 -20.69 15.92
N HIS AA 145 -53.44 -20.97 15.81
CA HIS AA 145 -53.94 -22.33 15.84
C HIS AA 145 -54.54 -22.67 14.48
N LEU AA 146 -54.06 -23.75 13.87
CA LEU AA 146 -54.49 -24.17 12.54
C LEU AA 146 -55.11 -25.56 12.63
N PHE AA 147 -56.22 -25.75 11.92
CA PHE AA 147 -56.92 -27.03 11.91
C PHE AA 147 -57.29 -27.38 10.47
N PRO AA 148 -57.00 -28.60 10.01
CA PRO AA 148 -57.34 -28.97 8.63
C PRO AA 148 -58.82 -28.88 8.33
N ASP AA 149 -59.68 -29.23 9.27
CA ASP AA 149 -61.12 -29.24 9.06
C ASP AA 149 -61.80 -28.64 10.28
N GLU AA 150 -63.12 -28.77 10.34
CA GLU AA 150 -63.90 -28.22 11.44
C GLU AA 150 -63.97 -29.21 12.61
N ASP AA 151 -62.78 -29.59 13.09
CA ASP AA 151 -62.63 -30.45 14.26
C ASP AA 151 -61.78 -29.70 15.27
N ILE AA 152 -62.43 -28.88 16.07
CA ILE AA 152 -61.78 -27.99 17.03
C ILE AA 152 -62.07 -28.51 18.43
N PRO AA 153 -61.07 -28.60 19.31
CA PRO AA 153 -61.34 -29.03 20.69
C PRO AA 153 -62.28 -28.07 21.39
N GLU AA 154 -63.08 -28.62 22.31
CA GLU AA 154 -64.05 -27.79 23.03
C GLU AA 154 -63.38 -26.70 23.83
N ASP AA 155 -62.14 -26.93 24.27
CA ASP AA 155 -61.43 -25.88 25.01
C ASP AA 155 -61.17 -24.67 24.13
N ILE AA 156 -60.79 -24.89 22.87
CA ILE AA 156 -60.52 -23.78 21.97
C ILE AA 156 -61.81 -23.05 21.60
N LEU AA 157 -62.91 -23.81 21.42
CA LEU AA 157 -64.16 -23.20 20.99
C LEU AA 157 -64.69 -22.22 22.03
N LYS AA 158 -64.57 -22.55 23.31
CA LYS AA 158 -65.08 -21.69 24.36
C LYS AA 158 -64.30 -20.39 24.51
N ASN AA 159 -63.12 -20.29 23.90
CA ASN AA 159 -62.30 -19.09 24.01
C ASN AA 159 -62.62 -18.05 22.95
N LEU AA 160 -63.36 -18.42 21.89
CA LEU AA 160 -63.55 -17.52 20.77
C LEU AA 160 -64.44 -16.33 21.15
N VAL AA 161 -64.32 -15.26 20.37
CA VAL AA 161 -65.09 -14.05 20.61
C VAL AA 161 -65.91 -13.71 19.37
N GLU AA 162 -65.25 -13.46 18.25
CA GLU AA 162 -65.93 -13.10 17.01
C GLU AA 162 -65.22 -13.73 15.83
N GLU AA 163 -65.93 -13.82 14.72
CA GLU AA 163 -65.42 -14.41 13.48
C GLU AA 163 -65.14 -13.32 12.47
N LEU AA 164 -63.93 -13.33 11.91
CA LEU AA 164 -63.56 -12.36 10.88
C LEU AA 164 -64.23 -12.71 9.55
N PRO AA 165 -64.63 -11.71 8.77
CA PRO AA 165 -65.26 -12.00 7.48
C PRO AA 165 -64.26 -12.59 6.50
N GLN AA 166 -64.78 -13.37 5.56
CA GLN AA 166 -63.94 -13.96 4.53
C GLN AA 166 -63.45 -12.88 3.57
N PRO AA 167 -62.15 -12.84 3.24
CA PRO AA 167 -61.65 -11.77 2.37
C PRO AA 167 -62.05 -11.92 0.91
N ARG AA 168 -62.42 -13.11 0.46
CA ARG AA 168 -62.81 -13.34 -0.93
C ARG AA 168 -64.24 -13.87 -0.98
N LYS AA 169 -65.08 -13.22 -1.78
CA LYS AA 169 -66.45 -13.68 -1.96
C LYS AA 169 -66.44 -14.92 -2.84
N VAL AA 170 -66.91 -16.04 -2.30
CA VAL AA 170 -66.89 -17.32 -3.01
C VAL AA 170 -67.96 -17.29 -4.10
N PRO AA 171 -67.58 -17.45 -5.37
CA PRO AA 171 -68.59 -17.54 -6.42
C PRO AA 171 -69.37 -18.83 -6.32
N ARG AA 172 -70.63 -18.78 -6.74
CA ARG AA 172 -71.51 -19.94 -6.68
C ARG AA 172 -71.53 -20.63 -8.04
N ARG AA 173 -71.68 -21.96 -8.00
CA ARG AA 173 -71.67 -22.76 -9.21
C ARG AA 173 -73.03 -22.67 -9.90
N LEU AA 174 -73.13 -23.29 -11.07
CA LEU AA 174 -74.37 -23.21 -11.84
C LEU AA 174 -75.52 -23.89 -11.13
N ASP AA 175 -75.27 -25.04 -10.49
CA ASP AA 175 -76.32 -25.76 -9.80
C ASP AA 175 -76.79 -25.06 -8.52
N GLU AA 176 -76.05 -24.07 -8.04
CA GLU AA 176 -76.45 -23.33 -6.84
C GLU AA 176 -77.37 -22.15 -7.14
N TYR AA 177 -77.56 -21.80 -8.41
CA TYR AA 177 -78.48 -20.73 -8.78
C TYR AA 177 -79.91 -21.23 -8.70
N THR AA 178 -80.79 -20.45 -8.07
CA THR AA 178 -82.20 -20.80 -7.99
C THR AA 178 -82.87 -20.61 -9.35
N GLN AA 179 -83.98 -21.31 -9.54
CA GLN AA 179 -84.71 -21.22 -10.80
C GLN AA 179 -85.24 -19.81 -11.05
N GLU AA 180 -85.50 -19.05 -9.98
CA GLU AA 180 -85.91 -17.66 -10.15
C GLU AA 180 -84.79 -16.84 -10.79
N GLU AA 181 -83.54 -17.08 -10.38
CA GLU AA 181 -82.42 -16.37 -10.96
C GLU AA 181 -82.22 -16.75 -12.42
N ILE AA 182 -82.40 -18.04 -12.76
CA ILE AA 182 -82.19 -18.49 -14.13
C ILE AA 182 -83.17 -17.80 -15.07
N GLU AA 183 -84.44 -17.73 -14.67
CA GLU AA 183 -85.45 -17.08 -15.49
C GLU AA 183 -85.26 -15.57 -15.55
N ALA AA 184 -84.64 -14.98 -14.52
CA ALA AA 184 -84.46 -13.53 -14.49
C ALA AA 184 -83.39 -13.07 -15.47
N PHE AA 185 -82.31 -13.84 -15.60
CA PHE AA 185 -81.23 -13.46 -16.50
C PHE AA 185 -81.66 -13.61 -17.94
N PRO AA 186 -81.53 -12.59 -18.78
CA PRO AA 186 -82.06 -12.66 -20.14
C PRO AA 186 -81.29 -13.65 -21.00
N ARG AA 187 -82.00 -14.23 -21.97
CA ARG AA 187 -81.37 -15.09 -22.97
C ARG AA 187 -80.76 -14.22 -24.06
N VAL AA 188 -79.44 -14.26 -24.19
CA VAL AA 188 -78.74 -13.30 -25.04
C VAL AA 188 -79.04 -13.56 -26.51
N TRP AA 189 -79.07 -14.81 -26.93
CA TRP AA 189 -79.19 -15.15 -28.34
C TRP AA 189 -80.24 -16.22 -28.53
N SER AA 190 -80.67 -16.38 -29.79
CA SER AA 190 -81.67 -17.38 -30.16
C SER AA 190 -81.02 -18.43 -31.05
N PRO AA 191 -80.71 -19.62 -30.52
CA PRO AA 191 -80.05 -20.62 -31.36
C PRO AA 191 -81.01 -21.15 -32.42
N PRO AA 192 -80.50 -21.59 -33.56
CA PRO AA 192 -81.38 -22.17 -34.59
C PRO AA 192 -81.96 -23.49 -34.14
N GLU AA 193 -83.13 -23.81 -34.69
CA GLU AA 193 -83.86 -25.00 -34.29
C GLU AA 193 -83.27 -26.28 -34.86
N ASP AA 194 -82.51 -26.20 -35.95
CA ASP AA 194 -82.01 -27.39 -36.63
C ASP AA 194 -80.62 -27.81 -36.19
N TYR AA 195 -80.00 -27.09 -35.27
CA TYR AA 195 -78.67 -27.44 -34.81
C TYR AA 195 -78.73 -28.52 -33.74
N ARG AA 196 -77.75 -29.42 -33.78
CA ARG AA 196 -77.66 -30.53 -32.83
C ARG AA 196 -76.56 -30.20 -31.82
N LEU AA 197 -76.93 -30.12 -30.55
CA LEU AA 197 -75.97 -29.81 -29.50
C LEU AA 197 -75.28 -31.08 -28.99
N ALA BA 211 -5.12 -68.73 -3.26
CA ALA BA 211 -5.28 -67.36 -3.74
C ALA BA 211 -4.12 -66.95 -4.63
N ILE BA 212 -4.41 -66.77 -5.91
CA ILE BA 212 -3.44 -66.35 -6.91
C ILE BA 212 -3.88 -65.01 -7.47
N GLN BA 213 -2.96 -64.04 -7.44
CA GLN BA 213 -3.26 -62.69 -7.90
C GLN BA 213 -2.25 -62.26 -8.95
N LYS BA 214 -2.25 -60.98 -9.29
CA LYS BA 214 -1.30 -60.47 -10.27
C LYS BA 214 0.13 -60.60 -9.75
N MET BA 215 1.05 -60.98 -10.64
CA MET BA 215 2.47 -61.09 -10.34
C MET BA 215 2.75 -62.17 -9.28
N THR BA 216 2.33 -63.39 -9.60
CA THR BA 216 2.64 -64.56 -8.78
C THR BA 216 3.28 -65.62 -9.65
N ARG BA 217 4.40 -66.17 -9.19
CA ARG BA 217 5.02 -67.30 -9.88
C ARG BA 217 4.13 -68.52 -9.73
N VAL BA 218 3.91 -69.24 -10.82
CA VAL BA 218 3.02 -70.40 -10.81
C VAL BA 218 3.76 -71.63 -11.31
N ARG BA 219 3.10 -72.79 -11.22
CA ARG BA 219 3.67 -74.05 -11.67
C ARG BA 219 2.69 -74.70 -12.64
N VAL BA 220 3.20 -75.13 -13.79
CA VAL BA 220 2.38 -75.74 -14.83
C VAL BA 220 2.43 -77.26 -14.68
N VAL BA 221 1.26 -77.89 -14.66
CA VAL BA 221 1.16 -79.30 -14.29
C VAL BA 221 0.67 -80.17 -15.45
N ASP BA 222 0.82 -79.72 -16.68
CA ASP BA 222 0.50 -80.54 -17.84
C ASP BA 222 1.69 -80.57 -18.80
N ASN BA 223 1.80 -81.66 -19.55
CA ASN BA 223 2.91 -81.85 -20.48
C ASN BA 223 2.68 -80.98 -21.71
N SER BA 224 3.42 -79.88 -21.81
CA SER BA 224 3.32 -78.98 -22.94
C SER BA 224 4.71 -78.49 -23.31
N ALA BA 225 4.87 -78.13 -24.59
CA ALA BA 225 6.15 -77.61 -25.04
C ALA BA 225 6.48 -76.28 -24.37
N LEU BA 226 5.47 -75.45 -24.16
CA LEU BA 226 5.68 -74.16 -23.53
C LEU BA 226 5.89 -74.27 -22.02
N GLY BA 227 5.18 -75.18 -21.36
CA GLY BA 227 5.26 -75.30 -19.92
C GLY BA 227 6.42 -76.13 -19.40
N THR BA 228 7.16 -76.79 -20.28
CA THR BA 228 8.26 -77.64 -19.87
C THR BA 228 9.63 -77.09 -20.25
N THR BA 229 9.72 -76.33 -21.33
CA THR BA 229 11.01 -75.80 -21.76
C THR BA 229 11.52 -74.79 -20.75
N PRO BA 230 12.75 -74.94 -20.25
CA PRO BA 230 13.28 -73.98 -19.28
C PRO BA 230 13.41 -72.59 -19.87
N TYR BA 231 13.25 -71.59 -18.99
CA TYR BA 231 13.34 -70.19 -19.39
C TYR BA 231 13.98 -69.41 -18.25
N HIS BA 232 14.55 -68.26 -18.59
CA HIS BA 232 15.27 -67.47 -17.58
C HIS BA 232 14.36 -66.59 -16.75
N ARG BA 233 13.05 -66.58 -17.02
CA ARG BA 233 12.09 -65.86 -16.20
C ARG BA 233 10.93 -66.78 -15.87
N PRO BA 234 10.52 -66.86 -14.60
CA PRO BA 234 9.45 -67.79 -14.23
C PRO BA 234 8.13 -67.37 -14.86
N PRO BA 235 7.22 -68.31 -15.10
CA PRO BA 235 5.89 -67.95 -15.63
C PRO BA 235 5.07 -67.23 -14.57
N ARG BA 236 4.85 -65.94 -14.78
CA ARG BA 236 4.13 -65.11 -13.83
C ARG BA 236 2.70 -64.88 -14.30
N CYS BA 237 1.87 -64.41 -13.37
CA CYS BA 237 0.49 -64.05 -13.69
C CYS BA 237 0.42 -62.61 -14.16
N ILE BA 238 -0.46 -62.37 -15.12
CA ILE BA 238 -0.69 -61.02 -15.66
C ILE BA 238 -1.98 -60.43 -15.15
N HIS BA 239 -3.07 -61.20 -15.22
CA HIS BA 239 -4.39 -60.69 -14.90
C HIS BA 239 -5.32 -61.86 -14.60
N VAL BA 240 -6.15 -61.69 -13.58
CA VAL BA 240 -7.17 -62.67 -13.23
C VAL BA 240 -8.53 -62.15 -13.64
N TYR BA 241 -9.31 -63.00 -14.31
CA TYR BA 241 -10.55 -62.56 -14.93
C TYR BA 241 -11.71 -62.41 -13.94
N ASN BA 242 -11.51 -62.80 -12.68
CA ASN BA 242 -12.49 -62.50 -11.65
C ASN BA 242 -12.54 -61.00 -11.41
N LYS BA 243 -13.72 -60.51 -11.02
CA LYS BA 243 -13.86 -59.09 -10.72
C LYS BA 243 -12.97 -58.69 -9.56
N THR BA 244 -12.92 -59.52 -8.52
CA THR BA 244 -11.92 -59.33 -7.48
C THR BA 244 -10.54 -59.65 -8.04
N GLY BA 245 -9.54 -58.92 -7.56
CA GLY BA 245 -8.19 -59.09 -8.07
C GLY BA 245 -7.49 -60.37 -7.65
N VAL BA 246 -8.21 -61.30 -7.03
CA VAL BA 246 -7.64 -62.55 -6.55
C VAL BA 246 -8.50 -63.69 -7.06
N GLY BA 247 -7.85 -64.76 -7.51
CA GLY BA 247 -8.53 -65.92 -8.06
C GLY BA 247 -8.41 -67.12 -7.14
N LYS BA 248 -9.39 -68.01 -7.21
CA LYS BA 248 -9.46 -69.20 -6.40
C LYS BA 248 -9.39 -70.43 -7.30
N VAL BA 249 -9.61 -71.61 -6.70
CA VAL BA 249 -9.57 -72.86 -7.46
C VAL BA 249 -10.67 -72.86 -8.50
N GLY BA 250 -10.31 -73.22 -9.73
CA GLY BA 250 -11.27 -73.24 -10.81
C GLY BA 250 -11.61 -71.89 -11.38
N ASP BA 251 -10.67 -70.95 -11.34
CA ASP BA 251 -10.89 -69.61 -11.88
C ASP BA 251 -9.83 -69.32 -12.92
N ARG BA 252 -10.26 -68.72 -14.04
CA ARG BA 252 -9.38 -68.49 -15.17
C ARG BA 252 -8.34 -67.42 -14.83
N ILE BA 253 -7.22 -67.47 -15.55
CA ILE BA 253 -6.09 -66.60 -15.27
C ILE BA 253 -5.26 -66.46 -16.54
N LEU BA 254 -4.64 -65.30 -16.73
CA LEU BA 254 -3.77 -65.03 -17.85
C LEU BA 254 -2.32 -65.11 -17.39
N LEU BA 255 -1.49 -65.82 -18.15
CA LEU BA 255 -0.10 -66.07 -17.78
C LEU BA 255 0.84 -65.48 -18.82
N ALA BA 256 2.06 -65.18 -18.38
CA ALA BA 256 3.12 -64.68 -19.25
C ALA BA 256 4.25 -65.70 -19.23
N ILE BA 257 4.27 -66.58 -20.24
CA ILE BA 257 5.23 -67.67 -20.32
C ILE BA 257 6.09 -67.45 -21.55
N ARG BA 258 7.41 -67.35 -21.33
CA ARG BA 258 8.39 -67.28 -22.43
C ARG BA 258 8.08 -66.14 -23.40
N GLY BA 259 7.67 -65.00 -22.84
CA GLY BA 259 7.47 -63.81 -23.64
C GLY BA 259 6.12 -63.70 -24.34
N GLN BA 260 5.22 -64.64 -24.13
CA GLN BA 260 3.90 -64.60 -24.75
C GLN BA 260 2.83 -64.81 -23.69
N LYS BA 261 1.61 -64.42 -24.03
CA LYS BA 261 0.49 -64.43 -23.10
C LYS BA 261 -0.42 -65.63 -23.40
N LYS BA 262 -0.62 -66.48 -22.39
CA LYS BA 262 -1.48 -67.65 -22.50
C LYS BA 262 -2.45 -67.72 -21.33
N LYS BA 263 -3.70 -68.05 -21.62
CA LYS BA 263 -4.68 -68.24 -20.56
C LYS BA 263 -4.43 -69.55 -19.83
N ALA BA 264 -4.93 -69.63 -18.61
CA ALA BA 264 -4.71 -70.81 -17.79
C ALA BA 264 -5.85 -70.96 -16.79
N LEU BA 265 -5.95 -72.16 -16.23
CA LEU BA 265 -6.94 -72.48 -15.21
C LEU BA 265 -6.21 -72.91 -13.94
N ILE BA 266 -6.56 -72.30 -12.82
CA ILE BA 266 -5.94 -72.64 -11.55
C ILE BA 266 -6.59 -73.90 -11.00
N VAL BA 267 -5.77 -74.91 -10.69
CA VAL BA 267 -6.26 -76.14 -10.10
C VAL BA 267 -5.94 -76.25 -8.62
N GLY BA 268 -4.83 -75.70 -8.16
CA GLY BA 268 -4.50 -75.77 -6.75
C GLY BA 268 -3.66 -74.60 -6.27
N HIS BA 269 -3.99 -74.07 -5.10
CA HIS BA 269 -3.27 -72.97 -4.48
C HIS BA 269 -2.75 -73.41 -3.12
N ARG BA 270 -2.19 -72.46 -2.37
CA ARG BA 270 -1.64 -72.73 -1.05
C ARG BA 270 -2.43 -72.09 0.09
N MET BA 271 -3.25 -71.09 -0.19
CA MET BA 271 -4.04 -70.46 0.86
C MET BA 271 -5.18 -71.38 1.27
N PRO BA 272 -5.38 -71.62 2.56
CA PRO BA 272 -6.47 -72.51 3.00
C PRO BA 272 -7.83 -72.00 2.55
N GLY BA 273 -8.71 -72.93 2.23
CA GLY BA 273 -10.05 -72.59 1.81
C GLY BA 273 -11.11 -73.20 2.71
N PRO BA 274 -12.26 -73.52 2.14
CA PRO BA 274 -13.32 -74.14 2.94
C PRO BA 274 -12.91 -75.53 3.43
N ARG BA 275 -13.63 -76.00 4.44
CA ARG BA 275 -13.31 -77.28 5.05
C ARG BA 275 -13.52 -78.42 4.04
N MET BA 276 -12.73 -79.49 4.22
CA MET BA 276 -12.74 -80.65 3.34
C MET BA 276 -12.42 -80.26 1.89
N THR BA 277 -11.48 -79.34 1.73
CA THR BA 277 -10.96 -78.98 0.42
C THR BA 277 -9.44 -79.09 0.46
N PRO BA 278 -8.84 -79.86 -0.45
CA PRO BA 278 -7.39 -80.09 -0.38
C PRO BA 278 -6.60 -78.81 -0.59
N ARG BA 279 -5.46 -78.73 0.09
CA ARG BA 279 -4.52 -77.62 -0.03
C ARG BA 279 -3.17 -78.17 -0.49
N PHE BA 280 -2.60 -77.55 -1.51
CA PHE BA 280 -1.35 -78.01 -2.10
C PHE BA 280 -0.19 -77.13 -1.67
N ASP BA 281 1.02 -77.59 -1.95
CA ASP BA 281 2.24 -76.88 -1.58
C ASP BA 281 2.82 -76.06 -2.72
N SER BA 282 2.10 -75.91 -3.82
CA SER BA 282 2.58 -75.13 -4.95
C SER BA 282 1.40 -74.68 -5.79
N ASN BA 283 1.44 -73.43 -6.24
CA ASN BA 283 0.39 -72.88 -7.08
C ASN BA 283 0.41 -73.60 -8.42
N ASN BA 284 -0.58 -74.46 -8.65
CA ASN BA 284 -0.62 -75.29 -9.85
C ASN BA 284 -1.68 -74.74 -10.82
N VAL BA 285 -1.28 -74.56 -12.07
CA VAL BA 285 -2.18 -74.08 -13.11
C VAL BA 285 -2.04 -74.99 -14.32
N VAL BA 286 -3.08 -74.99 -15.16
CA VAL BA 286 -3.11 -75.79 -16.38
C VAL BA 286 -3.29 -74.86 -17.56
N LEU BA 287 -2.45 -75.03 -18.59
CA LEU BA 287 -2.53 -74.15 -19.75
C LEU BA 287 -3.83 -74.36 -20.50
N LEU BA 288 -4.30 -73.29 -21.13
CA LEU BA 288 -5.61 -73.28 -21.76
C LEU BA 288 -5.58 -72.36 -22.97
N GLU BA 289 -6.49 -72.61 -23.90
CA GLU BA 289 -6.64 -71.80 -25.10
C GLU BA 289 -7.90 -70.95 -25.01
N ASP BA 290 -8.12 -70.13 -26.05
CA ASP BA 290 -9.32 -69.31 -26.10
C ASP BA 290 -10.58 -70.14 -26.30
N ASN BA 291 -10.46 -71.34 -26.85
CA ASN BA 291 -11.61 -72.22 -27.04
C ASN BA 291 -11.93 -73.05 -25.80
N GLY BA 292 -11.11 -72.98 -24.77
CA GLY BA 292 -11.31 -73.77 -23.56
C GLY BA 292 -10.72 -75.16 -23.60
N ASN BA 293 -10.13 -75.57 -24.73
CA ASN BA 293 -9.49 -76.87 -24.83
C ASN BA 293 -8.07 -76.77 -24.29
N PRO BA 294 -7.67 -77.61 -23.33
CA PRO BA 294 -6.30 -77.53 -22.82
C PRO BA 294 -5.29 -77.89 -23.89
N VAL BA 295 -4.11 -77.27 -23.80
CA VAL BA 295 -3.05 -77.55 -24.77
C VAL BA 295 -2.26 -78.79 -24.40
N GLY BA 296 -2.36 -79.26 -23.15
CA GLY BA 296 -1.64 -80.43 -22.73
C GLY BA 296 -2.31 -81.73 -23.14
N THR BA 297 -1.63 -82.84 -22.83
CA THR BA 297 -2.14 -84.17 -23.12
C THR BA 297 -2.66 -84.87 -21.88
N ARG BA 298 -1.88 -84.89 -20.80
CA ARG BA 298 -2.29 -85.54 -19.57
C ARG BA 298 -1.73 -84.76 -18.38
N ILE BA 299 -2.40 -84.88 -17.25
CA ILE BA 299 -2.03 -84.18 -16.02
C ILE BA 299 -1.68 -85.24 -14.97
N LYS BA 300 -0.48 -85.14 -14.42
CA LYS BA 300 -0.01 -86.08 -13.42
C LYS BA 300 -0.21 -85.58 -12.00
N THR BA 301 -0.09 -84.27 -11.77
CA THR BA 301 -0.33 -83.71 -10.46
C THR BA 301 -1.81 -83.87 -10.08
N PRO BA 302 -2.10 -84.27 -8.84
CA PRO BA 302 -3.50 -84.46 -8.45
C PRO BA 302 -4.30 -83.16 -8.53
N ILE BA 303 -5.59 -83.30 -8.81
CA ILE BA 303 -6.49 -82.17 -9.00
C ILE BA 303 -7.65 -82.32 -8.01
N PRO BA 304 -8.11 -81.23 -7.38
CA PRO BA 304 -9.23 -81.36 -6.45
C PRO BA 304 -10.48 -81.90 -7.14
N SER BA 305 -11.22 -82.73 -6.41
CA SER BA 305 -12.43 -83.33 -6.95
C SER BA 305 -13.57 -82.34 -7.09
N SER BA 306 -13.47 -81.16 -6.49
CA SER BA 306 -14.54 -80.17 -6.57
C SER BA 306 -14.68 -79.56 -7.96
N LEU BA 307 -13.71 -79.76 -8.85
CA LEU BA 307 -13.81 -79.22 -10.19
C LEU BA 307 -14.84 -79.98 -11.04
N ARG BA 308 -15.20 -81.20 -10.64
CA ARG BA 308 -16.24 -81.94 -11.37
C ARG BA 308 -17.61 -81.32 -11.22
N GLN BA 309 -17.79 -80.37 -10.29
CA GLN BA 309 -19.08 -79.70 -10.15
C GLN BA 309 -19.44 -78.93 -11.42
N ARG BA 310 -18.45 -78.29 -12.03
CA ARG BA 310 -18.65 -77.57 -13.29
C ARG BA 310 -18.20 -78.47 -14.42
N GLU BA 311 -19.16 -79.03 -15.15
CA GLU BA 311 -18.88 -79.91 -16.28
C GLU BA 311 -19.16 -79.27 -17.63
N GLY BA 312 -19.93 -78.18 -17.67
CA GLY BA 312 -20.23 -77.54 -18.94
C GLY BA 312 -19.02 -76.93 -19.59
N GLU BA 313 -18.15 -76.32 -18.81
CA GLU BA 313 -16.97 -75.63 -19.33
C GLU BA 313 -15.65 -76.31 -18.99
N PHE BA 314 -15.64 -77.26 -18.06
CA PHE BA 314 -14.43 -77.96 -17.68
C PHE BA 314 -14.42 -79.41 -18.14
N SER BA 315 -15.25 -79.76 -19.12
CA SER BA 315 -15.32 -81.14 -19.57
C SER BA 315 -13.99 -81.59 -20.18
N LYS BA 316 -13.37 -80.75 -21.00
CA LYS BA 316 -12.12 -81.13 -21.65
C LYS BA 316 -10.97 -81.15 -20.67
N VAL BA 317 -10.95 -80.21 -19.71
CA VAL BA 317 -9.87 -80.16 -18.73
C VAL BA 317 -9.90 -81.39 -17.83
N LEU BA 318 -11.09 -81.79 -17.40
CA LEU BA 318 -11.22 -82.95 -16.52
C LEU BA 318 -11.06 -84.27 -17.25
N ALA BA 319 -11.21 -84.28 -18.58
CA ALA BA 319 -11.08 -85.53 -19.32
C ALA BA 319 -9.66 -86.04 -19.33
N ILE BA 320 -8.67 -85.15 -19.22
CA ILE BA 320 -7.26 -85.56 -19.25
C ILE BA 320 -6.67 -85.75 -17.86
N ALA BA 321 -7.39 -85.38 -16.81
CA ALA BA 321 -6.87 -85.52 -15.45
C ALA BA 321 -6.79 -86.99 -15.06
N GLN BA 322 -5.78 -87.31 -14.26
CA GLN BA 322 -5.53 -88.69 -13.83
C GLN BA 322 -5.82 -88.90 -12.35
N ASN BA 323 -5.24 -88.09 -11.47
CA ASN BA 323 -5.40 -88.26 -10.04
C ASN BA 323 -6.31 -87.17 -9.49
N PHE BA 324 -7.30 -87.58 -8.70
CA PHE BA 324 -8.24 -86.67 -8.06
C PHE BA 324 -8.18 -86.84 -6.55
N VAL BA 325 -8.14 -85.72 -5.84
CA VAL BA 325 -8.09 -85.75 -4.38
C VAL BA 325 -9.30 -85.02 -3.79
N GLY CA 9 -5.89 70.63 30.95
CA GLY CA 9 -5.47 69.91 29.75
C GLY CA 9 -5.83 68.43 29.79
N PRO CA 10 -5.06 67.64 30.53
CA PRO CA 10 -5.31 66.18 30.61
C PRO CA 10 -6.52 65.85 31.49
N ARG CA 11 -7.70 65.91 30.89
CA ARG CA 11 -8.94 65.66 31.64
C ARG CA 11 -9.03 64.22 32.13
N ALA CA 12 -8.20 63.31 31.62
CA ALA CA 12 -8.19 61.95 32.12
C ALA CA 12 -7.63 61.85 33.53
N LEU CA 13 -6.85 62.85 33.97
CA LEU CA 13 -6.35 62.83 35.34
C LEU CA 13 -7.46 63.00 36.36
N ASP CA 14 -8.55 63.67 35.98
CA ASP CA 14 -9.70 63.78 36.87
C ASP CA 14 -10.32 62.41 37.11
N LEU CA 15 -10.36 61.57 36.07
CA LEU CA 15 -10.92 60.22 36.23
C LEU CA 15 -10.08 59.36 37.15
N LEU CA 16 -8.78 59.64 37.26
CA LEU CA 16 -7.90 58.79 38.05
C LEU CA 16 -8.16 58.90 39.55
N ARG CA 17 -8.72 60.02 40.02
CA ARG CA 17 -9.02 60.14 41.44
C ARG CA 17 -10.08 59.14 41.88
N ALA CA 18 -11.11 58.93 41.05
CA ALA CA 18 -12.16 57.98 41.41
C ALA CA 18 -11.68 56.55 41.31
N LEU CA 19 -10.84 56.25 40.31
CA LEU CA 19 -10.37 54.89 40.11
C LEU CA 19 -9.39 54.49 41.20
N PRO CA 20 -9.25 53.18 41.46
CA PRO CA 20 -8.29 52.74 42.46
C PRO CA 20 -6.86 52.98 42.03
N ARG CA 21 -5.94 52.74 42.95
CA ARG CA 21 -4.53 53.02 42.71
C ARG CA 21 -3.97 52.07 41.66
N VAL CA 22 -3.03 52.59 40.86
CA VAL CA 22 -2.38 51.79 39.82
C VAL CA 22 -1.21 51.05 40.44
N SER CA 23 -1.21 49.73 40.34
CA SER CA 23 -0.14 48.90 40.88
C SER CA 23 0.19 47.82 39.86
N LEU CA 24 1.05 46.88 40.26
CA LEU CA 24 1.46 45.81 39.36
C LEU CA 24 0.35 44.78 39.16
N ALA CA 25 -0.67 44.79 40.01
CA ALA CA 25 -1.73 43.79 39.90
C ALA CA 25 -2.66 44.07 38.72
N ASN CA 26 -2.80 45.34 38.32
CA ASN CA 26 -3.71 45.72 37.24
C ASN CA 26 -2.93 46.52 36.19
N LEU CA 27 -2.31 45.80 35.26
CA LEU CA 27 -1.65 46.41 34.12
C LEU CA 27 -1.97 45.58 32.88
N LYS CA 28 -2.33 46.26 31.80
CA LYS CA 28 -2.71 45.59 30.57
C LYS CA 28 -1.91 46.16 29.40
N PRO CA 29 -1.35 45.32 28.53
CA PRO CA 29 -0.67 45.84 27.34
C PRO CA 29 -1.67 46.44 26.37
N ASN CA 30 -1.15 47.30 25.49
CA ASN CA 30 -1.98 47.94 24.50
C ASN CA 30 -2.63 46.88 23.61
N PRO CA 31 -3.95 46.92 23.42
CA PRO CA 31 -4.61 45.86 22.65
C PRO CA 31 -4.14 45.84 21.20
N GLY CA 32 -3.76 44.65 20.75
CA GLY CA 32 -3.23 44.46 19.42
C GLY CA 32 -1.72 44.48 19.31
N SER CA 33 -1.03 44.87 20.38
CA SER CA 33 0.42 44.95 20.34
C SER CA 33 1.07 43.58 20.40
N ARG CA 34 0.41 42.60 21.00
CA ARG CA 34 0.96 41.25 21.17
C ARG CA 34 0.00 40.24 20.57
N LYS CA 35 0.27 39.84 19.33
CA LYS CA 35 -0.50 38.76 18.72
C LYS CA 35 -0.15 37.44 19.39
N PRO CA 36 -1.14 36.64 19.80
CA PRO CA 36 -0.84 35.39 20.49
C PRO CA 36 -0.13 34.39 19.58
N GLU CA 37 0.71 33.56 20.19
CA GLU CA 37 1.42 32.52 19.48
C GLU CA 37 0.53 31.29 19.35
N ARG CA 38 0.66 30.59 18.22
CA ARG CA 38 -0.14 29.41 17.93
C ARG CA 38 0.74 28.18 18.07
N ARG CA 39 0.35 27.27 18.95
CA ARG CA 39 1.15 26.08 19.10
C ARG CA 39 0.47 24.89 18.44
N PRO CA 40 1.25 23.92 17.94
CA PRO CA 40 0.66 22.74 17.28
C PRO CA 40 0.08 21.73 18.27
N ARG CA 41 -1.03 22.12 18.90
CA ARG CA 41 -1.78 21.25 19.79
C ARG CA 41 -3.26 21.37 19.49
N GLY CA 42 -3.95 20.24 19.49
CA GLY CA 42 -5.39 20.21 19.30
C GLY CA 42 -5.76 19.62 17.94
N ARG CA 43 -7.07 19.67 17.67
CA ARG CA 43 -7.58 19.13 16.41
C ARG CA 43 -7.19 20.02 15.23
N ARG CA 44 -7.31 21.33 15.40
CA ARG CA 44 -7.02 22.28 14.32
C ARG CA 44 -5.56 22.18 13.89
N ARG CA 45 -4.65 22.57 14.78
CA ARG CA 45 -3.21 22.51 14.49
C ARG CA 45 -2.62 21.21 15.01
N GLY CA 46 -3.07 20.11 14.44
CA GLY CA 46 -2.67 18.80 14.91
C GLY CA 46 -2.63 17.79 13.80
N ARG CA 47 -1.80 16.76 14.00
CA ARG CA 47 -1.65 15.58 13.15
C ARG CA 47 -0.94 15.92 11.84
N LYS CA 48 -0.80 17.21 11.55
CA LYS CA 48 0.07 17.68 10.49
C LYS CA 48 0.91 18.89 10.88
N CYS CA 49 0.44 19.71 11.84
CA CYS CA 49 1.19 20.86 12.35
C CYS CA 49 1.51 21.87 11.25
N GLY CA 50 0.71 21.89 10.19
CA GLY CA 50 0.89 22.87 9.14
C GLY CA 50 2.09 22.66 8.26
N ARG CA 51 2.51 21.40 8.07
CA ARG CA 51 3.66 21.10 7.23
C ARG CA 51 3.24 20.58 5.85
N GLY CA 52 2.45 19.51 5.82
CA GLY CA 52 2.02 18.93 4.57
C GLY CA 52 1.87 17.43 4.71
N HIS CA 53 1.85 16.73 3.58
CA HIS CA 53 1.74 15.27 3.53
C HIS CA 53 2.84 14.71 2.65
N LYS CA 54 3.89 14.18 3.29
CA LYS CA 54 4.98 13.50 2.59
C LYS CA 54 5.75 14.44 1.67
N GLY CA 55 6.87 13.97 1.15
CA GLY CA 55 7.71 14.77 0.28
C GLY CA 55 8.82 15.45 1.04
N GLU CA 56 9.34 16.53 0.45
CA GLU CA 56 10.33 17.35 1.10
C GLU CA 56 9.70 18.49 1.91
N ARG CA 57 8.37 18.59 1.89
CA ARG CA 57 7.69 19.60 2.69
C ARG CA 57 7.57 19.16 4.15
N GLN CA 58 6.98 17.99 4.38
CA GLN CA 58 6.78 17.51 5.74
C GLN CA 58 8.07 17.05 6.40
N ARG CA 59 9.07 16.68 5.62
CA ARG CA 59 10.34 16.22 6.17
C ARG CA 59 11.40 17.32 6.18
N GLY CA 60 11.09 18.51 5.70
CA GLY CA 60 11.98 19.65 5.81
C GLY CA 60 13.33 19.49 5.15
N THR CA 61 13.35 19.01 3.91
CA THR CA 61 14.60 18.86 3.17
C THR CA 61 14.45 19.42 1.77
N ARG CA 62 13.67 20.49 1.62
CA ARG CA 62 13.50 21.12 0.32
C ARG CA 62 14.80 21.81 -0.07
N PRO CA 63 15.03 22.01 -1.38
CA PRO CA 63 16.33 22.53 -1.84
C PRO CA 63 16.62 23.95 -1.39
N ARG CA 64 17.78 24.46 -1.80
CA ARG CA 64 18.21 25.80 -1.42
C ARG CA 64 17.30 26.85 -2.06
N LEU CA 65 17.57 28.12 -1.75
CA LEU CA 65 16.79 29.23 -2.27
C LEU CA 65 17.29 29.59 -3.67
N GLY CA 66 16.38 29.62 -4.63
CA GLY CA 66 16.75 29.88 -6.01
C GLY CA 66 16.99 28.66 -6.86
N PHE CA 67 16.63 27.47 -6.38
CA PHE CA 67 16.84 26.23 -7.10
C PHE CA 67 15.50 25.76 -7.66
N GLU CA 68 15.40 25.64 -8.98
CA GLU CA 68 14.15 25.36 -9.65
C GLU CA 68 14.01 23.90 -10.06
N GLY CA 69 14.69 22.99 -9.37
CA GLY CA 69 14.51 21.57 -9.65
C GLY CA 69 15.25 21.09 -10.88
N GLY CA 70 16.58 21.17 -10.87
CA GLY CA 70 17.38 20.68 -11.97
C GLY CA 70 17.50 21.65 -13.13
N GLN CA 71 16.41 22.34 -13.44
CA GLN CA 71 16.43 23.37 -14.47
C GLN CA 71 17.39 24.47 -14.07
N THR CA 72 18.07 25.05 -15.06
CA THR CA 72 19.03 26.11 -14.79
C THR CA 72 18.33 27.28 -14.11
N PRO CA 73 18.82 27.74 -12.96
CA PRO CA 73 18.10 28.77 -12.20
C PRO CA 73 18.06 30.09 -12.95
N PHE CA 74 17.10 30.93 -12.54
CA PHE CA 74 16.95 32.23 -13.17
C PHE CA 74 18.17 33.11 -12.98
N TYR CA 75 18.85 33.00 -11.84
CA TYR CA 75 20.00 33.83 -11.56
C TYR CA 75 21.30 33.27 -12.14
N LEU CA 76 21.24 32.15 -12.86
CA LEU CA 76 22.41 31.59 -13.50
C LEU CA 76 22.33 31.61 -15.02
N ARG CA 77 21.18 31.95 -15.61
CA ARG CA 77 21.03 32.01 -17.05
C ARG CA 77 21.06 33.43 -17.59
N ILE CA 78 21.40 34.41 -16.75
CA ILE CA 78 21.51 35.81 -17.16
C ILE CA 78 22.99 36.15 -17.30
N PRO CA 79 23.44 36.66 -18.44
CA PRO CA 79 24.87 36.91 -18.61
C PRO CA 79 25.39 37.96 -17.64
N LYS CA 80 26.63 37.78 -17.21
CA LYS CA 80 27.25 38.72 -16.30
C LYS CA 80 27.53 40.04 -16.99
N TYR CA 81 27.20 41.14 -16.31
CA TYR CA 81 27.53 42.48 -16.76
C TYR CA 81 27.96 43.29 -15.55
N GLY CA 82 28.79 44.30 -15.78
CA GLY CA 82 29.30 45.07 -14.66
C GLY CA 82 28.39 46.22 -14.26
N PHE CA 83 27.51 45.97 -13.30
CA PHE CA 83 26.70 46.99 -12.67
C PHE CA 83 27.29 47.44 -11.35
N ASN CA 84 27.83 46.50 -10.57
CA ASN CA 84 28.49 46.79 -9.30
C ASN CA 84 30.00 46.59 -9.40
N GLU CA 85 30.56 46.66 -10.61
CA GLU CA 85 31.99 46.49 -10.80
C GLU CA 85 32.75 47.66 -10.16
N GLY CA 86 33.53 47.36 -9.13
CA GLY CA 86 34.28 48.41 -8.47
C GLY CA 86 33.44 49.40 -7.71
N HIS CA 87 32.24 49.01 -7.27
CA HIS CA 87 31.39 49.93 -6.53
C HIS CA 87 31.98 50.30 -5.19
N SER CA 88 32.77 49.40 -4.58
CA SER CA 88 33.37 49.67 -3.29
C SER CA 88 34.47 50.71 -3.35
N PHE CA 89 34.88 51.12 -4.55
CA PHE CA 89 35.90 52.15 -4.72
C PHE CA 89 35.38 53.43 -5.33
N ARG CA 90 34.13 53.45 -5.78
CA ARG CA 90 33.54 54.69 -6.28
C ARG CA 90 33.27 55.65 -5.14
N HIS CA 91 33.55 56.92 -5.37
CA HIS CA 91 33.35 57.95 -4.37
C HIS CA 91 31.88 58.32 -4.28
N GLN CA 92 31.41 58.56 -3.06
CA GLN CA 92 30.03 58.97 -2.81
C GLN CA 92 30.01 60.32 -2.11
N TYR CA 93 29.03 61.15 -2.48
CA TYR CA 93 28.91 62.50 -1.93
C TYR CA 93 27.48 62.71 -1.45
N GLN CA 94 27.32 63.01 -0.18
CA GLN CA 94 26.00 63.27 0.37
C GLN CA 94 25.47 64.60 -0.16
N PRO CA 95 24.28 64.63 -0.76
CA PRO CA 95 23.77 65.87 -1.33
C PRO CA 95 23.20 66.79 -0.26
N LEU CA 96 23.46 68.08 -0.41
CA LEU CA 96 22.90 69.11 0.45
C LEU CA 96 22.18 70.12 -0.42
N SER CA 97 20.90 70.34 -0.14
CA SER CA 97 20.09 71.25 -0.93
C SER CA 97 20.04 72.63 -0.30
N LEU CA 98 19.98 73.66 -1.14
CA LEU CA 98 19.87 75.02 -0.65
C LEU CA 98 18.57 75.27 0.09
N ASN CA 99 17.53 74.47 -0.20
CA ASN CA 99 16.31 74.54 0.61
C ASN CA 99 16.59 74.12 2.05
N ARG CA 100 17.39 73.07 2.24
CA ARG CA 100 17.75 72.66 3.59
C ARG CA 100 18.75 73.62 4.21
N LEU CA 101 19.67 74.15 3.41
CA LEU CA 101 20.64 75.11 3.94
C LEU CA 101 19.94 76.37 4.43
N GLN CA 102 18.93 76.84 3.71
CA GLN CA 102 18.12 77.95 4.20
C GLN CA 102 17.33 77.56 5.44
N TYR CA 103 16.83 76.32 5.48
CA TYR CA 103 16.05 75.85 6.62
C TYR CA 103 16.90 75.81 7.88
N LEU CA 104 18.15 75.37 7.77
CA LEU CA 104 19.03 75.30 8.93
C LEU CA 104 19.31 76.69 9.49
N ILE CA 105 19.54 77.67 8.61
CA ILE CA 105 19.91 79.01 9.07
C ILE CA 105 18.74 79.68 9.77
N ASP CA 106 17.53 79.53 9.24
CA ASP CA 106 16.37 80.19 9.82
C ASP CA 106 16.06 79.69 11.23
N LEU CA 107 16.38 78.43 11.52
CA LEU CA 107 16.09 77.85 12.82
C LEU CA 107 17.29 77.90 13.77
N GLY CA 108 18.37 78.56 13.38
CA GLY CA 108 19.52 78.67 14.25
C GLY CA 108 20.38 77.44 14.34
N ARG CA 109 20.16 76.44 13.49
CA ARG CA 109 21.00 75.25 13.50
C ARG CA 109 22.43 75.59 13.14
N VAL CA 110 22.62 76.47 12.15
CA VAL CA 110 23.93 77.00 11.80
C VAL CA 110 23.81 78.52 11.70
N ASP CA 111 24.95 79.19 11.83
CA ASP CA 111 24.97 80.63 11.80
C ASP CA 111 25.91 81.15 10.72
N PRO CA 112 25.49 82.15 9.95
CA PRO CA 112 26.37 82.69 8.90
C PRO CA 112 27.44 83.65 9.41
N THR CA 113 27.37 84.08 10.67
CA THR CA 113 28.38 84.97 11.21
C THR CA 113 29.75 84.30 11.25
N GLN CA 114 29.79 83.04 11.66
CA GLN CA 114 30.92 82.13 11.74
C GLN CA 114 31.03 81.34 10.44
N PRO CA 115 32.23 81.11 9.92
CA PRO CA 115 32.36 80.32 8.69
C PRO CA 115 31.80 78.92 8.87
N ILE CA 116 31.17 78.42 7.81
CA ILE CA 116 30.52 77.11 7.82
C ILE CA 116 31.33 76.16 6.96
N ASP CA 117 31.62 74.99 7.50
CA ASP CA 117 32.34 73.94 6.79
C ASP CA 117 31.63 72.63 7.10
N LEU CA 118 32.26 71.50 6.78
CA LEU CA 118 31.61 70.21 7.00
C LEU CA 118 31.37 69.95 8.49
N THR CA 119 32.32 70.34 9.33
CA THR CA 119 32.18 70.09 10.77
C THR CA 119 30.95 70.79 11.34
N GLN CA 120 30.75 72.05 10.96
CA GLN CA 120 29.61 72.80 11.49
C GLN CA 120 28.28 72.22 11.02
N LEU CA 121 28.24 71.66 9.80
CA LEU CA 121 27.02 71.04 9.32
C LEU CA 121 26.67 69.79 10.14
N VAL CA 122 27.67 68.99 10.49
CA VAL CA 122 27.42 67.78 11.28
C VAL CA 122 26.92 68.15 12.66
N ASN CA 123 27.55 69.13 13.31
CA ASN CA 123 27.10 69.54 14.64
C ASN CA 123 25.69 70.13 14.59
N GLY CA 124 25.29 70.67 13.46
CA GLY CA 124 23.95 71.16 13.25
C GLY CA 124 22.95 70.11 12.82
N ARG CA 125 23.38 68.85 12.74
CA ARG CA 125 22.52 67.73 12.35
C ARG CA 125 21.94 67.92 10.96
N GLY CA 126 22.64 68.67 10.11
CA GLY CA 126 22.16 68.89 8.75
C GLY CA 126 22.40 67.70 7.86
N VAL CA 127 23.62 67.19 7.86
CA VAL CA 127 23.99 66.01 7.08
C VAL CA 127 24.78 65.06 7.97
N THR CA 128 24.65 63.77 7.68
CA THR CA 128 25.40 62.74 8.37
C THR CA 128 26.33 62.06 7.38
N ILE CA 129 27.62 61.99 7.72
CA ILE CA 129 28.64 61.46 6.84
C ILE CA 129 29.18 60.17 7.44
N GLN CA 130 29.21 59.10 6.65
CA GLN CA 130 29.77 57.82 7.05
C GLN CA 130 31.05 57.60 6.26
N PRO CA 131 32.23 57.86 6.84
CA PRO CA 131 33.47 57.67 6.08
C PRO CA 131 33.67 56.24 5.61
N SER CA 132 33.16 55.27 6.38
CA SER CA 132 33.37 53.86 6.04
C SER CA 132 32.71 53.51 4.71
N LYS CA 133 31.51 54.02 4.46
CA LYS CA 133 30.80 53.73 3.22
C LYS CA 133 31.25 54.59 2.05
N ARG CA 134 32.57 54.79 1.92
CA ARG CA 134 33.18 55.50 0.80
C ARG CA 134 32.49 56.83 0.53
N ASP CA 135 32.25 57.60 1.59
CA ASP CA 135 31.72 58.96 1.47
C ASP CA 135 32.89 59.93 1.52
N TYR CA 136 33.02 60.78 0.51
CA TYR CA 136 34.11 61.74 0.43
C TYR CA 136 33.68 63.17 0.74
N GLY CA 137 32.49 63.37 1.29
CA GLY CA 137 32.09 64.70 1.69
C GLY CA 137 30.67 65.00 1.25
N VAL CA 138 30.39 66.29 1.12
CA VAL CA 138 29.06 66.80 0.81
C VAL CA 138 29.13 67.57 -0.50
N GLN CA 139 28.20 67.28 -1.40
CA GLN CA 139 28.07 68.03 -2.65
C GLN CA 139 26.90 69.00 -2.55
N LEU CA 140 27.09 70.20 -3.07
CA LEU CA 140 26.06 71.23 -3.06
C LEU CA 140 25.20 71.08 -4.31
N VAL CA 141 23.89 70.94 -4.10
CA VAL CA 141 22.94 70.85 -5.19
C VAL CA 141 22.11 72.13 -5.21
N GLU CA 142 21.42 72.35 -6.34
CA GLU CA 142 20.76 73.63 -6.62
C GLU CA 142 19.24 73.51 -6.55
N GLU CA 143 18.74 72.68 -5.63
CA GLU CA 143 17.30 72.46 -5.56
C GLU CA 143 16.55 73.72 -5.10
N GLY CA 144 17.15 74.50 -4.21
CA GLY CA 144 16.50 75.69 -3.70
C GLY CA 144 17.22 76.98 -4.02
N ALA CA 145 17.73 77.09 -5.25
CA ALA CA 145 18.52 78.25 -5.62
C ALA CA 145 17.67 79.52 -5.73
N ASP CA 146 16.37 79.37 -6.01
CA ASP CA 146 15.54 80.55 -6.25
C ASP CA 146 15.23 81.30 -4.97
N THR CA 147 15.02 80.58 -3.86
CA THR CA 147 14.62 81.18 -2.60
C THR CA 147 15.76 81.27 -1.59
N PHE CA 148 17.01 81.24 -2.07
CA PHE CA 148 18.17 81.29 -1.18
C PHE CA 148 18.58 82.75 -1.01
N LYS CA 149 18.38 83.29 0.19
CA LYS CA 149 18.68 84.68 0.48
C LYS CA 149 19.74 84.85 1.55
N ALA CA 150 20.48 83.79 1.90
CA ALA CA 150 21.49 83.85 2.93
C ALA CA 150 22.85 84.24 2.35
N LYS CA 151 23.73 84.69 3.22
CA LYS CA 151 25.09 85.08 2.86
C LYS CA 151 26.07 84.33 3.76
N VAL CA 152 26.71 83.30 3.21
CA VAL CA 152 27.57 82.42 3.98
C VAL CA 152 28.89 82.21 3.26
N ASN CA 153 29.88 81.77 4.02
CA ASN CA 153 31.17 81.29 3.49
C ASN CA 153 31.20 79.79 3.71
N ILE CA 154 30.69 79.04 2.75
CA ILE CA 154 30.50 77.60 2.89
C ILE CA 154 31.60 76.89 2.13
N GLU CA 155 32.09 75.79 2.70
CA GLU CA 155 33.13 74.97 2.10
C GLU CA 155 32.61 73.55 2.01
N VAL CA 156 32.58 73.01 0.79
CA VAL CA 156 32.05 71.68 0.52
C VAL CA 156 33.09 70.90 -0.26
N GLN CA 157 32.72 69.68 -0.67
CA GLN CA 157 33.62 68.84 -1.45
C GLN CA 157 33.24 68.75 -2.91
N MET CA 158 32.06 69.24 -3.29
CA MET CA 158 31.63 69.27 -4.68
C MET CA 158 30.51 70.29 -4.80
N ALA CA 159 30.52 71.04 -5.90
CA ALA CA 159 29.54 72.09 -6.11
C ALA CA 159 29.09 72.09 -7.57
N SER CA 160 27.88 72.59 -7.79
CA SER CA 160 27.31 72.72 -9.13
C SER CA 160 27.36 74.16 -9.59
N GLU CA 161 27.17 74.34 -10.90
CA GLU CA 161 27.22 75.69 -11.46
C GLU CA 161 26.11 76.58 -10.91
N LEU CA 162 24.89 76.04 -10.79
CA LEU CA 162 23.79 76.86 -10.30
C LEU CA 162 23.89 77.08 -8.80
N ALA CA 163 24.38 76.10 -8.05
CA ALA CA 163 24.54 76.28 -6.61
C ALA CA 163 25.57 77.35 -6.31
N ILE CA 164 26.68 77.37 -7.04
CA ILE CA 164 27.69 78.41 -6.85
C ILE CA 164 27.12 79.78 -7.22
N ALA CA 165 26.39 79.85 -8.34
CA ALA CA 165 25.84 81.13 -8.79
C ALA CA 165 24.84 81.68 -7.80
N ALA CA 166 24.01 80.80 -7.20
CA ALA CA 166 23.01 81.28 -6.25
C ALA CA 166 23.66 81.88 -5.01
N ILE CA 167 24.72 81.27 -4.50
CA ILE CA 167 25.37 81.81 -3.31
C ILE CA 167 26.09 83.11 -3.63
N GLU CA 168 26.81 83.15 -4.76
CA GLU CA 168 27.53 84.36 -5.13
C GLU CA 168 26.61 85.52 -5.43
N LYS CA 169 25.34 85.26 -5.73
CA LYS CA 169 24.39 86.35 -5.96
C LYS CA 169 24.20 87.19 -4.71
N ASN CA 170 24.08 86.53 -3.55
CA ASN CA 170 23.92 87.26 -2.29
C ASN CA 170 25.23 87.80 -1.75
N GLY CA 171 26.36 87.42 -2.33
CA GLY CA 171 27.65 87.86 -1.86
C GLY CA 171 28.38 86.88 -0.98
N GLY CA 172 28.25 85.58 -1.20
CA GLY CA 172 28.93 84.58 -0.42
C GLY CA 172 30.21 84.11 -1.08
N VAL CA 173 30.83 83.12 -0.44
CA VAL CA 173 32.05 82.51 -0.94
C VAL CA 173 31.87 80.99 -0.91
N VAL CA 174 32.19 80.33 -2.03
CA VAL CA 174 32.08 78.89 -2.15
C VAL CA 174 33.45 78.35 -2.51
N THR CA 175 33.88 77.30 -1.79
CA THR CA 175 35.18 76.68 -2.03
C THR CA 175 35.05 75.18 -1.85
N THR CA 176 35.68 74.44 -2.77
CA THR CA 176 35.64 72.98 -2.76
C THR CA 176 37.00 72.45 -2.33
N ALA CA 177 36.99 71.55 -1.35
CA ALA CA 177 38.22 70.96 -0.82
C ALA CA 177 38.06 69.45 -0.73
N PHE CA 178 39.18 68.74 -0.91
CA PHE CA 178 39.19 67.29 -0.88
C PHE CA 178 39.66 66.80 0.50
N TYR CA 179 38.99 65.75 0.99
CA TYR CA 179 39.33 65.16 2.27
C TYR CA 179 39.55 63.66 2.11
N ASP CA 180 40.71 63.19 2.54
CA ASP CA 180 40.98 61.77 2.55
C ASP CA 180 40.10 61.09 3.61
N PRO CA 181 39.71 59.82 3.38
CA PRO CA 181 38.90 59.13 4.40
C PRO CA 181 39.53 59.09 5.77
N ARG CA 182 40.87 58.99 5.85
CA ARG CA 182 41.53 59.09 7.14
C ARG CA 182 41.28 60.45 7.78
N SER CA 183 41.38 61.52 6.99
CA SER CA 183 41.11 62.85 7.50
C SER CA 183 39.62 63.12 7.67
N LEU CA 184 38.79 62.59 6.77
CA LEU CA 184 37.35 62.87 6.82
C LEU CA 184 36.72 62.28 8.08
N GLU CA 185 37.19 61.11 8.51
CA GLU CA 185 36.71 60.55 9.76
C GLU CA 185 37.03 61.46 10.93
N ILE CA 186 38.24 62.04 10.94
CA ILE CA 186 38.60 62.99 11.98
C ILE CA 186 37.75 64.25 11.89
N LEU CA 187 37.54 64.76 10.68
CA LEU CA 187 36.82 66.02 10.51
C LEU CA 187 35.37 65.90 10.96
N CYS CA 188 34.70 64.80 10.60
CA CYS CA 188 33.28 64.67 10.93
C CYS CA 188 33.07 64.43 12.41
N LYS CA 189 34.00 63.75 13.07
CA LYS CA 189 33.90 63.44 14.50
C LYS CA 189 35.19 63.90 15.17
N PRO CA 190 35.32 65.20 15.44
CA PRO CA 190 36.57 65.70 16.03
C PRO CA 190 36.75 65.30 17.49
N VAL CA 191 35.70 65.37 18.30
CA VAL CA 191 35.83 65.04 19.72
C VAL CA 191 36.28 63.60 19.94
N PRO CA 192 35.71 62.59 19.27
CA PRO CA 192 36.26 61.23 19.45
C PRO CA 192 37.71 61.12 19.05
N PHE CA 193 38.15 61.85 18.02
CA PHE CA 193 39.56 61.81 17.62
C PHE CA 193 40.46 62.38 18.71
N PHE CA 194 40.07 63.50 19.30
CA PHE CA 194 40.89 64.13 20.34
C PHE CA 194 41.03 63.25 21.56
N LEU CA 195 40.14 62.28 21.74
CA LEU CA 195 40.23 61.33 22.84
C LEU CA 195 41.07 60.11 22.52
N ARG CA 196 41.58 60.01 21.30
CA ARG CA 196 42.48 58.91 20.93
C ARG CA 196 43.94 59.21 21.27
N GLY CA 197 44.25 60.42 21.70
CA GLY CA 197 45.62 60.74 22.09
C GLY CA 197 46.63 60.63 20.97
N GLN CA 198 46.28 61.13 19.78
CA GLN CA 198 47.18 61.07 18.65
C GLN CA 198 47.35 62.45 18.04
N PRO CA 199 48.53 62.74 17.50
CA PRO CA 199 48.74 64.03 16.84
C PRO CA 199 47.87 64.16 15.60
N ILE CA 200 47.48 65.40 15.30
CA ILE CA 200 46.67 65.70 14.13
C ILE CA 200 47.51 65.46 12.88
N PRO CA 201 47.06 64.62 11.96
CA PRO CA 201 47.88 64.31 10.77
C PRO CA 201 47.59 65.25 9.61
N LYS CA 202 48.53 65.27 8.67
CA LYS CA 202 48.39 66.11 7.49
C LYS CA 202 47.26 65.62 6.60
N ARG CA 203 46.58 66.55 5.94
CA ARG CA 203 45.55 66.21 4.98
C ARG CA 203 46.20 65.78 3.66
N MET CA 204 45.77 64.64 3.14
CA MET CA 204 46.40 64.07 1.96
C MET CA 204 45.90 64.75 0.70
N LEU CA 205 46.72 64.68 -0.34
CA LEU CA 205 46.41 65.29 -1.63
C LEU CA 205 45.35 64.47 -2.37
N PRO CA 206 44.58 65.12 -3.26
CA PRO CA 206 43.62 64.37 -4.06
C PRO CA 206 44.34 63.45 -5.03
N PRO CA 207 43.73 62.32 -5.40
CA PRO CA 207 44.36 61.42 -6.37
C PRO CA 207 44.39 62.05 -7.75
N GLU CA 208 45.12 61.39 -8.65
CA GLU CA 208 45.28 61.91 -10.01
C GLU CA 208 43.93 62.08 -10.72
N ALA CA 209 42.94 61.28 -10.35
CA ALA CA 209 41.63 61.38 -10.99
C ALA CA 209 40.93 62.69 -10.63
N LEU CA 210 41.09 63.15 -9.39
CA LEU CA 210 40.38 64.33 -8.90
C LEU CA 210 41.22 65.60 -8.95
N VAL CA 211 42.42 65.55 -9.51
CA VAL CA 211 43.23 66.76 -9.62
C VAL CA 211 42.57 67.83 -10.48
N PRO CA 212 42.09 67.55 -11.69
CA PRO CA 212 41.51 68.64 -12.51
C PRO CA 212 40.31 69.32 -11.87
N TYR CA 213 39.50 68.58 -11.09
CA TYR CA 213 38.30 69.18 -10.52
C TYR CA 213 38.65 70.26 -9.50
N TYR CA 214 39.66 70.02 -8.67
CA TYR CA 214 40.05 70.97 -7.63
C TYR CA 214 41.13 71.94 -8.08
N THR CA 215 41.65 71.80 -9.30
CA THR CA 215 42.65 72.73 -9.82
C THR CA 215 42.05 73.80 -10.70
N ASP CA 216 40.97 73.49 -11.43
CA ASP CA 216 40.32 74.50 -12.25
C ASP CA 216 39.61 75.53 -11.38
N ALA CA 217 39.55 76.76 -11.87
CA ALA CA 217 38.87 77.83 -11.16
C ALA CA 217 37.37 77.82 -11.36
N LYS CA 218 36.87 77.05 -12.35
CA LYS CA 218 35.43 76.98 -12.57
C LYS CA 218 34.71 76.31 -11.40
N ASN CA 219 35.36 75.35 -10.74
CA ASN CA 219 34.77 74.64 -9.62
C ASN CA 219 35.13 75.27 -8.28
N ARG CA 220 35.78 76.43 -8.28
CA ARG CA 220 36.22 77.10 -7.06
C ARG CA 220 37.09 76.17 -6.21
N GLY CA 221 38.01 75.50 -6.88
CA GLY CA 221 38.87 74.54 -6.18
C GLY CA 221 39.76 75.21 -5.16
N TYR CA 222 40.01 74.49 -4.06
CA TYR CA 222 40.87 75.03 -3.01
C TYR CA 222 42.32 75.15 -3.46
N LEU CA 223 42.74 74.29 -4.39
CA LEU CA 223 44.09 74.32 -4.92
C LEU CA 223 44.22 75.18 -6.17
N ALA CA 224 43.14 75.83 -6.60
CA ALA CA 224 43.15 76.62 -7.82
C ALA CA 224 43.95 77.90 -7.62
N ASP CA 225 44.41 78.46 -8.73
CA ASP CA 225 45.15 79.72 -8.69
C ASP CA 225 44.21 80.86 -8.35
N PRO CA 226 44.44 81.60 -7.28
CA PRO CA 226 43.48 82.65 -6.88
C PRO CA 226 43.33 83.76 -7.89
N ALA CA 227 44.33 83.98 -8.76
CA ALA CA 227 44.25 85.08 -9.72
C ALA CA 227 43.12 84.89 -10.74
N ARG CA 228 42.70 83.65 -10.98
CA ARG CA 228 41.66 83.38 -11.96
C ARG CA 228 40.26 83.32 -11.36
N PHE CA 229 40.15 83.42 -10.04
CA PHE CA 229 38.82 83.47 -9.41
C PHE CA 229 38.02 84.71 -9.81
N PRO CA 230 38.55 85.93 -9.77
CA PRO CA 230 37.71 87.10 -10.09
C PRO CA 230 37.13 87.07 -11.50
N GLU CA 231 37.91 86.59 -12.48
CA GLU CA 231 37.37 86.51 -13.83
C GLU CA 231 36.36 85.38 -13.98
N ALA CA 232 36.55 84.28 -13.23
CA ALA CA 232 35.58 83.20 -13.25
C ALA CA 232 34.29 83.58 -12.55
N ARG CA 233 34.39 84.35 -11.46
CA ARG CA 233 33.19 84.80 -10.76
C ARG CA 233 32.34 85.70 -11.65
N LEU CA 234 32.98 86.59 -12.41
CA LEU CA 234 32.22 87.51 -13.26
C LEU CA 234 31.54 86.79 -14.41
N GLU CA 235 32.12 85.67 -14.87
CA GLU CA 235 31.48 84.89 -15.93
C GLU CA 235 30.13 84.34 -15.47
N LEU CA 236 30.07 83.84 -14.24
CA LEU CA 236 28.79 83.38 -13.69
C LEU CA 236 27.80 84.53 -13.56
N ALA CA 237 28.28 85.70 -13.12
CA ALA CA 237 27.40 86.85 -13.00
C ALA CA 237 26.85 87.27 -14.36
N ARG CA 238 27.70 87.28 -15.39
CA ARG CA 238 27.22 87.59 -16.73
C ARG CA 238 26.26 86.52 -17.24
N LYS CA 239 26.56 85.25 -16.98
CA LYS CA 239 25.76 84.16 -17.53
C LYS CA 239 24.34 84.18 -16.98
N TYR CA 240 24.18 84.41 -15.68
CA TYR CA 240 22.87 84.37 -15.04
C TYR CA 240 22.28 85.75 -14.82
N GLY CA 241 22.95 86.81 -15.27
CA GLY CA 241 22.39 88.15 -15.23
C GLY CA 241 22.12 88.72 -13.86
N TYR CA 242 23.06 88.57 -12.93
CA TYR CA 242 22.96 89.19 -11.61
C TYR CA 242 24.22 90.00 -11.34
N VAL CA 243 24.04 91.16 -10.72
CA VAL CA 243 25.16 92.06 -10.46
C VAL CA 243 26.06 91.45 -9.39
N LEU CA 244 27.35 91.38 -9.68
CA LEU CA 244 28.30 90.76 -8.77
C LEU CA 244 28.63 91.72 -7.63
N PRO CA 245 28.35 91.37 -6.39
CA PRO CA 245 28.67 92.27 -5.28
C PRO CA 245 30.18 92.41 -5.08
N ASP CA 246 30.57 93.57 -4.54
CA ASP CA 246 31.96 93.82 -4.20
C ASP CA 246 32.17 93.34 -2.77
N ILE CA 247 32.70 92.12 -2.61
CA ILE CA 247 32.77 91.50 -1.30
C ILE CA 247 33.81 92.17 -0.41
N THR CA 248 34.79 92.86 -1.00
CA THR CA 248 35.83 93.48 -0.20
C THR CA 248 35.32 94.66 0.62
N LYS CA 249 34.16 95.21 0.28
CA LYS CA 249 33.60 96.37 0.98
C LYS CA 249 32.64 96.01 2.10
N ASP CA 250 32.44 94.73 2.38
CA ASP CA 250 31.57 94.31 3.47
C ASP CA 250 32.37 94.17 4.76
N GLU CA 251 31.68 94.41 5.89
CA GLU CA 251 32.33 94.39 7.20
C GLU CA 251 32.75 93.00 7.63
N LEU CA 252 32.25 91.95 6.98
CA LEU CA 252 32.61 90.57 7.31
C LEU CA 252 33.65 90.01 6.36
N PHE CA 253 34.44 90.88 5.71
CA PHE CA 253 35.41 90.41 4.74
C PHE CA 253 36.47 89.52 5.37
N LYS CA 254 36.86 89.82 6.62
CA LYS CA 254 37.86 89.00 7.30
C LYS CA 254 37.34 87.58 7.51
N MET CA 255 36.06 87.44 7.88
CA MET CA 255 35.49 86.12 8.09
C MET CA 255 35.30 85.39 6.75
N LEU CA 256 34.87 86.10 5.71
CA LEU CA 256 34.59 85.47 4.43
C LEU CA 256 35.84 85.06 3.69
N SER CA 257 36.99 85.65 4.01
CA SER CA 257 38.25 85.31 3.35
C SER CA 257 39.03 84.23 4.07
N THR CA 258 38.51 83.71 5.18
CA THR CA 258 39.21 82.67 5.92
C THR CA 258 39.25 81.37 5.10
N ARG CA 259 40.42 80.75 5.05
CA ARG CA 259 40.60 79.48 4.36
C ARG CA 259 41.46 78.55 5.21
N LYS CA 260 41.73 77.37 4.67
CA LYS CA 260 42.56 76.38 5.32
C LYS CA 260 43.76 76.06 4.42
N ASP CA 261 44.89 75.78 5.06
CA ASP CA 261 46.04 75.27 4.32
C ASP CA 261 45.70 73.90 3.76
N PRO CA 262 46.22 73.54 2.57
CA PRO CA 262 45.94 72.21 2.02
C PRO CA 262 46.38 71.07 2.93
N ARG CA 263 47.37 71.29 3.79
CA ARG CA 263 47.83 70.29 4.74
C ARG CA 263 47.15 70.43 6.10
N GLN CA 264 46.17 71.32 6.23
CA GLN CA 264 45.54 71.63 7.50
C GLN CA 264 44.11 71.09 7.52
N ILE CA 265 43.68 70.61 8.68
CA ILE CA 265 42.36 70.01 8.83
C ILE CA 265 41.38 71.02 9.39
N PHE CA 266 41.63 71.49 10.61
CA PHE CA 266 40.71 72.38 11.31
C PHE CA 266 41.14 73.83 11.16
N PHE CA 267 40.26 74.73 11.61
CA PHE CA 267 40.55 76.15 11.58
C PHE CA 267 41.50 76.50 12.72
N GLY CA 268 42.65 77.09 12.37
CA GLY CA 268 43.59 77.58 13.36
C GLY CA 268 44.47 76.55 14.00
N LEU CA 269 44.24 75.26 13.74
CA LEU CA 269 45.07 74.20 14.28
C LEU CA 269 46.10 73.77 13.24
N ALA CA 270 47.11 73.06 13.70
CA ALA CA 270 48.20 72.66 12.83
C ALA CA 270 48.52 71.19 13.01
N PRO CA 271 49.01 70.53 11.96
CA PRO CA 271 49.44 69.13 12.10
C PRO CA 271 50.55 69.00 13.13
N GLY CA 272 50.52 67.92 13.89
CA GLY CA 272 51.47 67.68 14.95
C GLY CA 272 51.03 68.17 16.31
N TRP CA 273 49.97 68.96 16.39
CA TRP CA 273 49.47 69.42 17.68
C TRP CA 273 48.67 68.31 18.35
N VAL CA 274 48.82 68.22 19.68
CA VAL CA 274 48.09 67.27 20.49
C VAL CA 274 47.17 68.05 21.42
N VAL CA 275 45.88 67.75 21.35
CA VAL CA 275 44.88 68.47 22.12
C VAL CA 275 44.60 67.69 23.39
N ASN CA 276 45.06 68.21 24.52
CA ASN CA 276 44.82 67.59 25.83
C ASN CA 276 43.54 68.21 26.40
N MET CA 277 42.40 67.57 26.09
CA MET CA 277 41.12 68.14 26.46
C MET CA 277 40.92 68.19 27.97
N ALA CA 278 41.54 67.28 28.71
CA ALA CA 278 41.37 67.26 30.16
C ALA CA 278 41.94 68.51 30.80
N ASP CA 279 43.13 68.95 30.36
CA ASP CA 279 43.78 70.13 30.90
C ASP CA 279 43.49 71.39 30.11
N LYS CA 280 42.73 71.29 29.03
CA LYS CA 280 42.39 72.44 28.18
C LYS CA 280 43.65 73.16 27.70
N LYS CA 281 44.61 72.38 27.22
CA LYS CA 281 45.88 72.90 26.74
C LYS CA 281 46.23 72.23 25.42
N ILE CA 282 47.03 72.91 24.62
CA ILE CA 282 47.44 72.44 23.30
C ILE CA 282 48.94 72.21 23.32
N LEU CA 283 49.37 71.02 22.89
CA LEU CA 283 50.78 70.67 22.84
C LEU CA 283 51.32 70.83 21.43
N LYS CA 284 52.58 71.25 21.33
CA LYS CA 284 53.23 71.45 20.05
C LYS CA 284 54.61 70.79 20.06
N PRO CA 285 55.04 70.24 18.93
CA PRO CA 285 56.37 69.61 18.86
C PRO CA 285 57.47 70.67 18.77
N THR CA 286 58.70 70.20 18.97
CA THR CA 286 59.88 71.06 18.92
C THR CA 286 60.99 70.57 18.01
N ASP CA 287 61.09 69.26 17.78
CA ASP CA 287 62.18 68.72 16.98
C ASP CA 287 62.08 69.19 15.53
N GLU CA 288 63.24 69.39 14.90
CA GLU CA 288 63.27 69.87 13.52
C GLU CA 288 62.64 68.86 12.56
N ASN CA 289 62.92 67.57 12.77
CA ASN CA 289 62.34 66.55 11.90
C ASN CA 289 60.83 66.48 12.06
N LEU CA 290 60.34 66.55 13.30
CA LEU CA 290 58.89 66.50 13.53
C LEU CA 290 58.20 67.69 12.90
N LEU CA 291 58.76 68.89 13.07
CA LEU CA 291 58.16 70.08 12.47
C LEU CA 291 58.19 70.01 10.94
N LYS CA 292 59.31 69.55 10.37
CA LYS CA 292 59.41 69.46 8.91
C LYS CA 292 58.43 68.45 8.35
N TYR CA 293 58.30 67.29 9.00
CA TYR CA 293 57.42 66.24 8.49
C TYR CA 293 55.96 66.67 8.53
N TYR CA 294 55.54 67.35 9.60
CA TYR CA 294 54.16 67.77 9.73
C TYR CA 294 53.84 69.02 8.93
N SER CA 295 54.85 69.68 8.33
CA SER CA 295 54.63 70.89 7.55
C SER CA 295 55.02 70.73 6.09
N SER CA 296 55.40 69.54 5.65
CA SER CA 296 55.78 69.31 4.25
C SER CA 296 54.66 68.61 3.50
N PHE DA 30 -68.51 -21.21 -58.57
CA PHE DA 30 -68.33 -20.03 -59.42
C PHE DA 30 -67.63 -18.90 -58.65
N LYS DA 31 -66.58 -18.35 -59.26
CA LYS DA 31 -65.85 -17.25 -58.64
C LYS DA 31 -65.72 -16.08 -59.61
N THR DA 32 -64.92 -15.09 -59.25
CA THR DA 32 -64.74 -13.89 -60.05
C THR DA 32 -63.40 -13.92 -60.77
N LEU DA 33 -63.43 -13.75 -62.09
CA LEU DA 33 -62.22 -13.76 -62.91
C LEU DA 33 -61.59 -12.37 -62.83
N LEU DA 34 -60.73 -12.17 -61.84
CA LEU DA 34 -60.05 -10.89 -61.70
C LEU DA 34 -59.01 -10.71 -62.80
N PRO DA 35 -58.78 -9.48 -63.24
CA PRO DA 35 -57.77 -9.23 -64.27
C PRO DA 35 -56.37 -9.51 -63.74
N VAL DA 36 -55.48 -9.87 -64.66
CA VAL DA 36 -54.09 -10.20 -64.34
C VAL DA 36 -53.23 -9.01 -64.72
N PRO DA 37 -52.23 -8.66 -63.90
CA PRO DA 37 -51.31 -7.57 -64.30
C PRO DA 37 -50.56 -7.93 -65.57
N THR DA 38 -50.34 -6.92 -66.41
CA THR DA 38 -49.62 -7.08 -67.67
C THR DA 38 -48.34 -6.26 -67.61
N PHE DA 39 -47.21 -6.91 -67.89
CA PHE DA 39 -45.90 -6.28 -67.88
C PHE DA 39 -45.31 -6.37 -69.28
N GLU DA 40 -45.56 -5.34 -70.08
CA GLU DA 40 -45.04 -5.28 -71.44
C GLU DA 40 -44.16 -4.07 -71.70
N ASP DA 41 -44.12 -3.10 -70.80
CA ASP DA 41 -43.29 -1.91 -70.96
C ASP DA 41 -41.94 -2.04 -70.26
N VAL DA 42 -41.65 -3.20 -69.66
CA VAL DA 42 -40.40 -3.41 -68.95
C VAL DA 42 -39.38 -4.02 -69.91
N ALA DA 43 -38.22 -3.39 -70.00
CA ALA DA 43 -37.14 -3.86 -70.88
C ALA DA 43 -36.01 -4.42 -70.02
N ILE DA 44 -35.58 -5.63 -70.33
CA ILE DA 44 -34.54 -6.31 -69.58
C ILE DA 44 -33.19 -5.91 -70.16
N PRO DA 45 -32.31 -5.27 -69.40
CA PRO DA 45 -30.99 -4.90 -69.91
C PRO DA 45 -30.09 -6.11 -70.05
N GLU DA 46 -29.05 -5.95 -70.86
CA GLU DA 46 -28.08 -7.02 -71.05
C GLU DA 46 -27.32 -7.28 -69.77
N LYS DA 47 -26.89 -8.53 -69.60
CA LYS DA 47 -26.25 -9.00 -68.38
C LYS DA 47 -27.13 -8.72 -67.16
N PRO DA 48 -28.31 -9.34 -67.07
CA PRO DA 48 -29.21 -9.05 -65.95
C PRO DA 48 -28.70 -9.53 -64.60
N LYS DA 49 -27.76 -10.48 -64.57
CA LYS DA 49 -27.27 -11.00 -63.30
C LYS DA 49 -26.40 -9.96 -62.60
N LEU DA 50 -26.17 -10.19 -61.31
CA LEU DA 50 -25.42 -9.24 -60.50
C LEU DA 50 -23.96 -9.20 -60.92
N ARG DA 51 -23.39 -8.00 -60.90
CA ARG DA 51 -21.99 -7.80 -61.26
C ARG DA 51 -21.07 -8.29 -60.14
N PHE DA 52 -19.96 -8.92 -60.53
CA PHE DA 52 -18.96 -9.34 -59.56
C PHE DA 52 -18.29 -8.14 -58.92
N VAL DA 53 -18.02 -8.24 -57.62
CA VAL DA 53 -17.39 -7.18 -56.84
C VAL DA 53 -16.04 -7.69 -56.33
N GLU DA 54 -15.01 -6.87 -56.49
CA GLU DA 54 -13.67 -7.27 -56.09
C GLU DA 54 -13.53 -7.27 -54.57
N ARG DA 55 -12.67 -8.17 -54.09
CA ARG DA 55 -12.43 -8.27 -52.65
C ARG DA 55 -11.75 -7.01 -52.12
N VAL DA 56 -10.81 -6.47 -52.87
CA VAL DA 56 -10.04 -5.29 -52.46
C VAL DA 56 -10.08 -4.28 -53.59
N PRO DA 57 -10.23 -2.98 -53.31
CA PRO DA 57 -10.21 -1.98 -54.38
C PRO DA 57 -8.89 -1.99 -55.13
N LEU DA 58 -8.96 -1.62 -56.41
CA LEU DA 58 -7.82 -1.74 -57.31
C LEU DA 58 -6.60 -0.99 -56.76
N VAL DA 59 -6.79 0.24 -56.31
CA VAL DA 59 -5.71 1.01 -55.69
C VAL DA 59 -5.88 0.90 -54.17
N PRO DA 60 -5.01 0.19 -53.47
CA PRO DA 60 -5.14 0.07 -52.02
C PRO DA 60 -4.85 1.37 -51.32
N LYS DA 61 -5.48 1.56 -50.16
CA LYS DA 61 -5.25 2.73 -49.32
C LYS DA 61 -4.09 2.43 -48.38
N VAL DA 62 -2.94 3.06 -48.62
CA VAL DA 62 -1.77 2.84 -47.79
C VAL DA 62 -1.81 3.62 -46.49
N ARG DA 63 -2.73 4.57 -46.35
CA ARG DA 63 -2.87 5.37 -45.13
C ARG DA 63 -4.08 4.86 -44.35
N ARG DA 64 -3.85 4.52 -43.08
CA ARG DA 64 -4.90 4.02 -42.22
C ARG DA 64 -5.61 5.20 -41.56
N GLU DA 65 -6.93 5.28 -41.73
CA GLU DA 65 -7.71 6.38 -41.19
C GLU DA 65 -8.53 5.90 -39.98
N ARG DA 66 -9.03 6.88 -39.23
CA ARG DA 66 -9.78 6.59 -38.03
C ARG DA 66 -11.10 5.89 -38.36
N LYS DA 67 -11.52 5.01 -37.45
CA LYS DA 67 -12.75 4.24 -37.64
C LYS DA 67 -13.94 5.13 -37.30
N ASN DA 68 -14.41 5.88 -38.28
CA ASN DA 68 -15.59 6.70 -38.09
C ASN DA 68 -16.80 5.80 -37.83
N LEU DA 69 -17.54 6.12 -36.77
CA LEU DA 69 -18.79 5.42 -36.46
C LEU DA 69 -20.01 6.27 -36.75
N SER DA 70 -19.83 7.53 -37.16
CA SER DA 70 -20.96 8.34 -37.60
C SER DA 70 -21.47 7.91 -38.97
N ASP DA 71 -20.74 7.08 -39.69
CA ASP DA 71 -21.20 6.57 -40.99
C ASP DA 71 -22.25 5.49 -40.84
N ILE DA 72 -22.47 4.98 -39.64
CA ILE DA 72 -23.55 4.03 -39.37
C ILE DA 72 -24.69 4.70 -38.61
N ARG DA 73 -24.37 5.57 -37.67
CA ARG DA 73 -25.37 6.19 -36.81
C ARG DA 73 -26.26 7.13 -37.63
N GLY DA 74 -27.55 7.12 -37.33
CA GLY DA 74 -28.49 8.04 -37.93
C GLY DA 74 -29.12 7.52 -39.21
N PRO DA 75 -30.08 8.27 -39.74
CA PRO DA 75 -30.75 7.87 -40.98
C PRO DA 75 -29.85 8.05 -42.18
N SER DA 76 -30.17 7.31 -43.24
CA SER DA 76 -29.43 7.38 -44.48
C SER DA 76 -29.90 8.54 -45.34
N THR DA 77 -28.96 9.15 -46.06
CA THR DA 77 -29.26 10.23 -46.98
C THR DA 77 -29.01 9.88 -48.44
N GLU DA 78 -28.26 8.81 -48.71
CA GLU DA 78 -27.93 8.39 -50.06
C GLU DA 78 -28.67 7.11 -50.41
N ALA DA 79 -29.25 7.07 -51.61
CA ALA DA 79 -29.92 5.89 -52.14
C ALA DA 79 -31.06 5.44 -51.22
N THR DA 80 -32.05 6.32 -51.08
CA THR DA 80 -33.27 6.00 -50.36
C THR DA 80 -34.48 5.87 -51.26
N GLU DA 81 -34.32 5.99 -52.57
CA GLU DA 81 -35.42 5.93 -53.51
C GLU DA 81 -35.07 5.01 -54.67
N PHE DA 82 -36.11 4.42 -55.27
CA PHE DA 82 -35.90 3.55 -56.42
C PHE DA 82 -35.48 4.35 -57.64
N THR DA 83 -34.66 3.71 -58.47
CA THR DA 83 -34.19 4.32 -59.72
C THR DA 83 -34.74 3.63 -60.96
N GLU DA 84 -34.58 2.32 -61.07
CA GLU DA 84 -35.09 1.57 -62.21
C GLU DA 84 -36.00 0.41 -61.83
N GLY DA 85 -35.57 -0.42 -60.88
CA GLY DA 85 -36.34 -1.60 -60.51
C GLY DA 85 -37.57 -1.25 -59.70
N ARG DA 86 -38.28 -2.31 -59.31
CA ARG DA 86 -39.51 -2.18 -58.53
C ARG DA 86 -39.45 -2.91 -57.20
N PHE DA 87 -38.44 -3.73 -56.95
CA PHE DA 87 -38.27 -4.41 -55.68
C PHE DA 87 -36.86 -4.18 -55.16
N ALA DA 88 -36.72 -4.15 -53.83
CA ALA DA 88 -35.43 -3.90 -53.22
C ALA DA 88 -35.42 -4.44 -51.81
N ILE DA 89 -34.22 -4.52 -51.24
CA ILE DA 89 -34.02 -4.92 -49.85
C ILE DA 89 -33.78 -3.67 -49.04
N LEU DA 90 -34.70 -3.37 -48.11
CA LEU DA 90 -34.62 -2.18 -47.29
C LEU DA 90 -33.86 -2.49 -46.01
N ALA DA 91 -32.87 -1.65 -45.70
CA ALA DA 91 -32.03 -1.85 -44.52
C ALA DA 91 -32.66 -1.10 -43.34
N LEU DA 92 -33.24 -1.85 -42.40
CA LEU DA 92 -33.85 -1.24 -41.24
C LEU DA 92 -32.81 -0.76 -40.22
N GLY DA 93 -31.72 -1.51 -40.05
CA GLY DA 93 -30.67 -1.14 -39.15
C GLY DA 93 -29.40 -0.73 -39.88
N GLY DA 94 -28.37 -0.45 -39.09
CA GLY DA 94 -27.07 -0.12 -39.63
C GLY DA 94 -26.08 -1.26 -39.46
N GLY DA 95 -25.04 -1.28 -40.28
CA GLY DA 95 -24.04 -2.31 -40.16
C GLY DA 95 -23.01 -2.20 -41.26
N TYR DA 96 -22.04 -3.11 -41.21
CA TYR DA 96 -20.95 -3.17 -42.17
C TYR DA 96 -21.11 -4.39 -43.07
N LEU DA 97 -20.93 -4.18 -44.37
CA LEU DA 97 -20.92 -5.25 -45.35
C LEU DA 97 -19.52 -5.41 -45.90
N HIS DA 98 -18.99 -6.63 -45.84
CA HIS DA 98 -17.69 -6.93 -46.41
C HIS DA 98 -17.86 -7.92 -47.56
N TRP DA 99 -16.73 -8.39 -48.10
CA TRP DA 99 -16.78 -9.19 -49.33
C TRP DA 99 -17.56 -10.49 -49.13
N GLY DA 100 -17.62 -11.00 -47.91
CA GLY DA 100 -18.38 -12.22 -47.67
C GLY DA 100 -19.87 -12.03 -47.91
N HIS DA 101 -20.43 -10.91 -47.45
CA HIS DA 101 -21.85 -10.67 -47.64
C HIS DA 101 -22.19 -10.41 -49.11
N PHE DA 102 -21.28 -9.78 -49.85
CA PHE DA 102 -21.52 -9.56 -51.26
C PHE DA 102 -21.61 -10.88 -52.04
N GLU DA 103 -20.74 -11.83 -51.69
CA GLU DA 103 -20.81 -13.15 -52.32
C GLU DA 103 -22.13 -13.84 -52.00
N MET DA 104 -22.58 -13.75 -50.74
CA MET DA 104 -23.84 -14.37 -50.37
C MET DA 104 -25.02 -13.76 -51.13
N MET DA 105 -25.02 -12.44 -51.28
CA MET DA 105 -26.11 -11.78 -52.01
C MET DA 105 -26.06 -12.12 -53.49
N ARG DA 106 -24.87 -12.12 -54.09
CA ARG DA 106 -24.76 -12.34 -55.53
C ARG DA 106 -25.11 -13.77 -55.90
N LEU DA 107 -24.54 -14.74 -55.19
CA LEU DA 107 -24.75 -16.15 -55.56
C LEU DA 107 -26.21 -16.56 -55.37
N THR DA 108 -26.83 -16.10 -54.27
CA THR DA 108 -28.20 -16.52 -53.99
C THR DA 108 -29.17 -15.99 -55.04
N ILE DA 109 -29.02 -14.72 -55.44
CA ILE DA 109 -29.96 -14.13 -56.39
C ILE DA 109 -29.77 -14.74 -57.78
N ASN DA 110 -28.52 -14.94 -58.19
CA ASN DA 110 -28.25 -15.43 -59.54
C ASN DA 110 -28.84 -16.81 -59.78
N ARG DA 111 -28.72 -17.70 -58.81
CA ARG DA 111 -29.17 -19.08 -58.97
C ARG DA 111 -30.65 -19.26 -58.65
N SER DA 112 -31.35 -18.20 -58.25
CA SER DA 112 -32.74 -18.31 -57.85
C SER DA 112 -33.72 -17.52 -58.71
N MET DA 113 -33.23 -16.67 -59.61
CA MET DA 113 -34.09 -15.87 -60.47
C MET DA 113 -33.99 -16.33 -61.92
N ASP DA 114 -34.90 -15.80 -62.74
CA ASP DA 114 -34.88 -16.08 -64.16
C ASP DA 114 -34.17 -14.95 -64.88
N PRO DA 115 -33.04 -15.21 -65.54
CA PRO DA 115 -32.34 -14.12 -66.25
C PRO DA 115 -33.17 -13.48 -67.34
N LYS DA 116 -34.15 -14.19 -67.89
CA LYS DA 116 -34.96 -13.62 -68.96
C LYS DA 116 -35.96 -12.60 -68.45
N ASN DA 117 -36.43 -12.75 -67.21
CA ASN DA 117 -37.48 -11.89 -66.67
C ASN DA 117 -37.03 -11.00 -65.52
N MET DA 118 -35.86 -11.23 -64.95
CA MET DA 118 -35.40 -10.47 -63.80
C MET DA 118 -34.06 -9.82 -64.09
N PHE DA 119 -33.89 -8.59 -63.63
CA PHE DA 119 -32.60 -7.92 -63.68
C PHE DA 119 -32.35 -7.25 -62.33
N ALA DA 120 -31.11 -7.35 -61.85
CA ALA DA 120 -30.75 -6.85 -60.53
C ALA DA 120 -29.64 -5.81 -60.66
N LEU DA 121 -29.60 -4.90 -59.69
CA LEU DA 121 -28.65 -3.79 -59.71
C LEU DA 121 -28.12 -3.56 -58.30
N TRP DA 122 -26.81 -3.38 -58.20
CA TRP DA 122 -26.20 -3.03 -56.92
C TRP DA 122 -26.59 -1.62 -56.51
N ARG DA 123 -26.89 -1.43 -55.22
CA ARG DA 123 -27.16 -0.12 -54.68
C ARG DA 123 -26.12 0.32 -53.65
N VAL DA 124 -25.05 -0.46 -53.47
CA VAL DA 124 -23.97 -0.10 -52.56
C VAL DA 124 -22.65 -0.21 -53.30
N PRO DA 125 -21.65 0.59 -52.97
CA PRO DA 125 -20.36 0.49 -53.66
C PRO DA 125 -19.55 -0.71 -53.17
N ALA DA 126 -18.44 -0.96 -53.87
CA ALA DA 126 -17.54 -2.01 -53.48
C ALA DA 126 -16.88 -1.66 -52.15
N PRO DA 127 -16.44 -2.66 -51.38
CA PRO DA 127 -15.80 -2.38 -50.09
C PRO DA 127 -14.59 -1.48 -50.25
N PHE DA 128 -14.59 -0.37 -49.51
CA PHE DA 128 -13.53 0.62 -49.60
C PHE DA 128 -12.95 1.06 -48.26
N LYS DA 129 -13.71 0.96 -47.17
CA LYS DA 129 -13.21 1.40 -45.87
C LYS DA 129 -12.35 0.31 -45.25
N PRO DA 130 -11.06 0.56 -45.01
CA PRO DA 130 -10.22 -0.48 -44.41
C PRO DA 130 -10.55 -0.70 -42.94
N ILE DA 131 -10.37 -1.94 -42.49
CA ILE DA 131 -10.57 -2.32 -41.09
C ILE DA 131 -9.25 -2.91 -40.59
N THR DA 132 -8.80 -2.43 -39.42
CA THR DA 132 -7.50 -2.79 -38.88
C THR DA 132 -7.64 -3.81 -37.75
N ARG DA 133 -6.73 -4.77 -37.74
CA ARG DA 133 -6.70 -5.83 -36.73
C ARG DA 133 -5.25 -6.04 -36.30
N LYS DA 134 -4.93 -5.63 -35.07
CA LYS DA 134 -3.59 -5.85 -34.54
C LYS DA 134 -3.35 -7.34 -34.32
N GLY DA 135 -2.07 -7.71 -34.29
CA GLY DA 135 -1.67 -9.09 -34.14
C GLY DA 135 -2.26 -9.80 -32.93
N MET DA 136 -2.33 -11.13 -32.99
CA MET DA 136 -2.90 -11.90 -31.90
C MET DA 136 -1.99 -11.86 -30.68
N GLY DA 137 -2.58 -11.57 -29.52
CA GLY DA 137 -1.87 -11.65 -28.25
C GLY DA 137 -0.68 -10.73 -28.12
N GLN DA 138 -0.91 -9.42 -28.02
CA GLN DA 138 0.16 -8.47 -27.79
C GLN DA 138 -0.34 -7.32 -26.92
N ARG DA 139 0.55 -6.77 -26.11
CA ARG DA 139 0.20 -5.68 -25.19
C ARG DA 139 -0.28 -4.46 -25.95
N MET DA 140 -1.18 -3.70 -25.34
CA MET DA 140 -1.68 -2.47 -25.93
C MET DA 140 -0.53 -1.47 -26.14
N GLY DA 141 -0.64 -0.68 -27.19
CA GLY DA 141 0.35 0.31 -27.55
C GLY DA 141 1.01 -0.01 -28.88
N GLY DA 142 1.99 0.82 -29.23
CA GLY DA 142 2.71 0.62 -30.48
C GLY DA 142 2.17 1.37 -31.67
N GLY DA 143 0.86 1.32 -31.87
CA GLY DA 143 0.24 2.03 -32.97
C GLY DA 143 -0.84 1.21 -33.64
N LYS DA 144 -1.53 1.80 -34.62
CA LYS DA 144 -2.51 1.05 -35.40
C LYS DA 144 -1.83 -0.13 -36.09
N GLY DA 145 -2.52 -1.26 -36.13
CA GLY DA 145 -2.00 -2.46 -36.74
C GLY DA 145 -2.01 -2.38 -38.26
N ALA DA 146 -2.08 -3.55 -38.88
CA ALA DA 146 -2.10 -3.66 -40.33
C ALA DA 146 -3.54 -3.80 -40.84
N ILE DA 147 -3.73 -3.40 -42.10
CA ILE DA 147 -5.06 -3.46 -42.72
C ILE DA 147 -5.43 -4.91 -42.95
N ASP DA 148 -6.59 -5.33 -42.44
CA ASP DA 148 -7.04 -6.71 -42.56
C ASP DA 148 -7.96 -6.92 -43.75
N HIS DA 149 -9.07 -6.20 -43.81
CA HIS DA 149 -10.03 -6.35 -44.90
C HIS DA 149 -10.70 -5.01 -45.15
N TYR DA 150 -11.74 -5.01 -45.98
CA TYR DA 150 -12.46 -3.81 -46.34
C TYR DA 150 -13.96 -4.03 -46.17
N VAL DA 151 -14.67 -2.97 -45.77
CA VAL DA 151 -16.09 -3.04 -45.47
C VAL DA 151 -16.81 -1.90 -46.19
N THR DA 152 -18.13 -2.01 -46.26
CA THR DA 152 -18.98 -0.98 -46.84
C THR DA 152 -19.98 -0.50 -45.81
N PRO DA 153 -19.88 0.73 -45.30
CA PRO DA 153 -20.85 1.19 -44.30
C PRO DA 153 -22.23 1.38 -44.91
N VAL DA 154 -23.25 0.96 -44.16
CA VAL DA 154 -24.64 1.06 -44.58
C VAL DA 154 -25.45 1.64 -43.43
N LYS DA 155 -26.24 2.67 -43.72
CA LYS DA 155 -27.09 3.30 -42.72
C LYS DA 155 -28.47 2.65 -42.74
N ALA DA 156 -29.41 3.25 -42.00
CA ALA DA 156 -30.77 2.73 -41.92
C ALA DA 156 -31.64 3.38 -43.00
N GLY DA 157 -32.42 2.56 -43.69
CA GLY DA 157 -33.29 3.03 -44.75
C GLY DA 157 -32.67 3.06 -46.12
N ARG DA 158 -31.48 2.49 -46.29
CA ARG DA 158 -30.78 2.48 -47.57
C ARG DA 158 -31.02 1.16 -48.28
N LEU DA 159 -31.44 1.22 -49.55
CA LEU DA 159 -31.64 0.02 -50.33
C LEU DA 159 -30.28 -0.64 -50.62
N ILE DA 160 -30.26 -1.97 -50.58
CA ILE DA 160 -29.01 -2.71 -50.77
C ILE DA 160 -28.97 -3.28 -52.18
N VAL DA 161 -29.95 -4.12 -52.52
CA VAL DA 161 -30.05 -4.73 -53.83
C VAL DA 161 -31.41 -4.37 -54.41
N GLU DA 162 -31.42 -3.79 -55.61
CA GLU DA 162 -32.65 -3.38 -56.28
C GLU DA 162 -32.88 -4.28 -57.48
N MET DA 163 -34.07 -4.88 -57.55
CA MET DA 163 -34.42 -5.79 -58.62
C MET DA 163 -35.70 -5.34 -59.29
N GLY DA 164 -35.76 -5.51 -60.62
CA GLY DA 164 -36.96 -5.22 -61.37
C GLY DA 164 -37.17 -6.27 -62.44
N GLY DA 165 -38.33 -6.21 -63.06
CA GLY DA 165 -38.63 -7.16 -64.12
C GLY DA 165 -40.10 -7.15 -64.46
N ARG DA 166 -40.54 -8.22 -65.14
CA ARG DA 166 -41.91 -8.38 -65.58
C ARG DA 166 -42.69 -9.37 -64.72
N CYS DA 167 -42.27 -9.59 -63.48
CA CYS DA 167 -42.92 -10.52 -62.59
C CYS DA 167 -43.47 -9.81 -61.36
N GLU DA 168 -44.43 -10.46 -60.70
CA GLU DA 168 -45.08 -9.89 -59.53
C GLU DA 168 -44.15 -9.96 -58.32
N PHE DA 169 -44.53 -9.22 -57.28
CA PHE DA 169 -43.71 -9.12 -56.08
C PHE DA 169 -43.74 -10.37 -55.21
N LYS DA 170 -44.81 -11.17 -55.31
CA LYS DA 170 -44.95 -12.32 -54.42
C LYS DA 170 -43.81 -13.32 -54.59
N GLU DA 171 -43.44 -13.62 -55.84
CA GLU DA 171 -42.37 -14.57 -56.07
C GLU DA 171 -41.00 -13.96 -55.82
N VAL DA 172 -40.83 -12.66 -56.08
CA VAL DA 172 -39.57 -12.01 -55.78
C VAL DA 172 -39.34 -11.93 -54.28
N GLN DA 173 -40.42 -11.73 -53.51
CA GLN DA 173 -40.29 -11.66 -52.05
C GLN DA 173 -39.79 -12.97 -51.47
N GLY DA 174 -40.11 -14.10 -52.12
CA GLY DA 174 -39.79 -15.39 -51.53
C GLY DA 174 -38.29 -15.61 -51.34
N PHE DA 175 -37.51 -15.31 -52.37
CA PHE DA 175 -36.07 -15.52 -52.32
C PHE DA 175 -35.28 -14.27 -51.93
N LEU DA 176 -35.96 -13.17 -51.62
CA LEU DA 176 -35.27 -11.99 -51.12
C LEU DA 176 -35.23 -11.95 -49.59
N ASP DA 177 -36.25 -12.50 -48.92
CA ASP DA 177 -36.22 -12.58 -47.47
C ASP DA 177 -35.09 -13.49 -46.98
N LEU DA 178 -34.77 -14.53 -47.77
CA LEU DA 178 -33.63 -15.38 -47.41
C LEU DA 178 -32.33 -14.58 -47.43
N VAL DA 179 -32.18 -13.70 -48.42
CA VAL DA 179 -30.99 -12.85 -48.48
C VAL DA 179 -31.01 -11.81 -47.37
N ALA DA 180 -32.19 -11.21 -47.14
CA ALA DA 180 -32.29 -10.17 -46.13
C ALA DA 180 -32.09 -10.72 -44.72
N HIS DA 181 -32.47 -11.98 -44.48
CA HIS DA 181 -32.30 -12.57 -43.16
C HIS DA 181 -30.83 -12.73 -42.81
N LYS DA 182 -29.98 -13.01 -43.80
CA LYS DA 182 -28.57 -13.29 -43.57
C LYS DA 182 -27.71 -12.03 -43.51
N LEU DA 183 -28.28 -10.86 -43.72
CA LEU DA 183 -27.55 -9.61 -43.58
C LEU DA 183 -27.29 -9.29 -42.11
N PRO DA 184 -26.23 -8.54 -41.80
CA PRO DA 184 -25.96 -8.20 -40.40
C PRO DA 184 -27.08 -7.39 -39.77
N PHE DA 185 -27.41 -6.25 -40.39
CA PHE DA 185 -28.51 -5.45 -39.91
C PHE DA 185 -29.84 -6.10 -40.30
N PRO DA 186 -30.88 -5.96 -39.48
CA PRO DA 186 -32.20 -6.45 -39.87
C PRO DA 186 -32.70 -5.74 -41.11
N ALA DA 187 -33.37 -6.49 -41.98
CA ALA DA 187 -33.79 -5.97 -43.27
C ALA DA 187 -35.05 -6.68 -43.73
N LYS DA 188 -35.74 -6.06 -44.69
CA LYS DA 188 -36.95 -6.63 -45.26
C LYS DA 188 -36.91 -6.50 -46.77
N ALA DA 189 -37.71 -7.33 -47.44
CA ALA DA 189 -37.89 -7.25 -48.87
C ALA DA 189 -39.10 -6.37 -49.16
N VAL DA 190 -38.88 -5.26 -49.88
CA VAL DA 190 -39.90 -4.25 -50.07
C VAL DA 190 -40.02 -3.93 -51.56
N SER DA 191 -41.18 -3.40 -51.94
CA SER DA 191 -41.47 -2.98 -53.30
C SER DA 191 -41.86 -1.49 -53.30
N ARG DA 192 -42.24 -0.99 -54.46
CA ARG DA 192 -42.63 0.41 -54.58
C ARG DA 192 -43.89 0.70 -53.78
N GLU DA 193 -44.89 -0.19 -53.86
CA GLU DA 193 -46.14 0.06 -53.14
C GLU DA 193 -45.98 -0.16 -51.65
N THR DA 194 -45.27 -1.21 -51.25
CA THR DA 194 -45.11 -1.51 -49.83
C THR DA 194 -44.28 -0.42 -49.12
N LEU DA 195 -43.23 0.06 -49.77
CA LEU DA 195 -42.39 1.08 -49.15
C LEU DA 195 -43.17 2.37 -48.91
N GLU DA 196 -44.01 2.77 -49.88
CA GLU DA 196 -44.81 3.97 -49.68
C GLU DA 196 -45.85 3.78 -48.59
N LYS DA 197 -46.41 2.57 -48.47
CA LYS DA 197 -47.40 2.31 -47.44
C LYS DA 197 -46.84 2.39 -46.03
N MET DA 198 -45.61 1.90 -45.81
CA MET DA 198 -44.99 2.01 -44.50
C MET DA 198 -44.42 3.39 -44.25
N ARG DA 199 -44.27 4.22 -45.28
CA ARG DA 199 -43.92 5.61 -45.08
C ARG DA 199 -45.14 6.49 -44.91
N LYS DA 200 -46.26 6.12 -45.54
CA LYS DA 200 -47.52 6.84 -45.35
C LYS DA 200 -48.22 6.45 -44.06
N ASP DA 201 -47.76 5.39 -43.38
CA ASP DA 201 -48.28 5.01 -42.09
C ASP DA 201 -47.41 5.48 -40.94
N GLN DA 202 -46.15 5.82 -41.21
CA GLN DA 202 -45.28 6.44 -40.23
C GLN DA 202 -45.58 7.92 -40.07
N GLU DA 203 -46.40 8.48 -40.94
CA GLU DA 203 -46.88 9.85 -40.82
C GLU DA 203 -48.27 9.92 -40.23
N GLU DA 204 -49.16 9.00 -40.61
CA GLU DA 204 -50.48 8.95 -39.98
C GLU DA 204 -50.37 8.61 -38.50
N ARG DA 205 -49.48 7.67 -38.15
CA ARG DA 205 -49.25 7.35 -36.76
C ARG DA 205 -48.58 8.49 -36.00
N GLU DA 206 -47.97 9.45 -36.70
CA GLU DA 206 -47.37 10.62 -36.09
C GLU DA 206 -48.30 11.81 -36.04
N ARG DA 207 -49.29 11.85 -36.93
CA ARG DA 207 -50.26 12.95 -36.94
C ARG DA 207 -51.39 12.74 -35.92
N ASN DA 208 -51.78 11.49 -35.67
CA ASN DA 208 -52.93 11.22 -34.81
C ASN DA 208 -52.53 10.80 -33.39
N ASN DA 209 -51.26 10.90 -33.04
CA ASN DA 209 -50.79 10.56 -31.70
C ASN DA 209 -51.55 11.32 -30.63
N GLN DA 210 -52.15 10.58 -29.69
CA GLN DA 210 -52.95 11.16 -28.62
C GLN DA 210 -52.13 11.46 -27.36
N ASN DA 211 -50.81 11.45 -27.47
CA ASN DA 211 -49.95 11.75 -26.34
C ASN DA 211 -49.40 13.16 -26.47
N PRO DA 212 -49.70 14.05 -25.53
CA PRO DA 212 -49.27 15.44 -25.67
C PRO DA 212 -47.77 15.61 -25.76
N TRP DA 213 -46.99 14.76 -25.10
CA TRP DA 213 -45.54 14.91 -25.05
C TRP DA 213 -44.88 13.93 -26.01
N THR DA 214 -44.00 14.45 -26.86
CA THR DA 214 -43.25 13.64 -27.81
C THR DA 214 -41.77 14.02 -27.71
N PHE DA 215 -40.91 13.10 -28.12
CA PHE DA 215 -39.47 13.29 -28.02
C PHE DA 215 -39.02 14.56 -28.74
N GLU DA 216 -39.66 14.87 -29.87
CA GLU DA 216 -39.29 16.07 -30.62
C GLU DA 216 -39.57 17.33 -29.80
N ARG DA 217 -40.70 17.38 -29.10
CA ARG DA 217 -41.06 18.56 -28.33
C ARG DA 217 -40.16 18.74 -27.12
N ILE DA 218 -39.89 17.65 -26.39
CA ILE DA 218 -39.11 17.76 -25.16
C ILE DA 218 -37.65 18.09 -25.45
N ALA DA 219 -37.07 17.43 -26.45
CA ALA DA 219 -35.64 17.58 -26.70
C ALA DA 219 -35.31 18.97 -27.23
N THR DA 220 -36.05 19.45 -28.23
CA THR DA 220 -35.73 20.73 -28.85
C THR DA 220 -35.91 21.89 -27.87
N ALA DA 221 -36.97 21.86 -27.07
CA ALA DA 221 -37.26 22.96 -26.15
C ALA DA 221 -36.44 22.89 -24.87
N ASN DA 222 -35.66 21.83 -24.66
CA ASN DA 222 -34.87 21.64 -23.44
C ASN DA 222 -35.77 21.72 -22.20
N MET DA 223 -36.76 20.84 -22.16
CA MET DA 223 -37.63 20.73 -21.00
C MET DA 223 -37.02 19.78 -19.98
N LEU DA 224 -37.19 20.11 -18.70
CA LEU DA 224 -36.65 19.35 -17.58
C LEU DA 224 -35.12 19.29 -17.60
N GLY DA 225 -34.47 20.17 -18.36
CA GLY DA 225 -33.02 20.10 -18.48
C GLY DA 225 -32.55 18.79 -19.07
N ILE DA 226 -33.30 18.24 -20.01
CA ILE DA 226 -33.01 16.91 -20.55
C ILE DA 226 -31.81 16.91 -21.48
N ARG DA 227 -31.33 18.09 -21.90
CA ARG DA 227 -30.18 18.14 -22.80
C ARG DA 227 -28.90 17.64 -22.14
N LYS DA 228 -28.85 17.60 -20.80
CA LYS DA 228 -27.67 17.05 -20.13
C LYS DA 228 -27.54 15.56 -20.35
N VAL DA 229 -28.66 14.87 -20.57
CA VAL DA 229 -28.64 13.43 -20.80
C VAL DA 229 -28.59 13.10 -22.28
N LEU DA 230 -29.34 13.84 -23.11
CA LEU DA 230 -29.36 13.57 -24.53
C LEU DA 230 -28.07 14.04 -25.20
N SER DA 231 -27.81 13.45 -26.36
CA SER DA 231 -26.72 13.71 -27.28
C SER DA 231 -27.11 14.83 -28.25
N PRO DA 232 -26.14 15.60 -28.75
CA PRO DA 232 -26.48 16.64 -29.74
C PRO DA 232 -27.10 16.09 -31.01
N TYR DA 233 -26.83 14.84 -31.37
CA TYR DA 233 -27.44 14.23 -32.53
C TYR DA 233 -28.89 13.84 -32.28
N ASP DA 234 -29.32 13.75 -31.02
CA ASP DA 234 -30.69 13.37 -30.72
C ASP DA 234 -31.70 14.46 -31.12
N LEU DA 235 -31.23 15.68 -31.37
CA LEU DA 235 -32.13 16.70 -31.89
C LEU DA 235 -32.64 16.34 -33.28
N THR DA 236 -31.77 15.78 -34.12
CA THR DA 236 -32.14 15.38 -35.47
C THR DA 236 -32.78 14.00 -35.52
N HIS DA 237 -32.27 13.05 -34.72
CA HIS DA 237 -32.79 11.69 -34.75
C HIS DA 237 -34.22 11.61 -34.21
N LYS DA 238 -34.66 12.59 -33.43
CA LYS DA 238 -35.99 12.64 -32.85
C LYS DA 238 -36.28 11.42 -31.97
N GLY DA 239 -35.25 10.78 -31.44
CA GLY DA 239 -35.42 9.65 -30.56
C GLY DA 239 -35.69 8.33 -31.24
N ARG DA 240 -35.74 8.31 -32.58
CA ARG DA 240 -35.98 7.07 -33.31
C ARG DA 240 -34.71 6.26 -33.54
N TYR DA 241 -33.54 6.84 -33.28
CA TYR DA 241 -32.26 6.17 -33.52
C TYR DA 241 -31.45 6.20 -32.26
N TRP DA 242 -30.93 5.03 -31.86
CA TRP DA 242 -30.08 4.90 -30.69
C TRP DA 242 -28.87 4.06 -31.08
N GLY DA 243 -27.72 4.71 -31.23
CA GLY DA 243 -26.56 4.02 -31.77
C GLY DA 243 -26.82 3.66 -33.22
N LYS DA 244 -26.56 2.41 -33.57
CA LYS DA 244 -26.85 1.90 -34.90
C LYS DA 244 -28.22 1.25 -35.00
N PHE DA 245 -29.00 1.26 -33.93
CA PHE DA 245 -30.28 0.57 -33.88
C PHE DA 245 -31.41 1.55 -34.22
N TYR DA 246 -32.28 1.15 -35.14
CA TYR DA 246 -33.40 1.96 -35.58
C TYR DA 246 -34.70 1.25 -35.21
N THR DA 247 -35.47 1.84 -34.30
CA THR DA 247 -36.76 1.30 -33.92
C THR DA 247 -37.85 2.07 -34.65
N PRO DA 248 -38.57 1.45 -35.59
CA PRO DA 248 -39.55 2.20 -36.39
C PRO DA 248 -40.86 2.49 -35.66
N GLU DA 249 -41.10 1.87 -34.50
CA GLU DA 249 -42.35 2.06 -33.79
C GLU DA 249 -42.34 3.26 -32.86
N ARG DA 250 -41.19 3.89 -32.65
CA ARG DA 250 -41.10 5.05 -31.77
C ARG DA 250 -41.51 6.30 -32.54
N VAL DA 251 -42.48 7.04 -32.01
CA VAL DA 251 -42.97 8.25 -32.65
C VAL DA 251 -42.34 9.48 -32.01
N ILE EA 9 -9.45 -50.97 22.95
CA ILE EA 9 -10.28 -52.14 23.17
C ILE EA 9 -9.57 -53.12 24.09
N SER EA 10 -9.95 -53.12 25.36
CA SER EA 10 -9.39 -54.00 26.38
C SER EA 10 -10.41 -55.01 26.87
N HIS EA 11 -11.23 -55.53 25.95
CA HIS EA 11 -12.26 -56.49 26.34
C HIS EA 11 -11.63 -57.82 26.74
N GLY EA 12 -11.98 -58.29 27.93
CA GLY EA 12 -11.54 -59.59 28.41
C GLY EA 12 -10.14 -59.63 28.98
N ARG EA 13 -9.44 -58.51 29.04
CA ARG EA 13 -8.09 -58.48 29.59
C ARG EA 13 -8.18 -58.41 31.11
N VAL EA 14 -7.74 -59.46 31.79
CA VAL EA 14 -7.82 -59.51 33.24
C VAL EA 14 -6.55 -59.03 33.93
N PHE EA 15 -5.45 -58.87 33.21
CA PHE EA 15 -4.19 -58.43 33.79
C PHE EA 15 -4.00 -56.94 33.60
N ARG EA 16 -3.03 -56.39 34.32
CA ARG EA 16 -2.76 -54.97 34.34
C ARG EA 16 -1.35 -54.67 33.89
N ARG EA 17 -1.18 -53.54 33.21
CA ARG EA 17 0.14 -53.10 32.74
C ARG EA 17 0.83 -52.35 33.89
N LEU EA 18 1.91 -52.93 34.40
CA LEU EA 18 2.66 -52.34 35.49
C LEU EA 18 4.15 -52.34 35.16
N GLY EA 19 4.85 -51.34 35.68
CA GLY EA 19 6.29 -51.30 35.49
C GLY EA 19 6.67 -50.98 34.05
N LEU EA 20 7.76 -51.59 33.60
CA LEU EA 20 8.32 -51.34 32.29
C LEU EA 20 7.91 -52.37 31.24
N GLY EA 21 7.01 -53.28 31.57
CA GLY EA 21 6.54 -54.25 30.62
C GLY EA 21 6.08 -55.55 31.27
N PRO EA 22 5.79 -56.55 30.44
CA PRO EA 22 5.37 -57.85 31.00
C PRO EA 22 6.41 -58.49 31.89
N GLU EA 23 7.70 -58.32 31.59
CA GLU EA 23 8.73 -58.90 32.43
C GLU EA 23 8.89 -58.14 33.74
N SER EA 24 8.84 -56.81 33.67
CA SER EA 24 8.94 -56.01 34.89
C SER EA 24 7.70 -56.17 35.76
N ARG EA 25 6.56 -56.50 35.16
CA ARG EA 25 5.34 -56.74 35.94
C ARG EA 25 5.53 -57.93 36.88
N ILE EA 26 6.13 -59.01 36.39
CA ILE EA 26 6.35 -60.18 37.23
C ILE EA 26 7.34 -59.86 38.35
N HIS EA 27 8.41 -59.15 38.03
CA HIS EA 27 9.44 -58.85 39.03
C HIS EA 27 8.91 -57.92 40.11
N LEU EA 28 8.07 -56.95 39.75
CA LEU EA 28 7.46 -56.10 40.76
C LEU EA 28 6.58 -56.91 41.72
N LEU EA 29 5.80 -57.85 41.17
CA LEU EA 29 5.01 -58.73 42.02
C LEU EA 29 5.86 -59.79 42.70
N GLN EA 30 7.05 -60.08 42.17
CA GLN EA 30 7.96 -61.01 42.83
C GLN EA 30 8.49 -60.42 44.13
N ASN EA 31 8.87 -59.14 44.12
CA ASN EA 31 9.36 -58.49 45.33
C ASN EA 31 8.24 -58.30 46.35
N LEU EA 32 7.05 -57.93 45.89
CA LEU EA 32 5.93 -57.76 46.80
C LEU EA 32 5.54 -59.09 47.46
N LEU EA 33 5.50 -60.16 46.67
CA LEU EA 33 5.13 -61.46 47.21
C LEU EA 33 6.16 -61.95 48.22
N THR EA 34 7.44 -61.70 47.96
CA THR EA 34 8.49 -62.07 48.91
C THR EA 34 8.31 -61.34 50.23
N GLY EA 35 8.01 -60.04 50.17
CA GLY EA 35 7.74 -59.29 51.38
C GLY EA 35 6.51 -59.77 52.12
N LEU EA 36 5.50 -60.22 51.38
CA LEU EA 36 4.27 -60.69 52.01
C LEU EA 36 4.51 -62.00 52.76
N VAL EA 37 5.35 -62.88 52.21
CA VAL EA 37 5.60 -64.15 52.87
C VAL EA 37 6.41 -63.94 54.14
N ARG EA 38 7.43 -63.08 54.09
CA ARG EA 38 8.31 -62.90 55.24
C ARG EA 38 7.61 -62.15 56.37
N HIS EA 39 6.88 -61.07 56.04
CA HIS EA 39 6.31 -60.21 57.06
C HIS EA 39 4.85 -60.48 57.37
N GLU EA 40 4.14 -61.16 56.47
CA GLU EA 40 2.73 -61.56 56.59
C GLU EA 40 1.76 -60.39 56.60
N ARG EA 41 2.24 -59.15 56.47
CA ARG EA 41 1.36 -58.00 56.33
C ARG EA 41 2.17 -56.86 55.73
N ILE EA 42 1.85 -56.49 54.48
CA ILE EA 42 2.51 -55.37 53.81
C ILE EA 42 1.44 -54.47 53.21
N GLU EA 43 1.83 -53.22 52.95
CA GLU EA 43 0.95 -52.23 52.36
C GLU EA 43 1.61 -51.64 51.12
N ALA EA 44 0.85 -51.52 50.04
CA ALA EA 44 1.35 -50.96 48.79
C ALA EA 44 0.19 -50.29 48.08
N SER EA 45 0.42 -49.88 46.83
CA SER EA 45 -0.63 -49.25 46.05
C SER EA 45 -1.77 -50.23 45.81
N TRP EA 46 -3.00 -49.71 45.75
CA TRP EA 46 -4.17 -50.56 45.67
C TRP EA 46 -4.17 -51.40 44.40
N ALA EA 47 -3.74 -50.82 43.28
CA ALA EA 47 -3.70 -51.58 42.03
C ALA EA 47 -2.70 -52.71 42.11
N ARG EA 48 -1.51 -52.46 42.67
CA ARG EA 48 -0.50 -53.50 42.76
C ARG EA 48 -0.86 -54.56 43.78
N VAL EA 49 -1.54 -54.16 44.87
CA VAL EA 49 -1.97 -55.13 45.87
C VAL EA 49 -3.07 -56.03 45.31
N ASP EA 50 -3.96 -55.47 44.50
CA ASP EA 50 -5.02 -56.27 43.91
C ASP EA 50 -4.46 -57.37 43.03
N GLU EA 51 -3.45 -57.05 42.21
CA GLU EA 51 -2.79 -58.07 41.41
C GLU EA 51 -2.08 -59.09 42.29
N LEU EA 52 -1.44 -58.63 43.37
CA LEU EA 52 -0.69 -59.54 44.24
C LEU EA 52 -1.61 -60.53 44.93
N ARG EA 53 -2.88 -60.19 45.12
CA ARG EA 53 -3.80 -61.09 45.79
C ARG EA 53 -3.97 -62.40 45.02
N GLY EA 54 -4.06 -62.31 43.70
CA GLY EA 54 -4.23 -63.52 42.91
C GLY EA 54 -3.08 -64.50 43.05
N TYR EA 55 -1.85 -63.99 43.07
CA TYR EA 55 -0.70 -64.87 43.18
C TYR EA 55 -0.55 -65.42 44.60
N ALA EA 56 -0.84 -64.61 45.61
CA ALA EA 56 -0.75 -65.07 46.99
C ALA EA 56 -1.76 -66.17 47.28
N GLU EA 57 -2.91 -66.16 46.60
CA GLU EA 57 -3.88 -67.23 46.78
C GLU EA 57 -3.36 -68.55 46.23
N LYS EA 58 -2.77 -68.52 45.04
CA LYS EA 58 -2.32 -69.75 44.40
C LYS EA 58 -0.98 -70.23 44.91
N LEU EA 59 -0.16 -69.36 45.49
CA LEU EA 59 1.12 -69.79 46.04
C LEU EA 59 0.92 -70.76 47.20
N ILE EA 60 -0.10 -70.51 48.03
CA ILE EA 60 -0.41 -71.44 49.10
C ILE EA 60 -0.89 -72.78 48.52
N ASP EA 61 -1.61 -72.74 47.40
CA ASP EA 61 -2.04 -73.97 46.76
C ASP EA 61 -0.86 -74.81 46.32
N TYR EA 62 0.19 -74.18 45.79
CA TYR EA 62 1.42 -74.91 45.50
C TYR EA 62 2.11 -75.39 46.76
N GLY EA 63 1.99 -74.63 47.86
CA GLY EA 63 2.57 -75.06 49.11
C GLY EA 63 1.91 -76.30 49.68
N LYS EA 64 0.59 -76.43 49.51
CA LYS EA 64 -0.12 -77.60 50.00
C LYS EA 64 0.29 -78.88 49.29
N LEU EA 65 0.87 -78.77 48.09
CA LEU EA 65 1.24 -79.96 47.33
C LEU EA 65 2.29 -80.77 48.08
N GLY EA 66 3.25 -80.10 48.68
CA GLY EA 66 4.24 -80.80 49.50
C GLY EA 66 5.67 -80.34 49.25
N ASP EA 67 6.56 -80.72 50.16
CA ASP EA 67 7.97 -80.37 50.00
C ASP EA 67 8.66 -81.25 48.96
N THR EA 68 8.06 -82.39 48.61
CA THR EA 68 8.69 -83.32 47.69
C THR EA 68 8.34 -83.08 46.23
N ASN EA 69 7.17 -82.51 45.97
CA ASN EA 69 6.76 -82.25 44.58
C ASN EA 69 7.72 -81.27 43.92
N GLU EA 70 8.26 -81.67 42.77
CA GLU EA 70 9.30 -80.87 42.12
C GLU EA 70 8.72 -79.58 41.54
N ARG EA 71 7.50 -79.63 40.99
CA ARG EA 71 6.92 -78.44 40.40
C ARG EA 71 6.69 -77.35 41.45
N ALA EA 72 6.23 -77.75 42.64
CA ALA EA 72 6.03 -76.77 43.70
C ALA EA 72 7.36 -76.16 44.13
N MET EA 73 8.41 -76.97 44.23
CA MET EA 73 9.71 -76.45 44.65
C MET EA 73 10.26 -75.46 43.62
N ARG EA 74 10.15 -75.79 42.33
CA ARG EA 74 10.63 -74.89 41.30
C ARG EA 74 9.78 -73.62 41.24
N MET EA 75 8.47 -73.76 41.44
CA MET EA 75 7.61 -72.58 41.45
C MET EA 75 7.92 -71.69 42.64
N ALA EA 76 8.15 -72.28 43.81
CA ALA EA 76 8.49 -71.49 44.98
C ALA EA 76 9.91 -70.94 44.91
N ASP EA 77 10.78 -71.60 44.13
CA ASP EA 77 12.14 -71.10 43.96
C ASP EA 77 12.15 -69.74 43.25
N PHE EA 78 11.32 -69.60 42.21
CA PHE EA 78 11.32 -68.36 41.43
C PHE EA 78 10.65 -67.22 42.21
N TRP EA 79 9.51 -67.48 42.85
CA TRP EA 79 8.75 -66.41 43.46
C TRP EA 79 9.36 -65.95 44.78
N LEU EA 80 9.92 -66.86 45.58
CA LEU EA 80 10.56 -66.50 46.83
C LEU EA 80 12.02 -66.16 46.55
N THR EA 81 12.27 -64.88 46.28
CA THR EA 81 13.61 -64.45 45.89
C THR EA 81 14.60 -64.54 47.03
N GLU EA 82 14.14 -64.60 48.27
CA GLU EA 82 15.00 -64.81 49.43
C GLU EA 82 14.93 -66.28 49.81
N LYS EA 83 16.08 -66.93 49.88
CA LYS EA 83 16.13 -68.40 49.93
C LYS EA 83 15.86 -68.96 51.32
N ASP EA 84 15.71 -68.12 52.33
CA ASP EA 84 15.38 -68.58 53.68
C ASP EA 84 13.88 -68.59 53.93
N LEU EA 85 13.07 -68.31 52.90
CA LEU EA 85 11.62 -68.32 53.03
C LEU EA 85 10.98 -69.58 52.48
N ILE EA 86 11.69 -70.35 51.64
CA ILE EA 86 11.13 -71.60 51.13
C ILE EA 86 10.84 -72.59 52.25
N PRO EA 87 11.74 -72.84 53.21
CA PRO EA 87 11.36 -73.70 54.34
C PRO EA 87 10.18 -73.15 55.14
N LYS EA 88 10.07 -71.82 55.26
CA LYS EA 88 8.95 -71.23 55.97
C LYS EA 88 7.63 -71.51 55.26
N LEU EA 89 7.62 -71.42 53.94
CA LEU EA 89 6.37 -71.64 53.20
C LEU EA 89 5.88 -73.07 53.33
N PHE EA 90 6.79 -74.05 53.25
CA PHE EA 90 6.40 -75.45 53.29
C PHE EA 90 6.21 -75.99 54.70
N GLN EA 91 6.59 -75.23 55.74
CA GLN EA 91 6.51 -75.72 57.10
C GLN EA 91 5.75 -74.82 58.06
N VAL EA 92 5.34 -73.62 57.64
CA VAL EA 92 4.57 -72.74 58.50
C VAL EA 92 3.27 -72.35 57.80
N LEU EA 93 3.38 -71.71 56.64
CA LEU EA 93 2.18 -71.24 55.93
C LEU EA 93 1.34 -72.40 55.44
N ALA EA 94 1.97 -73.38 54.78
CA ALA EA 94 1.20 -74.51 54.25
C ALA EA 94 0.53 -75.34 55.33
N PRO EA 95 1.21 -75.75 56.41
CA PRO EA 95 0.51 -76.50 57.46
C PRO EA 95 -0.61 -75.71 58.12
N ARG EA 96 -0.47 -74.39 58.24
CA ARG EA 96 -1.50 -73.58 58.88
C ARG EA 96 -2.80 -73.60 58.08
N PHE EA 97 -2.70 -73.51 56.76
CA PHE EA 97 -3.87 -73.52 55.89
C PHE EA 97 -4.11 -74.95 55.43
N GLN EA 98 -5.06 -75.62 56.09
CA GLN EA 98 -5.47 -76.96 55.66
C GLN EA 98 -6.98 -77.05 55.54
N GLY EA 99 -7.70 -76.24 56.31
CA GLY EA 99 -9.14 -76.25 56.29
C GLY EA 99 -9.76 -75.48 55.14
N GLN EA 100 -9.54 -74.18 55.11
CA GLN EA 100 -10.16 -73.35 54.09
C GLN EA 100 -9.54 -73.62 52.72
N ASN EA 101 -10.31 -73.33 51.68
CA ASN EA 101 -9.87 -73.56 50.30
C ASN EA 101 -9.38 -72.30 49.61
N GLY EA 102 -10.04 -71.15 49.84
CA GLY EA 102 -9.64 -69.93 49.18
C GLY EA 102 -9.59 -68.71 50.07
N GLY EA 103 -9.91 -68.88 51.35
CA GLY EA 103 -9.85 -67.78 52.29
C GLY EA 103 -8.49 -67.62 52.91
N TYR EA 104 -7.48 -67.31 52.11
CA TYR EA 104 -6.10 -67.24 52.60
C TYR EA 104 -5.70 -65.84 53.03
N THR EA 105 -6.18 -64.80 52.34
CA THR EA 105 -5.67 -63.46 52.56
C THR EA 105 -6.82 -62.46 52.59
N ARG EA 106 -6.55 -61.32 53.23
CA ARG EA 106 -7.50 -60.22 53.35
C ARG EA 106 -6.92 -58.98 52.68
N MET EA 107 -7.80 -58.20 52.05
CA MET EA 107 -7.41 -56.94 51.43
C MET EA 107 -8.36 -55.84 51.92
N LEU EA 108 -7.79 -54.76 52.45
CA LEU EA 108 -8.56 -53.62 52.93
C LEU EA 108 -7.91 -52.34 52.42
N GLN EA 109 -8.73 -51.31 52.25
CA GLN EA 109 -8.27 -50.05 51.66
C GLN EA 109 -7.78 -49.11 52.75
N ILE EA 110 -6.46 -48.99 52.86
CA ILE EA 110 -5.81 -48.04 53.76
C ILE EA 110 -6.03 -46.63 53.20
N PRO EA 111 -6.20 -45.61 54.03
CA PRO EA 111 -6.35 -44.25 53.51
C PRO EA 111 -5.14 -43.83 52.67
N ASN EA 112 -5.35 -42.75 51.92
CA ASN EA 112 -4.32 -42.30 50.98
C ASN EA 112 -3.03 -41.94 51.69
N ARG EA 113 -1.91 -42.24 51.05
CA ARG EA 113 -0.61 -41.97 51.64
C ARG EA 113 -0.41 -40.48 51.81
N ASN EA 114 0.14 -40.08 52.96
CA ASN EA 114 0.36 -38.68 53.28
C ASN EA 114 1.64 -38.19 52.60
N GLU EA 115 1.58 -38.13 51.26
CA GLU EA 115 2.68 -37.66 50.45
C GLU EA 115 2.12 -36.92 49.24
N GLN EA 116 3.02 -36.46 48.38
CA GLN EA 116 2.58 -35.71 47.19
C GLN EA 116 1.76 -36.57 46.24
N ASP EA 117 2.16 -37.82 46.01
CA ASP EA 117 1.50 -38.63 44.99
C ASP EA 117 0.05 -38.94 45.33
N ARG EA 118 -0.27 -39.01 46.62
CA ARG EA 118 -1.64 -39.27 47.07
C ARG EA 118 -2.22 -40.51 46.39
N ALA EA 119 -1.48 -41.62 46.48
CA ALA EA 119 -1.89 -42.87 45.86
C ALA EA 119 -2.96 -43.55 46.72
N LYS EA 120 -3.69 -44.48 46.10
CA LYS EA 120 -4.71 -45.25 46.80
C LYS EA 120 -4.04 -46.49 47.38
N MET EA 121 -4.00 -46.58 48.70
CA MET EA 121 -3.27 -47.64 49.40
C MET EA 121 -4.18 -48.80 49.75
N ALA EA 122 -3.56 -49.96 49.96
CA ALA EA 122 -4.25 -51.15 50.41
C ALA EA 122 -3.32 -51.97 51.29
N VAL EA 123 -3.90 -52.75 52.20
CA VAL EA 123 -3.14 -53.62 53.10
C VAL EA 123 -3.52 -55.06 52.81
N ILE EA 124 -2.50 -55.90 52.61
CA ILE EA 124 -2.69 -57.30 52.29
C ILE EA 124 -1.98 -58.13 53.35
N GLU EA 125 -2.64 -59.19 53.82
CA GLU EA 125 -2.11 -59.97 54.92
C GLU EA 125 -2.64 -61.39 54.84
N TYR EA 126 -1.97 -62.29 55.55
CA TYR EA 126 -2.35 -63.69 55.63
C TYR EA 126 -3.17 -63.94 56.90
N LYS EA 127 -4.07 -64.92 56.82
CA LYS EA 127 -4.91 -65.27 57.94
C LYS EA 127 -4.07 -65.79 59.10
N GLY EA 128 -4.48 -65.45 60.32
CA GLY EA 128 -3.85 -65.99 61.51
C GLY EA 128 -2.43 -65.51 61.75
N ASN EA 129 -2.06 -64.34 61.24
CA ASN EA 129 -0.72 -63.82 61.44
C ASN EA 129 -0.52 -63.41 62.90
N CYS EA 130 0.74 -63.36 63.32
CA CYS EA 130 1.12 -63.03 64.69
C CYS EA 130 1.28 -61.53 64.88
N LEU EA 131 0.29 -60.77 64.47
CA LEU EA 131 0.32 -59.32 64.51
C LEU EA 131 -1.00 -58.80 65.08
N PRO EA 132 -1.02 -57.57 65.59
CA PRO EA 132 -2.27 -57.00 66.07
C PRO EA 132 -3.31 -56.96 64.97
N PRO EA 133 -4.56 -57.25 65.28
CA PRO EA 133 -5.59 -57.29 64.23
C PRO EA 133 -5.87 -55.92 63.65
N LEU EA 134 -6.20 -55.90 62.37
CA LEU EA 134 -6.58 -54.66 61.71
C LEU EA 134 -7.96 -54.22 62.19
N PRO EA 135 -8.25 -52.92 62.15
CA PRO EA 135 -9.59 -52.46 62.53
C PRO EA 135 -10.62 -52.80 61.48
N LEU EA 136 -11.07 -54.06 61.48
CA LEU EA 136 -12.00 -54.54 60.47
C LEU EA 136 -13.34 -53.80 60.61
N PRO EA 137 -14.04 -53.57 59.50
CA PRO EA 137 -15.37 -52.96 59.58
C PRO EA 137 -16.37 -53.89 60.23
N ARG EA 138 -16.80 -53.57 61.44
CA ARG EA 138 -17.73 -54.41 62.19
C ARG EA 138 -19.17 -54.09 61.81
N ARG EA 139 -19.96 -55.13 61.58
CA ARG EA 139 -21.35 -54.97 61.22
C ARG EA 139 -22.18 -54.56 62.44
N ASP EA 140 -23.41 -54.12 62.18
CA ASP EA 140 -24.30 -53.71 63.26
C ASP EA 140 -24.67 -54.92 64.12
N SER EA 141 -24.80 -54.68 65.42
CA SER EA 141 -25.21 -55.73 66.32
C SER EA 141 -26.67 -56.08 66.10
N ASN EA 142 -27.03 -57.32 66.45
CA ASN EA 142 -28.39 -57.79 66.26
C ASN EA 142 -29.41 -57.06 67.14
N LEU EA 143 -28.95 -56.31 68.15
CA LEU EA 143 -29.85 -55.58 69.03
C LEU EA 143 -30.33 -54.26 68.43
N THR EA 144 -29.84 -53.89 67.26
CA THR EA 144 -30.24 -52.64 66.64
C THR EA 144 -31.72 -52.67 66.25
N LEU EA 145 -32.30 -51.49 66.09
CA LEU EA 145 -33.74 -51.39 65.83
C LEU EA 145 -34.13 -52.10 64.54
N LEU EA 146 -33.35 -51.90 63.47
CA LEU EA 146 -33.67 -52.55 62.20
C LEU EA 146 -33.52 -54.06 62.30
N ASN EA 147 -32.46 -54.53 62.97
CA ASN EA 147 -32.25 -55.97 63.09
C ASN EA 147 -33.32 -56.61 63.97
N GLN EA 148 -33.74 -55.92 65.04
CA GLN EA 148 -34.77 -56.48 65.90
C GLN EA 148 -36.09 -56.64 65.17
N LEU EA 149 -36.44 -55.68 64.32
CA LEU EA 149 -37.67 -55.81 63.53
C LEU EA 149 -37.60 -57.00 62.59
N LEU EA 150 -36.44 -57.20 61.94
CA LEU EA 150 -36.31 -58.31 61.02
C LEU EA 150 -36.27 -59.66 61.73
N GLN EA 151 -35.69 -59.70 62.94
CA GLN EA 151 -35.70 -60.94 63.71
C GLN EA 151 -37.12 -61.35 64.08
N GLY EA 152 -38.03 -60.39 64.19
CA GLY EA 152 -39.43 -60.73 64.41
C GLY EA 152 -40.01 -61.53 63.27
N LEU EA 153 -39.64 -61.20 62.03
CA LEU EA 153 -40.10 -61.98 60.89
C LEU EA 153 -39.57 -63.40 60.94
N ARG EA 154 -38.28 -63.56 61.28
CA ARG EA 154 -37.68 -64.89 61.29
C ARG EA 154 -38.29 -65.77 62.37
N GLN EA 155 -38.54 -65.21 63.56
CA GLN EA 155 -39.14 -66.00 64.62
C GLN EA 155 -40.55 -66.43 64.25
N ASP EA 156 -41.32 -65.55 63.63
CA ASP EA 156 -42.67 -65.92 63.20
C ASP EA 156 -42.63 -66.91 62.05
N GLN EA 157 -41.70 -66.72 61.12
CA GLN EA 157 -41.60 -67.63 59.97
C GLN EA 157 -41.21 -69.04 60.42
N GLU EA 158 -40.21 -69.14 61.31
CA GLU EA 158 -39.79 -70.44 61.79
C GLU EA 158 -40.84 -71.11 62.68
N ALA EA 159 -41.73 -70.33 63.28
CA ALA EA 159 -42.77 -70.90 64.13
C ALA EA 159 -43.81 -71.66 63.31
N SER EA 160 -44.15 -71.15 62.13
CA SER EA 160 -45.18 -71.76 61.30
C SER EA 160 -44.61 -72.76 60.31
N SER EA 161 -43.60 -72.37 59.54
CA SER EA 161 -43.01 -73.25 58.54
C SER EA 161 -42.14 -74.32 59.19
N PRO FA 46 -13.35 96.27 -20.36
CA PRO FA 46 -12.29 96.90 -21.16
C PRO FA 46 -12.69 97.11 -22.61
N VAL FA 47 -11.79 96.84 -23.53
CA VAL FA 47 -12.09 96.99 -24.95
C VAL FA 47 -13.00 95.85 -25.38
N GLU FA 48 -14.21 96.18 -25.84
CA GLU FA 48 -15.16 95.17 -26.28
C GLU FA 48 -14.69 94.43 -27.53
N ASN FA 49 -13.79 95.05 -28.30
CA ASN FA 49 -13.32 94.43 -29.54
C ASN FA 49 -12.20 93.43 -29.31
N GLU FA 50 -11.61 93.39 -28.12
CA GLU FA 50 -10.46 92.54 -27.83
C GLU FA 50 -10.84 91.16 -27.35
N ALA FA 51 -12.14 90.85 -27.25
CA ALA FA 51 -12.56 89.54 -26.74
C ALA FA 51 -12.24 88.46 -27.77
N VAL FA 52 -11.43 87.49 -27.36
CA VAL FA 52 -11.00 86.39 -28.22
C VAL FA 52 -11.21 85.08 -27.47
N ALA FA 53 -11.85 84.12 -28.12
CA ALA FA 53 -12.07 82.82 -27.49
C ALA FA 53 -10.74 82.08 -27.38
N PRO FA 54 -10.53 81.33 -26.29
CA PRO FA 54 -9.26 80.60 -26.15
C PRO FA 54 -9.00 79.59 -27.25
N GLU FA 55 -10.05 78.93 -27.75
CA GLU FA 55 -9.93 77.94 -28.79
C GLU FA 55 -10.63 78.44 -30.06
N PHE FA 56 -9.93 78.37 -31.17
CA PHE FA 56 -10.45 78.84 -32.46
C PHE FA 56 -10.85 77.64 -33.30
N THR FA 57 -12.10 77.63 -33.77
CA THR FA 57 -12.63 76.55 -34.57
C THR FA 57 -12.66 76.98 -36.03
N ASN FA 58 -11.95 76.25 -36.88
CA ASN FA 58 -11.90 76.51 -38.31
C ASN FA 58 -12.73 75.45 -39.02
N ARG FA 59 -13.75 75.88 -39.76
CA ARG FA 59 -14.68 74.97 -40.42
C ARG FA 59 -14.31 74.70 -41.88
N ASN FA 60 -13.22 75.26 -42.37
CA ASN FA 60 -12.83 75.05 -43.76
C ASN FA 60 -12.31 73.63 -43.94
N PRO FA 61 -12.92 72.81 -44.79
CA PRO FA 61 -12.45 71.42 -44.95
C PRO FA 61 -11.04 71.32 -45.52
N ARG FA 62 -10.59 72.30 -46.29
CA ARG FA 62 -9.28 72.26 -46.93
C ARG FA 62 -8.18 72.88 -46.08
N ASN FA 63 -8.51 73.39 -44.90
CA ASN FA 63 -7.50 74.05 -44.07
C ASN FA 63 -6.41 73.06 -43.65
N LEU FA 64 -6.81 71.88 -43.19
CA LEU FA 64 -5.83 70.88 -42.80
C LEU FA 64 -5.11 70.30 -44.01
N GLU FA 65 -5.83 70.14 -45.13
CA GLU FA 65 -5.21 69.61 -46.34
C GLU FA 65 -4.13 70.54 -46.88
N LEU FA 66 -4.39 71.86 -46.86
CA LEU FA 66 -3.42 72.81 -47.36
C LEU FA 66 -2.25 73.00 -46.40
N LEU FA 67 -2.42 72.68 -45.13
CA LEU FA 67 -1.35 72.80 -44.15
C LEU FA 67 -0.49 71.54 -44.06
N ALA FA 68 -0.84 70.49 -44.81
CA ALA FA 68 -0.10 69.22 -44.80
C ALA FA 68 -0.05 68.62 -43.39
N VAL FA 69 -1.16 68.76 -42.65
CA VAL FA 69 -1.29 68.14 -41.34
C VAL FA 69 -2.47 67.19 -41.26
N ALA FA 70 -3.29 67.12 -42.30
CA ALA FA 70 -4.45 66.23 -42.29
C ALA FA 70 -4.00 64.77 -42.39
N ARG FA 71 -4.89 63.87 -41.99
CA ARG FA 71 -4.58 62.45 -41.99
C ARG FA 71 -4.72 61.87 -43.40
N LYS FA 72 -3.68 61.19 -43.86
CA LYS FA 72 -3.77 60.39 -45.07
C LYS FA 72 -4.21 58.98 -44.71
N GLU FA 73 -5.11 58.41 -45.53
CA GLU FA 73 -5.63 57.07 -45.27
C GLU FA 73 -4.55 56.04 -45.60
N ARG FA 74 -3.57 55.94 -44.71
CA ARG FA 74 -2.54 54.93 -44.84
C ARG FA 74 -3.12 53.54 -44.67
N GLY FA 75 -2.51 52.57 -45.33
CA GLY FA 75 -2.96 51.19 -45.17
C GLY FA 75 -3.13 50.45 -46.48
N TRP FA 76 -4.14 49.57 -46.52
CA TRP FA 76 -4.38 48.70 -47.66
C TRP FA 76 -3.12 47.90 -47.98
N GLY FA 77 -2.50 48.16 -49.12
CA GLY FA 77 -1.30 47.45 -49.52
C GLY FA 77 -1.56 46.15 -50.27
N THR FA 78 -2.59 45.41 -49.84
CA THR FA 78 -2.98 44.21 -50.54
C THR FA 78 -3.88 44.49 -51.74
N VAL FA 79 -4.36 45.73 -51.89
CA VAL FA 79 -5.17 46.11 -53.04
C VAL FA 79 -4.46 47.22 -53.79
N TRP FA 80 -5.07 47.70 -54.89
CA TRP FA 80 -4.46 48.71 -55.73
C TRP FA 80 -5.59 49.49 -56.41
N PRO FA 81 -5.45 50.81 -56.56
CA PRO FA 81 -4.33 51.67 -56.16
C PRO FA 81 -4.34 52.00 -54.67
N SER FA 82 -3.20 52.41 -54.13
CA SER FA 82 -3.15 52.83 -52.73
C SER FA 82 -3.98 54.09 -52.54
N ARG FA 83 -4.78 54.11 -51.47
CA ARG FA 83 -5.68 55.22 -51.20
C ARG FA 83 -5.10 56.21 -50.19
N GLU FA 84 -3.78 56.39 -50.22
CA GLU FA 84 -3.09 57.31 -49.32
C GLU FA 84 -2.81 58.60 -50.09
N PHE FA 85 -3.80 59.49 -50.11
CA PHE FA 85 -3.68 60.74 -50.85
C PHE FA 85 -4.73 61.71 -50.35
N TRP FA 86 -4.59 62.98 -50.79
CA TRP FA 86 -5.64 63.97 -50.66
C TRP FA 86 -6.42 64.16 -51.95
N HIS FA 87 -5.74 64.13 -53.09
CA HIS FA 87 -6.38 64.23 -54.40
C HIS FA 87 -5.75 63.23 -55.34
N ARG FA 88 -6.58 62.54 -56.11
CA ARG FA 88 -6.15 61.52 -57.05
C ARG FA 88 -6.59 61.88 -58.46
N LEU FA 89 -5.67 61.74 -59.41
CA LEU FA 89 -5.99 61.95 -60.82
C LEU FA 89 -6.46 60.65 -61.43
N ARG FA 90 -7.68 60.63 -61.93
CA ARG FA 90 -8.30 59.44 -62.51
C ARG FA 90 -8.48 59.69 -64.00
N VAL FA 91 -7.72 58.97 -64.83
CA VAL FA 91 -7.77 59.09 -66.28
C VAL FA 91 -8.42 57.83 -66.83
N ILE FA 92 -9.55 58.00 -67.52
CA ILE FA 92 -10.29 56.90 -68.12
C ILE FA 92 -10.27 57.09 -69.63
N ARG FA 93 -9.79 56.06 -70.35
CA ARG FA 93 -9.70 56.10 -71.81
C ARG FA 93 -10.71 55.12 -72.39
N THR FA 94 -11.93 55.62 -72.61
CA THR FA 94 -12.91 54.85 -73.35
C THR FA 94 -12.59 54.87 -74.84
N GLN FA 95 -13.21 53.96 -75.58
CA GLN FA 95 -12.92 53.84 -77.00
C GLN FA 95 -13.36 55.06 -77.81
N HIS FA 96 -14.24 55.89 -77.26
CA HIS FA 96 -14.73 57.08 -77.95
C HIS FA 96 -14.23 58.38 -77.36
N HIS FA 97 -14.16 58.50 -76.03
CA HIS FA 97 -13.83 59.75 -75.38
C HIS FA 97 -12.73 59.55 -74.35
N ILE FA 98 -12.05 60.65 -74.02
CA ILE FA 98 -11.02 60.70 -72.99
C ILE FA 98 -11.56 61.53 -71.84
N GLU FA 99 -11.52 60.97 -70.63
CA GLU FA 99 -12.03 61.64 -69.45
C GLU FA 99 -10.96 61.63 -68.37
N ALA FA 100 -10.71 62.80 -67.77
CA ALA FA 100 -9.76 62.95 -66.68
C ALA FA 100 -10.47 63.53 -65.48
N LEU FA 101 -10.28 62.89 -64.32
CA LEU FA 101 -10.98 63.29 -63.11
C LEU FA 101 -9.97 63.52 -61.99
N VAL FA 102 -10.30 64.47 -61.11
CA VAL FA 102 -9.56 64.73 -59.89
C VAL FA 102 -10.50 64.46 -58.73
N GLU FA 103 -10.17 63.46 -57.91
CA GLU FA 103 -11.07 62.96 -56.89
C GLU FA 103 -10.48 63.13 -55.49
N HIS FA 104 -11.33 63.45 -54.53
CA HIS FA 104 -10.99 63.41 -53.12
C HIS FA 104 -11.09 61.98 -52.61
N ARG FA 105 -10.53 61.73 -51.42
CA ARG FA 105 -10.58 60.40 -50.85
C ARG FA 105 -11.98 60.00 -50.41
N ASN FA 106 -12.93 60.95 -50.37
CA ASN FA 106 -14.32 60.63 -50.06
C ASN FA 106 -15.07 60.06 -51.24
N GLY FA 107 -14.45 60.00 -52.43
CA GLY FA 107 -15.09 59.51 -53.62
C GLY FA 107 -15.65 60.58 -54.53
N GLN FA 108 -15.78 61.81 -54.03
CA GLN FA 108 -16.30 62.90 -54.85
C GLN FA 108 -15.27 63.36 -55.85
N VAL FA 109 -15.76 63.90 -56.97
CA VAL FA 109 -14.91 64.44 -58.03
C VAL FA 109 -14.96 65.96 -57.93
N VAL FA 110 -13.80 66.60 -57.91
CA VAL FA 110 -13.71 68.04 -57.69
C VAL FA 110 -13.73 68.77 -59.03
N VAL FA 111 -12.72 68.55 -59.85
CA VAL FA 111 -12.60 69.19 -61.15
C VAL FA 111 -12.40 68.12 -62.23
N SER FA 112 -13.16 68.22 -63.31
CA SER FA 112 -13.12 67.23 -64.38
C SER FA 112 -13.03 67.92 -65.72
N ALA FA 113 -12.18 67.39 -66.59
CA ALA FA 113 -12.03 67.87 -67.96
C ALA FA 113 -12.05 66.68 -68.89
N SER FA 114 -13.11 66.59 -69.71
CA SER FA 114 -13.31 65.44 -70.59
C SER FA 114 -13.71 65.92 -71.98
N THR FA 115 -13.41 65.08 -72.97
CA THR FA 115 -13.76 65.40 -74.35
C THR FA 115 -15.25 65.33 -74.60
N ARG FA 116 -16.03 64.76 -73.68
CA ARG FA 116 -17.48 64.73 -73.83
C ARG FA 116 -18.10 66.10 -73.71
N GLU FA 117 -17.38 67.07 -73.15
CA GLU FA 117 -17.88 68.43 -73.08
C GLU FA 117 -17.96 69.04 -74.48
N TRP FA 118 -19.03 69.80 -74.72
CA TRP FA 118 -19.17 70.46 -76.02
C TRP FA 118 -18.14 71.58 -76.18
N ALA FA 119 -17.65 72.14 -75.08
CA ALA FA 119 -16.65 73.20 -75.18
C ALA FA 119 -15.36 72.69 -75.80
N ILE FA 120 -14.94 71.48 -75.42
CA ILE FA 120 -13.69 70.93 -75.96
C ILE FA 120 -13.94 70.14 -77.24
N LYS FA 121 -15.16 69.63 -77.45
CA LYS FA 121 -15.43 68.77 -78.60
C LYS FA 121 -15.29 69.54 -79.92
N LYS FA 122 -15.75 70.79 -79.95
CA LYS FA 122 -15.79 71.55 -81.18
C LYS FA 122 -14.43 72.11 -81.58
N HIS FA 123 -13.40 71.96 -80.74
CA HIS FA 123 -12.06 72.43 -81.07
C HIS FA 123 -11.09 71.30 -81.39
N LEU FA 124 -11.45 70.06 -81.09
CA LEU FA 124 -10.62 68.91 -81.39
C LEU FA 124 -11.10 68.19 -82.65
N TYR FA 125 -10.15 67.63 -83.38
CA TYR FA 125 -10.51 66.86 -84.57
C TYR FA 125 -11.16 65.54 -84.19
N SER FA 126 -10.48 64.74 -83.37
CA SER FA 126 -11.02 63.49 -82.86
C SER FA 126 -10.79 63.41 -81.36
N THR FA 127 -11.70 62.72 -80.67
CA THR FA 127 -11.67 62.63 -79.22
C THR FA 127 -10.89 61.42 -78.72
N ARG FA 128 -10.24 60.68 -79.60
CA ARG FA 128 -9.52 59.48 -79.22
C ARG FA 128 -8.14 59.45 -79.87
N ASN FA 129 -7.43 60.56 -79.84
CA ASN FA 129 -6.07 60.66 -80.35
C ASN FA 129 -5.10 60.95 -79.21
N VAL FA 130 -3.81 60.96 -79.56
CA VAL FA 130 -2.80 61.39 -78.60
C VAL FA 130 -2.92 62.89 -78.36
N VAL FA 131 -3.30 63.65 -79.39
CA VAL FA 131 -3.51 65.08 -79.24
C VAL FA 131 -4.69 65.35 -78.31
N ALA FA 132 -5.72 64.50 -78.37
CA ALA FA 132 -6.88 64.68 -77.51
C ALA FA 132 -6.50 64.57 -76.05
N CYS FA 133 -5.59 63.65 -75.71
CA CYS FA 133 -5.11 63.56 -74.34
C CYS FA 133 -4.37 64.81 -73.92
N GLU FA 134 -3.60 65.41 -74.83
CA GLU FA 134 -2.91 66.65 -74.50
C GLU FA 134 -3.88 67.77 -74.19
N SER FA 135 -4.94 67.90 -75.01
CA SER FA 135 -5.94 68.94 -74.76
C SER FA 135 -6.64 68.72 -73.44
N VAL FA 136 -6.96 67.47 -73.10
CA VAL FA 136 -7.56 67.18 -71.81
C VAL FA 136 -6.60 67.54 -70.68
N GLY FA 137 -5.32 67.21 -70.83
CA GLY FA 137 -4.35 67.55 -69.81
C GLY FA 137 -4.19 69.05 -69.62
N ARG FA 138 -4.11 69.80 -70.73
CA ARG FA 138 -3.93 71.24 -70.63
C ARG FA 138 -5.16 71.92 -70.03
N VAL FA 139 -6.36 71.50 -70.45
CA VAL FA 139 -7.59 72.10 -69.92
C VAL FA 139 -7.73 71.80 -68.43
N LEU FA 140 -7.47 70.55 -68.03
CA LEU FA 140 -7.57 70.20 -66.61
C LEU FA 140 -6.52 70.93 -65.78
N ALA FA 141 -5.32 71.12 -66.34
CA ALA FA 141 -4.28 71.85 -65.61
C ALA FA 141 -4.71 73.29 -65.33
N GLU FA 142 -5.34 73.94 -66.31
CA GLU FA 142 -5.82 75.29 -66.10
C GLU FA 142 -6.92 75.32 -65.04
N ARG FA 143 -7.85 74.37 -65.08
CA ARG FA 143 -8.95 74.37 -64.13
C ARG FA 143 -8.47 74.08 -62.71
N CYS FA 144 -7.49 73.19 -62.56
CA CYS FA 144 -6.96 72.89 -61.23
C CYS FA 144 -6.32 74.13 -60.60
N LEU FA 145 -5.58 74.91 -61.39
CA LEU FA 145 -5.04 76.16 -60.88
C LEU FA 145 -6.16 77.12 -60.51
N GLU FA 146 -7.22 77.18 -61.32
CA GLU FA 146 -8.36 78.01 -60.97
C GLU FA 146 -9.06 77.51 -59.72
N ALA FA 147 -9.02 76.21 -59.47
CA ALA FA 147 -9.63 75.62 -58.28
C ALA FA 147 -8.70 75.58 -57.08
N GLY FA 148 -7.45 76.01 -57.24
CA GLY FA 148 -6.52 76.06 -56.14
C GLY FA 148 -5.85 74.74 -55.81
N ILE FA 149 -6.13 73.67 -56.55
CA ILE FA 149 -5.52 72.37 -56.31
C ILE FA 149 -4.19 72.34 -57.05
N ASN FA 150 -3.09 72.32 -56.28
CA ASN FA 150 -1.77 72.34 -56.87
C ASN FA 150 -1.01 71.02 -56.70
N PHE FA 151 -1.53 70.09 -55.90
CA PHE FA 151 -0.87 68.82 -55.66
C PHE FA 151 -1.88 67.69 -55.81
N MET FA 152 -1.45 66.61 -56.46
CA MET FA 152 -2.31 65.44 -56.65
C MET FA 152 -1.42 64.23 -56.84
N VAL FA 153 -2.02 63.06 -56.69
CA VAL FA 153 -1.33 61.78 -56.81
C VAL FA 153 -1.89 61.03 -58.01
N TYR FA 154 -1.01 60.60 -58.90
CA TYR FA 154 -1.38 59.81 -60.07
C TYR FA 154 -0.68 58.47 -60.00
N HIS FA 155 -1.46 57.38 -59.95
CA HIS FA 155 -0.93 56.03 -59.89
C HIS FA 155 -1.30 55.30 -61.18
N PRO FA 156 -0.46 55.36 -62.20
CA PRO FA 156 -0.81 54.77 -63.50
C PRO FA 156 -0.57 53.28 -63.55
N THR FA 157 -1.35 52.60 -64.40
CA THR FA 157 -1.09 51.21 -64.68
C THR FA 157 0.29 51.09 -65.35
N PRO FA 158 1.06 50.04 -65.02
CA PRO FA 158 2.44 49.95 -65.53
C PRO FA 158 2.54 50.03 -67.05
N TRP FA 159 1.60 49.43 -67.77
CA TRP FA 159 1.62 49.54 -69.23
C TRP FA 159 1.15 50.91 -69.71
N GLU FA 160 0.28 51.57 -68.93
CA GLU FA 160 -0.11 52.93 -69.26
C GLU FA 160 1.01 53.93 -69.00
N ALA FA 161 1.96 53.59 -68.12
CA ALA FA 161 3.07 54.50 -67.86
C ALA FA 161 4.01 54.61 -69.05
N ALA FA 162 4.10 53.57 -69.87
CA ALA FA 162 4.90 53.59 -71.07
C ALA FA 162 4.10 53.98 -72.31
N SER FA 163 2.80 54.22 -72.17
CA SER FA 163 1.98 54.61 -73.30
C SER FA 163 2.33 56.03 -73.74
N ASP FA 164 2.26 56.27 -75.05
CA ASP FA 164 2.64 57.57 -75.60
C ASP FA 164 1.72 58.68 -75.12
N SER FA 165 0.41 58.41 -75.08
CA SER FA 165 -0.55 59.46 -74.72
C SER FA 165 -0.40 59.86 -73.25
N ILE FA 166 -0.31 58.88 -72.35
CA ILE FA 166 -0.21 59.19 -70.92
C ILE FA 166 1.13 59.86 -70.62
N LYS FA 167 2.20 59.43 -71.28
CA LYS FA 167 3.51 60.03 -71.05
C LYS FA 167 3.49 61.53 -71.38
N ARG FA 168 2.90 61.89 -72.51
CA ARG FA 168 2.82 63.30 -72.88
C ARG FA 168 1.70 64.04 -72.15
N LEU FA 169 0.70 63.31 -71.63
CA LEU FA 169 -0.33 63.96 -70.83
C LEU FA 169 0.24 64.55 -69.54
N GLN FA 170 1.12 63.80 -68.87
CA GLN FA 170 1.76 64.30 -67.66
C GLN FA 170 2.69 65.46 -67.98
N HIS FA 171 3.27 65.48 -69.18
CA HIS FA 171 4.11 66.60 -69.58
C HIS FA 171 3.31 67.89 -69.63
N ALA FA 172 2.06 67.82 -70.10
CA ALA FA 172 1.20 69.00 -70.08
C ALA FA 172 0.89 69.43 -68.65
N MET FA 173 0.68 68.46 -67.76
CA MET FA 173 0.41 68.79 -66.36
C MET FA 173 1.60 69.47 -65.71
N THR FA 174 2.81 68.97 -65.96
CA THR FA 174 4.01 69.57 -65.36
C THR FA 174 4.19 71.00 -65.85
N GLU FA 175 4.03 71.23 -67.15
CA GLU FA 175 4.11 72.58 -67.69
C GLU FA 175 2.83 73.37 -67.46
N GLY FA 176 1.73 72.70 -67.12
CA GLY FA 176 0.48 73.39 -66.81
C GLY FA 176 0.44 74.00 -65.44
N GLY FA 177 1.42 73.71 -64.58
CA GLY FA 177 1.49 74.25 -63.24
C GLY FA 177 1.08 73.28 -62.15
N VAL FA 178 0.31 72.26 -62.47
CA VAL FA 178 -0.09 71.27 -61.47
C VAL FA 178 1.04 70.28 -61.26
N VAL FA 179 1.42 70.06 -60.01
CA VAL FA 179 2.57 69.23 -59.66
C VAL FA 179 2.07 67.97 -58.99
N LEU FA 180 2.51 66.82 -59.51
CA LEU FA 180 2.22 65.54 -58.88
C LEU FA 180 3.04 65.38 -57.60
N ARG FA 181 2.96 64.20 -57.00
CA ARG FA 181 3.73 63.90 -55.80
C ARG FA 181 3.37 64.85 -54.66
N GLU FA 182 2.15 64.71 -54.12
CA GLU FA 182 1.67 65.51 -53.01
C GLU FA 182 2.71 65.58 -51.89
N PRO FA 183 2.78 66.70 -51.19
CA PRO FA 183 3.78 66.85 -50.13
C PRO FA 183 3.54 65.88 -48.99
N ARG FA 184 4.64 65.47 -48.35
CA ARG FA 184 4.55 64.51 -47.26
C ARG FA 184 3.85 65.12 -46.06
N ARG FA 185 3.06 64.30 -45.37
CA ARG FA 185 2.33 64.79 -44.21
C ARG FA 185 3.29 65.14 -43.08
N ILE FA 186 3.00 66.25 -42.40
CA ILE FA 186 3.80 66.66 -41.25
C ILE FA 186 3.36 65.86 -40.04
N TYR FA 187 4.32 65.20 -39.39
CA TYR FA 187 4.05 64.29 -38.28
C TYR FA 187 3.05 63.21 -38.70
N GLU FA 188 3.47 62.41 -39.67
CA GLU FA 188 2.61 61.40 -40.28
C GLU FA 188 2.33 60.24 -39.34
N PRO GA 79 3.73 -109.03 34.66
CA PRO GA 79 3.40 -107.67 34.24
C PRO GA 79 1.98 -107.27 34.61
N GLN GA 80 1.71 -105.97 34.64
CA GLN GA 80 0.40 -105.43 34.98
C GLN GA 80 -0.11 -104.56 33.84
N ARG GA 81 -1.42 -104.30 33.86
CA ARG GA 81 -2.08 -103.48 32.85
C ARG GA 81 -2.86 -102.37 33.54
N PRO GA 82 -2.20 -101.27 33.89
CA PRO GA 82 -2.92 -100.14 34.50
C PRO GA 82 -3.85 -99.49 33.49
N GLU GA 83 -4.97 -98.97 33.99
CA GLU GA 83 -5.97 -98.32 33.16
C GLU GA 83 -5.90 -96.81 33.30
N THR GA 84 -5.97 -96.12 32.17
CA THR GA 84 -5.99 -94.66 32.13
C THR GA 84 -7.12 -94.21 31.22
N ARG GA 85 -7.68 -93.05 31.54
CA ARG GA 85 -8.78 -92.49 30.77
C ARG GA 85 -8.27 -91.60 29.66
N PHE GA 86 -8.91 -91.68 28.50
CA PHE GA 86 -8.63 -90.79 27.38
C PHE GA 86 -9.86 -89.95 27.09
N LEU GA 87 -9.67 -88.63 27.07
CA LEU GA 87 -10.75 -87.69 26.79
C LEU GA 87 -10.38 -86.87 25.57
N SER GA 88 -11.29 -86.81 24.60
CA SER GA 88 -11.01 -86.10 23.36
C SER GA 88 -10.76 -84.63 23.64
N PRO GA 89 -9.80 -84.01 22.95
CA PRO GA 89 -9.50 -82.59 23.23
C PRO GA 89 -10.68 -81.65 23.03
N GLU GA 90 -11.59 -81.94 22.10
CA GLU GA 90 -12.69 -81.03 21.85
C GLU GA 90 -13.71 -81.01 22.98
N PHE GA 91 -13.70 -82.01 23.87
CA PHE GA 91 -14.59 -82.00 25.01
C PHE GA 91 -14.15 -81.01 26.08
N ILE GA 92 -12.89 -80.58 26.06
CA ILE GA 92 -12.38 -79.59 27.01
C ILE GA 92 -12.92 -78.22 26.60
N PRO GA 93 -13.82 -77.63 27.38
CA PRO GA 93 -14.39 -76.32 27.01
C PRO GA 93 -13.31 -75.25 27.00
N PRO GA 94 -13.40 -74.28 26.08
CA PRO GA 94 -12.41 -73.20 26.06
C PRO GA 94 -12.57 -72.28 27.27
N ARG GA 95 -11.49 -71.59 27.62
CA ARG GA 95 -11.51 -70.64 28.72
C ARG GA 95 -12.07 -69.31 28.23
N GLY GA 96 -12.95 -68.72 29.04
CA GLY GA 96 -13.62 -67.48 28.66
C GLY GA 96 -14.85 -67.25 29.51
N ARG GA 97 -15.83 -66.56 28.92
CA ARG GA 97 -17.08 -66.21 29.60
C ARG GA 97 -18.26 -66.61 28.71
N THR GA 98 -18.66 -67.88 28.81
CA THR GA 98 -19.83 -68.42 28.13
C THR GA 98 -20.64 -69.21 29.12
N ASN GA 99 -21.96 -69.07 29.08
CA ASN GA 99 -22.82 -69.84 29.97
C ASN GA 99 -22.51 -71.33 29.77
N PRO GA 100 -22.19 -72.06 30.85
CA PRO GA 100 -21.93 -73.51 30.75
C PRO GA 100 -23.08 -74.29 30.12
N LEU GA 101 -24.28 -73.69 30.08
CA LEU GA 101 -25.41 -74.35 29.43
C LEU GA 101 -25.15 -74.57 27.95
N LYS GA 102 -24.40 -73.66 27.31
CA LYS GA 102 -24.06 -73.84 25.91
C LYS GA 102 -23.20 -75.09 25.71
N PHE GA 103 -22.22 -75.30 26.59
CA PHE GA 103 -21.33 -76.44 26.45
C PHE GA 103 -22.08 -77.75 26.65
N GLN GA 104 -23.08 -77.77 27.53
CA GLN GA 104 -23.89 -78.96 27.69
C GLN GA 104 -24.68 -79.28 26.43
N ILE GA 105 -25.21 -78.24 25.76
CA ILE GA 105 -25.99 -78.46 24.55
C ILE GA 105 -25.12 -79.07 23.45
N GLU GA 106 -23.92 -78.53 23.27
CA GLU GA 106 -23.00 -79.11 22.30
C GLU GA 106 -22.61 -80.52 22.69
N ARG GA 107 -22.36 -80.74 24.00
CA ARG GA 107 -21.89 -82.05 24.45
C ARG GA 107 -22.92 -83.14 24.20
N LYS GA 108 -24.21 -82.82 24.39
CA LYS GA 108 -25.25 -83.81 24.11
C LYS GA 108 -25.28 -84.19 22.64
N ASP GA 109 -25.15 -83.20 21.74
CA ASP GA 109 -25.16 -83.48 20.31
C ASP GA 109 -23.93 -84.28 19.90
N MET GA 110 -22.78 -83.98 20.50
CA MET GA 110 -21.55 -84.72 20.18
C MET GA 110 -21.67 -86.19 20.53
N LEU GA 111 -22.24 -86.49 21.70
CA LEU GA 111 -22.38 -87.89 22.11
C LEU GA 111 -23.38 -88.64 21.25
N GLU GA 112 -24.43 -87.97 20.79
CA GLU GA 112 -25.39 -88.61 19.90
C GLU GA 112 -24.75 -88.95 18.56
N ARG GA 113 -23.88 -88.07 18.06
CA ARG GA 113 -23.17 -88.35 16.81
C ARG GA 113 -22.20 -89.51 16.97
N ARG GA 114 -21.53 -89.59 18.13
CA ARG GA 114 -20.56 -90.66 18.35
C ARG GA 114 -21.22 -92.03 18.44
N LYS GA 115 -22.52 -92.09 18.71
CA LYS GA 115 -23.20 -93.38 18.72
C LYS GA 115 -23.25 -93.99 17.32
N ILE GA 116 -23.44 -93.17 16.30
CA ILE GA 116 -23.52 -93.65 14.93
C ILE GA 116 -22.14 -93.76 14.30
N LEU GA 117 -21.33 -92.71 14.44
CA LEU GA 117 -19.98 -92.69 13.88
C LEU GA 117 -18.97 -92.97 14.99
N HIS GA 118 -18.18 -94.02 14.80
CA HIS GA 118 -17.20 -94.43 15.81
C HIS GA 118 -15.90 -93.67 15.58
N ILE GA 119 -15.64 -92.68 16.42
CA ILE GA 119 -14.42 -91.88 16.34
C ILE GA 119 -13.41 -92.48 17.32
N PRO GA 120 -12.32 -93.05 16.84
CA PRO GA 120 -11.37 -93.74 17.72
C PRO GA 120 -10.41 -92.75 18.38
N GLU GA 121 -9.57 -93.30 19.26
CA GLU GA 121 -8.55 -92.52 19.93
C GLU GA 121 -7.35 -92.34 19.00
N PHE GA 122 -7.01 -91.09 18.70
CA PHE GA 122 -5.87 -90.81 17.84
C PHE GA 122 -5.21 -89.52 18.31
N TYR GA 123 -3.89 -89.49 18.21
CA TYR GA 123 -3.08 -88.35 18.63
C TYR GA 123 -2.47 -87.68 17.41
N VAL GA 124 -1.69 -86.64 17.65
CA VAL GA 124 -0.96 -85.96 16.60
C VAL GA 124 0.22 -86.81 16.18
N GLY GA 125 0.32 -87.10 14.89
CA GLY GA 125 1.33 -87.98 14.36
C GLY GA 125 0.81 -89.37 13.99
N SER GA 126 -0.36 -89.76 14.48
CA SER GA 126 -0.95 -91.02 14.08
C SER GA 126 -1.48 -90.92 12.65
N ILE GA 127 -1.49 -92.06 11.97
CA ILE GA 127 -1.91 -92.13 10.57
C ILE GA 127 -3.35 -92.61 10.52
N LEU GA 128 -4.20 -91.85 9.84
CA LEU GA 128 -5.63 -92.15 9.77
C LEU GA 128 -6.08 -92.20 8.32
N ARG GA 129 -7.07 -93.04 8.04
CA ARG GA 129 -7.74 -93.09 6.75
C ARG GA 129 -9.19 -92.66 6.96
N VAL GA 130 -9.62 -91.65 6.22
CA VAL GA 130 -10.95 -91.07 6.36
C VAL GA 130 -11.74 -91.30 5.08
N THR GA 131 -12.95 -91.82 5.23
CA THR GA 131 -13.83 -92.09 4.11
C THR GA 131 -14.97 -91.07 4.11
N THR GA 132 -14.96 -90.18 3.13
CA THR GA 132 -16.00 -89.17 2.97
C THR GA 132 -16.93 -89.56 1.83
N ALA GA 133 -17.96 -88.75 1.63
CA ALA GA 133 -18.97 -89.00 0.60
C ALA GA 133 -19.00 -87.81 -0.35
N ASP GA 134 -18.34 -87.94 -1.50
CA ASP GA 134 -18.42 -86.88 -2.49
C ASP GA 134 -19.36 -87.27 -3.62
N PRO GA 135 -20.21 -86.35 -4.06
CA PRO GA 135 -21.23 -86.71 -5.07
C PRO GA 135 -20.70 -86.87 -6.48
N TYR GA 136 -19.57 -86.23 -6.80
CA TYR GA 136 -19.10 -86.15 -8.18
C TYR GA 136 -18.15 -87.27 -8.57
N ALA GA 137 -17.84 -88.19 -7.67
CA ALA GA 137 -16.96 -89.30 -7.98
C ALA GA 137 -17.75 -90.47 -8.54
N SER GA 138 -17.05 -91.36 -9.26
CA SER GA 138 -17.69 -92.54 -9.81
C SER GA 138 -18.25 -93.43 -8.70
N ALA GA 139 -17.47 -93.62 -7.63
CA ALA GA 139 -17.96 -94.22 -6.40
C ALA GA 139 -18.18 -93.11 -5.38
N LYS GA 140 -19.35 -93.11 -4.74
CA LYS GA 140 -19.73 -92.00 -3.88
C LYS GA 140 -18.79 -91.83 -2.69
N THR GA 141 -18.07 -92.88 -2.30
CA THR GA 141 -17.10 -92.75 -1.23
C THR GA 141 -15.79 -92.20 -1.76
N SER GA 142 -14.97 -91.68 -0.84
CA SER GA 142 -13.67 -91.12 -1.19
C SER GA 142 -12.70 -91.39 -0.05
N GLN GA 143 -11.51 -91.87 -0.37
CA GLN GA 143 -10.51 -92.25 0.61
C GLN GA 143 -9.40 -91.20 0.68
N PHE GA 144 -8.75 -91.13 1.84
CA PHE GA 144 -7.58 -90.27 2.02
C PHE GA 144 -6.82 -90.74 3.23
N LEU GA 145 -5.54 -91.07 3.05
CA LEU GA 145 -4.69 -91.52 4.13
C LEU GA 145 -3.52 -90.56 4.30
N GLY GA 146 -3.23 -90.20 5.54
CA GLY GA 146 -2.13 -89.29 5.82
C GLY GA 146 -1.93 -89.14 7.31
N ILE GA 147 -0.85 -88.46 7.65
CA ILE GA 147 -0.52 -88.21 9.05
C ILE GA 147 -1.30 -87.02 9.56
N CYS GA 148 -1.74 -87.09 10.81
CA CYS GA 148 -2.52 -86.03 11.45
C CYS GA 148 -1.57 -84.96 11.94
N ILE GA 149 -1.54 -83.83 11.23
CA ILE GA 149 -0.61 -82.75 11.57
C ILE GA 149 -1.00 -82.10 12.90
N GLN GA 150 -2.27 -81.79 13.08
CA GLN GA 150 -2.69 -81.06 14.27
C GLN GA 150 -4.15 -81.36 14.56
N ARG GA 151 -4.54 -81.09 15.81
CA ARG GA 151 -5.92 -81.14 16.23
C ARG GA 151 -6.25 -79.82 16.90
N SER GA 152 -7.41 -79.26 16.55
CA SER GA 152 -7.82 -77.97 17.08
C SER GA 152 -9.33 -77.91 17.09
N GLY GA 153 -9.85 -76.83 17.66
CA GLY GA 153 -11.28 -76.62 17.76
C GLY GA 153 -11.86 -77.22 19.03
N SER GA 154 -13.07 -76.78 19.35
CA SER GA 154 -13.75 -77.24 20.55
C SER GA 154 -15.22 -77.50 20.22
N GLY GA 155 -15.79 -78.51 20.87
CA GLY GA 155 -17.19 -78.80 20.71
C GLY GA 155 -17.54 -79.48 19.41
N LEU GA 156 -18.66 -79.07 18.82
CA LEU GA 156 -19.18 -79.70 17.61
C LEU GA 156 -18.37 -79.38 16.37
N GLY GA 157 -17.48 -78.39 16.43
CA GLY GA 157 -16.72 -78.00 15.26
C GLY GA 157 -15.26 -78.42 15.31
N ALA GA 158 -14.97 -79.56 15.92
CA ALA GA 158 -13.60 -80.04 16.02
C ALA GA 158 -13.06 -80.39 14.63
N THR GA 159 -11.78 -80.07 14.41
CA THR GA 159 -11.14 -80.32 13.13
C THR GA 159 -9.77 -80.94 13.33
N PHE GA 160 -9.31 -81.67 12.32
CA PHE GA 160 -7.96 -82.21 12.28
C PHE GA 160 -7.47 -82.15 10.84
N ILE GA 161 -6.15 -82.08 10.67
CA ILE GA 161 -5.53 -81.89 9.37
C ILE GA 161 -4.68 -83.11 9.05
N LEU GA 162 -4.87 -83.65 7.84
CA LEU GA 162 -4.12 -84.81 7.37
C LEU GA 162 -3.11 -84.39 6.30
N ARG GA 163 -1.89 -84.90 6.41
CA ARG GA 163 -0.81 -84.56 5.51
C ARG GA 163 -0.36 -85.80 4.77
N ASN GA 164 -0.26 -85.70 3.43
CA ASN GA 164 0.18 -86.81 2.61
C ASN GA 164 0.73 -86.26 1.31
N THR GA 165 1.74 -86.93 0.77
CA THR GA 165 2.38 -86.51 -0.48
C THR GA 165 2.23 -87.62 -1.50
N ILE GA 166 1.65 -87.28 -2.65
CA ILE GA 166 1.44 -88.23 -3.75
C ILE GA 166 1.93 -87.57 -5.04
N GLU GA 167 2.68 -88.32 -5.83
CA GLU GA 167 3.30 -87.83 -7.07
C GLU GA 167 4.17 -86.60 -6.82
N GLY GA 168 4.81 -86.53 -5.65
CA GLY GA 168 5.64 -85.40 -5.32
C GLY GA 168 4.89 -84.13 -4.97
N GLN GA 169 3.57 -84.22 -4.81
CA GLN GA 169 2.74 -83.06 -4.49
C GLN GA 169 2.21 -83.22 -3.07
N GLY GA 170 2.43 -82.21 -2.23
CA GLY GA 170 1.94 -82.26 -0.87
C GLY GA 170 0.50 -81.81 -0.80
N VAL GA 171 -0.34 -82.62 -0.15
CA VAL GA 171 -1.77 -82.35 -0.04
C VAL GA 171 -2.13 -82.33 1.45
N GLU GA 172 -2.81 -81.27 1.87
CA GLU GA 172 -3.32 -81.15 3.23
C GLU GA 172 -4.82 -80.89 3.18
N ILE GA 173 -5.58 -81.65 3.96
CA ILE GA 173 -7.03 -81.50 4.04
C ILE GA 173 -7.41 -81.34 5.50
N CYS GA 174 -8.25 -80.34 5.80
CA CYS GA 174 -8.70 -80.07 7.16
C CYS GA 174 -10.10 -80.64 7.31
N PHE GA 175 -10.18 -81.88 7.74
CA PHE GA 175 -11.46 -82.56 7.93
C PHE GA 175 -12.16 -82.06 9.20
N GLU GA 176 -13.47 -82.26 9.24
CA GLU GA 176 -14.28 -81.97 10.42
C GLU GA 176 -14.71 -83.28 11.05
N LEU GA 177 -14.51 -83.42 12.36
CA LEU GA 177 -14.81 -84.67 13.04
C LEU GA 177 -16.31 -85.01 12.97
N TYR GA 178 -17.16 -84.00 13.16
CA TYR GA 178 -18.60 -84.22 13.27
C TYR GA 178 -19.35 -83.86 12.00
N ASN GA 179 -18.67 -83.78 10.86
CA ASN GA 179 -19.34 -83.52 9.60
C ASN GA 179 -20.13 -84.75 9.18
N PRO GA 180 -21.43 -84.63 8.88
CA PRO GA 180 -22.23 -85.81 8.55
C PRO GA 180 -21.87 -86.47 7.23
N ARG GA 181 -20.90 -85.92 6.48
CA ARG GA 181 -20.46 -86.54 5.23
C ARG GA 181 -19.33 -87.54 5.43
N ILE GA 182 -18.90 -87.76 6.67
CA ILE GA 182 -17.86 -88.75 6.97
C ILE GA 182 -18.53 -90.10 7.22
N GLN GA 183 -18.10 -91.11 6.48
CA GLN GA 183 -18.66 -92.45 6.63
C GLN GA 183 -18.02 -93.18 7.80
N GLU GA 184 -16.69 -93.27 7.82
CA GLU GA 184 -15.98 -93.92 8.91
C GLU GA 184 -14.60 -93.30 9.05
N ILE GA 185 -14.03 -93.44 10.24
CA ILE GA 185 -12.68 -92.99 10.54
C ILE GA 185 -11.91 -94.17 11.09
N GLN GA 186 -10.79 -94.50 10.44
CA GLN GA 186 -9.98 -95.65 10.83
C GLN GA 186 -8.55 -95.21 11.09
N VAL GA 187 -7.97 -95.72 12.17
CA VAL GA 187 -6.59 -95.42 12.54
C VAL GA 187 -5.75 -96.62 12.15
N VAL GA 188 -4.87 -96.45 11.17
CA VAL GA 188 -3.99 -97.54 10.73
C VAL GA 188 -2.70 -97.60 11.52
N LYS GA 189 -2.39 -96.57 12.31
CA LYS GA 189 -1.17 -96.57 13.12
C LYS GA 189 -1.37 -95.55 14.24
N LEU GA 190 -1.47 -96.03 15.47
CA LEU GA 190 -1.67 -95.16 16.63
C LEU GA 190 -0.30 -94.79 17.18
N GLU GA 191 0.04 -93.50 17.08
CA GLU GA 191 1.36 -93.04 17.52
C GLU GA 191 1.24 -91.66 18.17
N LYS GA 192 2.22 -91.36 19.00
CA LYS GA 192 2.40 -90.04 19.58
C LYS GA 192 3.84 -89.61 19.32
N ARG GA 193 4.03 -88.35 18.94
CA ARG GA 193 5.34 -87.85 18.57
C ARG GA 193 5.80 -86.80 19.58
N LEU GA 194 7.05 -86.35 19.42
CA LEU GA 194 7.68 -85.46 20.37
C LEU GA 194 7.03 -84.08 20.40
N ASP GA 195 6.18 -83.74 19.44
CA ASP GA 195 5.57 -82.43 19.38
C ASP GA 195 4.05 -82.58 19.40
N ASN GA 196 3.37 -81.45 19.58
CA ASN GA 196 1.92 -81.42 19.69
C ASN GA 196 1.24 -80.85 18.45
N SER GA 197 1.99 -80.23 17.54
CA SER GA 197 1.47 -79.71 16.29
C SER GA 197 2.54 -79.90 15.22
N LEU GA 198 2.32 -80.84 14.31
CA LEU GA 198 3.33 -81.21 13.32
C LEU GA 198 3.18 -80.36 12.05
N LEU GA 199 3.26 -79.04 12.21
CA LEU GA 199 3.23 -78.13 11.08
C LEU GA 199 4.60 -77.89 10.47
N TYR GA 200 5.66 -78.45 11.06
CA TYR GA 200 7.00 -78.29 10.52
C TYR GA 200 7.35 -79.36 9.50
N LEU GA 201 6.35 -80.09 9.00
CA LEU GA 201 6.56 -81.06 7.94
C LEU GA 201 6.44 -80.46 6.55
N ARG GA 202 5.88 -79.25 6.44
CA ARG GA 202 5.88 -78.52 5.18
C ARG GA 202 7.30 -78.25 4.71
N ASP GA 203 8.16 -77.83 5.65
CA ASP GA 203 9.55 -77.49 5.35
C ASP GA 203 10.49 -78.66 5.55
N ALA GA 204 9.98 -79.83 5.93
CA ALA GA 204 10.81 -81.01 6.09
C ALA GA 204 11.02 -81.69 4.74
N LEU GA 205 11.90 -82.68 4.73
CA LEU GA 205 12.18 -83.41 3.50
C LEU GA 205 10.96 -84.22 3.07
N PRO GA 206 10.80 -84.45 1.77
CA PRO GA 206 9.58 -85.12 1.29
C PRO GA 206 9.37 -86.51 1.86
N GLU GA 207 10.43 -87.25 2.16
CA GLU GA 207 10.25 -88.63 2.63
C GLU GA 207 9.59 -88.70 4.00
N TYR GA 208 9.55 -87.60 4.74
CA TYR GA 208 8.87 -87.58 6.03
C TYR GA 208 7.39 -87.28 5.91
N SER GA 209 6.89 -87.01 4.70
CA SER GA 209 5.48 -86.77 4.47
C SER GA 209 4.82 -87.79 3.55
N THR GA 210 5.60 -88.62 2.87
CA THR GA 210 5.06 -89.63 1.97
C THR GA 210 4.65 -90.87 2.76
N PHE GA 211 3.40 -91.30 2.58
CA PHE GA 211 2.88 -92.49 3.23
C PHE GA 211 2.16 -93.35 2.21
N ASP GA 212 2.38 -94.66 2.27
CA ASP GA 212 1.74 -95.58 1.34
C ASP GA 212 0.23 -95.53 1.51
N VAL GA 213 -0.48 -95.39 0.39
CA VAL GA 213 -1.93 -95.23 0.43
C VAL GA 213 -2.59 -96.51 0.93
N ASN GA 214 -2.12 -97.66 0.48
CA ASN GA 214 -2.75 -98.95 0.78
C ASN GA 214 -2.00 -99.71 1.88
N MET GA 215 -1.45 -99.02 2.87
CA MET GA 215 -0.77 -99.71 3.95
C MET GA 215 -1.79 -100.44 4.84
N LYS GA 216 -1.38 -101.59 5.36
CA LYS GA 216 -2.28 -102.38 6.17
C LYS GA 216 -2.39 -101.81 7.59
N PRO GA 217 -3.56 -101.92 8.22
CA PRO GA 217 -3.69 -101.45 9.60
C PRO GA 217 -2.82 -102.24 10.55
N ILE GA 218 -2.38 -101.57 11.61
CA ILE GA 218 -1.55 -102.17 12.65
C ILE GA 218 -2.31 -102.07 13.96
N THR GA 219 -2.47 -103.21 14.63
CA THR GA 219 -3.20 -103.28 15.90
C THR GA 219 -2.20 -103.47 17.03
N GLN GA 220 -2.37 -102.70 18.10
CA GLN GA 220 -1.49 -102.74 19.26
C GLN GA 220 -2.28 -103.12 20.50
N GLU GA 221 -1.58 -103.69 21.48
CA GLU GA 221 -2.19 -104.02 22.75
C GLU GA 221 -2.35 -102.77 23.61
N PHE GA 222 -3.35 -102.80 24.48
CA PHE GA 222 -3.60 -101.66 25.37
C PHE GA 222 -2.43 -101.42 26.32
N ASN GA 223 -1.65 -102.46 26.61
CA ASN GA 223 -0.53 -102.37 27.55
C ASN GA 223 0.68 -101.63 26.99
N GLN GA 224 0.58 -100.98 25.83
CA GLN GA 224 1.68 -100.21 25.27
C GLN GA 224 1.64 -98.74 25.62
N GLU GA 225 0.49 -98.23 26.08
CA GLU GA 225 0.34 -96.84 26.50
C GLU GA 225 0.71 -95.86 25.40
N VAL GA 226 0.28 -96.16 24.17
CA VAL GA 226 0.49 -95.28 23.01
C VAL GA 226 1.96 -94.92 22.89
N PRO GA 227 2.82 -95.83 22.45
CA PRO GA 227 4.26 -95.58 22.48
C PRO GA 227 4.65 -94.33 21.69
N VAL GA 228 5.60 -93.59 22.23
CA VAL GA 228 6.05 -92.33 21.64
C VAL GA 228 7.13 -92.64 20.61
N ASN GA 229 7.02 -92.01 19.45
CA ASN GA 229 7.96 -92.22 18.35
C ASN GA 229 8.96 -91.06 18.34
N GLN GA 230 10.15 -91.30 18.87
CA GLN GA 230 11.21 -90.30 18.88
C GLN GA 230 11.90 -90.34 17.52
N LEU GA 231 11.54 -89.40 16.65
CA LEU GA 231 12.07 -89.36 15.29
C LEU GA 231 12.47 -87.92 14.97
N LYS GA 232 13.77 -87.66 14.98
CA LYS GA 232 14.27 -86.37 14.52
C LYS GA 232 14.10 -86.26 13.00
N VAL GA 233 13.85 -85.03 12.54
CA VAL GA 233 13.48 -84.78 11.15
C VAL GA 233 14.50 -83.82 10.55
N LYS GA 234 14.98 -84.15 9.34
CA LYS GA 234 15.82 -83.23 8.60
C LYS GA 234 15.00 -82.05 8.11
N MET GA 235 15.68 -81.02 7.63
CA MET GA 235 15.01 -79.80 7.20
C MET GA 235 15.59 -79.32 5.87
N LYS GA 236 14.75 -78.66 5.08
CA LYS GA 236 15.20 -77.99 3.89
C LYS GA 236 15.96 -76.73 4.25
N PRO GA 237 16.80 -76.22 3.34
CA PRO GA 237 17.50 -74.96 3.62
C PRO GA 237 16.54 -73.80 3.79
N LYS GA 238 16.95 -72.82 4.59
CA LYS GA 238 16.12 -71.66 4.88
C LYS GA 238 15.91 -70.84 3.61
N PRO GA 239 14.83 -70.04 3.55
CA PRO GA 239 13.80 -69.79 4.58
C PRO GA 239 12.77 -70.89 4.73
N TRP GA 240 12.09 -70.93 5.86
CA TRP GA 240 11.03 -71.89 6.15
C TRP GA 240 9.69 -71.18 6.18
N SER GA 241 8.62 -71.97 6.37
CA SER GA 241 7.29 -71.37 6.47
C SER GA 241 7.17 -70.50 7.71
N LYS GA 242 7.73 -70.95 8.83
CA LYS GA 242 7.74 -70.21 10.07
C LYS GA 242 9.11 -70.32 10.72
N ARG GA 243 9.38 -69.42 11.66
CA ARG GA 243 10.67 -69.38 12.35
C ARG GA 243 10.63 -70.41 13.47
N TRP GA 244 10.98 -71.66 13.14
CA TRP GA 244 10.94 -72.73 14.12
C TRP GA 244 12.02 -72.61 15.19
N GLU GA 245 13.03 -71.76 14.97
CA GLU GA 245 14.07 -71.60 15.97
C GLU GA 245 13.57 -70.89 17.22
N ARG GA 246 12.50 -70.11 17.09
CA ARG GA 246 12.03 -69.30 18.20
C ARG GA 246 11.51 -70.20 19.33
N PRO GA 247 11.74 -69.82 20.59
CA PRO GA 247 11.27 -70.65 21.70
C PRO GA 247 9.76 -70.73 21.82
N LYS GA 248 9.01 -69.82 21.18
CA LYS GA 248 7.57 -69.81 21.33
C LYS GA 248 6.92 -71.06 20.76
N PHE GA 249 7.60 -71.77 19.86
CA PHE GA 249 7.05 -73.00 19.29
C PHE GA 249 7.40 -74.24 20.11
N ASN GA 250 8.55 -74.23 20.79
CA ASN GA 250 9.02 -75.35 21.59
C ASN GA 250 9.06 -76.63 20.75
N ILE GA 251 9.88 -76.58 19.70
CA ILE GA 251 10.05 -77.70 18.79
C ILE GA 251 11.35 -78.40 19.12
N LYS GA 252 11.26 -79.69 19.47
CA LYS GA 252 12.44 -80.50 19.76
C LYS GA 252 12.54 -81.73 18.87
N GLY GA 253 11.66 -81.87 17.88
CA GLY GA 253 11.71 -82.99 16.96
C GLY GA 253 12.39 -82.65 15.66
N ILE GA 254 13.23 -81.61 15.66
CA ILE GA 254 13.92 -81.13 14.47
C ILE GA 254 15.41 -81.14 14.73
N ARG GA 255 16.18 -81.64 13.77
CA ARG GA 255 17.63 -81.62 13.85
C ARG GA 255 18.16 -80.21 13.61
N PHE GA 256 18.30 -79.43 14.68
CA PHE GA 256 18.77 -78.05 14.53
C PHE GA 256 20.28 -77.99 14.29
N ASP GA 257 21.04 -78.96 14.79
CA ASP GA 257 22.49 -78.91 14.66
C ASP GA 257 22.92 -79.03 13.20
N LEU GA 258 22.21 -79.85 12.42
CA LEU GA 258 22.60 -80.05 11.02
C LEU GA 258 22.28 -78.83 10.17
N CYS GA 259 21.20 -78.12 10.48
CA CYS GA 259 20.74 -77.02 9.62
C CYS GA 259 21.08 -75.64 10.16
N LEU GA 260 21.43 -75.52 11.44
CA LEU GA 260 21.71 -74.23 12.05
C LEU GA 260 23.07 -74.23 12.71
N THR GA 261 23.69 -73.05 12.78
CA THR GA 261 24.96 -72.86 13.44
C THR GA 261 24.73 -72.30 14.85
N GLU GA 262 25.83 -72.17 15.59
CA GLU GA 262 25.73 -71.66 16.96
C GLU GA 262 25.26 -70.21 16.97
N GLU GA 263 25.71 -69.41 16.00
CA GLU GA 263 25.38 -67.99 15.99
C GLU GA 263 23.87 -67.77 15.86
N GLN GA 264 23.21 -68.54 14.99
CA GLN GA 264 21.77 -68.37 14.81
C GLN GA 264 21.00 -68.87 16.02
N MET GA 265 21.50 -69.88 16.72
CA MET GA 265 20.82 -70.38 17.92
C MET GA 265 20.78 -69.33 19.01
N ARG GA 266 21.89 -68.61 19.23
CA ARG GA 266 21.93 -67.61 20.28
C ARG GA 266 21.04 -66.42 19.95
N GLU GA 267 20.93 -66.04 18.67
CA GLU GA 267 20.07 -64.93 18.30
C GLU GA 267 18.60 -65.28 18.50
N ALA GA 268 18.22 -66.53 18.25
CA ALA GA 268 16.84 -66.93 18.45
C ALA GA 268 16.44 -66.98 19.91
N GLN GA 269 17.41 -66.99 20.82
CA GLN GA 269 17.12 -67.00 22.25
C GLN GA 269 16.82 -65.61 22.79
N LYS GA 270 17.04 -64.55 22.01
CA LYS GA 270 16.72 -63.21 22.46
C LYS GA 270 15.21 -63.00 22.62
N TRP GA 271 14.40 -63.87 22.03
CA TRP GA 271 12.96 -63.81 22.18
C TRP GA 271 12.44 -64.72 23.27
N SER GA 272 13.33 -65.40 24.00
CA SER GA 272 12.89 -66.30 25.06
C SER GA 272 12.29 -65.50 26.21
N GLN GA 273 11.20 -66.03 26.79
CA GLN GA 273 10.49 -65.40 27.89
C GLN GA 273 10.43 -66.39 29.05
N PRO GA 274 11.43 -66.39 29.94
CA PRO GA 274 11.46 -67.39 31.01
C PRO GA 274 10.36 -67.24 32.04
N TRP GA 275 9.75 -66.06 32.16
CA TRP GA 275 8.73 -65.85 33.18
C TRP GA 275 7.38 -66.46 32.82
N LEU GA 276 7.17 -66.86 31.56
CA LEU GA 276 5.89 -67.41 31.17
C LEU GA 276 5.58 -68.73 31.88
N GLU GA 277 6.60 -69.56 32.10
CA GLU GA 277 6.39 -70.84 32.74
C GLU GA 277 6.21 -70.73 34.25
N PHE GA 278 6.45 -69.56 34.82
CA PHE GA 278 6.32 -69.36 36.26
C PHE GA 278 5.19 -68.42 36.64
N ASP GA 279 4.49 -67.84 35.68
CA ASP GA 279 3.31 -67.02 35.95
C ASP GA 279 2.15 -67.95 36.23
N MET GA 280 1.75 -68.04 37.50
CA MET GA 280 0.81 -69.07 37.94
C MET GA 280 -0.65 -68.69 37.70
N MET GA 281 -0.92 -67.51 37.18
CA MET GA 281 -2.30 -67.12 36.88
C MET GA 281 -2.70 -67.44 35.44
N ARG GA 282 -1.74 -67.81 34.59
CA ARG GA 282 -2.02 -68.07 33.18
C ARG GA 282 -2.42 -69.52 32.91
N GLU GA 283 -2.38 -70.38 33.91
CA GLU GA 283 -2.65 -71.79 33.70
C GLU GA 283 -4.13 -72.10 33.86
N TYR GA 284 -4.65 -72.93 32.97
CA TYR GA 284 -6.05 -73.33 32.99
C TYR GA 284 -6.18 -74.61 33.81
N ASP GA 285 -6.92 -74.53 34.92
CA ASP GA 285 -7.17 -75.68 35.78
C ASP GA 285 -8.55 -76.23 35.44
N THR GA 286 -8.58 -77.27 34.61
CA THR GA 286 -9.82 -77.86 34.15
C THR GA 286 -10.06 -79.26 34.71
N SER GA 287 -9.37 -79.61 35.80
CA SER GA 287 -9.55 -80.93 36.39
C SER GA 287 -10.97 -81.14 36.90
N LYS GA 288 -11.54 -80.11 37.52
CA LYS GA 288 -12.91 -80.20 38.03
C LYS GA 288 -13.90 -80.35 36.88
N ILE GA 289 -13.66 -79.66 35.77
CA ILE GA 289 -14.58 -79.70 34.64
C ILE GA 289 -14.59 -81.07 33.99
N GLU GA 290 -13.40 -81.69 33.88
CA GLU GA 290 -13.30 -82.99 33.21
C GLU GA 290 -14.08 -84.06 33.96
N ALA GA 291 -14.05 -84.02 35.29
CA ALA GA 291 -14.80 -85.01 36.07
C ALA GA 291 -16.29 -84.91 35.82
N ALA GA 292 -16.81 -83.69 35.68
CA ALA GA 292 -18.23 -83.50 35.44
C ALA GA 292 -18.64 -84.08 34.08
N ILE GA 293 -17.84 -83.86 33.05
CA ILE GA 293 -18.22 -84.30 31.71
C ILE GA 293 -18.00 -85.80 31.54
N TRP GA 294 -17.12 -86.39 32.35
CA TRP GA 294 -16.94 -87.84 32.29
C TRP GA 294 -18.19 -88.57 32.74
N ASP GA 295 -18.87 -88.05 33.77
CA ASP GA 295 -20.11 -88.67 34.22
C ASP GA 295 -21.17 -88.62 33.12
N GLU GA 296 -21.26 -87.49 32.41
CA GLU GA 296 -22.24 -87.38 31.33
C GLU GA 296 -21.95 -88.36 30.21
N ILE GA 297 -20.67 -88.55 29.88
CA ILE GA 297 -20.30 -89.52 28.85
C ILE GA 297 -20.64 -90.93 29.30
N GLU GA 298 -20.31 -91.27 30.56
CA GLU GA 298 -20.62 -92.60 31.08
C GLU GA 298 -22.12 -92.84 31.12
N ALA GA 299 -22.89 -91.83 31.52
CA ALA GA 299 -24.34 -91.98 31.57
C ALA GA 299 -24.93 -92.17 30.18
N SER GA 300 -24.35 -91.54 29.16
CA SER GA 300 -24.86 -91.70 27.81
C SER GA 300 -24.75 -93.14 27.32
N LYS GA 301 -23.62 -93.79 27.60
CA LYS GA 301 -23.45 -95.18 27.21
C LYS GA 301 -24.46 -96.08 27.91
N ASN GA 302 -24.66 -95.86 29.22
CA ASN GA 302 -25.59 -96.69 29.98
C ASN GA 302 -27.03 -96.49 29.51
N SER GA 303 -27.42 -95.25 29.24
CA SER GA 303 -28.78 -94.96 28.81
C SER GA 303 -29.04 -95.48 27.40
N LEU HA 10 12.21 25.02 33.44
CA LEU HA 10 10.90 24.91 34.07
C LEU HA 10 10.14 23.71 33.51
N ARG HA 11 10.15 22.61 34.24
CA ARG HA 11 9.52 21.37 33.80
C ARG HA 11 8.05 21.38 34.20
N SER HA 12 7.17 21.42 33.21
CA SER HA 12 5.74 21.49 33.43
C SER HA 12 5.12 20.11 33.25
N ARG HA 13 4.43 19.64 34.28
CA ARG HA 13 3.79 18.33 34.25
C ARG HA 13 2.31 18.50 34.56
N VAL HA 14 1.49 17.66 33.94
CA VAL HA 14 0.05 17.68 34.17
C VAL HA 14 -0.25 16.95 35.46
N THR HA 15 -0.89 17.64 36.40
CA THR HA 15 -1.21 17.08 37.70
C THR HA 15 -2.66 16.68 37.85
N ASP HA 16 -3.58 17.32 37.12
CA ASP HA 16 -5.00 17.03 37.21
C ASP HA 16 -5.43 15.93 36.25
N ARG HA 17 -4.52 15.02 35.88
CA ARG HA 17 -4.85 13.96 34.95
C ARG HA 17 -5.92 13.03 35.51
N TYR HA 18 -6.07 12.97 36.83
CA TYR HA 18 -7.14 12.15 37.41
C TYR HA 18 -8.51 12.64 36.96
N TRP HA 19 -8.72 13.96 36.96
CA TRP HA 19 -9.98 14.52 36.50
C TRP HA 19 -10.11 14.51 34.98
N ARG HA 20 -8.98 14.43 34.25
CA ARG HA 20 -9.06 14.34 32.80
C ARG HA 20 -9.75 13.06 32.37
N VAL HA 21 -9.42 11.93 33.01
CA VAL HA 21 -10.03 10.66 32.64
C VAL HA 21 -11.36 10.43 33.34
N GLN HA 22 -11.65 11.14 34.43
CA GLN HA 22 -12.92 10.95 35.11
C GLN HA 22 -14.07 11.59 34.34
N GLU HA 23 -13.79 12.67 33.62
CA GLU HA 23 -14.83 13.28 32.78
C GLU HA 23 -15.25 12.36 31.64
N VAL HA 24 -14.41 11.38 31.28
CA VAL HA 24 -14.75 10.45 30.22
C VAL HA 24 -15.40 9.19 30.78
N LEU HA 25 -14.86 8.65 31.88
CA LEU HA 25 -15.37 7.40 32.43
C LEU HA 25 -16.73 7.57 33.11
N LYS HA 26 -17.09 8.78 33.50
CA LYS HA 26 -18.38 8.95 34.16
C LYS HA 26 -19.55 8.74 33.19
N HIS HA 27 -19.30 8.84 31.89
CA HIS HA 27 -20.32 8.53 30.88
C HIS HA 27 -20.27 7.08 30.42
N ALA HA 28 -19.31 6.29 30.91
CA ALA HA 28 -19.12 4.91 30.48
C ALA HA 28 -19.19 3.94 31.65
N ARG HA 29 -19.93 4.30 32.70
CA ARG HA 29 -20.03 3.44 33.86
C ARG HA 29 -20.96 2.24 33.64
N HIS HA 30 -21.87 2.33 32.67
CA HIS HA 30 -22.86 1.28 32.45
C HIS HA 30 -22.53 0.39 31.26
N PHE HA 31 -21.32 0.48 30.73
CA PHE HA 31 -20.94 -0.34 29.58
C PHE HA 31 -20.60 -1.75 30.04
N ARG HA 32 -20.48 -2.65 29.07
CA ARG HA 32 -20.17 -4.06 29.31
C ARG HA 32 -18.77 -4.36 28.83
N GLY HA 33 -18.01 -5.09 29.65
CA GLY HA 33 -16.68 -5.52 29.25
C GLY HA 33 -15.57 -4.67 29.82
N ARG HA 34 -14.51 -4.46 29.04
CA ARG HA 34 -13.38 -3.64 29.46
C ARG HA 34 -13.53 -2.18 29.08
N LYS HA 35 -14.65 -1.81 28.46
CA LYS HA 35 -14.85 -0.41 28.06
C LYS HA 35 -15.19 0.49 29.24
N ASN HA 36 -15.67 -0.07 30.36
CA ASN HA 36 -16.00 0.75 31.52
C ASN HA 36 -14.82 0.99 32.44
N ARG HA 37 -13.68 0.33 32.21
CA ARG HA 37 -12.50 0.51 33.03
C ARG HA 37 -11.35 1.14 32.27
N CYS HA 38 -10.93 0.56 31.15
CA CYS HA 38 -9.80 1.07 30.41
C CYS HA 38 -10.16 2.36 29.70
N TYR HA 39 -9.25 3.35 29.75
CA TYR HA 39 -9.54 4.65 29.16
C TYR HA 39 -9.49 4.60 27.64
N ARG HA 40 -8.52 3.87 27.07
CA ARG HA 40 -8.38 3.85 25.63
C ARG HA 40 -9.60 3.24 24.96
N LEU HA 41 -10.14 2.16 25.52
CA LEU HA 41 -11.34 1.54 24.98
C LEU HA 41 -12.61 2.32 25.31
N ALA HA 42 -12.58 3.14 26.36
CA ALA HA 42 -13.75 3.90 26.75
C ALA HA 42 -14.01 5.07 25.81
N VAL HA 43 -12.96 5.79 25.42
CA VAL HA 43 -13.13 6.99 24.61
C VAL HA 43 -13.77 6.65 23.27
N ARG HA 44 -13.30 5.58 22.63
CA ARG HA 44 -13.91 5.17 21.37
C ARG HA 44 -15.36 4.75 21.57
N ALA HA 45 -15.68 4.17 22.72
CA ALA HA 45 -17.06 3.81 23.01
C ALA HA 45 -17.89 5.03 23.38
N VAL HA 46 -17.32 5.96 24.16
CA VAL HA 46 -18.05 7.16 24.55
C VAL HA 46 -18.30 8.05 23.33
N THR HA 47 -17.30 8.22 22.48
CA THR HA 47 -17.47 9.04 21.28
C THR HA 47 -18.55 8.49 20.37
N ARG HA 48 -18.57 7.17 20.18
CA ARG HA 48 -19.64 6.56 19.40
C ARG HA 48 -20.98 6.63 20.13
N ALA HA 49 -20.96 6.68 21.46
CA ALA HA 49 -22.20 6.81 22.21
C ALA HA 49 -22.88 8.14 21.94
N PHE HA 50 -22.10 9.22 21.87
CA PHE HA 50 -22.68 10.53 21.63
C PHE HA 50 -23.17 10.69 20.20
N VAL HA 51 -22.45 10.10 19.24
CA VAL HA 51 -22.87 10.19 17.84
C VAL HA 51 -24.22 9.52 17.65
N LYS HA 52 -24.40 8.33 18.23
CA LYS HA 52 -25.68 7.65 18.13
C LYS HA 52 -26.79 8.41 18.85
N CYS HA 53 -26.42 9.22 19.85
CA CYS HA 53 -27.43 9.99 20.58
C CYS HA 53 -28.10 11.02 19.67
N THR HA 54 -27.30 11.74 18.88
CA THR HA 54 -27.87 12.79 18.04
C THR HA 54 -28.66 12.21 16.87
N ARG HA 55 -28.12 11.18 16.22
CA ARG HA 55 -28.81 10.58 15.08
C ARG HA 55 -30.13 9.97 15.50
N ALA HA 56 -30.17 9.31 16.66
CA ALA HA 56 -31.43 8.78 17.16
C ALA HA 56 -32.39 9.89 17.55
N ARG HA 57 -31.88 11.02 18.01
CA ARG HA 57 -32.74 12.15 18.34
C ARG HA 57 -33.45 12.67 17.10
N ARG HA 58 -32.77 12.68 15.95
CA ARG HA 58 -33.42 13.01 14.70
C ARG HA 58 -34.48 11.97 14.34
N LEU HA 59 -34.18 10.69 14.56
CA LEU HA 59 -35.11 9.62 14.26
C LEU HA 59 -36.21 9.48 15.29
N LYS HA 60 -36.06 10.10 16.47
CA LYS HA 60 -37.10 10.02 17.48
C LYS HA 60 -38.40 10.66 17.00
N LYS HA 61 -38.29 11.78 16.29
CA LYS HA 61 -39.48 12.43 15.76
C LYS HA 61 -40.12 11.58 14.65
N ARG HA 62 -39.30 10.96 13.80
CA ARG HA 62 -39.85 10.12 12.75
C ARG HA 62 -40.52 8.88 13.31
N SER HA 63 -39.89 8.22 14.29
CA SER HA 63 -40.45 6.99 14.84
C SER HA 63 -41.78 7.22 15.53
N LEU HA 64 -41.87 8.30 16.32
CA LEU HA 64 -43.13 8.59 17.00
C LEU HA 64 -44.23 8.96 16.02
N ARG HA 65 -43.88 9.66 14.93
CA ARG HA 65 -44.87 9.96 13.90
C ARG HA 65 -45.36 8.68 13.24
N THR HA 66 -44.46 7.73 13.00
CA THR HA 66 -44.88 6.44 12.44
C THR HA 66 -45.76 5.69 13.42
N LEU HA 67 -45.45 5.76 14.72
CA LEU HA 67 -46.25 5.07 15.72
C LEU HA 67 -47.68 5.63 15.77
N TRP HA 68 -47.81 6.95 15.67
CA TRP HA 68 -49.14 7.56 15.72
C TRP HA 68 -50.00 7.12 14.54
N ILE HA 69 -49.41 7.03 13.35
CA ILE HA 69 -50.16 6.64 12.16
C ILE HA 69 -50.70 5.22 12.30
N ASN HA 70 -49.89 4.33 12.89
CA ASN HA 70 -50.35 2.97 13.12
C ASN HA 70 -51.55 2.94 14.08
N ARG HA 71 -51.51 3.77 15.12
CA ARG HA 71 -52.63 3.84 16.05
C ARG HA 71 -53.86 4.46 15.38
N ILE HA 72 -53.66 5.50 14.57
CA ILE HA 72 -54.80 6.09 13.85
C ILE HA 72 -55.37 5.10 12.86
N THR HA 73 -54.52 4.38 12.13
CA THR HA 73 -55.01 3.38 11.20
C THR HA 73 -55.73 2.26 11.92
N ALA HA 74 -55.20 1.83 13.06
CA ALA HA 74 -55.85 0.76 13.83
C ALA HA 74 -57.21 1.20 14.34
N ALA HA 75 -57.31 2.43 14.84
CA ALA HA 75 -58.59 2.93 15.34
C ALA HA 75 -59.54 3.31 14.23
N SER HA 76 -59.03 3.57 13.02
CA SER HA 76 -59.92 3.89 11.90
C SER HA 76 -60.47 2.63 11.25
N GLN HA 77 -59.64 1.59 11.12
CA GLN HA 77 -60.12 0.32 10.60
C GLN HA 77 -61.18 -0.31 11.49
N GLU HA 78 -61.18 0.03 12.79
CA GLU HA 78 -62.19 -0.51 13.69
C GLU HA 78 -63.58 -0.01 13.33
N HIS HA 79 -63.68 1.16 12.70
CA HIS HA 79 -64.94 1.69 12.23
C HIS HA 79 -65.21 1.41 10.75
N GLY HA 80 -64.33 0.64 10.10
CA GLY HA 80 -64.53 0.31 8.71
C GLY HA 80 -64.10 1.37 7.72
N LEU HA 81 -63.17 2.24 8.12
CA LEU HA 81 -62.69 3.31 7.26
C LEU HA 81 -61.17 3.31 7.26
N LYS HA 82 -60.57 3.29 6.06
CA LYS HA 82 -59.13 3.23 5.94
C LYS HA 82 -58.50 4.55 6.37
N TYR HA 83 -57.20 4.49 6.68
CA TYR HA 83 -56.47 5.70 7.06
C TYR HA 83 -56.44 6.75 5.94
N PRO HA 84 -56.12 6.42 4.68
CA PRO HA 84 -56.12 7.47 3.66
C PRO HA 84 -57.46 8.18 3.51
N ALA HA 85 -58.57 7.44 3.64
CA ALA HA 85 -59.88 8.07 3.53
C ALA HA 85 -60.23 8.87 4.77
N PHE HA 86 -59.68 8.50 5.94
CA PHE HA 86 -60.01 9.19 7.17
C PHE HA 86 -59.31 10.54 7.27
N ILE HA 87 -58.15 10.70 6.63
CA ILE HA 87 -57.37 11.93 6.78
C ILE HA 87 -57.81 12.99 5.77
N ILE HA 88 -57.84 12.64 4.48
CA ILE HA 88 -58.15 13.65 3.47
C ILE HA 88 -59.59 14.13 3.62
N ASN HA 89 -60.50 13.25 3.99
CA ASN HA 89 -61.89 13.65 4.17
C ASN HA 89 -62.14 14.36 5.49
N LEU HA 90 -61.16 14.40 6.38
CA LEU HA 90 -61.23 15.22 7.58
C LEU HA 90 -60.65 16.61 7.34
N ILE HA 91 -59.62 16.71 6.50
CA ILE HA 91 -59.07 18.00 6.13
C ILE HA 91 -60.07 18.81 5.32
N LYS HA 92 -60.85 18.13 4.47
CA LYS HA 92 -61.87 18.83 3.69
C LYS HA 92 -62.94 19.46 4.55
N CYS HA 93 -63.03 19.06 5.82
CA CYS HA 93 -63.93 19.69 6.77
C CYS HA 93 -63.26 20.81 7.56
N GLN HA 94 -62.06 21.23 7.15
CA GLN HA 94 -61.32 22.30 7.80
C GLN HA 94 -61.10 22.01 9.29
N VAL HA 95 -60.77 20.76 9.60
CA VAL HA 95 -60.41 20.35 10.96
C VAL HA 95 -58.92 20.09 10.97
N GLU HA 96 -58.16 21.00 11.57
CA GLU HA 96 -56.69 20.93 11.56
C GLU HA 96 -56.22 20.31 12.86
N LEU HA 97 -56.28 18.99 12.92
CA LEU HA 97 -55.78 18.22 14.05
C LEU HA 97 -54.58 17.40 13.60
N ASN HA 98 -53.46 17.57 14.27
CA ASN HA 98 -52.27 16.80 13.91
C ASN HA 98 -52.44 15.34 14.34
N ARG HA 99 -51.54 14.50 13.83
CA ARG HA 99 -51.62 13.07 14.12
C ARG HA 99 -51.32 12.75 15.58
N LYS HA 100 -50.66 13.65 16.30
CA LYS HA 100 -50.38 13.40 17.71
C LYS HA 100 -51.65 13.35 18.53
N VAL HA 101 -52.51 14.36 18.38
CA VAL HA 101 -53.70 14.43 19.21
C VAL HA 101 -54.77 13.44 18.72
N LEU HA 102 -54.76 13.10 17.42
CA LEU HA 102 -55.70 12.11 16.92
C LEU HA 102 -55.42 10.73 17.53
N ALA HA 103 -54.14 10.40 17.71
CA ALA HA 103 -53.81 9.15 18.39
C ALA HA 103 -54.29 9.17 19.83
N ASP HA 104 -54.14 10.31 20.52
CA ASP HA 104 -54.60 10.43 21.89
C ASP HA 104 -56.12 10.34 21.98
N LEU HA 105 -56.83 10.96 21.04
CA LEU HA 105 -58.28 10.83 20.99
C LEU HA 105 -58.69 9.39 20.70
N ALA HA 106 -57.88 8.66 19.95
CA ALA HA 106 -58.22 7.27 19.63
C ALA HA 106 -58.22 6.40 20.86
N ILE HA 107 -57.26 6.61 21.77
CA ILE HA 107 -57.11 5.73 22.93
C ILE HA 107 -58.03 6.17 24.06
N TYR HA 108 -57.96 7.45 24.44
CA TYR HA 108 -58.66 7.93 25.62
C TYR HA 108 -60.03 8.53 25.33
N GLU HA 109 -60.43 8.65 24.07
CA GLU HA 109 -61.74 9.19 23.70
C GLU HA 109 -62.37 8.32 22.63
N PRO HA 110 -62.80 7.10 22.99
CA PRO HA 110 -63.42 6.22 21.98
C PRO HA 110 -64.68 6.81 21.36
N LYS HA 111 -65.47 7.55 22.13
CA LYS HA 111 -66.70 8.12 21.57
C LYS HA 111 -66.40 9.25 20.59
N THR HA 112 -65.51 10.17 20.99
CA THR HA 112 -65.22 11.32 20.13
C THR HA 112 -64.56 10.88 18.83
N PHE HA 113 -63.64 9.93 18.90
CA PHE HA 113 -62.99 9.45 17.69
C PHE HA 113 -63.99 8.80 16.74
N LYS HA 114 -65.07 8.25 17.26
CA LYS HA 114 -66.14 7.75 16.40
C LYS HA 114 -66.82 8.89 15.65
N SER HA 115 -67.06 10.01 16.34
CA SER HA 115 -67.68 11.15 15.67
C SER HA 115 -66.79 11.70 14.57
N LEU HA 116 -65.49 11.81 14.82
CA LEU HA 116 -64.57 12.22 13.77
C LEU HA 116 -64.55 11.22 12.63
N ALA HA 117 -64.56 9.93 12.96
CA ALA HA 117 -64.68 8.90 11.92
C ALA HA 117 -66.03 9.00 11.21
N ALA HA 118 -67.10 9.25 11.97
CA ALA HA 118 -68.41 9.44 11.35
C ALA HA 118 -68.43 10.69 10.48
N LEU HA 119 -67.75 11.75 10.91
CA LEU HA 119 -67.67 12.96 10.12
C LEU HA 119 -66.93 12.72 8.81
N ALA HA 120 -65.82 11.98 8.86
CA ALA HA 120 -65.05 11.71 7.65
C ALA HA 120 -65.83 10.87 6.66
N LYS HA 121 -66.57 9.87 7.14
CA LYS HA 121 -67.35 9.02 6.24
C LYS HA 121 -68.46 9.82 5.56
N ARG HA 122 -69.13 10.70 6.30
CA ARG HA 122 -70.18 11.52 5.70
C ARG HA 122 -69.60 12.47 4.66
N ARG HA 123 -68.47 13.09 4.96
CA ARG HA 123 -67.83 13.97 3.99
C ARG HA 123 -67.40 13.21 2.74
N ARG HA 124 -66.86 12.01 2.92
CA ARG HA 124 -66.43 11.21 1.78
C ARG HA 124 -67.60 10.82 0.89
N GLU HA 125 -68.72 10.42 1.50
CA GLU HA 125 -69.89 10.05 0.73
C GLU HA 125 -70.49 11.22 -0.03
N GLU HA 126 -70.24 12.45 0.42
CA GLU HA 126 -70.70 13.62 -0.31
C GLU HA 126 -69.82 13.90 -1.53
N GLY HA 127 -68.52 13.68 -1.40
CA GLY HA 127 -67.63 13.89 -2.54
C GLY HA 127 -67.97 13.01 -3.71
N PHE HA 128 -68.28 11.73 -3.44
CA PHE HA 128 -68.62 10.80 -4.50
C PHE HA 128 -69.93 11.20 -5.17
N ALA HA 129 -70.87 11.74 -4.41
CA ALA HA 129 -72.15 12.14 -4.99
C ALA HA 129 -71.97 13.27 -6.00
N ALA HA 130 -71.07 14.21 -5.71
CA ALA HA 130 -70.83 15.32 -6.63
C ALA HA 130 -70.25 14.81 -7.96
N ALA HA 131 -69.27 13.90 -7.88
CA ALA HA 131 -68.69 13.35 -9.09
C ALA HA 131 -69.71 12.55 -9.88
N LEU HA 132 -70.53 11.75 -9.17
CA LEU HA 132 -71.54 10.94 -9.85
C LEU HA 132 -72.56 11.79 -10.57
N GLY HA 133 -72.86 12.98 -10.04
CA GLY HA 133 -73.78 13.89 -10.68
C GLY HA 133 -73.16 14.64 -11.84
N ASP HA 134 -73.76 15.76 -12.24
CA ASP HA 134 -73.25 16.56 -13.34
C ASP HA 134 -72.12 17.50 -12.90
N GLY HA 135 -71.79 17.51 -11.61
CA GLY HA 135 -70.82 18.46 -11.09
C GLY HA 135 -71.40 19.82 -10.77
N LYS HA 136 -72.69 20.04 -11.05
CA LYS HA 136 -73.36 21.30 -10.76
C LYS HA 136 -74.19 21.22 -9.48
N GLU HA 137 -74.05 20.14 -8.73
CA GLU HA 137 -74.73 20.01 -7.44
C GLU HA 137 -74.16 21.04 -6.46
N PRO HA 138 -74.99 21.80 -5.77
CA PRO HA 138 -74.47 22.70 -4.73
C PRO HA 138 -73.67 21.92 -3.71
N ASP HA 139 -72.58 22.51 -3.24
CA ASP HA 139 -71.69 21.86 -2.29
C ASP HA 139 -72.48 21.26 -1.13
N GLY HA 140 -72.03 20.11 -0.65
CA GLY HA 140 -72.76 19.39 0.39
C GLY HA 140 -72.85 20.18 1.67
N ILE HA 141 -73.83 19.84 2.50
CA ILE HA 141 -74.08 20.56 3.74
C ILE HA 141 -72.87 20.56 4.64
N PHE HA 142 -72.03 19.52 4.54
CA PHE HA 142 -70.78 19.46 5.28
C PHE HA 142 -69.56 19.85 4.43
N SER HA 143 -69.72 19.98 3.12
CA SER HA 143 -68.60 20.28 2.24
C SER HA 143 -68.43 21.77 1.95
N ARG HA 144 -69.29 22.62 2.52
CA ARG HA 144 -69.20 24.04 2.27
C ARG HA 144 -67.96 24.63 2.92
N VAL HA 145 -67.22 25.42 2.16
CA VAL HA 145 -65.95 25.99 2.62
C VAL HA 145 -66.23 27.35 3.25
N VAL HA 146 -65.75 27.54 4.48
CA VAL HA 146 -65.91 28.79 5.21
C VAL HA 146 -64.54 29.45 5.28
N GLN HA 147 -64.41 30.62 4.66
CA GLN HA 147 -63.17 31.36 4.62
C GLN HA 147 -63.23 32.54 5.59
N HIS HA 148 -62.25 32.61 6.49
CA HIS HA 148 -62.18 33.68 7.49
C HIS HA 148 -61.39 34.84 6.91
N ARG HA 149 -62.02 36.00 6.84
CA ARG HA 149 -61.37 37.20 6.31
C ARG HA 149 -62.11 38.45 6.74
N VAL IA 55 -83.17 -7.46 -17.93
CA VAL IA 55 -82.08 -6.61 -17.48
C VAL IA 55 -80.86 -7.47 -17.13
N PRO IA 56 -79.73 -7.18 -17.76
CA PRO IA 56 -78.50 -7.94 -17.47
C PRO IA 56 -78.07 -7.76 -16.03
N LYS IA 57 -77.50 -8.82 -15.46
CA LYS IA 57 -77.11 -8.86 -14.06
C LYS IA 57 -75.70 -9.42 -13.92
N THR IA 58 -74.77 -8.92 -14.73
CA THR IA 58 -73.40 -9.40 -14.71
C THR IA 58 -72.69 -8.95 -13.43
N SER IA 59 -71.57 -9.62 -13.13
CA SER IA 59 -70.83 -9.32 -11.92
C SER IA 59 -70.27 -7.90 -11.95
N LEU IA 60 -69.75 -7.47 -13.09
CA LEU IA 60 -69.20 -6.14 -13.24
C LEU IA 60 -70.23 -5.12 -13.71
N GLY IA 61 -71.49 -5.52 -13.88
CA GLY IA 61 -72.50 -4.57 -14.33
C GLY IA 61 -72.75 -3.46 -13.33
N SER IA 62 -72.75 -3.78 -12.04
CA SER IA 62 -72.95 -2.81 -10.99
C SER IA 62 -71.69 -2.61 -10.17
N PRO IA 63 -71.42 -1.40 -9.69
CA PRO IA 63 -70.21 -1.16 -8.90
C PRO IA 63 -70.19 -2.01 -7.64
N PRO IA 64 -69.03 -2.52 -7.25
CA PRO IA 64 -68.97 -3.35 -6.04
C PRO IA 64 -69.34 -2.61 -4.76
N TRP IA 65 -69.03 -1.32 -4.66
CA TRP IA 65 -69.29 -0.60 -3.43
C TRP IA 65 -70.80 -0.41 -3.22
N PRO IA 66 -71.27 -0.45 -1.97
CA PRO IA 66 -72.70 -0.25 -1.72
C PRO IA 66 -73.14 1.14 -2.13
N ASP IA 67 -74.37 1.23 -2.64
CA ASP IA 67 -74.94 2.51 -3.03
C ASP IA 67 -75.25 3.35 -1.80
N ILE IA 68 -75.19 4.67 -1.97
CA ILE IA 68 -75.43 5.62 -0.89
C ILE IA 68 -76.52 6.59 -1.32
N VAL IA 69 -77.45 6.87 -0.40
CA VAL IA 69 -78.53 7.83 -0.63
C VAL IA 69 -78.47 8.82 0.53
N LEU IA 70 -77.92 10.01 0.27
CA LEU IA 70 -77.78 11.02 1.30
C LEU IA 70 -79.11 11.73 1.58
N PRO IA 71 -79.31 12.18 2.81
CA PRO IA 71 -80.59 12.80 3.17
C PRO IA 71 -80.81 14.13 2.44
N ASP IA 72 -82.09 14.48 2.29
CA ASP IA 72 -82.43 15.73 1.64
C ASP IA 72 -81.89 16.91 2.46
N PRO IA 73 -81.26 17.89 1.81
CA PRO IA 73 -80.73 19.04 2.57
C PRO IA 73 -81.79 19.83 3.29
N VAL IA 74 -83.02 19.87 2.76
CA VAL IA 74 -84.08 20.60 3.44
C VAL IA 74 -84.39 19.98 4.79
N GLU IA 75 -84.47 18.64 4.84
CA GLU IA 75 -84.65 17.97 6.12
C GLU IA 75 -83.36 17.95 6.92
N GLU IA 76 -82.21 17.91 6.25
CA GLU IA 76 -80.93 17.87 6.96
C GLU IA 76 -80.72 19.13 7.79
N THR IA 77 -81.04 20.30 7.22
CA THR IA 77 -80.90 21.54 7.98
C THR IA 77 -81.87 21.57 9.16
N ARG IA 78 -83.11 21.12 8.95
CA ARG IA 78 -84.09 21.10 10.04
C ARG IA 78 -83.64 20.19 11.17
N HIS IA 79 -83.10 19.02 10.83
CA HIS IA 79 -82.59 18.12 11.85
C HIS IA 79 -81.40 18.72 12.57
N HIS IA 80 -80.52 19.42 11.84
CA HIS IA 80 -79.36 20.03 12.47
C HIS IA 80 -79.76 21.08 13.49
N ALA IA 81 -80.87 21.79 13.24
CA ALA IA 81 -81.34 22.78 14.21
C ALA IA 81 -81.75 22.11 15.51
N GLU IA 82 -82.40 20.95 15.43
CA GLU IA 82 -82.81 20.24 16.64
C GLU IA 82 -81.62 19.78 17.47
N VAL IA 83 -80.59 19.24 16.80
CA VAL IA 83 -79.43 18.75 17.53
C VAL IA 83 -78.68 19.89 18.20
N VAL IA 84 -78.52 21.02 17.49
CA VAL IA 84 -77.85 22.17 18.08
C VAL IA 84 -78.65 22.69 19.27
N GLY IA 85 -79.98 22.78 19.13
CA GLY IA 85 -80.80 23.19 20.24
C GLY IA 85 -80.73 22.23 21.41
N GLN IA 86 -80.70 20.93 21.12
CA GLN IA 86 -80.60 19.93 22.19
C GLN IA 86 -79.29 20.04 22.94
N VAL IA 87 -78.18 20.21 22.22
CA VAL IA 87 -76.89 20.39 22.88
C VAL IA 87 -76.84 21.73 23.60
N ASN IA 88 -77.42 22.77 23.00
CA ASN IA 88 -77.45 24.07 23.65
C ASN IA 88 -78.25 24.04 24.94
N GLU IA 89 -79.36 23.29 24.94
CA GLU IA 89 -80.11 23.10 26.18
C GLU IA 89 -79.28 22.34 27.21
N LEU IA 90 -78.54 21.32 26.76
CA LEU IA 90 -77.73 20.54 27.68
C LEU IA 90 -76.60 21.37 28.29
N ILE IA 91 -75.97 22.22 27.50
CA ILE IA 91 -74.85 23.02 28.01
C ILE IA 91 -75.34 24.17 28.88
N ALA IA 92 -76.56 24.66 28.64
CA ALA IA 92 -77.07 25.78 29.42
C ALA IA 92 -77.51 25.36 30.82
N ALA IA 93 -77.94 24.11 30.98
CA ALA IA 93 -78.39 23.61 32.27
C ALA IA 93 -77.25 23.12 33.14
N GLY IA 94 -76.01 23.16 32.67
CA GLY IA 94 -74.89 22.68 33.44
C GLY IA 94 -74.93 21.19 33.71
N ARG IA 95 -75.31 20.41 32.70
CA ARG IA 95 -75.41 18.95 32.83
C ARG IA 95 -74.21 18.25 32.21
N TYR IA 96 -73.08 18.94 32.07
CA TYR IA 96 -71.87 18.35 31.54
C TYR IA 96 -70.90 18.04 32.68
N GLY IA 97 -70.11 16.99 32.50
CA GLY IA 97 -69.17 16.57 33.52
C GLY IA 97 -67.82 17.22 33.36
N ARG IA 98 -66.79 16.41 33.12
CA ARG IA 98 -65.44 16.92 32.92
C ARG IA 98 -65.25 17.29 31.46
N LEU IA 99 -64.47 18.35 31.22
CA LEU IA 99 -64.25 18.86 29.89
C LEU IA 99 -62.79 18.67 29.48
N PHE IA 100 -62.58 18.29 28.22
CA PHE IA 100 -61.26 18.24 27.62
C PHE IA 100 -61.24 19.11 26.39
N ALA IA 101 -60.06 19.64 26.06
CA ALA IA 101 -59.93 20.56 24.95
C ALA IA 101 -58.59 20.34 24.26
N VAL IA 102 -58.59 20.51 22.94
CA VAL IA 102 -57.39 20.46 22.12
C VAL IA 102 -57.00 21.89 21.80
N VAL IA 103 -55.93 22.38 22.43
CA VAL IA 103 -55.52 23.77 22.33
C VAL IA 103 -54.22 23.85 21.55
N HIS IA 104 -54.14 24.80 20.63
CA HIS IA 104 -52.92 25.09 19.89
C HIS IA 104 -52.13 26.15 20.64
N PHE IA 105 -50.88 25.84 20.99
CA PHE IA 105 -50.07 26.76 21.78
C PHE IA 105 -48.60 26.48 21.50
N ALA IA 106 -47.83 27.55 21.25
CA ALA IA 106 -46.39 27.46 21.04
C ALA IA 106 -46.04 26.53 19.88
N GLY IA 107 -46.89 26.52 18.86
CA GLY IA 107 -46.64 25.71 17.67
C GLY IA 107 -47.00 24.26 17.79
N HIS IA 108 -47.53 23.81 18.93
CA HIS IA 108 -47.89 22.42 19.14
C HIS IA 108 -49.34 22.33 19.57
N GLN IA 109 -49.95 21.18 19.34
CA GLN IA 109 -51.32 20.92 19.71
C GLN IA 109 -51.34 19.96 20.90
N TRP IA 110 -51.95 20.40 21.99
CA TRP IA 110 -52.02 19.63 23.22
C TRP IA 110 -53.45 19.21 23.51
N LYS IA 111 -53.62 17.96 23.96
CA LYS IA 111 -54.91 17.48 24.43
C LYS IA 111 -54.95 17.76 25.93
N VAL IA 112 -55.74 18.75 26.32
CA VAL IA 112 -55.66 19.33 27.66
C VAL IA 112 -57.01 19.21 28.34
N THR IA 113 -57.02 18.70 29.56
CA THR IA 113 -58.15 18.74 30.47
C THR IA 113 -57.77 19.50 31.74
N ALA IA 114 -58.75 19.69 32.61
CA ALA IA 114 -58.52 20.49 33.81
C ALA IA 114 -57.51 19.81 34.74
N GLU IA 115 -56.74 20.64 35.44
CA GLU IA 115 -55.78 20.19 36.45
C GLU IA 115 -54.69 19.33 35.86
N ASP IA 116 -54.06 19.81 34.79
CA ASP IA 116 -52.98 19.12 34.11
C ASP IA 116 -51.73 20.02 34.07
N LEU IA 117 -50.65 19.46 33.52
CA LEU IA 117 -49.40 20.18 33.32
C LEU IA 117 -48.93 19.98 31.90
N ILE IA 118 -48.34 21.02 31.32
CA ILE IA 118 -47.74 20.95 30.00
C ILE IA 118 -46.38 21.63 30.05
N LEU IA 119 -45.40 21.02 29.39
CA LEU IA 119 -44.04 21.55 29.36
C LEU IA 119 -43.83 22.27 28.02
N ILE IA 120 -43.57 23.57 28.10
CA ILE IA 120 -43.34 24.39 26.92
C ILE IA 120 -41.84 24.53 26.70
N GLU IA 121 -41.40 24.21 25.48
CA GLU IA 121 -39.97 24.15 25.19
C GLU IA 121 -39.36 25.53 24.92
N ASN IA 122 -40.16 26.57 24.80
CA ASN IA 122 -39.65 27.90 24.53
C ASN IA 122 -39.96 28.84 25.69
N GLU IA 123 -39.06 29.78 25.93
CA GLU IA 123 -39.22 30.74 27.02
C GLU IA 123 -40.39 31.67 26.74
N LEU IA 124 -41.16 31.97 27.80
CA LEU IA 124 -42.27 32.90 27.72
C LEU IA 124 -42.00 34.13 28.57
N ASP IA 125 -42.50 35.27 28.12
CA ASP IA 125 -42.34 36.53 28.84
C ASP IA 125 -43.51 36.74 29.81
N VAL IA 126 -43.71 35.75 30.67
CA VAL IA 126 -44.76 35.76 31.68
C VAL IA 126 -44.13 35.51 33.04
N ALA IA 127 -44.46 36.36 34.01
CA ALA IA 127 -43.95 36.16 35.36
C ALA IA 127 -44.61 34.94 36.00
N CYS IA 128 -43.90 34.35 36.95
CA CYS IA 128 -44.42 33.16 37.62
C CYS IA 128 -45.67 33.50 38.42
N GLY IA 129 -46.64 32.59 38.38
CA GLY IA 129 -47.88 32.77 39.10
C GLY IA 129 -48.95 33.54 38.34
N GLU IA 130 -48.63 34.10 37.19
CA GLU IA 130 -49.62 34.83 36.40
C GLU IA 130 -50.60 33.86 35.76
N ARG IA 131 -51.84 34.32 35.61
CA ARG IA 131 -52.90 33.54 34.98
C ARG IA 131 -53.11 34.05 33.57
N ILE IA 132 -52.99 33.16 32.59
CA ILE IA 132 -53.09 33.51 31.18
C ILE IA 132 -54.26 32.74 30.56
N ARG IA 133 -54.73 33.26 29.44
CA ARG IA 133 -55.89 32.70 28.73
C ARG IA 133 -55.46 32.27 27.34
N LEU IA 134 -55.97 31.10 26.92
CA LEU IA 134 -55.68 30.55 25.61
C LEU IA 134 -56.97 30.48 24.81
N GLU IA 135 -56.91 30.99 23.57
CA GLU IA 135 -58.10 31.06 22.73
C GLU IA 135 -58.03 30.19 21.47
N LYS IA 136 -56.88 29.61 21.16
CA LYS IA 136 -56.77 28.69 20.02
C LYS IA 136 -57.20 27.29 20.46
N VAL IA 137 -58.51 27.15 20.66
CA VAL IA 137 -59.10 25.89 21.10
C VAL IA 137 -59.67 25.20 19.87
N LEU IA 138 -58.94 24.21 19.36
CA LEU IA 138 -59.39 23.49 18.17
C LEU IA 138 -60.61 22.63 18.48
N LEU IA 139 -60.63 22.00 19.65
CA LEU IA 139 -61.65 21.02 19.99
C LEU IA 139 -62.06 21.20 21.44
N VAL IA 140 -63.34 20.92 21.72
CA VAL IA 140 -63.84 20.82 23.08
C VAL IA 140 -64.94 19.78 23.10
N GLY IA 141 -65.04 19.05 24.20
CA GLY IA 141 -66.03 17.99 24.30
C GLY IA 141 -66.13 17.45 25.71
N ALA IA 142 -67.17 16.66 25.92
CA ALA IA 142 -67.44 16.05 27.22
C ALA IA 142 -67.93 14.62 26.96
N ASP IA 143 -68.62 14.05 27.94
CA ASP IA 143 -69.10 12.69 27.80
C ASP IA 143 -70.18 12.59 26.72
N ASN IA 144 -71.09 13.57 26.67
CA ASN IA 144 -72.27 13.47 25.82
C ASN IA 144 -72.27 14.40 24.62
N PHE IA 145 -71.28 15.28 24.49
CA PHE IA 145 -71.23 16.17 23.33
C PHE IA 145 -69.78 16.53 23.02
N THR IA 146 -69.57 17.00 21.80
CA THR IA 146 -68.24 17.41 21.34
C THR IA 146 -68.42 18.48 20.28
N LEU IA 147 -67.65 19.57 20.38
CA LEU IA 147 -67.75 20.69 19.48
C LEU IA 147 -66.48 20.80 18.64
N LEU IA 148 -66.64 20.87 17.32
CA LEU IA 148 -65.54 20.98 16.39
C LEU IA 148 -65.41 22.40 15.87
N GLY IA 149 -64.18 22.80 15.57
CA GLY IA 149 -63.91 24.11 15.02
C GLY IA 149 -63.59 24.07 13.55
N LYS IA 150 -63.70 25.21 12.88
CA LYS IA 150 -63.39 25.31 11.44
C LYS IA 150 -62.51 26.53 11.18
N PRO IA 151 -61.21 26.45 11.52
CA PRO IA 151 -60.54 25.40 12.28
C PRO IA 151 -60.42 25.77 13.76
N LEU IA 152 -61.03 26.88 14.16
CA LEU IA 152 -60.90 27.39 15.52
C LEU IA 152 -62.28 27.67 16.10
N LEU IA 153 -62.38 27.55 17.41
CA LEU IA 153 -63.60 27.90 18.13
C LEU IA 153 -63.53 29.36 18.58
N GLY IA 154 -64.68 30.03 18.54
CA GLY IA 154 -64.72 31.43 18.91
C GLY IA 154 -64.38 31.64 20.38
N LYS IA 155 -63.82 32.81 20.67
CA LYS IA 155 -63.44 33.13 22.04
C LYS IA 155 -64.65 33.28 22.96
N GLU IA 156 -65.83 33.56 22.39
CA GLU IA 156 -67.03 33.71 23.20
C GLU IA 156 -67.69 32.38 23.54
N LEU IA 157 -67.18 31.27 23.03
CA LEU IA 157 -67.79 29.96 23.26
C LEU IA 157 -67.09 29.15 24.34
N VAL IA 158 -65.76 29.12 24.33
CA VAL IA 158 -64.99 28.35 25.30
C VAL IA 158 -63.85 29.23 25.82
N ARG IA 159 -63.67 29.25 27.14
CA ARG IA 159 -62.61 30.00 27.79
C ARG IA 159 -61.70 29.04 28.52
N VAL IA 160 -60.40 29.11 28.24
CA VAL IA 160 -59.40 28.25 28.87
C VAL IA 160 -58.35 29.14 29.53
N GLU IA 161 -58.06 28.85 30.80
CA GLU IA 161 -57.10 29.63 31.58
C GLU IA 161 -56.03 28.70 32.13
N ALA IA 162 -54.78 29.16 32.11
CA ALA IA 162 -53.65 28.41 32.62
C ALA IA 162 -52.77 29.30 33.49
N THR IA 163 -52.07 28.66 34.42
CA THR IA 163 -51.22 29.36 35.38
C THR IA 163 -49.78 28.89 35.22
N VAL IA 164 -48.86 29.84 35.06
CA VAL IA 164 -47.45 29.51 34.95
C VAL IA 164 -46.91 29.11 36.30
N ILE IA 165 -46.14 28.02 36.34
CA ILE IA 165 -45.55 27.51 37.58
C ILE IA 165 -44.05 27.71 37.59
N GLU IA 166 -43.34 27.11 36.64
CA GLU IA 166 -41.89 27.02 36.67
C GLU IA 166 -41.30 27.54 35.37
N LYS IA 167 -40.28 28.38 35.48
CA LYS IA 167 -39.51 28.87 34.34
C LYS IA 167 -38.09 28.37 34.53
N THR IA 168 -37.77 27.22 33.94
CA THR IA 168 -36.50 26.55 34.22
C THR IA 168 -35.71 26.28 32.96
N GLU IA 169 -34.62 25.53 33.10
CA GLU IA 169 -33.76 25.17 31.99
C GLU IA 169 -33.71 23.65 31.84
N SER IA 170 -33.62 23.20 30.59
CA SER IA 170 -33.63 21.78 30.31
C SER IA 170 -32.32 21.13 30.74
N TRP IA 171 -32.35 19.80 30.85
CA TRP IA 171 -31.16 19.06 31.19
C TRP IA 171 -30.15 19.13 30.04
N PRO IA 172 -28.85 18.99 30.34
CA PRO IA 172 -27.85 19.13 29.28
C PRO IA 172 -27.98 18.08 28.19
N LYS IA 173 -28.33 18.51 26.98
CA LYS IA 173 -28.43 17.64 25.83
C LYS IA 173 -27.17 17.75 24.98
N ILE IA 174 -26.68 16.62 24.50
CA ILE IA 174 -25.39 16.53 23.82
C ILE IA 174 -25.63 16.39 22.33
N ASN IA 175 -24.94 17.21 21.54
CA ASN IA 175 -25.00 17.16 20.09
C ASN IA 175 -23.57 17.05 19.58
N MET IA 176 -23.22 15.90 18.99
CA MET IA 176 -21.87 15.63 18.52
C MET IA 176 -21.91 15.11 17.09
N LYS IA 177 -20.99 15.60 16.26
CA LYS IA 177 -20.85 15.17 14.88
C LYS IA 177 -19.44 14.61 14.68
N PHE IA 178 -19.36 13.46 14.03
CA PHE IA 178 -18.10 12.76 13.85
C PHE IA 178 -18.02 12.18 12.45
N GLN IA 179 -16.86 12.30 11.82
CA GLN IA 179 -16.61 11.73 10.50
C GLN IA 179 -15.38 10.84 10.56
N LYS IA 180 -15.45 9.70 9.87
CA LYS IA 180 -14.39 8.71 9.96
C LYS IA 180 -13.11 9.20 9.31
N ARG IA 181 -11.98 8.90 9.97
CA ARG IA 181 -10.62 9.11 9.47
C ARG IA 181 -10.41 10.46 8.79
N LYS IA 182 -11.09 11.49 9.28
CA LYS IA 182 -10.85 12.85 8.81
C LYS IA 182 -10.53 13.81 9.95
N ASN IA 183 -10.49 13.32 11.18
CA ASN IA 183 -10.16 14.13 12.36
C ASN IA 183 -11.10 15.33 12.46
N TYR IA 184 -12.39 15.04 12.61
CA TYR IA 184 -13.42 16.06 12.75
C TYR IA 184 -14.39 15.64 13.86
N GLN IA 185 -14.30 16.29 15.01
CA GLN IA 185 -15.22 16.09 16.11
C GLN IA 185 -15.72 17.44 16.60
N ARG IA 186 -17.03 17.58 16.74
CA ARG IA 186 -17.64 18.80 17.24
C ARG IA 186 -18.60 18.43 18.36
N LYS IA 187 -18.33 18.91 19.57
CA LYS IA 187 -19.16 18.63 20.73
C LYS IA 187 -19.71 19.93 21.28
N ARG IA 188 -21.03 20.01 21.40
CA ARG IA 188 -21.68 21.17 21.98
C ARG IA 188 -22.85 20.71 22.84
N ILE IA 189 -23.10 21.44 23.92
CA ILE IA 189 -24.15 21.12 24.88
C ILE IA 189 -25.22 22.18 24.78
N THR IA 190 -26.47 21.74 24.65
CA THR IA 190 -27.61 22.64 24.49
C THR IA 190 -28.42 22.66 25.78
N VAL IA 191 -28.71 23.86 26.27
CA VAL IA 191 -29.55 24.06 27.45
C VAL IA 191 -30.73 24.90 27.00
N ASN IA 192 -31.86 24.26 26.76
CA ASN IA 192 -33.04 24.95 26.24
C ASN IA 192 -33.89 25.44 27.40
N PRO IA 193 -34.17 26.74 27.52
CA PRO IA 193 -35.08 27.22 28.56
C PRO IA 193 -36.47 26.63 28.37
N GLN IA 194 -37.12 26.31 29.48
CA GLN IA 194 -38.43 25.64 29.46
C GLN IA 194 -39.38 26.35 30.42
N THR IA 195 -40.68 26.14 30.18
CA THR IA 195 -41.72 26.72 31.01
C THR IA 195 -42.78 25.66 31.27
N VAL IA 196 -43.21 25.56 32.53
CA VAL IA 196 -44.23 24.60 32.95
C VAL IA 196 -45.52 25.34 33.24
N LEU IA 197 -46.61 24.89 32.64
CA LEU IA 197 -47.92 25.54 32.78
C LEU IA 197 -48.89 24.61 33.50
N ARG IA 198 -49.72 25.20 34.35
CA ARG IA 198 -50.82 24.48 35.00
C ARG IA 198 -52.14 25.00 34.42
N ILE IA 199 -52.92 24.11 33.83
CA ILE IA 199 -54.24 24.46 33.31
C ILE IA 199 -55.26 24.27 34.42
N ASN IA 200 -55.98 25.35 34.76
CA ASN IA 200 -56.85 25.36 35.92
C ASN IA 200 -58.29 24.98 35.58
N SER IA 201 -58.92 25.71 34.66
CA SER IA 201 -60.34 25.51 34.39
C SER IA 201 -60.60 25.65 32.90
N ILE IA 202 -61.59 24.90 32.42
CA ILE IA 202 -62.11 25.02 31.06
C ILE IA 202 -63.61 25.22 31.16
N GLU IA 203 -64.10 26.32 30.60
CA GLU IA 203 -65.51 26.69 30.69
C GLU IA 203 -66.10 26.79 29.29
N ILE IA 204 -67.36 26.40 29.17
CA ILE IA 204 -68.10 26.48 27.91
C ILE IA 204 -69.28 27.44 28.11
N ALA IA 205 -69.34 28.47 27.27
CA ALA IA 205 -70.47 29.38 27.31
C ALA IA 205 -71.70 28.72 26.66
N PRO IA 206 -72.90 29.08 27.11
CA PRO IA 206 -74.10 28.46 26.54
C PRO IA 206 -74.62 29.18 25.31
N CYS IA 207 -73.79 30.03 24.70
CA CYS IA 207 -74.18 30.73 23.48
C CYS IA 207 -73.74 29.90 22.27
N LEU IA 208 -74.71 29.41 21.52
CA LEU IA 208 -74.43 28.54 20.38
C LEU IA 208 -75.57 28.65 19.39
N CYS IA 209 -75.29 29.13 18.20
CA CYS IA 209 -76.32 29.32 17.18
C CYS IA 209 -76.88 27.98 16.71
N ALA JA 59 -52.35 15.22 4.84
CA ALA JA 59 -51.72 15.96 3.75
C ALA JA 59 -52.75 16.79 3.00
N GLY JA 60 -53.07 16.37 1.78
CA GLY JA 60 -54.06 17.06 0.98
C GLY JA 60 -53.74 18.49 0.66
N SER JA 61 -52.47 18.78 0.32
CA SER JA 61 -52.09 20.15 0.00
C SER JA 61 -52.71 20.63 -1.31
N GLN JA 62 -52.99 19.70 -2.24
CA GLN JA 62 -53.59 20.10 -3.51
C GLN JA 62 -55.00 20.64 -3.29
N TRP JA 63 -55.76 20.05 -2.36
CA TRP JA 63 -57.09 20.57 -2.07
C TRP JA 63 -57.02 21.97 -1.47
N ARG JA 64 -56.07 22.21 -0.56
CA ARG JA 64 -55.98 23.53 0.07
C ARG JA 64 -55.60 24.59 -0.94
N LEU JA 65 -54.68 24.29 -1.86
CA LEU JA 65 -54.33 25.25 -2.90
C LEU JA 65 -55.52 25.56 -3.79
N GLN JA 66 -56.38 24.57 -4.04
CA GLN JA 66 -57.55 24.81 -4.87
C GLN JA 66 -58.51 25.78 -4.19
N GLN JA 67 -58.63 25.70 -2.87
CA GLN JA 67 -59.57 26.53 -2.13
C GLN JA 67 -59.01 27.91 -1.80
N GLY JA 68 -57.75 28.18 -2.11
CA GLY JA 68 -57.15 29.46 -1.85
C GLY JA 68 -56.27 29.52 -0.62
N PHE JA 69 -56.36 28.52 0.27
CA PHE JA 69 -55.53 28.51 1.45
C PHE JA 69 -54.10 28.12 1.08
N ALA JA 70 -53.20 28.22 2.06
CA ALA JA 70 -51.83 27.81 1.85
C ALA JA 70 -51.72 26.29 1.78
N ALA JA 71 -50.68 25.81 1.09
CA ALA JA 71 -50.45 24.37 1.03
C ALA JA 71 -50.16 23.81 2.40
N ASN JA 72 -49.35 24.50 3.18
CA ASN JA 72 -49.04 24.13 4.56
C ASN JA 72 -49.99 24.86 5.52
N PRO JA 73 -50.66 24.14 6.43
CA PRO JA 73 -51.59 24.82 7.35
C PRO JA 73 -50.94 25.88 8.22
N SER JA 74 -49.61 25.95 8.24
CA SER JA 74 -48.90 26.99 8.99
C SER JA 74 -48.69 28.26 8.17
N GLY JA 75 -49.20 28.32 6.94
CA GLY JA 75 -48.98 29.47 6.08
C GLY JA 75 -50.08 30.51 6.12
N TYR JA 76 -49.79 31.65 6.77
CA TYR JA 76 -50.66 32.83 6.81
C TYR JA 76 -52.11 32.50 7.14
N GLY JA 77 -52.37 31.38 7.78
CA GLY JA 77 -53.72 31.03 8.16
C GLY JA 77 -54.13 31.73 9.44
N PRO JA 78 -55.43 31.66 9.74
CA PRO JA 78 -55.91 32.19 11.03
C PRO JA 78 -55.34 31.44 12.22
N LEU JA 79 -54.84 30.23 12.02
CA LEU JA 79 -54.27 29.44 13.11
C LEU JA 79 -52.89 29.94 13.52
N THR JA 80 -52.23 30.74 12.69
CA THR JA 80 -50.88 31.22 12.96
C THR JA 80 -50.81 32.71 13.31
N GLU JA 81 -51.54 33.55 12.56
CA GLU JA 81 -51.44 34.99 12.78
C GLU JA 81 -51.95 35.40 14.15
N LEU JA 82 -53.05 34.79 14.60
CA LEU JA 82 -53.67 35.21 15.84
C LEU JA 82 -52.76 34.93 17.04
N PRO JA 83 -52.86 35.73 18.09
CA PRO JA 83 -52.04 35.47 19.29
C PRO JA 83 -52.52 34.23 20.02
N ASP JA 84 -51.57 33.39 20.45
CA ASP JA 84 -51.91 32.12 21.08
C ASP JA 84 -52.23 32.25 22.56
N TRP JA 85 -51.77 33.31 23.23
CA TRP JA 85 -52.06 33.47 24.64
C TRP JA 85 -52.29 34.94 24.95
N SER JA 86 -53.04 35.19 26.03
CA SER JA 86 -53.30 36.54 26.51
C SER JA 86 -53.54 36.48 28.01
N TYR JA 87 -53.36 37.63 28.66
CA TYR JA 87 -53.57 37.71 30.09
C TYR JA 87 -55.03 37.46 30.45
N ALA JA 88 -55.25 36.95 31.66
CA ALA JA 88 -56.62 36.62 32.08
C ALA JA 88 -57.49 37.86 32.21
N ASP JA 89 -56.93 38.95 32.74
CA ASP JA 89 -57.72 40.17 32.95
C ASP JA 89 -58.21 40.74 31.62
N GLY JA 90 -57.44 40.59 30.56
CA GLY JA 90 -57.85 40.96 29.22
C GLY JA 90 -56.88 41.85 28.48
N ARG JA 91 -55.84 42.35 29.12
CA ARG JA 91 -54.88 43.20 28.42
C ARG JA 91 -54.07 42.36 27.44
N PRO JA 92 -53.76 42.90 26.26
CA PRO JA 92 -53.08 42.09 25.23
C PRO JA 92 -51.69 41.65 25.66
N ALA JA 93 -51.30 40.48 25.18
CA ALA JA 93 -49.97 39.94 25.41
C ALA JA 93 -48.96 40.56 24.47
N PRO JA 94 -47.68 40.56 24.83
CA PRO JA 94 -46.66 41.07 23.91
C PRO JA 94 -46.62 40.24 22.65
N PRO JA 95 -46.35 40.87 21.51
CA PRO JA 95 -46.40 40.15 20.24
C PRO JA 95 -45.30 39.10 20.14
N MET JA 96 -45.57 38.08 19.33
CA MET JA 96 -44.61 37.01 19.12
C MET JA 96 -43.41 37.51 18.34
N LYS JA 97 -42.26 36.89 18.57
CA LYS JA 97 -41.08 37.20 17.77
C LYS JA 97 -41.28 36.78 16.33
N GLY JA 98 -41.90 35.62 16.11
CA GLY JA 98 -42.11 35.15 14.74
C GLY JA 98 -43.07 36.01 13.95
N GLN JA 99 -44.18 36.43 14.59
CA GLN JA 99 -45.18 37.22 13.89
C GLN JA 99 -44.61 38.58 13.46
N LEU JA 100 -43.82 39.21 14.32
CA LEU JA 100 -43.22 40.50 13.97
C LEU JA 100 -42.26 40.34 12.78
N ARG JA 101 -41.47 39.27 12.78
CA ARG JA 101 -40.56 39.03 11.66
C ARG JA 101 -41.33 38.76 10.38
N ARG JA 102 -42.42 38.01 10.47
CA ARG JA 102 -43.21 37.70 9.28
C ARG JA 102 -43.91 38.91 8.71
N LYS JA 103 -44.23 39.91 9.54
CA LYS JA 103 -44.84 41.14 9.06
C LYS JA 103 -43.82 42.14 8.55
N ALA JA 104 -42.52 41.85 8.69
CA ALA JA 104 -41.48 42.73 8.17
C ALA JA 104 -41.09 42.34 6.75
N GLN JA 105 -41.08 41.04 6.44
CA GLN JA 105 -40.80 40.61 5.07
C GLN JA 105 -41.98 40.84 4.14
N ARG JA 106 -43.21 40.78 4.67
CA ARG JA 106 -44.38 41.12 3.86
C ARG JA 106 -44.38 42.59 3.49
N GLU JA 107 -44.07 43.46 4.45
CA GLU JA 107 -44.01 44.89 4.16
C GLU JA 107 -42.88 45.19 3.17
N LYS JA 108 -41.73 44.51 3.33
CA LYS JA 108 -40.64 44.67 2.39
C LYS JA 108 -41.04 44.19 0.99
N PHE JA 109 -41.78 43.07 0.93
CA PHE JA 109 -42.24 42.57 -0.36
C PHE JA 109 -43.20 43.54 -1.03
N ALA JA 110 -44.10 44.14 -0.26
CA ALA JA 110 -45.07 45.06 -0.84
C ALA JA 110 -44.39 46.29 -1.43
N ARG JA 111 -43.38 46.82 -0.74
CA ARG JA 111 -42.66 47.98 -1.27
C ARG JA 111 -41.96 47.64 -2.57
N ARG JA 112 -41.43 46.41 -2.69
CA ARG JA 112 -40.79 46.01 -3.93
C ARG JA 112 -41.78 45.96 -5.08
N VAL JA 113 -43.00 45.51 -4.81
CA VAL JA 113 -44.03 45.46 -5.86
C VAL JA 113 -44.36 46.88 -6.33
N VAL JA 114 -44.51 47.82 -5.39
CA VAL JA 114 -44.81 49.19 -5.77
C VAL JA 114 -43.64 49.79 -6.54
N LEU JA 115 -42.41 49.56 -6.09
CA LEU JA 115 -41.24 50.09 -6.80
C LEU JA 115 -41.13 49.51 -8.20
N LEU JA 116 -41.35 48.20 -8.35
CA LEU JA 116 -41.24 47.58 -9.66
C LEU JA 116 -42.36 48.05 -10.58
N SER JA 117 -43.57 48.24 -10.03
CA SER JA 117 -44.68 48.68 -10.85
C SER JA 117 -44.48 50.10 -11.36
N GLN JA 118 -43.88 50.96 -10.53
CA GLN JA 118 -43.69 52.35 -10.94
C GLN JA 118 -42.57 52.49 -11.96
N GLU JA 119 -41.48 51.73 -11.80
CA GLU JA 119 -40.37 51.84 -12.75
C GLU JA 119 -40.80 51.41 -14.14
N MET JA 120 -41.56 50.33 -14.25
CA MET JA 120 -42.06 49.90 -15.56
C MET JA 120 -42.98 50.96 -16.17
N ASP JA 121 -43.87 51.53 -15.36
CA ASP JA 121 -44.75 52.58 -15.85
C ASP JA 121 -43.97 53.84 -16.23
N ALA JA 122 -42.99 54.22 -15.40
CA ALA JA 122 -42.18 55.40 -15.70
C ALA JA 122 -41.34 55.18 -16.95
N GLY JA 123 -40.80 53.98 -17.12
CA GLY JA 123 -40.03 53.68 -18.33
C GLY JA 123 -40.88 53.74 -19.58
N LEU JA 124 -42.13 53.27 -19.48
CA LEU JA 124 -43.04 53.34 -20.62
C LEU JA 124 -43.35 54.78 -21.00
N GLN JA 125 -43.51 55.66 -20.01
CA GLN JA 125 -43.79 57.06 -20.30
C GLN JA 125 -42.63 57.71 -21.04
N ALA JA 126 -41.40 57.36 -20.68
CA ALA JA 126 -40.24 57.95 -21.33
C ALA JA 126 -40.19 57.60 -22.82
N TRP JA 127 -40.52 56.36 -23.15
CA TRP JA 127 -40.51 55.94 -24.56
C TRP JA 127 -41.55 56.73 -25.36
N GLN JA 128 -42.74 56.93 -24.79
CA GLN JA 128 -43.77 57.70 -25.50
C GLN JA 128 -43.31 59.14 -25.73
N LEU JA 129 -42.63 59.73 -24.75
CA LEU JA 129 -42.13 61.08 -24.92
C LEU JA 129 -41.11 61.17 -26.05
N ARG JA 130 -40.21 60.19 -26.14
CA ARG JA 130 -39.21 60.20 -27.20
C ARG JA 130 -39.86 60.05 -28.58
N GLN JA 131 -40.90 59.21 -28.69
CA GLN JA 131 -41.59 59.05 -29.95
C GLN JA 131 -42.24 60.36 -30.40
N GLN JA 132 -42.91 61.06 -29.47
CA GLN JA 132 -43.46 62.36 -29.79
C GLN JA 132 -42.36 63.37 -30.09
N GLU JA 133 -41.27 63.33 -29.31
CA GLU JA 133 -40.17 64.25 -29.54
C GLU JA 133 -39.54 64.04 -30.90
N LYS JA 134 -39.38 62.78 -31.31
CA LYS JA 134 -38.81 62.49 -32.62
C LYS JA 134 -39.69 63.02 -33.74
N LEU JA 135 -41.01 62.87 -33.61
CA LEU JA 135 -41.93 63.38 -34.63
C LEU JA 135 -41.98 64.90 -34.63
N GLN JA 136 -41.99 65.51 -33.45
CA GLN JA 136 -42.02 66.97 -33.39
C GLN JA 136 -40.73 67.57 -33.94
N GLU JA 137 -39.60 66.88 -33.76
CA GLU JA 137 -38.35 67.36 -34.35
C GLU JA 137 -38.37 67.23 -35.87
N GLU JA 138 -39.03 66.19 -36.39
CA GLU JA 138 -39.09 66.01 -37.84
C GLU JA 138 -39.87 67.15 -38.50
N GLU JA 139 -41.01 67.53 -37.92
CA GLU JA 139 -41.79 68.63 -38.49
C GLU JA 139 -41.08 69.97 -38.32
N GLY JA 140 -40.18 70.08 -37.35
CA GLY JA 140 -39.41 71.30 -37.21
C GLY JA 140 -38.49 71.56 -38.40
N LYS JA 141 -37.84 70.50 -38.89
CA LYS JA 141 -36.95 70.64 -40.04
C LYS JA 141 -37.73 71.07 -41.28
N GLN JA 142 -38.94 70.52 -41.46
CA GLN JA 142 -39.75 70.90 -42.61
C GLN JA 142 -40.16 72.37 -42.53
N LYS JA 143 -40.47 72.86 -41.34
CA LYS JA 143 -40.91 74.23 -41.14
C LYS JA 143 -39.77 75.18 -40.80
N ASN JA 144 -38.53 74.82 -41.13
CA ASN JA 144 -37.38 75.65 -40.85
C ASN JA 144 -36.51 75.94 -42.08
N ALA JA 145 -36.62 75.15 -43.14
CA ALA JA 145 -35.79 75.35 -44.33
C ALA JA 145 -36.31 76.52 -45.14
N LEU JA 146 -35.74 76.71 -46.32
CA LEU JA 146 -36.08 77.83 -47.19
C LEU JA 146 -37.01 77.36 -48.31
N LYS JA 147 -37.80 78.30 -48.83
CA LYS JA 147 -38.74 77.99 -49.91
C LYS JA 147 -37.96 77.64 -51.17
N SER JA 148 -38.10 76.40 -51.64
CA SER JA 148 -37.32 75.93 -52.79
C SER JA 148 -37.77 76.68 -54.04
N LYS JA 149 -36.88 77.52 -54.56
CA LYS JA 149 -37.15 78.25 -55.80
C LYS JA 149 -36.85 77.36 -57.00
N GLY JA 150 -35.61 76.93 -57.14
CA GLY JA 150 -35.20 75.94 -58.13
C GLY JA 150 -35.85 76.06 -59.49
N ALA JA 151 -36.34 74.94 -60.00
CA ALA JA 151 -37.10 74.93 -61.25
C ALA JA 151 -38.53 75.44 -61.08
N LEU JA 152 -38.99 75.58 -59.84
CA LEU JA 152 -40.35 76.08 -59.60
C LEU JA 152 -40.51 77.54 -60.02
N LEU JA 153 -39.41 78.28 -60.16
CA LEU JA 153 -39.52 79.66 -60.62
C LEU JA 153 -40.06 79.73 -62.04
N GLN JA 154 -39.58 78.87 -62.93
CA GLN JA 154 -40.11 78.80 -64.28
C GLN JA 154 -41.35 77.92 -64.38
N ASN JA 155 -41.71 77.21 -63.31
CA ASN JA 155 -42.90 76.37 -63.31
C ASN JA 155 -44.08 77.09 -62.66
N AYA KA 2 -67.42 -38.87 -50.07
CA AYA KA 2 -67.19 -39.92 -51.05
CB AYA KA 2 -67.31 -39.35 -52.46
C AYA KA 2 -65.85 -40.58 -50.90
O AYA KA 2 -65.75 -41.82 -51.04
CT AYA KA 2 -67.21 -39.06 -48.77
OT AYA KA 2 -67.29 -40.15 -48.24
CM AYA KA 2 -66.83 -37.82 -48.00
N ALA KA 3 -64.82 -39.80 -50.60
CA ALA KA 3 -63.46 -40.32 -50.44
C ALA KA 3 -63.36 -41.25 -49.24
N ALA KA 4 -64.16 -40.97 -48.21
CA ALA KA 4 -64.15 -41.81 -47.01
C ALA KA 4 -64.66 -43.22 -47.32
N LEU KA 5 -65.73 -43.31 -48.13
CA LEU KA 5 -66.30 -44.62 -48.42
C LEU KA 5 -65.36 -45.48 -49.25
N ALA KA 6 -64.63 -44.87 -50.18
CA ALA KA 6 -63.74 -45.64 -51.05
C ALA KA 6 -62.64 -46.32 -50.25
N ARG KA 7 -62.09 -45.64 -49.25
CA ARG KA 7 -61.01 -46.22 -48.46
C ARG KA 7 -61.49 -47.34 -47.54
N LEU KA 8 -62.79 -47.38 -47.23
CA LEU KA 8 -63.32 -48.30 -46.22
C LEU KA 8 -63.82 -49.61 -46.80
N GLY KA 9 -63.69 -49.85 -48.10
CA GLY KA 9 -64.09 -51.11 -48.67
C GLY KA 9 -65.59 -51.34 -48.77
N LEU KA 10 -66.23 -50.71 -49.74
CA LEU KA 10 -67.68 -50.90 -49.94
C LEU KA 10 -68.03 -52.30 -50.48
N ARG KA 11 -67.06 -53.20 -50.66
CA ARG KA 11 -67.34 -54.49 -51.27
C ARG KA 11 -68.30 -55.34 -50.45
N ALA KA 12 -68.47 -55.04 -49.17
CA ALA KA 12 -69.33 -55.83 -48.29
C ALA KA 12 -70.78 -55.33 -48.27
N VAL KA 13 -71.14 -54.36 -49.13
CA VAL KA 13 -72.49 -53.83 -49.19
C VAL KA 13 -73.22 -54.47 -50.36
N LYS KA 14 -74.42 -55.00 -50.10
CA LYS KA 14 -75.17 -55.70 -51.14
C LYS KA 14 -75.94 -54.73 -52.05
N GLN KA 15 -76.89 -54.00 -51.48
CA GLN KA 15 -77.79 -53.15 -52.27
C GLN KA 15 -78.09 -51.88 -51.50
N VAL KA 16 -78.14 -50.76 -52.23
CA VAL KA 16 -78.45 -49.45 -51.66
C VAL KA 16 -79.54 -48.81 -52.51
N ARG KA 17 -80.57 -48.29 -51.86
CA ARG KA 17 -81.66 -47.60 -52.54
C ARG KA 17 -81.88 -46.25 -51.86
N VAL KA 18 -82.29 -45.26 -52.66
CA VAL KA 18 -82.53 -43.91 -52.17
C VAL KA 18 -83.92 -43.48 -52.65
N GLN KA 19 -84.81 -43.22 -51.71
CA GLN KA 19 -86.18 -42.77 -51.99
C GLN KA 19 -86.34 -41.36 -51.44
N PHE KA 20 -86.54 -40.40 -52.33
CA PHE KA 20 -86.66 -39.01 -51.91
C PHE KA 20 -87.59 -38.27 -52.86
N CYS KA 21 -88.14 -37.16 -52.37
CA CYS KA 21 -88.98 -36.28 -53.18
C CYS KA 21 -88.20 -35.02 -53.50
N PRO KA 22 -87.74 -34.83 -54.74
CA PRO KA 22 -86.90 -33.66 -55.04
C PRO KA 22 -87.59 -32.32 -54.85
N PHE KA 23 -88.92 -32.29 -54.87
CA PHE KA 23 -89.66 -31.04 -54.73
C PHE KA 23 -89.86 -30.60 -53.29
N GLU KA 24 -89.39 -31.38 -52.32
CA GLU KA 24 -89.54 -31.02 -50.92
C GLU KA 24 -88.35 -30.17 -50.46
N LYS KA 25 -88.48 -29.62 -49.24
CA LYS KA 25 -87.48 -28.71 -48.70
C LYS KA 25 -86.42 -29.40 -47.86
N ASN KA 26 -86.73 -30.54 -47.25
CA ASN KA 26 -85.83 -31.24 -46.34
C ASN KA 26 -85.22 -32.47 -47.01
N VAL KA 27 -84.97 -32.39 -48.31
CA VAL KA 27 -84.35 -33.47 -49.07
C VAL KA 27 -82.97 -33.11 -49.57
N GLU KA 28 -82.45 -31.93 -49.20
CA GLU KA 28 -81.09 -31.56 -49.61
C GLU KA 28 -80.07 -32.52 -49.02
N SER KA 29 -80.25 -32.94 -47.77
CA SER KA 29 -79.33 -33.89 -47.16
C SER KA 29 -79.33 -35.23 -47.90
N THR KA 30 -80.51 -35.71 -48.30
CA THR KA 30 -80.58 -36.98 -49.02
C THR KA 30 -79.89 -36.89 -50.37
N ARG KA 31 -80.00 -35.74 -51.04
CA ARG KA 31 -79.33 -35.55 -52.32
C ARG KA 31 -77.82 -35.67 -52.18
N THR KA 32 -77.26 -35.03 -51.15
CA THR KA 32 -75.81 -35.10 -50.94
C THR KA 32 -75.37 -36.52 -50.61
N PHE KA 33 -76.15 -37.25 -49.82
CA PHE KA 33 -75.81 -38.64 -49.53
C PHE KA 33 -75.83 -39.49 -50.80
N LEU KA 34 -76.81 -39.25 -51.68
CA LEU KA 34 -76.89 -40.01 -52.91
C LEU KA 34 -75.67 -39.77 -53.80
N GLN KA 35 -75.24 -38.51 -53.90
CA GLN KA 35 -74.10 -38.21 -54.77
C GLN KA 35 -72.80 -38.76 -54.22
N ALA KA 36 -72.66 -38.84 -52.90
CA ALA KA 36 -71.44 -39.37 -52.31
C ALA KA 36 -71.34 -40.88 -52.51
N VAL KA 37 -72.44 -41.61 -52.28
CA VAL KA 37 -72.41 -43.06 -52.43
C VAL KA 37 -72.42 -43.50 -53.89
N SER KA 38 -72.83 -42.62 -54.81
CA SER KA 38 -72.87 -42.94 -56.23
C SER KA 38 -71.67 -42.40 -56.98
N SER KA 39 -70.63 -41.97 -56.27
CA SER KA 39 -69.44 -41.45 -56.92
C SER KA 39 -68.70 -42.57 -57.65
N GLU KA 40 -67.84 -42.18 -58.59
CA GLU KA 40 -67.12 -43.15 -59.40
C GLU KA 40 -66.20 -44.02 -58.55
N LYS KA 41 -65.55 -43.43 -57.54
CA LYS KA 41 -64.64 -44.19 -56.70
C LYS KA 41 -65.38 -45.27 -55.92
N VAL KA 42 -66.55 -44.94 -55.36
CA VAL KA 42 -67.32 -45.90 -54.59
C VAL KA 42 -67.86 -47.01 -55.49
N ARG KA 43 -68.25 -46.66 -56.72
CA ARG KA 43 -68.78 -47.66 -57.64
C ARG KA 43 -67.77 -48.76 -57.93
N CYS KA 44 -66.50 -48.38 -58.13
CA CYS KA 44 -65.46 -49.35 -58.51
C CYS KA 44 -64.94 -50.16 -57.34
N THR KA 45 -65.84 -50.76 -56.55
CA THR KA 45 -65.46 -51.65 -55.46
C THR KA 45 -66.21 -52.97 -55.49
N ASN KA 46 -67.36 -53.05 -56.15
CA ASN KA 46 -68.14 -54.28 -56.31
C ASN KA 46 -69.08 -54.14 -57.50
N LEU KA 47 -68.85 -54.92 -58.56
CA LEU KA 47 -69.56 -54.73 -59.82
C LEU KA 47 -70.81 -55.62 -59.84
N ASN KA 48 -71.49 -55.67 -58.70
CA ASN KA 48 -72.71 -56.44 -58.53
C ASN KA 48 -73.72 -55.59 -57.76
N CYS KA 49 -73.20 -54.59 -57.06
CA CYS KA 49 -74.04 -53.70 -56.25
C CYS KA 49 -74.86 -52.78 -57.14
N SER KA 50 -76.18 -52.77 -56.92
CA SER KA 50 -77.10 -51.93 -57.66
C SER KA 50 -77.57 -50.77 -56.79
N VAL KA 51 -77.28 -49.54 -57.23
CA VAL KA 51 -77.76 -48.35 -56.54
C VAL KA 51 -79.02 -47.85 -57.22
N ILE KA 52 -80.11 -47.76 -56.46
CA ILE KA 52 -81.42 -47.39 -56.98
C ILE KA 52 -81.78 -46.00 -56.47
N ALA KA 53 -82.14 -45.11 -57.39
CA ALA KA 53 -82.52 -43.75 -57.06
C ALA KA 53 -84.01 -43.60 -57.33
N ASP KA 54 -84.82 -43.94 -56.34
CA ASP KA 54 -86.26 -43.81 -56.44
C ASP KA 54 -86.67 -42.36 -56.29
N VAL KA 55 -87.51 -41.87 -57.20
CA VAL KA 55 -87.95 -40.49 -57.23
C VAL KA 55 -89.46 -40.46 -57.16
N ARG KA 56 -89.99 -39.73 -56.18
CA ARG KA 56 -91.43 -39.51 -56.02
C ARG KA 56 -91.67 -38.02 -55.81
N HIS KA 57 -92.95 -37.64 -55.71
CA HIS KA 57 -93.31 -36.24 -55.51
C HIS KA 57 -94.03 -36.01 -54.19
N ASP KA 58 -95.09 -36.76 -53.91
CA ASP KA 58 -95.85 -36.59 -52.69
C ASP KA 58 -95.58 -37.69 -51.66
N GLY KA 59 -94.48 -38.42 -51.82
CA GLY KA 59 -94.12 -39.43 -50.83
C GLY KA 59 -93.83 -38.83 -49.47
N SER KA 60 -93.17 -37.68 -49.45
CA SER KA 60 -92.90 -36.90 -48.23
C SER KA 60 -92.09 -37.68 -47.20
N GLU KA 61 -91.29 -38.65 -47.64
CA GLU KA 61 -90.44 -39.42 -46.73
C GLU KA 61 -89.10 -39.69 -47.40
N PRO KA 62 -88.14 -38.75 -47.26
CA PRO KA 62 -86.79 -39.01 -47.77
C PRO KA 62 -86.11 -40.08 -46.92
N CYS KA 63 -85.75 -41.20 -47.55
CA CYS KA 63 -85.24 -42.34 -46.82
C CYS KA 63 -84.15 -43.03 -47.63
N VAL KA 64 -83.26 -43.71 -46.91
CA VAL KA 64 -82.18 -44.50 -47.50
C VAL KA 64 -82.19 -45.87 -46.84
N ASP KA 65 -82.12 -46.92 -47.67
CA ASP KA 65 -82.14 -48.29 -47.18
C ASP KA 65 -80.92 -49.02 -47.71
N VAL KA 66 -80.21 -49.71 -46.82
CA VAL KA 66 -79.01 -50.46 -47.17
C VAL KA 66 -79.12 -51.87 -46.62
N LEU KA 67 -78.52 -52.82 -47.32
CA LEU KA 67 -78.45 -54.20 -46.86
C LEU KA 67 -77.00 -54.65 -46.92
N PHE KA 68 -76.48 -55.09 -45.79
CA PHE KA 68 -75.07 -55.48 -45.71
C PHE KA 68 -74.90 -56.95 -46.07
N GLY KA 69 -73.63 -57.36 -46.18
CA GLY KA 69 -73.35 -58.75 -46.51
C GLY KA 69 -73.76 -59.72 -45.43
N ASP KA 70 -73.59 -59.32 -44.16
CA ASP KA 70 -74.01 -60.16 -43.04
C ASP KA 70 -75.51 -60.43 -43.07
N GLY KA 71 -76.28 -59.50 -43.62
CA GLY KA 71 -77.72 -59.64 -43.69
C GLY KA 71 -78.52 -58.67 -42.83
N HIS KA 72 -77.94 -57.55 -42.42
CA HIS KA 72 -78.64 -56.57 -41.62
C HIS KA 72 -79.24 -55.49 -42.50
N ARG KA 73 -80.32 -54.87 -42.01
CA ARG KA 73 -81.08 -53.90 -42.79
C ARG KA 73 -80.97 -52.53 -42.12
N LEU KA 74 -80.08 -51.69 -42.65
CA LEU KA 74 -79.91 -50.33 -42.17
C LEU KA 74 -80.79 -49.40 -43.01
N ILE KA 75 -81.84 -48.85 -42.39
CA ILE KA 75 -82.74 -47.90 -43.02
C ILE KA 75 -82.79 -46.66 -42.15
N MET KA 76 -82.39 -45.52 -42.72
CA MET KA 76 -82.41 -44.24 -42.00
C MET KA 76 -83.20 -43.23 -42.81
N ARG KA 77 -84.26 -42.70 -42.20
CA ARG KA 77 -85.10 -41.69 -42.84
C ARG KA 77 -84.46 -40.32 -42.65
N GLY KA 78 -83.70 -39.88 -43.65
CA GLY KA 78 -82.99 -38.63 -43.54
C GLY KA 78 -83.82 -37.45 -43.99
N ALA KA 79 -84.43 -36.77 -43.02
CA ALA KA 79 -85.16 -35.53 -43.24
C ALA KA 79 -84.64 -34.40 -42.38
N HIS KA 80 -84.23 -34.69 -41.16
CA HIS KA 80 -83.57 -33.72 -40.30
C HIS KA 80 -82.09 -33.98 -40.15
N LEU KA 81 -81.61 -35.19 -40.43
CA LEU KA 81 -80.19 -35.50 -40.38
C LEU KA 81 -79.44 -34.73 -41.46
N THR KA 82 -78.18 -34.44 -41.18
CA THR KA 82 -77.32 -33.79 -42.15
C THR KA 82 -76.58 -34.84 -42.99
N ALA KA 83 -75.95 -34.37 -44.07
CA ALA KA 83 -75.23 -35.29 -44.94
C ALA KA 83 -74.08 -35.96 -44.22
N GLN KA 84 -73.37 -35.23 -43.36
CA GLN KA 84 -72.26 -35.80 -42.62
C GLN KA 84 -72.73 -36.88 -41.66
N GLU KA 85 -73.86 -36.65 -40.98
CA GLU KA 85 -74.37 -37.64 -40.03
C GLU KA 85 -74.76 -38.93 -40.75
N MET KA 86 -75.40 -38.81 -41.91
CA MET KA 86 -75.82 -39.99 -42.66
C MET KA 86 -74.62 -40.79 -43.13
N LEU KA 87 -73.62 -40.12 -43.72
CA LEU KA 87 -72.44 -40.84 -44.20
C LEU KA 87 -71.65 -41.46 -43.06
N THR KA 88 -71.53 -40.76 -41.93
CA THR KA 88 -70.75 -41.28 -40.81
C THR KA 88 -71.37 -42.55 -40.24
N ALA KA 89 -72.69 -42.57 -40.11
CA ALA KA 89 -73.38 -43.78 -39.64
C ALA KA 89 -73.18 -44.93 -40.61
N PHE KA 90 -73.26 -44.64 -41.92
CA PHE KA 90 -73.03 -45.67 -42.93
C PHE KA 90 -71.62 -46.23 -42.82
N ALA KA 91 -70.64 -45.35 -42.61
CA ALA KA 91 -69.26 -45.79 -42.49
C ALA KA 91 -69.04 -46.63 -41.25
N SER KA 92 -69.69 -46.26 -40.14
CA SER KA 92 -69.48 -46.98 -38.88
C SER KA 92 -69.98 -48.41 -38.97
N HIS KA 93 -71.12 -48.63 -39.62
CA HIS KA 93 -71.69 -49.97 -39.66
C HIS KA 93 -70.85 -50.91 -40.54
N ILE KA 94 -70.14 -50.35 -41.53
CA ILE KA 94 -69.33 -51.18 -42.42
C ILE KA 94 -68.23 -51.91 -41.65
N GLN KA 95 -67.53 -51.20 -40.76
CA GLN KA 95 -66.43 -51.81 -40.04
C GLN KA 95 -66.92 -52.85 -39.04
N ALA KA 96 -68.00 -52.53 -38.32
CA ALA KA 96 -68.54 -53.49 -37.35
C ALA KA 96 -69.04 -54.74 -38.04
N ARG KA 97 -69.78 -54.58 -39.16
CA ARG KA 97 -70.31 -55.72 -39.89
C ARG KA 97 -69.35 -56.19 -40.98
N GLY KA 98 -68.12 -56.51 -40.60
CA GLY KA 98 -67.12 -56.97 -41.53
C GLY KA 98 -65.75 -57.18 -40.91
N ALA LA 55 -33.75 -46.59 -88.10
CA ALA LA 55 -34.28 -47.52 -89.09
C ALA LA 55 -35.71 -47.15 -89.47
N LEU LA 56 -36.47 -46.67 -88.49
CA LEU LA 56 -37.87 -46.29 -88.70
C LEU LA 56 -37.92 -44.81 -89.10
N LYS LA 57 -38.37 -44.56 -90.33
CA LYS LA 57 -38.47 -43.20 -90.85
C LYS LA 57 -39.78 -43.05 -91.61
N ASP LA 58 -40.18 -41.80 -91.80
CA ASP LA 58 -41.39 -41.51 -92.55
C ASP LA 58 -41.17 -41.84 -94.03
N PRO LA 59 -42.23 -42.23 -94.75
CA PRO LA 59 -42.08 -42.50 -96.18
C PRO LA 59 -41.72 -41.25 -96.95
N GLU LA 60 -41.08 -41.45 -98.10
CA GLU LA 60 -40.65 -40.33 -98.93
C GLU LA 60 -41.85 -39.50 -99.38
N VAL LA 61 -41.67 -38.18 -99.35
CA VAL LA 61 -42.74 -37.24 -99.67
C VAL LA 61 -42.49 -36.63 -101.05
N CYS LA 62 -43.56 -36.11 -101.64
CA CYS LA 62 -43.46 -35.48 -102.95
C CYS LA 62 -42.74 -34.15 -102.85
N THR LA 63 -41.96 -33.84 -103.89
CA THR LA 63 -41.23 -32.58 -103.97
C THR LA 63 -41.61 -31.74 -105.17
N ASP LA 64 -42.56 -32.16 -105.98
CA ASP LA 64 -42.98 -31.39 -107.14
C ASP LA 64 -43.90 -30.26 -106.70
N PRO LA 65 -43.53 -29.00 -106.93
CA PRO LA 65 -44.42 -27.90 -106.50
C PRO LA 65 -45.78 -27.94 -107.16
N PHE LA 66 -45.89 -28.38 -108.41
CA PHE LA 66 -47.17 -28.38 -109.10
C PHE LA 66 -48.15 -29.36 -108.45
N ARG LA 67 -47.68 -30.55 -108.06
CA ARG LA 67 -48.57 -31.53 -107.46
C ARG LA 67 -48.93 -31.17 -106.02
N LEU LA 68 -47.97 -30.60 -105.28
CA LEU LA 68 -48.23 -30.24 -103.88
C LEU LA 68 -49.27 -29.12 -103.78
N THR LA 69 -49.18 -28.13 -104.67
CA THR LA 69 -50.13 -27.02 -104.66
C THR LA 69 -51.50 -27.42 -105.19
N THR LA 70 -51.61 -28.57 -105.86
CA THR LA 70 -52.89 -29.04 -106.38
C THR LA 70 -53.40 -30.30 -105.71
N HIS LA 71 -52.54 -31.04 -105.02
CA HIS LA 71 -52.95 -32.28 -104.37
C HIS LA 71 -52.26 -32.40 -103.02
N ALA LA 72 -53.00 -32.82 -102.00
CA ALA LA 72 -52.46 -33.03 -100.67
C ALA LA 72 -52.03 -34.49 -100.56
N MET LA 73 -50.72 -34.72 -100.62
CA MET LA 73 -50.20 -36.08 -100.66
C MET LA 73 -50.38 -36.80 -99.34
N GLY LA 74 -50.23 -36.08 -98.22
CA GLY LA 74 -50.30 -36.72 -96.91
C GLY LA 74 -51.67 -37.22 -96.53
N VAL LA 75 -52.72 -36.71 -97.17
CA VAL LA 75 -54.09 -37.09 -96.80
C VAL LA 75 -54.33 -38.56 -97.11
N ASN LA 76 -53.92 -39.02 -98.29
CA ASN LA 76 -54.18 -40.38 -98.73
C ASN LA 76 -53.15 -41.31 -98.09
N ILE LA 77 -53.58 -42.04 -97.05
CA ILE LA 77 -52.70 -42.96 -96.35
C ILE LA 77 -52.90 -44.41 -96.76
N TYR LA 78 -53.91 -44.71 -97.57
CA TYR LA 78 -54.17 -46.07 -98.03
C TYR LA 78 -53.29 -46.39 -99.23
N LYS LA 79 -52.83 -47.64 -99.30
CA LYS LA 79 -52.07 -48.08 -100.47
C LYS LA 79 -52.94 -48.04 -101.72
N GLU LA 80 -54.17 -48.49 -101.62
CA GLU LA 80 -55.09 -48.54 -102.76
C GLU LA 80 -55.71 -47.19 -103.08
N GLY LA 81 -55.56 -46.19 -102.21
CA GLY LA 81 -56.16 -44.90 -102.42
C GLY LA 81 -55.44 -44.08 -103.45
N GLN LA 82 -56.01 -42.91 -103.74
CA GLN LA 82 -55.46 -41.97 -104.72
C GLN LA 82 -55.47 -40.57 -104.13
N ASP LA 83 -54.69 -39.69 -104.75
CA ASP LA 83 -54.65 -38.30 -104.33
C ASP LA 83 -56.01 -37.64 -104.55
N VAL LA 84 -56.46 -36.90 -103.55
CA VAL LA 84 -57.75 -36.20 -103.64
C VAL LA 84 -57.52 -34.88 -104.37
N VAL LA 85 -58.17 -34.73 -105.53
CA VAL LA 85 -57.95 -33.57 -106.37
C VAL LA 85 -58.55 -32.33 -105.69
N LEU LA 86 -57.87 -31.20 -105.84
CA LEU LA 86 -58.35 -29.94 -105.27
C LEU LA 86 -59.61 -29.48 -106.00
N LYS LA 87 -60.65 -29.20 -105.23
CA LYS LA 87 -61.86 -28.60 -105.79
C LYS LA 87 -61.69 -27.08 -105.86
N PRO LA 88 -62.46 -26.40 -106.71
CA PRO LA 88 -62.38 -24.94 -106.77
C PRO LA 88 -62.70 -24.32 -105.43
N ASP LA 89 -61.99 -23.22 -105.13
CA ASP LA 89 -62.15 -22.56 -103.83
C ASP LA 89 -63.56 -22.02 -103.61
N SER LA 90 -64.31 -21.78 -104.70
CA SER LA 90 -65.69 -21.35 -104.55
C SER LA 90 -66.54 -22.43 -103.91
N GLU LA 91 -66.30 -23.69 -104.26
CA GLU LA 91 -67.06 -24.79 -103.66
C GLU LA 91 -66.70 -24.99 -102.20
N TYR LA 92 -65.51 -24.53 -101.78
CA TYR LA 92 -65.12 -24.65 -100.38
C TYR LA 92 -66.02 -23.79 -99.51
N PRO LA 93 -66.34 -24.23 -98.29
CA PRO LA 93 -67.14 -23.40 -97.39
C PRO LA 93 -66.42 -22.11 -97.03
N GLU LA 94 -67.21 -21.05 -96.81
CA GLU LA 94 -66.64 -19.74 -96.54
C GLU LA 94 -66.03 -19.62 -95.15
N TRP LA 95 -66.37 -20.54 -94.24
CA TRP LA 95 -65.86 -20.42 -92.87
C TRP LA 95 -64.39 -20.82 -92.75
N LEU LA 96 -63.85 -21.55 -93.72
CA LEU LA 96 -62.44 -21.91 -93.67
C LEU LA 96 -61.53 -20.77 -94.13
N PHE LA 97 -62.09 -19.72 -94.73
CA PHE LA 97 -61.35 -18.52 -95.11
C PHE LA 97 -61.59 -17.39 -94.13
N GLU LA 98 -62.00 -17.70 -92.91
CA GLU LA 98 -62.32 -16.70 -91.90
C GLU LA 98 -61.52 -16.85 -90.61
N MET LA 99 -60.85 -17.99 -90.41
CA MET LA 99 -60.11 -18.22 -89.17
C MET LA 99 -58.87 -17.34 -89.11
N ASN LA 100 -58.36 -17.15 -87.89
CA ASN LA 100 -57.19 -16.32 -87.66
C ASN LA 100 -55.95 -17.06 -88.13
N VAL LA 101 -55.53 -16.78 -89.37
CA VAL LA 101 -54.34 -17.42 -89.92
C VAL LA 101 -53.09 -16.97 -89.17
N GLY LA 102 -53.00 -15.69 -88.84
CA GLY LA 102 -51.83 -15.13 -88.23
C GLY LA 102 -51.72 -15.40 -86.74
N PRO LA 103 -51.14 -14.45 -86.01
CA PRO LA 103 -50.92 -14.65 -84.57
C PRO LA 103 -52.25 -14.69 -83.82
N PRO LA 104 -52.28 -15.31 -82.65
CA PRO LA 104 -53.53 -15.38 -81.88
C PRO LA 104 -53.94 -14.02 -81.36
N LYS LA 105 -55.23 -13.89 -81.10
CA LYS LA 105 -55.78 -12.63 -80.60
C LYS LA 105 -55.21 -12.31 -79.22
N LYS LA 106 -54.89 -11.04 -79.01
CA LYS LA 106 -54.42 -10.59 -77.70
C LYS LA 106 -55.60 -10.41 -76.75
N LEU LA 107 -55.32 -9.84 -75.58
CA LEU LA 107 -56.38 -9.63 -74.60
C LEU LA 107 -57.31 -8.49 -75.00
N GLU LA 108 -56.78 -7.48 -75.68
CA GLU LA 108 -57.57 -6.29 -76.00
C GLU LA 108 -58.41 -6.43 -77.26
N GLU LA 109 -57.96 -7.26 -78.22
CA GLU LA 109 -58.73 -7.45 -79.45
C GLU LA 109 -60.05 -8.16 -79.22
N LEU LA 110 -60.22 -8.81 -78.07
CA LEU LA 110 -61.46 -9.51 -77.76
C LEU LA 110 -62.46 -8.50 -77.20
N ASP LA 111 -63.64 -8.98 -76.78
CA ASP LA 111 -64.66 -8.09 -76.26
C ASP LA 111 -65.18 -8.61 -74.93
N PRO LA 112 -65.39 -7.72 -73.96
CA PRO LA 112 -65.89 -8.17 -72.65
C PRO LA 112 -67.22 -8.91 -72.74
N GLU LA 113 -68.10 -8.52 -73.66
CA GLU LA 113 -69.36 -9.22 -73.87
C GLU LA 113 -69.20 -10.34 -74.89
N THR LA 114 -68.21 -11.20 -74.65
CA THR LA 114 -67.93 -12.34 -75.51
C THR LA 114 -67.16 -13.37 -74.68
N ARG LA 115 -67.46 -14.64 -74.89
CA ARG LA 115 -66.78 -15.69 -74.12
C ARG LA 115 -65.30 -15.78 -74.46
N GLU LA 116 -64.88 -15.27 -75.62
CA GLU LA 116 -63.47 -15.33 -76.01
C GLU LA 116 -62.59 -14.56 -75.03
N TYR LA 117 -63.06 -13.38 -74.59
CA TYR LA 117 -62.30 -12.61 -73.62
C TYR LA 117 -62.16 -13.37 -72.30
N TRP LA 118 -63.25 -13.98 -71.82
CA TRP LA 118 -63.18 -14.74 -70.59
C TRP LA 118 -62.44 -16.06 -70.79
N ARG LA 119 -62.50 -16.62 -72.00
CA ARG LA 119 -61.72 -17.82 -72.29
C ARG LA 119 -60.23 -17.54 -72.18
N LEU LA 120 -59.78 -16.40 -72.71
CA LEU LA 120 -58.37 -16.04 -72.63
C LEU LA 120 -57.99 -15.55 -71.24
N LEU LA 121 -58.90 -14.82 -70.57
CA LEU LA 121 -58.61 -14.37 -69.21
C LEU LA 121 -58.51 -15.54 -68.25
N ARG LA 122 -59.31 -16.58 -68.46
CA ARG LA 122 -59.16 -17.80 -67.66
C ARG LA 122 -57.78 -18.41 -67.86
N LYS LA 123 -57.29 -18.44 -69.10
CA LYS LA 123 -55.97 -18.98 -69.36
C LYS LA 123 -54.88 -18.16 -68.69
N HIS LA 124 -55.04 -16.82 -68.68
CA HIS LA 124 -54.05 -15.97 -68.04
C HIS LA 124 -54.00 -16.17 -66.53
N ASN LA 125 -55.15 -16.42 -65.90
CA ASN LA 125 -55.16 -16.64 -64.46
C ASN LA 125 -54.32 -17.86 -64.08
N ILE LA 126 -54.40 -18.93 -64.88
CA ILE LA 126 -53.60 -20.11 -64.60
C ILE LA 126 -52.12 -19.79 -64.75
N TRP LA 127 -51.76 -18.98 -65.74
CA TRP LA 127 -50.38 -18.57 -65.91
C TRP LA 127 -49.88 -17.77 -64.70
N ARG LA 128 -50.70 -16.85 -64.21
CA ARG LA 128 -50.32 -16.07 -63.04
C ARG LA 128 -50.16 -16.94 -61.81
N HIS LA 129 -51.10 -17.89 -61.62
CA HIS LA 129 -51.02 -18.76 -60.46
C HIS LA 129 -49.83 -19.71 -60.55
N ASN LA 130 -49.48 -20.17 -61.74
CA ASN LA 130 -48.34 -21.07 -61.90
C ASN LA 130 -47.04 -20.38 -61.53
N ARG LA 131 -46.86 -19.12 -61.97
CA ARG LA 131 -45.62 -18.40 -61.67
C ARG LA 131 -45.48 -18.17 -60.17
N LEU LA 132 -46.57 -17.81 -59.48
CA LEU LA 132 -46.50 -17.57 -58.04
C LEU LA 132 -46.24 -18.84 -57.26
N SER LA 133 -46.44 -20.02 -57.85
CA SER LA 133 -46.26 -21.29 -57.18
C SER LA 133 -44.85 -21.85 -57.33
N LYS LA 134 -43.94 -21.10 -57.95
CA LYS LA 134 -42.57 -21.59 -58.13
C LYS LA 134 -41.83 -21.78 -56.81
N ASN LA 135 -42.32 -21.16 -55.72
CA ASN LA 135 -41.68 -21.23 -54.42
C ASN LA 135 -42.27 -22.34 -53.54
N ARG LA 136 -42.79 -23.40 -54.14
CA ARG LA 136 -43.32 -24.51 -53.36
C ARG LA 136 -42.19 -25.30 -52.72
N LYS LA 137 -42.30 -25.51 -51.41
CA LYS LA 137 -41.35 -26.34 -50.68
C LYS LA 137 -41.80 -27.80 -50.59
N PHE LA 138 -42.99 -28.12 -51.08
CA PHE LA 138 -43.54 -29.46 -50.97
C PHE LA 138 -43.27 -30.27 -52.24
N ASP MA 35 -15.53 36.12 -103.34
CA ASP MA 35 -14.76 36.35 -102.13
C ASP MA 35 -13.48 35.51 -102.10
N CYS MA 36 -12.85 35.38 -103.26
CA CYS MA 36 -11.61 34.64 -103.37
C CYS MA 36 -10.38 35.53 -103.19
N ASN MA 37 -10.58 36.83 -102.95
CA ASN MA 37 -9.48 37.76 -102.73
C ASN MA 37 -9.56 38.41 -101.36
N ARG MA 38 -9.94 37.64 -100.34
CA ARG MA 38 -10.19 38.20 -99.02
C ARG MA 38 -9.07 37.84 -98.04
N ALA MA 39 -8.12 37.02 -98.47
CA ALA MA 39 -7.04 36.55 -97.61
C ALA MA 39 -5.69 36.61 -98.31
N LEU MA 40 -5.68 36.64 -99.66
CA LEU MA 40 -4.42 36.62 -100.38
C LEU MA 40 -3.61 37.89 -100.13
N LEU MA 41 -4.28 39.00 -99.88
CA LEU MA 41 -3.60 40.27 -99.59
C LEU MA 41 -3.01 40.20 -98.19
N THR MA 42 -1.71 39.93 -98.10
CA THR MA 42 -1.05 39.73 -96.80
C THR MA 42 0.43 40.02 -96.95
N ARG MA 43 1.21 39.63 -95.95
CA ARG MA 43 2.66 39.84 -95.93
C ARG MA 43 3.30 38.74 -95.11
N LEU MA 44 4.58 38.48 -95.37
CA LEU MA 44 5.32 37.50 -94.60
C LEU MA 44 5.62 38.09 -93.23
N HIS MA 45 4.82 37.73 -92.23
CA HIS MA 45 4.89 38.34 -90.91
C HIS MA 45 6.09 37.76 -90.17
N ARG MA 46 7.24 38.41 -90.35
CA ARG MA 46 8.48 38.01 -89.71
C ARG MA 46 9.32 39.25 -89.52
N GLN MA 47 10.51 39.08 -88.93
CA GLN MA 47 11.42 40.19 -88.70
C GLN MA 47 12.78 40.01 -89.35
N THR MA 48 13.23 38.76 -89.58
CA THR MA 48 14.51 38.46 -90.22
C THR MA 48 14.22 37.43 -91.32
N TYR MA 49 13.83 37.92 -92.50
CA TYR MA 49 13.44 37.06 -93.60
C TYR MA 49 14.13 37.49 -94.88
N ALA MA 50 14.49 36.51 -95.71
CA ALA MA 50 15.10 36.78 -96.99
C ALA MA 50 14.06 37.27 -97.99
N ARG MA 51 14.53 37.96 -99.03
CA ARG MA 51 13.63 38.53 -100.02
C ARG MA 51 12.94 37.42 -100.83
N LEU MA 52 11.70 37.67 -101.20
CA LEU MA 52 10.92 36.74 -102.01
C LEU MA 52 10.41 37.47 -103.26
N TYR MA 53 10.25 36.70 -104.32
CA TYR MA 53 9.82 37.26 -105.61
C TYR MA 53 8.61 36.51 -106.13
N PRO MA 54 7.71 37.20 -106.83
CA PRO MA 54 6.52 36.52 -107.36
C PRO MA 54 6.90 35.60 -108.51
N VAL MA 55 6.53 34.33 -108.39
CA VAL MA 55 6.85 33.30 -109.37
C VAL MA 55 5.56 32.60 -109.75
N LEU MA 56 5.22 32.62 -111.03
CA LEU MA 56 4.01 31.95 -111.51
C LEU MA 56 4.32 30.48 -111.77
N LEU MA 57 3.88 29.60 -110.87
CA LEU MA 57 4.16 28.18 -110.98
C LEU MA 57 3.00 27.49 -111.69
N VAL MA 58 3.30 26.81 -112.79
CA VAL MA 58 2.30 26.06 -113.53
C VAL MA 58 2.28 24.62 -113.03
N LYS MA 59 1.08 24.06 -112.87
CA LYS MA 59 0.91 22.71 -112.35
C LYS MA 59 1.25 21.70 -113.44
N GLN MA 60 0.94 20.43 -113.19
CA GLN MA 60 1.15 19.40 -114.21
C GLN MA 60 0.32 19.70 -115.45
N ASP MA 61 -0.92 20.15 -115.26
CA ASP MA 61 -1.75 20.62 -116.35
C ASP MA 61 -1.40 22.09 -116.63
N GLY MA 62 -2.22 22.76 -117.43
CA GLY MA 62 -1.96 24.14 -117.77
C GLY MA 62 -2.29 25.15 -116.69
N SER MA 63 -2.88 24.71 -115.58
CA SER MA 63 -3.26 25.63 -114.51
C SER MA 63 -2.05 26.17 -113.79
N THR MA 64 -2.13 27.43 -113.37
CA THR MA 64 -1.04 28.11 -112.67
C THR MA 64 -1.57 28.73 -111.37
N ILE MA 65 -0.71 28.80 -110.36
CA ILE MA 65 -1.00 29.47 -109.10
C ILE MA 65 0.14 30.42 -108.77
N HIS MA 66 -0.20 31.61 -108.31
CA HIS MA 66 0.82 32.61 -107.96
C HIS MA 66 1.49 32.25 -106.64
N ILE MA 67 2.82 32.22 -106.64
CA ILE MA 67 3.61 31.78 -105.49
C ILE MA 67 4.85 32.65 -105.36
N ARG MA 68 5.23 32.93 -104.12
CA ARG MA 68 6.48 33.62 -103.82
C ARG MA 68 7.59 32.60 -103.68
N TYR MA 69 8.73 32.85 -104.33
CA TYR MA 69 9.83 31.91 -104.34
C TYR MA 69 11.15 32.66 -104.18
N ARG MA 70 12.18 31.94 -103.71
CA ARG MA 70 13.47 32.54 -103.44
C ARG MA 70 14.08 33.18 -104.68
N GLU MA 71 14.02 32.49 -105.81
CA GLU MA 71 14.72 33.00 -106.98
C GLU MA 71 13.81 33.90 -107.81
N PRO MA 72 14.35 34.97 -108.41
CA PRO MA 72 13.53 35.89 -109.21
C PRO MA 72 13.04 35.30 -110.53
N ARG MA 73 13.20 33.99 -110.71
CA ARG MA 73 12.71 33.33 -111.92
C ARG MA 73 11.24 33.65 -112.15
N ARG MA 74 10.85 33.71 -113.42
CA ARG MA 74 9.50 34.15 -113.74
C ARG MA 74 8.47 33.03 -113.64
N MET MA 75 8.75 31.86 -114.20
CA MET MA 75 7.81 30.75 -114.20
C MET MA 75 8.57 29.44 -114.01
N LEU MA 76 7.92 28.48 -113.37
CA LEU MA 76 8.48 27.15 -113.18
C LEU MA 76 7.42 26.09 -113.47
N THR MA 77 7.84 24.98 -114.05
CA THR MA 77 6.96 23.88 -114.38
C THR MA 77 7.26 22.67 -113.50
N MET MA 78 6.22 21.90 -113.18
CA MET MA 78 6.37 20.70 -112.36
C MET MA 78 6.59 19.49 -113.24
N PRO MA 79 7.74 18.83 -113.16
CA PRO MA 79 8.00 17.68 -114.03
C PRO MA 79 7.14 16.47 -113.67
N VAL MA 80 6.98 15.57 -114.64
CA VAL MA 80 6.19 14.37 -114.46
C VAL MA 80 7.02 13.31 -113.72
N ASP MA 81 6.41 12.67 -112.74
CA ASP MA 81 7.05 11.56 -112.02
C ASP MA 81 6.87 10.29 -112.85
N LEU MA 82 7.88 9.99 -113.67
CA LEU MA 82 7.81 8.83 -114.55
C LEU MA 82 7.77 7.52 -113.77
N ASP MA 83 8.31 7.52 -112.55
CA ASP MA 83 8.37 6.29 -111.76
C ASP MA 83 6.98 5.79 -111.41
N SER MA 84 6.04 6.70 -111.14
CA SER MA 84 4.71 6.29 -110.71
C SER MA 84 3.98 5.50 -111.79
N LEU MA 85 4.35 5.69 -113.05
CA LEU MA 85 3.67 5.02 -114.15
C LEU MA 85 3.92 3.51 -114.11
N SER MA 86 2.89 2.75 -114.44
CA SER MA 86 2.99 1.30 -114.53
C SER MA 86 3.85 0.89 -115.73
N PRO MA 87 4.35 -0.35 -115.75
CA PRO MA 87 5.18 -0.78 -116.89
C PRO MA 87 4.54 -0.60 -118.26
N GLU MA 88 3.23 -0.87 -118.39
CA GLU MA 88 2.54 -0.55 -119.64
C GLU MA 88 2.37 0.94 -119.82
N GLU MA 89 2.22 1.70 -118.74
CA GLU MA 89 2.16 3.15 -118.84
C GLU MA 89 3.56 3.72 -119.06
N ARG MA 90 4.57 3.11 -118.44
CA ARG MA 90 5.95 3.54 -118.67
C ARG MA 90 6.37 3.31 -120.10
N ARG MA 91 6.04 2.13 -120.65
CA ARG MA 91 6.36 1.85 -122.05
C ARG MA 91 5.65 2.83 -122.98
N ALA MA 92 4.46 3.29 -122.61
CA ALA MA 92 3.79 4.33 -123.38
C ALA MA 92 4.59 5.61 -123.38
N ARG MA 93 5.14 6.00 -122.23
CA ARG MA 93 5.98 7.19 -122.16
C ARG MA 93 7.39 6.96 -122.68
N PHE MA 94 7.84 5.71 -122.75
CA PHE MA 94 9.18 5.43 -123.28
C PHE MA 94 9.23 5.66 -124.78
N ARG MA 95 8.19 5.22 -125.49
CA ARG MA 95 8.19 5.34 -126.95
C ARG MA 95 7.94 6.77 -127.40
N LYS MA 96 7.18 7.55 -126.62
CA LYS MA 96 6.83 8.91 -127.03
C LYS MA 96 8.08 9.78 -127.20
N ARG MA 97 8.95 9.78 -126.19
CA ARG MA 97 10.14 10.63 -126.23
C ARG MA 97 11.12 10.16 -127.29
N GLU MA 98 11.35 8.85 -127.39
CA GLU MA 98 12.29 8.33 -128.38
C GLU MA 98 11.83 8.64 -129.80
N ALA MA 99 10.54 8.52 -130.07
CA ALA MA 99 10.01 8.88 -131.38
C ALA MA 99 10.05 10.39 -131.58
N LYS MA 100 9.77 11.16 -130.52
CA LYS MA 100 9.78 12.61 -130.64
C LYS MA 100 11.18 13.13 -130.96
N PHE MA 101 12.21 12.55 -130.33
CA PHE MA 101 13.58 12.97 -130.61
C PHE MA 101 13.99 12.61 -132.02
N LYS MA 102 13.48 11.50 -132.55
CA LYS MA 102 13.78 11.08 -133.91
C LYS MA 102 12.86 11.78 -134.90
N GLU MA 103 13.11 11.53 -136.18
CA GLU MA 103 12.31 12.12 -137.26
C GLU MA 103 11.62 11.04 -138.07
N ARG NA 9 -27.43 -16.92 -7.07
CA ARG NA 9 -27.30 -17.82 -8.21
C ARG NA 9 -26.99 -17.05 -9.48
N ASN NA 10 -27.71 -15.97 -9.71
CA ASN NA 10 -27.47 -15.08 -10.85
C ASN NA 10 -26.89 -13.77 -10.34
N ARG NA 11 -25.69 -13.44 -10.79
CA ARG NA 11 -24.97 -12.27 -10.34
C ARG NA 11 -24.87 -11.24 -11.46
N ILE NA 12 -24.80 -9.97 -11.06
CA ILE NA 12 -24.53 -8.88 -12.00
C ILE NA 12 -23.01 -8.68 -12.04
N PRO NA 13 -22.37 -8.86 -13.19
CA PRO NA 13 -20.91 -8.75 -13.24
C PRO NA 13 -20.43 -7.36 -12.86
N GLY NA 14 -19.32 -7.31 -12.13
CA GLY NA 14 -18.76 -6.05 -11.69
C GLY NA 14 -19.68 -5.29 -10.77
N ARG NA 15 -19.62 -3.97 -10.84
CA ARG NA 15 -20.56 -3.12 -10.13
C ARG NA 15 -21.89 -3.11 -10.87
N GLN NA 16 -22.97 -3.01 -10.11
CA GLN NA 16 -24.31 -3.24 -10.63
C GLN NA 16 -24.93 -2.01 -11.28
N TRP NA 17 -24.25 -0.87 -11.30
CA TRP NA 17 -24.80 0.33 -11.91
C TRP NA 17 -23.88 0.99 -12.92
N ILE NA 18 -22.67 0.47 -13.13
CA ILE NA 18 -21.73 1.06 -14.07
C ILE NA 18 -21.19 -0.04 -14.96
N GLY NA 19 -20.73 0.35 -16.15
CA GLY NA 19 -20.09 -0.55 -17.08
C GLY NA 19 -21.01 -0.93 -18.22
N LYS NA 20 -20.55 -1.89 -19.03
CA LYS NA 20 -21.33 -2.37 -20.17
C LYS NA 20 -22.58 -3.09 -19.70
N HIS NA 21 -22.47 -3.94 -18.68
CA HIS NA 21 -23.59 -4.71 -18.17
C HIS NA 21 -24.05 -4.10 -16.85
N ARG NA 22 -25.33 -3.73 -16.80
CA ARG NA 22 -25.91 -3.07 -15.64
C ARG NA 22 -27.10 -3.87 -15.12
N ARG NA 23 -27.77 -3.31 -14.13
CA ARG NA 23 -28.98 -3.90 -13.58
C ARG NA 23 -30.17 -3.55 -14.46
N PRO NA 24 -31.11 -4.47 -14.65
CA PRO NA 24 -32.22 -4.24 -15.57
C PRO NA 24 -33.35 -3.38 -15.01
N ARG NA 25 -33.09 -2.65 -13.92
CA ARG NA 25 -34.08 -1.83 -13.21
C ARG NA 25 -35.00 -1.07 -14.15
N PRO NA 26 -36.30 -1.37 -14.14
CA PRO NA 26 -37.22 -0.74 -15.08
C PRO NA 26 -37.84 0.53 -14.52
N VAL NA 27 -38.50 1.27 -15.41
CA VAL NA 27 -39.23 2.48 -15.02
C VAL NA 27 -40.60 2.08 -14.50
N SER NA 28 -41.03 2.74 -13.42
CA SER NA 28 -42.26 2.39 -12.74
C SER NA 28 -43.38 3.36 -13.13
N ALA NA 29 -44.61 2.97 -12.79
CA ALA NA 29 -45.75 3.83 -13.05
C ALA NA 29 -45.69 5.13 -12.25
N GLN NA 30 -45.12 5.07 -11.04
CA GLN NA 30 -44.97 6.29 -10.25
C GLN NA 30 -43.99 7.26 -10.91
N ALA NA 31 -42.93 6.73 -11.52
CA ALA NA 31 -41.93 7.59 -12.16
C ALA NA 31 -42.51 8.29 -13.37
N LYS NA 32 -43.39 7.62 -14.13
CA LYS NA 32 -44.00 8.27 -15.28
C LYS NA 32 -44.85 9.46 -14.87
N GLN NA 33 -45.60 9.33 -13.78
CA GLN NA 33 -46.43 10.45 -13.32
C GLN NA 33 -45.60 11.62 -12.85
N ASN NA 34 -44.45 11.36 -12.20
CA ASN NA 34 -43.59 12.45 -11.77
C ASN NA 34 -43.06 13.25 -12.95
N MET NA 35 -42.70 12.57 -14.03
CA MET NA 35 -42.26 13.27 -15.23
C MET NA 35 -43.36 14.14 -15.81
N ILE NA 36 -44.59 13.61 -15.87
CA ILE NA 36 -45.70 14.35 -16.46
C ILE NA 36 -46.02 15.58 -15.62
N ARG NA 37 -46.00 15.44 -14.29
CA ARG NA 37 -46.32 16.59 -13.44
C ARG NA 37 -45.31 17.71 -13.63
N ARG NA 38 -44.03 17.36 -13.78
CA ARG NA 38 -43.02 18.37 -14.05
C ARG NA 38 -43.18 18.96 -15.45
N LEU NA 39 -43.56 18.13 -16.42
CA LEU NA 39 -43.76 18.63 -17.78
C LEU NA 39 -44.92 19.61 -17.85
N GLU NA 40 -46.02 19.33 -17.14
CA GLU NA 40 -47.15 20.23 -17.15
C GLU NA 40 -46.78 21.58 -16.55
N THR NA 41 -46.01 21.57 -15.46
CA THR NA 41 -45.57 22.82 -14.85
C THR NA 41 -44.70 23.62 -15.81
N GLU NA 42 -43.76 22.95 -16.48
CA GLU NA 42 -42.87 23.66 -17.40
C GLU NA 42 -43.60 24.10 -18.66
N ALA NA 43 -44.66 23.39 -19.05
CA ALA NA 43 -45.48 23.86 -20.17
C ALA NA 43 -46.13 25.20 -19.85
N GLU NA 44 -46.57 25.37 -18.59
CA GLU NA 44 -47.10 26.66 -18.18
C GLU NA 44 -46.00 27.70 -18.01
N ASN NA 45 -44.79 27.26 -17.66
CA ASN NA 45 -43.68 28.20 -17.49
C ASN NA 45 -43.36 28.94 -18.78
N GLN NA 46 -43.36 28.23 -19.90
CA GLN NA 46 -42.99 28.84 -21.17
C GLN NA 46 -44.15 29.58 -21.84
N TYR NA 47 -45.33 29.58 -21.24
CA TYR NA 47 -46.42 30.41 -21.73
C TYR NA 47 -46.40 31.80 -21.14
N TRP NA 48 -46.13 31.92 -19.83
CA TRP NA 48 -46.08 33.22 -19.19
C TRP NA 48 -44.88 34.03 -19.62
N LEU NA 49 -43.84 33.39 -20.14
CA LEU NA 49 -42.67 34.08 -20.68
C LEU NA 49 -42.84 34.47 -22.14
N SER NA 50 -43.95 34.09 -22.77
CA SER NA 50 -44.09 34.27 -24.21
C SER NA 50 -44.32 35.72 -24.58
N ARG NA 51 -45.17 36.42 -23.84
CA ARG NA 51 -45.60 37.77 -24.20
C ARG NA 51 -45.14 38.80 -23.17
N PRO NA 52 -44.02 39.49 -23.40
CA PRO NA 52 -43.58 40.51 -22.45
C PRO NA 52 -44.49 41.72 -22.46
N PHE NA 53 -44.52 42.42 -21.32
CA PHE NA 53 -45.29 43.65 -21.22
C PHE NA 53 -44.65 44.77 -22.04
N LEU NA 54 -43.34 44.93 -21.91
CA LEU NA 54 -42.60 45.92 -22.68
C LEU NA 54 -41.74 45.23 -23.74
N THR NA 55 -41.50 45.93 -24.83
CA THR NA 55 -40.64 45.42 -25.89
C THR NA 55 -39.17 45.69 -25.55
N ALA NA 56 -38.27 45.30 -26.45
CA ALA NA 56 -36.85 45.50 -26.22
C ALA NA 56 -36.46 46.97 -26.24
N GLU NA 57 -37.09 47.77 -27.10
CA GLU NA 57 -36.73 49.17 -27.21
C GLU NA 57 -37.28 50.01 -26.07
N GLN NA 58 -38.46 49.65 -25.54
CA GLN NA 58 -39.09 50.44 -24.49
C GLN NA 58 -38.43 50.27 -23.13
N GLU NA 59 -37.58 49.25 -22.96
CA GLU NA 59 -36.87 49.03 -21.71
C GLU NA 59 -35.44 49.54 -21.74
N ARG NA 60 -35.08 50.32 -22.77
CA ARG NA 60 -33.71 50.82 -22.91
C ARG NA 60 -33.45 51.86 -21.83
N GLY NA 61 -32.75 51.45 -20.78
CA GLY NA 61 -32.38 52.35 -19.70
C GLY NA 61 -33.54 52.91 -18.92
N HIS NA 62 -34.57 52.10 -18.67
CA HIS NA 62 -35.71 52.59 -17.90
C HIS NA 62 -35.38 52.74 -16.43
N ALA NA 63 -34.52 51.87 -15.89
CA ALA NA 63 -34.10 51.92 -14.49
C ALA NA 63 -32.58 51.88 -14.45
N ALA NA 64 -31.97 53.05 -14.58
CA ALA NA 64 -30.51 53.18 -14.52
C ALA NA 64 -30.03 54.06 -13.38
N VAL NA 65 -30.84 55.03 -12.94
CA VAL NA 65 -30.47 55.82 -11.77
C VAL NA 65 -30.41 54.95 -10.53
N ARG NA 66 -31.39 54.05 -10.38
CA ARG NA 66 -31.37 53.12 -9.25
C ARG NA 66 -30.17 52.19 -9.32
N ARG NA 67 -29.85 51.69 -10.51
CA ARG NA 67 -28.67 50.85 -10.68
C ARG NA 67 -27.39 51.62 -10.37
N ALA NA 68 -27.31 52.87 -10.83
CA ALA NA 68 -26.15 53.69 -10.52
C ALA NA 68 -26.06 53.99 -9.04
N ALA NA 69 -27.19 54.31 -8.41
CA ALA NA 69 -27.19 54.59 -6.98
C ALA NA 69 -26.83 53.36 -6.17
N ALA NA 70 -27.28 52.18 -6.61
CA ALA NA 70 -26.95 50.94 -5.91
C ALA NA 70 -25.45 50.69 -5.92
N PHE NA 71 -24.80 50.94 -7.06
CA PHE NA 71 -23.35 50.76 -7.13
C PHE NA 71 -22.61 51.81 -6.32
N GLN NA 72 -23.10 53.05 -6.33
CA GLN NA 72 -22.47 54.11 -5.54
C GLN NA 72 -22.55 53.82 -4.05
N ALA NA 73 -23.68 53.28 -3.60
CA ALA NA 73 -23.81 52.88 -2.20
C ALA NA 73 -22.80 51.80 -1.84
N LEU NA 74 -22.58 50.85 -2.76
CA LEU NA 74 -21.59 49.81 -2.53
C LEU NA 74 -20.19 50.39 -2.37
N LYS NA 75 -19.84 51.36 -3.22
CA LYS NA 75 -18.52 52.00 -3.11
C LYS NA 75 -18.39 52.76 -1.80
N ALA NA 76 -19.44 53.46 -1.39
CA ALA NA 76 -19.37 54.26 -0.16
C ALA NA 76 -19.18 53.39 1.06
N ALA NA 77 -19.93 52.28 1.16
CA ALA NA 77 -19.80 51.40 2.31
C ALA NA 77 -18.45 50.71 2.34
N GLN NA 78 -17.95 50.30 1.18
CA GLN NA 78 -16.67 49.59 1.14
C GLN NA 78 -15.50 50.53 1.37
N ALA NA 79 -15.68 51.83 1.11
CA ALA NA 79 -14.63 52.80 1.33
C ALA NA 79 -14.55 53.31 2.76
N ALA NA 80 -15.56 53.01 3.59
CA ALA NA 80 -15.56 53.42 4.98
C ALA NA 80 -14.78 52.48 5.89
N ARG NA 81 -14.21 51.41 5.34
CA ARG NA 81 -13.46 50.44 6.13
C ARG NA 81 -12.23 51.10 6.73
N PHE NA 82 -12.22 51.23 8.05
CA PHE NA 82 -11.16 51.92 8.77
C PHE NA 82 -11.20 51.47 10.22
N PRO NA 83 -10.07 51.46 10.93
CA PRO NA 83 -10.10 51.07 12.34
C PRO NA 83 -10.97 51.98 13.17
N ALA NA 84 -11.64 51.40 14.16
CA ALA NA 84 -12.57 52.14 14.98
C ALA NA 84 -11.84 53.03 15.97
N HIS NA 85 -12.58 53.97 16.56
CA HIS NA 85 -11.99 54.93 17.49
C HIS NA 85 -11.54 54.22 18.77
N ARG NA 86 -10.52 54.79 19.41
CA ARG NA 86 -10.02 54.31 20.68
C ARG NA 86 -10.19 55.40 21.72
N ARG NA 87 -10.82 55.07 22.84
CA ARG NA 87 -11.22 56.05 23.84
C ARG NA 87 -10.52 55.79 25.17
N LEU NA 88 -10.59 56.79 26.05
CA LEU NA 88 -9.94 56.68 27.35
C LEU NA 88 -10.66 55.71 28.28
N GLU NA 89 -11.98 55.58 28.12
CA GLU NA 89 -12.74 54.70 29.03
C GLU NA 89 -12.28 53.26 28.89
N GLU NA 90 -11.94 52.83 27.69
CA GLU NA 90 -11.47 51.46 27.50
C GLU NA 90 -10.16 51.21 28.23
N GLN NA 91 -9.22 52.16 28.16
CA GLN NA 91 -7.95 51.99 28.83
C GLN NA 91 -8.09 52.17 30.34
N LEU NA 92 -8.82 53.19 30.78
CA LEU NA 92 -8.99 53.44 32.21
C LEU NA 92 -9.98 52.49 32.85
N GLY NA 93 -10.80 51.79 32.06
CA GLY NA 93 -11.70 50.80 32.62
C GLY NA 93 -11.02 49.53 33.07
N HIS NA 94 -9.75 49.34 32.74
CA HIS NA 94 -9.03 48.16 33.20
C HIS NA 94 -8.65 48.27 34.66
N LEU NA 95 -8.50 49.50 35.17
CA LEU NA 95 -8.14 49.67 36.57
C LEU NA 95 -9.24 49.21 37.51
N LEU NA 96 -10.47 49.07 37.02
CA LEU NA 96 -11.58 48.57 37.83
C LEU NA 96 -11.44 47.10 38.19
N VAL NA 97 -10.37 46.44 37.74
CA VAL NA 97 -10.16 45.02 38.08
C VAL NA 97 -9.99 44.85 39.58
N THR NA 98 -9.22 45.73 40.22
CA THR NA 98 -8.89 45.60 41.63
C THR NA 98 -9.76 46.49 42.52
N ARG NA 99 -10.97 46.81 42.07
CA ARG NA 99 -11.91 47.54 42.93
C ARG NA 99 -12.23 46.73 44.17
N LYS NA 100 -12.19 47.39 45.32
CA LYS NA 100 -12.34 46.73 46.62
C LYS NA 100 -13.42 47.43 47.44
N TRP NA 101 -13.79 46.79 48.56
CA TRP NA 101 -14.76 47.32 49.51
C TRP NA 101 -14.11 48.14 50.61
N SER NA 102 -12.97 48.77 50.33
CA SER NA 102 -12.24 49.58 51.31
C SER NA 102 -11.91 48.76 52.56
N GLU OA 38 47.81 81.26 10.11
CA GLU OA 38 49.23 81.60 10.07
C GLU OA 38 50.08 80.40 9.68
N PHE OA 39 49.47 79.22 9.67
CA PHE OA 39 50.19 78.01 9.31
C PHE OA 39 50.44 77.96 7.81
N GLN OA 40 51.68 77.66 7.44
CA GLN OA 40 52.09 77.61 6.04
C GLN OA 40 52.80 76.29 5.76
N SER OA 41 52.49 75.69 4.62
CA SER OA 41 53.10 74.46 4.18
C SER OA 41 53.63 74.63 2.76
N ILE OA 42 54.36 73.62 2.27
CA ILE OA 42 54.94 73.70 0.94
C ILE OA 42 53.87 73.70 -0.15
N TYR OA 43 52.64 73.32 0.18
CA TYR OA 43 51.54 73.28 -0.79
C TYR OA 43 50.57 74.45 -0.60
N SER OA 44 50.96 75.48 0.13
CA SER OA 44 50.10 76.63 0.29
C SER OA 44 49.99 77.41 -1.02
N LEU OA 45 48.91 78.19 -1.14
CA LEU OA 45 48.67 78.95 -2.35
C LEU OA 45 49.77 79.99 -2.58
N ASP OA 46 50.29 80.58 -1.51
CA ASP OA 46 51.37 81.55 -1.66
C ASP OA 46 52.62 80.90 -2.25
N LYS OA 47 52.94 79.69 -1.80
CA LYS OA 47 54.13 79.00 -2.27
C LYS OA 47 53.90 78.23 -3.56
N LEU OA 48 52.65 78.03 -3.97
CA LEU OA 48 52.36 77.37 -5.25
C LEU OA 48 52.22 78.36 -6.40
N TYR OA 49 51.70 79.56 -6.12
CA TYR OA 49 51.51 80.59 -7.13
C TYR OA 49 52.15 81.87 -6.61
N PRO OA 50 53.47 82.02 -6.75
CA PRO OA 50 54.15 83.19 -6.18
C PRO OA 50 53.70 84.52 -6.76
N GLU OA 51 53.12 84.52 -7.96
CA GLU OA 51 52.74 85.79 -8.60
C GLU OA 51 51.66 86.52 -7.80
N SER OA 52 50.68 85.78 -7.29
CA SER OA 52 49.61 86.34 -6.46
C SER OA 52 49.75 85.79 -5.05
N ARG OA 53 49.90 86.69 -4.08
CA ARG OA 53 50.08 86.30 -2.68
C ARG OA 53 49.06 86.91 -1.74
N GLY OA 54 48.58 88.13 -2.02
CA GLY OA 54 47.62 88.76 -1.13
C GLY OA 54 46.29 88.03 -1.13
N SER OA 55 45.64 88.01 0.03
CA SER OA 55 44.33 87.38 0.15
C SER OA 55 43.22 88.23 -0.48
N ASP OA 56 43.50 89.51 -0.76
CA ASP OA 56 42.53 90.37 -1.42
C ASP OA 56 42.57 90.24 -2.94
N THR OA 57 43.58 89.54 -3.48
CA THR OA 57 43.68 89.39 -4.93
C THR OA 57 42.51 88.60 -5.50
N ALA OA 58 42.08 87.54 -4.79
CA ALA OA 58 41.04 86.66 -5.29
C ALA OA 58 39.68 87.31 -5.34
N TRP OA 59 39.50 88.49 -4.75
CA TRP OA 59 38.19 89.12 -4.66
C TRP OA 59 38.15 90.49 -5.36
N ARG OA 60 39.10 90.76 -6.25
CA ARG OA 60 39.09 92.01 -6.99
C ARG OA 60 38.03 91.98 -8.08
N LEU OA 61 37.76 93.16 -8.64
CA LEU OA 61 36.80 93.30 -9.74
C LEU OA 61 37.50 93.93 -10.94
N PRO OA 62 38.00 93.13 -11.89
CA PRO OA 62 38.66 93.68 -13.09
C PRO OA 62 37.67 94.17 -14.14
N ASP OA 63 37.16 95.39 -13.91
CA ASP OA 63 36.22 95.98 -14.85
C ASP OA 63 36.90 96.37 -16.15
N ASP OA 64 38.21 96.61 -16.12
CA ASP OA 64 38.92 97.04 -17.32
C ASP OA 64 39.14 95.89 -18.31
N ALA OA 65 39.20 94.65 -17.81
CA ALA OA 65 39.43 93.51 -18.69
C ALA OA 65 38.30 93.33 -19.70
N LYS OA 66 37.05 93.49 -19.25
CA LYS OA 66 35.88 93.36 -20.10
C LYS OA 66 35.03 94.62 -19.95
N GLN OA 67 35.27 95.59 -20.83
CA GLN OA 67 34.55 96.86 -20.80
C GLN OA 67 33.37 96.90 -21.76
N ALA OA 68 33.09 95.78 -22.44
CA ALA OA 68 31.97 95.77 -23.39
C ALA OA 68 30.64 96.02 -22.68
N ASN OA 69 30.44 95.39 -21.52
CA ASN OA 69 29.23 95.56 -20.71
C ASN OA 69 27.98 95.27 -21.53
N ASP OA 70 27.92 94.05 -22.04
CA ASP OA 70 26.80 93.62 -22.87
C ASP OA 70 25.58 93.34 -22.00
N ILE OA 71 24.40 93.55 -22.58
CA ILE OA 71 23.12 93.30 -21.93
C ILE OA 71 23.06 94.00 -20.57
N PRO OA 72 22.90 95.31 -20.53
CA PRO OA 72 22.74 95.99 -19.25
C PRO OA 72 21.39 95.68 -18.62
N VAL OA 73 21.31 94.54 -17.94
CA VAL OA 73 20.05 93.99 -17.47
C VAL OA 73 19.27 94.95 -16.58
N ASP OA 74 19.92 96.01 -16.08
CA ASP OA 74 19.20 97.00 -15.28
C ASP OA 74 18.12 97.72 -16.07
N ARG OA 75 18.25 97.78 -17.40
CA ARG OA 75 17.24 98.41 -18.24
C ARG OA 75 16.32 97.39 -18.92
N LEU OA 76 16.43 96.11 -18.57
CA LEU OA 76 15.56 95.08 -19.10
C LEU OA 76 14.46 94.75 -18.08
N THR OA 77 13.22 94.67 -18.55
CA THR OA 77 12.10 94.35 -17.70
C THR OA 77 11.97 92.83 -17.60
N ILE OA 78 12.19 92.30 -16.41
CA ILE OA 78 12.17 90.86 -16.16
C ILE OA 78 10.91 90.55 -15.36
N SER OA 79 10.08 89.65 -15.91
CA SER OA 79 8.85 89.24 -15.27
C SER OA 79 8.83 87.73 -15.11
N TYR OA 80 8.40 87.26 -13.94
CA TYR OA 80 8.34 85.84 -13.62
C TYR OA 80 6.89 85.43 -13.44
N CYS OA 81 6.47 84.38 -14.14
CA CYS OA 81 5.14 83.82 -14.02
C CYS OA 81 5.26 82.32 -13.85
N ARG OA 82 4.89 81.81 -12.68
CA ARG OA 82 5.04 80.40 -12.35
C ARG OA 82 3.73 79.67 -12.59
N SER OA 83 3.80 78.54 -13.29
CA SER OA 83 2.65 77.68 -13.56
C SER OA 83 2.87 76.36 -12.84
N SER OA 84 2.12 76.12 -11.77
CA SER OA 84 2.25 74.92 -10.96
C SER OA 84 1.07 74.01 -11.22
N GLY OA 85 1.35 72.72 -11.46
CA GLY OA 85 0.31 71.75 -11.71
C GLY OA 85 0.79 70.31 -11.59
N LYS OA 93 2.90 69.78 -14.66
CA LYS OA 93 4.25 70.21 -14.98
C LYS OA 93 4.55 71.58 -14.39
N VAL OA 94 5.55 71.63 -13.51
CA VAL OA 94 5.92 72.86 -12.81
C VAL OA 94 7.05 73.53 -13.58
N ASN OA 95 6.81 74.75 -14.04
CA ASN OA 95 7.82 75.53 -14.74
C ASN OA 95 7.64 77.01 -14.39
N SER OA 96 8.73 77.76 -14.50
CA SER OA 96 8.74 79.19 -14.21
C SER OA 96 9.00 79.95 -15.51
N LYS OA 97 7.97 80.61 -16.03
CA LYS OA 97 8.11 81.38 -17.26
C LYS OA 97 8.82 82.69 -16.96
N ALA OA 98 9.97 82.89 -17.58
CA ALA OA 98 10.74 84.12 -17.46
C ALA OA 98 10.75 84.83 -18.81
N GLU OA 99 10.27 86.08 -18.83
CA GLU OA 99 10.18 86.85 -20.06
C GLU OA 99 10.98 88.14 -19.93
N VAL OA 100 11.66 88.51 -21.01
CA VAL OA 100 12.47 89.72 -21.07
C VAL OA 100 11.82 90.67 -22.07
N ARG OA 101 11.44 91.85 -21.60
CA ARG OA 101 10.77 92.84 -22.43
C ARG OA 101 11.53 94.15 -22.35
N PHE OA 102 11.80 94.75 -23.51
CA PHE OA 102 12.48 96.04 -23.57
C PHE OA 102 12.07 96.76 -24.84
N HIS OA 103 12.26 98.07 -24.84
CA HIS OA 103 11.93 98.90 -25.99
C HIS OA 103 13.06 98.82 -27.02
N LEU OA 104 12.74 98.33 -28.22
CA LEU OA 104 13.78 98.13 -29.23
C LEU OA 104 14.31 99.47 -29.75
N ALA OA 105 13.43 100.45 -29.93
CA ALA OA 105 13.84 101.72 -30.52
C ALA OA 105 14.82 102.47 -29.62
N SER OA 106 14.58 102.46 -28.32
CA SER OA 106 15.38 103.24 -27.38
C SER OA 106 16.54 102.45 -26.79
N ALA OA 107 16.74 101.21 -27.21
CA ALA OA 107 17.85 100.40 -26.71
C ALA OA 107 19.14 100.90 -27.34
N ASP OA 108 19.89 101.69 -26.59
CA ASP OA 108 21.08 102.38 -27.10
C ASP OA 108 22.35 101.55 -26.99
N TRP OA 109 22.28 100.33 -26.47
CA TRP OA 109 23.46 99.49 -26.35
C TRP OA 109 23.75 98.67 -27.60
N ILE OA 110 22.99 98.91 -28.67
CA ILE OA 110 23.19 98.25 -29.96
C ILE OA 110 23.31 99.30 -31.03
N ALA OA 111 24.00 98.96 -32.12
CA ALA OA 111 24.22 99.92 -33.19
C ALA OA 111 22.95 100.15 -33.99
N GLU OA 112 22.92 101.28 -34.71
CA GLU OA 112 21.76 101.60 -35.54
C GLU OA 112 21.49 100.55 -36.62
N PRO OA 113 22.47 100.11 -37.41
CA PRO OA 113 22.17 99.02 -38.36
C PRO OA 113 21.72 97.74 -37.69
N VAL OA 114 22.24 97.44 -36.50
CA VAL OA 114 21.82 96.25 -35.79
C VAL OA 114 20.40 96.41 -35.26
N ARG OA 115 20.05 97.61 -34.80
CA ARG OA 115 18.72 97.83 -34.23
C ARG OA 115 17.63 97.60 -35.27
N LEU OA 116 17.80 98.12 -36.49
CA LEU OA 116 16.78 97.95 -37.52
C LEU OA 116 16.76 96.54 -38.10
N LYS OA 117 17.90 95.84 -38.11
CA LYS OA 117 17.90 94.48 -38.60
C LYS OA 117 17.15 93.54 -37.66
N LEU OA 118 17.16 93.85 -36.36
CA LEU OA 118 16.36 93.07 -35.42
C LEU OA 118 14.87 93.20 -35.73
N ALA OA 119 14.43 94.42 -36.07
CA ALA OA 119 13.02 94.63 -36.39
C ALA OA 119 12.64 93.93 -37.69
N VAL OA 120 13.55 93.85 -38.65
CA VAL OA 120 13.25 93.22 -39.93
C VAL OA 120 13.09 91.71 -39.77
N LYS OA 121 14.01 91.08 -39.03
CA LYS OA 121 14.00 89.63 -38.92
C LYS OA 121 13.03 89.15 -37.84
N HIS OA 122 13.04 89.81 -36.68
CA HIS OA 122 12.22 89.39 -35.54
C HIS OA 122 10.95 90.22 -35.39
N LYS OA 123 10.35 90.65 -36.50
CA LYS OA 123 9.13 91.43 -36.44
C LYS OA 123 7.96 90.64 -35.88
N ASN OA 124 8.06 89.32 -35.82
CA ASN OA 124 6.99 88.51 -35.26
C ASN OA 124 6.95 88.59 -33.74
N ARG OA 125 8.08 88.89 -33.09
CA ARG OA 125 8.14 88.99 -31.64
C ARG OA 125 7.91 90.40 -31.13
N ILE OA 126 7.78 91.38 -32.00
CA ILE OA 126 7.66 92.77 -31.60
C ILE OA 126 6.21 93.06 -31.23
N ASN OA 127 6.00 93.57 -30.02
CA ASN OA 127 4.68 93.95 -29.57
C ASN OA 127 4.20 95.20 -30.31
N ARG OA 128 2.94 95.55 -30.10
CA ARG OA 128 2.38 96.74 -30.75
C ARG OA 128 3.10 98.00 -30.33
N SER OA 129 3.44 98.11 -29.05
CA SER OA 129 4.12 99.28 -28.51
C SER OA 129 5.63 99.24 -28.72
N GLY OA 130 6.12 98.41 -29.64
CA GLY OA 130 7.54 98.33 -29.91
C GLY OA 130 8.35 97.58 -28.89
N GLU OA 131 7.72 96.85 -27.98
CA GLU OA 131 8.41 96.12 -26.93
C GLU OA 131 8.76 94.72 -27.45
N LEU OA 132 10.04 94.46 -27.63
CA LEU OA 132 10.48 93.13 -28.01
C LEU OA 132 10.31 92.18 -26.83
N ILE OA 133 9.68 91.05 -27.07
CA ILE OA 133 9.34 90.08 -26.03
C ILE OA 133 10.03 88.77 -26.31
N LEU OA 134 10.78 88.27 -25.34
CA LEU OA 134 11.46 86.98 -25.43
C LEU OA 134 11.04 86.14 -24.23
N THR OA 135 10.69 84.88 -24.49
CA THR OA 135 10.13 84.01 -23.47
C THR OA 135 10.86 82.67 -23.48
N SER OA 136 11.01 82.08 -22.29
CA SER OA 136 11.63 80.77 -22.14
C SER OA 136 10.80 79.91 -21.21
N GLU OA 137 10.85 78.60 -21.45
CA GLU OA 137 10.10 77.65 -20.63
C GLU OA 137 10.90 76.37 -20.36
N CYS OA 138 12.20 76.35 -20.65
CA CYS OA 138 12.99 75.13 -20.59
C CYS OA 138 13.09 74.56 -19.18
N SER OA 139 13.77 75.26 -18.29
CA SER OA 139 14.10 74.72 -16.98
C SER OA 139 13.09 75.16 -15.92
N ARG OA 140 13.06 74.43 -14.81
CA ARG OA 140 12.19 74.75 -13.69
C ARG OA 140 12.74 75.92 -12.87
N TYR OA 141 14.06 76.04 -12.76
CA TYR OA 141 14.67 77.11 -12.01
C TYR OA 141 14.70 78.39 -12.85
N GLN OA 142 14.18 79.48 -12.29
CA GLN OA 142 14.10 80.73 -13.02
C GLN OA 142 15.47 81.34 -13.30
N PHE OA 143 16.51 80.93 -12.57
CA PHE OA 143 17.86 81.38 -12.89
C PHE OA 143 18.29 80.86 -14.25
N ARG OA 144 17.98 79.59 -14.55
CA ARG OA 144 18.33 79.02 -15.84
C ARG OA 144 17.45 79.59 -16.95
N ASN OA 145 16.19 79.86 -16.65
CA ASN OA 145 15.30 80.45 -17.64
C ASN OA 145 15.77 81.84 -18.06
N LEU OA 146 16.18 82.66 -17.09
CA LEU OA 146 16.70 83.98 -17.42
C LEU OA 146 18.02 83.88 -18.16
N ALA OA 147 18.87 82.92 -17.77
CA ALA OA 147 20.13 82.72 -18.47
C ALA OA 147 19.90 82.31 -19.92
N ASP OA 148 18.88 81.49 -20.16
CA ASP OA 148 18.57 81.09 -21.54
C ASP OA 148 18.12 82.28 -22.36
N CYS OA 149 17.31 83.17 -21.79
CA CYS OA 149 16.87 84.36 -22.52
C CYS OA 149 18.04 85.25 -22.88
N LEU OA 150 18.97 85.45 -21.94
CA LEU OA 150 20.12 86.31 -22.21
C LEU OA 150 21.00 85.71 -23.31
N GLN OA 151 21.24 84.39 -23.26
CA GLN OA 151 22.02 83.74 -24.30
C GLN OA 151 21.30 83.79 -25.64
N LYS OA 152 19.97 83.64 -25.63
CA LYS OA 152 19.21 83.76 -26.86
C LYS OA 152 19.27 85.19 -27.40
N LEU OA 153 19.22 86.18 -26.51
CA LEU OA 153 19.33 87.57 -26.95
C LEU OA 153 20.70 87.87 -27.53
N ARG OA 154 21.75 87.31 -26.93
CA ARG OA 154 23.10 87.51 -27.47
C ARG OA 154 23.21 86.96 -28.89
N ASP OA 155 22.63 85.78 -29.13
CA ASP OA 155 22.68 85.18 -30.47
C ASP OA 155 21.90 86.02 -31.48
N MET OA 156 20.76 86.58 -31.05
CA MET OA 156 19.98 87.44 -31.95
C MET OA 156 20.80 88.65 -32.37
N ILE OA 157 21.47 89.29 -31.41
CA ILE OA 157 22.25 90.48 -31.72
C ILE OA 157 23.50 90.11 -32.51
N ALA OA 158 24.16 89.01 -32.13
CA ALA OA 158 25.43 88.64 -32.75
C ALA OA 158 25.27 88.38 -34.25
N GLU OA 159 24.24 87.61 -34.63
CA GLU OA 159 24.05 87.31 -36.05
C GLU OA 159 23.50 88.50 -36.81
N ALA OA 160 22.71 89.36 -36.16
CA ALA OA 160 22.21 90.55 -36.82
C ALA OA 160 23.28 91.63 -36.92
N SER OA 161 24.23 91.64 -35.99
CA SER OA 161 25.28 92.65 -36.00
C SER OA 161 26.15 92.55 -37.25
N GLN OA 162 26.51 91.34 -37.63
CA GLN OA 162 27.41 91.14 -38.77
C GLN OA 162 26.69 91.46 -40.07
N PRO OA 163 27.14 92.45 -40.85
CA PRO OA 163 26.51 92.70 -42.15
C PRO OA 163 26.64 91.54 -43.12
N ALA OA 164 27.73 90.78 -43.05
CA ALA OA 164 27.96 89.66 -43.95
C ALA OA 164 27.18 88.42 -43.55
N LYS OA 165 26.55 88.40 -42.38
CA LYS OA 165 25.81 87.23 -41.91
C LYS OA 165 24.44 87.22 -42.56
N GLU OA 166 24.27 86.36 -43.57
CA GLU OA 166 22.98 86.21 -44.25
C GLU OA 166 22.81 84.76 -44.67
N PRO OA 167 22.74 83.83 -43.72
CA PRO OA 167 22.62 82.41 -44.09
C PRO OA 167 21.28 82.10 -44.72
N SER OA 168 21.29 81.08 -45.59
CA SER OA 168 20.10 80.57 -46.25
C SER OA 168 20.01 79.06 -46.04
N ARG OA 169 18.81 78.53 -46.29
CA ARG OA 169 18.57 77.11 -46.06
C ARG OA 169 17.41 76.65 -46.94
N GLU OA 170 17.34 75.33 -47.13
CA GLU OA 170 16.27 74.70 -47.89
C GLU OA 170 15.52 73.75 -46.97
N ASP OA 171 14.19 73.87 -46.95
CA ASP OA 171 13.34 73.09 -46.07
C ASP OA 171 12.24 72.41 -46.89
N ALA OA 172 11.60 71.42 -46.26
CA ALA OA 172 10.50 70.72 -46.92
C ALA OA 172 9.32 71.66 -47.17
N GLU OA 173 9.01 72.52 -46.20
CA GLU OA 173 7.94 73.49 -46.40
C GLU OA 173 8.34 74.59 -47.37
N LEU OA 174 9.64 74.84 -47.54
CA LEU OA 174 10.07 75.85 -48.50
C LEU OA 174 9.74 75.45 -49.93
N ARG OA 175 9.80 74.14 -50.22
CA ARG OA 175 9.50 73.67 -51.57
C ARG OA 175 8.06 73.97 -51.96
N ARG OA 176 7.10 73.60 -51.11
CA ARG OA 176 5.70 73.84 -51.42
C ARG OA 176 5.37 75.32 -51.35
N SER OA 177 6.04 76.07 -50.46
CA SER OA 177 5.84 77.51 -50.41
C SER OA 177 6.26 78.18 -51.72
N ARG OA 178 7.40 77.74 -52.28
CA ARG OA 178 7.82 78.26 -53.58
C ARG OA 178 6.85 77.85 -54.69
N ILE OA 179 6.35 76.62 -54.63
CA ILE OA 179 5.43 76.13 -55.66
C ILE OA 179 4.11 76.88 -55.60
N GLU OA 180 3.53 77.01 -54.40
CA GLU OA 180 2.27 77.73 -54.28
C GLU OA 180 2.43 79.21 -54.60
N ASN OA 181 3.63 79.77 -54.40
CA ASN OA 181 3.90 81.13 -54.82
C ASN OA 181 4.06 81.22 -56.33
N MET OA 182 4.75 80.24 -56.92
CA MET OA 182 4.90 80.22 -58.38
C MET OA 182 3.56 80.03 -59.07
N ASN OA 183 2.69 79.18 -58.50
CA ASN OA 183 1.41 78.90 -59.13
C ASN OA 183 0.49 80.11 -59.10
N ARG OA 184 0.53 80.88 -58.01
CA ARG OA 184 -0.31 82.08 -57.96
C ARG OA 184 0.21 83.18 -58.87
N GLU OA 185 1.48 83.10 -59.30
CA GLU OA 185 2.00 84.03 -60.29
C GLU OA 185 1.56 83.70 -61.71
N ARG OA 186 1.11 82.46 -61.96
CA ARG OA 186 0.60 82.11 -63.28
C ARG OA 186 -0.64 82.94 -63.61
N LEU OA 187 -1.57 83.06 -62.66
CA LEU OA 187 -2.79 83.82 -62.87
C LEU OA 187 -2.55 85.32 -62.86
N ARG OA 188 -1.48 85.78 -62.22
CA ARG OA 188 -1.17 87.20 -62.10
C ARG OA 188 -0.62 87.80 -63.38
N LYS OA 189 -0.22 86.97 -64.35
CA LYS OA 189 0.49 87.46 -65.52
C LYS OA 189 -0.38 88.33 -66.44
N LYS OA 190 -1.70 88.23 -66.36
CA LYS OA 190 -2.55 89.06 -67.20
C LYS OA 190 -2.45 90.52 -66.76
N ARG OA 191 -2.43 91.42 -67.75
CA ARG OA 191 -2.21 92.85 -67.52
C ARG OA 191 -3.25 93.63 -68.32
N ILE OA 192 -4.39 93.90 -67.69
CA ILE OA 192 -5.46 94.70 -68.28
C ILE OA 192 -5.79 95.83 -67.32
N SER OA 193 -6.40 96.88 -67.85
CA SER OA 193 -6.76 98.04 -67.04
C SER OA 193 -7.63 97.63 -65.87
N SER OA 194 -7.29 98.13 -64.69
CA SER OA 194 -7.93 97.74 -63.45
C SER OA 194 -8.89 98.83 -62.97
N ALA OA 195 -9.44 98.63 -61.78
CA ALA OA 195 -10.37 99.58 -61.20
C ALA OA 195 -9.67 100.89 -60.85
N TYR PA 25 14.34 49.22 54.57
CA TYR PA 25 15.72 48.93 54.18
C TYR PA 25 16.39 50.16 53.58
N ARG PA 26 17.71 50.11 53.47
CA ARG PA 26 18.50 51.17 52.86
C ARG PA 26 19.14 50.65 51.58
N ALA PA 27 19.06 51.44 50.52
CA ALA PA 27 19.56 51.02 49.22
C ALA PA 27 21.08 50.90 49.23
N ARG PA 28 21.59 50.03 48.38
CA ARG PA 28 23.03 49.90 48.21
C ARG PA 28 23.61 51.16 47.59
N PRO PA 29 24.89 51.44 47.83
CA PRO PA 29 25.53 52.62 47.23
C PRO PA 29 25.45 52.56 45.72
N PRO PA 30 25.16 53.69 45.06
CA PRO PA 30 25.02 53.66 43.61
C PRO PA 30 26.33 53.29 42.94
N PRO PA 31 26.27 52.58 41.81
CA PRO PA 31 27.50 52.29 41.05
C PRO PA 31 27.97 53.53 40.33
N ARG PA 32 29.22 53.91 40.58
CA ARG PA 32 29.82 55.09 39.95
C ARG PA 32 31.11 54.68 39.25
N ARG PA 33 31.34 55.27 38.08
CA ARG PA 33 32.55 55.03 37.30
C ARG PA 33 33.61 56.02 37.78
N SER PA 34 34.68 55.50 38.38
CA SER PA 34 35.72 56.34 38.93
C SER PA 34 36.46 57.08 37.81
N GLN PA 35 36.86 58.32 38.09
CA GLN PA 35 37.58 59.14 37.14
C GLN PA 35 39.09 59.02 37.27
N GLU PA 36 39.58 58.19 38.20
CA GLU PA 36 41.00 58.03 38.37
C GLU PA 36 41.59 57.17 37.25
N PRO PA 37 42.82 57.45 36.84
CA PRO PA 37 43.47 56.61 35.83
C PRO PA 37 43.72 55.20 36.32
N ARG PA 38 43.73 54.26 35.39
CA ARG PA 38 43.93 52.85 35.70
C ARG PA 38 45.17 52.34 34.95
N TRP PA 39 45.91 51.44 35.59
CA TRP PA 39 47.10 50.85 34.99
C TRP PA 39 47.20 49.39 35.42
N PRO PA 40 46.88 48.45 34.53
CA PRO PA 40 47.01 47.03 34.86
C PRO PA 40 48.47 46.62 34.97
N ASP PA 41 48.69 45.57 35.74
CA ASP PA 41 50.05 45.09 35.97
C ASP PA 41 50.57 44.38 34.73
N PRO PA 42 51.64 44.85 34.10
CA PRO PA 42 52.17 44.16 32.92
C PRO PA 42 52.66 42.75 33.21
N ASP PA 43 53.17 42.50 34.41
CA ASP PA 43 53.74 41.19 34.74
C ASP PA 43 52.67 40.14 35.06
N ASP PA 44 51.42 40.54 35.21
CA ASP PA 44 50.36 39.57 35.46
C ASP PA 44 50.04 38.82 34.18
N PRO PA 45 50.17 37.50 34.16
CA PRO PA 45 49.87 36.75 32.92
C PRO PA 45 48.41 36.82 32.50
N LEU PA 46 47.50 37.16 33.40
CA LEU PA 46 46.07 37.15 33.10
C LEU PA 46 45.55 38.49 32.59
N THR PA 47 46.42 39.49 32.45
CA THR PA 47 45.95 40.79 31.98
C THR PA 47 45.55 40.70 30.50
N PRO PA 48 44.52 41.44 30.08
CA PRO PA 48 44.16 41.44 28.66
C PRO PA 48 45.28 42.00 27.80
N ARG PA 49 45.36 41.50 26.57
CA ARG PA 49 46.41 41.93 25.66
C ARG PA 49 46.23 43.39 25.26
N TRP PA 50 44.99 43.83 25.07
CA TRP PA 50 44.73 45.20 24.63
C TRP PA 50 45.00 46.23 25.71
N GLN PA 51 45.20 45.82 26.96
CA GLN PA 51 45.46 46.73 28.06
C GLN PA 51 46.95 47.00 28.27
N LEU PA 52 47.81 46.44 27.44
CA LEU PA 52 49.24 46.71 27.49
C LEU PA 52 49.77 47.32 26.21
N SER PA 53 48.92 47.56 25.22
CA SER PA 53 49.36 48.13 23.95
C SER PA 53 49.70 49.60 24.13
N PRO PA 54 50.60 50.13 23.29
CA PRO PA 54 50.90 51.57 23.37
C PRO PA 54 49.69 52.45 23.12
N ARG PA 55 48.69 51.97 22.39
CA ARG PA 55 47.48 52.77 22.16
C ARG PA 55 46.74 53.04 23.47
N TYR PA 56 46.79 52.11 24.42
CA TYR PA 56 46.10 52.31 25.68
C TYR PA 56 46.72 53.45 26.47
N ALA PA 57 48.06 53.53 26.47
CA ALA PA 57 48.73 54.63 27.19
C ALA PA 57 48.35 55.98 26.61
N ALA PA 58 48.30 56.08 25.28
CA ALA PA 58 47.91 57.33 24.65
C ALA PA 58 46.47 57.69 24.98
N LYS PA 59 45.59 56.69 25.06
CA LYS PA 59 44.19 56.95 25.40
C LYS PA 59 44.06 57.50 26.82
N GLN PA 60 44.87 56.99 27.75
CA GLN PA 60 44.83 57.51 29.11
C GLN PA 60 45.25 58.98 29.15
N PHE PA 61 46.26 59.35 28.36
CA PHE PA 61 46.67 60.75 28.30
C PHE PA 61 45.55 61.64 27.78
N ALA PA 62 44.85 61.19 26.73
CA ALA PA 62 43.72 61.96 26.23
C ALA PA 62 42.55 61.98 27.19
N ARG PA 63 42.45 60.99 28.07
CA ARG PA 63 41.39 60.97 29.08
C ARG PA 63 41.74 61.91 30.24
N HIS PA 64 42.91 61.72 30.86
CA HIS PA 64 43.33 62.50 32.01
C HIS PA 64 44.56 63.35 31.72
N GLY PA 65 45.64 62.74 31.23
CA GLY PA 65 46.84 63.48 30.90
C GLY PA 65 47.65 63.89 32.11
N ALA PA 66 47.14 64.84 32.89
CA ALA PA 66 47.85 65.29 34.08
C ALA PA 66 47.98 64.17 35.10
N ALA PA 67 46.91 63.41 35.33
CA ALA PA 67 46.94 62.31 36.27
C ALA PA 67 47.36 60.99 35.64
N SER PA 68 47.51 60.95 34.32
CA SER PA 68 47.90 59.70 33.66
C SER PA 68 49.33 59.31 33.99
N GLY PA 69 50.20 60.28 34.22
CA GLY PA 69 51.60 60.00 34.51
C GLY PA 69 52.37 59.38 33.37
N VAL PA 70 52.15 59.84 32.15
CA VAL PA 70 52.89 59.39 30.98
C VAL PA 70 53.50 60.59 30.29
N ALA PA 71 54.75 60.45 29.85
CA ALA PA 71 55.42 61.55 29.18
C ALA PA 71 54.72 61.89 27.86
N ALA PA 72 54.55 63.19 27.61
CA ALA PA 72 53.87 63.62 26.40
C ALA PA 72 54.70 63.35 25.14
N GLY PA 73 56.01 63.09 25.29
CA GLY PA 73 56.85 62.83 24.14
C GLY PA 73 56.58 61.50 23.48
N SER PA 74 55.95 60.56 24.19
CA SER PA 74 55.65 59.26 23.61
C SER PA 74 54.55 59.32 22.56
N LEU PA 75 53.78 60.41 22.51
CA LEU PA 75 52.68 60.53 21.57
C LEU PA 75 53.16 60.79 20.13
N TRP PA 76 54.39 61.25 19.96
CA TRP PA 76 54.87 61.49 18.60
C TRP PA 76 55.73 60.33 18.14
N PRO PA 77 55.74 60.05 16.83
CA PRO PA 77 56.54 58.93 16.33
C PRO PA 77 58.03 59.13 16.59
N SER PA 78 58.70 58.04 16.90
CA SER PA 78 60.13 58.07 17.16
C SER PA 78 60.89 58.28 15.85
N GLN PA 79 62.21 58.47 15.99
CA GLN PA 79 63.04 58.66 14.80
C GLN PA 79 63.03 57.45 13.90
N GLU PA 80 63.05 56.25 14.49
CA GLU PA 80 62.90 55.03 13.70
C GLU PA 80 61.53 54.98 13.03
N GLN PA 81 60.48 55.37 13.76
CA GLN PA 81 59.14 55.37 13.18
C GLN PA 81 58.97 56.49 12.17
N LEU PA 82 59.57 57.66 12.43
CA LEU PA 82 59.41 58.79 11.53
C LEU PA 82 60.03 58.50 10.16
N ARG PA 83 61.20 57.85 10.14
CA ARG PA 83 61.79 57.46 8.87
C ARG PA 83 60.89 56.47 8.13
N GLU PA 84 60.28 55.54 8.85
CA GLU PA 84 59.33 54.62 8.23
C GLU PA 84 58.13 55.37 7.67
N LEU PA 85 57.59 56.34 8.43
CA LEU PA 85 56.46 57.11 7.93
C LEU PA 85 56.86 57.98 6.74
N GLU PA 86 58.08 58.52 6.77
CA GLU PA 86 58.53 59.37 5.67
C GLU PA 86 58.62 58.60 4.36
N ALA PA 87 59.17 57.37 4.42
CA ALA PA 87 59.35 56.59 3.20
C ALA PA 87 58.02 56.09 2.65
N GLU PA 88 57.14 55.60 3.52
CA GLU PA 88 55.88 55.02 3.07
C GLU PA 88 55.01 56.04 2.35
N GLU PA 89 54.88 57.24 2.92
CA GLU PA 89 54.05 58.26 2.30
C GLU PA 89 54.66 58.80 1.02
N ARG PA 90 56.00 58.85 0.95
CA ARG PA 90 56.65 59.35 -0.24
C ARG PA 90 56.49 58.39 -1.42
N GLU PA 91 56.71 57.09 -1.18
CA GLU PA 91 56.68 56.13 -2.27
C GLU PA 91 55.26 55.89 -2.78
N TRP PA 92 54.27 55.93 -1.91
CA TRP PA 92 52.90 55.60 -2.31
C TRP PA 92 52.10 56.83 -2.74
N TYR PA 93 52.19 57.92 -1.97
CA TYR PA 93 51.48 59.14 -2.32
C TYR PA 93 52.43 60.04 -3.12
N PRO PA 94 52.17 60.27 -4.41
CA PRO PA 94 53.06 61.14 -5.19
C PRO PA 94 52.89 62.61 -4.86
N SER PA 95 53.65 63.46 -5.53
CA SER PA 95 53.59 64.90 -5.32
C SER PA 95 52.59 65.55 -6.26
N LEU PA 96 52.20 66.78 -5.93
CA LEU PA 96 51.28 67.52 -6.78
C LEU PA 96 51.89 67.80 -8.15
N ALA PA 97 53.19 68.11 -8.18
CA ALA PA 97 53.87 68.33 -9.46
C ALA PA 97 53.86 67.07 -10.30
N ALA PA 98 54.12 65.91 -9.67
CA ALA PA 98 54.11 64.65 -10.40
C ALA PA 98 52.71 64.33 -10.93
N MET PA 99 51.68 64.56 -10.12
CA MET PA 99 50.32 64.31 -10.57
C MET PA 99 49.93 65.24 -11.72
N GLN PA 100 50.30 66.51 -11.61
CA GLN PA 100 49.94 67.47 -12.67
C GLN PA 100 50.63 67.13 -13.98
N GLU PA 101 51.91 66.74 -13.92
CA GLU PA 101 52.63 66.42 -15.16
C GLU PA 101 52.21 65.07 -15.72
N SER PA 102 51.82 64.14 -14.86
CA SER PA 102 51.36 62.84 -15.33
C SER PA 102 50.09 62.96 -16.15
N LEU PA 103 49.16 63.82 -15.71
CA LEU PA 103 47.93 64.01 -16.45
C LEU PA 103 48.18 64.72 -17.77
N ARG PA 104 49.17 65.61 -17.83
CA ARG PA 104 49.48 66.28 -19.09
C ARG PA 104 49.96 65.29 -20.14
N VAL PA 105 50.76 64.29 -19.73
CA VAL PA 105 51.26 63.29 -20.67
C VAL PA 105 50.11 62.49 -21.26
N GLN PA 106 49.18 62.06 -20.41
CA GLN PA 106 48.04 61.30 -20.91
C GLN PA 106 47.14 62.15 -21.80
N GLN PA 107 46.90 63.40 -21.42
CA GLN PA 107 46.08 64.28 -22.25
C GLN PA 107 46.71 64.51 -23.61
N LEU PA 108 48.02 64.73 -23.65
CA LEU PA 108 48.72 64.86 -24.93
C LEU PA 108 48.67 63.57 -25.73
N ALA PA 109 48.85 62.43 -25.05
CA ALA PA 109 48.87 61.14 -25.76
C ALA PA 109 47.52 60.83 -26.38
N GLU PA 110 46.42 61.03 -25.64
CA GLU PA 110 45.11 60.71 -26.18
C GLU PA 110 44.71 61.68 -27.29
N GLU PA 111 45.05 62.96 -27.14
CA GLU PA 111 44.72 63.93 -28.18
C GLU PA 111 45.44 63.62 -29.49
N GLN PA 112 46.71 63.22 -29.40
CA GLN PA 112 47.46 62.86 -30.60
C GLN PA 112 46.86 61.63 -31.27
N LYS PA 113 46.42 60.65 -30.47
CA LYS PA 113 45.81 59.46 -31.05
C LYS PA 113 44.52 59.80 -31.79
N ARG PA 114 43.69 60.69 -31.22
CA ARG PA 114 42.47 61.08 -31.89
C ARG PA 114 42.76 61.78 -33.22
N GLN PA 115 43.77 62.65 -33.24
CA GLN PA 115 44.14 63.32 -34.48
C GLN PA 115 44.64 62.33 -35.52
N ALA PA 116 45.41 61.33 -35.10
CA ALA PA 116 45.93 60.34 -36.03
C ALA PA 116 44.81 59.55 -36.69
N ARG PA 117 43.79 59.16 -35.92
CA ARG PA 117 42.67 58.43 -36.50
C ARG PA 117 41.90 59.29 -37.50
N GLU PA 118 41.67 60.56 -37.18
CA GLU PA 118 40.90 61.42 -38.07
C GLU PA 118 41.61 61.62 -39.41
N GLN PA 119 42.94 61.77 -39.38
CA GLN PA 119 43.68 61.88 -40.63
C GLN PA 119 43.57 60.61 -41.46
N LEU PA 120 43.61 59.44 -40.80
CA LEU PA 120 43.45 58.18 -41.51
C LEU PA 120 42.08 58.05 -42.14
N ILE PA 121 41.04 58.50 -41.43
CA ILE PA 121 39.67 58.39 -41.94
C ILE PA 121 39.50 59.24 -43.19
N GLU PA 122 39.93 60.50 -43.13
CA GLU PA 122 39.74 61.40 -44.27
C GLU PA 122 40.60 60.99 -45.45
N GLU PA 123 41.75 60.37 -45.20
CA GLU PA 123 42.60 59.92 -46.31
C GLU PA 123 41.93 58.77 -47.05
N CYS PA 124 41.35 57.82 -46.33
CA CYS PA 124 40.68 56.69 -46.98
C CYS PA 124 39.44 57.13 -47.75
N MET PA 125 38.69 58.08 -47.18
CA MET PA 125 37.50 58.57 -47.87
C MET PA 125 37.86 59.30 -49.16
N ALA PA 126 39.07 59.86 -49.23
CA ALA PA 126 39.50 60.54 -50.45
C ALA PA 126 39.61 59.56 -51.62
N LYS PA 127 40.10 58.35 -51.36
CA LYS PA 127 40.24 57.34 -52.41
C LYS PA 127 38.92 56.68 -52.76
N MET PA 128 37.90 56.82 -51.91
CA MET PA 128 36.64 56.10 -52.12
C MET PA 128 35.99 56.39 -53.47
N PRO PA 129 35.88 57.65 -53.93
CA PRO PA 129 35.30 57.85 -55.28
C PRO PA 129 36.05 57.10 -56.37
N GLN PA 130 37.37 57.02 -56.27
CA GLN PA 130 38.14 56.27 -57.25
C GLN PA 130 38.17 54.78 -56.92
N MET PA 131 38.20 54.43 -55.62
CA MET PA 131 38.24 53.03 -55.23
C MET PA 131 36.95 52.31 -55.62
N ILE PA 132 35.80 52.95 -55.44
CA ILE PA 132 34.53 52.32 -55.77
C ILE PA 132 34.43 52.07 -57.27
N GLU PA 133 34.78 53.09 -58.08
CA GLU PA 133 34.65 52.97 -59.52
C GLU PA 133 35.58 51.90 -60.09
N ASN PA 134 36.81 51.83 -59.58
CA ASN PA 134 37.77 50.85 -60.09
C ASN PA 134 37.29 49.42 -59.83
N TRP PA 135 36.74 49.17 -58.64
CA TRP PA 135 36.21 47.85 -58.35
C TRP PA 135 34.91 47.59 -59.10
N ARG PA 136 34.00 48.57 -59.11
CA ARG PA 136 32.70 48.38 -59.75
C ARG PA 136 32.83 48.18 -61.26
N GLN PA 137 33.66 49.00 -61.91
CA GLN PA 137 33.83 48.87 -63.35
C GLN PA 137 34.53 47.57 -63.71
N GLN PA 138 35.47 47.14 -62.87
CA GLN PA 138 36.13 45.85 -63.08
C GLN PA 138 35.14 44.71 -62.97
N GLN PA 139 34.21 44.79 -62.02
CA GLN PA 139 33.19 43.76 -61.87
C GLN PA 139 32.29 43.70 -63.11
N GLN PA 140 31.92 44.87 -63.64
CA GLN PA 140 31.15 44.89 -64.89
C GLN PA 140 31.95 44.28 -66.03
N GLU PA 141 33.24 44.61 -66.11
CA GLU PA 141 34.11 43.97 -67.11
C GLU PA 141 34.19 42.48 -66.88
N ARG PA 142 34.20 42.06 -65.61
CA ARG PA 142 34.19 40.64 -65.28
C ARG PA 142 32.94 39.95 -65.81
N ARG PA 143 31.78 40.59 -65.65
CA ARG PA 143 30.53 39.99 -66.11
C ARG PA 143 30.42 40.02 -67.63
N GLU PA 144 30.85 41.12 -68.26
CA GLU PA 144 30.81 41.21 -69.72
C GLU PA 144 31.74 40.17 -70.34
N LYS PA 145 32.93 39.97 -69.78
CA LYS PA 145 33.84 38.95 -70.28
C LYS PA 145 33.25 37.56 -70.09
N GLU PA 146 32.62 37.32 -68.93
CA GLU PA 146 32.01 36.02 -68.69
C GLU PA 146 30.83 35.78 -69.62
N GLN PA 147 30.06 36.83 -69.92
CA GLN PA 147 28.94 36.70 -70.85
C GLN PA 147 29.44 36.34 -72.25
N ALA PA 148 30.53 36.96 -72.68
CA ALA PA 148 31.11 36.62 -73.99
C ALA PA 148 31.64 35.19 -73.99
N ASP PA 149 32.10 34.69 -72.84
CA ASP PA 149 32.53 33.31 -72.75
C ASP PA 149 31.36 32.35 -72.99
N LYS PA 150 30.18 32.68 -72.44
CA LYS PA 150 29.00 31.84 -72.65
C LYS PA 150 28.58 31.84 -74.11
N ASP PA 151 28.67 33.01 -74.77
CA ASP PA 151 28.34 33.08 -76.20
C ASP PA 151 29.31 32.25 -77.03
N ARG PA 152 30.60 32.30 -76.69
CA ARG PA 152 31.59 31.52 -77.43
C ARG PA 152 31.34 30.03 -77.29
N ARG PA 153 30.98 29.57 -76.08
CA ARG PA 153 30.65 28.16 -75.90
C ARG PA 153 29.43 27.75 -76.71
N ALA PA 154 28.40 28.61 -76.73
CA ALA PA 154 27.18 28.29 -77.46
C ALA PA 154 27.43 28.15 -78.95
N ARG PA 155 28.27 29.04 -79.51
CA ARG PA 155 28.59 28.95 -80.94
C ARG PA 155 29.32 27.66 -81.27
N LEU PA 156 30.22 27.22 -80.38
CA LEU PA 156 30.92 25.96 -80.61
C LEU PA 156 29.95 24.79 -80.58
N GLN PA 157 28.96 24.82 -79.69
CA GLN PA 157 27.95 23.77 -79.66
C GLN PA 157 27.15 23.73 -80.94
N ALA PA 158 26.88 24.89 -81.54
CA ALA PA 158 26.17 24.94 -82.81
C ALA PA 158 26.97 24.29 -83.93
N GLU PA 159 28.29 24.44 -83.90
CA GLU PA 159 29.16 23.84 -84.90
C GLU PA 159 29.07 22.32 -84.89
N PHE QA 35 -83.81 -27.39 -31.15
CA PHE QA 35 -82.73 -28.36 -30.98
C PHE QA 35 -83.12 -29.72 -31.54
N ARG QA 36 -82.20 -30.32 -32.29
CA ARG QA 36 -82.42 -31.60 -32.95
C ARG QA 36 -81.55 -32.67 -32.30
N GLU QA 37 -82.11 -33.86 -32.12
CA GLU QA 37 -81.40 -34.98 -31.53
C GLU QA 37 -81.52 -36.20 -32.42
N VAL QA 38 -80.50 -37.05 -32.39
CA VAL QA 38 -80.42 -38.24 -33.23
C VAL QA 38 -80.71 -39.46 -32.38
N VAL QA 39 -81.60 -40.32 -32.88
CA VAL QA 39 -82.00 -41.54 -32.19
C VAL QA 39 -81.65 -42.72 -33.09
N GLU QA 40 -80.87 -43.66 -32.55
CA GLU QA 40 -80.51 -44.88 -33.25
C GLU QA 40 -81.10 -46.06 -32.49
N ILE QA 41 -81.86 -46.90 -33.19
CA ILE QA 41 -82.60 -48.00 -32.59
C ILE QA 41 -82.23 -49.29 -33.30
N LEU QA 42 -82.03 -50.35 -32.52
CA LEU QA 42 -81.75 -51.68 -33.04
C LEU QA 42 -82.96 -52.56 -32.77
N ASP QA 43 -83.62 -53.01 -33.84
CA ASP QA 43 -84.83 -53.84 -33.74
C ASP QA 43 -84.69 -55.05 -34.66
N GLY QA 44 -84.09 -56.12 -34.13
CA GLY QA 44 -83.99 -57.37 -34.85
C GLY QA 44 -83.23 -57.28 -36.16
N LYS QA 45 -81.92 -57.04 -36.07
CA LYS QA 45 -81.02 -56.93 -37.23
C LYS QA 45 -81.45 -55.80 -38.16
N THR QA 46 -82.25 -54.85 -37.68
CA THR QA 46 -82.63 -53.68 -38.45
C THR QA 46 -82.32 -52.44 -37.64
N THR QA 47 -81.54 -51.52 -38.21
CA THR QA 47 -81.15 -50.29 -37.55
C THR QA 47 -81.90 -49.12 -38.17
N ILE QA 48 -82.53 -48.32 -37.32
CA ILE QA 48 -83.30 -47.16 -37.75
C ILE QA 48 -82.70 -45.92 -37.10
N ILE QA 49 -82.36 -44.93 -37.93
CA ILE QA 49 -81.78 -43.68 -37.46
C ILE QA 49 -82.66 -42.54 -37.93
N GLU QA 50 -83.13 -41.74 -36.98
CA GLU QA 50 -84.04 -40.64 -37.28
C GLU QA 50 -83.70 -39.45 -36.39
N GLY QA 51 -84.02 -38.26 -36.88
CA GLY QA 51 -83.80 -37.02 -36.16
C GLY QA 51 -85.12 -36.39 -35.73
N ARG QA 52 -85.18 -35.97 -34.48
CA ARG QA 52 -86.37 -35.36 -33.90
C ARG QA 52 -86.04 -33.95 -33.44
N ILE QA 53 -86.98 -33.03 -33.65
CA ILE QA 53 -86.80 -31.62 -33.32
C ILE QA 53 -87.43 -31.36 -31.95
N THR QA 54 -86.66 -30.76 -31.06
CA THR QA 54 -87.12 -30.38 -29.74
C THR QA 54 -87.22 -28.86 -29.66
N GLU QA 55 -88.28 -28.37 -29.01
CA GLU QA 55 -88.53 -26.94 -28.95
C GLU QA 55 -87.37 -26.20 -28.29
N THR QA 56 -86.99 -25.06 -28.87
CA THR QA 56 -85.80 -24.33 -28.44
C THR QA 56 -86.18 -22.99 -27.81
N PRO QA 57 -85.60 -22.65 -26.66
CA PRO QA 57 -85.84 -21.32 -26.09
C PRO QA 57 -85.31 -20.23 -27.01
N GLN QA 58 -86.05 -19.13 -27.06
CA GLN QA 58 -85.75 -18.02 -27.96
C GLN QA 58 -85.12 -16.86 -27.21
N GLU QA 59 -84.61 -15.91 -27.99
CA GLU QA 59 -84.02 -14.71 -27.41
C GLU QA 59 -85.09 -13.88 -26.72
N SER QA 60 -84.68 -13.17 -25.66
CA SER QA 60 -85.60 -12.31 -24.94
C SER QA 60 -86.10 -11.19 -25.87
N PRO QA 61 -87.33 -10.71 -25.66
CA PRO QA 61 -87.95 -9.82 -26.66
C PRO QA 61 -87.24 -8.47 -26.83
N ASN QA 62 -86.99 -7.76 -25.74
CA ASN QA 62 -86.50 -6.39 -25.83
C ASN QA 62 -85.07 -6.27 -25.35
N PRO QA 63 -84.10 -6.13 -26.24
CA PRO QA 63 -82.72 -5.85 -25.82
C PRO QA 63 -82.50 -4.35 -25.66
N PRO QA 64 -81.64 -3.95 -24.72
CA PRO QA 64 -81.41 -2.51 -24.51
C PRO QA 64 -80.83 -1.80 -25.72
N ASN QA 65 -80.08 -2.50 -26.57
CA ASN QA 65 -79.39 -1.90 -27.72
C ASN QA 65 -79.79 -2.67 -28.98
N PRO QA 66 -80.96 -2.37 -29.54
CA PRO QA 66 -81.45 -3.16 -30.69
C PRO QA 66 -80.57 -3.07 -31.92
N THR QA 67 -79.75 -2.03 -32.07
CA THR QA 67 -78.97 -1.82 -33.27
C THR QA 67 -77.62 -2.54 -33.22
N GLY QA 68 -77.36 -3.32 -32.17
CA GLY QA 68 -76.11 -4.04 -32.09
C GLY QA 68 -76.02 -5.16 -33.09
N GLN QA 69 -74.80 -5.64 -33.31
CA GLN QA 69 -74.54 -6.68 -34.28
C GLN QA 69 -74.41 -8.05 -33.62
N CYS QA 70 -73.39 -8.22 -32.78
CA CYS QA 70 -73.20 -9.49 -32.11
C CYS QA 70 -73.99 -9.52 -30.80
N PRO QA 71 -74.35 -10.72 -30.32
CA PRO QA 71 -75.21 -10.80 -29.12
C PRO QA 71 -74.62 -10.13 -27.89
N ILE QA 72 -73.30 -10.16 -27.72
CA ILE QA 72 -72.69 -9.62 -26.51
C ILE QA 72 -72.91 -8.12 -26.42
N CYS QA 73 -72.62 -7.38 -27.50
CA CYS QA 73 -72.77 -5.94 -27.46
C CYS QA 73 -74.20 -5.49 -27.73
N ARG QA 74 -75.09 -6.42 -28.08
CA ARG QA 74 -76.50 -6.07 -28.26
C ARG QA 74 -77.20 -5.87 -26.93
N TRP QA 75 -76.73 -6.52 -25.87
CA TRP QA 75 -77.31 -6.42 -24.53
C TRP QA 75 -76.46 -5.57 -23.60
N ASN QA 76 -75.55 -4.77 -24.14
CA ASN QA 76 -74.66 -3.92 -23.35
C ASN QA 76 -73.83 -4.73 -22.36
N LEU QA 77 -73.43 -5.94 -22.75
CA LEU QA 77 -72.57 -6.78 -21.94
C LEU QA 77 -71.11 -6.66 -22.33
N LYS QA 78 -70.77 -5.72 -23.20
CA LYS QA 78 -69.39 -5.55 -23.62
C LYS QA 78 -68.54 -5.07 -22.46
N HIS QA 79 -67.41 -5.74 -22.24
CA HIS QA 79 -66.46 -5.39 -21.19
C HIS QA 79 -67.11 -5.37 -19.81
N LYS QA 80 -68.05 -6.28 -19.56
CA LYS QA 80 -68.74 -6.32 -18.27
C LYS QA 80 -68.96 -7.73 -17.74
N TYR QA 81 -68.38 -8.75 -18.37
CA TYR QA 81 -68.49 -10.12 -17.88
C TYR QA 81 -67.10 -10.66 -17.52
N ASN QA 82 -67.10 -11.67 -16.65
CA ASN QA 82 -65.88 -12.30 -16.18
C ASN QA 82 -66.13 -13.80 -16.10
N TYR QA 83 -65.15 -14.54 -15.56
CA TYR QA 83 -65.29 -15.99 -15.44
C TYR QA 83 -66.38 -16.38 -14.45
N GLU QA 84 -66.77 -15.47 -13.55
CA GLU QA 84 -67.78 -15.79 -12.55
C GLU QA 84 -69.17 -15.85 -13.15
N ASP QA 85 -69.41 -15.13 -14.24
CA ASP QA 85 -70.75 -14.99 -14.80
C ASP QA 85 -71.15 -16.28 -15.49
N VAL QA 86 -71.59 -17.24 -14.68
CA VAL QA 86 -71.99 -18.55 -15.21
C VAL QA 86 -73.26 -18.43 -16.04
N LEU QA 87 -74.18 -17.55 -15.63
CA LEU QA 87 -75.44 -17.40 -16.35
C LEU QA 87 -75.25 -16.95 -17.79
N LEU QA 88 -74.11 -16.32 -18.10
CA LEU QA 88 -73.81 -15.93 -19.46
C LEU QA 88 -73.02 -16.99 -20.21
N LEU QA 89 -72.03 -17.60 -19.55
CA LEU QA 89 -71.19 -18.61 -20.19
C LEU QA 89 -71.90 -19.94 -20.39
N SER QA 90 -73.08 -20.13 -19.78
CA SER QA 90 -73.82 -21.38 -19.92
C SER QA 90 -74.74 -21.38 -21.12
N GLN QA 91 -74.71 -20.31 -21.92
CA GLN QA 91 -75.54 -20.21 -23.12
C GLN QA 91 -74.75 -20.35 -24.41
N PHE QA 92 -73.43 -20.45 -24.33
CA PHE QA 92 -72.58 -20.62 -25.50
C PHE QA 92 -71.72 -21.87 -25.38
N ILE QA 93 -72.24 -22.91 -24.71
CA ILE QA 93 -71.50 -24.16 -24.52
C ILE QA 93 -72.44 -25.32 -24.80
N ARG QA 94 -71.85 -26.47 -25.12
CA ARG QA 94 -72.58 -27.69 -25.42
C ARG QA 94 -72.98 -28.37 -24.12
N PRO QA 95 -73.93 -29.33 -24.16
CA PRO QA 95 -74.29 -30.07 -22.95
C PRO QA 95 -73.16 -30.89 -22.36
N HIS QA 96 -72.08 -31.17 -23.10
CA HIS QA 96 -70.98 -31.98 -22.60
C HIS QA 96 -69.70 -31.16 -22.43
N GLY QA 97 -69.81 -29.85 -22.24
CA GLY QA 97 -68.68 -29.01 -21.90
C GLY QA 97 -68.03 -28.32 -23.07
N GLY QA 98 -68.31 -28.74 -24.30
CA GLY QA 98 -67.74 -28.09 -25.45
C GLY QA 98 -68.41 -26.75 -25.73
N MET QA 99 -67.81 -26.00 -26.65
CA MET QA 99 -68.27 -24.67 -26.99
C MET QA 99 -68.82 -24.65 -28.41
N LEU QA 100 -69.91 -23.92 -28.61
CA LEU QA 100 -70.54 -23.85 -29.92
C LEU QA 100 -69.68 -23.04 -30.89
N PRO QA 101 -69.76 -23.35 -32.18
CA PRO QA 101 -68.97 -22.59 -33.17
C PRO QA 101 -69.44 -21.15 -33.29
N ARG QA 102 -68.50 -20.29 -33.70
CA ARG QA 102 -68.80 -18.87 -33.83
C ARG QA 102 -69.86 -18.60 -34.90
N ARG QA 103 -69.95 -19.48 -35.90
CA ARG QA 103 -70.93 -19.29 -36.97
C ARG QA 103 -72.36 -19.37 -36.43
N ILE QA 104 -72.62 -20.34 -35.55
CA ILE QA 104 -73.98 -20.52 -35.04
C ILE QA 104 -74.34 -19.38 -34.09
N THR QA 105 -73.46 -19.06 -33.15
CA THR QA 105 -73.79 -18.05 -32.14
C THR QA 105 -73.90 -16.66 -32.77
N GLY QA 106 -72.93 -16.30 -33.60
CA GLY QA 106 -72.91 -15.00 -34.24
C GLY QA 106 -72.00 -14.00 -33.56
N LEU QA 107 -71.27 -14.41 -32.54
CA LEU QA 107 -70.38 -13.51 -31.83
C LEU QA 107 -69.27 -13.01 -32.74
N CYS QA 108 -68.78 -11.81 -32.45
CA CYS QA 108 -67.60 -11.32 -33.14
C CYS QA 108 -66.37 -12.09 -32.69
N GLN QA 109 -65.33 -12.07 -33.52
CA GLN QA 109 -64.12 -12.84 -33.24
C GLN QA 109 -63.47 -12.37 -31.94
N GLU QA 110 -63.44 -11.06 -31.71
CA GLU QA 110 -62.81 -10.53 -30.50
C GLU QA 110 -63.52 -11.05 -29.25
N GLU QA 111 -64.84 -11.04 -29.25
CA GLU QA 111 -65.59 -11.52 -28.10
C GLU QA 111 -65.61 -13.04 -28.01
N HIS QA 112 -65.59 -13.73 -29.15
CA HIS QA 112 -65.65 -15.18 -29.14
C HIS QA 112 -64.43 -15.77 -28.42
N LEU QA 113 -63.25 -15.21 -28.68
CA LEU QA 113 -62.06 -15.69 -27.99
C LEU QA 113 -62.14 -15.41 -26.49
N LYS QA 114 -62.67 -14.24 -26.11
CA LYS QA 114 -62.82 -13.92 -24.70
C LYS QA 114 -63.81 -14.87 -24.02
N ILE QA 115 -64.92 -15.18 -24.69
CA ILE QA 115 -65.86 -16.16 -24.15
C ILE QA 115 -65.22 -17.53 -24.07
N GLU QA 116 -64.44 -17.90 -25.09
CA GLU QA 116 -63.74 -19.18 -25.07
C GLU QA 116 -62.78 -19.26 -23.90
N GLU QA 117 -62.06 -18.18 -23.62
CA GLU QA 117 -61.13 -18.17 -22.50
C GLU QA 117 -61.87 -18.29 -21.17
N CYS QA 118 -63.00 -17.60 -21.03
CA CYS QA 118 -63.73 -17.64 -19.77
C CYS QA 118 -64.31 -19.02 -19.50
N VAL QA 119 -64.79 -19.71 -20.54
CA VAL QA 119 -65.33 -21.06 -20.36
C VAL QA 119 -64.23 -22.01 -19.89
N LYS QA 120 -63.04 -21.90 -20.49
CA LYS QA 120 -61.93 -22.72 -20.04
C LYS QA 120 -61.57 -22.43 -18.58
N MET QA 121 -61.55 -21.15 -18.20
CA MET QA 121 -61.29 -20.80 -16.82
C MET QA 121 -62.41 -21.25 -15.89
N ALA QA 122 -63.66 -21.21 -16.37
CA ALA QA 122 -64.79 -21.63 -15.54
C ALA QA 122 -64.72 -23.11 -15.23
N HIS QA 123 -64.39 -23.94 -16.22
CA HIS QA 123 -64.32 -25.38 -15.98
C HIS QA 123 -63.24 -25.72 -14.97
N ARG QA 124 -62.07 -25.10 -15.10
CA ARG QA 124 -60.98 -25.38 -14.17
C ARG QA 124 -61.28 -24.84 -12.77
N ALA QA 125 -62.07 -23.77 -12.68
CA ALA QA 125 -62.38 -23.17 -11.38
C ALA QA 125 -63.32 -24.03 -10.54
N GLY QA 126 -63.95 -25.04 -11.13
CA GLY QA 126 -64.89 -25.88 -10.42
C GLY QA 126 -66.35 -25.59 -10.70
N LEU QA 127 -66.65 -24.48 -11.37
CA LEU QA 127 -68.03 -24.19 -11.73
C LEU QA 127 -68.47 -25.09 -12.88
N LEU QA 128 -69.75 -24.99 -13.23
CA LEU QA 128 -70.35 -25.81 -14.28
C LEU QA 128 -70.15 -27.28 -13.99
N PRO QA 129 -70.78 -27.84 -12.95
CA PRO QA 129 -70.56 -29.25 -12.64
C PRO QA 129 -71.43 -30.21 -13.43
N ASN QA 130 -72.51 -29.74 -14.04
CA ASN QA 130 -73.40 -30.61 -14.80
C ASN QA 130 -73.03 -30.71 -16.27
N HIS QA 131 -71.97 -30.03 -16.70
CA HIS QA 131 -71.56 -30.03 -18.09
C HIS QA 131 -70.41 -30.99 -18.37
N ARG QA 132 -70.13 -31.91 -17.46
CA ARG QA 132 -69.14 -32.94 -17.69
C ARG QA 132 -69.79 -34.19 -18.29
N PRO QA 133 -69.07 -34.94 -19.11
CA PRO QA 133 -69.63 -36.18 -19.65
C PRO QA 133 -69.83 -37.22 -18.56
N LYS QA 134 -70.79 -38.10 -18.79
CA LYS QA 134 -71.15 -39.15 -17.83
C LYS QA 134 -70.41 -40.44 -18.16
N LEU QA 135 -69.70 -40.98 -17.18
CA LEU QA 135 -68.95 -42.23 -17.34
C LEU QA 135 -69.10 -43.05 -16.07
N PRO QA 136 -70.09 -43.95 -16.03
CA PRO QA 136 -70.38 -44.67 -14.79
C PRO QA 136 -69.21 -45.47 -14.24
N GLU QA 137 -68.34 -45.98 -15.11
CA GLU QA 137 -67.23 -46.81 -14.66
C GLU QA 137 -66.13 -46.01 -13.98
N GLY QA 138 -65.97 -44.74 -14.36
CA GLY QA 138 -64.86 -43.94 -13.88
C GLY QA 138 -65.09 -43.15 -12.61
N PHE QA 139 -66.34 -42.95 -12.20
CA PHE QA 139 -66.59 -42.17 -10.99
C PHE QA 139 -66.31 -42.97 -9.73
N VAL QA 140 -66.48 -44.29 -9.78
CA VAL QA 140 -66.22 -45.12 -8.60
C VAL QA 140 -64.77 -45.04 -8.14
N PRO QA 141 -63.75 -45.20 -9.01
CA PRO QA 141 -62.37 -45.11 -8.53
C PRO QA 141 -61.94 -43.68 -8.24
N LYS QA 142 -62.27 -43.19 -7.04
CA LYS QA 142 -61.92 -41.84 -6.65
C LYS QA 142 -60.41 -41.67 -6.60
N SER QA 143 -59.97 -40.41 -6.67
CA SER QA 143 -58.56 -40.07 -6.67
C SER QA 143 -58.26 -39.07 -5.57
N LYS QA 144 -57.10 -38.44 -5.63
CA LYS QA 144 -56.77 -37.39 -4.67
C LYS QA 144 -57.82 -36.28 -4.75
N PRO QA 145 -58.22 -35.72 -3.60
CA PRO QA 145 -59.27 -34.70 -3.62
C PRO QA 145 -58.89 -33.51 -4.48
N ARG QA 146 -59.89 -32.93 -5.13
CA ARG QA 146 -59.65 -31.80 -6.02
C ARG QA 146 -59.12 -30.61 -5.25
N LEU QA 147 -58.12 -29.95 -5.84
CA LEU QA 147 -57.54 -28.74 -5.26
C LEU QA 147 -58.27 -27.54 -5.83
N ASN QA 148 -58.92 -26.78 -4.96
CA ASN QA 148 -59.68 -25.62 -5.40
C ASN QA 148 -58.77 -24.60 -6.06
N ARG QA 149 -59.23 -24.03 -7.18
CA ARG QA 149 -58.45 -23.08 -7.95
C ARG QA 149 -59.39 -22.14 -8.67
N TYR QA 150 -58.85 -21.00 -9.10
CA TYR QA 150 -59.61 -20.06 -9.91
C TYR QA 150 -58.64 -19.21 -10.71
N LEU QA 151 -59.14 -18.63 -11.80
CA LEU QA 151 -58.35 -17.76 -12.67
C LEU QA 151 -57.09 -18.46 -13.17
N THR QA 152 -57.25 -19.71 -13.60
CA THR QA 152 -56.14 -20.50 -14.11
C THR QA 152 -56.00 -20.27 -15.60
N ARG QA 153 -54.93 -19.60 -16.01
CA ARG QA 153 -54.72 -19.30 -17.43
C ARG QA 153 -54.39 -20.57 -18.20
N TRP QA 154 -53.43 -21.35 -17.72
CA TRP QA 154 -52.98 -22.55 -18.41
C TRP QA 154 -53.78 -23.76 -17.94
N SER QA 155 -53.35 -24.95 -18.33
CA SER QA 155 -53.96 -26.19 -17.90
C SER QA 155 -53.12 -26.84 -16.81
N PRO QA 156 -53.74 -27.58 -15.89
CA PRO QA 156 -52.99 -28.14 -14.76
C PRO QA 156 -51.86 -29.08 -15.16
N ARG QA 157 -51.97 -29.76 -16.30
CA ARG QA 157 -51.01 -30.78 -16.69
C ARG QA 157 -49.92 -30.27 -17.62
N SER QA 158 -49.85 -28.96 -17.86
CA SER QA 158 -48.92 -28.40 -18.83
C SER QA 158 -48.04 -27.30 -18.25
N VAL QA 159 -47.94 -27.17 -16.93
CA VAL QA 159 -47.10 -26.17 -16.29
C VAL QA 159 -46.06 -26.90 -15.44
N LYS QA 160 -44.82 -26.43 -15.50
CA LYS QA 160 -43.72 -27.04 -14.79
C LYS QA 160 -43.31 -26.18 -13.60
N PRO QA 161 -42.90 -26.79 -12.49
CA PRO QA 161 -42.53 -26.01 -11.31
C PRO QA 161 -41.42 -25.02 -11.62
N ILE QA 162 -41.49 -23.86 -10.96
CA ILE QA 162 -40.44 -22.85 -11.08
C ILE QA 162 -39.40 -23.12 -10.01
N TYR QA 163 -38.44 -24.00 -10.30
CA TYR QA 163 -37.41 -24.32 -9.31
C TYR QA 163 -36.46 -23.15 -9.10
N ASN QA 164 -36.05 -22.49 -10.18
CA ASN QA 164 -35.17 -21.32 -10.08
C ASN QA 164 -35.99 -20.08 -10.39
N LYS QA 165 -36.57 -19.49 -9.34
CA LYS QA 165 -37.38 -18.29 -9.49
C LYS QA 165 -36.55 -17.11 -9.99
N GLY QA 166 -35.63 -16.61 -9.16
CA GLY QA 166 -34.77 -15.53 -9.60
C GLY QA 166 -34.99 -14.32 -8.72
N HIS QA 167 -34.05 -13.38 -8.83
CA HIS QA 167 -34.09 -12.19 -8.00
C HIS QA 167 -35.06 -11.18 -8.60
N ARG QA 168 -35.09 -9.96 -8.03
CA ARG QA 168 -36.10 -8.99 -8.44
C ARG QA 168 -35.81 -8.40 -9.81
N TRP QA 169 -34.56 -8.44 -10.26
CA TRP QA 169 -34.25 -7.88 -11.57
C TRP QA 169 -34.52 -8.85 -12.71
N ASN QA 170 -34.79 -10.13 -12.42
CA ASN QA 170 -35.19 -11.09 -13.44
C ASN QA 170 -36.05 -12.14 -12.75
N LYS QA 171 -37.33 -11.82 -12.59
CA LYS QA 171 -38.24 -12.60 -11.76
C LYS QA 171 -39.23 -13.32 -12.66
N VAL QA 172 -39.38 -14.63 -12.45
CA VAL QA 172 -40.34 -15.43 -13.19
C VAL QA 172 -41.68 -15.33 -12.48
N ARG QA 173 -42.63 -14.63 -13.10
CA ARG QA 173 -43.91 -14.32 -12.48
C ARG QA 173 -44.95 -15.33 -12.93
N MET QA 174 -45.70 -15.86 -11.97
CA MET QA 174 -46.73 -16.85 -12.25
C MET QA 174 -47.97 -16.17 -12.83
N PRO QA 175 -48.41 -16.55 -14.03
CA PRO QA 175 -49.56 -15.88 -14.64
C PRO QA 175 -50.86 -16.19 -13.92
N VAL QA 176 -51.71 -15.18 -13.82
CA VAL QA 176 -53.05 -15.31 -13.24
C VAL QA 176 -54.03 -14.59 -14.16
N GLY QA 177 -55.11 -15.26 -14.52
CA GLY QA 177 -56.06 -14.67 -15.44
C GLY QA 177 -55.50 -14.69 -16.86
N SER QA 178 -56.22 -14.00 -17.74
CA SER QA 178 -55.80 -13.97 -19.13
C SER QA 178 -55.68 -12.53 -19.63
N PRO QA 179 -54.75 -12.27 -20.54
CA PRO QA 179 -54.65 -10.92 -21.13
C PRO QA 179 -55.87 -10.53 -21.94
N LEU QA 180 -56.67 -11.50 -22.37
CA LEU QA 180 -57.88 -11.18 -23.13
C LEU QA 180 -58.91 -10.43 -22.29
N LEU QA 181 -58.81 -10.49 -20.96
CA LEU QA 181 -59.77 -9.85 -20.07
C LEU QA 181 -59.20 -8.60 -19.41
N LYS QA 182 -58.18 -7.99 -20.01
CA LYS QA 182 -57.62 -6.77 -19.46
C LYS QA 182 -58.40 -5.52 -19.88
N ASP QA 183 -59.36 -5.66 -20.78
CA ASP QA 183 -60.18 -4.54 -21.23
C ASP QA 183 -61.45 -4.38 -20.42
N ASN QA 184 -61.68 -5.22 -19.41
CA ASN QA 184 -62.88 -5.11 -18.59
C ASN QA 184 -62.87 -3.82 -17.78
N VAL QA 185 -64.06 -3.34 -17.44
CA VAL QA 185 -64.18 -2.10 -16.70
C VAL QA 185 -63.62 -2.27 -15.29
N SER QA 186 -62.87 -1.28 -14.84
CA SER QA 186 -62.27 -1.28 -13.51
C SER QA 186 -62.88 -0.16 -12.70
N TYR QA 187 -63.74 -0.51 -11.74
CA TYR QA 187 -64.36 0.50 -10.89
C TYR QA 187 -63.34 1.11 -9.93
N SER QA 188 -62.39 0.31 -9.45
CA SER QA 188 -61.35 0.84 -8.59
C SER QA 188 -60.43 1.79 -9.34
N GLY QA 189 -60.26 1.57 -10.64
CA GLY QA 189 -59.39 2.39 -11.46
C GLY QA 189 -57.97 1.86 -11.60
N ARG QA 190 -57.53 0.99 -10.71
CA ARG QA 190 -56.22 0.41 -10.82
C ARG QA 190 -56.23 -0.71 -11.87
N PRO QA 191 -55.19 -0.80 -12.70
CA PRO QA 191 -55.14 -1.87 -13.70
C PRO QA 191 -55.04 -3.23 -13.03
N LEU QA 192 -55.66 -4.23 -13.67
CA LEU QA 192 -55.62 -5.59 -13.15
C LEU QA 192 -54.21 -6.15 -13.24
N LEU QA 193 -53.78 -6.85 -12.19
CA LEU QA 193 -52.43 -7.42 -12.13
C LEU QA 193 -52.47 -8.83 -12.69
N LEU QA 194 -52.15 -8.97 -13.98
CA LEU QA 194 -52.24 -10.27 -14.64
C LEU QA 194 -51.09 -11.20 -14.27
N TYR QA 195 -49.91 -10.66 -14.00
CA TYR QA 195 -48.73 -11.46 -13.73
C TYR QA 195 -48.29 -11.24 -12.29
N HIS QA 196 -48.47 -12.25 -11.45
CA HIS QA 196 -48.06 -12.18 -10.06
C HIS QA 196 -47.88 -13.58 -9.48
N PRO RA 40 12.16 -88.93 46.58
CA PRO RA 40 11.33 -88.82 47.79
C PRO RA 40 12.01 -88.00 48.89
N VAL RA 41 13.04 -87.25 48.52
CA VAL RA 41 13.78 -86.41 49.45
C VAL RA 41 13.73 -84.98 48.94
N ALA RA 42 13.34 -84.06 49.82
CA ALA RA 42 13.26 -82.65 49.45
C ALA RA 42 14.66 -82.10 49.17
N ARG RA 43 14.75 -81.26 48.14
CA ARG RA 43 16.02 -80.66 47.71
C ARG RA 43 15.89 -79.15 47.86
N TYR RA 44 16.18 -78.64 49.05
CA TYR RA 44 16.09 -77.21 49.29
C TYR RA 44 17.25 -76.48 48.61
N PRO RA 45 16.97 -75.35 47.98
CA PRO RA 45 18.05 -74.55 47.40
C PRO RA 45 18.93 -73.96 48.48
N PRO RA 46 20.19 -73.68 48.18
CA PRO RA 46 21.08 -73.08 49.18
C PRO RA 46 20.60 -71.70 49.59
N ILE RA 47 21.05 -71.26 50.75
CA ILE RA 47 20.53 -70.05 51.38
C ILE RA 47 21.63 -68.98 51.37
N VAL RA 48 22.45 -68.99 50.34
CA VAL RA 48 23.40 -67.90 50.15
C VAL RA 48 22.68 -66.68 49.60
N ALA RA 49 23.30 -65.51 49.74
CA ALA RA 49 22.69 -64.27 49.31
C ALA RA 49 22.67 -64.19 47.78
N SER RA 50 21.98 -63.20 47.27
CA SER RA 50 21.89 -63.01 45.83
C SER RA 50 23.24 -62.55 45.26
N LEU RA 51 23.37 -62.69 43.95
CA LEU RA 51 24.63 -62.38 43.28
C LEU RA 51 24.60 -61.05 42.54
N THR RA 52 23.43 -60.57 42.12
CA THR RA 52 23.31 -59.33 41.36
C THR RA 52 22.59 -58.24 42.14
N ALA RA 53 22.37 -58.41 43.44
CA ALA RA 53 21.66 -57.43 44.22
C ALA RA 53 22.61 -56.31 44.68
N LYS RA 54 22.01 -55.22 45.15
CA LYS RA 54 22.76 -54.06 45.63
C LYS RA 54 23.14 -54.18 47.11
N SER RA 55 22.63 -55.17 47.83
CA SER RA 55 22.84 -55.26 49.26
C SER RA 55 24.30 -55.58 49.57
N LYS RA 56 24.67 -55.38 50.84
CA LYS RA 56 26.03 -55.68 51.28
C LYS RA 56 26.33 -57.17 51.25
N ALA RA 57 25.32 -58.01 51.54
CA ALA RA 57 25.52 -59.45 51.47
C ALA RA 57 25.83 -59.88 50.04
N ALA RA 58 25.16 -59.27 49.06
CA ALA RA 58 25.45 -59.57 47.66
C ALA RA 58 26.85 -59.13 47.28
N ARG RA 59 27.29 -57.97 47.77
CA ARG RA 59 28.64 -57.49 47.45
C ARG RA 59 29.69 -58.44 48.01
N GLN RA 60 29.46 -58.98 49.20
CA GLN RA 60 30.40 -59.96 49.77
C GLN RA 60 30.47 -61.20 48.90
N ARG RA 61 29.34 -61.66 48.36
CA ARG RA 61 29.35 -62.82 47.49
C ARG RA 61 30.09 -62.52 46.19
N ARG RA 62 29.94 -61.30 45.66
CA ARG RA 62 30.73 -60.91 44.50
C ARG RA 62 32.22 -60.91 44.82
N VAL RA 63 32.58 -60.38 46.00
CA VAL RA 63 33.98 -60.42 46.42
C VAL RA 63 34.45 -61.86 46.55
N GLU RA 64 33.63 -62.71 47.17
CA GLU RA 64 33.98 -64.11 47.31
C GLU RA 64 34.06 -64.82 45.96
N GLN RA 65 33.45 -64.25 44.92
CA GLN RA 65 33.52 -64.85 43.60
C GLN RA 65 34.91 -64.71 43.00
N TRP RA 66 35.50 -63.50 43.07
CA TRP RA 66 36.85 -63.32 42.56
C TRP RA 66 37.90 -63.90 43.49
N GLN RA 67 37.57 -64.08 44.77
CA GLN RA 67 38.46 -64.82 45.66
C GLN RA 67 38.64 -66.25 45.16
N ALA RA 68 37.55 -66.88 44.71
CA ALA RA 68 37.63 -68.24 44.19
C ALA RA 68 38.31 -68.30 42.83
N THR RA 69 38.37 -67.18 42.10
CA THR RA 69 39.08 -67.17 40.83
C THR RA 69 40.58 -67.35 41.03
N VAL RA 70 41.14 -66.74 42.07
CA VAL RA 70 42.56 -66.90 42.35
C VAL RA 70 42.86 -68.34 42.71
N HIS RA 71 41.97 -68.99 43.46
CA HIS RA 71 42.19 -70.38 43.84
C HIS RA 71 42.26 -71.28 42.61
N ALA RA 72 41.37 -71.07 41.64
CA ALA RA 72 41.34 -71.92 40.45
C ALA RA 72 42.52 -71.66 39.52
N ALA RA 73 43.23 -70.55 39.67
CA ALA RA 73 44.39 -70.28 38.84
C ALA RA 73 45.52 -71.25 39.17
N LYS RA 74 46.26 -71.65 38.15
CA LYS RA 74 47.33 -72.64 38.30
C LYS RA 74 48.69 -71.99 38.46
N SER RA 75 49.10 -71.18 37.48
CA SER RA 75 50.41 -70.55 37.54
C SER RA 75 50.42 -69.44 38.58
N VAL RA 76 51.54 -69.34 39.31
CA VAL RA 76 51.66 -68.31 40.33
C VAL RA 76 51.67 -66.92 39.71
N ASP RA 77 52.16 -66.80 38.47
CA ASP RA 77 52.12 -65.51 37.79
C ASP RA 77 50.70 -65.03 37.57
N GLU RA 78 49.79 -65.94 37.20
CA GLU RA 78 48.41 -65.55 36.97
C GLU RA 78 47.71 -65.16 38.26
N LYS RA 79 48.07 -65.79 39.37
CA LYS RA 79 47.51 -65.37 40.66
C LYS RA 79 47.93 -63.95 41.01
N LEU RA 80 49.21 -63.62 40.79
CA LEU RA 80 49.67 -62.27 41.08
C LEU RA 80 49.05 -61.24 40.15
N ARG RA 81 48.75 -61.62 38.91
CA ARG RA 81 48.11 -60.71 37.98
C ARG RA 81 46.71 -60.34 38.44
N ILE RA 82 45.94 -61.31 38.92
CA ILE RA 82 44.58 -61.04 39.34
C ILE RA 82 44.57 -60.18 40.60
N LEU RA 83 45.49 -60.45 41.53
CA LEU RA 83 45.51 -59.71 42.78
C LEU RA 83 45.93 -58.26 42.58
N THR RA 84 46.77 -57.98 41.59
CA THR RA 84 47.40 -56.67 41.43
C THR RA 84 46.95 -55.94 40.16
N LYS RA 85 45.85 -56.37 39.54
CA LYS RA 85 45.40 -55.69 38.33
C LYS RA 85 44.54 -54.47 38.61
N MET RA 86 44.08 -54.29 39.84
CA MET RA 86 43.30 -53.11 40.20
C MET RA 86 44.24 -52.02 40.69
N GLN RA 87 43.95 -50.77 40.30
CA GLN RA 87 44.83 -49.66 40.61
C GLN RA 87 44.12 -48.61 41.46
N PHE RA 88 43.62 -49.01 42.62
CA PHE RA 88 43.00 -48.07 43.53
C PHE RA 88 44.05 -47.31 44.34
N MET RA 89 43.59 -46.31 45.09
CA MET RA 89 44.48 -45.50 45.90
C MET RA 89 45.13 -46.32 47.00
N LYS RA 90 46.34 -45.93 47.37
CA LYS RA 90 47.10 -46.67 48.38
C LYS RA 90 48.12 -45.74 49.02
N TYR RA 91 48.52 -46.09 50.24
CA TYR RA 91 49.60 -45.38 50.92
C TYR RA 91 50.94 -45.88 50.42
N VAL RA 92 51.92 -44.98 50.38
CA VAL RA 92 53.28 -45.30 49.98
C VAL RA 92 54.15 -45.27 51.23
N VAL RA 93 54.76 -46.41 51.56
CA VAL RA 93 55.54 -46.57 52.77
C VAL RA 93 57.02 -46.57 52.41
N TYR RA 94 57.77 -45.64 52.98
CA TYR RA 94 59.20 -45.55 52.74
C TYR RA 94 59.96 -46.18 53.89
N PRO RA 95 60.76 -47.23 53.65
CA PRO RA 95 61.52 -47.83 54.76
C PRO RA 95 62.43 -46.85 55.49
N GLN RA 96 63.05 -45.93 54.76
CA GLN RA 96 63.92 -44.90 55.35
C GLN RA 96 63.07 -43.64 55.46
N THR RA 97 62.59 -43.37 56.67
CA THR RA 97 61.63 -42.29 56.89
C THR RA 97 62.10 -41.39 58.03
N PHE RA 98 61.62 -40.15 58.01
CA PHE RA 98 61.95 -39.15 59.00
C PHE RA 98 60.86 -38.99 60.06
N ALA RA 99 59.88 -39.88 60.10
CA ALA RA 99 58.81 -39.77 61.09
C ALA RA 99 59.36 -39.93 62.50
N LEU RA 100 58.78 -39.18 63.43
CA LEU RA 100 59.26 -39.19 64.81
C LEU RA 100 59.06 -40.56 65.45
N ASN RA 101 57.90 -41.17 65.24
CA ASN RA 101 57.64 -42.53 65.71
C ASN RA 101 57.20 -43.35 64.50
N ALA RA 102 58.17 -43.91 63.78
CA ALA RA 102 57.87 -44.68 62.58
C ALA RA 102 57.74 -46.17 62.86
N ASP RA 103 58.59 -46.71 63.74
CA ASP RA 103 58.52 -48.14 64.02
C ASP RA 103 57.19 -48.51 64.67
N ASN RA 104 56.67 -47.66 65.55
CA ASN RA 104 55.39 -47.94 66.19
C ASN RA 104 54.27 -47.98 65.16
N TRP RA 105 54.28 -47.04 64.20
CA TRP RA 105 53.23 -47.03 63.18
C TRP RA 105 53.41 -48.18 62.20
N TYR RA 106 54.67 -48.52 61.87
CA TYR RA 106 54.90 -49.60 60.92
C TYR RA 106 54.51 -50.96 61.48
N GLN RA 107 54.62 -51.14 62.80
CA GLN RA 107 54.18 -52.39 63.40
C GLN RA 107 52.67 -52.56 63.27
N SER RA 108 51.92 -51.47 63.40
CA SER RA 108 50.47 -51.56 63.27
C SER RA 108 50.06 -51.93 61.84
N PHE RA 109 50.74 -51.37 60.85
CA PHE RA 109 50.46 -51.71 59.46
C PHE RA 109 50.83 -53.14 59.13
N THR RA 110 51.73 -53.74 59.90
CA THR RA 110 52.32 -55.03 59.57
C THR RA 110 51.93 -56.15 60.51
N LYS RA 111 51.39 -55.83 61.69
CA LYS RA 111 51.11 -56.81 62.74
C LYS RA 111 52.40 -57.51 63.17
N THR RA 112 53.41 -56.69 63.47
CA THR RA 112 54.72 -57.16 63.88
C THR RA 112 55.01 -56.74 65.31
N VAL RA 113 55.48 -57.69 66.12
CA VAL RA 113 55.88 -57.41 67.50
C VAL RA 113 57.40 -57.46 67.56
N PHE RA 114 58.01 -56.35 67.98
CA PHE RA 114 59.45 -56.22 68.00
C PHE RA 114 60.00 -56.78 69.31
N LEU RA 115 60.94 -57.70 69.21
CA LEU RA 115 61.59 -58.31 70.37
C LEU RA 115 63.02 -57.80 70.45
N SER RA 116 63.37 -57.19 71.58
CA SER RA 116 64.73 -56.72 71.78
C SER RA 116 65.69 -57.90 71.91
N GLY RA 117 66.90 -57.72 71.41
CA GLY RA 117 67.91 -58.75 71.44
C GLY RA 117 67.84 -59.67 70.25
N LEU RA 118 68.89 -60.49 70.11
CA LEU RA 118 68.98 -61.42 69.01
C LEU RA 118 67.94 -62.54 69.14
N PRO RA 119 67.57 -63.18 68.04
CA PRO RA 119 66.60 -64.27 68.11
C PRO RA 119 67.15 -65.43 68.91
N PRO RA 120 66.28 -66.28 69.47
CA PRO RA 120 66.78 -67.38 70.31
C PRO RA 120 67.71 -68.29 69.53
N THR RA 121 68.73 -68.79 70.22
CA THR RA 121 69.74 -69.61 69.58
C THR RA 121 69.11 -70.91 69.06
N PRO RA 122 69.63 -71.45 67.95
CA PRO RA 122 69.10 -72.72 67.44
C PRO RA 122 69.26 -73.88 68.40
N ALA RA 123 70.08 -73.75 69.43
CA ALA RA 123 70.31 -74.80 70.42
C ALA RA 123 70.84 -76.07 69.77
N LYS RA 124 71.67 -75.90 68.74
CA LYS RA 124 72.29 -77.02 68.04
C LYS RA 124 73.79 -76.80 68.04
N LEU RA 125 74.53 -77.76 68.57
CA LEU RA 125 75.99 -77.70 68.66
C LEU RA 125 76.65 -78.68 67.71
N GLU RA 126 76.10 -78.80 66.49
CA GLU RA 126 76.72 -79.60 65.46
C GLU RA 126 78.09 -78.99 65.11
N PRO RA 127 79.02 -79.81 64.57
CA PRO RA 127 80.40 -79.34 64.35
C PRO RA 127 80.48 -77.98 63.69
N GLU RA 128 80.96 -76.99 64.44
CA GLU RA 128 81.10 -75.56 64.21
C GLU RA 128 82.37 -75.27 63.41
N PRO RA 129 82.28 -74.40 62.40
CA PRO RA 129 83.47 -74.11 61.59
C PRO RA 129 84.52 -73.34 62.37
N THR RA 130 85.76 -73.52 61.96
CA THR RA 130 86.90 -72.83 62.53
C THR RA 130 87.32 -71.71 61.59
N LEU RA 131 87.15 -70.46 62.02
CA LEU RA 131 87.40 -69.30 61.19
C LEU RA 131 88.51 -68.46 61.81
N ASP RA 132 89.52 -68.13 61.01
CA ASP RA 132 90.62 -67.30 61.46
C ASP RA 132 90.20 -65.84 61.38
N ILE RA 133 90.08 -65.19 62.53
CA ILE RA 133 89.60 -63.81 62.57
C ILE RA 133 90.61 -62.86 61.94
N THR RA 134 91.91 -63.20 62.03
CA THR RA 134 92.93 -62.31 61.49
C THR RA 134 92.77 -62.10 59.99
N ALA RA 135 92.48 -63.17 59.25
CA ALA RA 135 92.21 -63.02 57.83
C ALA RA 135 90.97 -62.20 57.58
N LEU RA 136 89.90 -62.43 58.35
CA LEU RA 136 88.68 -61.64 58.21
C LEU RA 136 88.92 -60.19 58.62
N ARG RA 137 89.67 -59.98 59.71
CA ARG RA 137 89.95 -58.63 60.18
C ARG RA 137 90.73 -57.85 59.14
N GLU RA 138 91.75 -58.47 58.54
CA GLU RA 138 92.53 -57.79 57.52
C GLU RA 138 91.70 -57.47 56.30
N ALA RA 139 90.82 -58.40 55.89
CA ALA RA 139 89.98 -58.17 54.72
C ALA RA 139 89.03 -57.01 54.94
N VAL RA 140 88.40 -56.94 56.12
CA VAL RA 140 87.47 -55.85 56.41
C VAL RA 140 88.22 -54.53 56.54
N CYS RA 141 89.38 -54.55 57.20
CA CYS RA 141 90.16 -53.32 57.35
C CYS RA 141 90.62 -52.79 56.00
N ASP RA 142 90.95 -53.68 55.06
CA ASP RA 142 91.34 -53.23 53.73
C ASP RA 142 90.20 -52.50 53.03
N CYS RA 143 88.97 -52.95 53.23
CA CYS RA 143 87.83 -52.23 52.65
C CYS RA 143 87.70 -50.84 53.25
N LEU RA 144 87.91 -50.71 54.56
CA LEU RA 144 87.83 -49.41 55.20
C LEU RA 144 88.95 -48.49 54.71
N LEU RA 145 90.18 -49.02 54.65
CA LEU RA 145 91.32 -48.17 54.28
C LEU RA 145 91.27 -47.74 52.83
N GLN RA 146 90.72 -48.57 51.95
CA GLN RA 146 90.66 -48.22 50.54
C GLN RA 146 89.73 -47.04 50.30
N GLU RA 147 88.46 -47.19 50.66
CA GLU RA 147 87.47 -46.16 50.38
C GLU RA 147 87.64 -44.91 51.23
N HIS RA 148 88.48 -44.95 52.26
CA HIS RA 148 88.70 -43.80 53.13
C HIS RA 148 90.02 -43.09 52.86
N PHE RA 149 91.12 -43.83 52.76
CA PHE RA 149 92.44 -43.21 52.67
C PHE RA 149 93.19 -43.57 51.40
N PHE RA 150 93.15 -44.83 50.96
CA PHE RA 150 93.99 -45.26 49.84
C PHE RA 150 93.42 -44.81 48.51
N LEU RA 151 92.20 -45.25 48.19
CA LEU RA 151 91.59 -44.94 46.90
C LEU RA 151 91.29 -43.45 46.84
N ARG RA 152 92.00 -42.74 45.97
CA ARG RA 152 91.82 -41.29 45.83
C ARG RA 152 90.75 -41.00 44.79
N ARG RA 153 89.90 -40.03 45.11
CA ARG RA 153 88.78 -39.65 44.25
C ARG RA 153 89.10 -38.35 43.50
N LYS RA 154 88.18 -37.97 42.63
CA LYS RA 154 88.24 -36.65 42.00
C LYS RA 154 88.07 -35.57 43.06
N LYS RA 155 88.67 -34.41 42.79
CA LYS RA 155 88.66 -33.32 43.76
C LYS RA 155 87.22 -32.95 44.11
N ARG RA 156 86.94 -32.83 45.40
CA ARG RA 156 85.61 -32.54 45.91
C ARG RA 156 85.59 -31.08 46.38
N ALA RA 157 84.92 -30.22 45.61
CA ALA RA 157 84.85 -28.80 45.96
C ALA RA 157 84.18 -28.54 47.29
N PRO RA 158 83.02 -29.14 47.63
CA PRO RA 158 82.43 -28.88 48.94
C PRO RA 158 83.32 -29.30 50.11
N VAL RA 159 84.11 -30.37 49.95
CA VAL RA 159 85.00 -30.89 50.99
C VAL RA 159 84.19 -31.37 52.19
N ILE RA 160 82.87 -31.34 52.08
CA ILE RA 160 82.00 -31.83 53.15
C ILE RA 160 82.14 -33.33 53.34
N GLN RA 161 82.62 -34.04 52.30
CA GLN RA 161 82.87 -35.48 52.36
C GLN RA 161 81.60 -36.25 52.74
N ASP RA 162 80.63 -36.18 51.82
CA ASP RA 162 79.37 -36.88 52.01
C ASP RA 162 79.62 -38.37 52.24
N ARG RA 163 78.98 -38.92 53.27
CA ARG RA 163 79.17 -40.32 53.60
C ARG RA 163 78.40 -41.25 52.68
N GLU RA 164 77.42 -40.73 51.93
CA GLU RA 164 76.72 -41.56 50.96
C GLU RA 164 77.65 -42.00 49.84
N ALA RA 165 78.53 -41.10 49.39
CA ALA RA 165 79.46 -41.42 48.32
C ALA RA 165 80.68 -42.19 48.81
N ILE RA 166 80.91 -42.27 50.12
CA ILE RA 166 82.04 -43.00 50.66
C ILE RA 166 81.64 -44.37 51.19
N ALA RA 167 80.51 -44.45 51.90
CA ALA RA 167 80.07 -45.73 52.48
C ALA RA 167 79.47 -46.67 51.43
N SER RA 168 78.90 -46.14 50.35
CA SER RA 168 78.30 -47.02 49.35
C SER RA 168 79.31 -47.94 48.69
N PRO RA 169 80.46 -47.47 48.20
CA PRO RA 169 81.45 -48.42 47.69
C PRO RA 169 82.03 -49.33 48.76
N PHE RA 170 82.08 -48.86 50.02
CA PHE RA 170 82.59 -49.70 51.10
C PHE RA 170 81.70 -50.92 51.32
N LEU RA 171 80.38 -50.74 51.27
CA LEU RA 171 79.47 -51.87 51.41
C LEU RA 171 79.62 -52.85 50.26
N ASP RA 172 79.85 -52.33 49.04
CA ASP RA 172 80.01 -53.21 47.89
C ASP RA 172 81.21 -54.14 48.06
N GLN RA 173 82.32 -53.61 48.57
CA GLN RA 173 83.50 -54.44 48.77
C GLN RA 173 83.36 -55.33 50.00
N LEU RA 174 82.75 -54.83 51.06
CA LEU RA 174 82.61 -55.62 52.29
C LEU RA 174 81.77 -56.86 52.06
N VAL RA 175 80.66 -56.72 51.32
CA VAL RA 175 79.83 -57.88 51.02
C VAL RA 175 80.59 -58.85 50.12
N ALA RA 176 81.27 -58.33 49.10
CA ALA RA 176 82.01 -59.20 48.19
C ALA RA 176 83.18 -59.88 48.89
N SER RA 177 83.89 -59.15 49.75
CA SER RA 177 85.04 -59.73 50.44
C SER RA 177 84.61 -60.84 51.40
N LEU RA 178 83.52 -60.64 52.14
CA LEU RA 178 83.11 -61.65 53.10
C LEU RA 178 82.43 -62.83 52.44
N THR RA 179 81.68 -62.60 51.35
CA THR RA 179 81.05 -63.70 50.65
C THR RA 179 82.09 -64.65 50.05
N GLY RA 180 83.13 -64.09 49.44
CA GLY RA 180 84.19 -64.93 48.89
C GLY RA 180 84.97 -65.66 49.96
N LEU RA 181 85.33 -64.95 51.03
CA LEU RA 181 86.14 -65.56 52.09
C LEU RA 181 85.37 -66.67 52.82
N LEU RA 182 84.08 -66.44 53.07
CA LEU RA 182 83.27 -67.42 53.77
C LEU RA 182 82.68 -68.49 52.86
N SER RA 183 82.94 -68.40 51.54
CA SER RA 183 82.45 -69.42 50.64
C SER RA 183 83.08 -70.78 50.92
N VAL RA 184 84.34 -70.79 51.37
CA VAL RA 184 85.00 -72.05 51.69
C VAL RA 184 84.35 -72.74 52.87
N HIS RA 185 83.82 -71.97 53.83
CA HIS RA 185 83.15 -72.54 54.99
C HIS RA 185 81.67 -72.77 54.75
N ASN RA 186 81.04 -71.92 53.94
CA ASN RA 186 79.62 -72.07 53.60
C ASN RA 186 79.49 -72.30 52.11
N PRO RA 187 79.24 -73.54 51.67
CA PRO RA 187 79.11 -73.79 50.22
C PRO RA 187 77.90 -73.14 49.60
N VAL RA 188 76.91 -72.73 50.39
CA VAL RA 188 75.68 -72.17 49.83
C VAL RA 188 75.96 -70.81 49.18
N LEU RA 189 76.82 -70.00 49.78
CA LEU RA 189 77.11 -68.68 49.25
C LEU RA 189 77.74 -68.74 47.86
N ALA RA 190 78.42 -69.85 47.55
CA ALA RA 190 79.00 -69.99 46.22
C ALA RA 190 77.91 -70.05 45.15
N ALA RA 191 76.82 -70.76 45.44
CA ALA RA 191 75.71 -70.89 44.49
C ALA RA 191 74.72 -69.75 44.56
N ALA RA 192 74.87 -68.84 45.52
CA ALA RA 192 73.94 -67.72 45.65
C ALA RA 192 74.26 -66.62 44.66
N ALA RA 193 73.27 -65.76 44.43
CA ALA RA 193 73.40 -64.63 43.52
C ALA RA 193 73.42 -63.33 44.31
N LEU RA 194 74.27 -62.40 43.88
CA LEU RA 194 74.43 -61.10 44.52
C LEU RA 194 73.73 -60.04 43.69
N ASP RA 195 72.84 -59.28 44.33
CA ASP RA 195 72.13 -58.18 43.69
C ASP RA 195 72.58 -56.87 44.31
N CYS RA 196 72.93 -55.90 43.47
CA CYS RA 196 73.42 -54.60 43.91
C CYS RA 196 72.41 -53.53 43.50
N LYS RA 197 71.71 -52.95 44.48
CA LYS RA 197 70.72 -51.92 44.26
C LYS RA 197 69.65 -52.39 43.27
N ARG RA 198 68.93 -53.43 43.68
CA ARG RA 198 67.85 -53.99 42.89
C ARG RA 198 66.53 -53.77 43.62
N PRO RA 199 65.52 -53.20 42.97
CA PRO RA 199 64.30 -52.81 43.69
C PRO RA 199 63.54 -54.01 44.23
N VAL RA 200 62.87 -53.78 45.36
CA VAL RA 200 62.00 -54.76 46.01
C VAL RA 200 60.65 -54.10 46.24
N HIS RA 201 59.59 -54.77 45.81
CA HIS RA 201 58.23 -54.23 45.90
C HIS RA 201 57.33 -55.21 46.65
N PHE RA 202 56.32 -54.65 47.32
CA PHE RA 202 55.32 -55.47 47.98
C PHE RA 202 54.05 -54.65 48.13
N PHE RA 203 52.92 -55.36 48.21
CA PHE RA 203 51.61 -54.71 48.24
C PHE RA 203 50.65 -55.59 49.03
N TRP RA 204 49.93 -54.99 49.98
CA TRP RA 204 49.00 -55.74 50.81
C TRP RA 204 47.92 -54.82 51.33
N LEU RA 205 46.86 -55.42 51.84
CA LEU RA 205 45.75 -54.70 52.45
C LEU RA 205 45.78 -54.90 53.96
N ARG RA 206 45.36 -53.87 54.69
CA ARG RA 206 45.37 -53.94 56.15
C ARG RA 206 44.22 -53.10 56.68
N GLY RA 207 43.32 -53.73 57.44
CA GLY RA 207 42.24 -53.01 58.07
C GLY RA 207 41.18 -52.54 57.07
N GLU RA 208 40.31 -51.67 57.58
CA GLU RA 208 39.24 -51.09 56.77
C GLU RA 208 39.14 -49.61 57.10
N GLU RA 209 38.36 -48.90 56.27
CA GLU RA 209 38.19 -47.46 56.41
C GLU RA 209 36.88 -47.06 55.76
N ILE RA 210 36.21 -46.07 56.36
CA ILE RA 210 35.02 -45.46 55.79
C ILE RA 210 35.43 -44.13 55.18
N ILE RA 211 35.12 -43.94 53.90
CA ILE RA 211 35.58 -42.78 53.14
C ILE RA 211 34.93 -41.52 53.71
N PRO RA 212 35.72 -40.55 54.16
CA PRO RA 212 35.13 -39.33 54.75
C PRO RA 212 34.51 -38.39 53.72
N ARG RA 213 35.21 -38.15 52.61
CA ARG RA 213 34.82 -37.13 51.66
C ARG RA 213 34.74 -37.72 50.26
N GLY RA 214 33.95 -37.08 49.41
CA GLY RA 214 33.74 -37.49 48.05
C GLY RA 214 32.33 -37.99 47.83
N HIS RA 215 32.06 -38.43 46.61
CA HIS RA 215 30.76 -39.01 46.30
C HIS RA 215 30.62 -40.44 46.81
N ARG RA 216 31.74 -41.08 47.16
CA ARG RA 216 31.71 -42.39 47.82
C ARG RA 216 31.74 -42.23 49.34
N LYS RA 217 30.84 -41.41 49.87
CA LYS RA 217 30.84 -41.08 51.28
C LYS RA 217 30.06 -42.12 52.07
N GLY RA 218 30.68 -42.66 53.11
CA GLY RA 218 30.04 -43.63 53.99
C GLY RA 218 30.27 -45.07 53.60
N ARG RA 219 30.78 -45.35 52.41
CA ARG RA 219 31.01 -46.71 51.98
C ARG RA 219 32.35 -47.21 52.49
N VAL RA 220 32.42 -48.52 52.74
CA VAL RA 220 33.59 -49.14 53.34
C VAL RA 220 34.60 -49.46 52.25
N ASP RA 221 35.84 -49.01 52.43
CA ASP RA 221 36.93 -49.28 51.51
C ASP RA 221 38.16 -49.68 52.32
N ALA RA 222 38.82 -50.74 51.88
CA ALA RA 222 40.00 -51.23 52.59
C ALA RA 222 41.18 -50.31 52.37
N LEU RA 223 42.13 -50.36 53.31
CA LEU RA 223 43.36 -49.57 53.21
C LEU RA 223 44.43 -50.40 52.53
N ARG RA 224 45.08 -49.81 51.53
CA ARG RA 224 46.11 -50.48 50.75
C ARG RA 224 47.46 -49.80 50.98
N TYR RA 225 48.52 -50.60 51.04
CA TYR RA 225 49.86 -50.11 51.32
C TYR RA 225 50.82 -50.63 50.26
N GLN RA 226 51.87 -49.85 50.02
CA GLN RA 226 52.88 -50.18 49.03
C GLN RA 226 54.26 -49.87 49.60
N ILE RA 227 55.22 -50.76 49.34
CA ILE RA 227 56.60 -50.59 49.77
C ILE RA 227 57.50 -50.65 48.54
N ASN RA 228 58.19 -49.55 48.26
CA ASN RA 228 59.15 -49.48 47.15
C ASN RA 228 60.53 -49.33 47.78
N ASP RA 229 61.23 -50.45 47.93
CA ASP RA 229 62.52 -50.49 48.61
C ASP RA 229 63.62 -50.80 47.61
N LYS RA 230 64.81 -50.25 47.88
CA LYS RA 230 65.99 -50.45 47.04
C LYS RA 230 67.15 -50.87 47.93
N PRO RA 231 67.22 -52.14 48.32
CA PRO RA 231 68.31 -52.58 49.18
C PRO RA 231 69.66 -52.42 48.51
N HIS RA 232 70.67 -52.08 49.31
CA HIS RA 232 72.00 -51.87 48.77
C HIS RA 232 72.60 -53.16 48.24
N ASN RA 233 72.40 -54.28 48.96
CA ASN RA 233 72.90 -55.58 48.54
C ASN RA 233 71.90 -56.65 48.93
N GLN RA 234 71.94 -57.75 48.19
CA GLN RA 234 71.05 -58.88 48.44
C GLN RA 234 71.78 -60.18 48.18
N ILE RA 235 71.40 -61.22 48.92
CA ILE RA 235 71.88 -62.58 48.70
C ILE RA 235 70.66 -63.49 48.62
N ARG RA 236 70.51 -64.17 47.49
CA ARG RA 236 69.34 -65.02 47.25
C ARG RA 236 69.79 -66.46 47.06
N ILE RA 237 69.04 -67.38 47.68
CA ILE RA 237 69.37 -68.79 47.74
C ILE RA 237 68.22 -69.60 47.17
N SER RA 238 68.54 -70.69 46.45
CA SER RA 238 67.51 -71.56 45.92
C SER RA 238 66.75 -72.31 47.02
N ARG RA 239 67.33 -72.44 48.21
CA ARG RA 239 66.71 -73.16 49.31
C ARG RA 239 66.43 -72.20 50.47
N GLN RA 240 65.26 -72.37 51.09
CA GLN RA 240 64.84 -71.47 52.16
C GLN RA 240 65.65 -71.70 53.42
N LEU RA 241 65.91 -70.61 54.14
CA LEU RA 241 66.59 -70.71 55.43
C LEU RA 241 65.67 -71.34 56.47
N PRO RA 242 66.23 -72.00 57.48
CA PRO RA 242 65.40 -72.59 58.53
C PRO RA 242 64.75 -71.53 59.40
N GLU RA 243 63.63 -71.92 60.02
CA GLU RA 243 62.90 -71.02 60.90
C GLU RA 243 63.62 -70.84 62.22
N PHE RA 244 63.32 -69.71 62.89
CA PHE RA 244 63.86 -69.44 64.21
C PHE RA 244 62.93 -69.91 65.32
N VAL RA 245 61.62 -69.67 65.17
CA VAL RA 245 60.63 -70.11 66.13
C VAL RA 245 59.50 -70.79 65.37
N PRO RA 246 58.75 -71.68 66.03
CA PRO RA 246 57.65 -72.36 65.35
C PRO RA 246 56.59 -71.38 64.85
N LEU RA 247 55.76 -71.87 63.92
CA LEU RA 247 54.77 -71.01 63.27
C LEU RA 247 53.79 -70.44 64.28
N ASP RA 248 53.31 -71.26 65.20
CA ASP RA 248 52.38 -70.81 66.23
C ASP RA 248 53.17 -70.51 67.50
N TYR RA 249 53.85 -69.37 67.48
CA TYR RA 249 54.67 -68.90 68.60
C TYR RA 249 53.89 -67.83 69.33
N SER RA 250 53.53 -68.11 70.58
CA SER RA 250 52.73 -67.18 71.38
C SER RA 250 53.67 -66.30 72.20
N ILE RA 251 53.63 -65.00 71.96
CA ILE RA 251 54.46 -64.03 72.65
C ILE RA 251 53.55 -63.17 73.52
N PRO RA 252 53.90 -62.92 74.79
CA PRO RA 252 53.00 -62.15 75.66
C PRO RA 252 52.70 -60.74 75.16
N ILE RA 253 53.67 -60.07 74.53
CA ILE RA 253 53.43 -58.69 74.11
C ILE RA 253 52.49 -58.66 72.91
N GLU RA 254 51.81 -57.53 72.76
CA GLU RA 254 50.82 -57.36 71.70
C GLU RA 254 51.27 -56.28 70.72
N VAL RA 255 50.68 -56.32 69.53
CA VAL RA 255 50.98 -55.33 68.49
C VAL RA 255 50.41 -53.98 68.91
N PRO RA 256 51.20 -52.90 68.90
CA PRO RA 256 50.65 -51.59 69.24
C PRO RA 256 49.56 -51.16 68.26
N VAL RA 257 48.54 -50.50 68.80
CA VAL RA 257 47.41 -50.03 68.01
C VAL RA 257 47.36 -48.51 68.11
N MET RA 258 47.47 -47.84 66.97
CA MET RA 258 47.41 -46.39 66.94
C MET RA 258 45.96 -45.91 67.04
N SER RA 259 45.81 -44.64 67.40
CA SER RA 259 44.49 -44.02 67.54
C SER RA 259 44.34 -42.82 66.61
N CYS RA 260 45.02 -42.85 65.46
CA CYS RA 260 44.98 -41.75 64.53
C CYS RA 260 45.05 -42.30 63.11
N LYS RA 261 44.65 -41.47 62.16
CA LYS RA 261 44.77 -41.84 60.76
C LYS RA 261 46.24 -41.93 60.37
N PRO RA 262 46.58 -42.78 59.40
CA PRO RA 262 47.98 -42.85 58.95
C PRO RA 262 48.48 -41.55 58.34
N ASP RA 263 47.58 -40.65 57.95
CA ASP RA 263 47.99 -39.38 57.36
C ASP RA 263 48.78 -38.51 58.34
N LYS RA 264 48.70 -38.79 59.63
CA LYS RA 264 49.42 -38.02 60.63
C LYS RA 264 50.84 -38.52 60.87
N LEU RA 265 51.24 -39.59 60.18
CA LEU RA 265 52.60 -40.12 60.36
C LEU RA 265 53.69 -39.12 59.99
N PRO RA 266 53.64 -38.41 58.84
CA PRO RA 266 52.63 -38.39 57.77
C PRO RA 266 52.81 -39.47 56.71
N LEU RA 267 51.71 -39.88 56.08
CA LEU RA 267 51.73 -40.73 54.90
C LEU RA 267 50.79 -40.14 53.86
N PHE RA 268 51.19 -40.20 52.60
CA PHE RA 268 50.43 -39.59 51.52
C PHE RA 268 49.99 -40.66 50.53
N LYS RA 269 48.72 -40.63 50.15
CA LYS RA 269 48.18 -41.58 49.21
C LYS RA 269 48.65 -41.27 47.79
N ARG RA 270 48.87 -42.32 47.02
CA ARG RA 270 49.27 -42.19 45.62
C ARG RA 270 48.74 -43.39 44.86
N GLN RA 271 48.61 -43.24 43.54
CA GLN RA 271 48.08 -44.30 42.70
C GLN RA 271 49.04 -44.58 41.55
N TYR RA 272 49.53 -45.80 41.48
CA TYR RA 272 50.37 -46.26 40.37
C TYR RA 272 50.31 -47.79 40.36
N GLU RA 273 51.17 -48.42 39.56
CA GLU RA 273 51.11 -49.87 39.40
C GLU RA 273 51.40 -50.58 40.71
N ASN RA 274 50.63 -51.63 40.98
CA ASN RA 274 50.82 -52.47 42.15
C ASN RA 274 51.74 -53.62 41.76
N THR RA 275 52.94 -53.65 42.34
CA THR RA 275 53.94 -54.63 41.96
C THR RA 275 54.38 -55.43 43.17
N ILE RA 276 54.54 -56.74 42.98
CA ILE RA 276 55.10 -57.64 43.96
C ILE RA 276 56.38 -58.20 43.36
N PHE RA 277 57.53 -57.84 43.95
CA PHE RA 277 58.82 -58.14 43.36
C PHE RA 277 59.76 -58.68 44.44
N ILE RA 278 60.63 -59.60 44.03
CA ILE RA 278 61.60 -60.23 44.91
C ILE RA 278 63.03 -59.88 44.55
N GLY RA 279 63.24 -59.01 43.57
CA GLY RA 279 64.54 -58.79 42.98
C GLY RA 279 64.73 -59.45 41.63
N SER RA 280 63.85 -60.38 41.28
CA SER RA 280 63.86 -61.03 39.98
C SER RA 280 62.45 -61.51 39.68
N LYS RA 281 62.18 -61.77 38.40
CA LYS RA 281 60.87 -62.25 38.02
C LYS RA 281 60.65 -63.66 38.56
N THR RA 282 59.43 -64.17 38.36
CA THR RA 282 59.07 -65.47 38.93
C THR RA 282 59.87 -66.60 38.29
N ALA RA 283 60.25 -66.45 37.02
CA ALA RA 283 60.97 -67.52 36.33
C ALA RA 283 62.34 -67.79 36.94
N ASP RA 284 62.86 -66.87 37.74
CA ASP RA 284 64.16 -67.08 38.36
C ASP RA 284 64.09 -68.22 39.37
N PRO RA 285 64.99 -69.20 39.30
CA PRO RA 285 64.92 -70.33 40.24
C PRO RA 285 65.30 -69.96 41.67
N LEU RA 286 65.96 -68.83 41.88
CA LEU RA 286 66.36 -68.42 43.23
C LEU RA 286 65.23 -67.60 43.82
N CYS RA 287 64.28 -68.29 44.46
CA CYS RA 287 63.07 -67.67 44.97
C CYS RA 287 63.14 -67.33 46.45
N TYR RA 288 64.26 -67.58 47.11
CA TYR RA 288 64.40 -67.30 48.54
C TYR RA 288 65.58 -66.36 48.77
N GLY RA 289 65.62 -65.78 49.97
CA GLY RA 289 66.64 -64.81 50.30
C GLY RA 289 67.41 -65.20 51.54
N HIS RA 290 68.59 -64.61 51.67
CA HIS RA 290 69.50 -64.92 52.77
C HIS RA 290 69.71 -63.73 53.70
N THR RA 291 70.18 -62.61 53.18
CA THR RA 291 70.47 -61.43 53.99
C THR RA 291 70.16 -60.17 53.19
N GLN RA 292 70.13 -59.04 53.88
CA GLN RA 292 69.99 -57.73 53.27
C GLN RA 292 70.99 -56.78 53.87
N PHE RA 293 71.47 -55.84 53.06
CA PHE RA 293 72.35 -54.77 53.51
C PHE RA 293 71.74 -53.43 53.12
N HIS RA 294 71.54 -52.57 54.11
CA HIS RA 294 70.92 -51.26 53.91
C HIS RA 294 71.87 -50.18 54.37
N LEU RA 295 71.94 -49.09 53.61
CA LEU RA 295 72.74 -47.93 53.95
C LEU RA 295 71.82 -46.73 54.17
N LEU RA 296 71.92 -46.13 55.35
CA LEU RA 296 71.10 -44.96 55.65
C LEU RA 296 71.53 -43.79 54.77
N PRO RA 297 70.60 -42.95 54.33
CA PRO RA 297 70.97 -41.83 53.46
C PRO RA 297 71.62 -40.68 54.23
N ASP RA 298 71.91 -39.58 53.53
CA ASP RA 298 72.54 -38.43 54.16
C ASP RA 298 71.60 -37.76 55.16
N LYS RA 299 70.30 -37.72 54.85
CA LYS RA 299 69.35 -37.00 55.69
C LYS RA 299 69.15 -37.67 57.05
N LEU RA 300 69.54 -38.93 57.21
CA LEU RA 300 69.29 -39.67 58.44
C LEU RA 300 70.58 -39.98 59.20
N LYS RA 301 71.58 -39.11 59.08
CA LYS RA 301 72.81 -39.30 59.84
C LYS RA 301 72.58 -39.03 61.32
N ARG RA 302 73.49 -39.55 62.13
CA ARG RA 302 73.43 -39.28 63.57
C ARG RA 302 73.64 -37.81 63.87
N GLU RA 303 74.56 -37.17 63.14
CA GLU RA 303 74.83 -35.75 63.38
C GLU RA 303 73.63 -34.89 63.04
N LYS RA 304 72.91 -35.22 61.96
CA LYS RA 304 71.72 -34.46 61.60
C LYS RA 304 70.64 -34.56 62.67
N LEU RA 305 70.45 -35.75 63.24
CA LEU RA 305 69.43 -35.93 64.27
C LEU RA 305 69.75 -35.14 65.52
N LEU RA 306 71.02 -35.07 65.91
CA LEU RA 306 71.39 -34.31 67.10
C LEU RA 306 71.07 -32.84 66.94
N LYS RA 307 71.35 -32.27 65.76
CA LYS RA 307 71.06 -30.86 65.53
C LYS RA 307 69.56 -30.60 65.57
N GLN RA 308 68.75 -31.53 65.08
CA GLN RA 308 67.30 -31.41 65.12
C GLN RA 308 66.72 -31.72 66.50
N ASN RA 309 67.57 -31.88 67.52
CA ASN RA 309 67.14 -32.21 68.87
C ASN RA 309 66.34 -33.51 68.89
N CYS RA 310 67.00 -34.59 68.47
CA CYS RA 310 66.39 -35.90 68.38
C CYS RA 310 67.38 -36.92 68.96
N ALA RA 311 67.10 -37.39 70.18
CA ALA RA 311 67.99 -38.34 70.84
C ALA RA 311 67.54 -39.78 70.60
N ASP RA 312 66.30 -40.11 70.96
CA ASP RA 312 65.80 -41.46 70.79
C ASP RA 312 65.50 -41.81 69.34
N GLN RA 313 65.54 -40.82 68.44
CA GLN RA 313 65.28 -41.08 67.03
C GLN RA 313 66.38 -41.88 66.36
N ILE RA 314 67.55 -41.98 66.98
CA ILE RA 314 68.65 -42.72 66.37
C ILE RA 314 68.29 -44.19 66.20
N GLU RA 315 67.73 -44.80 67.25
CA GLU RA 315 67.32 -46.20 67.18
C GLU RA 315 66.02 -46.37 66.39
N VAL RA 316 65.17 -45.35 66.36
CA VAL RA 316 63.91 -45.45 65.63
C VAL RA 316 64.17 -45.65 64.14
N VAL RA 317 65.14 -44.92 63.59
CA VAL RA 317 65.43 -45.03 62.16
C VAL RA 317 65.90 -46.44 61.81
N PHE RA 318 66.77 -47.02 62.65
CA PHE RA 318 67.23 -48.38 62.40
C PHE RA 318 66.09 -49.38 62.48
N ARG RA 319 65.23 -49.25 63.50
CA ARG RA 319 64.12 -50.19 63.64
C ARG RA 319 63.10 -50.03 62.52
N ALA RA 320 62.78 -48.79 62.15
CA ALA RA 320 61.78 -48.56 61.11
C ALA RA 320 62.25 -49.10 59.77
N ASN RA 321 63.54 -48.94 59.47
CA ASN RA 321 64.06 -49.43 58.20
C ASN RA 321 64.00 -50.94 58.13
N ALA RA 322 64.34 -51.64 59.22
CA ALA RA 322 64.38 -53.09 59.19
C ALA RA 322 62.99 -53.69 59.08
N ILE RA 323 62.03 -53.15 59.83
CA ILE RA 323 60.68 -53.73 59.86
C ILE RA 323 60.03 -53.63 58.49
N ALA RA 324 60.12 -52.47 57.85
CA ALA RA 324 59.48 -52.27 56.56
C ALA RA 324 60.20 -53.04 55.45
N SER RA 325 61.53 -53.00 55.45
CA SER RA 325 62.29 -53.62 54.38
C SER RA 325 62.18 -55.15 54.42
N LEU RA 326 62.38 -55.73 55.61
CA LEU RA 326 62.38 -57.19 55.72
C LEU RA 326 61.00 -57.76 55.46
N PHE RA 327 59.94 -57.07 55.92
CA PHE RA 327 58.58 -57.57 55.68
C PHE RA 327 58.27 -57.61 54.20
N ALA RA 328 58.68 -56.59 53.45
CA ALA RA 328 58.43 -56.59 52.02
C ALA RA 328 59.18 -57.74 51.34
N TRP RA 329 60.39 -58.03 51.79
CA TRP RA 329 61.15 -59.14 51.21
C TRP RA 329 60.52 -60.48 51.58
N THR RA 330 60.21 -60.68 52.86
CA THR RA 330 59.62 -61.95 53.29
C THR RA 330 58.21 -62.13 52.71
N GLY RA 331 57.44 -61.05 52.66
CA GLY RA 331 56.10 -61.14 52.09
C GLY RA 331 56.13 -61.47 50.61
N ALA RA 332 57.07 -60.89 49.87
CA ALA RA 332 57.18 -61.18 48.44
C ALA RA 332 57.56 -62.63 48.20
N GLN RA 333 58.41 -63.19 49.06
CA GLN RA 333 58.78 -64.59 48.93
C GLN RA 333 57.57 -65.50 49.06
N ALA RA 334 56.69 -65.21 50.02
CA ALA RA 334 55.51 -66.04 50.22
C ALA RA 334 54.58 -65.99 49.02
N MET RA 335 54.35 -64.80 48.47
CA MET RA 335 53.41 -64.68 47.36
C MET RA 335 53.97 -65.22 46.05
N TYR RA 336 55.29 -65.34 45.94
CA TYR RA 336 55.86 -66.02 44.78
C TYR RA 336 55.65 -67.52 44.84
N GLN RA 337 55.42 -68.08 46.04
CA GLN RA 337 55.16 -69.49 46.21
C GLN RA 337 53.67 -69.84 46.13
N GLY RA 338 52.82 -68.85 45.86
CA GLY RA 338 51.39 -69.07 45.74
C GLY RA 338 50.59 -68.71 46.98
N PHE RA 339 51.25 -68.59 48.13
CA PHE RA 339 50.55 -68.21 49.35
C PHE RA 339 50.05 -66.77 49.26
N TRP RA 340 48.83 -66.54 49.73
CA TRP RA 340 48.25 -65.21 49.72
C TRP RA 340 47.29 -65.11 50.89
N SER RA 341 46.42 -64.10 50.86
CA SER RA 341 45.57 -63.79 52.01
C SER RA 341 44.66 -64.96 52.37
N GLU RA 342 44.04 -65.59 51.37
CA GLU RA 342 43.11 -66.68 51.63
C GLU RA 342 43.81 -68.02 51.81
N ALA RA 343 45.09 -68.13 51.48
CA ALA RA 343 45.83 -69.36 51.67
C ALA RA 343 46.76 -69.32 52.88
N ASP RA 344 46.97 -68.15 53.47
CA ASP RA 344 47.80 -67.96 54.66
C ASP RA 344 49.22 -68.45 54.35
N VAL RA 345 49.95 -68.91 55.36
CA VAL RA 345 51.32 -69.36 55.21
C VAL RA 345 51.50 -70.67 55.97
N THR RA 346 52.06 -71.68 55.30
CA THR RA 346 52.27 -72.99 55.92
C THR RA 346 53.60 -73.07 56.65
N ARG RA 347 54.67 -72.60 56.03
CA ARG RA 347 55.99 -72.63 56.62
C ARG RA 347 56.51 -71.21 56.81
N PRO RA 348 57.00 -70.86 58.01
CA PRO RA 348 57.46 -69.49 58.25
C PRO RA 348 58.60 -69.11 57.31
N PHE RA 349 58.58 -67.87 56.85
CA PHE RA 349 59.60 -67.34 55.97
C PHE RA 349 60.54 -66.44 56.78
N VAL RA 350 61.84 -66.72 56.68
CA VAL RA 350 62.85 -66.07 57.51
C VAL RA 350 63.83 -65.36 56.59
N SER RA 351 64.12 -64.10 56.90
CA SER RA 351 65.15 -63.35 56.21
C SER RA 351 65.92 -62.52 57.24
N GLN RA 352 67.16 -62.19 56.90
CA GLN RA 352 68.05 -61.47 57.79
C GLN RA 352 68.40 -60.11 57.19
N GLY RA 353 68.66 -59.15 58.08
CA GLY RA 353 68.98 -57.80 57.65
C GLY RA 353 70.09 -57.17 58.45
N VAL RA 354 70.91 -56.35 57.79
CA VAL RA 354 72.03 -55.65 58.42
C VAL RA 354 71.91 -54.18 58.04
N ILE RA 355 71.28 -53.39 58.90
CA ILE RA 355 71.15 -51.95 58.65
C ILE RA 355 72.40 -51.24 59.16
N THR RA 356 73.02 -50.44 58.29
CA THR RA 356 74.23 -49.72 58.66
C THR RA 356 74.23 -48.34 58.02
N ASP RA 357 75.00 -47.44 58.62
CA ASP RA 357 75.13 -46.08 58.11
C ASP RA 357 76.51 -45.76 57.56
N GLY RA 358 77.50 -46.61 57.79
CA GLY RA 358 78.86 -46.35 57.37
C GLY RA 358 79.83 -46.67 58.48
N LYS RA 359 79.41 -46.41 59.73
CA LYS RA 359 80.22 -46.70 60.90
C LYS RA 359 79.48 -47.49 61.98
N TYR RA 360 78.17 -47.30 62.13
CA TYR RA 360 77.38 -47.98 63.14
C TYR RA 360 76.53 -49.05 62.47
N PHE RA 361 76.64 -50.28 62.95
CA PHE RA 361 75.95 -51.43 62.36
C PHE RA 361 74.89 -51.96 63.31
N SER RA 362 73.75 -52.36 62.72
CA SER RA 362 72.66 -52.96 63.47
C SER RA 362 72.22 -54.23 62.75
N PHE RA 363 71.80 -55.23 63.52
CA PHE RA 363 71.46 -56.54 62.99
C PHE RA 363 70.02 -56.89 63.36
N PHE RA 364 69.29 -57.43 62.40
CA PHE RA 364 67.87 -57.74 62.59
C PHE RA 364 67.56 -59.09 61.95
N CYS RA 365 66.57 -59.76 62.53
CA CYS RA 365 66.05 -61.02 61.99
C CYS RA 365 64.54 -60.95 61.96
N TYR RA 366 63.95 -61.35 60.84
CA TYR RA 366 62.51 -61.24 60.63
C TYR RA 366 61.95 -62.59 60.24
N GLN RA 367 60.84 -62.97 60.87
CA GLN RA 367 60.11 -64.19 60.54
C GLN RA 367 58.66 -63.83 60.26
N LEU RA 368 58.16 -64.27 59.11
CA LEU RA 368 56.81 -63.92 58.67
C LEU RA 368 55.91 -65.14 58.86
N ASN RA 369 54.95 -65.03 59.79
CA ASN RA 369 53.97 -66.07 60.03
C ASN RA 369 52.60 -65.75 59.47
N THR RA 370 52.27 -64.48 59.30
CA THR RA 370 50.94 -64.05 58.89
C THR RA 370 51.01 -63.41 57.52
N LEU RA 371 50.07 -63.79 56.65
CA LEU RA 371 49.87 -63.09 55.39
C LEU RA 371 48.43 -62.63 55.19
N ALA RA 372 47.48 -63.13 55.98
CA ALA RA 372 46.09 -62.71 55.90
C ALA RA 372 45.87 -61.48 56.79
N LEU RA 373 46.37 -60.35 56.31
CA LEU RA 373 46.22 -59.09 57.01
C LEU RA 373 44.96 -58.33 56.60
N THR RA 374 44.14 -58.89 55.73
CA THR RA 374 42.89 -58.26 55.34
C THR RA 374 41.93 -58.24 56.54
N ALA RA 375 41.09 -57.20 56.58
CA ALA RA 375 40.18 -57.04 57.72
C ALA RA 375 39.20 -58.20 57.81
N GLN RA 376 38.67 -58.66 56.67
CA GLN RA 376 37.73 -59.77 56.67
C GLN RA 376 38.42 -61.13 56.87
N ALA RA 377 39.74 -61.18 56.81
CA ALA RA 377 40.47 -62.41 56.99
C ALA RA 377 41.31 -62.44 58.27
N ASP RA 378 41.42 -61.32 58.98
CA ASP RA 378 42.17 -61.25 60.23
C ASP RA 378 41.26 -61.26 61.45
N GLN RA 379 39.99 -61.64 61.28
CA GLN RA 379 39.07 -61.67 62.40
C GLN RA 379 39.53 -62.66 63.47
N ASN RA 380 40.00 -63.83 63.06
CA ASN RA 380 40.50 -64.86 63.97
C ASN RA 380 41.82 -65.39 63.45
N ASN RA 381 42.91 -64.76 63.86
CA ASN RA 381 44.26 -65.20 63.47
C ASN RA 381 45.20 -64.90 64.62
N PRO RA 382 45.37 -65.84 65.55
CA PRO RA 382 46.22 -65.58 66.72
C PRO RA 382 47.69 -65.42 66.38
N ARG RA 383 48.13 -65.85 65.21
CA ARG RA 383 49.55 -65.77 64.87
C ARG RA 383 49.97 -64.34 64.63
N LYS RA 384 51.25 -64.06 64.89
CA LYS RA 384 51.82 -62.73 64.74
C LYS RA 384 53.20 -62.84 64.11
N ASN RA 385 53.64 -61.75 63.50
CA ASN RA 385 54.98 -61.67 62.94
C ASN RA 385 55.94 -61.13 63.99
N ILE RA 386 57.13 -61.72 64.03
CA ILE RA 386 58.13 -61.37 65.04
C ILE RA 386 59.38 -60.87 64.33
N CYS RA 387 59.98 -59.81 64.89
CA CYS RA 387 61.18 -59.20 64.32
C CYS RA 387 62.16 -58.91 65.46
N TRP RA 388 63.15 -59.80 65.62
CA TRP RA 388 64.19 -59.59 66.61
C TRP RA 388 65.19 -58.54 66.11
N GLY RA 389 65.65 -57.69 67.03
CA GLY RA 389 66.52 -56.60 66.67
C GLY RA 389 67.67 -56.46 67.64
N THR RA 390 68.66 -55.66 67.25
CA THR RA 390 69.86 -55.44 68.02
C THR RA 390 70.14 -53.94 68.13
N GLN RA 391 70.70 -53.55 69.27
CA GLN RA 391 71.08 -52.15 69.46
C GLN RA 391 72.23 -51.78 68.53
N SER RA 392 72.24 -50.50 68.13
CA SER RA 392 73.28 -50.02 67.22
C SER RA 392 74.64 -50.06 67.90
N LYS RA 393 75.64 -50.54 67.16
CA LYS RA 393 77.01 -50.63 67.66
C LYS RA 393 77.98 -50.13 66.60
N PRO RA 394 79.02 -49.39 67.01
CA PRO RA 394 80.03 -48.96 66.05
C PRO RA 394 80.93 -50.11 65.62
N LEU RA 395 81.49 -49.96 64.42
CA LEU RA 395 82.43 -50.95 63.88
C LEU RA 395 83.88 -50.52 64.05
N TYR RA 396 84.24 -49.34 63.58
CA TYR RA 396 85.59 -48.81 63.71
C TYR RA 396 85.54 -47.53 64.55
N GLU RA 397 86.68 -46.83 64.64
CA GLU RA 397 86.77 -45.62 65.43
C GLU RA 397 87.93 -44.78 64.94
N THR RA 398 87.64 -43.52 64.62
CA THR RA 398 88.62 -42.50 64.20
C THR RA 398 89.74 -43.07 63.33
N ILE RA 399 89.33 -43.67 62.21
CA ILE RA 399 90.29 -44.16 61.23
C ILE RA 399 91.05 -42.98 60.64
N GLU RA 400 92.38 -43.06 60.65
CA GLU RA 400 93.21 -41.96 60.18
C GLU RA 400 94.58 -42.49 59.78
N ASP RA 401 95.02 -42.13 58.57
CA ASP RA 401 96.35 -42.44 58.06
C ASP RA 401 96.62 -43.94 58.08
N ASN RA 402 95.84 -44.65 57.25
CA ASN RA 402 95.95 -46.10 57.05
C ASN RA 402 96.06 -46.86 58.37
N ASN RA 403 95.44 -46.34 59.42
CA ASN RA 403 95.48 -46.96 60.74
C ASN RA 403 94.09 -46.89 61.35
N VAL RA 404 93.48 -48.05 61.56
CA VAL RA 404 92.17 -48.13 62.21
C VAL RA 404 92.41 -48.20 63.70
N LYS RA 405 92.06 -47.13 64.42
CA LYS RA 405 92.37 -47.05 65.84
C LYS RA 405 91.51 -48.03 66.63
N GLY RA 406 90.20 -47.85 66.60
CA GLY RA 406 89.28 -48.73 67.31
C GLY RA 406 88.65 -49.74 66.37
N PHE RA 407 88.40 -50.93 66.89
CA PHE RA 407 87.76 -51.98 66.12
C PHE RA 407 87.01 -52.90 67.06
N ASN RA 408 85.78 -53.25 66.68
CA ASN RA 408 84.93 -54.13 67.46
C ASN RA 408 84.80 -55.46 66.73
N ASP RA 409 85.32 -56.52 67.35
CA ASP RA 409 85.23 -57.86 66.76
C ASP RA 409 83.85 -58.45 66.92
N ASP RA 410 83.12 -58.08 67.97
CA ASP RA 410 81.79 -58.64 68.19
C ASP RA 410 80.84 -58.27 67.06
N VAL RA 411 80.95 -57.04 66.55
CA VAL RA 411 80.19 -56.66 65.36
C VAL RA 411 80.61 -57.52 64.18
N LEU RA 412 81.93 -57.72 64.00
CA LEU RA 412 82.41 -58.58 62.94
C LEU RA 412 81.96 -60.02 63.17
N LEU RA 413 82.06 -60.50 64.41
CA LEU RA 413 81.61 -61.86 64.71
C LEU RA 413 80.12 -62.02 64.45
N GLN RA 414 79.33 -61.01 64.82
CA GLN RA 414 77.89 -61.07 64.54
C GLN RA 414 77.63 -61.10 63.05
N LEU RA 415 78.38 -60.31 62.28
CA LEU RA 415 78.21 -60.32 60.83
C LEU RA 415 78.59 -61.67 60.23
N VAL RA 416 79.62 -62.31 60.78
CA VAL RA 416 80.01 -63.64 60.33
C VAL RA 416 78.91 -64.65 60.62
N GLN RA 417 78.29 -64.55 61.80
CA GLN RA 417 77.23 -65.49 62.16
C GLN RA 417 76.05 -65.39 61.20
N PHE RA 418 75.71 -64.18 60.78
CA PHE RA 418 74.62 -64.02 59.81
C PHE RA 418 74.94 -64.70 58.50
N LEU RA 419 76.17 -64.57 58.01
CA LEU RA 419 76.55 -65.14 56.73
C LEU RA 419 76.83 -66.63 56.81
N LEU RA 420 76.87 -67.22 58.01
CA LEU RA 420 77.05 -68.65 58.18
C LEU RA 420 75.74 -69.41 58.32
N ASN RA 421 74.60 -68.73 58.23
CA ASN RA 421 73.32 -69.42 58.27
C ASN RA 421 73.18 -70.29 57.03
N ARG RA 422 72.72 -71.53 57.23
CA ARG RA 422 72.64 -72.50 56.15
C ARG RA 422 71.28 -73.18 56.14
N PRO RA 423 70.74 -73.47 54.96
CA PRO RA 423 69.52 -74.27 54.90
C PRO RA 423 69.76 -75.69 55.38
N LYS RA 424 68.73 -76.28 55.95
CA LYS RA 424 68.83 -77.67 56.40
C LYS RA 424 68.92 -78.60 55.19
N GLU RA 425 69.75 -79.62 55.31
CA GLU RA 425 69.98 -80.57 54.24
C GLU RA 425 69.28 -81.89 54.53
N ASP RA 426 68.89 -82.59 53.47
CA ASP RA 426 68.21 -83.88 53.60
C ASP RA 426 68.91 -84.92 52.73
N ALA SA 40 68.22 29.05 -43.77
CA ALA SA 40 69.47 28.92 -43.05
C ALA SA 40 69.38 27.84 -41.98
N SER SA 41 70.16 26.78 -42.15
CA SER SA 41 70.15 25.68 -41.19
C SER SA 41 70.67 26.14 -39.83
N ASP SA 42 70.11 25.54 -38.77
CA ASP SA 42 70.55 25.88 -37.43
C ASP SA 42 71.93 25.32 -37.11
N GLU SA 43 72.38 24.29 -37.83
CA GLU SA 43 73.71 23.74 -37.58
C GLU SA 43 74.80 24.75 -37.92
N LYS SA 44 74.68 25.44 -39.05
CA LYS SA 44 75.70 26.42 -39.41
C LYS SA 44 75.53 27.72 -38.62
N LYS SA 45 74.30 27.99 -38.15
CA LYS SA 45 74.11 29.14 -37.26
C LYS SA 45 74.88 28.95 -35.96
N ASP SA 46 74.91 27.72 -35.44
CA ASP SA 46 75.75 27.42 -34.29
C ASP SA 46 77.22 27.65 -34.61
N ASP SA 47 77.65 27.26 -35.81
CA ASP SA 47 79.05 27.47 -36.22
C ASP SA 47 79.38 28.95 -36.27
N ILE SA 48 78.48 29.76 -36.82
CA ILE SA 48 78.72 31.21 -36.88
C ILE SA 48 78.75 31.81 -35.48
N GLU SA 49 77.91 31.30 -34.58
CA GLU SA 49 77.97 31.75 -33.19
C GLU SA 49 79.29 31.33 -32.53
N LYS SA 50 79.77 30.12 -32.84
CA LYS SA 50 80.99 29.63 -32.22
C LYS SA 50 82.20 30.47 -32.60
N ILE SA 51 82.33 30.78 -33.89
CA ILE SA 51 83.50 31.53 -34.36
C ILE SA 51 83.48 32.95 -33.80
N LYS SA 52 82.28 33.54 -33.68
CA LYS SA 52 82.18 34.87 -33.09
C LYS SA 52 82.56 34.87 -31.61
N SER SA 53 82.36 33.74 -30.92
CA SER SA 53 82.66 33.65 -29.51
C SER SA 53 84.12 33.35 -29.21
N TYR SA 54 84.95 33.18 -30.22
CA TYR SA 54 86.37 32.91 -30.00
C TYR SA 54 87.05 34.16 -29.42
N PRO SA 55 87.68 34.07 -28.26
CA PRO SA 55 88.28 35.26 -27.65
C PRO SA 55 89.41 35.83 -28.49
N PHE SA 56 89.58 37.15 -28.40
CA PHE SA 56 90.66 37.84 -29.08
C PHE SA 56 91.05 39.06 -28.26
N MET SA 57 92.35 39.37 -28.24
CA MET SA 57 92.88 40.46 -27.45
C MET SA 57 93.83 41.30 -28.30
N GLU SA 58 93.96 42.57 -27.95
CA GLU SA 58 94.76 43.53 -28.70
C GLU SA 58 96.13 43.69 -28.06
N GLY SA 59 97.18 43.58 -28.86
CA GLY SA 59 98.53 43.84 -28.41
C GLY SA 59 99.19 42.64 -27.76
N GLU SA 60 100.51 42.76 -27.61
CA GLU SA 60 101.29 41.71 -26.96
C GLU SA 60 101.09 41.77 -25.45
N PRO SA 61 100.77 40.64 -24.80
CA PRO SA 61 100.58 40.63 -23.35
C PRO SA 61 101.84 41.00 -22.58
N GLU SA 62 101.72 41.09 -21.25
CA GLU SA 62 102.86 41.47 -20.42
C GLU SA 62 103.97 40.45 -20.50
N ASP SA 63 103.63 39.17 -20.54
CA ASP SA 63 104.63 38.10 -20.56
C ASP SA 63 105.44 38.15 -21.85
N ASP SA 64 106.76 38.15 -21.72
CA ASP SA 64 107.62 38.14 -22.91
C ASP SA 64 107.46 36.84 -23.69
N VAL SA 65 107.38 35.71 -23.00
CA VAL SA 65 107.19 34.41 -23.62
C VAL SA 65 105.92 33.80 -23.04
N TYR SA 66 104.99 33.42 -23.92
CA TYR SA 66 103.74 32.84 -23.48
C TYR SA 66 103.24 31.86 -24.54
N LEU SA 67 102.34 30.98 -24.12
CA LEU SA 67 101.77 29.98 -25.01
C LEU SA 67 100.63 30.58 -25.82
N LYS SA 68 100.54 30.19 -27.09
CA LYS SA 68 99.42 30.62 -27.92
C LYS SA 68 98.11 30.02 -27.42
N ARG SA 69 98.17 28.87 -26.74
CA ARG SA 69 96.96 28.31 -26.13
C ARG SA 69 96.44 29.20 -25.01
N LEU SA 70 97.34 29.76 -24.19
CA LEU SA 70 96.92 30.53 -23.03
C LEU SA 70 96.33 31.87 -23.42
N TYR SA 71 96.92 32.55 -24.42
CA TYR SA 71 96.46 33.88 -24.78
C TYR SA 71 95.84 33.87 -26.17
N PRO SA 72 94.78 34.65 -26.39
CA PRO SA 72 94.13 34.67 -27.71
C PRO SA 72 94.99 35.32 -28.78
N ARG SA 73 94.43 35.45 -29.99
CA ARG SA 73 95.14 36.07 -31.09
C ARG SA 73 95.47 37.52 -30.78
N GLN SA 74 96.59 37.99 -31.32
CA GLN SA 74 97.06 39.35 -31.04
C GLN SA 74 97.31 40.15 -32.32
N ILE SA 75 97.74 39.48 -33.38
CA ILE SA 75 98.16 40.17 -34.60
C ILE SA 75 96.93 40.54 -35.41
N TYR SA 76 96.72 41.84 -35.61
CA TYR SA 76 95.55 42.36 -36.27
C TYR SA 76 95.86 43.23 -37.49
N GLU SA 77 96.90 44.07 -37.40
CA GLU SA 77 97.15 45.07 -38.43
C GLU SA 77 97.49 44.42 -39.76
N VAL SA 78 96.88 44.93 -40.83
CA VAL SA 78 97.16 44.42 -42.17
C VAL SA 78 98.60 44.75 -42.57
N GLU SA 79 99.04 45.98 -42.30
CA GLU SA 79 100.39 46.38 -42.64
C GLU SA 79 101.43 45.55 -41.89
N LYS SA 80 101.19 45.30 -40.60
CA LYS SA 80 102.08 44.45 -39.83
C LYS SA 80 102.03 43.00 -40.33
N ALA SA 81 100.84 42.52 -40.70
CA ALA SA 81 100.72 41.14 -41.16
C ALA SA 81 101.49 40.92 -42.45
N ILE SA 82 101.39 41.86 -43.40
CA ILE SA 82 102.11 41.72 -44.65
C ILE SA 82 103.62 41.76 -44.41
N HIS SA 83 104.07 42.69 -43.56
CA HIS SA 83 105.48 42.75 -43.22
C HIS SA 83 105.95 41.49 -42.51
N LEU SA 84 105.10 40.94 -41.64
CA LEU SA 84 105.45 39.71 -40.92
C LEU SA 84 105.59 38.54 -41.89
N LEU SA 85 104.71 38.46 -42.89
CA LEU SA 85 104.81 37.40 -43.88
C LEU SA 85 106.12 37.50 -44.67
N LYS SA 86 106.49 38.73 -45.06
CA LYS SA 86 107.79 38.94 -45.67
C LYS SA 86 108.91 38.63 -44.68
N LYS SA 87 108.72 39.01 -43.41
CA LYS SA 87 109.66 38.67 -42.36
C LYS SA 87 109.75 37.15 -42.18
N PHE SA 88 108.60 36.47 -42.16
CA PHE SA 88 108.60 35.02 -42.04
C PHE SA 88 109.31 34.36 -43.21
N GLN SA 89 109.29 35.00 -44.39
CA GLN SA 89 110.07 34.50 -45.52
C GLN SA 89 111.55 34.51 -45.20
N VAL SA 90 112.02 35.56 -44.52
CA VAL SA 90 113.41 35.60 -44.09
C VAL SA 90 113.65 34.60 -42.96
N LEU SA 91 112.75 34.56 -41.98
CA LEU SA 91 112.91 33.63 -40.87
C LEU SA 91 112.84 32.18 -41.35
N ASP SA 92 111.89 31.88 -42.23
CA ASP SA 92 111.78 30.58 -42.88
C ASP SA 92 112.22 30.77 -44.33
N PHE SA 93 113.52 30.62 -44.57
CA PHE SA 93 114.14 30.96 -45.84
C PHE SA 93 113.52 30.22 -47.02
N THR SA 94 112.87 30.96 -47.91
CA THR SA 94 112.22 30.39 -49.09
C THR SA 94 112.31 31.40 -50.22
N ASN SA 95 111.57 31.15 -51.30
CA ASN SA 95 111.57 32.07 -52.43
C ASN SA 95 110.91 33.40 -52.02
N PRO SA 96 111.43 34.53 -52.48
CA PRO SA 96 110.78 35.81 -52.16
C PRO SA 96 109.38 35.94 -52.69
N ASN SA 97 109.07 35.31 -53.82
CA ASN SA 97 107.73 35.36 -54.42
C ASN SA 97 106.88 34.25 -53.83
N GLN SA 98 105.77 34.63 -53.19
CA GLN SA 98 104.83 33.67 -52.62
C GLN SA 98 103.42 34.16 -52.83
N GLY SA 99 102.55 33.26 -53.27
CA GLY SA 99 101.15 33.58 -53.44
C GLY SA 99 100.39 33.55 -52.12
N VAL SA 100 99.82 34.69 -51.73
CA VAL SA 100 99.11 34.81 -50.45
C VAL SA 100 97.67 34.39 -50.70
N TYR SA 101 97.34 33.16 -50.30
CA TYR SA 101 95.97 32.63 -50.43
C TYR SA 101 95.20 32.99 -49.17
N LEU SA 102 94.54 34.14 -49.21
CA LEU SA 102 93.79 34.61 -48.06
C LEU SA 102 92.57 33.75 -47.81
N ASP SA 103 92.30 33.47 -46.53
CA ASP SA 103 91.10 32.78 -46.10
C ASP SA 103 90.23 33.75 -45.33
N LEU SA 104 89.00 33.93 -45.80
CA LEU SA 104 88.04 34.84 -45.17
C LEU SA 104 86.87 34.04 -44.64
N THR SA 105 86.62 34.14 -43.34
CA THR SA 105 85.47 33.49 -42.71
C THR SA 105 84.26 34.38 -42.94
N LEU SA 106 83.77 34.36 -44.17
CA LEU SA 106 82.68 35.25 -44.58
C LEU SA 106 81.34 34.70 -44.13
N ASP SA 107 80.51 35.58 -43.59
CA ASP SA 107 79.14 35.23 -43.22
C ASP SA 107 78.27 35.35 -44.46
N MET SA 108 78.29 34.29 -45.27
CA MET SA 108 77.48 34.21 -46.48
C MET SA 108 76.13 33.55 -46.19
N THR SA 109 75.64 33.74 -44.97
CA THR SA 109 74.40 33.12 -44.52
C THR SA 109 73.71 34.09 -43.57
N LEU SA 110 72.54 33.69 -43.08
CA LEU SA 110 71.80 34.44 -42.06
C LEU SA 110 71.41 35.83 -42.54
N GLY SA 111 70.98 35.93 -43.80
CA GLY SA 111 70.35 37.14 -44.28
C GLY SA 111 68.89 37.17 -43.87
N LYS SA 112 68.19 36.10 -44.17
CA LYS SA 112 66.84 35.83 -43.70
C LYS SA 112 66.82 34.43 -43.07
N LYS SA 113 65.63 33.92 -42.77
CA LYS SA 113 65.53 32.54 -42.31
C LYS SA 113 65.91 31.54 -43.41
N LYS SA 114 65.86 31.95 -44.67
CA LYS SA 114 66.30 31.14 -45.79
C LYS SA 114 67.67 31.62 -46.24
N LYS SA 115 68.63 30.71 -46.29
CA LYS SA 115 70.00 31.06 -46.64
C LYS SA 115 70.13 31.42 -48.11
N VAL SA 116 71.09 32.29 -48.41
CA VAL SA 116 71.38 32.65 -49.79
C VAL SA 116 72.33 31.62 -50.40
N GLU SA 117 72.32 31.55 -51.74
CA GLU SA 117 73.10 30.52 -52.40
C GLU SA 117 74.48 31.06 -52.80
N PRO SA 118 75.49 30.20 -52.83
CA PRO SA 118 76.82 30.65 -53.26
C PRO SA 118 76.83 31.00 -54.73
N PHE SA 119 77.74 31.92 -55.09
CA PHE SA 119 77.92 32.35 -56.46
C PHE SA 119 79.41 32.57 -56.70
N ALA SA 120 79.75 33.20 -57.81
CA ALA SA 120 81.14 33.50 -58.15
C ALA SA 120 81.16 34.85 -58.88
N SER SA 121 81.44 35.91 -58.12
CA SER SA 121 81.56 37.25 -58.69
C SER SA 121 83.02 37.51 -59.06
N VAL SA 122 83.24 37.90 -60.32
CA VAL SA 122 84.59 38.07 -60.85
C VAL SA 122 84.85 39.56 -61.03
N LEU SA 123 85.83 40.08 -60.30
CA LEU SA 123 86.24 41.47 -60.42
C LEU SA 123 87.76 41.55 -60.39
N SER SA 124 88.32 42.21 -61.41
CA SER SA 124 89.78 42.31 -61.51
C SER SA 124 90.34 43.20 -60.41
N LEU SA 125 91.44 42.76 -59.81
CA LEU SA 125 92.08 43.52 -58.76
C LEU SA 125 92.84 44.71 -59.35
N PRO SA 126 92.95 45.81 -58.59
CA PRO SA 126 93.74 46.95 -59.08
C PRO SA 126 95.20 46.61 -59.34
N TYR SA 127 95.77 45.65 -58.60
CA TYR SA 127 97.15 45.22 -58.78
C TYR SA 127 97.17 43.72 -58.96
N PRO SA 128 96.81 43.23 -60.15
CA PRO SA 128 96.79 41.77 -60.36
C PRO SA 128 98.18 41.17 -60.25
N PHE SA 129 98.24 39.96 -59.68
CA PHE SA 129 99.49 39.25 -59.54
C PHE SA 129 99.91 38.62 -60.86
N THR SA 130 101.21 38.42 -61.02
CA THR SA 130 101.76 37.80 -62.22
C THR SA 130 101.43 36.32 -62.28
N GLY SA 219 90.45 39.84 -64.35
CA GLY SA 219 89.30 39.21 -63.70
C GLY SA 219 89.59 37.81 -63.20
N HIS SA 220 89.59 37.65 -61.88
CA HIS SA 220 89.85 36.37 -61.24
C HIS SA 220 88.60 35.91 -60.50
N GLU SA 221 88.21 34.66 -60.72
CA GLU SA 221 87.01 34.13 -60.10
C GLU SA 221 87.18 33.98 -58.59
N ILE SA 222 86.10 34.21 -57.85
CA ILE SA 222 86.08 34.03 -56.41
C ILE SA 222 85.48 32.65 -56.14
N LYS SA 223 86.35 31.70 -55.81
CA LYS SA 223 85.90 30.34 -55.57
C LYS SA 223 85.13 30.23 -54.27
N VAL SA 224 84.40 29.12 -54.12
CA VAL SA 224 83.56 28.88 -52.96
C VAL SA 224 83.93 27.53 -52.36
N ASP SA 225 83.63 27.37 -51.08
CA ASP SA 225 83.95 26.15 -50.36
C ASP SA 225 83.08 24.99 -50.87
N GLU SA 226 83.73 23.83 -51.04
CA GLU SA 226 82.98 22.62 -51.39
C GLU SA 226 82.05 22.20 -50.26
N GLU SA 227 82.51 22.31 -49.01
CA GLU SA 227 81.70 21.98 -47.86
C GLU SA 227 80.75 23.09 -47.45
N ARG SA 228 80.85 24.27 -48.08
CA ARG SA 228 80.03 25.43 -47.74
C ARG SA 228 80.16 25.78 -46.26
N GLU SA 229 81.38 25.73 -45.73
CA GLU SA 229 81.65 26.04 -44.33
C GLU SA 229 81.93 27.52 -44.10
N ASN SA 230 81.45 28.38 -45.00
CA ASN SA 230 81.51 29.84 -44.84
C ASN SA 230 82.93 30.38 -44.86
N PHE SA 231 83.86 29.68 -45.51
CA PHE SA 231 85.22 30.17 -45.70
C PHE SA 231 85.60 30.07 -47.17
N LEU SA 232 86.29 31.09 -47.67
CA LEU SA 232 86.72 31.15 -49.06
C LEU SA 232 88.23 31.28 -49.13
N GLU SA 233 88.82 30.61 -50.11
CA GLU SA 233 90.28 30.63 -50.32
C GLU SA 233 90.54 31.24 -51.70
N THR SA 234 90.88 32.53 -51.71
CA THR SA 234 91.16 33.25 -52.95
C THR SA 234 92.53 33.91 -52.85
N LYS SA 235 93.35 33.73 -53.88
CA LYS SA 235 94.67 34.33 -53.92
C LYS SA 235 94.55 35.85 -54.03
N ILE SA 236 95.46 36.56 -53.36
CA ILE SA 236 95.42 38.02 -53.33
C ILE SA 236 96.49 38.58 -54.25
N ALA SA 237 97.75 38.31 -53.93
CA ALA SA 237 98.86 38.84 -54.71
C ALA SA 237 100.13 38.10 -54.29
N THR SA 238 101.23 38.42 -54.97
CA THR SA 238 102.52 37.84 -54.65
C THR SA 238 103.09 38.46 -53.37
N LEU SA 239 104.00 37.72 -52.73
CA LEU SA 239 104.60 38.19 -51.49
C LEU SA 239 105.46 39.43 -51.73
N ASN SA 240 106.22 39.46 -52.83
CA ASN SA 240 107.13 40.57 -53.09
C ASN SA 240 106.41 41.88 -53.38
N MET SA 241 105.11 41.85 -53.65
CA MET SA 241 104.36 43.07 -53.85
C MET SA 241 104.34 43.90 -52.57
N SER SA 242 104.34 45.22 -52.74
CA SER SA 242 104.38 46.12 -51.59
C SER SA 242 103.11 45.98 -50.75
N SER SA 243 103.22 46.30 -49.46
CA SER SA 243 102.09 46.15 -48.55
C SER SA 243 100.94 47.05 -48.95
N ASP SA 244 101.23 48.26 -49.41
CA ASP SA 244 100.18 49.18 -49.80
C ASP SA 244 99.34 48.62 -50.95
N GLN SA 245 100.00 48.01 -51.95
CA GLN SA 245 99.26 47.41 -53.06
C GLN SA 245 98.48 46.18 -52.60
N ILE SA 246 99.09 45.34 -51.77
CA ILE SA 246 98.40 44.14 -51.29
C ILE SA 246 97.21 44.53 -50.41
N ALA SA 247 97.39 45.53 -49.54
CA ALA SA 247 96.27 46.01 -48.74
C ALA SA 247 95.18 46.60 -49.62
N ALA SA 248 95.56 47.31 -50.68
CA ALA SA 248 94.57 47.83 -51.63
C ALA SA 248 93.82 46.69 -52.31
N ASN SA 249 94.53 45.62 -52.67
CA ASN SA 249 93.87 44.44 -53.22
C ASN SA 249 92.93 43.82 -52.19
N LEU SA 250 93.34 43.79 -50.92
CA LEU SA 250 92.48 43.25 -49.88
C LEU SA 250 91.19 44.04 -49.76
N GLN SA 251 91.27 45.37 -49.81
CA GLN SA 251 90.06 46.19 -49.72
C GLN SA 251 89.14 45.93 -50.91
N ALA SA 252 89.70 45.74 -52.10
CA ALA SA 252 88.89 45.40 -53.26
C ALA SA 252 88.20 44.06 -53.07
N VAL SA 253 88.90 43.08 -52.48
CA VAL SA 253 88.31 41.76 -52.25
C VAL SA 253 87.15 41.85 -51.28
N ILE SA 254 87.30 42.66 -50.22
CA ILE SA 254 86.24 42.79 -49.23
C ILE SA 254 84.97 43.35 -49.86
N ASN SA 255 85.11 44.37 -50.71
CA ASN SA 255 83.95 44.91 -51.41
C ASN SA 255 83.42 43.93 -52.45
N GLU SA 256 84.30 43.15 -53.06
CA GLU SA 256 83.87 42.21 -54.11
C GLU SA 256 83.02 41.09 -53.53
N VAL SA 257 83.45 40.51 -52.41
CA VAL SA 257 82.72 39.37 -51.84
C VAL SA 257 81.36 39.81 -51.31
N CYS SA 258 81.29 41.01 -50.73
CA CYS SA 258 80.04 41.51 -50.20
C CYS SA 258 79.04 41.91 -51.27
N ARG SA 259 79.47 41.96 -52.54
CA ARG SA 259 78.55 42.34 -53.62
C ARG SA 259 77.44 41.32 -53.80
N GLN SA 260 77.69 40.05 -53.45
CA GLN SA 260 76.66 39.02 -53.59
C GLN SA 260 75.47 39.32 -52.69
N ARG SA 261 75.73 39.72 -51.44
CA ARG SA 261 74.68 40.10 -50.49
C ARG SA 261 75.06 41.43 -49.85
N PRO SA 262 74.82 42.54 -50.55
CA PRO SA 262 75.18 43.86 -50.01
C PRO SA 262 74.21 44.40 -48.96
N LEU SA 263 73.22 43.61 -48.54
CA LEU SA 263 72.24 44.07 -47.57
C LEU SA 263 72.88 44.27 -46.20
N ASN SA 264 72.38 45.26 -45.47
CA ASN SA 264 72.86 45.58 -44.14
C ASN SA 264 72.09 44.85 -43.04
N LEU SA 265 71.17 43.96 -43.40
CA LEU SA 265 70.42 43.22 -42.38
C LEU SA 265 71.33 42.35 -41.55
N GLY SA 266 72.29 41.68 -42.18
CA GLY SA 266 73.22 40.82 -41.48
C GLY SA 266 74.65 41.05 -41.90
N PRO SA 267 75.58 40.92 -40.96
CA PRO SA 267 77.00 41.05 -41.30
C PRO SA 267 77.44 39.97 -42.29
N PHE SA 268 78.42 40.32 -43.13
CA PHE SA 268 78.92 39.40 -44.14
C PHE SA 268 80.31 38.85 -43.86
N VAL SA 269 81.09 39.53 -43.02
CA VAL SA 269 82.44 39.11 -42.70
C VAL SA 269 82.54 38.89 -41.19
N VAL SA 270 83.10 37.75 -40.79
CA VAL SA 270 83.28 37.40 -39.39
C VAL SA 270 84.76 37.47 -38.99
N ARG SA 271 85.61 36.68 -39.64
CA ARG SA 271 87.02 36.66 -39.34
C ARG SA 271 87.82 36.63 -40.65
N ALA SA 272 89.07 37.08 -40.57
CA ALA SA 272 89.98 37.10 -41.70
C ALA SA 272 91.30 36.49 -41.28
N PHE SA 273 91.86 35.64 -42.15
CA PHE SA 273 93.12 34.94 -41.88
C PHE SA 273 94.00 35.02 -43.11
N LEU SA 274 95.04 35.85 -43.05
CA LEU SA 274 95.96 36.07 -44.16
C LEU SA 274 97.18 35.17 -43.96
N ARG SA 275 97.35 34.18 -44.82
CA ARG SA 275 98.46 33.25 -44.74
C ARG SA 275 99.21 33.21 -46.06
N SER SA 276 100.53 33.06 -45.98
CA SER SA 276 101.37 32.90 -47.16
C SER SA 276 101.49 31.42 -47.49
N SER SA 277 102.33 31.10 -48.47
CA SER SA 277 102.51 29.70 -48.85
C SER SA 277 103.23 28.91 -47.76
N THR SA 278 104.15 29.54 -47.04
CA THR SA 278 104.92 28.89 -45.99
C THR SA 278 104.71 29.58 -44.65
N SER SA 279 103.49 30.04 -44.39
CA SER SA 279 103.19 30.73 -43.14
C SER SA 279 101.72 30.52 -42.80
N GLU SA 280 101.40 30.70 -41.52
CA GLU SA 280 100.05 30.54 -41.01
C GLU SA 280 99.29 31.85 -41.11
N GLY SA 281 97.96 31.75 -41.00
CA GLY SA 281 97.12 32.92 -41.09
C GLY SA 281 97.18 33.79 -39.85
N LEU SA 282 96.77 35.05 -40.03
CA LEU SA 282 96.72 36.02 -38.95
C LEU SA 282 95.34 36.65 -38.91
N LEU SA 283 94.82 36.85 -37.70
CA LEU SA 283 93.47 37.38 -37.53
C LEU SA 283 93.45 38.87 -37.88
N ILE SA 284 93.13 39.18 -39.13
CA ILE SA 284 93.12 40.57 -39.59
C ILE SA 284 91.95 41.31 -38.95
N LYS SA 285 92.23 42.50 -38.43
CA LYS SA 285 91.19 43.39 -37.90
C LYS SA 285 90.44 43.98 -39.09
N ILE SA 286 89.56 43.16 -39.67
CA ILE SA 286 88.86 43.53 -40.90
C ILE SA 286 87.63 44.40 -40.65
N GLU SA 287 87.22 44.56 -39.39
CA GLU SA 287 86.03 45.37 -39.10
C GLU SA 287 86.15 46.80 -39.60
N PRO SA 288 87.25 47.53 -39.39
CA PRO SA 288 87.33 48.89 -39.96
C PRO SA 288 87.24 48.91 -41.48
N LEU SA 289 87.72 47.87 -42.16
CA LEU SA 289 87.75 47.85 -43.62
C LEU SA 289 86.46 47.34 -44.24
N LEU SA 290 85.47 46.95 -43.42
CA LEU SA 290 84.20 46.50 -43.99
C LEU SA 290 83.50 47.58 -44.81
N PRO SA 291 83.35 48.82 -44.34
CA PRO SA 291 82.72 49.81 -45.23
C PRO SA 291 83.71 50.43 -46.20
N PHE TA 63 -37.97 -37.71 -33.00
CA PHE TA 63 -38.20 -36.27 -33.03
C PHE TA 63 -36.94 -35.49 -33.35
N LYS TA 64 -37.09 -34.18 -33.49
CA LYS TA 64 -35.96 -33.30 -33.76
C LYS TA 64 -36.26 -31.95 -33.10
N THR TA 65 -35.60 -31.69 -31.98
CA THR TA 65 -35.79 -30.43 -31.26
C THR TA 65 -35.29 -29.28 -32.12
N LYS TA 66 -36.19 -28.40 -32.56
CA LYS TA 66 -35.84 -27.29 -33.42
C LYS TA 66 -36.47 -26.01 -32.89
N GLY TA 67 -36.02 -24.88 -33.42
CA GLY TA 67 -36.50 -23.58 -33.00
C GLY TA 67 -37.76 -23.14 -33.71
N VAL TA 68 -37.73 -23.14 -35.05
CA VAL TA 68 -38.87 -22.76 -35.85
C VAL TA 68 -39.39 -23.99 -36.58
N LEU TA 69 -40.71 -24.17 -36.58
CA LEU TA 69 -41.33 -25.34 -37.19
C LEU TA 69 -41.78 -25.03 -38.60
N LYS TA 70 -41.42 -25.91 -39.54
CA LYS TA 70 -41.83 -25.78 -40.93
C LYS TA 70 -42.32 -27.15 -41.43
N LYS TA 71 -43.30 -27.12 -42.31
CA LYS TA 71 -43.88 -28.35 -42.85
C LYS TA 71 -43.07 -28.82 -44.05
N ARG TA 72 -42.39 -29.96 -43.90
CA ARG TA 72 -41.60 -30.51 -44.99
C ARG TA 72 -42.46 -31.17 -46.07
N CYS TA 73 -43.65 -31.64 -45.72
CA CYS TA 73 -44.57 -32.20 -46.70
C CYS TA 73 -45.99 -31.76 -46.34
N ARG TA 74 -46.89 -31.90 -47.30
CA ARG TA 74 -48.25 -31.37 -47.14
C ARG TA 74 -49.07 -32.13 -46.12
N ASP TA 75 -48.61 -33.29 -45.65
CA ASP TA 75 -49.35 -34.07 -44.67
C ASP TA 75 -48.98 -33.74 -43.22
N CYS TA 76 -47.97 -32.91 -43.00
CA CYS TA 76 -47.62 -32.50 -41.65
C CYS TA 76 -48.68 -31.56 -41.10
N TYR TA 77 -49.14 -31.83 -39.88
CA TYR TA 77 -50.18 -31.03 -39.24
C TYR TA 77 -49.67 -30.53 -37.89
N LEU TA 78 -49.86 -29.24 -37.63
CA LEU TA 78 -49.46 -28.66 -36.36
C LEU TA 78 -50.45 -29.06 -35.26
N VAL TA 79 -49.92 -29.22 -34.05
CA VAL TA 79 -50.72 -29.55 -32.88
C VAL TA 79 -49.97 -29.12 -31.63
N LYS TA 80 -50.68 -28.49 -30.70
CA LYS TA 80 -50.07 -27.95 -29.49
C LYS TA 80 -50.38 -28.88 -28.32
N ARG TA 81 -49.34 -29.54 -27.82
CA ARG TA 81 -49.46 -30.47 -26.71
C ARG TA 81 -48.39 -30.15 -25.67
N ARG TA 82 -48.78 -30.22 -24.39
CA ARG TA 82 -47.88 -29.99 -23.27
C ARG TA 82 -47.22 -28.61 -23.34
N GLY TA 83 -47.94 -27.61 -23.86
CA GLY TA 83 -47.45 -26.26 -23.91
C GLY TA 83 -46.47 -25.95 -25.02
N ARG TA 84 -46.24 -26.87 -25.94
CA ARG TA 84 -45.33 -26.66 -27.06
C ARG TA 84 -45.99 -27.14 -28.34
N TRP TA 85 -45.54 -26.58 -29.46
CA TRP TA 85 -46.05 -26.98 -30.77
C TRP TA 85 -45.22 -28.13 -31.32
N PHE TA 86 -45.92 -29.15 -31.81
CA PHE TA 86 -45.30 -30.35 -32.37
C PHE TA 86 -45.72 -30.51 -33.81
N ILE TA 87 -44.77 -30.81 -34.69
CA ILE TA 87 -45.06 -31.18 -36.06
C ILE TA 87 -45.15 -32.70 -36.12
N TYR TA 88 -46.38 -33.22 -36.26
CA TYR TA 88 -46.61 -34.65 -36.35
C TYR TA 88 -46.91 -35.01 -37.80
N CYS TA 89 -46.23 -36.04 -38.31
CA CYS TA 89 -46.42 -36.51 -39.67
C CYS TA 89 -46.73 -37.99 -39.65
N LYS TA 90 -47.63 -38.41 -40.53
CA LYS TA 90 -48.07 -39.79 -40.61
C LYS TA 90 -47.34 -40.59 -41.68
N THR TA 91 -47.20 -40.01 -42.89
CA THR TA 91 -46.53 -40.73 -43.97
C THR TA 91 -45.03 -40.84 -43.73
N ASN TA 92 -44.39 -39.75 -43.35
CA ASN TA 92 -42.95 -39.72 -43.11
C ASN TA 92 -42.68 -39.41 -41.64
N PRO TA 93 -42.36 -40.41 -40.83
CA PRO TA 93 -42.07 -40.13 -39.41
C PRO TA 93 -40.85 -39.25 -39.20
N LYS TA 94 -39.98 -39.12 -40.21
CA LYS TA 94 -38.79 -38.29 -40.06
C LYS TA 94 -39.11 -36.80 -40.03
N HIS TA 95 -40.35 -36.41 -40.32
CA HIS TA 95 -40.75 -35.01 -40.27
C HIS TA 95 -41.15 -34.56 -38.87
N LYS TA 96 -41.11 -35.46 -37.88
CA LYS TA 96 -41.52 -35.09 -36.53
C LYS TA 96 -40.55 -34.06 -35.96
N GLN TA 97 -41.08 -32.91 -35.57
CA GLN TA 97 -40.30 -31.81 -35.03
C GLN TA 97 -40.92 -31.34 -33.72
N ARG TA 98 -40.10 -30.72 -32.88
CA ARG TA 98 -40.52 -30.31 -31.54
C ARG TA 98 -39.90 -28.95 -31.23
N GLN TA 99 -40.74 -27.97 -30.92
CA GLN TA 99 -40.26 -26.65 -30.55
C GLN TA 99 -39.60 -26.68 -29.18
N MET TA 100 -38.48 -25.99 -29.05
CA MET TA 100 -37.80 -25.87 -27.77
C MET TA 100 -38.14 -24.55 -27.09
N ALA UA 30 86.37 -16.79 2.52
CA ALA UA 30 85.74 -18.01 2.98
C ALA UA 30 84.30 -17.75 3.42
N TYR UA 31 83.64 -18.78 3.93
CA TYR UA 31 82.25 -18.70 4.40
C TYR UA 31 82.25 -18.90 5.91
N GLU UA 32 82.31 -17.79 6.65
CA GLU UA 32 82.25 -17.86 8.10
C GLU UA 32 80.87 -18.34 8.54
N TRP UA 33 80.85 -19.13 9.61
CA TRP UA 33 79.63 -19.80 10.04
C TRP UA 33 78.75 -18.95 10.95
N GLY UA 34 79.16 -17.72 11.23
CA GLY UA 34 78.30 -16.84 11.98
C GLY UA 34 77.19 -16.25 11.14
N VAL UA 35 76.13 -15.81 11.82
CA VAL UA 35 75.01 -15.13 11.18
C VAL UA 35 74.80 -13.80 11.88
N ARG UA 36 74.61 -12.74 11.09
CA ARG UA 36 74.53 -11.40 11.65
C ARG UA 36 73.40 -11.28 12.66
N SER UA 37 72.23 -11.83 12.34
CA SER UA 37 71.09 -11.73 13.25
C SER UA 37 71.33 -12.49 14.54
N THR UA 38 71.93 -13.69 14.46
CA THR UA 38 72.12 -14.51 15.64
C THR UA 38 73.22 -13.97 16.54
N ARG UA 39 74.25 -13.37 15.96
CA ARG UA 39 75.36 -12.85 16.76
C ARG UA 39 74.90 -11.65 17.59
N LYS UA 40 75.59 -11.43 18.69
CA LYS UA 40 75.25 -10.33 19.59
C LYS UA 40 75.43 -9.00 18.86
N PRO UA 41 74.47 -8.09 18.95
CA PRO UA 41 74.60 -6.81 18.24
C PRO UA 41 75.73 -5.97 18.81
N GLU UA 42 76.34 -5.17 17.94
CA GLU UA 42 77.38 -4.25 18.36
C GLU UA 42 76.76 -3.10 19.16
N PRO UA 43 77.54 -2.47 20.03
CA PRO UA 43 77.00 -1.38 20.83
C PRO UA 43 76.51 -0.25 19.95
N PRO UA 44 75.46 0.45 20.37
CA PRO UA 44 74.95 1.54 19.55
C PRO UA 44 75.97 2.66 19.44
N PRO UA 45 75.93 3.43 18.35
CA PRO UA 45 76.89 4.53 18.19
C PRO UA 45 76.76 5.55 19.31
N LEU UA 46 77.89 6.09 19.74
CA LEU UA 46 77.90 7.09 20.79
C LEU UA 46 77.25 8.39 20.30
N ASP UA 47 76.71 9.15 21.25
CA ASP UA 47 76.09 10.42 20.91
C ASP UA 47 77.15 11.42 20.44
N ARG UA 48 76.70 12.40 19.65
CA ARG UA 48 77.60 13.37 19.05
C ARG UA 48 78.28 14.26 20.08
N VAL UA 49 77.73 14.36 21.30
CA VAL UA 49 78.31 15.22 22.31
C VAL UA 49 79.70 14.74 22.71
N TYR UA 50 79.89 13.42 22.76
CA TYR UA 50 81.19 12.87 23.15
C TYR UA 50 82.29 13.19 22.13
N GLU UA 51 81.92 13.56 20.90
CA GLU UA 51 82.90 13.84 19.87
C GLU UA 51 83.45 15.26 19.93
N ILE UA 52 82.84 16.14 20.72
CA ILE UA 52 83.24 17.54 20.80
C ILE UA 52 84.34 17.66 21.85
N PRO UA 53 85.55 18.06 21.49
CA PRO UA 53 86.63 18.20 22.48
C PRO UA 53 86.29 19.25 23.53
N GLY UA 54 86.70 18.97 24.77
CA GLY UA 54 86.52 19.93 25.84
C GLY UA 54 85.07 20.28 26.14
N LEU UA 55 84.19 19.27 26.19
CA LEU UA 55 82.78 19.50 26.46
C LEU UA 55 82.25 18.35 27.31
N GLU UA 56 81.79 18.66 28.51
CA GLU UA 56 81.25 17.65 29.40
C GLU UA 56 79.83 17.28 28.96
N PRO UA 57 79.58 16.03 28.60
CA PRO UA 57 78.22 15.65 28.19
C PRO UA 57 77.27 15.63 29.38
N ILE UA 58 76.00 15.85 29.08
CA ILE UA 58 74.93 15.76 30.08
C ILE UA 58 74.26 14.41 29.92
N THR UA 59 74.35 13.57 30.95
CA THR UA 59 73.82 12.23 30.92
C THR UA 59 72.72 12.08 31.96
N TYR UA 60 71.99 10.96 31.87
CA TYR UA 60 70.94 10.65 32.82
C TYR UA 60 71.43 9.77 33.97
N ALA UA 61 72.74 9.57 34.09
CA ALA UA 61 73.27 8.77 35.18
C ALA UA 61 73.01 9.39 36.55
N GLY UA 62 72.79 10.70 36.59
CA GLY UA 62 72.48 11.34 37.87
C GLY UA 62 71.17 10.85 38.47
N LYS UA 63 70.16 10.65 37.63
CA LYS UA 63 68.86 10.18 38.07
C LYS UA 63 68.75 8.66 38.01
N MET UA 64 69.84 7.96 37.69
CA MET UA 64 69.94 6.50 37.63
C MET UA 64 68.74 5.82 36.97
N HIS UA 65 68.22 6.44 35.91
CA HIS UA 65 67.21 5.80 35.08
C HIS UA 65 67.20 6.47 33.72
N PHE UA 66 66.69 5.74 32.72
CA PHE UA 66 66.70 6.24 31.36
C PHE UA 66 65.74 7.41 31.19
N MET UA 67 66.17 8.41 30.42
CA MET UA 67 65.36 9.57 30.10
C MET UA 67 65.64 9.98 28.66
N PRO UA 68 64.61 10.14 27.83
CA PRO UA 68 64.85 10.58 26.45
C PRO UA 68 65.40 11.99 26.39
N GLY UA 69 66.23 12.24 25.39
CA GLY UA 69 66.83 13.53 25.18
C GLY UA 69 68.16 13.76 25.88
N LEU UA 70 68.58 12.84 26.75
CA LEU UA 70 69.85 12.94 27.44
C LEU UA 70 70.83 11.91 26.92
N ALA UA 71 72.11 12.26 26.92
CA ALA UA 71 73.13 11.39 26.37
C ALA UA 71 73.29 10.12 27.20
N ARG UA 72 73.59 9.02 26.52
CA ARG UA 72 73.80 7.75 27.19
C ARG UA 72 75.17 7.73 27.87
N PRO UA 73 75.22 7.46 29.17
CA PRO UA 73 76.52 7.48 29.88
C PRO UA 73 77.42 6.34 29.43
N VAL UA 74 78.72 6.55 29.62
CA VAL UA 74 79.73 5.52 29.41
C VAL UA 74 80.33 5.19 30.76
N PHE UA 75 80.18 3.93 31.18
CA PHE UA 75 80.65 3.55 32.50
C PHE UA 75 81.93 2.74 32.41
N PRO UA 76 82.82 2.88 33.39
CA PRO UA 76 84.01 2.03 33.45
C PRO UA 76 83.62 0.59 33.72
N PRO UA 77 84.48 -0.37 33.37
CA PRO UA 77 84.16 -1.77 33.65
C PRO UA 77 83.92 -1.99 35.13
N TRP UA 78 82.94 -2.83 35.44
CA TRP UA 78 82.55 -3.05 36.82
C TRP UA 78 83.66 -3.76 37.57
N ASP UA 79 84.03 -3.21 38.73
CA ASP UA 79 85.13 -3.74 39.53
C ASP UA 79 84.64 -4.03 40.95
N PRO UA 80 84.20 -5.26 41.23
CA PRO UA 80 83.85 -5.61 42.62
C PRO UA 80 85.06 -5.64 43.53
N GLY UA 81 85.01 -4.82 44.60
CA GLY UA 81 86.15 -4.76 45.51
C GLY UA 81 86.51 -6.11 46.08
N TRP UA 82 85.51 -6.87 46.52
CA TRP UA 82 85.71 -8.20 47.08
C TRP UA 82 85.23 -9.24 46.08
N THR UA 83 86.08 -10.23 45.80
CA THR UA 83 85.74 -11.26 44.83
C THR UA 83 84.72 -12.23 45.41
N HIS UA 84 83.77 -12.64 44.58
CA HIS UA 84 82.76 -13.60 44.96
C HIS UA 84 82.94 -14.87 44.13
N PRO UA 85 82.87 -16.05 44.74
CA PRO UA 85 83.19 -17.28 43.99
C PRO UA 85 82.27 -17.55 42.81
N LYS UA 86 80.96 -17.62 43.05
CA LYS UA 86 80.04 -18.04 42.00
C LYS UA 86 79.84 -16.96 40.94
N PHE UA 87 79.69 -15.71 41.36
CA PHE UA 87 79.27 -14.64 40.46
C PHE UA 87 80.43 -13.95 39.75
N ARG UA 88 81.66 -14.36 39.98
CA ARG UA 88 82.78 -13.73 39.29
C ARG UA 88 82.96 -14.36 37.90
N ARG UA 89 83.64 -13.62 37.04
CA ARG UA 89 83.93 -14.11 35.70
C ARG UA 89 84.93 -15.26 35.76
N LEU UA 90 84.85 -16.16 34.79
CA LEU UA 90 85.75 -17.30 34.75
C LEU UA 90 87.18 -16.84 34.51
N PRO UA 91 88.13 -17.28 35.32
CA PRO UA 91 89.52 -16.87 35.09
C PRO UA 91 90.03 -17.41 33.78
N PRO UA 92 90.98 -16.72 33.15
CA PRO UA 92 91.55 -17.23 31.89
C PRO UA 92 92.30 -18.53 32.13
N LEU UA 93 92.39 -19.33 31.07
CA LEU UA 93 93.04 -20.64 31.19
C LEU UA 93 94.51 -20.52 31.56
N HIS UA 94 95.21 -19.55 30.96
CA HIS UA 94 96.63 -19.39 31.25
C HIS UA 94 96.89 -18.89 32.67
N GLU UA 95 95.86 -18.45 33.39
CA GLU UA 95 96.03 -18.04 34.78
C GLU UA 95 96.26 -19.23 35.70
N HIS UA 96 95.86 -20.44 35.28
CA HIS UA 96 96.06 -21.62 36.10
C HIS UA 96 97.55 -21.90 36.26
N PRO UA 97 97.99 -22.27 37.46
CA PRO UA 97 99.44 -22.51 37.66
C PRO UA 97 100.00 -23.63 36.80
N LEU UA 98 99.20 -24.63 36.47
CA LEU UA 98 99.67 -25.78 35.71
C LEU UA 98 99.64 -25.54 34.20
N TYR UA 99 99.22 -24.36 33.76
CA TYR UA 99 99.20 -24.05 32.33
C TYR UA 99 100.62 -24.07 31.77
N LYS UA 100 100.78 -24.74 30.63
CA LYS UA 100 102.08 -24.86 29.98
C LYS UA 100 101.93 -24.60 28.49
N ASP UA 101 102.97 -24.03 27.89
CA ASP UA 101 102.93 -23.69 26.48
C ASP UA 101 102.85 -24.93 25.60
N GLN UA 102 103.59 -25.98 25.97
CA GLN UA 102 103.58 -27.22 25.20
C GLN UA 102 102.20 -27.86 25.23
N ALA UA 103 101.72 -28.30 24.07
CA ALA UA 103 100.40 -28.88 23.94
C ALA UA 103 100.47 -30.37 24.22
N CYS UA 104 99.83 -30.80 25.31
CA CYS UA 104 99.76 -32.21 25.67
C CYS UA 104 98.40 -32.78 25.27
N TYR UA 105 98.41 -34.01 24.77
CA TYR UA 105 97.20 -34.65 24.28
C TYR UA 105 96.72 -35.68 25.30
N VAL UA 106 95.45 -35.58 25.68
CA VAL UA 106 94.87 -36.37 26.75
C VAL UA 106 93.82 -37.30 26.17
N PHE UA 107 93.83 -38.56 26.62
CA PHE UA 107 92.89 -39.58 26.17
C PHE UA 107 92.06 -40.03 27.37
N HIS UA 108 90.83 -39.54 27.46
CA HIS UA 108 89.91 -39.95 28.51
C HIS UA 108 89.03 -41.09 28.02
N GLN UA 109 87.99 -41.43 28.78
CA GLN UA 109 87.15 -42.57 28.44
C GLN UA 109 86.43 -42.37 27.12
N ARG UA 110 85.90 -41.18 26.87
CA ARG UA 110 84.99 -40.93 25.77
C ARG UA 110 85.69 -40.38 24.53
N CYS UA 111 86.95 -40.76 24.31
CA CYS UA 111 87.68 -40.36 23.13
C CYS UA 111 87.60 -41.47 22.09
N ARG UA 112 87.28 -41.10 20.85
CA ARG UA 112 87.13 -42.04 19.75
C ARG UA 112 88.34 -41.93 18.82
N LEU UA 113 88.88 -43.08 18.43
CA LEU UA 113 89.98 -43.15 17.48
C LEU UA 113 89.48 -43.75 16.18
N LEU UA 114 89.86 -43.13 15.06
CA LEU UA 114 89.37 -43.59 13.76
C LEU UA 114 89.92 -44.97 13.44
N GLU UA 115 91.24 -45.07 13.31
CA GLU UA 115 91.90 -46.36 13.10
C GLU UA 115 92.24 -46.92 14.48
N GLY UA 116 91.20 -47.47 15.13
CA GLY UA 116 91.31 -47.81 16.54
C GLY UA 116 92.42 -48.80 16.83
N VAL UA 117 92.49 -49.88 16.07
CA VAL UA 117 93.55 -50.86 16.27
C VAL UA 117 94.89 -50.30 15.84
N LYS UA 118 94.93 -49.56 14.73
CA LYS UA 118 96.20 -49.07 14.21
C LYS UA 118 96.73 -47.91 15.02
N GLN UA 119 95.87 -46.96 15.40
CA GLN UA 119 96.34 -45.81 16.18
C GLN UA 119 96.81 -46.24 17.57
N ALA UA 120 96.05 -47.12 18.23
CA ALA UA 120 96.45 -47.58 19.55
C ALA UA 120 97.76 -48.35 19.48
N LEU UA 121 97.95 -49.15 18.43
CA LEU UA 121 99.21 -49.84 18.25
C LEU UA 121 100.35 -48.86 18.03
N TRP UA 122 100.12 -47.81 17.25
CA TRP UA 122 101.18 -46.85 16.96
C TRP UA 122 101.55 -46.05 18.20
N LEU UA 123 100.54 -45.52 18.91
CA LEU UA 123 100.82 -44.67 20.08
C LEU UA 123 101.44 -45.45 21.22
N THR UA 124 101.25 -46.76 21.27
CA THR UA 124 101.75 -47.59 22.36
C THR UA 124 103.01 -48.36 21.98
N LYS UA 125 103.33 -48.45 20.68
CA LYS UA 125 104.45 -49.24 20.19
C LYS UA 125 104.32 -50.70 20.60
N THR UA 126 103.25 -51.33 20.12
CA THR UA 126 102.96 -52.73 20.39
C THR UA 126 102.88 -53.50 19.07
N GLN UA 127 102.78 -54.82 19.19
CA GLN UA 127 102.58 -55.71 18.06
C GLN UA 127 101.34 -56.56 18.31
N LEU UA 128 100.35 -56.45 17.43
CA LEU UA 128 99.10 -57.17 17.61
C LEU UA 128 99.28 -58.65 17.28
N ILE UA 129 98.91 -59.51 18.21
CA ILE UA 129 98.97 -60.96 18.02
C ILE UA 129 97.55 -61.50 18.17
N GLU UA 130 97.04 -62.08 17.10
CA GLU UA 130 95.69 -62.64 17.14
C GLU UA 130 95.64 -63.87 18.02
N GLY UA 131 94.57 -63.99 18.81
CA GLY UA 131 94.41 -65.13 19.69
C GLY UA 131 94.93 -64.89 21.09
N LEU UA 132 94.23 -65.45 22.09
CA LEU UA 132 94.69 -65.31 23.46
C LEU UA 132 95.98 -66.10 23.68
N PRO UA 133 96.79 -65.71 24.67
CA PRO UA 133 98.04 -66.43 24.92
C PRO UA 133 97.79 -67.88 25.30
N GLU UA 134 98.83 -68.70 25.11
CA GLU UA 134 98.72 -70.13 25.36
C GLU UA 134 98.46 -70.43 26.83
N LYS UA 135 98.99 -69.60 27.74
CA LYS UA 135 98.72 -69.81 29.15
C LYS UA 135 97.24 -69.61 29.46
N VAL UA 136 96.62 -68.58 28.88
CA VAL UA 136 95.21 -68.32 29.11
C VAL UA 136 94.36 -69.39 28.46
N LEU UA 137 94.64 -69.71 27.20
CA LEU UA 137 93.78 -70.63 26.45
C LEU UA 137 93.85 -72.05 27.01
N ARG UA 138 95.04 -72.50 27.40
CA ARG UA 138 95.16 -73.83 28.00
C ARG UA 138 94.64 -73.88 29.42
N LEU UA 139 94.32 -72.74 30.02
CA LEU UA 139 93.77 -72.69 31.37
C LEU UA 139 92.25 -72.86 31.39
N ALA UA 140 91.59 -72.80 30.24
CA ALA UA 140 90.15 -72.96 30.15
C ALA UA 140 89.72 -74.26 29.48
N ASP UA 141 90.58 -74.88 28.67
CA ASP UA 141 90.23 -76.14 28.02
C ASP UA 141 90.25 -77.31 28.99
N ASP UA 142 90.95 -77.18 30.10
CA ASP UA 142 91.01 -78.26 31.09
C ASP UA 142 89.66 -78.37 31.81
N PRO UA 143 89.01 -79.52 31.79
CA PRO UA 143 87.71 -79.65 32.50
C PRO UA 143 87.81 -79.46 34.00
N ARG UA 144 89.00 -79.56 34.59
CA ARG UA 144 89.19 -79.38 36.01
C ARG UA 144 89.11 -77.91 36.44
N ASN UA 145 88.74 -77.02 35.54
CA ASN UA 145 88.58 -75.59 35.82
C ASN UA 145 87.25 -75.09 35.29
N HIS UA 146 86.18 -75.83 35.60
CA HIS UA 146 84.82 -75.46 35.19
C HIS UA 146 83.91 -75.50 36.41
N ILE UA 147 83.04 -74.48 36.53
CA ILE UA 147 82.10 -74.45 37.65
C ILE UA 147 81.04 -75.53 37.46
N GLU UA 148 80.42 -75.93 38.57
CA GLU UA 148 79.33 -76.89 38.49
C GLU UA 148 78.16 -76.30 37.71
N ASN UA 149 77.61 -77.09 36.80
CA ASN UA 149 76.55 -76.65 35.90
C ASN UA 149 76.93 -75.35 35.20
N GLN UA 150 78.09 -75.36 34.53
CA GLN UA 150 78.54 -74.16 33.83
C GLN UA 150 77.56 -73.76 32.74
N ASP UA 151 77.07 -74.72 31.95
CA ASP UA 151 76.17 -74.41 30.85
C ASP UA 151 74.83 -73.89 31.36
N GLU UA 152 74.31 -74.50 32.44
CA GLU UA 152 72.99 -74.12 32.93
C GLU UA 152 73.04 -72.76 33.63
N ARG UA 153 74.04 -72.55 34.49
CA ARG UA 153 74.11 -71.31 35.25
C ARG UA 153 74.32 -70.10 34.34
N VAL UA 154 75.17 -70.23 33.33
CA VAL UA 154 75.34 -69.11 32.39
C VAL UA 154 74.05 -68.83 31.65
N LEU UA 155 73.32 -69.89 31.26
CA LEU UA 155 72.01 -69.70 30.64
C LEU UA 155 71.06 -68.96 31.57
N ASN UA 156 71.14 -69.24 32.87
CA ASN UA 156 70.33 -68.48 33.83
C ASN UA 156 70.85 -67.05 33.99
N ALA UA 157 72.17 -66.87 33.91
CA ALA UA 157 72.74 -65.54 34.04
C ALA UA 157 72.30 -64.62 32.90
N ILE UA 158 72.27 -65.15 31.68
CA ILE UA 158 71.82 -64.36 30.53
C ILE UA 158 70.35 -63.99 30.67
N SER UA 159 69.53 -64.97 31.05
CA SER UA 159 68.11 -64.70 31.22
C SER UA 159 67.86 -63.73 32.36
N HIS UA 160 68.58 -63.89 33.47
CA HIS UA 160 68.42 -62.97 34.59
C HIS UA 160 68.84 -61.55 34.20
N ALA UA 161 69.92 -61.44 33.43
CA ALA UA 161 70.41 -60.11 33.06
C ALA UA 161 69.41 -59.38 32.18
N ARG UA 162 68.86 -60.07 31.18
CA ARG UA 162 68.07 -59.38 30.15
C ARG UA 162 66.58 -59.37 30.44
N LEU UA 163 66.07 -60.31 31.22
CA LEU UA 163 64.62 -60.35 31.38
C LEU UA 163 64.17 -60.31 32.84
N TRP UA 164 64.89 -60.97 33.74
CA TRP UA 164 64.38 -61.16 35.09
C TRP UA 164 64.74 -60.03 36.04
N HIS UA 165 65.86 -59.34 35.83
CA HIS UA 165 66.36 -58.39 36.81
C HIS UA 165 65.50 -57.13 36.92
N SER UA 166 64.58 -56.90 35.99
CA SER UA 166 63.81 -55.67 35.98
C SER UA 166 62.32 -55.98 35.94
N THR UA 167 61.54 -55.07 36.53
CA THR UA 167 60.08 -55.22 36.50
C THR UA 167 59.51 -54.96 35.11
N GLU UA 168 60.17 -54.11 34.32
CA GLU UA 168 59.70 -53.82 32.98
C GLU UA 168 59.92 -55.02 32.06
N ASP UA 169 59.13 -55.08 30.99
CA ASP UA 169 59.23 -56.18 30.04
C ASP UA 169 60.51 -56.08 29.22
N ILE UA 170 60.92 -54.87 28.84
CA ILE UA 170 62.09 -54.68 27.99
C ILE UA 170 63.10 -53.80 28.74
N PRO UA 171 64.00 -54.40 29.52
CA PRO UA 171 65.02 -53.60 30.20
C PRO UA 171 65.93 -52.88 29.21
N LYS UA 172 66.32 -51.66 29.57
CA LYS UA 172 67.20 -50.87 28.73
C LYS UA 172 68.65 -51.33 28.91
N ARG UA 173 69.51 -50.90 27.99
CA ARG UA 173 70.87 -51.40 27.97
C ARG UA 173 71.67 -50.96 29.20
N GLU UA 174 71.44 -49.74 29.68
CA GLU UA 174 72.20 -49.27 30.84
C GLU UA 174 71.86 -50.04 32.10
N THR UA 175 70.80 -50.84 32.10
CA THR UA 175 70.47 -51.68 33.24
C THR UA 175 71.10 -53.06 33.13
N TYR UA 176 71.02 -53.70 31.96
CA TYR UA 176 71.49 -55.08 31.83
C TYR UA 176 72.93 -55.17 31.34
N CYS UA 177 73.59 -54.07 31.07
CA CYS UA 177 75.00 -54.15 30.68
C CYS UA 177 75.90 -54.37 31.89
N PRO UA 178 75.74 -53.63 33.00
CA PRO UA 178 76.56 -53.93 34.19
C PRO UA 178 76.08 -55.16 34.95
N VAL UA 179 74.81 -55.56 34.79
CA VAL UA 179 74.31 -56.73 35.51
C VAL UA 179 74.92 -58.00 34.95
N ILE UA 180 74.98 -58.12 33.61
CA ILE UA 180 75.50 -59.35 33.02
C ILE UA 180 76.98 -59.52 33.33
N VAL UA 181 77.73 -58.42 33.38
CA VAL UA 181 79.15 -58.52 33.69
C VAL UA 181 79.36 -58.91 35.15
N ASP UA 182 78.61 -58.29 36.06
CA ASP UA 182 78.74 -58.62 37.47
C ASP UA 182 78.26 -60.04 37.75
N SER UA 183 77.22 -60.50 37.05
CA SER UA 183 76.75 -61.86 37.23
C SER UA 183 77.81 -62.87 36.81
N LEU UA 184 78.49 -62.62 35.69
CA LEU UA 184 79.54 -63.52 35.25
C LEU UA 184 80.75 -63.46 36.18
N ILE UA 185 81.00 -62.31 36.78
CA ILE UA 185 82.09 -62.22 37.76
C ILE UA 185 81.79 -63.11 38.97
N GLN UA 186 80.55 -63.11 39.42
CA GLN UA 186 80.19 -63.93 40.58
C GLN UA 186 80.34 -65.42 40.26
N LEU UA 187 80.03 -65.82 39.03
CA LEU UA 187 80.16 -67.22 38.67
C LEU UA 187 81.61 -67.70 38.77
N CYS UA 188 82.55 -66.90 38.26
CA CYS UA 188 83.96 -67.23 38.40
C CYS UA 188 84.52 -66.87 39.77
N LYS UA 189 83.78 -66.09 40.56
CA LYS UA 189 84.17 -65.84 41.94
C LYS UA 189 83.90 -67.04 42.84
N SER UA 190 82.92 -67.87 42.46
CA SER UA 190 82.58 -69.04 43.25
C SER UA 190 83.66 -70.12 43.22
N GLN UA 191 84.65 -70.00 42.34
CA GLN UA 191 85.75 -70.95 42.27
C GLN UA 191 86.79 -70.73 43.36
N ILE UA 192 86.55 -69.81 44.29
CA ILE UA 192 87.51 -69.55 45.35
C ILE UA 192 87.66 -70.76 46.27
N LEU UA 193 86.60 -71.57 46.40
CA LEU UA 193 86.69 -72.75 47.24
C LEU UA 193 87.62 -73.81 46.65
N LYS UA 194 87.60 -73.97 45.32
CA LYS UA 194 88.49 -74.92 44.68
C LYS UA 194 89.91 -74.38 44.58
N HIS UA 195 90.06 -73.07 44.33
CA HIS UA 195 91.36 -72.40 44.28
C HIS UA 195 91.39 -71.35 45.38
N PRO UA 196 91.90 -71.67 46.56
CA PRO UA 196 91.91 -70.71 47.68
C PRO UA 196 93.00 -69.65 47.57
N SER UA 197 93.12 -69.06 46.39
CA SER UA 197 94.01 -67.93 46.17
C SER UA 197 93.32 -66.74 45.51
N LEU UA 198 92.04 -66.87 45.15
CA LEU UA 198 91.30 -65.76 44.58
C LEU UA 198 90.93 -64.71 45.62
N ALA UA 199 91.12 -65.00 46.91
CA ALA UA 199 90.83 -64.03 47.96
C ALA UA 199 91.83 -62.88 47.98
N ARG UA 200 92.92 -62.97 47.21
CA ARG UA 200 93.89 -61.88 47.11
C ARG UA 200 93.43 -60.76 46.19
N ARG UA 201 92.26 -60.88 45.59
CA ARG UA 201 91.74 -59.88 44.66
C ARG UA 201 90.69 -59.01 45.34
N ILE UA 202 90.59 -57.77 44.86
CA ILE UA 202 89.59 -56.84 45.34
C ILE UA 202 89.32 -55.85 44.21
N CYS UA 203 88.10 -55.33 44.16
CA CYS UA 203 87.67 -54.43 43.10
C CYS UA 203 87.73 -52.99 43.55
N ALA UA 204 87.96 -52.10 42.60
CA ALA UA 204 87.98 -50.67 42.84
C ALA UA 204 87.07 -49.96 41.85
N GLN UA 205 86.54 -48.82 42.25
CA GLN UA 205 85.56 -48.09 41.46
C GLN UA 205 85.98 -46.65 41.25
N ASN UA 206 85.81 -46.16 40.02
CA ASN UA 206 86.01 -44.77 39.63
C ASN UA 206 87.27 -44.16 40.26
N ASN UA 207 88.38 -44.83 40.04
CA ASN UA 207 89.66 -44.29 40.48
C ASN UA 207 90.24 -43.33 39.43
N THR UA 208 91.11 -42.45 39.90
CA THR UA 208 91.75 -41.46 39.03
C THR UA 208 93.11 -41.99 38.60
N LEU UA 209 93.30 -42.16 37.29
CA LEU UA 209 94.51 -42.71 36.73
C LEU UA 209 95.14 -41.71 35.77
N SER UA 210 96.47 -41.59 35.83
CA SER UA 210 97.20 -40.69 34.95
C SER UA 210 98.56 -41.29 34.64
N ALA UA 211 98.93 -41.27 33.36
CA ALA UA 211 100.23 -41.78 32.93
C ALA UA 211 100.66 -40.98 31.70
N THR UA 212 101.78 -40.27 31.82
CA THR UA 212 102.27 -39.40 30.76
C THR UA 212 103.57 -39.95 30.21
N TRP UA 213 103.67 -40.01 28.88
CA TRP UA 213 104.90 -40.45 28.24
C TRP UA 213 105.09 -39.66 26.95
N ASN UA 214 106.35 -39.52 26.55
CA ASN UA 214 106.71 -38.82 25.32
C ASN UA 214 106.90 -39.82 24.21
N ARG UA 215 106.25 -39.58 23.07
CA ARG UA 215 106.22 -40.53 21.96
C ARG UA 215 106.52 -39.79 20.66
N GLU UA 216 107.79 -39.82 20.25
CA GLU UA 216 108.23 -39.24 18.98
C GLU UA 216 107.90 -37.73 18.91
N SER UA 217 108.54 -36.98 19.80
CA SER UA 217 108.52 -35.52 19.84
C SER UA 217 107.15 -34.94 20.12
N ILE UA 218 106.15 -35.76 20.47
CA ILE UA 218 104.85 -35.26 20.91
C ILE UA 218 104.53 -35.91 22.23
N LEU UA 219 103.75 -35.21 23.05
CA LEU UA 219 103.47 -35.61 24.41
C LEU UA 219 102.05 -36.18 24.51
N LEU UA 220 101.93 -37.39 25.03
CA LEU UA 220 100.64 -38.04 25.22
C LEU UA 220 100.43 -38.33 26.70
N GLN UA 221 99.17 -38.35 27.11
CA GLN UA 221 98.82 -38.64 28.50
C GLN UA 221 97.48 -39.34 28.55
N VAL UA 222 97.44 -40.48 29.23
CA VAL UA 222 96.21 -41.22 29.47
C VAL UA 222 95.69 -40.79 30.84
N HIS UA 223 94.55 -40.11 30.85
CA HIS UA 223 93.99 -39.55 32.07
C HIS UA 223 92.50 -39.82 32.11
N GLY UA 224 92.00 -40.15 33.29
CA GLY UA 224 90.59 -40.37 33.46
C GLY UA 224 90.33 -41.47 34.48
N SER UA 225 89.25 -42.21 34.25
CA SER UA 225 88.82 -43.27 35.16
C SER UA 225 88.53 -44.52 34.34
N SER UA 226 87.97 -45.54 35.00
CA SER UA 226 87.60 -46.78 34.34
C SER UA 226 86.29 -47.27 34.94
N GLY UA 227 85.67 -48.23 34.26
CA GLY UA 227 84.42 -48.80 34.76
C GLY UA 227 84.63 -49.62 36.01
N ALA UA 228 85.33 -50.74 35.90
CA ALA UA 228 85.63 -51.59 37.04
C ALA UA 228 87.08 -52.05 36.92
N ARG UA 229 87.77 -52.09 38.07
CA ARG UA 229 89.17 -52.47 38.12
C ARG UA 229 89.36 -53.58 39.14
N LEU UA 230 90.16 -54.58 38.81
CA LEU UA 230 90.46 -55.69 39.70
C LEU UA 230 91.96 -55.70 39.99
N ASN UA 231 92.31 -55.68 41.27
CA ASN UA 231 93.71 -55.65 41.68
C ASN UA 231 94.05 -56.87 42.52
N ALA UA 232 95.30 -57.31 42.42
CA ALA UA 232 95.76 -58.48 43.13
C ALA UA 232 97.06 -58.15 43.87
N LYS UA 233 97.27 -58.83 45.00
CA LYS UA 233 98.46 -58.57 45.80
C LYS UA 233 99.73 -58.97 45.05
N ASP UA 234 99.69 -60.10 44.34
CA ASP UA 234 100.90 -60.54 43.65
C ASP UA 234 100.87 -60.14 42.18
N PRO UA 235 102.02 -59.79 41.61
CA PRO UA 235 102.05 -59.40 40.19
C PRO UA 235 101.79 -60.59 39.27
N LEU UA 236 101.27 -60.28 38.10
CA LEU UA 236 100.96 -61.31 37.11
C LEU UA 236 102.24 -61.74 36.42
N PRO UA 237 102.50 -63.05 36.30
CA PRO UA 237 103.76 -63.49 35.69
C PRO UA 237 103.80 -63.16 34.22
N PRO UA 238 104.99 -63.02 33.64
CA PRO UA 238 105.08 -62.76 32.20
C PRO UA 238 104.50 -63.89 31.38
N VAL UA 239 103.91 -63.55 30.23
CA VAL UA 239 103.20 -64.51 29.42
C VAL UA 239 103.86 -64.76 28.07
N ALA UA 240 104.81 -63.93 27.65
CA ALA UA 240 105.44 -64.07 26.35
C ALA UA 240 106.82 -64.67 26.50
N SER UA 241 107.12 -65.68 25.67
CA SER UA 241 108.44 -66.29 25.67
C SER UA 241 109.47 -65.34 25.07
N GLN UA 242 110.74 -65.57 25.42
CA GLN UA 242 111.81 -64.69 24.95
C GLN UA 242 112.01 -64.78 23.44
N GLU UA 243 111.59 -65.88 22.81
CA GLU UA 243 111.67 -65.96 21.36
C GLU UA 243 110.78 -64.93 20.69
N GLU UA 244 109.57 -64.74 21.21
CA GLU UA 244 108.65 -63.76 20.64
C GLU UA 244 109.13 -62.32 20.88
N VAL UA 245 109.76 -62.07 22.03
CA VAL UA 245 110.24 -60.73 22.33
C VAL UA 245 111.32 -60.31 21.33
N GLU UA 246 112.25 -61.21 21.03
CA GLU UA 246 113.29 -60.89 20.04
C GLU UA 246 112.69 -60.72 18.65
N ALA UA 247 111.69 -61.54 18.31
CA ALA UA 247 111.01 -61.39 17.03
C ALA UA 247 110.25 -60.08 16.93
N THR UA 248 109.95 -59.46 18.06
CA THR UA 248 109.25 -58.17 18.06
C THR UA 248 110.15 -57.02 17.64
N LYS UA 249 111.47 -57.18 17.77
CA LYS UA 249 112.39 -56.11 17.43
C LYS UA 249 112.33 -55.77 15.94
N ASN UA 250 112.25 -56.78 15.09
CA ASN UA 250 112.24 -56.56 13.65
C ASN UA 250 110.86 -56.17 13.11
N HIS UA 251 109.81 -56.27 13.91
CA HIS UA 251 108.50 -55.86 13.48
C HIS UA 251 108.45 -54.34 13.30
N VAL UA 252 107.81 -53.88 12.23
CA VAL UA 252 107.71 -52.47 11.91
C VAL UA 252 106.26 -52.04 12.10
N LEU UA 253 106.07 -50.94 12.83
CA LEU UA 253 104.73 -50.44 13.08
C LEU UA 253 104.08 -49.93 11.80
N GLU UA 254 102.82 -50.27 11.62
CA GLU UA 254 102.08 -49.79 10.45
C GLU UA 254 101.83 -48.29 10.58
N THR UA 255 101.84 -47.60 9.44
CA THR UA 255 101.68 -46.16 9.41
C THR UA 255 100.58 -45.78 8.43
N PHE UA 256 99.94 -44.64 8.70
CA PHE UA 256 98.90 -44.07 7.86
C PHE UA 256 99.23 -42.61 7.62
N TYR UA 257 99.43 -42.25 6.34
CA TYR UA 257 99.95 -40.92 6.04
C TYR UA 257 98.91 -39.82 6.22
N PRO UA 258 97.72 -39.86 5.60
CA PRO UA 258 96.81 -38.70 5.70
C PRO UA 258 96.37 -38.39 7.12
N ILE UA 259 96.22 -39.39 7.97
CA ILE UA 259 95.72 -39.21 9.33
C ILE UA 259 96.91 -39.19 10.28
N SER UA 260 97.02 -38.10 11.06
CA SER UA 260 98.06 -38.04 12.08
C SER UA 260 97.69 -38.93 13.26
N PRO UA 261 98.68 -39.49 13.95
CA PRO UA 261 98.39 -40.35 15.10
C PRO UA 261 97.67 -39.63 16.22
N THR UA 262 97.75 -38.31 16.27
CA THR UA 262 97.14 -37.55 17.37
C THR UA 262 95.62 -37.50 17.24
N MET UA 263 95.09 -37.67 16.03
CA MET UA 263 93.67 -37.47 15.79
C MET UA 263 92.83 -38.35 16.69
N GLY UA 264 91.80 -37.76 17.31
CA GLY UA 264 90.93 -38.43 18.24
C GLY UA 264 91.18 -38.09 19.69
N LEU UA 265 92.31 -37.47 20.00
CA LEU UA 265 92.63 -37.11 21.37
C LEU UA 265 92.16 -35.69 21.68
N GLN UA 266 92.30 -35.31 22.95
CA GLN UA 266 91.95 -33.97 23.41
C GLN UA 266 93.23 -33.19 23.66
N GLU UA 267 93.37 -32.05 22.99
CA GLU UA 267 94.54 -31.20 23.17
C GLU UA 267 94.34 -30.30 24.38
N CYS UA 268 95.15 -30.53 25.42
CA CYS UA 268 95.04 -29.80 26.67
C CYS UA 268 96.34 -29.03 26.91
N ASN UA 269 96.22 -27.72 27.16
CA ASN UA 269 97.36 -26.89 27.50
C ASN UA 269 97.65 -26.84 28.99
N VAL UA 270 96.76 -27.42 29.82
CA VAL UA 270 96.95 -27.48 31.26
C VAL UA 270 97.03 -28.95 31.66
N TYR UA 271 98.12 -29.32 32.32
CA TYR UA 271 98.37 -30.71 32.69
C TYR UA 271 99.54 -30.75 33.66
N ASP UA 272 99.73 -31.92 34.26
CA ASP UA 272 100.85 -32.16 35.17
C ASP UA 272 101.61 -33.39 34.71
N VAL UA 273 102.93 -33.28 34.61
CA VAL UA 273 103.76 -34.42 34.16
C VAL UA 273 104.09 -35.21 35.41
N ASN UA 274 103.16 -36.07 35.80
CA ASN UA 274 103.34 -36.93 36.97
C ASN UA 274 102.45 -38.15 36.81
N ASP UA 275 103.05 -39.32 36.70
CA ASP UA 275 102.29 -40.56 36.54
C ASP UA 275 101.64 -40.92 37.87
N ASP UA 276 100.35 -40.65 37.99
CA ASP UA 276 99.59 -40.87 39.20
C ASP UA 276 98.61 -42.01 38.96
N THR UA 277 98.80 -43.11 39.69
CA THR UA 277 97.85 -44.21 39.66
C THR UA 277 96.68 -43.90 40.58
N GLY UA 278 95.76 -44.86 40.70
CA GLY UA 278 94.58 -44.64 41.51
C GLY UA 278 94.76 -44.81 43.00
N PHE UA 279 95.93 -45.25 43.45
CA PHE UA 279 96.16 -45.58 44.85
C PHE UA 279 97.43 -44.92 45.36
N GLN UA 280 97.45 -44.66 46.66
CA GLN UA 280 98.62 -44.06 47.29
C GLN UA 280 99.65 -45.16 47.60
N GLU UA 281 100.75 -44.77 48.24
CA GLU UA 281 101.80 -45.72 48.57
C GLU UA 281 101.34 -46.65 49.69
N GLY UA 282 101.93 -47.84 49.71
CA GLY UA 282 101.59 -48.82 50.73
C GLY UA 282 100.25 -49.49 50.53
N TYR UA 283 99.70 -49.46 49.33
CA TYR UA 283 98.43 -50.12 49.08
C TYR UA 283 98.61 -51.63 49.08
N PRO UA 284 97.81 -52.38 49.84
CA PRO UA 284 98.01 -53.84 49.91
C PRO UA 284 97.68 -54.58 48.63
N TYR UA 285 97.14 -53.90 47.61
CA TYR UA 285 96.84 -54.52 46.32
C TYR UA 285 97.44 -53.67 45.21
N PRO UA 286 98.78 -53.64 45.11
CA PRO UA 286 99.43 -52.70 44.18
C PRO UA 286 99.47 -53.18 42.74
N CYS UA 287 99.09 -54.42 42.45
CA CYS UA 287 99.21 -54.95 41.09
C CYS UA 287 97.83 -55.11 40.46
N PRO UA 288 97.47 -54.24 39.51
CA PRO UA 288 96.20 -54.43 38.79
C PRO UA 288 96.21 -55.73 37.99
N HIS UA 289 95.01 -56.32 37.86
CA HIS UA 289 94.85 -57.61 37.21
C HIS UA 289 93.94 -57.56 36.00
N THR UA 290 92.77 -56.94 36.12
CA THR UA 290 91.79 -56.95 35.04
C THR UA 290 91.03 -55.63 35.03
N LEU UA 291 90.78 -55.11 33.83
CA LEU UA 291 89.96 -53.92 33.64
C LEU UA 291 88.68 -54.30 32.92
N TYR UA 292 87.56 -53.78 33.40
CA TYR UA 292 86.24 -54.08 32.83
C TYR UA 292 85.67 -52.80 32.23
N PHE UA 293 85.60 -52.75 30.90
CA PHE UA 293 85.05 -51.61 30.19
C PHE UA 293 83.66 -51.96 29.68
N LEU UA 294 82.68 -51.12 30.01
CA LEU UA 294 81.29 -51.35 29.64
C LEU UA 294 80.81 -50.22 28.75
N GLU UA 295 80.22 -50.58 27.61
CA GLU UA 295 79.58 -49.61 26.72
C GLU UA 295 78.08 -49.75 26.91
N SER UA 296 77.56 -49.03 27.90
CA SER UA 296 76.14 -49.07 28.24
C SER UA 296 75.50 -47.76 27.82
N ALA UA 297 74.72 -47.81 26.75
CA ALA UA 297 73.99 -46.64 26.27
C ALA UA 297 72.89 -47.12 25.34
N ASN UA 298 71.69 -46.54 25.50
CA ASN UA 298 70.54 -47.00 24.75
C ASN UA 298 70.71 -46.75 23.25
N LEU UA 299 71.22 -45.58 22.88
CA LEU UA 299 71.29 -45.20 21.48
C LEU UA 299 72.54 -45.76 20.82
N ARG UA 300 72.38 -46.18 19.56
CA ARG UA 300 73.51 -46.74 18.80
C ARG UA 300 74.66 -45.75 18.63
N PRO UA 301 74.44 -44.49 18.21
CA PRO UA 301 75.59 -43.59 18.06
C PRO UA 301 76.31 -43.27 19.36
N ARG UA 302 75.66 -43.49 20.50
CA ARG UA 302 76.29 -43.18 21.78
C ARG UA 302 77.41 -44.16 22.09
N ARG UA 303 77.23 -45.44 21.77
CA ARG UA 303 78.18 -46.47 22.15
C ARG UA 303 79.37 -46.50 21.21
N PHE UA 304 80.50 -46.98 21.73
CA PHE UA 304 81.70 -47.16 20.93
C PHE UA 304 81.51 -48.26 19.90
N GLN UA 305 82.08 -48.08 18.72
CA GLN UA 305 82.15 -49.15 17.75
C GLN UA 305 83.15 -50.21 18.24
N PRO UA 306 82.97 -51.48 17.83
CA PRO UA 306 83.90 -52.51 18.30
C PRO UA 306 85.35 -52.23 17.97
N ASP UA 307 85.63 -51.61 16.81
CA ASP UA 307 87.01 -51.22 16.51
C ASP UA 307 87.50 -50.15 17.46
N GLN UA 308 86.65 -49.17 17.77
CA GLN UA 308 87.05 -48.11 18.69
C GLN UA 308 87.10 -48.59 20.13
N LEU UA 309 86.23 -49.54 20.49
CA LEU UA 309 86.24 -50.06 21.86
C LEU UA 309 87.53 -50.80 22.17
N ARG UA 310 88.04 -51.57 21.20
CA ARG UA 310 89.31 -52.26 21.41
C ARG UA 310 90.46 -51.27 21.56
N ALA UA 311 90.37 -50.11 20.90
CA ALA UA 311 91.38 -49.08 21.09
C ALA UA 311 91.34 -48.54 22.52
N LYS UA 312 90.15 -48.38 23.07
CA LYS UA 312 90.00 -47.87 24.44
C LYS UA 312 90.67 -48.80 25.44
N MET UA 313 90.56 -50.11 25.22
CA MET UA 313 91.19 -51.05 26.14
C MET UA 313 92.71 -51.05 26.01
N ILE UA 314 93.23 -50.84 24.79
CA ILE UA 314 94.67 -50.91 24.58
C ILE UA 314 95.38 -49.82 25.37
N LEU UA 315 94.87 -48.58 25.31
CA LEU UA 315 95.55 -47.47 25.94
C LEU UA 315 95.44 -47.52 27.46
N PHE UA 316 94.24 -47.80 27.98
CA PHE UA 316 94.06 -47.84 29.43
C PHE UA 316 94.83 -49.00 30.05
N ALA UA 317 94.84 -50.16 29.40
CA ALA UA 317 95.64 -51.27 29.90
C ALA UA 317 97.11 -50.93 29.88
N PHE UA 318 97.55 -50.12 28.91
CA PHE UA 318 98.93 -49.65 28.91
C PHE UA 318 99.17 -48.62 30.00
N GLY UA 319 98.21 -47.72 30.22
CA GLY UA 319 98.38 -46.69 31.24
C GLY UA 319 98.55 -47.28 32.62
N SER UA 320 97.74 -48.28 32.96
CA SER UA 320 97.93 -48.98 34.23
C SER UA 320 99.26 -49.73 34.25
N ALA UA 321 99.62 -50.37 33.13
CA ALA UA 321 100.89 -51.07 33.06
C ALA UA 321 102.06 -50.10 33.16
N LEU UA 322 101.95 -48.94 32.49
CA LEU UA 322 103.04 -47.97 32.52
C LEU UA 322 103.23 -47.39 33.92
N ALA UA 323 102.13 -47.21 34.66
CA ALA UA 323 102.24 -46.67 36.01
C ALA UA 323 103.02 -47.60 36.92
N GLN UA 324 102.76 -48.91 36.84
CA GLN UA 324 103.54 -49.87 37.61
C GLN UA 324 104.98 -49.91 37.15
N ALA UA 325 105.22 -49.87 35.84
CA ALA UA 325 106.57 -49.97 35.30
C ALA UA 325 107.45 -48.81 35.74
N ARG UA 326 106.85 -47.67 36.06
CA ARG UA 326 107.63 -46.52 36.53
C ARG UA 326 107.63 -46.39 38.04
N LEU UA 327 106.56 -46.81 38.72
CA LEU UA 327 106.54 -46.78 40.18
C LEU UA 327 107.50 -47.81 40.76
N LEU UA 328 107.57 -49.00 40.15
CA LEU UA 328 108.41 -50.08 40.66
C LEU UA 328 109.86 -49.99 40.20
N TYR UA 329 110.18 -49.18 39.20
CA TYR UA 329 111.53 -49.16 38.67
C TYR UA 329 112.14 -47.77 38.63
N GLY UA 330 111.34 -46.74 38.34
CA GLY UA 330 111.83 -45.38 38.32
C GLY UA 330 111.43 -44.65 37.05
N ASN UA 331 111.64 -43.33 37.08
CA ASN UA 331 111.27 -42.47 35.96
C ASN UA 331 112.21 -42.62 34.77
N ASP UA 332 113.37 -43.23 34.96
CA ASP UA 332 114.29 -43.44 33.86
C ASP UA 332 113.70 -44.42 32.85
N SER UA 333 113.90 -44.13 31.57
CA SER UA 333 113.34 -44.94 30.49
C SER UA 333 114.36 -46.00 30.08
N LYS UA 334 113.95 -47.27 30.17
CA LYS UA 334 114.83 -48.38 29.84
C LYS UA 334 113.96 -49.60 29.55
N VAL UA 335 114.58 -50.60 28.91
CA VAL UA 335 113.88 -51.86 28.68
C VAL UA 335 113.71 -52.59 29.99
N LEU UA 336 112.56 -53.23 30.17
CA LEU UA 336 112.23 -53.91 31.41
C LEU UA 336 112.67 -55.36 31.34
N GLU UA 337 113.48 -55.78 32.32
CA GLU UA 337 113.84 -57.19 32.41
C GLU UA 337 112.69 -58.04 32.93
N GLN UA 338 111.81 -57.46 33.74
CA GLN UA 338 110.63 -58.16 34.25
C GLN UA 338 109.38 -57.51 33.68
N PRO UA 339 108.71 -58.15 32.71
CA PRO UA 339 107.54 -57.52 32.09
C PRO UA 339 106.37 -57.41 33.07
N VAL UA 340 105.48 -56.47 32.75
CA VAL UA 340 104.25 -56.23 33.49
C VAL UA 340 103.08 -56.61 32.60
N VAL UA 341 102.17 -57.42 33.12
CA VAL UA 341 101.03 -57.94 32.36
C VAL UA 341 99.75 -57.38 32.96
N VAL UA 342 98.91 -56.80 32.11
CA VAL UA 342 97.62 -56.25 32.50
C VAL UA 342 96.57 -56.76 31.53
N GLN UA 343 95.46 -57.27 32.06
CA GLN UA 343 94.37 -57.79 31.26
C GLN UA 343 93.19 -56.83 31.29
N SER UA 344 92.33 -56.93 30.28
CA SER UA 344 91.14 -56.09 30.20
C SER UA 344 90.09 -56.78 29.36
N VAL UA 345 88.83 -56.62 29.76
CA VAL UA 345 87.69 -57.23 29.07
C VAL UA 345 86.67 -56.13 28.76
N GLY UA 346 86.26 -56.05 27.51
CA GLY UA 346 85.24 -55.11 27.06
C GLY UA 346 83.93 -55.83 26.80
N THR UA 347 82.83 -55.18 27.14
CA THR UA 347 81.50 -55.79 27.04
C THR UA 347 80.52 -54.83 26.40
N ASP UA 348 79.69 -55.34 25.50
CA ASP UA 348 78.60 -54.59 24.90
C ASP UA 348 77.24 -54.98 25.48
N GLY UA 349 77.15 -56.11 26.16
CA GLY UA 349 75.90 -56.70 26.57
C GLY UA 349 75.52 -57.91 25.74
N ARG UA 350 76.01 -58.00 24.52
CA ARG UA 350 75.84 -59.17 23.67
C ARG UA 350 77.13 -59.61 23.00
N LEU UA 351 78.10 -58.72 22.83
CA LEU UA 351 79.36 -59.01 22.17
C LEU UA 351 80.50 -58.63 23.11
N PHE UA 352 81.54 -59.46 23.15
CA PHE UA 352 82.63 -59.29 24.09
C PHE UA 352 83.95 -59.08 23.38
N GLN UA 353 84.86 -58.38 24.05
CA GLN UA 353 86.21 -58.14 23.56
C GLN UA 353 87.19 -58.51 24.66
N PHE UA 354 88.25 -59.24 24.32
CA PHE UA 354 89.24 -59.68 25.29
C PHE UA 354 90.63 -59.20 24.88
N LEU UA 355 91.39 -58.72 25.86
CA LEU UA 355 92.72 -58.17 25.62
C LEU UA 355 93.66 -58.58 26.75
N VAL UA 356 94.82 -59.10 26.38
CA VAL UA 356 95.92 -59.34 27.30
C VAL UA 356 97.14 -58.59 26.78
N LEU UA 357 97.68 -57.69 27.59
CA LEU UA 357 98.78 -56.82 27.17
C LEU UA 357 99.96 -57.03 28.11
N GLN UA 358 101.16 -57.11 27.52
CA GLN UA 358 102.40 -57.20 28.27
C GLN UA 358 103.28 -56.02 27.91
N LEU UA 359 103.82 -55.36 28.92
CA LEU UA 359 104.66 -54.17 28.73
C LEU UA 359 106.13 -54.55 28.89
N ASN UA 360 106.93 -54.22 27.88
CA ASN UA 360 108.36 -54.52 27.89
C ASN UA 360 109.26 -53.31 27.71
N THR UA 361 108.75 -52.21 27.16
CA THR UA 361 109.58 -51.06 26.81
C THR UA 361 109.04 -49.81 27.49
N THR UA 362 109.95 -49.02 28.07
CA THR UA 362 109.60 -47.73 28.64
C THR UA 362 110.05 -46.56 27.78
N ASP UA 363 111.24 -46.66 27.17
CA ASP UA 363 111.75 -45.62 26.27
C ASP UA 363 110.99 -45.71 24.96
N LEU UA 364 109.90 -44.95 24.86
CA LEU UA 364 109.02 -44.98 23.70
C LEU UA 364 109.34 -43.88 22.69
N ALA UA 365 110.36 -43.06 22.95
CA ALA UA 365 110.71 -42.01 22.00
C ALA UA 365 111.15 -42.58 20.66
N SER UA 366 111.96 -43.63 20.67
CA SER UA 366 112.44 -44.25 19.45
C SER UA 366 111.52 -45.39 19.03
N ASP UA 367 111.51 -45.66 17.72
CA ASP UA 367 110.69 -46.73 17.16
C ASP UA 367 111.52 -47.93 16.70
N GLU UA 368 112.81 -47.96 17.04
CA GLU UA 368 113.69 -49.03 16.59
C GLU UA 368 114.00 -50.05 17.67
N GLY UA 369 113.64 -49.79 18.92
CA GLY UA 369 113.92 -50.70 20.01
C GLY UA 369 112.94 -51.86 20.05
N VAL UA 370 112.80 -52.44 21.24
CA VAL UA 370 111.89 -53.56 21.44
C VAL UA 370 110.47 -53.03 21.60
N LYS UA 371 109.54 -53.61 20.85
CA LYS UA 371 108.14 -53.24 20.94
C LYS UA 371 107.43 -54.07 22.00
N ASN UA 372 106.21 -53.66 22.34
CA ASN UA 372 105.39 -54.39 23.29
C ASN UA 372 104.53 -55.41 22.55
N LEU UA 373 103.78 -56.21 23.32
CA LEU UA 373 102.92 -57.25 22.77
C LEU UA 373 101.51 -57.09 23.33
N ALA UA 374 100.53 -57.52 22.53
CA ALA UA 374 99.14 -57.42 22.95
C ALA UA 374 98.33 -58.48 22.20
N TRP UA 375 97.68 -59.37 22.95
CA TRP UA 375 96.83 -60.41 22.38
C TRP UA 375 95.38 -59.96 22.47
N VAL UA 376 94.69 -59.95 21.34
CA VAL UA 376 93.32 -59.45 21.26
C VAL UA 376 92.45 -60.48 20.58
N ASP UA 377 91.34 -60.84 21.21
CA ASP UA 377 90.29 -61.62 20.58
C ASP UA 377 89.13 -60.69 20.26
N SER UA 378 88.73 -60.64 19.00
CA SER UA 378 87.77 -59.67 18.51
C SER UA 378 86.41 -60.32 18.29
N ASP UA 379 85.37 -59.69 18.84
CA ASP UA 379 83.98 -60.07 18.57
C ASP UA 379 83.69 -61.51 18.97
N GLN UA 380 83.86 -61.78 20.25
CA GLN UA 380 83.48 -63.07 20.83
C GLN UA 380 82.00 -63.00 21.18
N LEU UA 381 81.17 -63.57 20.32
CA LEU UA 381 79.72 -63.44 20.45
C LEU UA 381 79.22 -64.43 21.50
N LEU UA 382 78.73 -63.91 22.63
CA LEU UA 382 78.28 -64.79 23.70
C LEU UA 382 76.92 -65.40 23.38
N TYR UA 383 76.04 -64.66 22.70
CA TYR UA 383 74.77 -65.20 22.26
C TYR UA 383 74.30 -64.39 21.07
N GLN UA 384 73.50 -65.01 20.21
CA GLN UA 384 73.06 -64.37 18.98
C GLN UA 384 71.98 -63.32 19.25
N HIS UA 385 70.86 -63.75 19.81
CA HIS UA 385 69.75 -62.84 20.07
C HIS UA 385 68.91 -63.39 21.22
N PHE UA 386 68.13 -62.49 21.83
CA PHE UA 386 67.26 -62.85 22.94
C PHE UA 386 65.85 -62.35 22.64
N TRP UA 387 64.86 -63.16 22.99
CA TRP UA 387 63.45 -62.82 22.80
C TRP UA 387 62.81 -62.64 24.17
N CYS UA 388 62.50 -61.40 24.52
CA CYS UA 388 61.85 -61.14 25.81
C CYS UA 388 60.40 -61.61 25.81
N LEU UA 389 59.72 -61.51 24.67
CA LEU UA 389 58.34 -61.95 24.55
C LEU UA 389 58.22 -63.05 23.50
N PRO UA 390 57.30 -64.00 23.69
CA PRO UA 390 57.17 -65.10 22.72
C PRO UA 390 56.58 -64.61 21.41
N VAL UA 391 57.31 -64.83 20.32
CA VAL UA 391 56.86 -64.40 19.00
C VAL UA 391 55.74 -65.32 18.53
N ILE UA 392 54.66 -64.73 18.04
CA ILE UA 392 53.49 -65.47 17.57
C ILE UA 392 53.29 -65.15 16.10
N LYS UA 393 53.34 -66.18 15.26
CA LYS UA 393 53.08 -66.05 13.83
C LYS UA 393 51.94 -66.99 13.45
N LYS UA 394 50.88 -66.43 12.89
CA LYS UA 394 49.70 -67.19 12.47
C LYS UA 394 49.14 -68.02 13.62
N LYS UA 395 49.00 -67.37 14.78
CA LYS UA 395 48.35 -67.91 15.97
C LYS UA 395 49.09 -69.10 16.58
N VAL UA 396 50.36 -69.30 16.24
CA VAL UA 396 51.17 -70.35 16.85
C VAL UA 396 52.50 -69.75 17.27
N VAL UA 397 53.14 -70.41 18.23
CA VAL UA 397 54.42 -69.97 18.77
C VAL UA 397 55.53 -70.67 18.01
N VAL UA 398 56.41 -69.89 17.38
CA VAL UA 398 57.52 -70.44 16.62
C VAL UA 398 58.80 -70.48 17.46
N GLU UA 399 59.13 -69.37 18.13
CA GLU UA 399 60.34 -69.27 18.95
C GLU UA 399 59.92 -68.85 20.36
N PRO UA 400 60.16 -69.67 21.36
CA PRO UA 400 59.72 -69.35 22.72
C PRO UA 400 60.63 -68.30 23.36
N VAL UA 401 60.35 -68.02 24.63
CA VAL UA 401 61.12 -67.03 25.39
C VAL UA 401 62.47 -67.63 25.75
N GLY UA 402 63.54 -66.86 25.53
CA GLY UA 402 64.86 -67.31 25.88
C GLY UA 402 65.88 -66.97 24.80
N PRO UA 403 67.15 -67.07 25.14
CA PRO UA 403 68.20 -66.73 24.17
C PRO UA 403 68.21 -67.69 23.00
N ILE UA 404 68.54 -67.16 21.82
CA ILE UA 404 68.65 -67.94 20.59
C ILE UA 404 70.12 -68.02 20.23
N GLY UA 405 70.67 -69.22 20.21
CA GLY UA 405 72.08 -69.40 19.96
C GLY UA 405 72.91 -69.13 21.20
N PHE UA 406 73.88 -69.98 21.47
CA PHE UA 406 74.72 -69.81 22.65
C PHE UA 406 76.10 -70.38 22.36
N GLN UA 407 77.13 -69.61 22.68
CA GLN UA 407 78.52 -70.02 22.46
C GLN UA 407 79.23 -70.07 23.81
N PRO UA 408 79.34 -71.25 24.43
CA PRO UA 408 79.96 -71.33 25.77
C PRO UA 408 81.44 -70.95 25.78
N GLU UA 409 82.11 -70.99 24.63
CA GLU UA 409 83.54 -70.69 24.61
C GLU UA 409 83.82 -69.25 24.99
N THR UA 410 82.88 -68.33 24.71
CA THR UA 410 83.07 -66.94 25.08
C THR UA 410 83.15 -66.78 26.59
N PHE UA 411 82.26 -67.45 27.33
CA PHE UA 411 82.37 -67.45 28.79
C PHE UA 411 83.58 -68.25 29.26
N ARG UA 412 83.94 -69.32 28.53
CA ARG UA 412 85.09 -70.12 28.92
C ARG UA 412 86.38 -69.30 28.86
N LYS UA 413 86.52 -68.47 27.81
CA LYS UA 413 87.64 -67.53 27.77
C LYS UA 413 87.51 -66.48 28.88
N PHE UA 414 86.28 -66.05 29.16
CA PHE UA 414 86.05 -65.12 30.27
C PHE UA 414 86.51 -65.72 31.59
N LEU UA 415 86.20 -67.01 31.81
CA LEU UA 415 86.67 -67.69 33.01
C LEU UA 415 88.18 -67.83 33.03
N ALA UA 416 88.80 -68.00 31.86
CA ALA UA 416 90.25 -68.20 31.80
C ALA UA 416 91.00 -66.97 32.29
N LEU UA 417 90.56 -65.78 31.88
CA LEU UA 417 91.26 -64.56 32.30
C LEU UA 417 91.14 -64.34 33.80
N TYR UA 418 89.99 -64.69 34.38
CA TYR UA 418 89.78 -64.45 35.80
C TYR UA 418 90.66 -65.34 36.66
N LEU UA 419 90.97 -66.54 36.20
CA LEU UA 419 91.79 -67.49 36.95
C LEU UA 419 93.26 -67.47 36.52
N HIS UA 420 93.66 -66.47 35.73
CA HIS UA 420 95.03 -66.46 35.20
C HIS UA 420 96.05 -66.35 36.31
N GLY UA 421 95.79 -65.54 37.32
CA GLY UA 421 96.75 -65.38 38.40
C GLY UA 421 96.98 -66.66 39.18
N ALA UA 422 95.91 -67.41 39.45
CA ALA UA 422 96.02 -68.65 40.19
C ALA UA 422 96.24 -69.84 39.26
N ARG VA 27 -25.06 26.88 -37.49
CA ARG VA 27 -26.42 27.33 -37.75
C ARG VA 27 -26.44 28.34 -38.89
N ARG VA 28 -26.57 27.84 -40.12
CA ARG VA 28 -26.56 28.70 -41.30
C ARG VA 28 -27.76 29.64 -41.29
N ALA VA 29 -27.53 30.88 -41.68
CA ALA VA 29 -28.57 31.89 -41.79
C ALA VA 29 -28.80 32.25 -43.26
N ALA VA 30 -29.95 32.87 -43.51
CA ALA VA 30 -30.34 33.24 -44.87
C ALA VA 30 -29.87 34.64 -45.19
N PRO VA 31 -29.22 34.85 -46.34
CA PRO VA 31 -28.76 36.19 -46.69
C PRO VA 31 -29.91 37.16 -46.85
N LEU VA 32 -29.66 38.42 -46.49
CA LEU VA 32 -30.68 39.47 -46.60
C LEU VA 32 -30.52 40.19 -47.94
N GLY VA 33 -30.87 39.48 -49.00
CA GLY VA 33 -30.78 40.02 -50.33
C GLY VA 33 -30.02 39.13 -51.29
N PRO VA 34 -29.81 39.61 -52.52
CA PRO VA 34 -29.13 38.79 -53.52
C PRO VA 34 -27.63 38.74 -53.31
N MET VA 35 -27.06 37.55 -53.48
CA MET VA 35 -25.62 37.38 -53.41
C MET VA 35 -24.95 38.04 -54.60
N PRO VA 36 -23.69 38.44 -54.47
CA PRO VA 36 -23.03 39.18 -55.55
C PRO VA 36 -22.86 38.40 -56.85
N ASN VA 37 -22.32 37.19 -56.77
CA ASN VA 37 -21.95 36.42 -57.96
C ASN VA 37 -22.90 35.27 -58.24
N GLU VA 38 -24.15 35.35 -57.76
CA GLU VA 38 -25.10 34.27 -57.99
C GLU VA 38 -25.81 34.36 -59.33
N ASP VA 39 -25.66 35.47 -60.05
CA ASP VA 39 -26.35 35.61 -61.33
C ASP VA 39 -25.75 34.69 -62.39
N ILE VA 40 -24.42 34.58 -62.44
CA ILE VA 40 -23.77 33.79 -63.46
C ILE VA 40 -23.93 32.31 -63.15
N ASP VA 41 -23.90 31.49 -64.20
CA ASP VA 41 -24.06 30.05 -64.07
C ASP VA 41 -22.71 29.40 -63.79
N VAL VA 42 -22.65 28.62 -62.72
CA VAL VA 42 -21.42 27.90 -62.39
C VAL VA 42 -21.09 26.87 -63.47
N SER VA 43 -22.10 26.14 -63.92
CA SER VA 43 -21.90 25.15 -64.97
C SER VA 43 -21.65 25.83 -66.31
N ASP VA 44 -20.99 25.09 -67.21
CA ASP VA 44 -20.68 25.57 -68.56
C ASP VA 44 -19.83 26.84 -68.51
N LEU VA 45 -18.64 26.68 -67.91
CA LEU VA 45 -17.74 27.83 -67.75
C LEU VA 45 -17.19 28.32 -69.08
N GLU VA 46 -16.90 27.40 -70.01
CA GLU VA 46 -16.27 27.79 -71.27
C GLU VA 46 -17.18 28.70 -72.09
N ARG VA 47 -18.50 28.51 -72.00
CA ARG VA 47 -19.42 29.33 -72.78
C ARG VA 47 -19.37 30.79 -72.36
N LEU VA 48 -19.25 31.06 -71.06
CA LEU VA 48 -19.18 32.42 -70.58
C LEU VA 48 -17.89 33.09 -71.04
N LYS VA 49 -18.01 34.29 -71.59
CA LYS VA 49 -16.83 35.04 -72.01
C LYS VA 49 -16.10 35.60 -70.80
N LYS VA 50 -14.77 35.56 -70.86
CA LYS VA 50 -13.94 35.98 -69.73
C LYS VA 50 -13.68 37.49 -69.81
N TYR VA 51 -12.89 37.98 -68.85
CA TYR VA 51 -12.47 39.39 -68.87
C TYR VA 51 -11.34 39.61 -69.86
N ARG VA 52 -10.30 38.79 -69.77
CA ARG VA 52 -9.12 38.80 -70.63
C ARG VA 52 -8.24 40.04 -70.40
N SER VA 53 -8.65 40.97 -69.54
CA SER VA 53 -7.90 42.19 -69.33
C SER VA 53 -7.95 42.58 -67.86
N PHE VA 54 -6.99 43.43 -67.46
CA PHE VA 54 -6.97 43.96 -66.11
C PHE VA 54 -7.59 45.35 -66.00
N ASP VA 55 -7.64 46.11 -67.09
CA ASP VA 55 -8.30 47.40 -67.08
C ASP VA 55 -9.82 47.28 -67.17
N ARG VA 56 -10.33 46.13 -67.62
CA ARG VA 56 -11.78 45.91 -67.61
C ARG VA 56 -12.27 45.61 -66.21
N TYR VA 57 -11.49 44.83 -65.45
CA TYR VA 57 -11.90 44.48 -64.09
C TYR VA 57 -11.94 45.70 -63.19
N ARG VA 58 -10.97 46.60 -63.31
CA ARG VA 58 -10.97 47.81 -62.49
C ARG VA 58 -12.20 48.66 -62.76
N ARG VA 59 -12.57 48.81 -64.03
CA ARG VA 59 -13.79 49.55 -64.35
C ARG VA 59 -15.02 48.84 -63.79
N ARG VA 60 -15.06 47.51 -63.88
CA ARG VA 60 -16.18 46.76 -63.34
C ARG VA 60 -16.19 46.82 -61.82
N ALA VA 61 -15.03 46.70 -61.18
CA ALA VA 61 -14.97 46.71 -59.72
C ALA VA 61 -15.41 48.06 -59.15
N GLU VA 62 -14.95 49.15 -59.77
CA GLU VA 62 -15.31 50.48 -59.26
C GLU VA 62 -16.79 50.76 -59.41
N GLN VA 63 -17.41 50.31 -60.50
CA GLN VA 63 -18.85 50.46 -60.64
C GLN VA 63 -19.60 49.63 -59.60
N GLU VA 64 -19.06 48.47 -59.24
CA GLU VA 64 -19.69 47.65 -58.21
C GLU VA 64 -19.49 48.22 -56.82
N ALA VA 65 -18.40 48.95 -56.60
CA ALA VA 65 -18.08 49.46 -55.28
C ALA VA 65 -18.95 50.62 -54.85
N ARG VA 66 -19.68 51.24 -55.78
CA ARG VA 66 -20.53 52.40 -55.46
C ARG VA 66 -21.99 52.03 -55.29
N LYS VA 67 -22.32 50.75 -55.25
CA LYS VA 67 -23.72 50.40 -55.07
C LYS VA 67 -24.05 50.24 -53.60
N PRO VA 68 -25.29 50.55 -53.20
CA PRO VA 68 -25.69 50.43 -51.78
C PRO VA 68 -25.97 48.99 -51.35
N HIS VA 69 -24.91 48.27 -51.01
CA HIS VA 69 -25.05 46.87 -50.61
C HIS VA 69 -25.70 46.77 -49.24
N TRP VA 70 -26.34 45.63 -48.99
CA TRP VA 70 -27.03 45.41 -47.73
C TRP VA 70 -26.09 45.08 -46.58
N TRP VA 71 -24.87 44.64 -46.87
CA TRP VA 71 -23.89 44.37 -45.83
C TRP VA 71 -23.13 45.65 -45.48
N ARG VA 72 -22.26 45.55 -44.48
CA ARG VA 72 -21.47 46.71 -44.08
C ARG VA 72 -20.43 47.03 -45.14
N THR VA 73 -20.34 48.30 -45.52
CA THR VA 73 -19.42 48.75 -46.56
C THR VA 73 -18.56 49.88 -46.03
N TYR VA 74 -17.53 50.22 -46.79
CA TYR VA 74 -16.62 51.30 -46.42
C TYR VA 74 -17.34 52.64 -46.39
N ARG VA 75 -18.25 52.85 -47.34
CA ARG VA 75 -18.96 54.13 -47.41
C ARG VA 75 -19.86 54.34 -46.20
N GLU VA 76 -20.28 53.26 -45.54
CA GLU VA 76 -21.20 53.41 -44.42
C GLU VA 76 -20.49 53.93 -43.17
N HIS VA 77 -19.29 53.43 -42.90
CA HIS VA 77 -18.59 53.78 -41.67
C HIS VA 77 -17.73 55.03 -41.79
N PHE VA 78 -17.28 55.38 -42.99
CA PHE VA 78 -16.31 56.45 -43.17
C PHE VA 78 -16.92 57.72 -43.72
N GLY VA 79 -18.08 58.12 -43.18
CA GLY VA 79 -18.57 59.47 -43.37
C GLY VA 79 -18.99 59.82 -44.77
N GLU VA 80 -20.02 59.16 -45.28
CA GLU VA 80 -20.56 59.46 -46.60
C GLU VA 80 -21.50 60.67 -46.59
N GLU VA 81 -21.53 61.40 -45.47
CA GLU VA 81 -22.35 62.61 -45.33
C GLU VA 81 -23.84 62.30 -45.54
N SER VA 82 -24.34 61.39 -44.69
CA SER VA 82 -25.74 60.99 -44.64
C SER VA 82 -26.22 60.33 -45.93
N GLY VA 83 -25.31 59.92 -46.80
CA GLY VA 83 -25.66 59.27 -48.03
C GLY VA 83 -26.50 60.14 -48.95
N PRO VA 84 -27.64 59.61 -49.40
CA PRO VA 84 -28.54 60.41 -50.26
C PRO VA 84 -29.16 61.55 -49.47
N LYS VA 85 -29.06 62.76 -50.02
CA LYS VA 85 -29.59 63.96 -49.39
C LYS VA 85 -30.52 64.67 -50.37
N ASP VA 86 -31.70 65.04 -49.89
CA ASP VA 86 -32.67 65.79 -50.69
C ASP VA 86 -32.26 67.25 -50.67
N ARG VA 87 -31.43 67.63 -51.63
CA ARG VA 87 -30.92 69.00 -51.70
C ARG VA 87 -32.03 69.96 -52.10
N VAL VA 88 -32.16 71.05 -51.36
CA VAL VA 88 -33.13 72.09 -51.69
C VAL VA 88 -32.49 73.07 -52.67
N ASP VA 89 -33.16 73.31 -53.79
CA ASP VA 89 -32.64 74.17 -54.84
C ASP VA 89 -33.29 75.54 -54.72
N ILE VA 90 -32.49 76.57 -54.50
CA ILE VA 90 -32.96 77.95 -54.42
C ILE VA 90 -32.08 78.78 -55.36
N GLY VA 91 -32.51 78.90 -56.61
CA GLY VA 91 -31.71 79.62 -57.58
C GLY VA 91 -32.50 79.85 -58.85
N LEU VA 92 -31.85 80.55 -59.78
CA LEU VA 92 -32.50 80.86 -61.05
C LEU VA 92 -32.73 79.58 -61.85
N PRO VA 93 -33.84 79.48 -62.58
CA PRO VA 93 -34.08 78.29 -63.38
C PRO VA 93 -33.07 78.19 -64.50
N PRO VA 94 -32.75 76.97 -64.96
CA PRO VA 94 -31.79 76.84 -66.05
C PRO VA 94 -32.35 77.42 -67.33
N PRO VA 95 -31.49 77.97 -68.20
CA PRO VA 95 -31.98 78.55 -69.46
C PRO VA 95 -32.65 77.50 -70.34
N LYS VA 96 -33.71 77.93 -71.01
CA LYS VA 96 -34.46 77.04 -71.90
C LYS VA 96 -33.71 76.87 -73.22
N VAL VA 97 -33.25 75.66 -73.49
CA VAL VA 97 -32.50 75.34 -74.70
C VAL VA 97 -33.19 74.17 -75.40
N SER VA 98 -33.40 74.31 -76.69
CA SER VA 98 -34.05 73.25 -77.47
C SER VA 98 -33.02 72.20 -77.87
N ARG VA 99 -33.19 70.98 -77.36
CA ARG VA 99 -32.24 69.92 -77.67
C ARG VA 99 -32.29 69.53 -79.14
N THR VA 100 -33.48 69.53 -79.73
CA THR VA 100 -33.62 69.12 -81.13
C THR VA 100 -32.81 70.02 -82.05
N GLN VA 101 -32.94 71.33 -81.88
CA GLN VA 101 -32.14 72.26 -82.69
C GLN VA 101 -30.66 72.16 -82.31
N GLN VA 102 -30.36 72.04 -81.02
CA GLN VA 102 -28.97 71.99 -80.58
C GLN VA 102 -28.27 70.73 -81.10
N LEU VA 103 -28.98 69.61 -81.16
CA LEU VA 103 -28.38 68.38 -81.65
C LEU VA 103 -27.95 68.50 -83.09
N LEU VA 104 -28.77 69.14 -83.93
CA LEU VA 104 -28.44 69.25 -85.34
C LEU VA 104 -27.30 70.23 -85.58
N GLU VA 105 -27.33 71.40 -84.91
CA GLU VA 105 -26.30 72.40 -85.14
C GLU VA 105 -24.94 71.94 -84.64
N ARG VA 106 -24.90 71.24 -83.50
CA ARG VA 106 -23.63 70.73 -82.98
C ARG VA 106 -23.02 69.71 -83.95
N LYS VA 107 -23.83 68.80 -84.47
CA LYS VA 107 -23.33 67.84 -85.45
C LYS VA 107 -22.90 68.55 -86.73
N GLN VA 108 -23.69 69.53 -87.19
CA GLN VA 108 -23.37 70.23 -88.42
C GLN VA 108 -22.03 70.96 -88.31
N ALA VA 109 -21.78 71.59 -87.16
CA ALA VA 109 -20.51 72.27 -86.97
C ALA VA 109 -19.35 71.29 -86.97
N LEU VA 110 -19.55 70.09 -86.41
CA LEU VA 110 -18.47 69.11 -86.36
C LEU VA 110 -18.11 68.59 -87.74
N ARG VA 111 -19.09 68.47 -88.64
CA ARG VA 111 -18.80 67.96 -89.97
C ARG VA 111 -17.89 68.89 -90.75
N GLU VA 112 -18.07 70.20 -90.57
CA GLU VA 112 -17.18 71.16 -91.22
C GLU VA 112 -15.75 71.01 -90.74
N LEU VA 113 -15.57 70.84 -89.43
CA LEU VA 113 -14.23 70.66 -88.89
C LEU VA 113 -13.67 69.29 -89.26
N ARG VA 114 -14.53 68.27 -89.32
CA ARG VA 114 -14.08 66.92 -89.64
C ARG VA 114 -13.55 66.84 -91.07
N ALA VA 115 -14.19 67.54 -92.01
CA ALA VA 115 -13.83 67.42 -93.41
C ALA VA 115 -12.51 68.12 -93.73
N ASN VA 116 -12.05 69.01 -92.85
CA ASN VA 116 -10.82 69.75 -93.10
C ASN VA 116 -9.63 68.80 -93.17
N VAL VA 117 -8.95 68.77 -94.32
CA VAL VA 117 -7.81 67.89 -94.51
C VAL VA 117 -6.61 68.35 -93.70
N GLU VA 118 -6.40 69.67 -93.62
CA GLU VA 118 -5.26 70.18 -92.88
C GLU VA 118 -5.35 69.84 -91.39
N GLU VA 119 -6.56 69.75 -90.84
CA GLU VA 119 -6.71 69.28 -89.47
C GLU VA 119 -6.26 67.83 -89.34
N GLU VA 120 -6.57 66.99 -90.33
CA GLU VA 120 -6.11 65.61 -90.32
C GLU VA 120 -4.60 65.54 -90.41
N ARG VA 121 -3.99 66.47 -91.16
CA ARG VA 121 -2.54 66.50 -91.26
C ARG VA 121 -1.89 66.76 -89.91
N ALA VA 122 -2.45 67.70 -89.14
CA ALA VA 122 -1.89 68.01 -87.82
C ALA VA 122 -2.21 66.92 -86.81
N ALA VA 123 -3.44 66.38 -86.85
CA ALA VA 123 -3.84 65.39 -85.86
C ALA VA 123 -3.02 64.11 -85.96
N ARG VA 124 -2.78 63.63 -87.18
CA ARG VA 124 -2.03 62.40 -87.35
C ARG VA 124 -0.57 62.56 -86.88
N LEU VA 125 0.02 63.71 -87.17
CA LEU VA 125 1.42 63.95 -86.85
C LEU VA 125 1.64 64.39 -85.40
N GLN VA 126 0.60 64.35 -84.58
CA GLN VA 126 0.69 64.68 -83.15
C GLN VA 126 1.25 66.08 -82.94
N THR VA 127 0.80 67.02 -83.76
CA THR VA 127 1.25 68.42 -83.67
C THR VA 127 0.02 69.32 -83.82
N ALA VA 128 -0.61 69.63 -82.69
CA ALA VA 128 -1.77 70.52 -82.69
C ALA VA 128 -1.95 71.08 -81.29
N ARG VA 129 -2.58 72.25 -81.22
CA ARG VA 129 -2.91 72.89 -79.96
C ARG VA 129 -4.35 73.38 -80.04
N ILE VA 130 -4.86 73.87 -78.92
CA ILE VA 130 -6.25 74.36 -78.86
C ILE VA 130 -6.29 75.75 -78.24
N PRO VA 131 -7.27 76.58 -78.60
CA PRO VA 131 -7.38 77.90 -77.98
C PRO VA 131 -7.97 77.83 -76.57
N LEU VA 132 -7.10 77.61 -75.58
CA LEU VA 132 -7.57 77.45 -74.20
C LEU VA 132 -8.44 78.61 -73.74
N GLU VA 133 -8.15 79.83 -74.20
CA GLU VA 133 -8.98 80.97 -73.84
C GLU VA 133 -10.38 80.83 -74.42
N ALA VA 134 -10.49 80.34 -75.65
CA ALA VA 134 -11.80 80.11 -76.25
C ALA VA 134 -12.57 79.04 -75.49
N VAL VA 135 -11.90 77.98 -75.07
CA VAL VA 135 -12.55 76.94 -74.28
C VAL VA 135 -12.99 77.51 -72.93
N ARG VA 136 -12.17 78.38 -72.34
CA ARG VA 136 -12.52 79.00 -71.07
C ARG VA 136 -13.81 79.80 -71.18
N ALA VA 137 -13.96 80.57 -72.27
CA ALA VA 137 -15.18 81.35 -72.45
C ALA VA 137 -16.40 80.46 -72.61
N GLU VA 138 -16.28 79.38 -73.38
CA GLU VA 138 -17.42 78.50 -73.61
C GLU VA 138 -17.69 77.60 -72.42
N TRP VA 139 -16.66 77.21 -71.67
CA TRP VA 139 -16.87 76.39 -70.48
C TRP VA 139 -17.71 77.14 -69.45
N GLU VA 140 -17.48 78.45 -69.32
CA GLU VA 140 -18.25 79.25 -68.38
C GLU VA 140 -19.73 79.28 -68.76
N ARG VA 141 -20.02 79.37 -70.06
CA ARG VA 141 -21.41 79.50 -70.50
C ARG VA 141 -22.17 78.18 -70.44
N THR VA 142 -21.49 77.07 -70.76
CA THR VA 142 -22.19 75.79 -70.93
C THR VA 142 -22.26 74.99 -69.63
N CYS VA 143 -21.10 74.62 -69.08
CA CYS VA 143 -21.05 73.75 -67.90
C CYS VA 143 -20.31 74.39 -66.73
N GLY VA 144 -19.98 75.67 -66.80
CA GLY VA 144 -19.36 76.36 -65.70
C GLY VA 144 -20.19 76.38 -64.43
N PRO VA 145 -21.48 76.74 -64.53
CA PRO VA 145 -22.32 76.73 -63.33
C PRO VA 145 -22.37 75.39 -62.60
N TYR VA 146 -22.39 74.29 -63.34
CA TYR VA 146 -22.48 72.98 -62.69
C TYR VA 146 -21.14 72.57 -62.07
N HIS VA 147 -20.04 72.88 -62.75
CA HIS VA 147 -18.73 72.59 -62.16
C HIS VA 147 -18.47 73.42 -60.92
N LYS VA 148 -18.89 74.69 -60.93
CA LYS VA 148 -18.73 75.53 -59.75
C LYS VA 148 -19.62 75.08 -58.60
N GLN VA 149 -20.73 74.40 -58.88
CA GLN VA 149 -21.62 73.95 -57.81
C GLN VA 149 -20.94 72.90 -56.95
N ARG VA 150 -20.28 71.93 -57.57
CA ARG VA 150 -19.62 70.89 -56.79
C ARG VA 150 -18.37 71.41 -56.09
N LEU VA 151 -17.74 72.45 -56.63
CA LEU VA 151 -16.63 73.09 -55.95
C LEU VA 151 -17.07 73.70 -54.63
N ALA VA 152 -18.21 74.41 -54.64
CA ALA VA 152 -18.73 74.96 -53.40
C ALA VA 152 -19.14 73.85 -52.44
N GLU VA 153 -19.77 72.80 -52.94
CA GLU VA 153 -20.16 71.68 -52.09
C GLU VA 153 -18.95 71.00 -51.47
N TYR VA 154 -17.87 70.85 -52.26
CA TYR VA 154 -16.66 70.24 -51.73
C TYR VA 154 -16.06 71.10 -50.61
N CYS VA 155 -16.06 72.42 -50.78
CA CYS VA 155 -15.54 73.32 -49.76
C CYS VA 155 -16.57 73.66 -48.69
N GLY VA 156 -17.79 73.16 -48.82
CA GLY VA 156 -18.78 73.36 -47.77
C GLY VA 156 -19.34 74.76 -47.67
N LEU VA 157 -19.33 75.52 -48.77
CA LEU VA 157 -19.92 76.85 -48.74
C LEU VA 157 -21.40 76.80 -48.45
N TYR VA 158 -22.12 75.86 -49.08
CA TYR VA 158 -23.56 75.75 -48.85
C TYR VA 158 -23.85 75.29 -47.43
N ARG VA 159 -23.00 74.44 -46.86
CA ARG VA 159 -23.23 73.94 -45.51
C ARG VA 159 -23.18 75.05 -44.47
N ASP VA 160 -22.26 76.00 -44.65
CA ASP VA 160 -22.07 77.08 -43.69
C ASP VA 160 -22.87 78.33 -44.03
N LEU VA 161 -23.58 78.35 -45.16
CA LEU VA 161 -24.38 79.52 -45.53
C LEU VA 161 -25.87 79.21 -45.61
N PHE VA 162 -26.27 78.20 -46.37
CA PHE VA 162 -27.67 77.83 -46.50
C PHE VA 162 -27.96 76.46 -45.89
N HIS VA 163 -27.03 75.90 -45.14
CA HIS VA 163 -27.15 74.57 -44.53
C HIS VA 163 -27.35 73.55 -45.65
N GLY VA 164 -28.49 72.85 -45.70
CA GLY VA 164 -28.69 71.86 -46.75
C GLY VA 164 -29.00 72.44 -48.11
N ALA VA 165 -29.51 73.67 -48.16
CA ALA VA 165 -29.92 74.26 -49.42
C ALA VA 165 -28.70 74.59 -50.28
N THR VA 166 -28.89 74.51 -51.60
CA THR VA 166 -27.83 74.77 -52.56
C THR VA 166 -28.40 75.54 -53.74
N PHE VA 167 -27.53 76.27 -54.42
CA PHE VA 167 -27.91 77.03 -55.60
C PHE VA 167 -26.89 76.81 -56.71
N VAL VA 168 -27.33 76.98 -57.95
CA VAL VA 168 -26.50 76.83 -59.13
C VAL VA 168 -26.02 78.22 -59.54
N PRO VA 169 -24.71 78.47 -59.61
CA PRO VA 169 -24.24 79.80 -60.02
C PRO VA 169 -24.48 80.04 -61.51
N ARG VA 170 -25.72 80.40 -61.85
CA ARG VA 170 -26.11 80.48 -63.25
C ARG VA 170 -25.36 81.59 -63.97
N VAL VA 171 -25.37 82.79 -63.41
CA VAL VA 171 -24.72 83.93 -64.08
C VAL VA 171 -23.21 83.86 -63.82
N PRO VA 172 -22.38 84.10 -64.83
CA PRO VA 172 -20.94 84.20 -64.58
C PRO VA 172 -20.63 85.44 -63.75
N LEU VA 173 -19.58 85.34 -62.95
CA LEU VA 173 -19.15 86.44 -62.10
C LEU VA 173 -17.63 86.49 -62.08
N HIS VA 174 -17.09 87.70 -62.19
CA HIS VA 174 -15.64 87.91 -62.24
C HIS VA 174 -15.24 88.91 -61.17
N VAL VA 175 -14.31 88.52 -60.31
CA VAL VA 175 -13.76 89.38 -59.27
C VAL VA 175 -12.25 89.46 -59.47
N ALA VA 176 -11.72 90.68 -59.52
CA ALA VA 176 -10.31 90.89 -59.75
C ALA VA 176 -9.80 92.01 -58.85
N TYR VA 177 -8.57 91.86 -58.39
CA TYR VA 177 -7.93 92.83 -57.50
C TYR VA 177 -6.85 93.59 -58.24
N ALA VA 178 -6.81 94.91 -58.03
CA ALA VA 178 -5.78 95.77 -58.59
C ALA VA 178 -4.60 95.78 -57.64
N VAL VA 179 -3.48 95.18 -58.05
CA VAL VA 179 -2.32 95.07 -57.18
C VAL VA 179 -1.28 96.11 -57.59
N GLY VA 180 -0.80 96.01 -58.82
CA GLY VA 180 0.21 96.92 -59.33
C GLY VA 180 -0.40 98.08 -60.11
N GLU VA 181 0.44 98.69 -60.94
CA GLU VA 181 -0.04 99.75 -61.82
C GLU VA 181 -1.06 99.22 -62.82
N ASP VA 182 -0.78 98.05 -63.39
CA ASP VA 182 -1.68 97.42 -64.35
C ASP VA 182 -1.93 95.94 -64.09
N ASP VA 183 -1.14 95.29 -63.23
CA ASP VA 183 -1.35 93.89 -62.94
C ASP VA 183 -2.71 93.68 -62.26
N LEU VA 184 -3.34 92.55 -62.58
CA LEU VA 184 -4.70 92.27 -62.13
C LEU VA 184 -4.74 90.84 -61.59
N MET VA 185 -4.89 90.70 -60.28
CA MET VA 185 -4.98 89.38 -59.67
C MET VA 185 -6.40 88.86 -59.75
N PRO VA 186 -6.65 87.75 -60.43
CA PRO VA 186 -8.01 87.22 -60.53
C PRO VA 186 -8.41 86.44 -59.30
N VAL VA 187 -9.72 86.30 -59.12
CA VAL VA 187 -10.31 85.53 -58.03
C VAL VA 187 -11.27 84.54 -58.66
N TYR VA 188 -10.83 83.29 -58.78
CA TYR VA 188 -11.66 82.22 -59.32
C TYR VA 188 -12.26 81.42 -58.16
N HIS VA 189 -12.93 80.32 -58.49
CA HIS VA 189 -13.56 79.49 -57.47
C HIS VA 189 -12.51 78.64 -56.78
N GLY VA 190 -12.32 78.87 -55.48
CA GLY VA 190 -11.35 78.11 -54.71
C GLY VA 190 -9.91 78.50 -54.90
N ASN VA 191 -9.65 79.73 -55.36
CA ASN VA 191 -8.28 80.18 -55.57
C ASN VA 191 -7.64 80.57 -54.24
N GLU VA 192 -6.41 81.08 -54.30
CA GLU VA 192 -5.67 81.52 -53.13
C GLU VA 192 -5.14 82.92 -53.38
N VAL VA 193 -5.48 83.86 -52.50
CA VAL VA 193 -5.11 85.25 -52.66
C VAL VA 193 -4.46 85.74 -51.37
N THR VA 194 -3.28 86.34 -51.49
CA THR VA 194 -2.61 86.94 -50.34
C THR VA 194 -3.36 88.22 -49.92
N PRO VA 195 -3.43 88.52 -48.62
CA PRO VA 195 -4.13 89.74 -48.19
C PRO VA 195 -3.56 91.02 -48.78
N THR VA 196 -2.27 91.05 -49.13
CA THR VA 196 -1.70 92.24 -49.74
C THR VA 196 -2.39 92.58 -51.05
N GLU VA 197 -2.67 91.57 -51.88
CA GLU VA 197 -3.42 91.80 -53.10
C GLU VA 197 -4.84 92.26 -52.82
N ALA VA 198 -5.38 91.89 -51.66
CA ALA VA 198 -6.78 92.19 -51.32
C ALA VA 198 -6.90 93.42 -50.41
N ALA VA 199 -5.84 94.19 -50.24
CA ALA VA 199 -5.92 95.38 -49.40
C ALA VA 199 -6.91 96.39 -49.97
N GLN VA 200 -6.87 96.61 -51.28
CA GLN VA 200 -7.80 97.52 -51.94
C GLN VA 200 -9.08 96.79 -52.33
N ALA VA 201 -10.12 97.57 -52.58
CA ALA VA 201 -11.39 96.99 -52.99
C ALA VA 201 -11.29 96.42 -54.39
N PRO VA 202 -11.94 95.29 -54.66
CA PRO VA 202 -11.90 94.70 -55.99
C PRO VA 202 -12.99 95.27 -56.90
N GLU VA 203 -12.96 94.83 -58.15
CA GLU VA 203 -13.94 95.22 -59.15
C GLU VA 203 -14.66 93.98 -59.68
N VAL VA 204 -15.96 94.10 -59.87
CA VAL VA 204 -16.81 92.99 -60.27
C VAL VA 204 -17.44 93.29 -61.62
N THR VA 205 -17.31 92.36 -62.55
CA THR VA 205 -17.86 92.49 -63.89
C THR VA 205 -18.75 91.29 -64.19
N TYR VA 206 -19.96 91.55 -64.65
CA TYR VA 206 -20.89 90.50 -65.05
C TYR VA 206 -21.86 91.06 -66.07
N GLU VA 207 -22.33 90.18 -66.95
CA GLU VA 207 -23.24 90.58 -68.02
C GLU VA 207 -24.67 90.59 -67.50
N ALA VA 208 -25.31 91.75 -67.56
CA ALA VA 208 -26.70 91.89 -67.14
C ALA VA 208 -27.29 93.12 -67.82
N ASP VA 209 -28.56 93.04 -68.17
CA ASP VA 209 -29.26 94.14 -68.79
C ASP VA 209 -29.77 95.11 -67.74
N GLU VA 210 -30.02 96.36 -68.18
CA GLU VA 210 -30.49 97.41 -67.28
C GLU VA 210 -32.00 97.30 -67.13
N GLY VA 211 -32.42 96.21 -66.50
CA GLY VA 211 -33.82 95.99 -66.20
C GLY VA 211 -34.05 95.34 -64.85
N SER VA 212 -32.96 95.09 -64.12
CA SER VA 212 -33.03 94.42 -62.84
C SER VA 212 -31.97 95.00 -61.91
N LEU VA 213 -31.96 94.50 -60.68
CA LEU VA 213 -31.03 94.92 -59.65
C LEU VA 213 -30.26 93.72 -59.11
N TRP VA 214 -29.08 93.99 -58.58
CA TRP VA 214 -28.21 92.95 -58.05
C TRP VA 214 -27.66 93.37 -56.70
N THR VA 215 -27.30 92.38 -55.89
CA THR VA 215 -26.73 92.58 -54.57
C THR VA 215 -25.45 91.77 -54.45
N LEU VA 216 -24.37 92.42 -54.01
CA LEU VA 216 -23.08 91.79 -53.85
C LEU VA 216 -22.74 91.69 -52.37
N LEU VA 217 -22.21 90.53 -51.95
CA LEU VA 217 -21.92 90.27 -50.55
C LEU VA 217 -20.60 89.50 -50.46
N LEU VA 218 -19.65 90.04 -49.71
CA LEU VA 218 -18.38 89.37 -49.41
C LEU VA 218 -18.33 89.09 -47.92
N THR VA 219 -18.14 87.82 -47.56
CA THR VA 219 -18.15 87.40 -46.17
C THR VA 219 -16.96 86.50 -45.88
N ASN VA 220 -16.49 86.56 -44.63
CA ASN VA 220 -15.41 85.71 -44.14
C ASN VA 220 -16.05 84.55 -43.38
N LEU VA 221 -16.14 83.39 -44.02
CA LEU VA 221 -16.91 82.29 -43.46
C LEU VA 221 -16.32 81.81 -42.14
N ASP VA 222 -15.00 81.73 -42.05
CA ASP VA 222 -14.31 81.36 -40.82
C ASP VA 222 -13.35 82.47 -40.45
N GLY VA 223 -13.29 82.79 -39.16
CA GLY VA 223 -12.45 83.87 -38.69
C GLY VA 223 -13.08 84.65 -37.55
N HIS VA 224 -14.35 84.38 -37.29
CA HIS VA 224 -15.01 85.00 -36.14
C HIS VA 224 -14.37 84.51 -34.85
N LEU VA 225 -14.12 85.43 -33.93
CA LEU VA 225 -13.33 85.10 -32.74
C LEU VA 225 -14.18 84.49 -31.65
N LEU VA 226 -15.19 85.22 -31.17
CA LEU VA 226 -15.99 84.74 -30.05
C LEU VA 226 -16.90 83.59 -30.44
N GLU VA 227 -17.59 83.72 -31.57
CA GLU VA 227 -18.56 82.73 -32.01
C GLU VA 227 -18.00 81.89 -33.14
N PRO VA 228 -18.08 80.56 -33.06
CA PRO VA 228 -17.57 79.73 -34.16
C PRO VA 228 -18.57 79.52 -35.28
N ASP VA 229 -19.86 79.78 -35.06
CA ASP VA 229 -20.89 79.54 -36.07
C ASP VA 229 -21.30 80.82 -36.80
N ALA VA 230 -20.59 81.92 -36.61
CA ALA VA 230 -20.88 83.18 -37.25
C ALA VA 230 -19.75 83.56 -38.21
N GLU VA 231 -20.06 84.45 -39.14
CA GLU VA 231 -19.10 84.89 -40.14
C GLU VA 231 -19.11 86.42 -40.22
N TYR VA 232 -17.93 86.97 -40.53
CA TYR VA 232 -17.78 88.40 -40.67
C TYR VA 232 -18.26 88.87 -42.05
N VAL VA 233 -18.48 90.17 -42.16
CA VAL VA 233 -18.82 90.80 -43.43
C VAL VA 233 -17.73 91.81 -43.77
N HIS VA 234 -17.18 91.68 -44.99
CA HIS VA 234 -16.15 92.59 -45.46
C HIS VA 234 -16.63 93.57 -46.52
N TRP VA 235 -17.74 93.28 -47.20
CA TRP VA 235 -18.25 94.17 -48.23
C TRP VA 235 -19.71 93.84 -48.48
N LEU VA 236 -20.51 94.88 -48.74
CA LEU VA 236 -21.93 94.70 -49.03
C LEU VA 236 -22.43 95.88 -49.84
N VAL VA 237 -22.76 95.63 -51.11
CA VAL VA 237 -23.30 96.65 -52.01
C VAL VA 237 -24.73 96.26 -52.34
N THR VA 238 -25.65 97.22 -52.20
CA THR VA 238 -27.07 96.96 -52.34
C THR VA 238 -27.66 97.75 -53.51
N ASN VA 239 -28.57 97.10 -54.23
CA ASN VA 239 -29.29 97.70 -55.35
C ASN VA 239 -28.32 98.20 -56.43
N ILE VA 240 -27.62 97.25 -57.03
CA ILE VA 240 -26.66 97.56 -58.10
C ILE VA 240 -27.41 97.66 -59.43
N PRO VA 241 -27.40 98.82 -60.09
CA PRO VA 241 -28.06 98.93 -61.40
C PRO VA 241 -27.25 98.29 -62.52
N GLY VA 242 -27.64 97.09 -62.93
CA GLY VA 242 -26.96 96.42 -64.02
C GLY VA 242 -25.50 96.12 -63.71
N ASN VA 243 -24.64 96.40 -64.68
CA ASN VA 243 -23.24 96.01 -64.57
C ASN VA 243 -22.48 96.91 -63.60
N ARG VA 244 -22.80 98.21 -63.58
CA ARG VA 244 -22.01 99.18 -62.82
C ARG VA 244 -22.21 98.95 -61.33
N VAL VA 245 -21.21 98.32 -60.71
CA VAL VA 245 -21.27 98.05 -59.27
C VAL VA 245 -21.15 99.34 -58.47
N THR VA 246 -20.29 100.26 -58.92
CA THR VA 246 -20.02 101.47 -58.15
C THR VA 246 -21.28 102.31 -57.96
N GLU VA 247 -22.10 102.42 -59.01
CA GLU VA 247 -23.30 103.25 -58.94
C GLU VA 247 -24.32 102.70 -57.95
N GLY VA 248 -24.20 101.44 -57.53
CA GLY VA 248 -25.14 100.88 -56.59
C GLY VA 248 -24.98 101.46 -55.20
N GLN VA 249 -26.06 101.37 -54.43
CA GLN VA 249 -26.06 101.86 -53.07
C GLN VA 249 -25.10 101.04 -52.22
N GLU VA 250 -24.32 101.72 -51.39
CA GLU VA 250 -23.31 101.08 -50.54
C GLU VA 250 -23.83 100.96 -49.12
N THR VA 251 -23.69 99.76 -48.54
CA THR VA 251 -24.16 99.48 -47.19
C THR VA 251 -23.03 99.25 -46.21
N CYS VA 252 -22.14 98.31 -46.48
CA CYS VA 252 -21.00 98.02 -45.62
C CYS VA 252 -19.70 98.25 -46.39
N PRO VA 253 -18.82 99.13 -45.90
CA PRO VA 253 -17.61 99.44 -46.66
C PRO VA 253 -16.64 98.28 -46.69
N TYR VA 254 -15.74 98.31 -47.68
CA TYR VA 254 -14.75 97.25 -47.83
C TYR VA 254 -13.74 97.27 -46.69
N LEU VA 255 -13.33 96.08 -46.26
CA LEU VA 255 -12.33 95.93 -45.21
C LEU VA 255 -11.36 94.84 -45.66
N PRO VA 256 -10.05 95.09 -45.58
CA PRO VA 256 -9.10 94.07 -46.00
C PRO VA 256 -9.22 92.82 -45.16
N PRO VA 257 -9.00 91.65 -45.74
CA PRO VA 257 -9.04 90.40 -44.95
C PRO VA 257 -8.01 90.41 -43.85
N PHE VA 258 -8.38 89.86 -42.69
CA PHE VA 258 -7.51 89.80 -41.52
C PHE VA 258 -7.57 88.40 -40.91
N PRO VA 259 -6.99 87.41 -41.57
CA PRO VA 259 -6.90 86.08 -40.95
C PRO VA 259 -5.87 86.08 -39.82
N ALA VA 260 -6.08 85.19 -38.86
CA ALA VA 260 -5.18 85.09 -37.74
C ALA VA 260 -3.86 84.46 -38.19
N ARG VA 261 -2.79 84.77 -37.45
CA ARG VA 261 -1.47 84.27 -37.83
C ARG VA 261 -1.38 82.75 -37.66
N GLY VA 262 -1.96 82.22 -36.59
CA GLY VA 262 -1.90 80.80 -36.34
C GLY VA 262 -2.79 80.00 -37.25
N SER VA 263 -4.10 80.23 -37.17
CA SER VA 263 -5.06 79.53 -38.01
C SER VA 263 -5.11 80.21 -39.37
N GLY VA 264 -4.62 79.54 -40.40
CA GLY VA 264 -4.58 80.09 -41.74
C GLY VA 264 -5.64 79.52 -42.65
N PHE VA 265 -5.63 80.03 -43.89
CA PHE VA 265 -6.51 79.57 -44.96
C PHE VA 265 -7.98 79.74 -44.58
N HIS VA 266 -8.37 81.00 -44.40
CA HIS VA 266 -9.78 81.35 -44.26
C HIS VA 266 -10.40 81.53 -45.64
N ARG VA 267 -11.67 81.16 -45.75
CA ARG VA 267 -12.38 81.20 -47.02
C ARG VA 267 -13.27 82.43 -47.08
N PHE VA 268 -13.09 83.23 -48.12
CA PHE VA 268 -13.89 84.44 -48.36
C PHE VA 268 -14.72 84.21 -49.61
N ALA VA 269 -16.03 84.42 -49.50
CA ALA VA 269 -16.97 84.09 -50.56
C ALA VA 269 -17.68 85.35 -51.05
N PHE VA 270 -17.77 85.50 -52.37
CA PHE VA 270 -18.56 86.54 -52.99
C PHE VA 270 -19.91 85.97 -53.39
N LEU VA 271 -20.99 86.57 -52.90
CA LEU VA 271 -22.34 86.13 -53.20
C LEU VA 271 -23.06 87.20 -54.00
N LEU VA 272 -23.67 86.80 -55.11
CA LEU VA 272 -24.45 87.70 -55.96
C LEU VA 272 -25.91 87.30 -55.88
N PHE VA 273 -26.76 88.25 -55.52
CA PHE VA 273 -28.19 88.03 -55.40
C PHE VA 273 -28.94 88.86 -56.43
N LYS VA 274 -29.93 88.25 -57.07
CA LYS VA 274 -30.79 88.93 -58.03
C LYS VA 274 -32.12 89.24 -57.35
N GLN VA 275 -32.50 90.51 -57.33
CA GLN VA 275 -33.71 90.96 -56.65
C GLN VA 275 -34.69 91.57 -57.63
N ASP VA 276 -35.97 91.27 -57.43
CA ASP VA 276 -37.02 91.77 -58.31
C ASP VA 276 -37.29 93.25 -58.07
N LYS VA 277 -37.61 93.61 -56.83
CA LYS VA 277 -38.04 94.97 -56.47
C LYS VA 277 -36.97 95.65 -55.61
N ARG VA 278 -36.93 96.98 -55.68
CA ARG VA 278 -36.09 97.74 -54.75
C ARG VA 278 -36.45 97.41 -53.31
N ILE VA 279 -35.53 96.79 -52.58
CA ILE VA 279 -35.79 96.33 -51.23
C ILE VA 279 -35.11 97.25 -50.22
N ASP VA 280 -35.74 97.38 -49.05
CA ASP VA 280 -35.27 98.32 -48.03
C ASP VA 280 -34.17 97.63 -47.21
N PHE VA 281 -32.93 97.75 -47.69
CA PHE VA 281 -31.78 97.18 -46.98
C PHE VA 281 -31.18 98.22 -46.02
N SER VA 282 -32.04 98.76 -45.16
CA SER VA 282 -31.62 99.74 -44.18
C SER VA 282 -31.45 99.15 -42.80
N GLY VA 283 -32.12 98.05 -42.49
CA GLY VA 283 -31.95 97.39 -41.21
C GLY VA 283 -30.58 96.75 -41.03
N ASP VA 284 -29.87 96.51 -42.13
CA ASP VA 284 -28.53 95.93 -42.08
C ASP VA 284 -27.45 96.98 -42.34
N THR VA 285 -27.80 98.26 -42.32
CA THR VA 285 -26.82 99.31 -42.57
C THR VA 285 -25.78 99.34 -41.45
N ARG VA 286 -24.52 99.54 -41.84
CA ARG VA 286 -23.41 99.63 -40.93
C ARG VA 286 -22.82 101.04 -40.99
N PRO VA 287 -22.20 101.53 -39.91
CA PRO VA 287 -21.63 102.88 -39.93
C PRO VA 287 -20.53 103.01 -40.98
N SER VA 288 -20.20 104.25 -41.31
CA SER VA 288 -19.23 104.50 -42.37
C SER VA 288 -17.82 104.03 -41.99
N PRO VA 289 -17.18 104.54 -40.92
CA PRO VA 289 -15.84 104.04 -40.60
C PRO VA 289 -15.95 102.86 -39.66
N CYS VA 290 -16.82 101.91 -40.00
CA CYS VA 290 -17.12 100.76 -39.17
C CYS VA 290 -15.89 99.92 -38.89
N TYR VA 291 -15.45 99.89 -37.63
CA TYR VA 291 -14.31 99.09 -37.23
C TYR VA 291 -14.59 98.18 -36.04
N GLN VA 292 -15.81 98.21 -35.50
CA GLN VA 292 -16.15 97.34 -34.38
C GLN VA 292 -16.54 95.97 -34.92
N LEU VA 293 -15.73 94.96 -34.60
CA LEU VA 293 -15.99 93.61 -35.11
C LEU VA 293 -17.30 93.06 -34.58
N ALA VA 294 -17.73 93.50 -33.39
CA ALA VA 294 -19.03 93.08 -32.89
C ALA VA 294 -20.18 93.55 -33.78
N GLN VA 295 -19.97 94.59 -34.58
CA GLN VA 295 -20.96 95.05 -35.54
C GLN VA 295 -20.84 94.34 -36.89
N ARG VA 296 -19.77 93.60 -37.13
CA ARG VA 296 -19.59 92.85 -38.35
C ARG VA 296 -20.14 91.43 -38.26
N THR VA 297 -20.79 91.08 -37.14
CA THR VA 297 -21.33 89.74 -36.97
C THR VA 297 -22.47 89.55 -37.96
N PHE VA 298 -22.45 88.42 -38.67
CA PHE VA 298 -23.38 88.18 -39.76
C PHE VA 298 -23.80 86.73 -39.77
N HIS VA 299 -25.03 86.50 -40.23
CA HIS VA 299 -25.56 85.15 -40.43
C HIS VA 299 -26.27 85.16 -41.78
N THR VA 300 -25.64 84.53 -42.77
CA THR VA 300 -26.19 84.57 -44.13
C THR VA 300 -27.55 83.88 -44.20
N PHE VA 301 -27.71 82.75 -43.52
CA PHE VA 301 -29.01 82.09 -43.49
C PHE VA 301 -30.08 82.97 -42.87
N ASP VA 302 -29.73 83.64 -41.75
CA ASP VA 302 -30.66 84.58 -41.15
C ASP VA 302 -30.90 85.78 -42.06
N PHE VA 303 -29.84 86.28 -42.70
CA PHE VA 303 -29.97 87.42 -43.59
C PHE VA 303 -30.83 87.08 -44.81
N TYR VA 304 -30.59 85.91 -45.40
CA TYR VA 304 -31.38 85.49 -46.55
C TYR VA 304 -32.81 85.12 -46.17
N LYS VA 305 -33.04 84.75 -44.91
CA LYS VA 305 -34.39 84.42 -44.47
C LYS VA 305 -35.30 85.65 -44.54
N LYS VA 306 -34.80 86.81 -44.14
CA LYS VA 306 -35.62 88.02 -44.12
C LYS VA 306 -36.06 88.42 -45.52
N HIS VA 307 -35.15 88.36 -46.49
CA HIS VA 307 -35.40 88.82 -47.84
C HIS VA 307 -35.38 87.66 -48.84
N GLN VA 308 -35.95 86.53 -48.43
CA GLN VA 308 -36.00 85.36 -49.32
C GLN VA 308 -36.90 85.62 -50.51
N ASP VA 309 -38.00 86.36 -50.31
CA ASP VA 309 -38.94 86.59 -51.38
C ASP VA 309 -38.36 87.46 -52.48
N ALA VA 310 -37.56 88.47 -52.13
CA ALA VA 310 -37.06 89.43 -53.10
C ALA VA 310 -35.78 88.94 -53.78
N MET VA 311 -34.78 88.55 -52.99
CA MET VA 311 -33.49 88.18 -53.53
C MET VA 311 -33.47 86.71 -53.95
N THR VA 312 -32.54 86.40 -54.85
CA THR VA 312 -32.30 85.02 -55.29
C THR VA 312 -30.84 84.87 -55.70
N PRO VA 313 -30.11 83.94 -55.09
CA PRO VA 313 -28.68 83.79 -55.43
C PRO VA 313 -28.50 83.41 -56.89
N ALA VA 314 -27.50 84.02 -57.53
CA ALA VA 314 -27.27 83.80 -58.95
C ALA VA 314 -25.81 83.49 -59.27
N GLY VA 315 -24.87 84.03 -58.49
CA GLY VA 315 -23.47 83.86 -58.76
C GLY VA 315 -22.70 83.50 -57.50
N LEU VA 316 -21.45 83.10 -57.70
CA LEU VA 316 -20.59 82.70 -56.59
C LEU VA 316 -19.13 82.73 -57.03
N ALA VA 317 -18.26 83.18 -56.13
CA ALA VA 317 -16.82 83.17 -56.35
C ALA VA 317 -16.13 83.30 -54.99
N PHE VA 318 -15.29 82.33 -54.65
CA PHE VA 318 -14.66 82.28 -53.34
C PHE VA 318 -13.17 81.95 -53.48
N PHE VA 319 -12.37 82.45 -52.54
CA PHE VA 319 -10.93 82.25 -52.55
C PHE VA 319 -10.44 81.98 -51.14
N GLN VA 320 -9.30 81.29 -51.05
CA GLN VA 320 -8.62 81.06 -49.79
C GLN VA 320 -7.69 82.23 -49.46
N CYS VA 321 -7.40 82.39 -48.17
CA CYS VA 321 -6.58 83.50 -47.72
C CYS VA 321 -5.88 83.14 -46.43
N ARG VA 322 -4.56 83.27 -46.40
CA ARG VA 322 -3.73 83.00 -45.23
C ARG VA 322 -3.16 84.29 -44.68
N TRP VA 323 -2.32 84.18 -43.67
CA TRP VA 323 -1.76 85.34 -42.99
C TRP VA 323 -0.53 85.86 -43.70
N ASP VA 324 -0.34 87.18 -43.64
CA ASP VA 324 0.83 87.84 -44.18
C ASP VA 324 1.13 89.08 -43.35
N ASP VA 325 2.16 89.83 -43.75
CA ASP VA 325 2.56 91.02 -43.00
C ASP VA 325 1.50 92.12 -43.06
N SER VA 326 0.78 92.22 -44.18
CA SER VA 326 -0.23 93.26 -44.32
C SER VA 326 -1.40 93.08 -43.36
N VAL VA 327 -1.55 91.89 -42.78
CA VAL VA 327 -2.60 91.67 -41.80
C VAL VA 327 -2.30 92.41 -40.50
N THR VA 328 -1.02 92.54 -40.14
CA THR VA 328 -0.65 93.12 -38.85
C THR VA 328 -1.13 94.55 -38.72
N ARG VA 329 -0.94 95.36 -39.77
CA ARG VA 329 -1.34 96.76 -39.70
C ARG VA 329 -2.85 96.92 -39.58
N VAL VA 330 -3.61 95.93 -40.06
CA VAL VA 330 -5.07 95.98 -39.94
C VAL VA 330 -5.47 95.91 -38.48
N PHE VA 331 -4.85 95.03 -37.70
CA PHE VA 331 -5.18 94.92 -36.29
C PHE VA 331 -4.77 96.17 -35.52
N HIS VA 332 -3.60 96.75 -35.85
CA HIS VA 332 -3.09 97.89 -35.09
C HIS VA 332 -3.73 99.20 -35.53
N GLN VA 333 -3.51 99.59 -36.79
CA GLN VA 333 -3.95 100.91 -37.24
C GLN VA 333 -5.46 100.97 -37.42
N LEU VA 334 -6.04 99.96 -38.05
CA LEU VA 334 -7.45 100.01 -38.43
C LEU VA 334 -8.37 99.55 -37.30
N LEU VA 335 -8.17 98.33 -36.81
CA LEU VA 335 -9.05 97.77 -35.80
C LEU VA 335 -8.70 98.21 -34.38
N ASP VA 336 -7.53 98.83 -34.18
CA ASP VA 336 -7.05 99.19 -32.85
C ASP VA 336 -7.10 97.97 -31.92
N MET VA 337 -6.46 96.90 -32.37
CA MET VA 337 -6.53 95.61 -31.69
C MET VA 337 -5.13 95.02 -31.56
N ARG VA 338 -4.87 94.37 -30.43
CA ARG VA 338 -3.65 93.61 -30.25
C ARG VA 338 -3.74 92.32 -31.08
N GLU VA 339 -2.72 92.05 -31.87
CA GLU VA 339 -2.78 90.95 -32.82
C GLU VA 339 -2.77 89.61 -32.10
N PRO VA 340 -3.79 88.77 -32.27
CA PRO VA 340 -3.76 87.44 -31.64
C PRO VA 340 -3.02 86.44 -32.52
N VAL VA 341 -2.22 85.59 -31.88
CA VAL VA 341 -1.44 84.56 -32.56
C VAL VA 341 -1.84 83.20 -32.02
N PHE VA 342 -2.23 82.30 -32.91
CA PHE VA 342 -2.59 80.95 -32.55
C PHE VA 342 -1.46 79.98 -32.89
N GLU VA 343 -1.66 78.71 -32.53
CA GLU VA 343 -0.70 77.67 -32.85
C GLU VA 343 -1.40 76.33 -32.88
N PHE VA 344 -0.97 75.45 -33.79
CA PHE VA 344 -1.56 74.13 -33.95
C PHE VA 344 -1.01 73.22 -32.87
N VAL VA 345 -1.87 72.80 -31.95
CA VAL VA 345 -1.48 71.99 -30.80
C VAL VA 345 -2.07 70.59 -30.97
N ARG VA 346 -1.21 69.59 -30.94
CA ARG VA 346 -1.58 68.19 -31.08
C ARG VA 346 -1.92 67.58 -29.73
N PRO VA 347 -2.73 66.52 -29.71
CA PRO VA 347 -3.07 65.89 -28.43
C PRO VA 347 -1.84 65.26 -27.80
N PRO VA 348 -1.78 65.19 -26.47
CA PRO VA 348 -0.63 64.59 -25.81
C PRO VA 348 -0.56 63.10 -26.09
N PRO VA 349 0.63 62.51 -26.06
CA PRO VA 349 0.74 61.07 -26.34
C PRO VA 349 0.07 60.23 -25.28
N TYR VA 350 -0.43 59.06 -25.70
CA TYR VA 350 -1.12 58.14 -24.81
C TYR VA 350 -0.14 57.13 -24.23
N HIS VA 351 -0.27 56.87 -22.93
CA HIS VA 351 0.55 55.89 -22.25
C HIS VA 351 -0.33 55.00 -21.38
N PRO VA 352 0.08 53.75 -21.18
CA PRO VA 352 -0.72 52.85 -20.33
C PRO VA 352 -0.55 53.19 -18.86
N LYS VA 353 -1.41 52.61 -18.04
CA LYS VA 353 -1.31 52.79 -16.60
C LYS VA 353 -0.02 52.18 -16.08
N GLN VA 354 0.68 52.92 -15.23
CA GLN VA 354 1.99 52.50 -14.75
C GLN VA 354 1.85 51.38 -13.73
N LYS VA 355 2.55 50.28 -13.97
CA LYS VA 355 2.56 49.15 -13.06
C LYS VA 355 3.72 49.28 -12.08
N ARG VA 356 3.53 48.76 -10.87
CA ARG VA 356 4.58 48.85 -9.86
C ARG VA 356 5.83 48.10 -10.28
N PHE VA 357 5.68 46.90 -10.81
CA PHE VA 357 6.80 46.09 -11.30
C PHE VA 357 6.62 45.87 -12.80
N PRO VA 358 7.23 46.70 -13.63
CA PRO VA 358 7.16 46.46 -15.08
C PRO VA 358 7.92 45.19 -15.44
N HIS VA 359 7.34 44.39 -16.32
CA HIS VA 359 7.87 43.08 -16.67
C HIS VA 359 8.43 43.11 -18.07
N ARG VA 360 9.73 42.79 -18.20
CA ARG VA 360 10.42 42.72 -19.49
C ARG VA 360 10.23 44.01 -20.28
N GLN VA 361 10.39 45.14 -19.59
CA GLN VA 361 10.29 46.45 -20.21
C GLN VA 361 11.66 47.13 -20.24
N PRO VA 362 11.92 47.97 -21.23
CA PRO VA 362 13.22 48.64 -21.30
C PRO VA 362 13.43 49.57 -20.12
N LEU VA 363 14.69 49.99 -19.94
CA LEU VA 363 15.00 50.90 -18.84
C LEU VA 363 14.33 52.26 -19.01
N ARG VA 364 14.04 52.65 -20.24
CA ARG VA 364 13.36 53.91 -20.51
C ARG VA 364 11.89 53.89 -20.14
N TYR VA 365 11.39 52.79 -19.57
CA TYR VA 365 10.00 52.73 -19.15
C TYR VA 365 9.68 53.78 -18.09
N LEU VA 366 10.65 54.12 -17.24
CA LEU VA 366 10.42 55.14 -16.23
C LEU VA 366 10.38 56.54 -16.83
N ASP VA 367 11.09 56.76 -17.93
CA ASP VA 367 11.15 58.09 -18.52
C ASP VA 367 9.82 58.53 -19.11
N ARG VA 368 8.97 57.58 -19.50
CA ARG VA 368 7.69 57.94 -20.11
C ARG VA 368 6.80 58.66 -19.11
N TYR VA 369 6.82 58.26 -17.84
CA TYR VA 369 5.96 58.82 -16.82
C TYR VA 369 6.66 59.87 -15.97
N ARG VA 370 7.86 60.27 -16.34
CA ARG VA 370 8.54 61.35 -15.64
C ARG VA 370 7.83 62.67 -15.89
N ASP VA 371 7.74 63.50 -14.85
CA ASP VA 371 7.07 64.78 -14.97
C ASP VA 371 8.00 65.87 -15.48
N SER VA 372 9.25 65.90 -15.00
CA SER VA 372 10.24 66.86 -15.48
C SER VA 372 11.61 66.22 -15.37
N HIS VA 373 12.52 66.63 -16.26
CA HIS VA 373 13.86 66.07 -16.29
C HIS VA 373 14.78 66.71 -15.26
N GLU VA 374 14.36 67.78 -14.61
CA GLU VA 374 15.15 68.37 -13.55
C GLU VA 374 15.08 67.49 -12.31
N PRO VA 375 16.21 66.99 -11.80
CA PRO VA 375 16.15 66.15 -10.60
C PRO VA 375 15.59 66.91 -9.41
N THR VA 376 14.79 66.23 -8.61
CA THR VA 376 14.14 66.82 -7.44
C THR VA 376 14.58 66.05 -6.20
N TYR VA 377 15.25 66.76 -5.29
CA TYR VA 377 15.67 66.18 -4.03
C TYR VA 377 14.63 66.45 -2.96
N GLY VA 378 14.48 65.51 -2.03
CA GLY VA 378 13.47 65.63 -1.00
C GLY VA 378 14.00 66.24 0.28
N ILE VA 379 14.12 65.43 1.33
CA ILE VA 379 14.62 65.93 2.61
C ILE VA 379 16.06 66.42 2.50
N TYR VA 380 16.80 65.94 1.51
CA TYR VA 380 18.19 66.34 1.34
C TYR VA 380 18.28 67.75 0.76
N SER WA 30 -68.63 -29.19 80.51
CA SER WA 30 -68.21 -27.83 80.21
C SER WA 30 -68.27 -27.55 78.71
N GLN WA 31 -68.41 -26.27 78.36
CA GLN WA 31 -68.49 -25.84 76.97
C GLN WA 31 -67.13 -25.29 76.56
N LEU WA 32 -66.28 -26.16 76.03
CA LEU WA 32 -64.93 -25.79 75.61
C LEU WA 32 -64.70 -26.28 74.19
N SER WA 33 -64.47 -25.34 73.28
CA SER WA 33 -64.15 -25.68 71.90
C SER WA 33 -62.77 -26.33 71.84
N PRO WA 34 -62.50 -27.11 70.79
CA PRO WA 34 -61.18 -27.76 70.70
C PRO WA 34 -60.02 -26.77 70.70
N THR WA 35 -60.22 -25.58 70.12
CA THR WA 35 -59.16 -24.57 70.16
C THR WA 35 -58.91 -24.08 71.58
N GLU WA 36 -59.98 -23.87 72.35
CA GLU WA 36 -59.83 -23.31 73.70
C GLU WA 36 -59.18 -24.31 74.65
N LEU WA 37 -59.57 -25.58 74.59
CA LEU WA 37 -59.02 -26.56 75.52
C LEU WA 37 -57.53 -26.79 75.28
N ILE WA 38 -57.10 -26.72 74.02
CA ILE WA 38 -55.68 -26.79 73.72
C ILE WA 38 -54.96 -25.56 74.27
N GLU WA 39 -55.56 -24.38 74.12
CA GLU WA 39 -54.96 -23.15 74.64
C GLU WA 39 -54.89 -23.16 76.15
N MET WA 40 -55.90 -23.73 76.82
CA MET WA 40 -55.88 -23.79 78.28
C MET WA 40 -54.70 -24.62 78.78
N GLN WA 41 -54.47 -25.78 78.16
CA GLN WA 41 -53.37 -26.64 78.59
C GLN WA 41 -52.02 -25.99 78.34
N ASN WA 42 -51.86 -25.31 77.20
CA ASN WA 42 -50.60 -24.62 76.92
C ASN WA 42 -50.34 -23.53 77.94
N ASP WA 43 -51.37 -22.75 78.29
CA ASP WA 43 -51.22 -21.74 79.32
C ASP WA 43 -50.87 -22.36 80.66
N LEU WA 44 -51.54 -23.46 81.01
CA LEU WA 44 -51.23 -24.16 82.25
C LEU WA 44 -49.83 -24.76 82.23
N PHE WA 45 -49.44 -25.35 81.10
CA PHE WA 45 -48.10 -25.93 81.01
C PHE WA 45 -47.02 -24.87 81.09
N ASN WA 46 -47.20 -23.74 80.40
CA ASN WA 46 -46.22 -22.66 80.46
C ASN WA 46 -46.17 -22.06 81.86
N LYS WA 47 -47.31 -21.94 82.53
CA LYS WA 47 -47.33 -21.42 83.89
C LYS WA 47 -46.54 -22.31 84.83
N GLU WA 48 -46.68 -23.62 84.69
CA GLU WA 48 -45.87 -24.55 85.47
C GLU WA 48 -44.39 -24.42 85.12
N LYS WA 49 -44.07 -24.23 83.84
CA LYS WA 49 -42.68 -24.11 83.43
C LYS WA 49 -42.03 -22.88 84.05
N ASN WA 50 -42.73 -21.75 84.07
CA ASN WA 50 -42.18 -20.55 84.67
C ASN WA 50 -41.96 -20.72 86.17
N ARG WA 51 -42.85 -21.47 86.83
CA ARG WA 51 -42.69 -21.73 88.26
C ARG WA 51 -41.41 -22.50 88.53
N GLN WA 52 -41.13 -23.53 87.71
CA GLN WA 52 -39.89 -24.29 87.88
C GLN WA 52 -38.66 -23.41 87.66
N LEU WA 53 -38.71 -22.53 86.65
CA LEU WA 53 -37.60 -21.64 86.40
C LEU WA 53 -37.42 -20.65 87.55
N SER WA 54 -38.53 -20.16 88.11
CA SER WA 54 -38.45 -19.23 89.23
C SER WA 54 -37.93 -19.89 90.50
N LEU WA 55 -38.01 -21.22 90.60
CA LEU WA 55 -37.48 -21.91 91.76
C LEU WA 55 -35.97 -21.80 91.86
N THR WA 56 -35.29 -21.50 90.76
CA THR WA 56 -33.84 -21.30 90.75
C THR WA 56 -33.55 -19.81 90.54
N PRO WA 57 -33.20 -19.07 91.59
CA PRO WA 57 -33.01 -17.62 91.43
C PRO WA 57 -31.68 -17.24 90.79
N ARG WA 58 -30.64 -18.03 91.06
CA ARG WA 58 -29.31 -17.73 90.59
C ARG WA 58 -28.77 -18.89 89.76
N THR WA 59 -27.92 -18.55 88.79
CA THR WA 59 -27.29 -19.57 87.95
C THR WA 59 -26.19 -20.25 88.75
N GLU WA 60 -26.30 -21.56 88.91
CA GLU WA 60 -25.34 -22.35 89.67
C GLU WA 60 -24.53 -23.21 88.72
N LYS WA 61 -23.22 -23.24 88.94
CA LYS WA 61 -22.29 -23.97 88.07
C LYS WA 61 -22.16 -25.40 88.56
N ILE WA 62 -22.38 -26.36 87.66
CA ILE WA 62 -22.24 -27.78 87.95
C ILE WA 62 -21.18 -28.36 87.03
N GLU WA 63 -20.28 -29.15 87.61
CA GLU WA 63 -19.19 -29.76 86.84
C GLU WA 63 -19.62 -31.14 86.36
N VAL WA 64 -19.67 -31.32 85.05
CA VAL WA 64 -20.05 -32.58 84.43
C VAL WA 64 -18.82 -33.18 83.78
N LYS WA 65 -18.49 -34.41 84.15
CA LYS WA 65 -17.34 -35.12 83.60
C LYS WA 65 -17.83 -36.10 82.54
N HIS WA 66 -17.20 -36.04 81.36
CA HIS WA 66 -17.59 -36.88 80.23
C HIS WA 66 -16.89 -38.23 80.37
N VAL WA 67 -17.67 -39.29 80.58
CA VAL WA 67 -17.14 -40.63 80.72
C VAL WA 67 -17.35 -41.45 79.44
N GLY WA 68 -17.59 -40.78 78.31
CA GLY WA 68 -17.80 -41.49 77.06
C GLY WA 68 -16.54 -42.15 76.56
N LYS WA 69 -16.74 -43.15 75.70
CA LYS WA 69 -15.61 -43.88 75.14
C LYS WA 69 -14.76 -43.00 74.23
N THR WA 70 -15.39 -42.15 73.42
CA THR WA 70 -14.66 -41.42 72.41
C THR WA 70 -13.77 -40.34 73.02
N ASP WA 71 -14.32 -39.53 73.92
CA ASP WA 71 -13.61 -38.37 74.48
C ASP WA 71 -13.64 -38.43 76.00
N PRO WA 72 -12.77 -39.22 76.60
CA PRO WA 72 -12.69 -39.26 78.07
C PRO WA 72 -11.98 -38.03 78.63
N GLY WA 73 -12.30 -37.73 79.88
CA GLY WA 73 -11.65 -36.66 80.60
C GLY WA 73 -12.19 -35.27 80.36
N THR WA 74 -13.18 -35.11 79.47
CA THR WA 74 -13.75 -33.80 79.21
C THR WA 74 -14.66 -33.40 80.37
N VAL WA 75 -14.47 -32.19 80.87
CA VAL WA 75 -15.23 -31.67 82.01
C VAL WA 75 -16.04 -30.48 81.52
N PHE WA 76 -17.36 -30.55 81.71
CA PHE WA 76 -18.25 -29.46 81.36
C PHE WA 76 -18.63 -28.66 82.60
N VAL WA 77 -18.83 -27.36 82.41
CA VAL WA 77 -19.25 -26.47 83.49
C VAL WA 77 -20.57 -25.85 83.04
N MET WA 78 -21.68 -26.47 83.43
CA MET WA 78 -23.00 -26.08 82.97
C MET WA 78 -23.76 -25.32 84.05
N ASN WA 79 -24.84 -24.66 83.61
CA ASN WA 79 -25.73 -23.95 84.51
C ASN WA 79 -26.82 -24.88 85.01
N LYS WA 80 -27.28 -24.63 86.23
CA LYS WA 80 -28.27 -25.49 86.85
C LYS WA 80 -29.67 -25.20 86.30
N ASN WA 81 -30.38 -26.27 85.92
CA ASN WA 81 -31.79 -26.27 85.55
C ASN WA 81 -32.09 -25.50 84.27
N ILE WA 82 -31.08 -25.07 83.52
CA ILE WA 82 -31.33 -24.42 82.24
C ILE WA 82 -30.42 -25.01 81.16
N SER WA 83 -29.44 -25.80 81.58
CA SER WA 83 -28.50 -26.42 80.65
C SER WA 83 -28.92 -27.86 80.38
N THR WA 84 -29.20 -28.16 79.13
CA THR WA 84 -29.60 -29.49 78.68
C THR WA 84 -28.43 -30.23 78.09
N PRO WA 85 -28.45 -31.57 78.10
CA PRO WA 85 -27.34 -32.32 77.51
C PRO WA 85 -27.12 -32.05 76.04
N TYR WA 86 -28.14 -31.57 75.31
CA TYR WA 86 -27.93 -31.14 73.94
C TYR WA 86 -26.97 -29.96 73.88
N SER WA 87 -27.14 -28.99 74.80
CA SER WA 87 -26.19 -27.91 74.90
C SER WA 87 -24.83 -28.41 75.38
N CYS WA 88 -24.82 -29.47 76.19
CA CYS WA 88 -23.56 -30.10 76.56
C CYS WA 88 -22.88 -30.72 75.36
N ALA WA 89 -23.65 -31.32 74.44
CA ALA WA 89 -23.07 -31.93 73.26
C ALA WA 89 -22.54 -30.89 72.28
N MET WA 90 -23.16 -29.70 72.25
CA MET WA 90 -22.74 -28.68 71.29
C MET WA 90 -21.32 -28.20 71.54
N HIS WA 91 -20.79 -28.40 72.74
CA HIS WA 91 -19.40 -28.01 73.00
C HIS WA 91 -18.42 -28.89 72.23
N LEU WA 92 -18.78 -30.15 71.98
CA LEU WA 92 -17.82 -31.07 71.37
C LEU WA 92 -17.74 -30.88 69.86
N SER WA 93 -18.84 -31.15 69.16
CA SER WA 93 -18.89 -31.05 67.71
C SER WA 93 -20.33 -31.28 67.26
N GLU WA 94 -20.60 -31.00 65.99
CA GLU WA 94 -21.92 -31.23 65.43
C GLU WA 94 -22.25 -32.72 65.33
N TRP WA 95 -21.24 -33.59 65.31
CA TRP WA 95 -21.51 -35.02 65.22
C TRP WA 95 -22.24 -35.52 66.46
N TYR WA 96 -21.85 -35.04 67.64
CA TYR WA 96 -22.57 -35.40 68.87
C TYR WA 96 -23.97 -34.82 68.88
N CYS WA 97 -24.18 -33.68 68.23
CA CYS WA 97 -25.52 -33.09 68.20
C CYS WA 97 -26.49 -33.94 67.38
N ARG WA 98 -26.03 -34.51 66.28
CA ARG WA 98 -26.93 -35.24 65.38
C ARG WA 98 -27.00 -36.73 65.70
N LYS WA 99 -25.88 -37.35 66.06
CA LYS WA 99 -25.88 -38.79 66.31
C LYS WA 99 -26.58 -39.12 67.63
N SER WA 100 -26.30 -38.35 68.68
CA SER WA 100 -26.80 -38.68 70.00
C SER WA 100 -28.32 -38.53 70.06
N ILE WA 101 -28.96 -39.43 70.81
CA ILE WA 101 -30.40 -39.42 70.97
C ILE WA 101 -30.76 -39.40 72.45
N LEU WA 102 -30.19 -40.31 73.22
CA LEU WA 102 -30.41 -40.38 74.67
C LEU WA 102 -29.09 -40.19 75.39
N ALA WA 103 -29.08 -39.32 76.39
CA ALA WA 103 -27.94 -39.13 77.25
C ALA WA 103 -28.12 -39.93 78.54
N LEU WA 104 -27.01 -40.42 79.07
CA LEU WA 104 -27.02 -41.25 80.28
C LEU WA 104 -26.40 -40.45 81.42
N VAL WA 105 -27.25 -39.76 82.18
CA VAL WA 105 -26.80 -39.11 83.40
C VAL WA 105 -26.55 -40.18 84.45
N ASP WA 106 -25.32 -40.26 84.93
CA ASP WA 106 -24.89 -41.33 85.83
C ASP WA 106 -25.22 -42.69 85.21
N GLY WA 107 -26.11 -43.44 85.84
CA GLY WA 107 -26.63 -44.67 85.27
C GLY WA 107 -28.09 -44.60 84.85
N GLN WA 108 -28.71 -43.43 84.88
CA GLN WA 108 -30.12 -43.25 84.58
C GLN WA 108 -30.29 -42.67 83.19
N PRO WA 109 -31.18 -43.23 82.36
CA PRO WA 109 -31.44 -42.62 81.05
C PRO WA 109 -32.04 -41.23 81.21
N TRP WA 110 -31.67 -40.35 80.29
CA TRP WA 110 -32.04 -38.94 80.36
C TRP WA 110 -32.33 -38.42 78.97
N ASP WA 111 -33.37 -37.60 78.86
CA ASP WA 111 -33.68 -36.96 77.59
C ASP WA 111 -32.59 -35.96 77.23
N MET WA 112 -32.54 -35.58 75.96
CA MET WA 112 -31.58 -34.58 75.49
C MET WA 112 -32.17 -33.18 75.48
N TYR WA 113 -33.34 -32.98 76.08
CA TYR WA 113 -33.90 -31.64 76.24
C TYR WA 113 -34.45 -31.42 77.65
N LYS WA 114 -34.15 -32.29 78.61
CA LYS WA 114 -34.50 -32.07 80.00
C LYS WA 114 -33.30 -31.51 80.73
N PRO WA 115 -33.41 -30.33 81.36
CA PRO WA 115 -32.23 -29.68 81.94
C PRO WA 115 -31.60 -30.52 83.04
N LEU WA 116 -30.28 -30.40 83.15
CA LEU WA 116 -29.54 -31.08 84.20
C LEU WA 116 -29.84 -30.43 85.55
N THR WA 117 -29.63 -31.21 86.61
CA THR WA 117 -29.92 -30.75 87.97
C THR WA 117 -28.68 -30.66 88.84
N LYS WA 118 -27.88 -31.72 88.90
CA LYS WA 118 -26.74 -31.76 89.81
C LYS WA 118 -25.51 -32.26 89.06
N SER WA 119 -24.34 -32.02 89.66
CA SER WA 119 -23.09 -32.50 89.08
C SER WA 119 -23.10 -34.02 88.97
N CYS WA 120 -22.71 -34.52 87.81
CA CYS WA 120 -22.81 -35.95 87.52
C CYS WA 120 -21.86 -36.28 86.37
N GLU WA 121 -21.99 -37.50 85.85
CA GLU WA 121 -21.25 -37.94 84.68
C GLU WA 121 -22.22 -38.24 83.55
N ILE WA 122 -21.83 -37.90 82.33
CA ILE WA 122 -22.73 -37.97 81.18
C ILE WA 122 -22.15 -38.91 80.14
N LYS WA 123 -23.04 -39.59 79.43
CA LYS WA 123 -22.69 -40.46 78.32
C LYS WA 123 -23.79 -40.39 77.29
N PHE WA 124 -23.41 -40.38 76.01
CA PHE WA 124 -24.35 -40.26 74.91
C PHE WA 124 -24.55 -41.62 74.24
N LEU WA 125 -25.80 -41.99 74.01
CA LEU WA 125 -26.15 -43.25 73.39
C LEU WA 125 -26.79 -43.00 72.04
N THR WA 126 -26.38 -43.76 71.04
CA THR WA 126 -26.90 -43.67 69.69
C THR WA 126 -27.51 -45.00 69.27
N PHE WA 127 -28.01 -45.05 68.04
CA PHE WA 127 -28.53 -46.30 67.50
C PHE WA 127 -27.40 -47.30 67.20
N LYS WA 128 -26.23 -46.80 66.82
CA LYS WA 128 -25.15 -47.66 66.36
C LYS WA 128 -24.51 -48.46 67.49
N ASP WA 129 -24.74 -48.07 68.74
CA ASP WA 129 -24.08 -48.72 69.86
C ASP WA 129 -24.52 -50.18 69.98
N ASP WA 130 -23.67 -50.98 70.63
CA ASP WA 130 -23.92 -52.41 70.75
C ASP WA 130 -25.15 -52.73 71.61
N ASP WA 131 -25.56 -51.81 72.48
CA ASP WA 131 -26.72 -52.00 73.35
C ASP WA 131 -27.68 -50.83 73.19
N PRO WA 132 -28.39 -50.76 72.06
CA PRO WA 132 -29.32 -49.65 71.84
C PRO WA 132 -30.69 -49.92 72.45
N GLY WA 133 -30.77 -50.88 73.38
CA GLY WA 133 -32.05 -51.26 73.93
C GLY WA 133 -32.78 -50.09 74.58
N GLU WA 134 -32.06 -49.25 75.33
CA GLU WA 134 -32.68 -48.08 75.92
C GLU WA 134 -33.13 -47.09 74.85
N VAL WA 135 -32.32 -46.89 73.82
CA VAL WA 135 -32.68 -45.97 72.74
C VAL WA 135 -33.84 -46.55 71.92
N ASN WA 136 -33.83 -47.86 71.70
CA ASN WA 136 -34.90 -48.49 70.93
C ASN WA 136 -36.25 -48.34 71.61
N LYS WA 137 -36.29 -48.51 72.94
CA LYS WA 137 -37.53 -48.32 73.66
C LYS WA 137 -38.00 -46.87 73.57
N ALA WA 138 -37.07 -45.92 73.70
CA ALA WA 138 -37.45 -44.51 73.66
C ALA WA 138 -38.03 -44.13 72.29
N TYR WA 139 -37.41 -44.62 71.22
CA TYR WA 139 -37.94 -44.32 69.89
C TYR WA 139 -39.33 -44.91 69.69
N TRP WA 140 -39.55 -46.14 70.20
CA TRP WA 140 -40.86 -46.76 70.07
C TRP WA 140 -41.91 -45.99 70.84
N ARG WA 141 -41.55 -45.45 72.02
CA ARG WA 141 -42.49 -44.63 72.78
C ARG WA 141 -42.82 -43.34 72.05
N SER WA 142 -41.80 -42.66 71.50
CA SER WA 142 -42.03 -41.36 70.86
C SER WA 142 -42.94 -41.47 69.65
N CYS WA 143 -42.73 -42.50 68.82
CA CYS WA 143 -43.57 -42.67 67.65
C CYS WA 143 -45.02 -42.95 68.02
N ALA WA 144 -45.25 -43.61 69.16
CA ALA WA 144 -46.60 -43.81 69.63
C ALA WA 144 -47.28 -42.49 69.98
N MET WA 145 -46.52 -41.56 70.56
CA MET WA 145 -47.08 -40.26 70.92
C MET WA 145 -47.49 -39.48 69.68
N MET WA 146 -46.69 -39.57 68.60
CA MET WA 146 -47.03 -38.86 67.38
C MET WA 146 -48.34 -39.36 66.79
N MET WA 147 -48.58 -40.66 66.85
CA MET WA 147 -49.82 -41.22 66.33
C MET WA 147 -51.02 -40.71 67.12
N GLY WA 148 -50.88 -40.61 68.44
CA GLY WA 148 -51.98 -40.10 69.25
C GLY WA 148 -52.38 -38.68 68.89
N CYS WA 149 -51.38 -37.83 68.59
CA CYS WA 149 -51.67 -36.48 68.15
C CYS WA 149 -52.43 -36.48 66.82
N VAL WA 150 -52.02 -37.34 65.89
CA VAL WA 150 -52.69 -37.41 64.59
C VAL WA 150 -54.11 -37.93 64.76
N ILE WA 151 -54.29 -38.99 65.57
CA ILE WA 151 -55.62 -39.58 65.75
C ILE WA 151 -56.55 -38.59 66.44
N GLU WA 152 -56.08 -37.90 67.47
CA GLU WA 152 -56.94 -37.00 68.23
C GLU WA 152 -57.47 -35.87 67.37
N ARG WA 153 -56.61 -35.28 66.54
CA ARG WA 153 -56.96 -34.11 65.73
C ARG WA 153 -57.26 -34.50 64.29
N ALA WA 154 -57.87 -35.65 64.08
CA ALA WA 154 -58.32 -36.07 62.76
C ALA WA 154 -59.83 -36.20 62.66
N PHE WA 155 -60.48 -36.72 63.70
CA PHE WA 155 -61.93 -36.85 63.71
C PHE WA 155 -62.58 -35.48 63.80
N LYS WA 156 -63.81 -35.38 63.31
CA LYS WA 156 -64.56 -34.14 63.39
C LYS WA 156 -64.93 -33.82 64.83
N ASP WA 157 -65.20 -32.55 65.09
CA ASP WA 157 -65.57 -32.11 66.43
C ASP WA 157 -66.91 -32.69 66.89
N GLU WA 158 -67.75 -33.13 65.95
CA GLU WA 158 -69.01 -33.75 66.32
C GLU WA 158 -68.82 -35.10 67.01
N TYR WA 159 -67.64 -35.71 66.89
CA TYR WA 159 -67.32 -36.94 67.58
C TYR WA 159 -66.31 -36.68 68.69
N VAL WA 160 -66.32 -37.53 69.70
CA VAL WA 160 -65.46 -37.38 70.87
C VAL WA 160 -64.34 -38.41 70.78
N VAL WA 161 -63.11 -37.96 71.00
CA VAL WA 161 -61.92 -38.81 70.96
C VAL WA 161 -61.25 -38.76 72.32
N SER WA 162 -61.03 -39.93 72.92
CA SER WA 162 -60.44 -40.05 74.24
C SER WA 162 -59.20 -40.92 74.15
N LEU WA 163 -58.04 -40.32 74.37
CA LEU WA 163 -56.78 -41.05 74.36
C LEU WA 163 -56.59 -41.76 75.70
N VAL WA 164 -56.35 -43.07 75.65
CA VAL WA 164 -56.25 -43.86 76.87
C VAL WA 164 -54.81 -43.88 77.35
N ARG WA 165 -53.91 -44.47 76.56
CA ARG WA 165 -52.51 -44.64 76.94
C ARG WA 165 -51.74 -45.15 75.74
N ALA WA 166 -50.46 -45.41 75.96
CA ALA WA 166 -49.58 -46.02 74.96
C ALA WA 166 -48.95 -47.25 75.60
N PRO WA 167 -49.52 -48.44 75.39
CA PRO WA 167 -49.00 -49.64 76.04
C PRO WA 167 -47.56 -49.92 75.63
N GLU WA 168 -46.77 -50.43 76.58
CA GLU WA 168 -45.36 -50.69 76.36
C GLU WA 168 -45.19 -52.05 75.71
N VAL WA 169 -44.87 -52.04 74.41
CA VAL WA 169 -44.63 -53.28 73.68
C VAL WA 169 -43.16 -53.31 73.25
N PRO WA 170 -42.50 -54.46 73.33
CA PRO WA 170 -41.09 -54.53 72.92
C PRO WA 170 -40.94 -54.33 71.41
N VAL WA 171 -39.78 -53.82 71.02
CA VAL WA 171 -39.50 -53.59 69.61
C VAL WA 171 -39.49 -54.89 68.82
N ILE WA 172 -39.25 -56.02 69.49
CA ILE WA 172 -39.26 -57.32 68.82
C ILE WA 172 -40.64 -57.66 68.28
N ALA WA 173 -41.68 -57.00 68.77
CA ALA WA 173 -43.02 -57.20 68.26
C ALA WA 173 -43.16 -56.49 66.91
N GLY WA 174 -44.34 -56.55 66.32
CA GLY WA 174 -44.54 -56.01 64.98
C GLY WA 174 -44.47 -54.50 64.89
N ALA WA 175 -45.16 -53.79 65.78
CA ALA WA 175 -45.25 -52.34 65.68
C ALA WA 175 -45.72 -51.77 67.00
N PHE WA 176 -45.54 -50.45 67.15
CA PHE WA 176 -46.04 -49.75 68.32
C PHE WA 176 -47.54 -49.48 68.18
N CYS WA 177 -48.24 -49.53 69.30
CA CYS WA 177 -49.68 -49.41 69.32
C CYS WA 177 -50.12 -48.31 70.28
N TYR WA 178 -51.24 -47.67 69.95
CA TYR WA 178 -51.85 -46.65 70.79
C TYR WA 178 -53.34 -46.92 70.92
N ASP WA 179 -53.86 -46.80 72.13
CA ASP WA 179 -55.26 -47.10 72.42
C ASP WA 179 -56.06 -45.81 72.45
N VAL WA 180 -57.15 -45.77 71.68
CA VAL WA 180 -58.01 -44.60 71.56
C VAL WA 180 -59.45 -45.04 71.72
N VAL WA 181 -60.21 -44.31 72.54
CA VAL WA 181 -61.64 -44.55 72.72
C VAL WA 181 -62.40 -43.55 71.87
N LEU WA 182 -63.31 -44.05 71.03
CA LEU WA 182 -64.09 -43.24 70.11
C LEU WA 182 -65.53 -43.11 70.60
N ASP WA 183 -66.33 -42.41 69.83
CA ASP WA 183 -67.71 -42.13 70.21
C ASP WA 183 -68.56 -43.40 70.15
N LYS WA 184 -69.67 -43.38 70.91
CA LYS WA 184 -70.56 -44.53 70.95
C LYS WA 184 -71.25 -44.75 69.61
N ARG WA 185 -71.55 -43.69 68.88
CA ARG WA 185 -72.16 -43.83 67.56
C ARG WA 185 -71.14 -44.17 66.48
N LEU WA 186 -69.86 -44.20 66.82
CA LEU WA 186 -68.79 -44.60 65.91
C LEU WA 186 -68.31 -46.02 66.20
N ASP WA 187 -69.16 -46.84 66.83
CA ASP WA 187 -68.76 -48.20 67.19
C ASP WA 187 -68.58 -49.08 65.96
N GLU WA 188 -69.54 -49.04 65.04
CA GLU WA 188 -69.49 -49.89 63.85
C GLU WA 188 -68.88 -49.11 62.68
N TRP WA 189 -67.57 -48.87 62.81
CA TRP WA 189 -66.83 -48.13 61.78
C TRP WA 189 -65.37 -48.52 61.85
N MET WA 190 -64.91 -49.31 60.87
CA MET WA 190 -63.49 -49.60 60.73
C MET WA 190 -62.91 -48.74 59.61
N PRO WA 191 -61.81 -48.04 59.85
CA PRO WA 191 -61.26 -47.16 58.81
C PRO WA 191 -60.88 -47.93 57.57
N THR WA 192 -61.12 -47.30 56.41
CA THR WA 192 -60.76 -47.90 55.14
C THR WA 192 -59.27 -47.69 54.84
N LYS WA 193 -58.84 -48.22 53.69
CA LYS WA 193 -57.44 -48.08 53.30
C LYS WA 193 -57.07 -46.61 53.12
N GLU WA 194 -57.94 -45.84 52.47
CA GLU WA 194 -57.67 -44.41 52.29
C GLU WA 194 -57.65 -43.69 53.64
N ASN WA 195 -58.57 -44.02 54.54
CA ASN WA 195 -58.59 -43.39 55.85
C ASN WA 195 -57.32 -43.67 56.64
N LEU WA 196 -56.84 -44.92 56.58
CA LEU WA 196 -55.59 -45.24 57.24
C LEU WA 196 -54.42 -44.46 56.64
N HIS WA 197 -54.41 -44.31 55.32
CA HIS WA 197 -53.34 -43.56 54.68
C HIS WA 197 -53.41 -42.08 55.01
N SER WA 198 -54.61 -41.57 55.29
CA SER WA 198 -54.75 -40.17 55.66
C SER WA 198 -54.02 -39.86 56.97
N PHE WA 199 -54.07 -40.80 57.92
CA PHE WA 199 -53.34 -40.61 59.17
C PHE WA 199 -51.85 -40.54 58.92
N THR WA 200 -51.34 -41.39 58.02
CA THR WA 200 -49.92 -41.37 57.70
C THR WA 200 -49.51 -40.05 57.06
N LYS WA 201 -50.34 -39.54 56.14
CA LYS WA 201 -50.02 -38.26 55.49
C LYS WA 201 -49.98 -37.12 56.51
N ASP WA 202 -50.93 -37.11 57.45
CA ASP WA 202 -50.89 -36.12 58.52
C ASP WA 202 -49.66 -36.30 59.40
N ALA WA 203 -49.30 -37.56 59.70
CA ALA WA 203 -48.11 -37.82 60.49
C ALA WA 203 -46.85 -37.33 59.79
N ARG WA 204 -46.76 -37.56 58.48
CA ARG WA 204 -45.59 -37.08 57.73
C ARG WA 204 -45.55 -35.56 57.70
N ALA WA 205 -46.71 -34.89 57.68
CA ALA WA 205 -46.73 -33.44 57.78
C ALA WA 205 -46.17 -32.98 59.12
N LEU WA 206 -46.50 -33.70 60.19
CA LEU WA 206 -45.92 -33.39 61.50
C LEU WA 206 -44.41 -33.64 61.50
N ILE WA 207 -43.96 -34.66 60.77
CA ILE WA 207 -42.53 -34.92 60.64
C ILE WA 207 -41.85 -33.78 59.88
N TYR WA 208 -42.54 -33.22 58.89
CA TYR WA 208 -41.94 -32.18 58.06
C TYR WA 208 -41.54 -30.96 58.89
N LYS WA 209 -42.41 -30.51 59.78
CA LYS WA 209 -42.07 -29.43 60.68
C LYS WA 209 -41.23 -29.95 61.83
N ASP WA 210 -40.22 -29.17 62.21
CA ASP WA 210 -39.27 -29.57 63.24
C ASP WA 210 -39.79 -29.11 64.59
N LEU WA 211 -40.26 -30.04 65.40
CA LEU WA 211 -40.83 -29.72 66.72
C LEU WA 211 -40.08 -30.49 67.80
N PRO WA 212 -39.34 -29.81 68.67
CA PRO WA 212 -38.62 -30.51 69.73
C PRO WA 212 -39.56 -31.07 70.79
N PHE WA 213 -39.07 -32.06 71.52
CA PHE WA 213 -39.80 -32.66 72.62
C PHE WA 213 -39.37 -32.01 73.93
N GLU WA 214 -40.34 -31.54 74.71
CA GLU WA 214 -40.08 -30.87 75.97
C GLU WA 214 -40.57 -31.73 77.12
N THR WA 215 -39.69 -32.00 78.08
CA THR WA 215 -39.99 -32.84 79.22
C THR WA 215 -40.09 -31.99 80.48
N LEU WA 216 -41.17 -32.16 81.23
CA LEU WA 216 -41.40 -31.39 82.43
C LEU WA 216 -41.94 -32.30 83.53
N GLU WA 217 -41.42 -32.12 84.75
CA GLU WA 217 -41.90 -32.86 85.91
C GLU WA 217 -43.01 -32.05 86.57
N VAL WA 218 -44.20 -32.64 86.62
CA VAL WA 218 -45.40 -31.93 87.08
C VAL WA 218 -46.03 -32.74 88.22
N GLU WA 219 -46.46 -32.03 89.25
CA GLU WA 219 -47.10 -32.67 90.39
C GLU WA 219 -48.42 -33.33 89.96
N ALA WA 220 -48.81 -34.37 90.70
CA ALA WA 220 -49.92 -35.22 90.27
C ALA WA 220 -51.22 -34.44 90.16
N LYS WA 221 -51.51 -33.57 91.12
CA LYS WA 221 -52.77 -32.82 91.09
C LYS WA 221 -52.81 -31.85 89.91
N VAL WA 222 -51.67 -31.26 89.57
CA VAL WA 222 -51.63 -30.35 88.42
C VAL WA 222 -51.86 -31.12 87.13
N ALA WA 223 -51.35 -32.36 87.06
CA ALA WA 223 -51.57 -33.17 85.87
C ALA WA 223 -53.05 -33.49 85.69
N LEU WA 224 -53.76 -33.70 86.80
CA LEU WA 224 -55.20 -33.94 86.71
C LEU WA 224 -55.93 -32.75 86.12
N GLU WA 225 -55.45 -31.53 86.42
CA GLU WA 225 -56.04 -30.34 85.83
C GLU WA 225 -55.85 -30.31 84.31
N ILE WA 226 -54.69 -30.76 83.83
CA ILE WA 226 -54.41 -30.74 82.40
C ILE WA 226 -55.39 -31.64 81.65
N PHE WA 227 -55.64 -32.84 82.18
CA PHE WA 227 -56.45 -33.86 81.51
C PHE WA 227 -57.83 -33.99 82.14
N GLN WA 228 -58.45 -32.87 82.51
CA GLN WA 228 -59.74 -32.93 83.21
C GLN WA 228 -60.82 -33.58 82.35
N HIS WA 229 -60.83 -33.30 81.05
CA HIS WA 229 -61.86 -33.86 80.18
C HIS WA 229 -61.76 -35.37 80.08
N ASN WA 230 -60.55 -35.90 79.94
CA ASN WA 230 -60.36 -37.32 79.71
C ASN WA 230 -60.44 -38.08 81.03
N LYS WA 231 -61.47 -38.90 81.19
CA LYS WA 231 -61.58 -39.73 82.38
C LYS WA 231 -60.46 -40.77 82.43
N TYR WA 232 -60.15 -41.40 81.29
CA TYR WA 232 -59.13 -42.45 81.28
C TYR WA 232 -57.75 -41.90 81.61
N LYS WA 233 -57.45 -40.69 81.15
CA LYS WA 233 -56.15 -40.10 81.46
C LYS WA 233 -56.02 -39.84 82.95
N LEU WA 234 -57.10 -39.41 83.61
CA LEU WA 234 -57.05 -39.18 85.05
C LEU WA 234 -56.73 -40.46 85.80
N ASP WA 235 -57.33 -41.58 85.38
CA ASP WA 235 -56.99 -42.87 85.98
C ASP WA 235 -55.53 -43.23 85.74
N PHE WA 236 -55.03 -42.94 84.52
CA PHE WA 236 -53.64 -43.25 84.21
C PHE WA 236 -52.69 -42.42 85.07
N ILE WA 237 -53.00 -41.15 85.31
CA ILE WA 237 -52.15 -40.30 86.14
C ILE WA 237 -52.12 -40.84 87.57
N GLU WA 238 -53.28 -41.24 88.10
CA GLU WA 238 -53.34 -41.75 89.47
C GLU WA 238 -52.54 -43.03 89.61
N GLU WA 239 -52.63 -43.92 88.62
CA GLU WA 239 -51.88 -45.17 88.67
C GLU WA 239 -50.38 -44.92 88.66
N LYS WA 240 -49.92 -44.00 87.80
CA LYS WA 240 -48.48 -43.71 87.74
C LYS WA 240 -48.01 -43.00 89.01
N ALA WA 241 -48.84 -42.11 89.57
CA ALA WA 241 -48.47 -41.43 90.80
C ALA WA 241 -48.40 -42.36 91.99
N SER WA 242 -49.04 -43.53 91.91
CA SER WA 242 -48.98 -44.49 93.02
C SER WA 242 -47.64 -45.19 93.09
N GLN WA 243 -46.93 -45.29 91.96
CA GLN WA 243 -45.64 -45.96 91.93
C GLN WA 243 -44.52 -45.11 92.52
N ASN WA 244 -44.73 -43.80 92.65
CA ASN WA 244 -43.72 -42.90 93.17
C ASN WA 244 -44.20 -42.27 94.47
N PRO WA 245 -43.41 -42.33 95.55
CA PRO WA 245 -43.84 -41.73 96.81
C PRO WA 245 -44.06 -40.24 96.75
N GLU WA 246 -43.42 -39.54 95.80
CA GLU WA 246 -43.50 -38.09 95.72
C GLU WA 246 -44.72 -37.59 94.94
N ARG WA 247 -45.54 -38.50 94.40
CA ARG WA 247 -46.69 -38.12 93.59
C ARG WA 247 -46.30 -37.23 92.42
N ILE WA 248 -45.23 -37.61 91.73
CA ILE WA 248 -44.68 -36.85 90.62
C ILE WA 248 -44.86 -37.64 89.33
N VAL WA 249 -45.27 -36.97 88.26
CA VAL WA 249 -45.47 -37.58 86.96
C VAL WA 249 -44.71 -36.77 85.92
N LYS WA 250 -44.45 -37.41 84.79
CA LYS WA 250 -43.69 -36.81 83.70
C LYS WA 250 -44.61 -36.46 82.54
N LEU WA 251 -44.55 -35.22 82.09
CA LEU WA 251 -45.33 -34.75 80.96
C LEU WA 251 -44.39 -34.36 79.82
N HIS WA 252 -44.79 -34.70 78.59
CA HIS WA 252 -44.03 -34.38 77.39
C HIS WA 252 -44.91 -33.61 76.42
N ARG WA 253 -44.40 -32.50 75.90
CA ARG WA 253 -45.15 -31.64 74.99
C ARG WA 253 -44.28 -31.31 73.78
N PHE WA 254 -44.86 -31.47 72.59
CA PHE WA 254 -44.26 -30.99 71.36
C PHE WA 254 -45.35 -30.31 70.54
N GLY WA 255 -45.06 -29.12 70.03
CA GLY WA 255 -46.06 -28.36 69.32
C GLY WA 255 -47.15 -27.85 70.23
N ASP WA 256 -48.36 -28.38 70.08
CA ASP WA 256 -49.50 -28.00 70.92
C ASP WA 256 -50.15 -29.19 71.60
N PHE WA 257 -49.50 -30.35 71.62
CA PHE WA 257 -50.06 -31.58 72.18
C PHE WA 257 -49.35 -31.94 73.47
N ILE WA 258 -50.12 -32.19 74.51
CA ILE WA 258 -49.60 -32.56 75.83
C ILE WA 258 -50.11 -33.95 76.19
N ASP WA 259 -49.20 -34.84 76.55
CA ASP WA 259 -49.55 -36.21 76.91
C ASP WA 259 -48.62 -36.70 78.00
N VAL WA 260 -49.11 -37.64 78.79
CA VAL WA 260 -48.32 -38.27 79.85
C VAL WA 260 -47.74 -39.58 79.31
N SER WA 261 -46.44 -39.77 79.50
CA SER WA 261 -45.78 -40.97 79.04
C SER WA 261 -44.71 -41.36 80.06
N GLU WA 262 -44.31 -42.62 80.02
CA GLU WA 262 -43.31 -43.17 80.92
C GLU WA 262 -41.99 -43.33 80.18
N GLY WA 263 -40.90 -42.89 80.81
CA GLY WA 263 -39.59 -42.99 80.23
C GLY WA 263 -39.25 -41.80 79.34
N PRO WA 264 -37.99 -41.70 78.94
CA PRO WA 264 -37.57 -40.56 78.10
C PRO WA 264 -38.10 -40.65 76.68
N LEU WA 265 -37.80 -39.63 75.88
CA LEU WA 265 -38.21 -39.58 74.48
C LEU WA 265 -37.06 -39.02 73.64
N ILE WA 266 -37.14 -39.25 72.34
CA ILE WA 266 -36.13 -38.77 71.40
C ILE WA 266 -36.15 -37.25 71.41
N PRO WA 267 -35.01 -36.59 71.19
CA PRO WA 267 -34.99 -35.12 71.34
C PRO WA 267 -35.79 -34.39 70.27
N ARG WA 268 -35.81 -34.88 69.04
CA ARG WA 268 -36.37 -34.14 67.92
C ARG WA 268 -37.40 -34.98 67.18
N THR WA 269 -38.39 -34.29 66.61
CA THR WA 269 -39.39 -34.98 65.79
C THR WA 269 -38.81 -35.43 64.46
N SER WA 270 -37.89 -34.65 63.89
CA SER WA 270 -37.36 -34.92 62.57
C SER WA 270 -36.45 -36.14 62.52
N ILE WA 271 -36.28 -36.86 63.62
CA ILE WA 271 -35.48 -38.08 63.59
C ILE WA 271 -36.18 -39.16 62.79
N CYS WA 272 -37.51 -39.23 62.88
CA CYS WA 272 -38.26 -40.21 62.10
C CYS WA 272 -38.21 -39.86 60.63
N PHE WA 273 -37.96 -40.86 59.79
CA PHE WA 273 -37.94 -40.70 58.34
C PHE WA 273 -39.05 -41.48 57.66
N GLN WA 274 -39.14 -42.77 57.91
CA GLN WA 274 -40.22 -43.60 57.38
C GLN WA 274 -41.27 -43.76 58.47
N TYR WA 275 -42.49 -43.34 58.19
CA TYR WA 275 -43.59 -43.45 59.12
C TYR WA 275 -44.83 -43.93 58.38
N GLU WA 276 -45.59 -44.81 59.03
CA GLU WA 276 -46.76 -45.39 58.39
C GLU WA 276 -47.70 -45.93 59.46
N VAL WA 277 -48.99 -45.68 59.30
CA VAL WA 277 -50.02 -46.25 60.15
C VAL WA 277 -50.46 -47.56 59.52
N SER WA 278 -50.19 -48.68 60.20
CA SER WA 278 -50.39 -50.00 59.60
C SER WA 278 -51.87 -50.35 59.51
N ALA WA 279 -52.54 -50.49 60.65
CA ALA WA 279 -53.94 -50.93 60.67
C ALA WA 279 -54.50 -50.69 62.07
N VAL WA 280 -55.80 -50.98 62.21
CA VAL WA 280 -56.50 -50.83 63.48
C VAL WA 280 -57.02 -52.20 63.92
N HIS WA 281 -57.37 -52.29 65.20
CA HIS WA 281 -57.92 -53.51 65.75
C HIS WA 281 -58.89 -53.14 66.86
N ASN WA 282 -59.77 -54.08 67.19
CA ASN WA 282 -60.82 -53.87 68.19
C ASN WA 282 -60.56 -54.72 69.41
N LEU WA 283 -60.58 -54.09 70.58
CA LEU WA 283 -60.50 -54.78 71.87
C LEU WA 283 -61.72 -54.35 72.68
N GLN WA 284 -62.64 -55.29 72.89
CA GLN WA 284 -63.90 -54.99 73.57
C GLN WA 284 -63.81 -55.43 75.02
N THR WA 285 -64.06 -54.50 75.94
CA THR WA 285 -64.13 -54.78 77.36
C THR WA 285 -65.57 -54.62 77.83
N GLN WA 286 -65.89 -55.25 78.96
CA GLN WA 286 -67.24 -55.21 79.49
C GLN WA 286 -67.66 -53.79 79.88
N SER WA 287 -66.71 -52.87 80.02
CA SER WA 287 -67.01 -51.49 80.39
C SER WA 287 -66.88 -50.51 79.23
N SER WA 288 -66.00 -50.77 78.27
CA SER WA 288 -65.78 -49.83 77.17
C SER WA 288 -65.10 -50.57 76.03
N LEU WA 289 -65.03 -49.89 74.89
CA LEU WA 289 -64.37 -50.40 73.68
C LEU WA 289 -63.18 -49.50 73.38
N VAL WA 290 -62.02 -50.11 73.19
CA VAL WA 290 -60.79 -49.37 72.90
C VAL WA 290 -60.31 -49.74 71.49
N ARG WA 291 -59.92 -48.72 70.73
CA ARG WA 291 -59.41 -48.90 69.37
C ARG WA 291 -57.89 -48.90 69.43
N ARG WA 292 -57.27 -49.96 68.91
CA ARG WA 292 -55.82 -50.12 68.94
C ARG WA 292 -55.27 -49.75 67.58
N PHE WA 293 -54.61 -48.59 67.50
CA PHE WA 293 -53.99 -48.13 66.27
C PHE WA 293 -52.52 -48.53 66.26
N GLN WA 294 -52.12 -49.30 65.25
CA GLN WA 294 -50.76 -49.80 65.13
C GLN WA 294 -50.09 -49.20 63.91
N GLY WA 295 -48.82 -48.81 64.09
CA GLY WA 295 -48.05 -48.27 63.00
C GLY WA 295 -46.58 -48.59 63.17
N LEU WA 296 -45.87 -48.62 62.04
CA LEU WA 296 -44.46 -48.98 62.00
C LEU WA 296 -43.65 -47.80 61.48
N SER WA 297 -42.51 -47.54 62.11
CA SER WA 297 -41.66 -46.42 61.74
C SER WA 297 -40.19 -46.79 61.88
N LEU WA 298 -39.35 -46.12 61.08
CA LEU WA 298 -37.92 -46.26 61.12
C LEU WA 298 -37.27 -44.88 61.07
N PRO WA 299 -36.14 -44.69 61.72
CA PRO WA 299 -35.52 -43.37 61.80
C PRO WA 299 -34.71 -43.06 60.54
N VAL WA 300 -34.11 -41.86 60.53
CA VAL WA 300 -33.24 -41.47 59.42
C VAL WA 300 -31.99 -42.33 59.39
N HIS WA 301 -31.40 -42.58 60.56
CA HIS WA 301 -30.14 -43.32 60.62
C HIS WA 301 -30.32 -44.76 60.14
N LEU WA 302 -31.43 -45.39 60.50
CA LEU WA 302 -31.63 -46.82 60.27
C LEU WA 302 -32.71 -47.08 59.22
N ARG WA 303 -32.79 -46.21 58.20
CA ARG WA 303 -33.78 -46.42 57.15
C ARG WA 303 -33.45 -47.67 56.34
N ALA WA 304 -34.47 -48.39 55.92
CA ALA WA 304 -34.32 -49.67 55.24
C ALA WA 304 -34.70 -49.54 53.78
N HIS WA 305 -34.39 -50.59 53.02
CA HIS WA 305 -34.70 -50.63 51.61
C HIS WA 305 -36.21 -50.78 51.40
N PHE WA 306 -36.65 -50.47 50.18
CA PHE WA 306 -38.07 -50.57 49.86
C PHE WA 306 -38.57 -52.00 49.98
N THR WA 307 -37.78 -52.97 49.52
CA THR WA 307 -38.19 -54.37 49.62
C THR WA 307 -38.31 -54.81 51.08
N ILE WA 308 -37.34 -54.43 51.92
CA ILE WA 308 -37.39 -54.82 53.32
C ILE WA 308 -38.52 -54.10 54.03
N TRP WA 309 -38.77 -52.83 53.68
CA TRP WA 309 -39.81 -52.06 54.35
C TRP WA 309 -41.19 -52.67 54.13
N ASN WA 310 -41.48 -53.10 52.91
CA ASN WA 310 -42.78 -53.69 52.63
C ASN WA 310 -42.97 -55.01 53.37
N LYS WA 311 -41.90 -55.80 53.51
CA LYS WA 311 -41.99 -57.04 54.27
C LYS WA 311 -42.30 -56.76 55.74
N LEU WA 312 -41.66 -55.75 56.32
CA LEU WA 312 -41.92 -55.40 57.71
C LEU WA 312 -43.31 -54.79 57.89
N LEU WA 313 -43.80 -54.07 56.88
CA LEU WA 313 -45.10 -53.43 56.99
C LEU WA 313 -46.22 -54.47 57.08
N GLU WA 314 -46.08 -55.59 56.37
CA GLU WA 314 -47.10 -56.63 56.42
C GLU WA 314 -47.23 -57.25 57.81
N ARG WA 315 -46.09 -57.44 58.49
CA ARG WA 315 -46.13 -58.00 59.83
C ARG WA 315 -46.80 -57.05 60.82
N SER WA 316 -46.67 -55.74 60.60
CA SER WA 316 -47.30 -54.77 61.49
C SER WA 316 -48.82 -54.81 61.41
N ARG WA 317 -49.39 -55.38 60.35
CA ARG WA 317 -50.83 -55.51 60.26
C ARG WA 317 -51.39 -56.44 61.33
N LYS WA 318 -50.60 -57.42 61.77
CA LYS WA 318 -51.09 -58.42 62.71
C LYS WA 318 -51.29 -57.80 64.08
N MET WA 319 -52.14 -58.47 64.87
CA MET WA 319 -52.50 -57.97 66.19
C MET WA 319 -51.31 -58.08 67.15
N VAL WA 320 -51.17 -57.08 68.01
CA VAL WA 320 -50.15 -57.06 69.05
C VAL WA 320 -50.86 -57.07 70.40
N THR WA 321 -50.57 -58.07 71.22
CA THR WA 321 -51.21 -58.25 72.52
C THR WA 321 -50.12 -58.47 73.57
N GLU WA 322 -49.66 -57.38 74.20
CA GLU WA 322 -48.70 -57.46 75.28
C GLU WA 322 -48.88 -56.24 76.17
N ASP WA 323 -49.46 -56.45 77.35
CA ASP WA 323 -49.67 -55.39 78.34
C ASP WA 323 -48.87 -55.60 79.62
N LYS WA 324 -48.84 -56.81 80.15
CA LYS WA 324 -48.07 -57.11 81.35
C LYS WA 324 -47.23 -58.36 81.14
N ASP XA 17 19.24 -15.82 -71.49
CA ASP XA 17 18.13 -16.34 -72.28
C ASP XA 17 16.82 -15.71 -71.82
N GLN XA 18 16.14 -16.35 -70.87
CA GLN XA 18 14.90 -15.79 -70.34
C GLN XA 18 15.15 -14.46 -69.64
N ALA XA 19 16.32 -14.29 -69.03
CA ALA XA 19 16.65 -13.01 -68.40
C ALA XA 19 16.87 -11.93 -69.46
N ALA XA 20 17.41 -12.31 -70.62
CA ALA XA 20 17.60 -11.35 -71.70
C ALA XA 20 16.25 -10.83 -72.22
N LYS XA 21 15.24 -11.71 -72.26
CA LYS XA 21 13.90 -11.26 -72.60
C LYS XA 21 13.36 -10.30 -71.55
N ASP XA 22 13.68 -10.55 -70.28
CA ASP XA 22 13.21 -9.67 -69.22
C ASP XA 22 13.73 -8.25 -69.39
N ARG XA 23 15.01 -8.13 -69.75
CA ARG XA 23 15.58 -6.81 -69.98
C ARG XA 23 14.99 -6.16 -71.23
N LEU XA 24 14.75 -6.96 -72.27
CA LEU XA 24 14.11 -6.43 -73.48
C LEU XA 24 12.73 -5.88 -73.17
N LYS XA 25 11.97 -6.61 -72.34
CA LYS XA 25 10.68 -6.09 -71.88
C LYS XA 25 10.88 -4.82 -71.05
N LYS XA 26 11.88 -4.83 -70.16
CA LYS XA 26 12.12 -3.66 -69.32
C LYS XA 26 12.62 -2.48 -70.14
N ARG XA 27 13.48 -2.74 -71.13
CA ARG XA 27 13.95 -1.66 -71.99
C ARG XA 27 12.81 -1.02 -72.76
N ILE XA 28 11.79 -1.81 -73.11
CA ILE XA 28 10.60 -1.26 -73.76
C ILE XA 28 9.90 -0.27 -72.83
N ARG XA 29 9.70 -0.68 -71.58
CA ARG XA 29 8.99 0.18 -70.64
C ARG XA 29 9.80 1.43 -70.28
N ARG XA 30 11.13 1.31 -70.18
CA ARG XA 30 11.96 2.46 -69.85
C ARG XA 30 11.85 3.55 -70.92
N LEU XA 31 11.89 3.14 -72.20
CA LEU XA 31 11.73 4.11 -73.28
C LEU XA 31 10.31 4.66 -73.32
N GLU XA 32 9.33 3.85 -72.93
CA GLU XA 32 7.94 4.33 -72.91
C GLU XA 32 7.75 5.44 -71.89
N LYS XA 33 8.42 5.34 -70.73
CA LYS XA 33 8.32 6.35 -69.66
C LYS XA 33 8.89 7.71 -70.04
N ALA XA 34 9.40 7.89 -71.26
CA ALA XA 34 9.98 9.15 -71.68
C ALA XA 34 8.97 9.96 -72.48
N SER XA 35 9.25 11.25 -72.61
CA SER XA 35 8.32 12.15 -73.30
C SER XA 35 8.36 11.91 -74.80
N GLN XA 36 7.23 12.21 -75.45
CA GLN XA 36 7.10 12.09 -76.90
C GLN XA 36 7.52 13.42 -77.52
N GLU XA 37 8.77 13.49 -77.99
CA GLU XA 37 9.32 14.74 -78.50
C GLU XA 37 8.61 15.18 -79.77
N LEU XA 38 8.51 16.51 -79.93
CA LEU XA 38 7.89 17.12 -81.10
C LEU XA 38 8.97 17.79 -81.94
N ILE XA 39 8.86 17.62 -83.25
CA ILE XA 39 9.81 18.20 -84.20
C ILE XA 39 9.71 19.72 -84.13
N PRO XA 40 10.80 20.44 -83.86
CA PRO XA 40 10.74 21.90 -83.89
C PRO XA 40 10.44 22.39 -85.30
N ILE XA 41 9.67 23.48 -85.38
CA ILE XA 41 9.29 24.06 -86.65
C ILE XA 41 10.44 24.95 -87.13
N GLU XA 42 11.10 24.54 -88.22
CA GLU XA 42 12.20 25.32 -88.75
C GLU XA 42 11.72 26.60 -89.42
N ASP XA 43 10.41 26.70 -89.73
CA ASP XA 43 9.88 27.93 -90.29
C ASP XA 43 10.00 29.09 -89.31
N PHE XA 44 9.77 28.82 -88.03
CA PHE XA 44 9.86 29.84 -87.00
C PHE XA 44 11.28 29.96 -86.42
N ILE XA 45 12.23 29.17 -86.91
CA ILE XA 45 13.61 29.21 -86.44
C ILE XA 45 14.48 29.58 -87.63
N THR XA 46 14.89 30.84 -87.70
CA THR XA 46 15.71 31.30 -88.81
C THR XA 46 17.10 30.68 -88.73
N PRO XA 47 17.59 30.05 -89.78
CA PRO XA 47 18.94 29.45 -89.75
C PRO XA 47 20.02 30.51 -89.67
N VAL XA 48 21.25 30.03 -89.50
CA VAL XA 48 22.41 30.93 -89.41
C VAL XA 48 22.80 31.53 -90.76
N LYS XA 49 22.09 31.17 -91.83
CA LYS XA 49 22.41 31.75 -93.14
C LYS XA 49 22.17 33.25 -93.15
N PHE XA 50 21.12 33.72 -92.47
CA PHE XA 50 20.76 35.12 -92.43
C PHE XA 50 21.26 35.81 -91.16
N LEU XA 51 22.11 35.15 -90.38
CA LEU XA 51 22.60 35.69 -89.12
C LEU XA 51 23.74 36.67 -89.40
N ASN XA 52 23.35 37.92 -89.64
CA ASN XA 52 24.29 39.02 -89.86
C ASN XA 52 25.32 38.67 -90.95
N LYS XA 53 24.80 38.44 -92.15
CA LYS XA 53 25.63 38.13 -93.30
C LYS XA 53 25.84 39.34 -94.20
N GLU XA 54 25.97 40.53 -93.62
CA GLU XA 54 26.14 41.79 -94.32
C GLU XA 54 24.98 42.11 -95.25
N ARG XA 55 23.89 41.34 -95.18
CA ARG XA 55 22.76 41.53 -96.07
C ARG XA 55 21.72 42.46 -95.47
N GLN XA 56 22.15 43.66 -95.10
CA GLN XA 56 21.27 44.67 -94.51
C GLN XA 56 20.97 45.75 -95.54
N ARG XA 57 19.69 46.11 -95.65
CA ARG XA 57 19.30 47.17 -96.57
C ARG XA 57 19.87 48.51 -96.12
N PRO XA 58 20.10 49.44 -97.04
CA PRO XA 58 20.54 50.78 -96.65
C PRO XA 58 19.45 51.49 -95.87
N PRO XA 59 19.82 52.51 -95.08
CA PRO XA 59 18.80 53.27 -94.33
C PRO XA 59 17.66 53.75 -95.22
N VAL XA 60 16.45 53.26 -94.96
CA VAL XA 60 15.33 53.50 -95.85
C VAL XA 60 14.93 54.97 -95.78
N GLU XA 61 14.77 55.57 -96.96
CA GLU XA 61 14.30 56.95 -97.09
C GLU XA 61 12.81 56.95 -97.39
N LEU XA 62 12.04 57.65 -96.58
CA LEU XA 62 10.60 57.73 -96.76
C LEU XA 62 10.21 59.13 -97.18
N PRO XA 63 9.73 59.33 -98.41
CA PRO XA 63 9.25 60.66 -98.82
C PRO XA 63 8.07 61.10 -97.98
N PHE XA 64 8.03 62.39 -97.66
CA PHE XA 64 6.89 62.93 -96.91
C PHE XA 64 5.61 62.85 -97.74
N GLU XA 65 5.70 63.10 -99.04
CA GLU XA 65 4.53 62.98 -99.91
C GLU XA 65 4.04 61.54 -99.98
N GLU XA 66 4.97 60.57 -99.97
CA GLU XA 66 4.58 59.17 -99.98
C GLU XA 66 3.96 58.78 -98.64
N SER XA 67 4.46 59.33 -97.53
CA SER XA 67 3.96 58.96 -96.22
C SER XA 67 2.51 59.37 -96.03
N GLU XA 68 2.15 60.59 -96.46
CA GLU XA 68 0.80 61.08 -96.24
C GLU XA 68 -0.23 60.26 -97.01
N ARG XA 69 0.08 59.89 -98.25
CA ARG XA 69 -0.85 59.06 -99.02
C ARG XA 69 -0.88 57.62 -98.51
N ARG XA 70 0.25 57.12 -98.02
CA ARG XA 70 0.29 55.77 -97.47
C ARG XA 70 -0.59 55.65 -96.23
N ALA XA 71 -0.42 56.59 -95.28
CA ALA XA 71 -1.21 56.54 -94.06
C ALA XA 71 -2.69 56.78 -94.34
N LEU XA 72 -2.99 57.73 -95.24
CA LEU XA 72 -4.38 58.02 -95.56
C LEU XA 72 -5.06 56.83 -96.25
N LEU XA 73 -4.31 56.09 -97.07
CA LEU XA 73 -4.86 54.90 -97.70
C LEU XA 73 -5.20 53.83 -96.68
N LEU XA 74 -4.36 53.66 -95.66
CA LEU XA 74 -4.63 52.66 -94.63
C LEU XA 74 -5.94 52.94 -93.91
N LYS XA 75 -6.32 54.21 -93.79
CA LYS XA 75 -7.60 54.53 -93.16
C LYS XA 75 -8.77 53.99 -93.98
N ARG XA 76 -8.67 54.10 -95.31
CA ARG XA 76 -9.72 53.54 -96.16
C ARG XA 76 -9.72 52.01 -96.12
N TRP XA 77 -8.55 51.40 -96.00
CA TRP XA 77 -8.46 49.95 -95.91
C TRP XA 77 -9.16 49.42 -94.67
N SER XA 78 -9.02 50.14 -93.55
CA SER XA 78 -9.74 49.76 -92.33
C SER XA 78 -11.25 49.85 -92.53
N LEU XA 79 -11.72 50.94 -93.15
CA LEU XA 79 -13.14 51.07 -93.42
C LEU XA 79 -13.62 50.02 -94.42
N TYR XA 80 -12.83 49.75 -95.46
CA TYR XA 80 -13.23 48.77 -96.46
C TYR XA 80 -13.26 47.36 -95.88
N LYS XA 81 -12.33 47.07 -94.96
CA LYS XA 81 -12.34 45.76 -94.31
C LYS XA 81 -13.61 45.57 -93.49
N GLN XA 82 -14.07 46.62 -92.82
CA GLN XA 82 -15.32 46.52 -92.07
C GLN XA 82 -16.50 46.24 -92.99
N ARG XA 83 -16.47 46.79 -94.21
CA ARG XA 83 -17.53 46.52 -95.18
C ARG XA 83 -17.58 45.04 -95.52
N GLU XA 84 -16.41 44.41 -95.72
CA GLU XA 84 -16.38 42.98 -96.01
C GLU XA 84 -16.95 42.17 -94.87
N HIS XA 85 -16.63 42.55 -93.63
CA HIS XA 85 -17.16 41.83 -92.48
C HIS XA 85 -18.67 41.98 -92.37
N GLU XA 86 -19.20 43.18 -92.67
CA GLU XA 86 -20.63 43.41 -92.54
C GLU XA 86 -21.42 42.52 -93.49
N MET XA 87 -21.03 42.48 -94.77
CA MET XA 87 -21.74 41.64 -95.73
C MET XA 87 -21.55 40.17 -95.43
N GLU XA 88 -20.34 39.75 -95.04
CA GLU XA 88 -20.09 38.35 -94.71
C GLU XA 88 -20.90 37.92 -93.48
N ARG XA 89 -20.90 38.76 -92.45
CA ARG XA 89 -21.67 38.43 -91.25
C ARG XA 89 -23.17 38.41 -91.55
N SER XA 90 -23.63 39.32 -92.39
CA SER XA 90 -25.04 39.30 -92.80
C SER XA 90 -25.33 38.09 -93.68
N ALA XA 91 -24.37 37.70 -94.53
CA ALA XA 91 -24.58 36.54 -95.40
C ALA XA 91 -24.72 35.26 -94.61
N ILE XA 92 -23.80 35.03 -93.65
CA ILE XA 92 -23.89 33.82 -92.84
C ILE XA 92 -25.12 33.88 -91.93
N ARG XA 93 -25.53 35.09 -91.53
CA ARG XA 93 -26.74 35.22 -90.72
C ARG XA 93 -27.97 34.75 -91.49
N SER XA 94 -28.11 35.19 -92.75
CA SER XA 94 -29.24 34.75 -93.56
C SER XA 94 -29.15 33.26 -93.86
N LEU XA 95 -27.95 32.76 -94.16
CA LEU XA 95 -27.79 31.34 -94.44
C LEU XA 95 -28.15 30.49 -93.23
N LEU XA 96 -27.71 30.92 -92.03
CA LEU XA 96 -28.09 30.20 -90.82
C LEU XA 96 -29.58 30.26 -90.57
N GLU XA 97 -30.18 31.44 -90.76
CA GLU XA 97 -31.62 31.58 -90.55
C GLU XA 97 -32.42 30.76 -91.57
N ALA XA 98 -31.97 30.76 -92.84
CA ALA XA 98 -32.69 30.02 -93.87
C ALA XA 98 -32.69 28.53 -93.58
N GLN XA 99 -31.55 27.99 -93.16
CA GLN XA 99 -31.47 26.56 -92.85
C GLN XA 99 -32.23 26.24 -91.56
N GLU XA 100 -32.14 27.12 -90.56
CA GLU XA 100 -32.80 26.87 -89.29
C GLU XA 100 -34.32 26.92 -89.43
N GLU XA 101 -34.84 27.85 -90.25
CA GLU XA 101 -36.28 27.97 -90.41
C GLU XA 101 -36.86 26.79 -91.19
N ALA XA 102 -36.11 26.27 -92.16
CA ALA XA 102 -36.61 25.13 -92.93
C ALA XA 102 -36.56 23.85 -92.12
N LEU XA 103 -35.52 23.69 -91.30
CA LEU XA 103 -35.39 22.48 -90.49
C LEU XA 103 -36.53 22.39 -89.47
N GLN XA 104 -36.90 23.50 -88.85
CA GLN XA 104 -37.98 23.50 -87.87
C GLN XA 104 -39.33 23.36 -88.55
N GLU XA 105 -39.50 24.00 -89.71
CA GLU XA 105 -40.75 23.89 -90.45
C GLU XA 105 -41.04 22.46 -90.89
N LEU XA 106 -40.02 21.78 -91.42
CA LEU XA 106 -40.18 20.39 -91.85
C LEU XA 106 -40.45 19.46 -90.67
N ARG XA 107 -39.96 19.80 -89.48
CA ARG XA 107 -40.12 18.92 -88.33
C ARG XA 107 -41.59 18.71 -88.00
N LEU XA 108 -42.39 19.76 -88.06
CA LEU XA 108 -43.81 19.64 -87.76
C LEU XA 108 -44.52 18.76 -88.78
N SER XA 109 -44.20 18.94 -90.06
CA SER XA 109 -44.87 18.17 -91.11
C SER XA 109 -44.36 16.74 -91.16
N SER XA 110 -43.05 16.53 -91.07
CA SER XA 110 -42.43 15.22 -91.19
C SER XA 110 -41.46 15.01 -90.03
N PRO XA 111 -41.98 14.64 -88.85
CA PRO XA 111 -41.08 14.40 -87.71
C PRO XA 111 -40.07 13.29 -87.95
N GLU XA 112 -40.43 12.25 -88.70
CA GLU XA 112 -39.52 11.13 -88.90
C GLU XA 112 -38.28 11.55 -89.67
N LEU XA 113 -38.45 12.37 -90.72
CA LEU XA 113 -37.31 12.82 -91.50
C LEU XA 113 -36.48 13.87 -90.75
N HIS XA 114 -37.10 14.59 -89.81
CA HIS XA 114 -36.36 15.58 -89.04
C HIS XA 114 -35.26 14.93 -88.21
N ALA XA 115 -35.54 13.79 -87.59
CA ALA XA 115 -34.53 13.09 -86.81
C ALA XA 115 -33.38 12.64 -87.70
N GLU XA 116 -33.68 12.20 -88.91
CA GLU XA 116 -32.62 11.79 -89.84
C GLU XA 116 -31.77 12.98 -90.27
N ALA XA 117 -32.39 14.16 -90.42
CA ALA XA 117 -31.68 15.33 -90.89
C ALA XA 117 -30.86 16.02 -89.81
N THR XA 118 -31.08 15.70 -88.53
CA THR XA 118 -30.34 16.32 -87.44
C THR XA 118 -29.26 15.43 -86.87
N LYS XA 119 -29.44 14.11 -86.91
CA LYS XA 119 -28.45 13.20 -86.38
C LYS XA 119 -27.16 13.28 -87.18
N ARG XA 120 -26.03 13.07 -86.49
CA ARG XA 120 -24.72 13.08 -87.13
C ARG XA 120 -24.61 11.97 -88.17
N ASP XA 121 -24.56 12.34 -89.44
CA ASP XA 121 -24.44 11.37 -90.53
C ASP XA 121 -23.05 11.47 -91.12
N PRO XA 122 -22.21 10.43 -91.03
CA PRO XA 122 -20.86 10.50 -91.58
C PRO XA 122 -20.85 10.44 -93.10
N SER XA 123 -21.41 11.48 -93.74
CA SER XA 123 -21.42 11.58 -95.20
C SER XA 123 -20.78 12.87 -95.68
N LEU XA 124 -20.07 13.58 -94.80
CA LEU XA 124 -19.45 14.86 -95.14
C LEU XA 124 -17.94 14.84 -95.03
N PHE XA 125 -17.41 14.31 -93.92
CA PHE XA 125 -15.97 14.29 -93.69
C PHE XA 125 -15.36 12.99 -94.25
N PRO XA 126 -14.18 13.07 -94.88
CA PRO XA 126 -13.35 14.26 -95.13
C PRO XA 126 -13.92 15.16 -96.22
N PHE XA 127 -13.61 16.46 -96.17
CA PHE XA 127 -14.14 17.42 -97.12
C PHE XA 127 -13.02 18.13 -97.87
N GLU XA 128 -12.05 17.36 -98.34
CA GLU XA 128 -10.88 17.92 -99.00
C GLU XA 128 -11.25 18.70 -100.26
N ARG XA 129 -11.01 20.01 -100.25
CA ARG XA 129 -11.27 20.89 -101.38
C ARG XA 129 -10.06 21.78 -101.61
N GLN XA 130 -9.74 22.05 -102.86
CA GLN XA 130 -8.63 22.91 -103.23
C GLN XA 130 -9.14 24.28 -103.67
N GLY XA 131 -8.21 25.23 -103.74
CA GLY XA 131 -8.54 26.58 -104.12
C GLY XA 131 -8.39 26.81 -105.61
N PRO XA 132 -9.03 27.86 -106.12
CA PRO XA 132 -8.93 28.16 -107.55
C PRO XA 132 -7.52 28.58 -107.94
N ASP XA 133 -7.18 28.31 -109.20
CA ASP XA 133 -5.88 28.62 -109.75
C ASP XA 133 -5.95 29.89 -110.59
N TYR XA 134 -4.78 30.48 -110.86
CA TYR XA 134 -4.72 31.71 -111.63
C TYR XA 134 -5.28 31.52 -113.04
N THR XA 135 -4.90 30.42 -113.69
CA THR XA 135 -5.34 30.14 -115.04
C THR XA 135 -5.99 28.75 -115.11
N PRO XA 136 -7.00 28.58 -115.96
CA PRO XA 136 -7.59 27.26 -116.12
C PRO XA 136 -6.61 26.31 -116.77
N PRO XA 137 -6.70 25.01 -116.48
CA PRO XA 137 -5.79 24.05 -117.11
C PRO XA 137 -6.03 23.97 -118.61
N ILE XA 138 -4.97 24.23 -119.38
CA ILE XA 138 -5.11 24.24 -120.83
C ILE XA 138 -5.33 22.83 -121.36
N SER XA 139 -5.90 22.74 -122.55
CA SER XA 139 -6.21 21.46 -123.17
C SER XA 139 -4.99 20.93 -123.91
N ASP XA 140 -4.74 19.62 -123.75
CA ASP XA 140 -3.66 18.92 -124.45
C ASP XA 140 -2.30 19.54 -124.15
N TYR XA 141 -1.93 19.49 -122.88
CA TYR XA 141 -0.63 19.98 -122.42
C TYR XA 141 0.21 18.80 -121.96
N GLN XA 142 1.48 18.78 -122.39
CA GLN XA 142 2.42 17.71 -122.08
C GLN XA 142 3.59 18.28 -121.30
N PRO XA 143 3.55 18.24 -119.97
CA PRO XA 143 4.69 18.73 -119.20
C PRO XA 143 5.88 17.80 -119.33
N PRO XA 144 7.10 18.33 -119.17
CA PRO XA 144 8.28 17.47 -119.27
C PRO XA 144 8.40 16.50 -118.12
N GLU XA 145 9.42 15.64 -118.14
CA GLU XA 145 9.60 14.60 -117.13
C GLU XA 145 10.65 15.05 -116.11
N GLY XA 146 10.92 14.17 -115.14
CA GLY XA 146 11.84 14.46 -114.07
C GLY XA 146 11.55 13.56 -112.87
N ARG XA 147 12.09 13.94 -111.72
CA ARG XA 147 11.92 13.19 -110.49
C ARG XA 147 11.84 14.15 -109.31
N TYR XA 148 11.15 13.72 -108.26
CA TYR XA 148 10.92 14.53 -107.06
C TYR XA 148 11.65 13.90 -105.88
N GLN XA 149 12.81 14.46 -105.54
CA GLN XA 149 13.52 14.04 -104.34
C GLN XA 149 12.99 14.80 -103.13
N ASP XA 150 12.92 14.11 -101.99
CA ASP XA 150 12.44 14.70 -100.74
C ASP XA 150 13.58 14.63 -99.73
N ILE XA 151 14.27 15.76 -99.51
CA ILE XA 151 15.35 15.79 -98.53
C ILE XA 151 14.78 15.73 -97.12
N THR XA 152 13.98 16.74 -96.75
CA THR XA 152 13.19 16.70 -95.51
C THR XA 152 14.05 16.30 -94.31
N LYS XA 153 15.01 17.15 -93.94
CA LYS XA 153 16.03 16.84 -92.95
C LYS XA 153 15.48 16.03 -91.78
N VAL XA 154 15.98 14.81 -91.61
CA VAL XA 154 15.41 13.90 -90.62
C VAL XA 154 15.84 14.31 -89.21
N TYR XA 155 14.97 14.05 -88.24
CA TYR XA 155 15.23 14.36 -86.84
C TYR XA 155 14.91 13.11 -86.02
N THR XA 156 15.94 12.31 -85.73
CA THR XA 156 15.80 11.11 -84.93
C THR XA 156 16.65 11.24 -83.68
N GLN XA 157 16.03 11.06 -82.51
CA GLN XA 157 16.72 11.16 -81.24
C GLN XA 157 16.42 9.94 -80.39
N VAL XA 158 17.33 9.65 -79.46
CA VAL XA 158 17.23 8.49 -78.59
C VAL XA 158 17.37 8.95 -77.14
N GLU XA 159 16.90 8.11 -76.22
CA GLU XA 159 16.93 8.43 -74.80
C GLU XA 159 17.49 7.26 -74.00
N GLY YA 14 33.38 -17.19 31.72
CA GLY YA 14 34.82 -17.04 31.65
C GLY YA 14 35.50 -17.22 33.00
N ALA YA 15 36.51 -16.41 33.25
CA ALA YA 15 37.27 -16.45 34.50
C ALA YA 15 37.05 -15.16 35.27
N ASP YA 16 37.37 -15.19 36.56
CA ASP YA 16 37.19 -14.04 37.44
C ASP YA 16 38.46 -13.19 37.40
N ARG YA 17 38.35 -11.99 36.85
CA ARG YA 17 39.47 -11.07 36.75
C ARG YA 17 39.56 -10.13 37.94
N MET YA 18 38.60 -10.18 38.86
CA MET YA 18 38.55 -9.29 40.01
C MET YA 18 38.79 -10.02 41.33
N SER YA 19 39.63 -11.05 41.31
CA SER YA 19 40.02 -11.78 42.51
C SER YA 19 41.54 -11.71 42.67
N LYS YA 20 42.03 -12.32 43.74
CA LYS YA 20 43.45 -12.28 44.06
C LYS YA 20 44.17 -13.39 43.30
N TRP YA 21 45.21 -13.01 42.57
CA TRP YA 21 46.00 -13.97 41.80
C TRP YA 21 47.09 -14.55 42.69
N THR YA 22 46.91 -15.79 43.14
CA THR YA 22 47.80 -16.45 44.08
C THR YA 22 48.31 -17.75 43.46
N SER YA 23 49.15 -18.45 44.22
CA SER YA 23 49.77 -19.68 43.72
C SER YA 23 48.77 -20.81 43.51
N LYS YA 24 47.64 -20.79 44.22
CA LYS YA 24 46.69 -21.89 44.14
C LYS YA 24 45.90 -21.89 42.84
N ARG YA 25 45.88 -20.78 42.10
CA ARG YA 25 45.07 -20.68 40.90
C ARG YA 25 45.76 -21.18 39.64
N GLY YA 26 47.08 -20.97 39.52
CA GLY YA 26 47.77 -21.30 38.31
C GLY YA 26 48.13 -22.77 38.22
N PRO YA 27 48.84 -23.11 37.16
CA PRO YA 27 49.26 -24.51 36.96
C PRO YA 27 50.36 -24.92 37.94
N ARG YA 28 50.89 -26.13 37.77
CA ARG YA 28 51.97 -26.59 38.64
C ARG YA 28 53.23 -25.77 38.45
N THR YA 29 53.43 -25.20 37.26
CA THR YA 29 54.61 -24.37 37.02
C THR YA 29 54.57 -23.10 37.88
N PHE YA 30 53.39 -22.50 38.01
CA PHE YA 30 53.25 -21.24 38.74
C PHE YA 30 53.20 -21.53 40.24
N CYS YA 31 54.27 -21.18 40.94
CA CYS YA 31 54.36 -21.31 42.39
C CYS YA 31 54.91 -20.01 42.95
N LYS YA 32 54.03 -19.13 43.38
CA LYS YA 32 54.39 -17.83 43.90
C LYS YA 32 54.29 -17.86 45.42
N GLY YA 33 55.33 -17.35 46.09
CA GLY YA 33 55.30 -17.31 47.54
C GLY YA 33 54.23 -16.39 48.08
N ARG YA 34 53.81 -16.66 49.31
CA ARG YA 34 52.76 -15.89 49.95
C ARG YA 34 53.30 -14.71 50.75
N GLY YA 35 54.60 -14.46 50.69
CA GLY YA 35 55.20 -13.32 51.35
C GLY YA 35 56.37 -13.63 52.26
N ALA YA 36 56.81 -14.88 52.37
CA ALA YA 36 57.92 -15.21 53.25
C ALA YA 36 59.23 -14.68 52.68
N LYS YA 37 60.22 -14.55 53.55
CA LYS YA 37 61.55 -14.08 53.18
C LYS YA 37 62.45 -15.28 52.93
N GLY YA 38 63.17 -15.25 51.81
CA GLY YA 38 64.02 -16.38 51.45
C GLY YA 38 65.12 -16.59 52.46
N THR YA 39 65.47 -17.87 52.66
CA THR YA 39 66.48 -18.24 53.63
C THR YA 39 67.61 -19.08 53.03
N GLY YA 40 67.76 -19.07 51.71
CA GLY YA 40 68.82 -19.84 51.10
C GLY YA 40 68.76 -19.78 49.59
N PHE YA 41 69.38 -20.76 48.96
CA PHE YA 41 69.45 -20.85 47.50
C PHE YA 41 69.50 -22.32 47.10
N HIS YA 42 69.77 -22.57 45.83
CA HIS YA 42 69.87 -23.92 45.30
C HIS YA 42 71.33 -24.30 45.10
N GLY YA 43 71.73 -25.46 45.61
CA GLY YA 43 73.09 -25.92 45.54
C GLY YA 43 73.41 -26.67 44.27
N ARG YA 44 74.41 -27.54 44.34
CA ARG YA 44 74.85 -28.29 43.17
C ARG YA 44 73.81 -29.33 42.77
N ASP YA 45 73.44 -30.21 43.70
CA ASP YA 45 72.54 -31.33 43.42
C ASP YA 45 71.08 -30.93 43.44
N GLY YA 46 70.76 -29.65 43.62
CA GLY YA 46 69.39 -29.21 43.76
C GLY YA 46 68.87 -29.21 45.17
N LYS YA 47 69.61 -29.78 46.12
CA LYS YA 47 69.21 -29.72 47.52
C LYS YA 47 69.33 -28.29 48.02
N PHE YA 48 68.30 -27.82 48.71
CA PHE YA 48 68.26 -26.43 49.14
C PHE YA 48 69.31 -26.18 50.21
N VAL YA 49 70.28 -25.32 49.91
CA VAL YA 49 71.33 -24.97 50.86
C VAL YA 49 70.83 -23.76 51.65
N GLN YA 50 70.51 -23.99 52.93
CA GLN YA 50 69.96 -22.93 53.77
C GLN YA 50 71.10 -22.22 54.50
N ILE YA 51 71.27 -20.93 54.20
CA ILE YA 51 72.33 -20.15 54.82
C ILE YA 51 71.96 -19.85 56.26
N LYS YA 52 72.89 -20.13 57.19
CA LYS YA 52 72.62 -19.91 58.60
C LYS YA 52 72.44 -18.43 58.91
N GLU YA 53 73.23 -17.57 58.27
CA GLU YA 53 73.18 -16.14 58.56
C GLU YA 53 71.83 -15.53 58.19
N MET YA 54 71.27 -15.93 57.05
CA MET YA 54 70.03 -15.32 56.57
C MET YA 54 68.83 -15.65 57.44
N ILE YA 55 68.92 -16.69 58.25
CA ILE YA 55 67.81 -17.03 59.16
C ILE YA 55 67.72 -15.96 60.24
N PRO YA 56 66.56 -15.36 60.46
CA PRO YA 56 66.45 -14.32 61.51
C PRO YA 56 66.59 -14.89 62.90
N GLU YA 57 67.70 -14.60 63.57
CA GLU YA 57 67.95 -15.09 64.92
C GLU YA 57 67.20 -14.21 65.91
N LEU YA 58 66.13 -14.75 66.49
CA LEU YA 58 65.37 -14.00 67.49
C LEU YA 58 66.19 -13.86 68.76
N VAL YA 59 66.25 -12.63 69.28
CA VAL YA 59 67.01 -12.32 70.48
C VAL YA 59 66.00 -12.03 71.59
N VAL YA 60 66.12 -12.73 72.70
CA VAL YA 60 65.18 -12.58 73.81
C VAL YA 60 65.95 -12.28 75.10
N PRO YA 61 65.43 -11.41 75.96
CA PRO YA 61 66.06 -11.18 77.27
C PRO YA 61 65.59 -12.19 78.30
N GLU YA 62 65.97 -11.99 79.56
CA GLU YA 62 65.52 -12.84 80.65
C GLU YA 62 64.43 -12.11 81.43
N LEU YA 63 63.22 -12.66 81.40
CA LEU YA 63 62.07 -12.06 82.07
C LEU YA 63 61.83 -12.63 83.46
N ALA YA 64 62.69 -13.52 83.94
CA ALA YA 64 62.49 -14.12 85.25
C ALA YA 64 62.70 -13.09 86.36
N GLY YA 65 63.79 -12.33 86.28
CA GLY YA 65 64.09 -11.33 87.30
C GLY YA 65 63.59 -9.95 86.94
N PHE YA 66 62.65 -9.89 86.02
CA PHE YA 66 62.12 -8.62 85.52
C PHE YA 66 60.68 -8.45 86.02
N LYS YA 67 60.43 -7.35 86.72
CA LYS YA 67 59.15 -7.09 87.35
C LYS YA 67 58.41 -6.00 86.57
N LEU YA 68 57.51 -6.41 85.69
CA LEU YA 68 56.67 -5.50 84.93
C LEU YA 68 55.54 -6.30 84.32
N LYS YA 69 54.39 -5.66 84.17
CA LYS YA 69 53.17 -6.35 83.76
C LYS YA 69 52.57 -5.67 82.53
N PRO YA 70 51.80 -6.42 81.74
CA PRO YA 70 51.20 -5.83 80.53
C PRO YA 70 50.12 -4.80 80.81
N TYR YA 71 49.69 -4.64 82.07
CA TYR YA 71 48.65 -3.69 82.41
C TYR YA 71 49.15 -2.76 83.51
N VAL YA 72 48.64 -1.53 83.50
CA VAL YA 72 49.01 -0.50 84.47
C VAL YA 72 47.81 -0.23 85.37
N ASN YA 73 48.10 0.17 86.61
CA ASN YA 73 47.05 0.45 87.57
C ASN YA 73 46.17 1.61 87.10
N TYR YA 74 44.87 1.51 87.41
CA TYR YA 74 43.93 2.55 86.99
C TYR YA 74 44.19 3.88 87.69
N ARG YA 75 44.65 3.84 88.94
CA ARG YA 75 44.86 5.07 89.69
C ARG YA 75 46.13 5.81 89.28
N ALA YA 76 46.99 5.20 88.49
CA ALA YA 76 48.23 5.86 88.07
C ALA YA 76 47.90 7.02 87.15
N PRO YA 77 48.33 8.24 87.46
CA PRO YA 77 47.98 9.39 86.61
C PRO YA 77 48.69 9.33 85.27
N GLU YA 78 48.07 9.97 84.28
CA GLU YA 78 48.68 10.10 82.97
C GLU YA 78 49.66 11.26 82.97
N GLY YA 79 50.17 11.62 81.80
CA GLY YA 79 51.07 12.76 81.69
C GLY YA 79 50.76 13.55 80.44
N THR YA 80 51.26 14.78 80.42
CA THR YA 80 51.10 15.63 79.25
C THR YA 80 51.83 15.02 78.05
N ASP YA 81 51.09 14.74 76.99
CA ASP YA 81 51.63 14.06 75.83
C ASP YA 81 52.61 14.98 75.13
N THR YA 82 53.90 14.74 75.31
CA THR YA 82 54.96 15.53 74.69
C THR YA 82 55.79 14.63 73.79
N PRO YA 83 55.53 14.61 72.48
CA PRO YA 83 56.35 13.79 71.59
C PRO YA 83 57.81 14.21 71.64
N LEU YA 84 58.70 13.23 71.59
CA LEU YA 84 60.13 13.51 71.62
C LEU YA 84 60.54 14.28 70.38
N THR YA 85 61.34 15.32 70.58
CA THR YA 85 61.79 16.18 69.51
C THR YA 85 63.30 16.08 69.37
N ALA YA 86 63.78 16.16 68.12
CA ALA YA 86 65.21 16.11 67.88
C ALA YA 86 65.94 17.25 68.59
N LYS YA 87 65.26 18.37 68.81
CA LYS YA 87 65.87 19.48 69.55
C LYS YA 87 65.95 19.18 71.03
N GLN YA 88 64.89 18.58 71.59
CA GLN YA 88 64.89 18.26 73.01
C GLN YA 88 65.93 17.20 73.35
N LEU YA 89 66.12 16.22 72.45
CA LEU YA 89 67.12 15.19 72.69
C LEU YA 89 68.52 15.79 72.71
N PHE YA 90 68.81 16.72 71.80
CA PHE YA 90 70.13 17.35 71.78
C PHE YA 90 70.38 18.15 73.05
N LEU YA 91 69.37 18.90 73.52
CA LEU YA 91 69.53 19.68 74.74
C LEU YA 91 69.67 18.81 75.98
N GLU YA 92 69.24 17.54 75.90
CA GLU YA 92 69.30 16.64 77.04
C GLU YA 92 70.62 15.88 77.12
N THR YA 93 71.19 15.50 75.98
CA THR YA 93 72.36 14.62 75.94
C THR YA 93 73.64 15.36 75.59
N ALA YA 94 73.66 16.07 74.46
CA ALA YA 94 74.89 16.65 73.95
C ALA YA 94 75.14 18.07 74.46
N ALA YA 95 74.09 18.82 74.78
CA ALA YA 95 74.27 20.21 75.20
C ALA YA 95 75.10 20.35 76.47
N PRO YA 96 74.87 19.59 77.55
CA PRO YA 96 75.72 19.76 78.75
C PRO YA 96 77.19 19.53 78.50
N ALA YA 97 77.54 18.56 77.65
CA ALA YA 97 78.94 18.29 77.37
C ALA YA 97 79.56 19.43 76.56
N ILE YA 98 78.84 19.93 75.55
CA ILE YA 98 79.35 21.04 74.74
C ILE YA 98 79.47 22.31 75.59
N GLU YA 99 78.47 22.58 76.42
CA GLU YA 99 78.47 23.82 77.19
C GLU YA 99 79.63 23.87 78.18
N LYS YA 100 79.91 22.77 78.87
CA LYS YA 100 81.01 22.74 79.82
C LYS YA 100 82.36 22.91 79.10
N ASP YA 101 82.52 22.26 77.95
CA ASP YA 101 83.79 22.34 77.24
C ASP YA 101 84.05 23.74 76.71
N PHE YA 102 83.02 24.42 76.22
CA PHE YA 102 83.20 25.77 75.69
C PHE YA 102 83.55 26.76 76.80
N LYS YA 103 82.93 26.60 77.98
CA LYS YA 103 83.26 27.47 79.10
C LYS YA 103 84.68 27.23 79.59
N ALA YA 104 85.19 26.01 79.46
CA ALA YA 104 86.56 25.68 79.83
C ALA YA 104 87.54 25.91 78.69
N GLY YA 105 87.07 26.28 77.50
CA GLY YA 105 87.94 26.55 76.39
C GLY YA 105 88.45 25.33 75.65
N THR YA 106 87.83 24.16 75.86
CA THR YA 106 88.27 22.93 75.22
C THR YA 106 87.40 22.54 74.03
N PHE YA 107 86.48 23.41 73.60
CA PHE YA 107 85.61 23.09 72.48
C PHE YA 107 86.40 23.10 71.18
N ASP YA 108 86.17 22.08 70.35
CA ASP YA 108 86.82 21.96 69.05
C ASP YA 108 85.76 21.85 67.95
N PRO YA 109 85.52 22.91 67.19
CA PRO YA 109 84.52 22.82 66.11
C PRO YA 109 84.85 21.78 65.05
N GLU YA 110 86.13 21.47 64.85
CA GLU YA 110 86.51 20.55 63.78
C GLU YA 110 86.04 19.13 64.08
N HIS YA 111 86.30 18.64 65.29
CA HIS YA 111 85.97 17.28 65.68
C HIS YA 111 84.86 17.29 66.71
N LEU YA 112 83.75 16.62 66.39
CA LEU YA 112 82.62 16.49 67.31
C LEU YA 112 82.30 15.03 67.61
N GLU YA 113 83.25 14.12 67.33
CA GLU YA 113 83.00 12.70 67.55
C GLU YA 113 82.85 12.36 69.03
N LYS YA 114 83.44 13.17 69.92
CA LYS YA 114 83.35 12.89 71.34
C LYS YA 114 81.96 13.18 71.90
N TYR YA 115 81.14 13.95 71.19
CA TYR YA 115 79.79 14.28 71.64
C TYR YA 115 78.74 13.33 71.09
N GLY YA 116 79.14 12.30 70.34
CA GLY YA 116 78.21 11.37 69.76
C GLY YA 116 77.93 11.57 68.28
N PHE YA 117 78.51 12.58 67.66
CA PHE YA 117 78.33 12.80 66.23
C PHE YA 117 79.23 11.85 65.44
N GLU YA 118 78.68 11.29 64.37
CA GLU YA 118 79.40 10.34 63.52
C GLU YA 118 79.36 10.84 62.09
N PRO YA 119 80.51 11.09 61.46
CA PRO YA 119 80.47 11.64 60.08
C PRO YA 119 79.86 10.69 59.07
N THR YA 120 80.36 9.46 58.99
CA THR YA 120 79.90 8.49 58.01
C THR YA 120 79.29 7.29 58.72
N GLN YA 121 78.15 6.82 58.19
CA GLN YA 121 77.42 5.73 58.83
C GLN YA 121 77.96 4.35 58.46
N GLU YA 122 78.65 4.22 57.32
CA GLU YA 122 79.06 2.90 56.86
C GLU YA 122 80.08 2.24 57.79
N GLY YA 123 80.74 3.00 58.65
CA GLY YA 123 81.69 2.41 59.57
C GLY YA 123 81.03 1.53 60.61
N LYS YA 124 79.89 1.97 61.14
CA LYS YA 124 79.26 1.28 62.25
C LYS YA 124 78.47 0.07 61.76
N LEU YA 125 78.06 -0.77 62.70
CA LEU YA 125 77.36 -2.01 62.37
C LEU YA 125 75.91 -1.75 61.97
N PHE YA 126 75.25 -0.80 62.63
CA PHE YA 126 73.83 -0.51 62.39
C PHE YA 126 73.72 0.92 61.86
N GLN YA 127 73.61 1.07 60.55
CA GLN YA 127 73.44 2.38 59.95
C GLN YA 127 72.06 2.94 60.28
N LEU YA 128 71.86 4.21 59.96
CA LEU YA 128 70.60 4.90 60.22
C LEU YA 128 69.88 5.28 58.94
N TYR YA 129 70.53 6.02 58.05
CA TYR YA 129 69.89 6.37 56.77
C TYR YA 129 69.63 5.15 55.91
N PRO YA 130 70.57 4.23 55.69
CA PRO YA 130 70.23 2.98 55.00
C PRO YA 130 69.27 2.10 55.77
N LYS YA 131 69.13 2.29 57.09
CA LYS YA 131 68.27 1.48 57.94
C LYS YA 131 68.65 0.00 57.85
N ASN YA 132 69.86 -0.28 58.34
CA ASN YA 132 70.40 -1.63 58.25
C ASN YA 132 69.56 -2.63 59.04
N PHE YA 133 69.32 -2.33 60.32
CA PHE YA 133 68.61 -3.29 61.16
C PHE YA 133 67.12 -3.28 60.83
N PRO YA 134 66.48 -4.46 60.76
CA PRO YA 134 65.04 -4.51 60.51
C PRO YA 134 64.21 -3.87 61.62
N ARG YA 135 64.40 -4.36 62.85
CA ARG YA 135 63.69 -3.82 64.01
C ARG YA 135 64.58 -3.85 65.24
N THR ZA 35 -83.25 9.83 11.58
CA THR ZA 35 -82.40 8.66 11.84
C THR ZA 35 -81.42 8.44 10.70
N TYR ZA 36 -80.42 9.32 10.61
CA TYR ZA 36 -79.38 9.22 9.59
C TYR ZA 36 -78.02 9.24 10.26
N SER ZA 37 -77.17 8.29 9.90
CA SER ZA 37 -75.84 8.19 10.49
C SER ZA 37 -74.94 7.43 9.53
N SER ZA 38 -73.73 7.95 9.32
CA SER ZA 38 -72.77 7.28 8.45
C SER ZA 38 -72.28 5.98 9.06
N LEU ZA 39 -72.23 5.89 10.39
CA LEU ZA 39 -71.80 4.68 11.07
C LEU ZA 39 -72.97 4.08 11.85
N PRO ZA 40 -73.01 2.75 11.99
CA PRO ZA 40 -74.08 2.12 12.77
C PRO ZA 40 -73.98 2.48 14.25
N ASP ZA 41 -75.14 2.56 14.89
CA ASP ZA 41 -75.24 2.89 16.31
C ASP ZA 41 -75.53 1.62 17.12
N ASP ZA 42 -74.55 0.73 17.15
CA ASP ZA 42 -74.74 -0.54 17.84
C ASP ZA 42 -73.59 -0.93 18.76
N TYR ZA 43 -72.42 -0.30 18.69
CA TYR ZA 43 -71.32 -0.79 19.50
C TYR ZA 43 -70.86 0.21 20.56
N ASN ZA 44 -70.46 1.41 20.15
CA ASN ZA 44 -69.82 2.33 21.10
C ASN ZA 44 -70.77 3.45 21.53
N CYS ZA 45 -71.34 4.17 20.57
CA CYS ZA 45 -72.26 5.26 20.89
C CYS ZA 45 -73.17 5.51 19.69
N LYS ZA 46 -74.23 6.29 19.94
CA LYS ZA 46 -75.14 6.74 18.89
C LYS ZA 46 -74.77 8.15 18.45
N VAL ZA 47 -73.78 8.22 17.56
CA VAL ZA 47 -73.26 9.51 17.10
C VAL ZA 47 -74.31 10.22 16.24
N GLU ZA 48 -74.57 11.49 16.55
CA GLU ZA 48 -75.47 12.34 15.77
C GLU ZA 48 -74.76 13.65 15.45
N LEU ZA 49 -74.38 13.82 14.19
CA LEU ZA 49 -73.66 15.01 13.78
C LEU ZA 49 -74.63 16.14 13.45
N ALA ZA 50 -74.12 17.37 13.54
CA ALA ZA 50 -74.89 18.56 13.19
C ALA ZA 50 -73.93 19.69 12.88
N LEU ZA 51 -74.44 20.70 12.17
CA LEU ZA 51 -73.67 21.87 11.80
C LEU ZA 51 -74.37 23.13 12.29
N THR ZA 52 -73.62 24.01 12.94
CA THR ZA 52 -74.16 25.28 13.41
C THR ZA 52 -74.63 26.13 12.24
N SER ZA 53 -75.71 26.88 12.46
CA SER ZA 53 -76.24 27.76 11.41
C SER ZA 53 -75.20 28.79 10.99
N ASP ZA 54 -74.36 29.24 11.92
CA ASP ZA 54 -73.31 30.19 11.56
C ASP ZA 54 -72.31 29.57 10.60
N GLY ZA 55 -71.96 28.30 10.82
CA GLY ZA 55 -71.05 27.58 9.95
C GLY ZA 55 -69.65 27.42 10.49
N ARG ZA 56 -69.30 28.12 11.57
CA ARG ZA 56 -67.95 28.08 12.10
C ARG ZA 56 -67.72 26.95 13.10
N THR ZA 57 -68.78 26.23 13.50
CA THR ZA 57 -68.67 25.19 14.52
C THR ZA 57 -69.46 23.96 14.10
N ILE ZA 58 -68.91 22.79 14.37
CA ILE ZA 58 -69.58 21.51 14.14
C ILE ZA 58 -69.82 20.86 15.48
N VAL ZA 59 -71.09 20.55 15.77
CA VAL ZA 59 -71.48 19.97 17.03
C VAL ZA 59 -71.93 18.53 16.80
N CYS ZA 60 -71.79 17.70 17.83
CA CYS ZA 60 -72.25 16.33 17.75
C CYS ZA 60 -72.66 15.84 19.13
N TYR ZA 61 -73.87 15.30 19.22
CA TYR ZA 61 -74.43 14.76 20.45
C TYR ZA 61 -74.25 13.24 20.40
N HIS ZA 62 -73.35 12.72 21.24
CA HIS ZA 62 -72.92 11.32 21.18
C HIS ZA 62 -73.10 10.68 22.55
N PRO ZA 63 -74.31 10.26 22.88
CA PRO ZA 63 -74.54 9.56 24.14
C PRO ZA 63 -74.11 8.10 24.06
N SER ZA 64 -73.95 7.50 25.24
CA SER ZA 64 -73.56 6.10 25.31
C SER ZA 64 -74.73 5.20 24.92
N VAL ZA 65 -74.40 3.99 24.49
CA VAL ZA 65 -75.38 2.93 24.25
C VAL ZA 65 -75.08 1.79 25.21
N ASP ZA 66 -76.12 1.34 25.92
CA ASP ZA 66 -75.97 0.31 26.94
C ASP ZA 66 -76.37 -1.05 26.39
N ILE ZA 67 -75.64 -2.08 26.81
CA ILE ZA 67 -75.89 -3.45 26.37
C ILE ZA 67 -77.26 -3.90 26.86
N PRO ZA 68 -78.15 -4.33 25.98
CA PRO ZA 68 -79.48 -4.75 26.42
C PRO ZA 68 -79.42 -6.06 27.20
N TYR ZA 69 -80.48 -6.29 27.96
CA TYR ZA 69 -80.54 -7.48 28.82
C TYR ZA 69 -80.58 -8.76 28.01
N GLU ZA 70 -81.23 -8.74 26.84
CA GLU ZA 70 -81.38 -9.94 26.03
C GLU ZA 70 -80.06 -10.41 25.42
N HIS ZA 71 -79.05 -9.55 25.38
CA HIS ZA 71 -77.77 -9.87 24.76
C HIS ZA 71 -76.75 -10.43 25.75
N THR ZA 72 -77.17 -10.75 26.97
CA THR ZA 72 -76.26 -11.26 27.99
C THR ZA 72 -76.72 -12.63 28.46
N LYS ZA 73 -75.74 -13.47 28.85
CA LYS ZA 73 -75.99 -14.82 29.34
C LYS ZA 73 -75.89 -14.85 30.86
N PRO ZA 74 -76.62 -15.75 31.52
CA PRO ZA 74 -76.58 -15.81 32.98
C PRO ZA 74 -75.20 -16.18 33.50
N ILE ZA 75 -74.90 -15.69 34.70
CA ILE ZA 75 -73.60 -15.90 35.33
C ILE ZA 75 -73.38 -17.39 35.61
N PRO ZA 76 -72.29 -17.98 35.13
CA PRO ZA 76 -71.97 -19.38 35.48
C PRO ZA 76 -71.42 -19.49 36.89
N ARG ZA 77 -72.31 -19.30 37.88
CA ARG ZA 77 -71.86 -19.27 39.27
C ARG ZA 77 -71.36 -20.63 39.75
N PRO ZA 78 -72.14 -21.75 39.69
CA PRO ZA 78 -71.69 -23.02 40.26
C PRO ZA 78 -70.88 -23.88 39.29
N ASP ZA 79 -69.88 -23.28 38.64
CA ASP ZA 79 -69.07 -24.05 37.70
C ASP ZA 79 -68.15 -25.02 38.43
N PRO ZA 80 -67.24 -24.60 39.34
CA PRO ZA 80 -66.54 -25.55 40.21
C PRO ZA 80 -67.28 -25.74 41.52
N VAL ZA 81 -68.57 -26.10 41.45
CA VAL ZA 81 -69.40 -26.17 42.65
C VAL ZA 81 -68.91 -27.29 43.56
N HIS ZA 82 -68.64 -28.47 42.99
CA HIS ZA 82 -68.15 -29.59 43.77
C HIS ZA 82 -66.63 -29.64 43.85
N ASN ZA 83 -65.94 -29.07 42.85
CA ASN ZA 83 -64.48 -29.08 42.85
C ASN ZA 83 -63.93 -28.20 43.97
N ILE ZA 84 -64.53 -27.03 44.20
CA ILE ZA 84 -64.03 -26.12 45.21
C ILE ZA 84 -64.22 -26.72 46.61
N GLU ZA 85 -65.41 -27.24 46.89
CA GLU ZA 85 -65.75 -27.78 48.20
C GLU ZA 85 -66.10 -29.26 48.04
N GLU ZA 86 -65.12 -30.13 48.26
CA GLU ZA 86 -65.30 -31.57 48.21
C GLU ZA 86 -64.96 -32.17 49.57
N THR ZA 87 -65.87 -32.96 50.12
CA THR ZA 87 -65.65 -33.62 51.40
C THR ZA 87 -65.14 -35.03 51.14
N HIS ZA 88 -63.93 -35.33 51.63
CA HIS ZA 88 -63.36 -36.65 51.43
C HIS ZA 88 -64.17 -37.72 52.14
N ASP ZA 89 -64.59 -37.46 53.38
CA ASP ZA 89 -65.41 -38.39 54.13
C ASP ZA 89 -66.14 -37.61 55.22
N LEU ZA 90 -67.17 -38.25 55.78
CA LEU ZA 90 -67.99 -37.63 56.83
C LEU ZA 90 -67.59 -38.11 58.22
N VAL ZA 91 -66.49 -38.83 58.35
CA VAL ZA 91 -66.00 -39.29 59.63
C VAL ZA 91 -64.72 -38.58 60.05
N LEU ZA 92 -63.91 -38.13 59.10
CA LEU ZA 92 -62.65 -37.46 59.37
C LEU ZA 92 -62.68 -36.06 58.78
N LYS ZA 93 -61.92 -35.17 59.39
CA LYS ZA 93 -61.84 -33.79 58.92
C LYS ZA 93 -61.17 -33.74 57.53
N THR ZA 94 -61.57 -32.75 56.74
CA THR ZA 94 -61.03 -32.61 55.40
C THR ZA 94 -59.54 -32.29 55.46
N ARG ZA 95 -58.83 -32.72 54.42
CA ARG ZA 95 -57.39 -32.60 54.34
C ARG ZA 95 -57.00 -31.65 53.21
N LEU ZA 96 -56.21 -30.63 53.55
CA LEU ZA 96 -55.69 -29.69 52.55
C LEU ZA 96 -54.28 -30.13 52.14
N GLU ZA 97 -54.24 -31.30 51.49
CA GLU ZA 97 -52.99 -31.90 51.03
C GLU ZA 97 -52.79 -31.51 49.58
N GLU ZA 98 -52.02 -30.46 49.34
CA GLU ZA 98 -51.70 -30.00 47.99
C GLU ZA 98 -50.52 -30.83 47.50
N LYS ZA 99 -50.82 -31.89 46.75
CA LYS ZA 99 -49.78 -32.77 46.23
C LYS ZA 99 -48.91 -32.01 45.23
N GLY ZA 100 -47.61 -32.27 45.28
CA GLY ZA 100 -46.67 -31.61 44.39
C GLY ZA 100 -45.68 -32.60 43.82
N GLU ZA 101 -45.29 -32.36 42.57
CA GLU ZA 101 -44.30 -33.20 41.90
C GLU ZA 101 -42.93 -32.56 41.84
N HIS ZA 102 -42.87 -31.23 41.76
CA HIS ZA 102 -41.62 -30.48 41.65
C HIS ZA 102 -40.77 -30.99 40.49
N LEU ZA 103 -41.31 -30.84 39.29
CA LEU ZA 103 -40.62 -31.30 38.08
C LEU ZA 103 -39.33 -30.52 37.88
N GLU ZA 104 -38.38 -31.15 37.19
CA GLU ZA 104 -37.09 -30.52 36.93
C GLU ZA 104 -37.26 -29.29 36.05
N GLN ZA 105 -36.17 -28.54 35.88
CA GLN ZA 105 -36.22 -27.33 35.09
C GLN ZA 105 -36.69 -27.59 33.67
N GLY ZA 106 -36.35 -28.75 33.12
CA GLY ZA 106 -36.77 -29.12 31.79
C GLY ZA 106 -38.27 -29.19 31.64
N PRO ZA 107 -38.91 -30.17 32.29
CA PRO ZA 107 -40.37 -30.30 32.19
C PRO ZA 107 -41.14 -29.11 32.75
N MET ZA 108 -40.53 -28.32 33.63
CA MET ZA 108 -41.25 -27.18 34.21
C MET ZA 108 -41.47 -26.09 33.18
N ILE ZA 109 -40.43 -25.73 32.42
CA ILE ZA 109 -40.55 -24.63 31.47
C ILE ZA 109 -41.54 -24.96 30.37
N GLU ZA 110 -41.48 -26.18 29.83
CA GLU ZA 110 -42.40 -26.56 28.78
C GLU ZA 110 -43.84 -26.67 29.28
N GLN ZA 111 -44.03 -26.83 30.59
CA GLN ZA 111 -45.37 -26.78 31.14
C GLN ZA 111 -45.91 -25.35 31.19
N LEU ZA 112 -45.06 -24.39 31.59
CA LEU ZA 112 -45.48 -23.00 31.68
C LEU ZA 112 -45.67 -22.40 30.29
N SER ZA 113 -44.79 -22.73 29.34
CA SER ZA 113 -44.89 -22.17 28.00
C SER ZA 113 -46.20 -22.58 27.34
N LYS ZA 114 -46.61 -23.83 27.51
CA LYS ZA 114 -47.88 -24.27 26.97
C LYS ZA 114 -49.06 -23.66 27.73
N MET ZA 115 -48.85 -23.29 29.00
CA MET ZA 115 -49.92 -22.71 29.80
C MET ZA 115 -50.22 -21.28 29.40
N PHE ZA 116 -49.18 -20.48 29.14
CA PHE ZA 116 -49.35 -19.07 28.82
C PHE ZA 116 -49.20 -18.78 27.33
N PHE ZA 117 -49.10 -19.81 26.49
CA PHE ZA 117 -48.97 -19.66 25.04
C PHE ZA 117 -47.78 -18.77 24.67
N THR ZA 118 -46.62 -19.05 25.25
CA THR ZA 118 -45.38 -18.37 24.93
C THR ZA 118 -44.34 -19.40 24.52
N THR ZA 119 -43.11 -18.94 24.28
CA THR ZA 119 -42.00 -19.82 24.00
C THR ZA 119 -41.36 -20.25 25.31
N LYS ZA 120 -40.27 -21.00 25.23
CA LYS ZA 120 -39.60 -21.50 26.43
C LYS ZA 120 -38.29 -20.78 26.74
N HIS ZA 121 -37.86 -19.87 25.87
CA HIS ZA 121 -36.55 -19.23 26.03
C HIS ZA 121 -36.54 -18.11 27.05
N ARG ZA 122 -37.71 -17.59 27.44
CA ARG ZA 122 -37.76 -16.46 28.35
C ARG ZA 122 -38.00 -16.87 29.80
N TRP ZA 123 -38.27 -18.15 30.07
CA TRP ZA 123 -38.52 -18.61 31.43
C TRP ZA 123 -37.25 -18.99 32.18
N TYR ZA 124 -36.11 -19.04 31.50
CA TYR ZA 124 -34.86 -19.29 32.18
C TYR ZA 124 -34.35 -18.02 32.86
N PRO ZA 125 -33.66 -18.15 33.99
CA PRO ZA 125 -33.11 -16.97 34.66
C PRO ZA 125 -31.98 -16.32 33.88
N ARG ZA 126 -31.39 -15.27 34.45
CA ARG ZA 126 -30.27 -14.57 33.81
C ARG ZA 126 -29.13 -14.45 34.81
N GLY ZA 127 -27.99 -13.96 34.31
CA GLY ZA 127 -26.80 -13.87 35.12
C GLY ZA 127 -26.84 -12.71 36.10
N GLN ZA 128 -25.79 -12.65 36.93
CA GLN ZA 128 -25.71 -11.59 37.92
C GLN ZA 128 -25.56 -10.22 37.28
N TYR ZA 129 -24.92 -10.14 36.11
CA TYR ZA 129 -24.69 -8.85 35.47
C TYR ZA 129 -26.00 -8.16 35.11
N HIS ZA 130 -26.93 -8.90 34.50
CA HIS ZA 130 -28.19 -8.30 34.10
C HIS ZA 130 -29.09 -8.05 35.31
N ARG ZA 131 -29.04 -8.93 36.31
CA ARG ZA 131 -29.87 -8.75 37.50
C ARG ZA 131 -29.48 -7.51 38.27
N ARG ZA 132 -28.18 -7.23 38.38
CA ARG ZA 132 -27.73 -6.12 39.23
C ARG ZA 132 -27.99 -4.77 38.59
N ARG ZA 133 -28.01 -4.68 37.27
CA ARG ZA 133 -28.14 -3.39 36.60
C ARG ZA 133 -29.58 -2.93 36.45
N ARG ZA 134 -30.56 -3.73 36.89
CA ARG ZA 134 -31.94 -3.27 36.90
C ARG ZA 134 -32.14 -2.21 37.97
N LYS ZA 135 -32.94 -1.20 37.65
CA LYS ZA 135 -33.14 -0.09 38.56
C LYS ZA 135 -34.00 -0.51 39.75
N PRO ZA 136 -33.51 -0.35 40.99
CA PRO ZA 136 -34.32 -0.76 42.15
C PRO ZA 136 -35.62 0.01 42.30
N ASN ZA 137 -35.66 1.28 41.93
CA ASN ZA 137 -36.84 2.14 42.10
C ASN ZA 137 -37.16 2.80 40.77
N PRO ZA 138 -37.88 2.11 39.89
CA PRO ZA 138 -38.23 2.71 38.61
C PRO ZA 138 -39.18 3.88 38.80
N PRO ZA 139 -39.10 4.90 37.96
CA PRO ZA 139 -40.05 6.02 38.07
C PRO ZA 139 -41.48 5.55 37.85
N LYS ZA 140 -42.39 6.15 38.60
CA LYS ZA 140 -43.81 5.79 38.54
C LYS ZA 140 -44.62 7.05 38.30
N ASP ZA 141 -45.49 7.01 37.30
CA ASP ZA 141 -46.35 8.13 36.95
C ASP ZA 141 -47.73 7.92 37.56
N ARG ZA 142 -48.61 8.90 37.33
CA ARG ZA 142 -49.99 8.86 37.82
C ARG ZA 142 -50.04 8.71 39.33
C ACE AB 1 -25.97 12.10 28.54
O ACE AB 1 -26.98 12.78 28.40
CH3 ACE AB 1 -24.80 12.58 29.35
N THR AB 2 -25.86 10.88 28.02
CA THR AB 2 -26.93 10.28 27.24
C THR AB 2 -28.15 9.97 28.12
N ALA AB 3 -29.26 9.52 27.53
CA ALA AB 3 -30.46 9.25 28.30
C ALA AB 3 -30.36 7.94 29.06
N ARG AB 4 -29.67 6.96 28.47
CA ARG AB 4 -29.49 5.68 29.13
C ARG AB 4 -28.48 5.75 30.27
N GLY AB 5 -27.67 6.79 30.32
CA GLY AB 5 -26.67 6.92 31.36
C GLY AB 5 -27.20 7.59 32.61
N THR AB 6 -27.99 8.63 32.45
CA THR AB 6 -28.53 9.39 33.56
C THR AB 6 -29.92 8.89 33.94
N ALA AB 7 -30.41 9.34 35.09
CA ALA AB 7 -31.73 8.97 35.57
C ALA AB 7 -32.79 9.80 34.85
N SER AB 8 -34.05 9.46 35.13
CA SER AB 8 -35.18 10.13 34.51
C SER AB 8 -36.29 10.30 35.54
N ARG AB 9 -37.17 11.27 35.28
CA ARG AB 9 -38.30 11.53 36.14
C ARG AB 9 -39.46 12.02 35.30
N PHE AB 10 -40.67 11.87 35.82
CA PHE AB 10 -41.86 12.36 35.15
C PHE AB 10 -42.13 13.81 35.55
N LEU AB 11 -42.89 14.50 34.71
CA LEU AB 11 -43.22 15.90 34.95
C LEU AB 11 -44.13 16.00 36.18
N THR AB 12 -43.57 16.48 37.29
CA THR AB 12 -44.30 16.53 38.55
C THR AB 12 -44.12 17.91 39.19
N SER AB 13 -45.21 18.43 39.74
CA SER AB 13 -45.21 19.68 40.48
C SER AB 13 -45.33 19.36 41.97
N VAL AB 14 -44.44 19.96 42.77
CA VAL AB 14 -44.38 19.62 44.18
C VAL AB 14 -45.58 20.21 44.92
N LEU AB 15 -46.23 19.38 45.73
CA LEU AB 15 -47.36 19.76 46.58
C LEU AB 15 -48.54 20.29 45.77
N HIS AB 16 -48.69 19.83 44.53
CA HIS AB 16 -49.75 20.29 43.63
C HIS AB 16 -49.76 21.81 43.53
N ASN AB 17 -48.57 22.38 43.32
CA ASN AB 17 -48.42 23.82 43.28
C ASN AB 17 -49.17 24.41 42.09
N GLY AB 18 -49.66 25.64 42.28
CA GLY AB 18 -50.34 26.35 41.23
C GLY AB 18 -51.78 25.93 40.99
N LEU AB 19 -52.29 24.95 41.72
CA LEU AB 19 -53.67 24.52 41.54
C LEU AB 19 -54.63 25.42 42.30
N GLY AB 20 -54.47 25.50 43.61
CA GLY AB 20 -55.27 26.40 44.42
C GLY AB 20 -54.63 27.78 44.52
N ARG AB 21 -53.34 27.81 44.83
CA ARG AB 21 -52.59 29.05 44.87
C ARG AB 21 -51.13 28.75 44.52
N TYR AB 22 -50.42 29.79 44.10
CA TYR AB 22 -49.02 29.66 43.73
C TYR AB 22 -48.14 30.08 44.89
N VAL AB 23 -47.18 29.22 45.24
CA VAL AB 23 -46.24 29.47 46.32
C VAL AB 23 -44.83 29.40 45.75
N GLN AB 24 -44.05 30.46 45.97
CA GLN AB 24 -42.69 30.52 45.46
C GLN AB 24 -41.84 29.48 46.18
N GLN AB 25 -41.39 28.46 45.44
CA GLN AB 25 -40.71 27.32 46.05
C GLN AB 25 -39.33 27.67 46.57
N LEU AB 26 -38.73 28.76 46.11
CA LEU AB 26 -37.44 29.16 46.64
C LEU AB 26 -37.58 29.61 48.08
N GLN AB 27 -36.64 29.19 48.94
CA GLN AB 27 -36.73 29.43 50.37
C GLN AB 27 -35.69 30.42 50.86
N ARG AB 28 -34.42 30.25 50.52
CA ARG AB 28 -33.37 31.12 51.02
C ARG AB 28 -32.19 31.13 50.06
N LEU AB 29 -31.34 32.14 50.22
CA LEU AB 29 -30.08 32.25 49.50
C LEU AB 29 -29.00 32.69 50.47
N SER AB 30 -27.77 32.21 50.25
CA SER AB 30 -26.62 32.58 51.08
C SER AB 30 -25.46 32.92 50.16
N PHE AB 31 -24.99 34.16 50.24
CA PHE AB 31 -23.89 34.64 49.39
C PHE AB 31 -22.58 34.59 50.18
N SER AB 32 -21.58 33.94 49.60
CA SER AB 32 -20.26 33.81 50.22
C SER AB 32 -19.26 34.54 49.33
N LEU AB 33 -19.10 35.84 49.56
CA LEU AB 33 -18.23 36.68 48.75
C LEU AB 33 -17.03 37.14 49.58
N SER AB 34 -16.16 37.92 48.95
CA SER AB 34 -14.96 38.45 49.58
C SER AB 34 -14.89 39.95 49.38
N ARG AB 35 -14.27 40.64 50.34
CA ARG AB 35 -14.15 42.09 50.30
C ARG AB 35 -12.87 42.57 49.62
N ASP AB 36 -11.93 41.68 49.32
CA ASP AB 36 -10.65 42.09 48.77
C ASP AB 36 -10.31 41.34 47.49
N ALA AB 37 -10.89 40.16 47.31
CA ALA AB 37 -10.57 39.35 46.14
C ALA AB 37 -11.08 40.02 44.87
N PRO AB 38 -10.22 40.22 43.86
CA PRO AB 38 -10.71 40.80 42.60
C PRO AB 38 -11.74 39.95 41.89
N SER AB 39 -11.77 38.64 42.16
CA SER AB 39 -12.75 37.75 41.54
C SER AB 39 -14.15 37.91 42.13
N SER AB 40 -14.27 38.59 43.27
CA SER AB 40 -15.57 38.80 43.91
C SER AB 40 -16.18 40.14 43.54
N ARG AB 41 -15.64 40.83 42.53
CA ARG AB 41 -16.16 42.16 42.19
C ARG AB 41 -17.61 42.09 41.74
N GLY AB 42 -17.96 41.08 40.95
CA GLY AB 42 -19.35 40.95 40.52
C GLY AB 42 -20.30 40.74 41.68
N ALA AB 43 -19.90 39.94 42.66
CA ALA AB 43 -20.74 39.73 43.84
C ALA AB 43 -20.92 41.00 44.64
N ARG AB 44 -19.84 41.77 44.83
CA ARG AB 44 -19.93 42.99 45.63
C ARG AB 44 -20.82 44.03 44.95
N GLU AB 45 -20.72 44.18 43.64
CA GLU AB 45 -21.57 45.15 42.94
C GLU AB 45 -23.03 44.73 42.99
N PHE AB 46 -23.29 43.43 42.94
CA PHE AB 46 -24.67 42.94 43.03
C PHE AB 46 -25.27 43.23 44.39
N VAL AB 47 -24.49 43.08 45.46
CA VAL AB 47 -25.01 43.30 46.80
C VAL AB 47 -25.38 44.75 47.03
N GLU AB 48 -24.53 45.68 46.59
CA GLU AB 48 -24.76 47.09 46.85
C GLU AB 48 -26.02 47.59 46.13
N ARG AB 49 -26.26 47.12 44.91
CA ARG AB 49 -27.30 47.68 44.06
C ARG AB 49 -28.57 46.86 44.03
N GLU AB 50 -28.49 45.57 43.69
CA GLU AB 50 -29.66 44.79 43.34
C GLU AB 50 -30.24 43.99 44.49
N VAL AB 51 -29.45 43.68 45.52
CA VAL AB 51 -29.93 42.82 46.59
C VAL AB 51 -31.09 43.48 47.33
N THR AB 52 -30.97 44.77 47.63
CA THR AB 52 -32.03 45.47 48.36
C THR AB 52 -33.33 45.47 47.56
N ASP AB 53 -33.24 45.72 46.26
CA ASP AB 53 -34.44 45.70 45.43
C ASP AB 53 -34.97 44.30 45.23
N PHE AB 54 -34.08 43.30 45.17
CA PHE AB 54 -34.52 41.92 44.98
C PHE AB 54 -35.34 41.43 46.16
N ALA AB 55 -34.93 41.78 47.38
CA ALA AB 55 -35.65 41.33 48.56
C ALA AB 55 -37.07 41.91 48.60
N ARG AB 56 -37.25 43.15 48.14
CA ARG AB 56 -38.57 43.74 48.13
C ARG AB 56 -39.52 43.01 47.18
N ARG AB 57 -39.03 42.63 46.00
CA ARG AB 57 -39.89 41.95 45.03
C ARG AB 57 -40.26 40.55 45.50
N ASN AB 58 -39.36 39.87 46.20
CA ASN AB 58 -39.57 38.51 46.67
C ASN AB 58 -39.52 38.51 48.20
N PRO AB 59 -40.66 38.70 48.87
CA PRO AB 59 -40.68 38.67 50.33
C PRO AB 59 -40.65 37.27 50.92
N GLY AB 60 -40.77 36.23 50.09
CA GLY AB 60 -40.78 34.87 50.55
C GLY AB 60 -39.42 34.19 50.66
N VAL AB 61 -38.34 34.91 50.35
CA VAL AB 61 -37.00 34.35 50.44
C VAL AB 61 -36.21 35.14 51.46
N VAL AB 62 -35.26 34.46 52.10
CA VAL AB 62 -34.39 35.06 53.11
C VAL AB 62 -32.98 35.07 52.54
N ILE AB 63 -32.38 36.25 52.46
CA ILE AB 63 -31.10 36.44 51.80
C ILE AB 63 -30.04 36.65 52.88
N TYR AB 64 -29.01 35.81 52.87
CA TYR AB 64 -27.89 35.91 53.80
C TYR AB 64 -26.64 36.30 53.04
N VAL AB 65 -25.97 37.34 53.51
CA VAL AB 65 -24.70 37.80 52.94
C VAL AB 65 -23.63 37.64 54.01
N ASN AB 66 -22.58 36.88 53.69
CA ASN AB 66 -21.53 36.56 54.66
C ASN AB 66 -20.17 36.86 54.03
N PRO AB 67 -19.76 38.13 53.99
CA PRO AB 67 -18.43 38.45 53.45
C PRO AB 67 -17.30 37.88 54.30
N ARG AB 68 -16.59 36.91 53.76
CA ARG AB 68 -15.49 36.25 54.45
C ARG AB 68 -14.39 35.98 53.44
N PRO AB 69 -13.16 35.80 53.90
CA PRO AB 69 -12.05 35.50 52.97
C PRO AB 69 -12.33 34.24 52.17
N CYS AB 70 -12.45 34.41 50.85
CA CYS AB 70 -12.70 33.29 49.95
C CYS AB 70 -12.15 33.63 48.58
N CYS AB 71 -11.90 32.59 47.78
CA CYS AB 71 -11.37 32.75 46.44
C CYS AB 71 -12.42 32.59 45.36
N VAL AB 72 -13.41 31.72 45.56
CA VAL AB 72 -14.46 31.46 44.59
C VAL AB 72 -15.79 31.80 45.21
N PRO AB 73 -16.39 32.94 44.86
CA PRO AB 73 -17.69 33.30 45.42
C PRO AB 73 -18.76 32.28 45.04
N ARG AB 74 -19.65 32.00 45.98
CA ARG AB 74 -20.70 31.00 45.78
C ARG AB 74 -22.03 31.53 46.30
N VAL AB 75 -23.11 31.02 45.72
CA VAL AB 75 -24.46 31.31 46.18
C VAL AB 75 -25.19 29.98 46.34
N VAL AB 76 -25.76 29.73 47.51
CA VAL AB 76 -26.44 28.49 47.82
C VAL AB 76 -27.93 28.77 47.94
N ALA AB 77 -28.74 28.06 47.15
CA ALA AB 77 -30.18 28.22 47.14
C ALA AB 77 -30.84 26.95 47.64
N GLU AB 78 -31.73 27.10 48.63
CA GLU AB 78 -32.48 25.99 49.18
C GLU AB 78 -33.96 26.15 48.84
N TYR AB 79 -34.63 25.03 48.57
CA TYR AB 79 -36.03 25.02 48.20
C TYR AB 79 -36.86 24.35 49.28
N LEU AB 80 -38.18 24.45 49.13
CA LEU AB 80 -39.09 23.93 50.15
C LEU AB 80 -39.00 22.40 50.24
N ASN AB 81 -38.92 21.72 49.11
CA ASN AB 81 -38.92 20.26 49.12
C ASN AB 81 -37.64 19.67 49.71
N GLY AB 82 -36.62 20.49 49.95
CA GLY AB 82 -35.40 20.04 50.57
C GLY AB 82 -34.18 19.99 49.67
N ALA AB 83 -34.31 20.39 48.41
CA ALA AB 83 -33.19 20.36 47.48
C ALA AB 83 -32.34 21.62 47.64
N VAL AB 84 -31.04 21.43 47.79
CA VAL AB 84 -30.07 22.52 47.90
C VAL AB 84 -29.20 22.51 46.66
N ARG AB 85 -29.11 23.66 46.00
CA ARG AB 85 -28.40 23.78 44.73
C ARG AB 85 -27.24 24.74 44.90
N GLU AB 86 -26.02 24.24 44.68
CA GLU AB 86 -24.82 25.06 44.78
C GLU AB 86 -24.57 25.75 43.45
N GLU AB 87 -24.14 27.02 43.52
CA GLU AB 87 -23.83 27.80 42.33
C GLU AB 87 -22.57 28.61 42.58
N SER AB 88 -21.88 28.95 41.50
CA SER AB 88 -20.67 29.76 41.56
C SER AB 88 -20.88 31.04 40.77
N ILE AB 89 -20.62 32.18 41.41
CA ILE AB 89 -20.72 33.48 40.76
C ILE AB 89 -19.33 34.04 40.54
N HIS AB 90 -18.35 33.15 40.42
CA HIS AB 90 -16.95 33.55 40.32
C HIS AB 90 -16.70 34.32 39.03
N CYS AB 91 -16.31 35.59 39.17
CA CYS AB 91 -15.90 36.44 38.05
C CYS AB 91 -17.00 36.54 36.98
N LYS AB 92 -18.10 37.16 37.40
CA LYS AB 92 -19.22 37.42 36.50
C LYS AB 92 -19.62 38.89 36.61
N SER AB 93 -20.25 39.38 35.55
CA SER AB 93 -20.72 40.76 35.51
C SER AB 93 -21.94 40.93 36.41
N VAL AB 94 -22.31 42.18 36.63
CA VAL AB 94 -23.44 42.48 37.51
C VAL AB 94 -24.74 41.93 36.92
N GLU AB 95 -24.96 42.14 35.62
CA GLU AB 95 -26.20 41.67 35.01
C GLU AB 95 -26.26 40.16 34.91
N GLU AB 96 -25.11 39.50 34.85
CA GLU AB 96 -25.10 38.04 34.85
C GLU AB 96 -25.53 37.49 36.19
N ILE AB 97 -25.14 38.14 37.29
CA ILE AB 97 -25.58 37.70 38.60
C ILE AB 97 -27.09 37.87 38.74
N ALA AB 98 -27.62 39.00 38.27
CA ALA AB 98 -29.06 39.23 38.35
C ALA AB 98 -29.83 38.20 37.56
N ALA AB 99 -29.34 37.85 36.36
CA ALA AB 99 -29.99 36.81 35.57
C ALA AB 99 -29.90 35.45 36.26
N LEU AB 100 -28.74 35.14 36.85
CA LEU AB 100 -28.58 33.85 37.52
C LEU AB 100 -29.48 33.75 38.74
N VAL AB 101 -29.56 34.82 39.54
CA VAL AB 101 -30.39 34.79 40.74
C VAL AB 101 -31.87 34.74 40.37
N GLN AB 102 -32.26 35.47 39.32
CA GLN AB 102 -33.65 35.45 38.89
C GLN AB 102 -34.06 34.07 38.42
N LYS AB 103 -33.16 33.36 37.73
CA LYS AB 103 -33.48 32.00 37.30
C LYS AB 103 -33.69 31.07 38.49
N LEU AB 104 -32.89 31.23 39.54
CA LEU AB 104 -33.05 30.39 40.73
C LEU AB 104 -34.38 30.67 41.44
N ALA AB 105 -34.94 31.87 41.25
CA ALA AB 105 -36.20 32.19 41.90
C ALA AB 105 -37.38 31.51 41.22
N ASP AB 106 -37.28 31.26 39.92
CA ASP AB 106 -38.39 30.70 39.16
C ASP AB 106 -38.39 29.17 39.09
N GLN AB 107 -37.35 28.51 39.59
CA GLN AB 107 -37.29 27.06 39.51
C GLN AB 107 -38.09 26.41 40.64
N SER AB 108 -38.72 25.29 40.32
CA SER AB 108 -39.55 24.61 41.30
C SER AB 108 -38.72 23.89 42.35
N GLY AB 109 -37.47 23.57 42.04
CA GLY AB 109 -36.58 22.91 42.97
C GLY AB 109 -36.39 21.44 42.72
N LEU AB 110 -37.18 20.83 41.83
CA LEU AB 110 -37.00 19.43 41.53
C LEU AB 110 -35.70 19.21 40.76
N ASP AB 111 -35.22 17.96 40.79
CA ASP AB 111 -33.94 17.64 40.17
C ASP AB 111 -34.01 17.86 38.66
N VAL AB 112 -32.95 18.47 38.12
CA VAL AB 112 -32.90 18.82 36.70
C VAL AB 112 -32.30 17.61 35.98
N ILE AB 113 -33.17 16.68 35.60
CA ILE AB 113 -32.79 15.52 34.82
C ILE AB 113 -33.77 15.38 33.66
N ARG AB 114 -33.62 14.32 32.88
CA ARG AB 114 -34.47 14.11 31.73
C ARG AB 114 -35.92 13.93 32.16
N ILE AB 115 -36.83 14.64 31.50
CA ILE AB 115 -38.26 14.50 31.75
C ILE AB 115 -38.84 13.62 30.64
N ARG AB 116 -39.43 12.49 31.03
CA ARG AB 116 -39.84 11.49 30.05
C ARG AB 116 -40.95 12.03 29.15
N LYS AB 117 -41.92 12.73 29.72
CA LYS AB 117 -43.03 13.24 28.92
C LYS AB 117 -43.20 14.72 29.18
N PRO AB 118 -43.61 15.49 28.16
CA PRO AB 118 -43.75 16.94 28.32
C PRO AB 118 -45.10 17.32 28.90
N PHE AB 119 -45.83 16.35 29.44
CA PHE AB 119 -47.14 16.61 30.02
C PHE AB 119 -47.36 15.68 31.20
N HIS AB 120 -48.28 16.07 32.07
CA HIS AB 120 -48.71 15.25 33.18
C HIS AB 120 -50.21 15.44 33.39
N THR AB 121 -50.90 14.34 33.68
CA THR AB 121 -52.34 14.39 33.86
C THR AB 121 -52.77 13.29 34.82
N ASP AB 122 -53.80 13.58 35.60
CA ASP AB 122 -54.44 12.60 36.46
C ASP AB 122 -55.86 12.37 35.99
N SER AB 123 -56.26 11.11 35.89
CA SER AB 123 -57.53 10.70 35.32
C SER AB 123 -57.70 11.26 33.92
N PRO AB 124 -56.91 10.79 32.95
CA PRO AB 124 -57.06 11.28 31.57
C PRO AB 124 -58.17 10.59 30.80
N SER AB 125 -58.70 9.48 31.31
CA SER AB 125 -59.69 8.68 30.60
C SER AB 125 -61.08 9.26 30.84
N ILE AB 126 -61.31 10.43 30.24
CA ILE AB 126 -62.65 10.99 30.20
C ILE AB 126 -63.49 10.24 29.17
N GLN AB 127 -64.76 10.02 29.51
CA GLN AB 127 -65.72 9.29 28.66
C GLN AB 127 -65.22 7.89 28.29
N GLY AB 128 -64.31 7.34 29.08
CA GLY AB 128 -63.89 5.96 28.94
C GLY AB 128 -62.55 5.83 28.24
N GLN AB 129 -61.91 4.68 28.47
CA GLN AB 129 -60.63 4.33 27.86
C GLN AB 129 -60.82 3.12 26.98
N TRP AB 130 -60.03 3.04 25.92
CA TRP AB 130 -60.21 1.99 24.93
C TRP AB 130 -59.87 0.62 25.51
N HIS AB 131 -60.78 -0.33 25.30
CA HIS AB 131 -60.54 -1.74 25.57
C HIS AB 131 -61.10 -2.53 24.40
N PRO AB 132 -60.56 -3.72 24.12
CA PRO AB 132 -60.95 -4.43 22.89
C PRO AB 132 -62.44 -4.72 22.75
N PHE AB 133 -63.25 -4.42 23.76
CA PHE AB 133 -64.69 -4.61 23.69
C PHE AB 133 -65.45 -3.30 23.56
N THR AB 134 -64.77 -2.18 23.34
CA THR AB 134 -65.45 -0.89 23.26
C THR AB 134 -66.05 -0.61 21.89
N ASN AB 135 -65.74 -1.43 20.88
CA ASN AB 135 -66.24 -1.19 19.53
C ASN AB 135 -66.78 -2.46 18.86
N LYS AB 136 -66.93 -3.55 19.61
CA LYS AB 136 -67.44 -4.79 19.05
C LYS AB 136 -68.92 -4.93 19.35
N PRO AB 137 -69.79 -5.08 18.35
CA PRO AB 137 -71.22 -5.23 18.63
C PRO AB 137 -71.51 -6.52 19.39
N THR AB 138 -72.58 -6.49 20.18
CA THR AB 138 -72.99 -7.63 20.98
C THR AB 138 -73.94 -8.52 20.18
N THR AB 139 -73.72 -9.82 20.25
CA THR AB 139 -74.56 -10.79 19.58
C THR AB 139 -75.74 -11.18 20.48
N LEU AB 140 -76.85 -11.52 19.84
CA LEU AB 140 -78.05 -11.90 20.58
C LEU AB 140 -77.79 -13.10 21.47
N GLY AB 141 -77.93 -12.91 22.78
CA GLY AB 141 -77.67 -13.96 23.74
C GLY AB 141 -76.21 -14.16 24.09
N GLY AB 142 -75.31 -13.31 23.57
CA GLY AB 142 -73.90 -13.47 23.85
C GLY AB 142 -73.31 -14.76 23.34
N LEU AB 143 -73.79 -15.25 22.20
CA LEU AB 143 -73.34 -16.53 21.67
C LEU AB 143 -71.96 -16.40 21.04
N ARG AB 144 -71.15 -17.44 21.23
CA ARG AB 144 -69.85 -17.52 20.58
C ARG AB 144 -70.03 -17.78 19.08
N PRO AB 145 -69.00 -17.53 18.26
CA PRO AB 145 -69.18 -17.65 16.81
C PRO AB 145 -69.71 -19.00 16.35
N ARG AB 146 -69.29 -20.09 16.97
CA ARG AB 146 -69.75 -21.43 16.60
C ARG AB 146 -70.30 -22.16 17.81
N GLU AB 147 -71.15 -21.49 18.58
CA GLU AB 147 -71.76 -22.08 19.77
C GLU AB 147 -73.18 -22.53 19.45
N VAL AB 148 -73.52 -23.74 19.90
CA VAL AB 148 -74.85 -24.30 19.69
C VAL AB 148 -75.77 -23.83 20.81
N GLN AB 149 -76.96 -23.39 20.44
CA GLN AB 149 -77.93 -22.91 21.43
C GLN AB 149 -78.36 -24.06 22.35
N ASP AB 150 -78.60 -23.72 23.62
CA ASP AB 150 -79.04 -24.73 24.58
C ASP AB 150 -80.36 -25.39 24.18
N PRO AB 151 -81.42 -24.67 23.79
CA PRO AB 151 -82.61 -25.40 23.38
C PRO AB 151 -82.50 -25.94 21.97
N ALA BB 31 7.57 14.04 43.04
CA ALA BB 31 6.72 15.03 43.69
C ALA BB 31 6.47 16.21 42.77
N LYS BB 32 5.28 16.23 42.16
CA LYS BB 32 4.91 17.33 41.28
C LYS BB 32 4.70 18.60 42.09
N LYS BB 33 5.26 19.71 41.61
CA LYS BB 33 5.08 20.99 42.28
C LYS BB 33 3.64 21.48 42.09
N GLY BB 34 3.11 22.12 43.13
CA GLY BB 34 1.78 22.69 43.03
C GLY BB 34 0.91 22.44 44.24
N PHE BB 35 -0.21 23.16 44.31
CA PHE BB 35 -1.17 23.01 45.40
C PHE BB 35 -2.59 22.77 44.94
N ARG BB 36 -2.96 23.17 43.72
CA ARG BB 36 -4.33 22.97 43.25
C ARG BB 36 -4.68 21.49 43.19
N ALA BB 37 -3.77 20.66 42.68
CA ALA BB 37 -4.04 19.23 42.60
C ALA BB 37 -4.18 18.62 43.98
N ALA BB 38 -3.34 19.04 44.93
CA ALA BB 38 -3.39 18.49 46.28
C ALA BB 38 -4.70 18.85 46.97
N TYR BB 39 -5.14 20.10 46.83
CA TYR BB 39 -6.35 20.53 47.54
C TYR BB 39 -7.62 20.02 46.86
N ARG BB 40 -7.64 19.99 45.53
CA ARG BB 40 -8.84 19.53 44.83
C ARG BB 40 -9.18 18.10 45.19
N PHE BB 41 -8.18 17.27 45.47
CA PHE BB 41 -8.44 15.89 45.85
C PHE BB 41 -9.07 15.80 47.24
N GLN BB 42 -8.72 16.74 48.14
CA GLN BB 42 -9.36 16.77 49.44
C GLN BB 42 -10.87 16.97 49.32
N LYS BB 43 -11.31 17.64 48.25
CA LYS BB 43 -12.74 17.71 47.96
C LYS BB 43 -13.30 16.35 47.59
N GLU BB 44 -12.49 15.51 46.94
CA GLU BB 44 -12.95 14.16 46.59
C GLU BB 44 -12.94 13.23 47.80
N LEU BB 45 -11.93 13.37 48.67
CA LEU BB 45 -11.86 12.50 49.85
C LEU BB 45 -13.05 12.69 50.76
N GLU BB 46 -13.53 13.93 50.90
CA GLU BB 46 -14.72 14.17 51.70
C GLU BB 46 -15.95 13.51 51.08
N ARG BB 47 -16.03 13.51 49.75
CA ARG BB 47 -17.17 12.89 49.08
C ARG BB 47 -17.22 11.39 49.33
N TRP BB 48 -16.06 10.73 49.28
CA TRP BB 48 -16.01 9.29 49.53
C TRP BB 48 -16.39 8.95 50.96
N ARG BB 49 -15.93 9.76 51.92
CA ARG BB 49 -16.25 9.49 53.33
C ARG BB 49 -17.75 9.58 53.59
N LEU BB 50 -18.41 10.57 53.00
CA LEU BB 50 -19.86 10.70 53.19
C LEU BB 50 -20.59 9.50 52.60
N LEU BB 51 -20.17 9.04 51.42
CA LEU BB 51 -20.81 7.89 50.81
C LEU BB 51 -20.63 6.63 51.66
N ARG BB 52 -19.43 6.43 52.19
CA ARG BB 52 -19.16 5.24 53.01
C ARG BB 52 -19.85 5.33 54.36
N CYS BB 53 -19.80 6.49 55.01
CA CYS BB 53 -20.40 6.69 56.33
C CYS BB 53 -21.31 7.91 56.26
N PRO BB 54 -22.56 7.73 55.85
CA PRO BB 54 -23.48 8.87 55.74
C PRO BB 54 -23.70 9.52 57.09
N PRO BB 55 -23.79 10.84 57.15
CA PRO BB 55 -23.99 11.52 58.42
C PRO BB 55 -25.44 11.44 58.87
N PRO BB 56 -25.69 11.40 60.18
CA PRO BB 56 -27.08 11.41 60.65
C PRO BB 56 -27.74 12.74 60.34
N PRO BB 57 -29.03 12.75 60.06
CA PRO BB 57 -29.73 14.02 59.79
C PRO BB 57 -29.70 14.94 61.00
N VAL BB 58 -29.56 16.24 60.72
CA VAL BB 58 -29.55 17.27 61.75
C VAL BB 58 -30.52 18.37 61.36
N ARG BB 59 -30.95 19.14 62.37
CA ARG BB 59 -31.92 20.20 62.13
C ARG BB 59 -31.27 21.35 61.36
N ARG BB 60 -32.12 22.15 60.71
CA ARG BB 60 -31.64 23.32 59.99
C ARG BB 60 -31.06 24.37 60.93
N SER BB 61 -31.49 24.39 62.19
CA SER BB 61 -31.02 25.41 63.12
C SER BB 61 -29.52 25.31 63.37
N GLU BB 62 -29.00 24.09 63.51
CA GLU BB 62 -27.58 23.90 63.79
C GLU BB 62 -26.69 24.23 62.61
N LYS BB 63 -27.25 24.41 61.42
CA LYS BB 63 -26.45 24.77 60.25
C LYS BB 63 -26.10 26.26 60.29
N PRO BB 64 -24.99 26.66 59.63
CA PRO BB 64 -24.48 28.02 59.85
C PRO BB 64 -25.45 29.14 59.51
N ASN BB 65 -26.25 29.00 58.46
CA ASN BB 65 -27.17 30.06 58.03
C ASN BB 65 -28.52 29.83 58.69
N TRP BB 66 -28.82 30.63 59.72
CA TRP BB 66 -30.10 30.51 60.40
C TRP BB 66 -30.39 31.79 61.17
N ASP BB 67 -31.63 32.27 61.07
CA ASP BB 67 -32.09 33.42 61.83
C ASP BB 67 -33.59 33.22 62.03
N TYR BB 68 -33.97 32.80 63.24
CA TYR BB 68 -35.32 32.27 63.45
C TYR BB 68 -36.40 33.32 63.18
N HIS BB 69 -36.19 34.55 63.62
CA HIS BB 69 -37.22 35.56 63.44
C HIS BB 69 -37.43 35.91 61.98
N ALA BB 70 -36.35 35.91 61.18
CA ALA BB 70 -36.49 36.19 59.75
C ALA BB 70 -37.32 35.13 59.06
N GLU BB 71 -37.13 33.86 59.45
CA GLU BB 71 -37.90 32.78 58.81
C GLU BB 71 -39.38 32.90 59.11
N ILE BB 72 -39.73 33.29 60.34
CA ILE BB 72 -41.14 33.38 60.71
C ILE BB 72 -41.85 34.43 59.88
N GLN BB 73 -41.22 35.60 59.70
CA GLN BB 73 -41.82 36.65 58.89
C GLN BB 73 -41.98 36.19 57.44
N ALA BB 74 -40.96 35.51 56.90
CA ALA BB 74 -41.04 35.02 55.53
C ALA BB 74 -42.09 33.93 55.39
N PHE BB 75 -42.36 33.19 56.47
CA PHE BB 75 -43.36 32.13 56.40
C PHE BB 75 -44.74 32.70 56.12
N GLY BB 76 -45.09 33.82 56.75
CA GLY BB 76 -46.38 34.42 56.50
C GLY BB 76 -46.53 34.96 55.09
N HIS BB 77 -45.48 35.63 54.58
CA HIS BB 77 -45.55 36.20 53.24
C HIS BB 77 -45.55 35.13 52.17
N ARG BB 78 -44.88 34.00 52.42
CA ARG BB 78 -44.80 32.94 51.43
C ARG BB 78 -46.18 32.38 51.09
N LEU BB 79 -47.02 32.18 52.11
CA LEU BB 79 -48.36 31.64 51.94
C LEU BB 79 -49.40 32.70 51.64
N GLN BB 80 -49.00 33.97 51.51
CA GLN BB 80 -49.92 35.08 51.26
C GLN BB 80 -51.00 35.15 52.33
N GLU BB 81 -50.58 35.01 53.59
CA GLU BB 81 -51.48 35.10 54.73
C GLU BB 81 -50.87 36.01 55.78
N THR BB 82 -51.73 36.64 56.57
CA THR BB 82 -51.31 37.54 57.63
C THR BB 82 -51.39 36.80 58.96
N PHE BB 83 -50.24 36.55 59.57
CA PHE BB 83 -50.14 35.86 60.84
C PHE BB 83 -49.71 36.82 61.93
N SER BB 84 -50.03 36.46 63.18
CA SER BB 84 -49.51 37.18 64.33
C SER BB 84 -48.24 36.49 64.81
N LEU BB 85 -47.18 37.28 64.98
CA LEU BB 85 -45.88 36.70 65.33
C LEU BB 85 -45.94 35.99 66.68
N ASP BB 86 -46.70 36.54 67.62
CA ASP BB 86 -46.86 35.87 68.92
C ASP BB 86 -47.59 34.55 68.76
N LEU BB 87 -48.60 34.51 67.89
CA LEU BB 87 -49.35 33.27 67.70
C LEU BB 87 -48.50 32.19 67.04
N LEU BB 88 -47.72 32.55 66.01
CA LEU BB 88 -46.93 31.55 65.31
C LEU BB 88 -45.86 30.95 66.21
N LYS BB 89 -45.10 31.80 66.92
CA LYS BB 89 -44.06 31.28 67.81
C LYS BB 89 -44.66 30.43 68.92
N THR BB 90 -45.91 30.71 69.30
CA THR BB 90 -46.62 29.83 70.22
C THR BB 90 -46.99 28.51 69.56
N ALA BB 91 -47.27 28.52 68.25
CA ALA BB 91 -47.66 27.31 67.55
C ALA BB 91 -46.48 26.40 67.26
N PHE BB 92 -45.28 26.96 67.10
CA PHE BB 92 -44.11 26.18 66.71
C PHE BB 92 -43.34 25.59 67.88
N VAL BB 93 -43.80 25.78 69.11
CA VAL BB 93 -43.15 25.21 70.29
C VAL BB 93 -44.02 24.07 70.80
N ASN BB 94 -43.41 22.91 70.97
CA ASN BB 94 -44.11 21.70 71.38
C ASN BB 94 -43.76 21.37 72.84
N SER BB 95 -44.65 20.59 73.46
CA SER BB 95 -44.42 20.17 74.84
C SER BB 95 -43.18 19.28 74.95
N CYS BB 96 -42.84 18.56 73.88
CA CYS BB 96 -41.62 17.76 73.90
C CYS BB 96 -40.38 18.62 74.04
N TYR BB 97 -40.36 19.77 73.35
CA TYR BB 97 -39.23 20.68 73.45
C TYR BB 97 -39.11 21.26 74.85
N ILE BB 98 -40.24 21.63 75.46
CA ILE BB 98 -40.21 22.20 76.80
C ILE BB 98 -39.66 21.19 77.80
N LYS BB 99 -40.13 19.95 77.72
CA LYS BB 99 -39.62 18.90 78.61
C LYS BB 99 -38.14 18.66 78.36
N SER BB 100 -37.71 18.67 77.10
CA SER BB 100 -36.29 18.49 76.79
C SER BB 100 -35.46 19.62 77.37
N GLU BB 101 -35.96 20.85 77.27
CA GLU BB 101 -35.22 21.99 77.81
C GLU BB 101 -35.06 21.89 79.32
N GLU BB 102 -36.13 21.51 80.02
CA GLU BB 102 -36.08 21.47 81.48
C GLU BB 102 -35.04 20.49 81.98
N ALA BB 103 -34.88 19.35 81.28
CA ALA BB 103 -33.85 18.39 81.65
C ALA BB 103 -32.46 19.02 81.52
N LYS BB 104 -32.24 19.82 80.47
CA LYS BB 104 -30.97 20.51 80.31
C LYS BB 104 -30.74 21.51 81.44
N ARG BB 105 -31.78 22.25 81.83
CA ARG BB 105 -31.64 23.21 82.91
C ARG BB 105 -31.31 22.53 84.22
N GLN BB 106 -31.96 21.40 84.52
CA GLN BB 106 -31.66 20.66 85.74
C GLN BB 106 -30.27 20.06 85.69
N LYS BB 107 -29.83 19.62 84.50
CA LYS BB 107 -28.49 19.07 84.36
C LYS BB 107 -27.43 20.12 84.69
N LEU BB 108 -27.61 21.34 84.20
CA LEU BB 108 -26.67 22.42 84.46
C LEU BB 108 -26.92 23.13 85.77
N GLY BB 109 -28.10 22.96 86.37
CA GLY BB 109 -28.42 23.61 87.62
C GLY BB 109 -28.51 25.13 87.52
N ILE BB 110 -29.11 25.64 86.45
CA ILE BB 110 -29.26 27.07 86.24
C ILE BB 110 -30.75 27.39 86.23
N ASP BB 111 -31.15 28.38 87.02
CA ASP BB 111 -32.57 28.69 87.20
C ASP BB 111 -33.09 29.49 86.01
N LYS BB 112 -34.11 28.94 85.33
CA LYS BB 112 -34.80 29.64 84.25
C LYS BB 112 -36.30 29.40 84.31
N GLU BB 113 -36.84 29.05 85.47
CA GLU BB 113 -38.26 28.71 85.58
C GLU BB 113 -39.16 29.91 85.28
N ALA BB 114 -38.66 31.13 85.47
CA ALA BB 114 -39.48 32.31 85.24
C ALA BB 114 -39.86 32.44 83.76
N ALA BB 115 -38.92 32.14 82.87
CA ALA BB 115 -39.14 32.30 81.44
C ALA BB 115 -39.52 31.00 80.74
N LEU BB 116 -38.79 29.91 81.03
CA LEU BB 116 -39.02 28.65 80.33
C LEU BB 116 -40.39 28.07 80.65
N LEU BB 117 -40.75 28.04 81.93
CA LEU BB 117 -42.04 27.45 82.31
C LEU BB 117 -43.20 28.29 81.79
N ASN BB 118 -43.01 29.60 81.65
CA ASN BB 118 -44.06 30.48 81.13
C ASN BB 118 -43.96 30.63 79.62
N LEU BB 119 -43.91 29.49 78.93
CA LEU BB 119 -43.92 29.44 77.46
C LEU BB 119 -45.12 28.61 77.03
N LYS BB 120 -46.14 29.26 76.50
CA LYS BB 120 -47.34 28.56 76.08
C LYS BB 120 -47.02 27.60 74.94
N ASP BB 121 -47.49 26.35 75.08
CA ASP BB 121 -47.27 25.34 74.06
C ASP BB 121 -48.33 25.48 72.97
N ASN BB 122 -48.38 24.51 72.07
CA ASN BB 122 -49.34 24.52 70.96
C ASN BB 122 -50.42 23.46 71.15
N GLN BB 123 -50.63 23.03 72.40
CA GLN BB 123 -51.67 22.04 72.68
C GLN BB 123 -53.06 22.64 72.50
N GLU BB 124 -53.28 23.85 73.01
CA GLU BB 124 -54.56 24.50 72.82
C GLU BB 124 -54.80 24.87 71.36
N LEU BB 125 -53.77 25.37 70.68
CA LEU BB 125 -53.93 25.78 69.29
C LEU BB 125 -54.22 24.58 68.39
N SER BB 126 -53.55 23.45 68.63
CA SER BB 126 -53.77 22.27 67.80
C SER BB 126 -55.19 21.76 67.92
N GLU BB 127 -55.73 21.75 69.13
CA GLU BB 127 -57.11 21.30 69.33
C GLU BB 127 -58.09 22.19 68.58
N GLN BB 128 -57.86 23.51 68.59
CA GLN BB 128 -58.70 24.41 67.80
C GLN BB 128 -58.56 24.13 66.31
N GLY BB 129 -57.33 23.88 65.85
CA GLY BB 129 -57.12 23.61 64.44
C GLY BB 129 -57.75 22.32 63.97
N ILE BB 130 -57.58 21.24 64.75
CA ILE BB 130 -58.12 19.95 64.36
C ILE BB 130 -59.64 19.98 64.34
N SER BB 131 -60.26 20.59 65.36
CA SER BB 131 -61.71 20.65 65.41
C SER BB 131 -62.28 21.47 64.26
N PHE BB 132 -61.63 22.58 63.92
CA PHE BB 132 -62.10 23.41 62.81
C PHE BB 132 -61.87 22.73 61.47
N SER BB 133 -60.71 22.07 61.31
CA SER BB 133 -60.40 21.44 60.03
C SER BB 133 -61.39 20.34 59.68
N GLN BB 134 -61.74 19.50 60.66
CA GLN BB 134 -62.72 18.44 60.41
C GLN BB 134 -64.09 19.02 60.11
N THR BB 135 -64.48 20.08 60.82
CA THR BB 135 -65.76 20.73 60.56
C THR BB 135 -65.77 21.39 59.18
N CYS BB 136 -64.68 22.07 58.82
CA CYS BB 136 -64.63 22.75 57.53
C CYS BB 136 -64.60 21.77 56.37
N LEU BB 137 -63.80 20.69 56.50
CA LEU BB 137 -63.74 19.69 55.44
C LEU BB 137 -65.09 19.00 55.26
N THR BB 138 -65.78 18.69 56.36
CA THR BB 138 -67.08 18.05 56.27
C THR BB 138 -68.08 18.95 55.53
N GLN BB 139 -68.02 20.25 55.77
CA GLN BB 139 -68.90 21.18 55.09
C GLN BB 139 -68.64 21.17 53.59
N PHE BB 140 -67.37 21.09 53.18
CA PHE BB 140 -67.05 21.06 51.75
C PHE BB 140 -67.63 19.82 51.08
N PHE BB 141 -67.49 18.65 51.72
CA PHE BB 141 -67.92 17.41 51.07
C PHE BB 141 -69.43 17.26 51.08
N GLU BB 142 -70.09 17.65 52.18
CA GLU BB 142 -71.54 17.58 52.22
C GLU BB 142 -72.18 18.51 51.19
N ASP BB 143 -71.61 19.70 51.01
CA ASP BB 143 -72.14 20.63 50.03
C ASP BB 143 -71.85 20.16 48.61
N ALA BB 144 -70.66 19.60 48.38
CA ALA BB 144 -70.27 19.21 47.03
C ALA BB 144 -70.81 17.82 46.66
N PHE BB 145 -70.88 16.90 47.63
CA PHE BB 145 -71.28 15.52 47.40
C PHE BB 145 -72.46 15.20 48.30
N PRO BB 146 -73.68 15.61 47.92
CA PRO BB 146 -74.85 15.33 48.76
C PRO BB 146 -75.13 13.85 48.95
N ASP BB 147 -74.71 12.99 48.02
CA ASP BB 147 -75.06 11.58 48.06
C ASP BB 147 -74.10 10.74 48.90
N LEU BB 148 -72.97 11.30 49.32
CA LEU BB 148 -72.04 10.54 50.15
C LEU BB 148 -72.66 10.26 51.51
N PRO BB 149 -72.67 9.02 51.98
CA PRO BB 149 -73.25 8.72 53.29
C PRO BB 149 -72.38 9.27 54.42
N THR BB 150 -72.92 9.17 55.63
CA THR BB 150 -72.20 9.69 56.80
C THR BB 150 -70.89 8.93 57.00
N GLU BB 151 -70.89 7.62 56.79
CA GLU BB 151 -69.67 6.84 56.90
C GLU BB 151 -68.66 7.25 55.84
N GLY BB 152 -69.12 7.48 54.60
CA GLY BB 152 -68.21 7.81 53.52
C GLY BB 152 -67.51 9.15 53.73
N VAL BB 153 -68.28 10.18 54.08
CA VAL BB 153 -67.69 11.51 54.26
C VAL BB 153 -66.74 11.52 55.44
N THR BB 154 -67.03 10.74 56.49
CA THR BB 154 -66.11 10.65 57.62
C THR BB 154 -64.78 10.05 57.20
N SER BB 155 -64.80 9.07 56.31
CA SER BB 155 -63.56 8.50 55.81
C SER BB 155 -62.77 9.51 54.98
N LEU BB 156 -63.46 10.33 54.20
CA LEU BB 156 -62.79 11.32 53.37
C LEU BB 156 -62.04 12.35 54.21
N VAL BB 157 -62.71 12.89 55.22
CA VAL BB 157 -62.08 13.93 56.05
C VAL BB 157 -60.96 13.31 56.90
N ASP BB 158 -61.14 12.08 57.37
CA ASP BB 158 -60.10 11.44 58.16
C ASP BB 158 -58.86 11.15 57.31
N PHE BB 159 -59.04 10.84 56.02
CA PHE BB 159 -57.90 10.58 55.17
C PHE BB 159 -57.06 11.84 54.94
N LEU BB 160 -57.72 12.96 54.67
CA LEU BB 160 -57.00 14.20 54.42
C LEU BB 160 -56.30 14.72 55.67
N THR BB 161 -56.82 14.38 56.85
CA THR BB 161 -56.21 14.76 58.12
C THR BB 161 -55.44 13.61 58.75
N SER BB 162 -55.13 12.58 57.97
CA SER BB 162 -54.45 11.40 58.48
C SER BB 162 -52.97 11.73 58.70
N GLU BB 163 -52.18 10.71 59.01
CA GLU BB 163 -50.78 10.93 59.33
C GLU BB 163 -49.94 11.18 58.07
N GLU BB 164 -50.04 10.29 57.08
CA GLU BB 164 -49.15 10.37 55.93
C GLU BB 164 -49.46 11.59 55.06
N VAL BB 165 -50.74 11.95 54.93
CA VAL BB 165 -51.09 13.08 54.08
C VAL BB 165 -50.64 14.39 54.70
N VAL BB 166 -50.89 14.57 56.00
CA VAL BB 166 -50.56 15.83 56.66
C VAL BB 166 -49.06 16.00 56.78
N CYS BB 167 -48.35 14.93 57.16
CA CYS BB 167 -46.90 15.04 57.34
C CYS BB 167 -46.21 15.38 56.02
N HIS BB 168 -46.68 14.81 54.91
CA HIS BB 168 -46.12 15.15 53.61
C HIS BB 168 -46.34 16.63 53.28
N VAL BB 169 -47.54 17.14 53.57
CA VAL BB 169 -47.83 18.54 53.29
C VAL BB 169 -47.01 19.45 54.20
N ALA BB 170 -46.92 19.10 55.48
CA ALA BB 170 -46.16 19.94 56.41
C ALA BB 170 -44.68 19.97 56.07
N ARG BB 171 -44.11 18.82 55.69
CA ARG BB 171 -42.69 18.77 55.38
C ARG BB 171 -42.35 19.59 54.15
N ASN BB 172 -43.22 19.57 53.13
CA ASN BB 172 -42.98 20.32 51.91
C ASN BB 172 -43.34 21.79 52.03
N LEU BB 173 -43.93 22.22 53.15
CA LEU BB 173 -44.32 23.60 53.36
C LEU BB 173 -43.44 24.31 54.38
N ALA BB 174 -42.30 23.72 54.73
CA ALA BB 174 -41.36 24.29 55.70
C ALA BB 174 -42.00 24.47 57.07
N VAL BB 175 -43.02 23.68 57.39
CA VAL BB 175 -43.57 23.68 58.74
C VAL BB 175 -42.74 22.82 59.67
N GLU BB 176 -42.07 21.80 59.14
CA GLU BB 176 -41.19 20.96 59.94
C GLU BB 176 -39.87 21.64 60.25
N GLN BB 177 -39.42 22.53 59.37
CA GLN BB 177 -38.14 23.20 59.59
C GLN BB 177 -38.21 24.19 60.75
N LEU BB 178 -39.37 24.81 60.96
CA LEU BB 178 -39.54 25.82 62.00
C LEU BB 178 -40.11 25.26 63.29
N ALA BB 179 -40.33 23.95 63.37
CA ALA BB 179 -40.94 23.34 64.54
C ALA BB 179 -39.89 23.04 65.59
N LEU BB 180 -40.12 23.55 66.81
CA LEU BB 180 -39.20 23.33 67.93
C LEU BB 180 -39.58 22.02 68.61
N SER BB 181 -38.76 20.99 68.38
CA SER BB 181 -38.98 19.70 69.02
C SER BB 181 -37.66 18.94 69.02
N ALA BB 182 -37.60 17.91 69.85
CA ALA BB 182 -36.41 17.08 69.98
C ALA BB 182 -36.48 15.90 69.01
N GLU BB 183 -35.36 15.21 68.88
CA GLU BB 183 -35.25 14.00 68.07
C GLU BB 183 -35.65 14.26 66.61
N PHE BB 184 -34.88 15.11 65.96
CA PHE BB 184 -35.04 15.30 64.53
C PHE BB 184 -34.64 14.01 63.79
N PRO BB 185 -35.41 13.59 62.78
CA PRO BB 185 -36.61 14.20 62.20
C PRO BB 185 -37.83 14.13 63.12
N VAL BB 186 -38.69 15.14 63.07
CA VAL BB 186 -39.83 15.23 64.00
C VAL BB 186 -40.73 14.02 63.82
N PRO BB 187 -41.14 13.36 64.89
CA PRO BB 187 -42.03 12.19 64.77
C PRO BB 187 -43.33 12.57 64.10
N PRO BB 188 -43.90 11.68 63.30
CA PRO BB 188 -45.12 12.00 62.55
C PRO BB 188 -46.27 12.44 63.45
N PRO BB 189 -46.49 11.81 64.62
CA PRO BB 189 -47.54 12.33 65.50
C PRO BB 189 -47.28 13.75 65.98
N VAL BB 190 -46.01 14.09 66.22
CA VAL BB 190 -45.69 15.46 66.64
C VAL BB 190 -45.85 16.43 65.48
N LEU BB 191 -45.41 16.03 64.28
CA LEU BB 191 -45.47 16.92 63.14
C LEU BB 191 -46.91 17.28 62.77
N ARG BB 192 -47.81 16.30 62.83
CA ARG BB 192 -49.22 16.58 62.57
C ARG BB 192 -49.79 17.52 63.62
N GLN BB 193 -49.34 17.42 64.86
CA GLN BB 193 -49.78 18.34 65.90
C GLN BB 193 -49.35 19.76 65.58
N THR BB 194 -48.12 19.94 65.10
CA THR BB 194 -47.61 21.27 64.80
C THR BB 194 -48.32 21.88 63.60
N PHE BB 195 -48.62 21.08 62.58
CA PHE BB 195 -49.26 21.62 61.37
C PHE BB 195 -50.62 22.20 61.68
N PHE BB 196 -51.44 21.50 62.46
CA PHE BB 196 -52.76 22.02 62.80
C PHE BB 196 -52.68 23.16 63.80
N ALA BB 197 -51.55 23.30 64.51
CA ALA BB 197 -51.35 24.48 65.34
C ALA BB 197 -51.27 25.74 64.48
N VAL BB 198 -50.62 25.64 63.31
CA VAL BB 198 -50.56 26.77 62.39
C VAL BB 198 -51.95 27.13 61.91
N ILE BB 199 -52.80 26.12 61.70
CA ILE BB 199 -54.20 26.39 61.33
C ILE BB 199 -54.89 27.15 62.46
N GLY BB 200 -54.65 26.74 63.71
CA GLY BB 200 -55.22 27.44 64.84
C GLY BB 200 -54.75 28.89 64.94
N ALA BB 201 -53.47 29.12 64.66
CA ALA BB 201 -52.94 30.48 64.65
C ALA BB 201 -53.58 31.31 63.54
N LEU BB 202 -53.77 30.72 62.36
CA LEU BB 202 -54.41 31.42 61.26
C LEU BB 202 -55.89 31.69 61.56
N LEU BB 203 -56.54 30.79 62.31
CA LEU BB 203 -57.95 30.99 62.63
C LEU BB 203 -58.17 32.23 63.48
N GLN BB 204 -57.29 32.48 64.45
CA GLN BB 204 -57.44 33.64 65.32
C GLN BB 204 -56.90 34.92 64.71
N SER BB 205 -56.07 34.82 63.67
CA SER BB 205 -55.51 36.01 63.03
C SER BB 205 -56.43 36.54 61.94
N SER BB 206 -56.76 35.70 60.95
CA SER BB 206 -57.68 36.07 59.89
C SER BB 206 -59.05 35.47 60.18
N GLY BB 207 -60.01 35.80 59.33
CA GLY BB 207 -61.36 35.31 59.48
C GLY BB 207 -61.46 33.82 59.22
N PRO BB 208 -62.53 33.20 59.72
CA PRO BB 208 -62.72 31.76 59.44
C PRO BB 208 -62.80 31.44 57.96
N GLU BB 209 -63.36 32.33 57.15
CA GLU BB 209 -63.43 32.07 55.71
C GLU BB 209 -62.05 32.11 55.07
N ARG BB 210 -61.12 32.91 55.62
CA ARG BB 210 -59.77 32.94 55.09
C ARG BB 210 -59.03 31.64 55.37
N THR BB 211 -59.22 31.08 56.57
CA THR BB 211 -58.61 29.78 56.89
C THR BB 211 -59.23 28.67 56.05
N ALA BB 212 -60.50 28.80 55.69
CA ALA BB 212 -61.14 27.80 54.85
C ALA BB 212 -60.44 27.69 53.49
N LEU BB 213 -60.04 28.83 52.92
CA LEU BB 213 -59.29 28.80 51.67
C LEU BB 213 -57.95 28.10 51.86
N PHE BB 214 -57.31 28.32 53.01
CA PHE BB 214 -56.04 27.64 53.27
C PHE BB 214 -56.21 26.13 53.32
N ILE BB 215 -57.30 25.66 53.93
CA ILE BB 215 -57.58 24.23 53.93
C ILE BB 215 -57.82 23.73 52.51
N ARG BB 216 -58.56 24.49 51.71
CA ARG BB 216 -58.85 24.07 50.34
C ARG BB 216 -57.59 24.00 49.50
N ASP BB 217 -56.67 24.94 49.69
CA ASP BB 217 -55.49 25.03 48.84
C ASP BB 217 -54.45 23.96 49.15
N PHE BB 218 -54.37 23.50 50.40
CA PHE BB 218 -53.30 22.60 50.81
C PHE BB 218 -53.78 21.29 51.42
N LEU BB 219 -55.08 21.06 51.50
CA LEU BB 219 -55.54 19.76 51.99
C LEU BB 219 -56.53 19.09 51.05
N ILE BB 220 -57.43 19.86 50.43
CA ILE BB 220 -58.34 19.26 49.46
C ILE BB 220 -57.60 18.88 48.19
N THR BB 221 -56.53 19.59 47.85
CA THR BB 221 -55.76 19.28 46.65
C THR BB 221 -55.03 17.95 46.74
N GLN BB 222 -54.95 17.33 47.92
CA GLN BB 222 -54.25 16.06 48.06
C GLN BB 222 -55.06 14.87 47.55
N MET BB 223 -56.32 15.07 47.18
CA MET BB 223 -57.14 14.00 46.63
C MET BB 223 -57.23 14.06 45.11
N THR BB 224 -56.48 14.96 44.48
CA THR BB 224 -56.51 15.07 43.02
C THR BB 224 -55.93 13.82 42.38
N GLY BB 225 -56.74 13.13 41.58
CA GLY BB 225 -56.29 11.92 40.92
C GLY BB 225 -56.73 10.66 41.64
N LYS BB 226 -56.76 10.72 42.97
CA LYS BB 226 -57.19 9.58 43.75
C LYS BB 226 -58.69 9.34 43.57
N GLU BB 227 -59.09 8.09 43.77
CA GLU BB 227 -60.46 7.66 43.53
C GLU BB 227 -61.07 7.13 44.82
N LEU BB 228 -62.38 7.25 44.92
CA LEU BB 228 -63.10 6.68 46.07
C LEU BB 228 -62.87 5.18 46.12
N PHE BB 229 -62.98 4.63 47.33
CA PHE BB 229 -62.68 3.25 47.71
C PHE BB 229 -61.17 3.01 47.76
N GLU BB 230 -60.34 3.96 47.34
CA GLU BB 230 -58.93 3.96 47.71
C GLU BB 230 -58.68 4.71 49.00
N MET BB 231 -59.61 5.59 49.39
CA MET BB 231 -59.58 6.28 50.67
C MET BB 231 -60.64 5.78 51.65
N TRP BB 232 -61.74 5.23 51.15
CA TRP BB 232 -62.80 4.66 51.95
C TRP BB 232 -62.86 3.16 51.63
N THR BB 233 -62.07 2.37 52.36
CA THR BB 233 -61.95 0.95 52.08
C THR BB 233 -63.13 0.19 52.68
N ILE BB 234 -63.84 -0.55 51.84
CA ILE BB 234 -64.91 -1.44 52.28
C ILE BB 234 -64.65 -2.83 51.70
N THR BB 235 -65.25 -3.84 52.33
CA THR BB 235 -64.98 -5.22 51.97
C THR BB 235 -66.17 -5.94 51.34
N ASN BB 236 -67.36 -5.37 51.38
CA ASN BB 236 -68.57 -5.99 50.82
C ASN BB 236 -69.28 -4.98 49.95
N PRO BB 237 -68.75 -4.70 48.75
CA PRO BB 237 -69.43 -3.75 47.86
C PRO BB 237 -70.83 -4.18 47.46
N MET BB 238 -71.04 -5.49 47.23
CA MET BB 238 -72.37 -5.97 46.85
C MET BB 238 -73.38 -5.75 47.96
N GLY BB 239 -72.99 -6.04 49.21
CA GLY BB 239 -73.89 -5.82 50.33
C GLY BB 239 -74.27 -4.36 50.49
N LEU BB 240 -73.29 -3.47 50.41
CA LEU BB 240 -73.56 -2.04 50.57
C LEU BB 240 -74.40 -1.51 49.42
N LEU BB 241 -74.25 -2.06 48.22
CA LEU BB 241 -75.02 -1.58 47.08
C LEU BB 241 -76.51 -1.84 47.25
N VAL BB 242 -76.86 -3.02 47.77
CA VAL BB 242 -78.27 -3.34 47.96
C VAL BB 242 -78.89 -2.41 49.00
N GLU BB 243 -78.17 -2.13 50.07
CA GLU BB 243 -78.68 -1.22 51.10
C GLU BB 243 -78.92 0.18 50.52
N GLU BB 244 -77.98 0.67 49.71
CA GLU BB 244 -78.16 1.98 49.11
C GLU BB 244 -79.35 2.00 48.15
N LEU BB 245 -79.55 0.90 47.41
CA LEU BB 245 -80.70 0.83 46.50
C LEU BB 245 -82.02 0.79 47.25
N LYS BB 246 -82.03 0.23 48.47
CA LYS BB 246 -83.24 0.27 49.28
C LYS BB 246 -83.62 1.69 49.66
N LYS BB 247 -82.61 2.52 49.99
CA LYS BB 247 -82.88 3.93 50.23
C LYS BB 247 -83.43 4.61 48.98
N ARG BB 248 -82.86 4.27 47.82
CA ARG BB 248 -83.32 4.84 46.55
C ARG BB 248 -84.57 4.17 46.00
N LYS BB 249 -85.12 3.19 46.73
CA LYS BB 249 -86.35 2.50 46.34
C LYS BB 249 -86.16 1.74 45.02
N ILE BB 250 -85.11 0.94 44.96
CA ILE BB 250 -84.86 0.01 43.87
C ILE BB 250 -84.74 -1.39 44.46
N SER BB 251 -85.40 -2.36 43.83
CA SER BB 251 -85.55 -3.68 44.42
C SER BB 251 -84.22 -4.38 44.68
N ALA BB 252 -83.51 -4.76 43.61
CA ALA BB 252 -82.27 -5.50 43.76
C ALA BB 252 -81.53 -5.59 42.43
N PRO BB 253 -80.21 -5.49 42.44
CA PRO BB 253 -79.45 -5.67 41.20
C PRO BB 253 -79.36 -7.13 40.81
N GLU BB 254 -79.25 -7.37 39.51
CA GLU BB 254 -79.08 -8.71 38.96
C GLU BB 254 -77.84 -8.73 38.09
N SER BB 255 -76.96 -9.69 38.32
CA SER BB 255 -75.69 -9.78 37.61
C SER BB 255 -75.83 -10.67 36.39
N ARG BB 256 -75.37 -10.16 35.25
CA ARG BB 256 -75.36 -10.91 33.99
C ARG BB 256 -74.00 -10.78 33.34
N LEU BB 257 -73.54 -11.85 32.70
CA LEU BB 257 -72.24 -11.86 32.04
C LEU BB 257 -72.37 -11.21 30.67
N THR BB 258 -71.81 -10.01 30.52
CA THR BB 258 -71.98 -9.26 29.28
C THR BB 258 -71.02 -9.75 28.20
N ARG BB 259 -69.72 -9.66 28.44
CA ARG BB 259 -68.71 -10.03 27.46
C ARG BB 259 -67.65 -10.90 28.13
N GLN BB 260 -67.10 -11.82 27.35
CA GLN BB 260 -66.05 -12.70 27.84
C GLN BB 260 -65.12 -13.06 26.70
N SER BB 261 -63.87 -13.37 27.04
CA SER BB 261 -62.86 -13.71 26.04
C SER BB 261 -61.91 -14.73 26.65
N GLY BB 262 -62.12 -16.00 26.32
CA GLY BB 262 -61.26 -17.05 26.80
C GLY BB 262 -61.69 -17.51 28.19
N SER BB 263 -62.19 -18.74 28.27
CA SER BB 263 -62.62 -19.30 29.55
C SER BB 263 -61.70 -20.39 30.05
N THR BB 264 -60.89 -20.99 29.19
CA THR BB 264 -59.93 -22.02 29.59
C THR BB 264 -58.51 -21.49 29.69
N THR BB 265 -58.24 -20.30 29.15
CA THR BB 265 -56.90 -19.74 29.21
C THR BB 265 -56.55 -19.34 30.63
N ALA BB 266 -55.24 -19.21 30.89
CA ALA BB 266 -54.78 -18.78 32.19
C ALA BB 266 -55.04 -17.31 32.45
N LEU BB 267 -55.47 -16.56 31.44
CA LEU BB 267 -55.75 -15.13 31.57
C LEU BB 267 -57.14 -14.84 30.99
N PRO BB 268 -58.20 -15.30 31.66
CA PRO BB 268 -59.54 -15.01 31.16
C PRO BB 268 -59.91 -13.56 31.41
N VAL BB 269 -60.89 -13.08 30.63
CA VAL BB 269 -61.41 -11.73 30.75
C VAL BB 269 -62.93 -11.82 30.76
N TYR BB 270 -63.56 -11.33 31.82
CA TYR BB 270 -65.01 -11.34 31.94
C TYR BB 270 -65.52 -9.93 32.19
N PHE BB 271 -66.74 -9.65 31.73
CA PHE BB 271 -67.41 -8.37 31.93
C PHE BB 271 -68.76 -8.67 32.58
N VAL BB 272 -68.86 -8.45 33.88
CA VAL BB 272 -70.11 -8.68 34.62
C VAL BB 272 -70.87 -7.37 34.73
N GLY BB 273 -72.11 -7.36 34.26
CA GLY BB 273 -72.95 -6.17 34.32
C GLY BB 273 -74.12 -6.38 35.25
N LEU BB 274 -74.53 -5.30 35.91
CA LEU BB 274 -75.62 -5.33 36.86
C LEU BB 274 -76.87 -4.72 36.23
N TYR BB 275 -77.97 -5.47 36.23
CA TYR BB 275 -79.23 -5.03 35.65
C TYR BB 275 -80.29 -4.97 36.75
N CYS BB 276 -80.89 -3.80 36.93
CA CYS BB 276 -82.05 -3.65 37.80
C CYS BB 276 -83.26 -3.29 36.95
N ASP BB 277 -84.33 -4.10 37.07
CA ASP BB 277 -85.50 -3.97 36.21
C ASP BB 277 -85.11 -3.98 34.74
N ARG BB 278 -84.16 -4.85 34.40
CA ARG BB 278 -83.66 -5.01 33.03
C ARG BB 278 -83.13 -3.70 32.46
N LYS BB 279 -82.40 -2.95 33.28
CA LYS BB 279 -81.72 -1.73 32.86
C LYS BB 279 -80.31 -1.72 33.41
N LEU BB 280 -79.33 -1.49 32.53
CA LEU BB 280 -77.94 -1.52 32.93
C LEU BB 280 -77.59 -0.27 33.74
N ILE BB 281 -76.94 -0.47 34.89
CA ILE BB 281 -76.47 0.63 35.70
C ILE BB 281 -74.96 0.61 35.91
N ALA BB 282 -74.30 -0.53 35.84
CA ALA BB 282 -72.87 -0.60 36.03
C ALA BB 282 -72.33 -1.84 35.32
N GLU BB 283 -71.04 -1.79 35.01
CA GLU BB 283 -70.36 -2.89 34.33
C GLU BB 283 -68.88 -2.85 34.69
N GLY BB 284 -68.32 -3.98 35.07
CA GLY BB 284 -66.94 -4.04 35.49
C GLY BB 284 -66.20 -5.27 34.99
N PRO BB 285 -64.94 -5.08 34.58
CA PRO BB 285 -64.13 -6.21 34.15
C PRO BB 285 -63.41 -6.88 35.32
N GLY BB 286 -62.64 -7.91 35.05
CA GLY BB 286 -61.88 -8.58 36.09
C GLY BB 286 -61.28 -9.86 35.58
N GLU BB 287 -60.37 -10.41 36.40
CA GLU BB 287 -59.74 -11.68 36.06
C GLU BB 287 -60.76 -12.81 36.04
N THR BB 288 -61.55 -12.94 37.10
CA THR BB 288 -62.57 -13.96 37.22
C THR BB 288 -63.93 -13.31 37.40
N VAL BB 289 -64.97 -14.14 37.36
CA VAL BB 289 -66.34 -13.62 37.49
C VAL BB 289 -66.56 -13.02 38.87
N LEU BB 290 -66.04 -13.67 39.91
CA LEU BB 290 -66.23 -13.16 41.27
C LEU BB 290 -65.54 -11.81 41.46
N VAL BB 291 -64.33 -11.66 40.90
CA VAL BB 291 -63.64 -10.39 41.01
C VAL BB 291 -64.34 -9.33 40.15
N ALA BB 292 -64.76 -9.70 38.94
CA ALA BB 292 -65.43 -8.75 38.06
C ALA BB 292 -66.76 -8.28 38.65
N GLU BB 293 -67.50 -9.20 39.28
CA GLU BB 293 -68.80 -8.85 39.83
C GLU BB 293 -68.68 -7.80 40.93
N GLU BB 294 -67.67 -7.94 41.79
CA GLU BB 294 -67.44 -6.93 42.83
C GLU BB 294 -67.08 -5.59 42.21
N GLU BB 295 -66.27 -5.60 41.14
CA GLU BB 295 -65.92 -4.36 40.46
C GLU BB 295 -67.16 -3.71 39.83
N ALA BB 296 -68.14 -4.52 39.42
CA ALA BB 296 -69.39 -3.96 38.93
C ALA BB 296 -70.12 -3.20 40.03
N ALA BB 297 -70.12 -3.74 41.24
CA ALA BB 297 -70.71 -3.02 42.37
C ALA BB 297 -69.93 -1.76 42.70
N ARG BB 298 -68.60 -1.79 42.55
CA ARG BB 298 -67.80 -0.61 42.80
C ARG BB 298 -68.18 0.52 41.84
N VAL BB 299 -68.41 0.20 40.57
CA VAL BB 299 -68.81 1.22 39.60
C VAL BB 299 -70.22 1.71 39.91
N ALA BB 300 -71.10 0.81 40.33
CA ALA BB 300 -72.46 1.23 40.69
C ALA BB 300 -72.45 2.19 41.88
N LEU BB 301 -71.65 1.89 42.90
CA LEU BB 301 -71.57 2.76 44.07
C LEU BB 301 -70.95 4.11 43.71
N ARG BB 302 -69.93 4.11 42.86
CA ARG BB 302 -69.31 5.37 42.46
C ARG BB 302 -70.30 6.25 41.69
N LYS BB 303 -71.15 5.64 40.87
CA LYS BB 303 -72.14 6.42 40.13
C LYS BB 303 -73.27 6.90 41.04
N LEU BB 304 -73.66 6.09 42.03
CA LEU BB 304 -74.74 6.49 42.93
C LEU BB 304 -74.30 7.62 43.85
N PHE BB 305 -73.06 7.57 44.32
CA PHE BB 305 -72.54 8.55 45.28
C PHE BB 305 -72.00 9.80 44.61
N GLY BB 306 -72.18 9.93 43.29
CA GLY BB 306 -71.67 11.08 42.58
C GLY BB 306 -70.17 11.29 42.74
N PHE BB 307 -69.40 10.22 42.61
CA PHE BB 307 -67.94 10.28 42.75
C PHE BB 307 -67.29 9.52 41.60
N THR BB 308 -67.75 9.79 40.38
CA THR BB 308 -67.20 9.12 39.21
C THR BB 308 -65.90 9.82 38.81
N GLU BB 309 -65.31 9.43 37.67
CA GLU BB 309 -64.13 10.10 37.16
C GLU BB 309 -64.45 11.18 36.14
N ASN BB 310 -65.70 11.26 35.68
CA ASN BB 310 -66.16 12.32 34.80
C ASN BB 310 -66.77 13.49 35.58
N ARG BB 311 -66.75 13.44 36.90
CA ARG BB 311 -67.41 14.46 37.70
C ARG BB 311 -66.79 15.82 37.45
N ARG BB 312 -67.55 16.86 37.78
CA ARG BB 312 -67.07 18.23 37.63
C ARG BB 312 -65.85 18.44 38.50
N PRO BB 313 -64.75 18.97 37.96
CA PRO BB 313 -63.55 19.17 38.79
C PRO BB 313 -63.82 20.16 39.91
N TRP BB 314 -63.10 19.97 41.02
CA TRP BB 314 -63.28 20.82 42.19
C TRP BB 314 -62.99 22.27 41.85
N ASP BB 315 -63.87 23.17 42.27
CA ASP BB 315 -63.72 24.58 41.97
C ASP BB 315 -62.66 25.20 42.87
N TYR BB 316 -61.72 25.91 42.25
CA TYR BB 316 -60.64 26.59 42.98
C TYR BB 316 -60.62 28.09 42.74
N SER BB 317 -61.62 28.63 42.03
CA SER BB 317 -61.64 30.05 41.75
C SER BB 317 -61.91 30.85 43.02
N LYS BB 318 -61.59 32.14 42.97
CA LYS BB 318 -61.82 33.00 44.12
C LYS BB 318 -63.31 33.10 44.40
N PRO BB 319 -63.76 32.87 45.65
CA PRO BB 319 -65.17 32.91 46.01
C PRO BB 319 -65.77 34.31 45.91
N LYS CB 38 20.89 -14.87 1.49
CA LYS CB 38 22.01 -15.20 2.35
C LYS CB 38 21.57 -16.01 3.57
N LYS CB 39 22.52 -16.28 4.46
CA LYS CB 39 22.26 -17.07 5.66
C LYS CB 39 21.66 -16.16 6.74
N ARG CB 40 20.41 -15.78 6.51
CA ARG CB 40 19.71 -14.90 7.43
C ARG CB 40 19.46 -15.60 8.76
N PHE CB 41 19.91 -14.98 9.85
CA PHE CB 41 19.70 -15.53 11.19
C PHE CB 41 19.95 -14.43 12.21
N THR CB 42 18.97 -14.22 13.09
CA THR CB 42 19.09 -13.23 14.15
C THR CB 42 19.32 -13.93 15.48
N PRO CB 43 20.51 -13.82 16.08
CA PRO CB 43 20.75 -14.52 17.34
C PRO CB 43 19.89 -13.97 18.46
N PRO CB 44 19.48 -14.81 19.40
CA PRO CB 44 18.67 -14.34 20.52
C PRO CB 44 19.51 -13.58 21.54
N THR CB 45 18.83 -12.75 22.32
CA THR CB 45 19.43 -12.01 23.42
C THR CB 45 18.96 -12.58 24.74
N TYR CB 46 19.68 -12.25 25.80
CA TYR CB 46 19.42 -12.75 27.13
C TYR CB 46 18.91 -11.63 28.02
N GLN CB 47 17.92 -11.95 28.85
CA GLN CB 47 17.44 -11.00 29.85
C GLN CB 47 18.53 -10.76 30.89
N PRO CB 48 18.72 -9.53 31.36
CA PRO CB 48 19.71 -9.26 32.40
C PRO CB 48 19.43 -10.08 33.66
N LYS CB 49 20.49 -10.58 34.28
CA LYS CB 49 20.33 -11.50 35.40
C LYS CB 49 19.73 -10.83 36.63
N TYR CB 50 19.96 -9.53 36.81
CA TYR CB 50 19.48 -8.87 38.02
C TYR CB 50 17.95 -8.85 38.08
N LYS CB 51 17.29 -8.92 36.93
CA LYS CB 51 15.83 -8.92 36.92
C LYS CB 51 15.26 -10.16 37.61
N SER CB 52 15.84 -11.32 37.33
CA SER CB 52 15.35 -12.56 37.94
C SER CB 52 15.79 -12.70 39.39
N GLU CB 53 16.95 -12.16 39.75
CA GLU CB 53 17.52 -12.34 41.08
C GLU CB 53 16.89 -11.33 42.04
N LYS CB 54 15.65 -11.61 42.42
CA LYS CB 54 14.94 -10.82 43.42
C LYS CB 54 14.35 -11.77 44.45
N GLU CB 55 14.49 -11.43 45.73
CA GLU CB 55 14.07 -12.28 46.82
C GLU CB 55 13.27 -11.46 47.83
N PHE CB 56 12.80 -12.13 48.87
CA PHE CB 56 11.95 -11.53 49.89
C PHE CB 56 12.78 -11.10 51.10
N VAL CB 57 12.25 -10.12 51.83
CA VAL CB 57 12.89 -9.58 53.02
C VAL CB 57 11.86 -9.52 54.14
N GLU CB 58 12.28 -8.96 55.28
CA GLU CB 58 11.40 -8.69 56.41
C GLU CB 58 10.85 -9.95 57.06
N HIS CB 59 11.71 -10.76 57.66
CA HIS CB 59 11.29 -11.87 58.52
C HIS CB 59 11.53 -11.47 59.97
N ALA CB 60 10.46 -11.39 60.75
CA ALA CB 60 10.54 -10.85 62.10
C ALA CB 60 10.80 -11.96 63.11
N ARG CB 61 11.80 -11.76 63.96
CA ARG CB 61 12.11 -12.66 65.04
C ARG CB 61 12.70 -11.87 66.21
N LYS CB 62 12.49 -12.39 67.42
CA LYS CB 62 12.92 -11.73 68.65
C LYS CB 62 14.00 -12.59 69.29
N ALA CB 63 15.24 -12.11 69.25
CA ALA CB 63 16.39 -12.81 69.81
C ALA CB 63 17.01 -11.98 70.91
N GLY CB 64 17.31 -12.62 72.04
CA GLY CB 64 17.93 -11.94 73.18
C GLY CB 64 19.19 -12.66 73.62
N LEU CB 65 20.20 -11.88 73.99
CA LEU CB 65 21.46 -12.43 74.50
C LEU CB 65 21.87 -11.65 75.74
N VAL CB 66 22.75 -12.26 76.54
CA VAL CB 66 23.23 -11.62 77.76
C VAL CB 66 24.10 -10.42 77.43
N ILE CB 67 24.89 -10.51 76.36
CA ILE CB 67 25.85 -9.45 76.06
C ILE CB 67 25.17 -8.11 75.78
N PRO CB 68 24.16 -8.01 74.91
CA PRO CB 68 23.53 -6.69 74.71
C PRO CB 68 22.88 -6.12 75.96
N HIS CB 69 22.33 -6.98 76.82
CA HIS CB 69 21.67 -6.49 78.03
C HIS CB 69 22.68 -5.93 79.02
N GLU CB 70 23.92 -6.42 79.01
CA GLU CB 70 24.96 -5.93 79.90
C GLU CB 70 25.70 -4.73 79.35
N ARG CB 71 25.42 -4.33 78.10
CA ARG CB 71 26.12 -3.22 77.46
C ARG CB 71 25.27 -1.95 77.38
N LEU CB 72 24.18 -1.88 78.16
CA LEU CB 72 23.38 -0.67 78.19
C LEU CB 72 24.18 0.46 78.82
N GLU CB 73 24.40 1.53 78.04
CA GLU CB 73 25.18 2.65 78.55
C GLU CB 73 24.49 3.31 79.74
N ARG CB 74 23.18 3.51 79.66
CA ARG CB 74 22.41 4.02 80.79
C ARG CB 74 21.55 2.90 81.36
N PRO CB 75 21.78 2.51 82.62
CA PRO CB 75 20.98 1.43 83.21
C PRO CB 75 19.51 1.81 83.29
N ILE CB 76 18.66 0.78 83.16
CA ILE CB 76 17.21 1.01 83.20
C ILE CB 76 16.81 1.55 84.57
N HIS CB 77 15.96 2.56 84.58
CA HIS CB 77 15.47 3.18 85.80
C HIS CB 77 14.07 2.65 86.10
N LEU CB 78 13.88 2.09 87.28
CA LEU CB 78 12.60 1.53 87.70
C LEU CB 78 11.94 2.47 88.69
N ALA CB 79 10.71 2.89 88.39
CA ALA CB 79 9.99 3.79 89.28
C ALA CB 79 9.48 3.06 90.53
N CYS CB 80 9.18 1.77 90.42
CA CYS CB 80 8.66 1.00 91.53
C CYS CB 80 9.24 -0.41 91.50
N THR CB 81 9.27 -1.04 92.68
CA THR CB 81 9.79 -2.39 92.78
C THR CB 81 8.82 -3.38 92.14
N ALA CB 82 9.35 -4.56 91.79
CA ALA CB 82 8.56 -5.56 91.08
C ALA CB 82 7.60 -6.28 92.01
N GLY CB 83 8.13 -6.96 93.03
CA GLY CB 83 7.32 -7.78 93.91
C GLY CB 83 6.93 -7.07 95.20
N ILE CB 84 6.15 -7.79 96.00
CA ILE CB 84 5.72 -7.31 97.31
C ILE CB 84 6.67 -7.88 98.36
N PHE CB 85 7.15 -7.00 99.24
CA PHE CB 85 8.17 -7.40 100.23
C PHE CB 85 7.61 -8.41 101.21
N ASP CB 86 6.45 -8.13 101.80
CA ASP CB 86 5.82 -9.04 102.74
C ASP CB 86 4.32 -8.99 102.56
N ALA CB 87 3.69 -10.17 102.46
CA ALA CB 87 2.25 -10.26 102.28
C ALA CB 87 1.59 -10.34 103.65
N TYR CB 88 0.75 -9.36 103.96
CA TYR CB 88 0.03 -9.35 105.22
C TYR CB 88 -0.93 -10.55 105.29
N VAL CB 89 -1.01 -11.16 106.48
CA VAL CB 89 -1.85 -12.33 106.67
C VAL CB 89 -2.99 -11.97 107.62
N PRO CB 90 -4.17 -11.62 107.09
CA PRO CB 90 -5.27 -11.26 107.98
C PRO CB 90 -5.81 -12.48 108.70
N PRO CB 91 -6.34 -12.31 109.91
CA PRO CB 91 -6.97 -13.44 110.60
C PRO CB 91 -8.24 -13.87 109.89
N GLU CB 92 -8.57 -15.15 110.04
CA GLU CB 92 -9.70 -15.74 109.32
C GLU CB 92 -11.05 -15.21 109.79
N GLY CB 93 -11.11 -14.51 110.91
CA GLY CB 93 -12.36 -14.02 111.45
C GLY CB 93 -12.80 -12.67 110.93
N ASP CB 94 -12.08 -12.09 109.97
CA ASP CB 94 -12.42 -10.75 109.49
C ASP CB 94 -13.76 -10.71 108.78
N ALA CB 95 -14.24 -11.84 108.27
CA ALA CB 95 -15.56 -11.87 107.64
C ALA CB 95 -16.68 -11.61 108.64
N ARG CB 96 -16.45 -11.90 109.92
CA ARG CB 96 -17.43 -11.67 110.97
C ARG CB 96 -17.12 -10.48 111.86
N ILE CB 97 -15.84 -10.14 112.02
CA ILE CB 97 -15.47 -8.96 112.81
C ILE CB 97 -15.94 -7.69 112.10
N SER CB 98 -15.98 -7.70 110.77
CA SER CB 98 -16.37 -6.52 110.01
C SER CB 98 -17.78 -6.04 110.35
N SER CB 99 -18.62 -6.92 110.89
CA SER CB 99 -19.97 -6.54 111.31
C SER CB 99 -19.98 -5.89 112.70
N LEU CB 100 -18.83 -5.83 113.38
CA LEU CB 100 -18.72 -5.21 114.68
C LEU CB 100 -17.94 -3.91 114.55
N SER CB 101 -18.48 -2.84 115.14
CA SER CB 101 -17.88 -1.51 114.97
C SER CB 101 -16.72 -1.30 115.95
N LYS CB 102 -17.00 -1.36 117.25
CA LYS CB 102 -15.97 -1.07 118.24
C LYS CB 102 -14.85 -2.10 118.23
N GLU CB 103 -15.21 -3.38 118.10
CA GLU CB 103 -14.20 -4.44 118.13
C GLU CB 103 -13.26 -4.35 116.95
N GLY CB 104 -13.79 -4.09 115.75
CA GLY CB 104 -12.94 -4.01 114.58
C GLY CB 104 -11.99 -2.83 114.61
N LEU CB 105 -12.49 -1.66 114.99
CA LEU CB 105 -11.65 -0.47 115.02
C LEU CB 105 -10.59 -0.55 116.10
N ALA CB 106 -10.97 -0.99 117.30
CA ALA CB 106 -10.01 -1.06 118.41
C ALA CB 106 -8.92 -2.08 118.13
N GLN CB 107 -9.29 -3.25 117.58
CA GLN CB 107 -8.29 -4.27 117.31
C GLN CB 107 -7.29 -3.82 116.24
N ARG CB 108 -7.79 -3.16 115.19
CA ARG CB 108 -6.89 -2.69 114.13
C ARG CB 108 -5.97 -1.59 114.64
N ALA CB 109 -6.48 -0.72 115.52
CA ALA CB 109 -5.65 0.34 116.08
C ALA CB 109 -4.50 -0.23 116.90
N GLU CB 110 -4.76 -1.29 117.68
CA GLU CB 110 -3.71 -1.91 118.47
C GLU CB 110 -2.62 -2.50 117.59
N ARG CB 111 -3.02 -3.14 116.48
CA ARG CB 111 -2.04 -3.74 115.59
C ARG CB 111 -1.09 -2.69 115.01
N LEU CB 112 -1.55 -1.45 114.84
CA LEU CB 112 -0.68 -0.40 114.32
C LEU CB 112 0.33 0.04 115.38
N LYS CB 113 -0.11 0.22 116.62
CA LYS CB 113 0.76 0.78 117.65
C LYS CB 113 1.64 -0.26 118.33
N LYS CB 114 1.46 -1.55 118.03
CA LYS CB 114 2.23 -2.61 118.68
C LYS CB 114 3.29 -3.24 117.79
N ASN CB 115 3.16 -3.14 116.47
CA ASN CB 115 4.17 -3.70 115.58
C ASN CB 115 5.44 -2.85 115.64
N VAL CB 116 6.58 -3.51 115.82
CA VAL CB 116 7.86 -2.80 115.92
C VAL CB 116 8.38 -2.44 114.53
N ALA CB 117 8.35 -3.41 113.61
CA ALA CB 117 8.85 -3.15 112.26
C ALA CB 117 7.99 -2.11 111.55
N SER CB 118 6.67 -2.15 111.74
CA SER CB 118 5.79 -1.18 111.11
C SER CB 118 6.07 0.23 111.63
N GLN CB 119 6.27 0.38 112.94
CA GLN CB 119 6.54 1.69 113.50
C GLN CB 119 7.87 2.25 113.01
N LEU CB 120 8.88 1.39 112.86
CA LEU CB 120 10.15 1.84 112.30
C LEU CB 120 9.97 2.33 110.87
N SER CB 121 9.16 1.64 110.08
CA SER CB 121 8.90 2.06 108.71
C SER CB 121 8.16 3.40 108.69
N ILE CB 122 7.21 3.59 109.61
CA ILE CB 122 6.50 4.87 109.68
C ILE CB 122 7.46 6.01 109.99
N ARG CB 123 8.36 5.78 110.96
CA ARG CB 123 9.36 6.80 111.28
C ARG CB 123 10.29 7.06 110.11
N LYS CB 124 10.60 6.02 109.33
CA LYS CB 124 11.47 6.19 108.17
C LYS CB 124 10.85 7.14 107.15
N ILE CB 125 9.54 7.00 106.91
CA ILE CB 125 8.86 7.91 106.00
C ILE CB 125 8.88 9.34 106.53
N ARG CB 126 8.63 9.49 107.84
CA ARG CB 126 8.62 10.82 108.43
C ARG CB 126 9.98 11.50 108.29
N GLU CB 127 11.06 10.77 108.60
CA GLU CB 127 12.40 11.33 108.46
C GLU CB 127 12.71 11.67 106.99
N SER CB 128 12.35 10.77 106.07
CA SER CB 128 12.62 11.03 104.66
C SER CB 128 11.78 12.20 104.14
N ASP CB 129 10.53 12.29 104.57
CA ASP CB 129 9.64 13.36 104.14
C ASP CB 129 8.70 13.78 105.26
N PRO CB 130 8.76 15.03 105.71
CA PRO CB 130 7.85 15.47 106.77
C PRO CB 130 6.43 15.64 106.28
N ASN CB 131 5.54 16.09 107.18
CA ASN CB 131 4.13 16.36 106.85
C ASN CB 131 3.44 15.13 106.28
N PHE CB 132 3.73 13.96 106.86
CA PHE CB 132 3.07 12.72 106.51
C PHE CB 132 2.28 12.23 107.71
N LYS CB 133 0.98 12.04 107.53
CA LYS CB 133 0.08 11.66 108.62
C LYS CB 133 -0.60 10.34 108.29
N ILE CB 134 -0.56 9.40 109.23
CA ILE CB 134 -1.22 8.12 109.04
C ILE CB 134 -2.74 8.30 109.03
N LYS CB 135 -3.24 9.22 109.87
CA LYS CB 135 -4.68 9.40 109.99
C LYS CB 135 -5.31 9.87 108.68
N ASP CB 136 -4.63 10.79 107.98
CA ASP CB 136 -5.16 11.33 106.74
C ASP CB 136 -4.94 10.40 105.54
N PHE CB 137 -4.10 9.38 105.67
CA PHE CB 137 -3.79 8.51 104.54
C PHE CB 137 -5.00 7.76 103.99
N PRO CB 138 -5.84 7.11 104.80
CA PRO CB 138 -6.93 6.31 104.20
C PRO CB 138 -7.89 7.11 103.33
N GLU CB 139 -8.14 8.38 103.66
CA GLU CB 139 -9.01 9.19 102.81
C GLU CB 139 -8.35 9.46 101.45
N LYS CB 140 -7.04 9.71 101.43
CA LYS CB 140 -6.34 9.83 100.16
C LYS CB 140 -6.32 8.50 99.42
N ALA CB 141 -6.12 7.40 100.15
CA ALA CB 141 -6.12 6.08 99.53
C ALA CB 141 -7.51 5.73 98.97
N LYS CB 142 -8.57 6.10 99.70
CA LYS CB 142 -9.92 5.82 99.21
C LYS CB 142 -10.22 6.58 97.94
N ASP CB 143 -9.80 7.85 97.85
CA ASP CB 143 -10.07 8.65 96.67
C ASP CB 143 -9.25 8.14 95.48
N ILE CB 144 -8.02 7.70 95.73
CA ILE CB 144 -7.20 7.14 94.66
C ILE CB 144 -7.85 5.88 94.10
N PHE CB 145 -8.38 5.03 94.98
CA PHE CB 145 -9.02 3.79 94.54
C PHE CB 145 -10.22 4.08 93.65
N ILE CB 146 -11.04 5.06 94.02
CA ILE CB 146 -12.21 5.41 93.21
C ILE CB 146 -11.78 6.03 91.90
N GLU CB 147 -10.82 6.96 91.94
CA GLU CB 147 -10.38 7.63 90.72
C GLU CB 147 -9.72 6.66 89.75
N ALA CB 148 -8.93 5.72 90.27
CA ALA CB 148 -8.23 4.78 89.39
C ALA CB 148 -9.21 3.92 88.61
N HIS CB 149 -10.25 3.42 89.28
CA HIS CB 149 -11.22 2.58 88.58
C HIS CB 149 -12.10 3.38 87.63
N LEU CB 150 -12.43 4.63 87.98
CA LEU CB 150 -13.19 5.46 87.06
C LEU CB 150 -12.39 5.78 85.80
N CYS CB 151 -11.07 5.75 85.88
CA CYS CB 151 -10.25 5.91 84.68
C CYS CB 151 -10.42 4.71 83.75
N LEU CB 152 -10.53 3.50 84.30
CA LEU CB 152 -10.78 2.32 83.47
C LEU CB 152 -12.15 2.41 82.82
N ASN CB 153 -13.14 2.95 83.53
CA ASN CB 153 -14.47 3.12 82.94
C ASN CB 153 -14.43 4.04 81.73
N ASN CB 154 -13.67 5.13 81.84
CA ASN CB 154 -13.50 6.07 80.73
C ASN CB 154 -12.36 5.66 79.80
N SER CB 155 -11.62 4.61 80.14
CA SER CB 155 -10.51 4.10 79.32
C SER CB 155 -9.46 5.19 79.07
N ASP CB 156 -9.19 5.99 80.10
CA ASP CB 156 -8.16 7.02 80.05
C ASP CB 156 -6.88 6.46 80.66
N HIS CB 157 -5.86 6.24 79.84
CA HIS CB 157 -4.60 5.68 80.31
C HIS CB 157 -3.64 6.74 80.83
N ASP CB 158 -3.75 7.98 80.35
CA ASP CB 158 -2.82 9.03 80.80
C ASP CB 158 -2.98 9.31 82.28
N ARG CB 159 -4.23 9.39 82.77
CA ARG CB 159 -4.45 9.61 84.20
C ARG CB 159 -4.11 8.37 85.01
N LEU CB 160 -4.37 7.18 84.48
CA LEU CB 160 -4.14 5.95 85.24
C LEU CB 160 -2.66 5.73 85.52
N HIS CB 161 -1.77 6.23 84.66
CA HIS CB 161 -0.35 6.06 84.90
C HIS CB 161 0.09 6.77 86.17
N THR CB 162 -0.50 7.92 86.47
CA THR CB 162 -0.16 8.63 87.70
C THR CB 162 -0.77 7.96 88.92
N LEU CB 163 -1.93 7.33 88.77
CA LEU CB 163 -2.63 6.75 89.91
C LEU CB 163 -2.06 5.38 90.29
N VAL CB 164 -2.10 4.42 89.36
CA VAL CB 164 -1.56 3.09 89.62
C VAL CB 164 -0.09 3.05 89.20
N THR CB 165 0.63 2.06 89.70
CA THR CB 165 2.06 1.95 89.46
C THR CB 165 2.33 1.12 88.21
N GLU CB 166 3.62 0.89 87.94
CA GLU CB 166 4.01 0.12 86.76
C GLU CB 166 3.65 -1.35 86.90
N ASN CB 167 3.76 -1.90 88.11
CA ASN CB 167 3.47 -3.30 88.33
C ASN CB 167 1.97 -3.57 88.40
N CYS CB 168 1.14 -2.54 88.55
CA CYS CB 168 -0.30 -2.70 88.63
C CYS CB 168 -1.01 -2.39 87.32
N PHE CB 169 -0.42 -1.56 86.46
CA PHE CB 169 -1.09 -1.15 85.23
C PHE CB 169 -1.44 -2.30 84.30
N PRO CB 170 -0.52 -3.23 83.98
CA PRO CB 170 -0.89 -4.29 83.03
C PRO CB 170 -2.04 -5.17 83.50
N ASP CB 171 -2.19 -5.39 84.80
CA ASP CB 171 -3.20 -6.32 85.29
C ASP CB 171 -4.61 -5.79 85.05
N MET CB 172 -4.81 -4.48 85.13
CA MET CB 172 -6.14 -3.89 85.00
C MET CB 172 -6.41 -3.33 83.61
N VAL CB 173 -5.53 -3.58 82.64
CA VAL CB 173 -5.67 -3.03 81.30
C VAL CB 173 -5.67 -4.14 80.26
N TRP CB 174 -4.81 -5.14 80.46
CA TRP CB 174 -4.57 -6.17 79.45
C TRP CB 174 -5.85 -6.89 79.04
N ASP CB 175 -6.64 -7.33 80.01
CA ASP CB 175 -7.80 -8.15 79.70
C ASP CB 175 -8.96 -7.34 79.14
N ILE CB 176 -9.13 -6.10 79.58
CA ILE CB 176 -10.27 -5.30 79.19
C ILE CB 176 -9.91 -4.35 78.05
N ARG CB 177 -8.83 -4.66 77.32
CA ARG CB 177 -8.37 -3.76 76.28
C ARG CB 177 -9.42 -3.58 75.18
N TYR CB 178 -10.07 -4.66 74.76
CA TYR CB 178 -11.08 -4.60 73.71
C TYR CB 178 -12.49 -4.73 74.23
N LYS CB 179 -12.69 -4.76 75.54
CA LYS CB 179 -14.01 -4.90 76.13
C LYS CB 179 -14.54 -3.54 76.57
N THR CB 180 -15.69 -3.54 77.23
CA THR CB 180 -16.30 -2.32 77.76
C THR CB 180 -16.79 -2.60 79.17
N VAL CB 181 -16.25 -1.88 80.14
CA VAL CB 181 -16.61 -2.07 81.54
C VAL CB 181 -17.30 -0.83 82.06
N ARG CB 182 -18.18 -1.03 83.04
CA ARG CB 182 -18.89 0.07 83.69
C ARG CB 182 -18.84 -0.17 85.19
N TRP CB 183 -18.02 0.62 85.88
CA TRP CB 183 -17.79 0.46 87.31
C TRP CB 183 -18.23 1.72 88.03
N SER CB 184 -18.91 1.54 89.16
CA SER CB 184 -19.45 2.66 89.93
C SER CB 184 -19.26 2.39 91.43
N PHE CB 185 -19.23 3.47 92.20
CA PHE CB 185 -19.16 3.42 93.64
C PHE CB 185 -20.48 3.96 94.21
N VAL CB 186 -21.06 3.22 95.17
CA VAL CB 186 -22.34 3.58 95.76
C VAL CB 186 -22.21 3.88 97.25
N GLU CB 187 -21.58 2.97 98.01
CA GLU CB 187 -21.48 3.13 99.45
C GLU CB 187 -20.17 2.54 99.94
N SER CB 188 -19.82 2.92 101.17
CA SER CB 188 -18.66 2.35 101.88
C SER CB 188 -19.14 2.00 103.29
N LEU CB 189 -19.42 0.72 103.52
CA LEU CB 189 -20.01 0.30 104.79
C LEU CB 189 -19.07 0.58 105.97
N GLU CB 190 -17.78 0.30 105.80
CA GLU CB 190 -16.82 0.49 106.85
C GLU CB 190 -15.71 1.44 106.40
N PRO CB 191 -15.35 2.44 107.19
CA PRO CB 191 -14.26 3.32 106.80
C PRO CB 191 -12.95 2.56 106.69
N PRO CB 192 -12.08 2.94 105.77
CA PRO CB 192 -10.82 2.21 105.60
C PRO CB 192 -9.90 2.36 106.80
N GLN CB 193 -9.10 1.32 107.03
CA GLN CB 193 -8.11 1.31 108.08
C GLN CB 193 -6.74 0.95 107.51
N VAL CB 194 -5.70 1.54 108.07
CA VAL CB 194 -4.32 1.21 107.68
C VAL CB 194 -3.90 -0.05 108.41
N VAL CB 195 -3.44 -1.05 107.67
CA VAL CB 195 -3.08 -2.33 108.26
C VAL CB 195 -1.62 -2.31 108.73
N GLN CB 196 -0.70 -2.10 107.80
CA GLN CB 196 0.71 -2.07 108.14
C GLN CB 196 1.47 -1.23 107.12
N VAL CB 197 2.66 -0.79 107.52
CA VAL CB 197 3.55 -0.01 106.66
C VAL CB 197 4.93 -0.66 106.70
N ARG CB 198 5.51 -0.88 105.53
CA ARG CB 198 6.84 -1.47 105.42
C ARG CB 198 7.72 -0.61 104.52
N CYS CB 199 9.03 -0.72 104.73
CA CYS CB 199 10.00 -0.01 103.92
C CYS CB 199 11.19 -0.92 103.64
N SER CB 200 11.86 -0.68 102.52
CA SER CB 200 13.04 -1.42 102.12
C SER CB 200 14.12 -0.45 101.67
N SER CB 201 15.35 -0.70 102.11
CA SER CB 201 16.49 0.15 101.78
C SER CB 201 17.41 -0.62 100.84
N LEU CB 202 17.42 -0.23 99.57
CA LEU CB 202 18.31 -0.82 98.58
C LEU CB 202 19.60 -0.02 98.55
N MET CB 203 20.67 -0.62 99.09
CA MET CB 203 21.95 0.09 99.21
C MET CB 203 22.63 0.32 97.87
N ASN CB 204 22.15 -0.30 96.79
CA ASN CB 204 22.74 -0.08 95.48
C ASN CB 204 22.61 1.38 95.05
N GLN CB 205 21.44 1.98 95.29
CA GLN CB 205 21.20 3.37 94.92
C GLN CB 205 20.63 4.19 96.08
N GLY CB 206 20.40 3.59 97.23
CA GLY CB 206 19.81 4.31 98.35
C GLY CB 206 18.33 4.59 98.20
N ASN CB 207 17.63 3.84 97.36
CA ASN CB 207 16.21 4.05 97.14
C ASN CB 207 15.40 3.38 98.23
N ILE CB 208 14.40 4.10 98.74
CA ILE CB 208 13.51 3.60 99.79
C ILE CB 208 12.08 3.67 99.28
N TYR CB 209 11.38 2.54 99.31
CA TYR CB 209 9.99 2.45 98.89
C TYR CB 209 9.13 2.16 100.11
N GLY CB 210 8.11 2.98 100.32
CA GLY CB 210 7.22 2.80 101.45
C GLY CB 210 5.88 2.20 101.06
N GLN CB 211 5.66 0.94 101.41
CA GLN CB 211 4.43 0.25 101.08
C GLN CB 211 3.45 0.36 102.23
N VAL CB 212 2.22 0.77 101.93
CA VAL CB 212 1.15 0.89 102.92
C VAL CB 212 0.03 -0.04 102.50
N THR CB 213 -0.38 -0.92 103.42
CA THR CB 213 -1.46 -1.85 103.18
C THR CB 213 -2.73 -1.33 103.83
N VAL CB 214 -3.79 -1.19 103.04
CA VAL CB 214 -5.06 -0.64 103.51
C VAL CB 214 -6.16 -1.66 103.25
N ARG CB 215 -6.96 -1.93 104.28
CA ARG CB 215 -8.12 -2.81 104.17
C ARG CB 215 -9.37 -1.96 104.02
N MET CB 216 -10.09 -2.16 102.91
CA MET CB 216 -11.27 -1.36 102.60
C MET CB 216 -12.46 -2.27 102.35
N HIS CB 217 -13.57 -1.98 103.00
CA HIS CB 217 -14.84 -2.65 102.76
C HIS CB 217 -15.65 -1.76 101.84
N THR CB 218 -15.82 -2.20 100.59
CA THR CB 218 -16.38 -1.36 99.53
C THR CB 218 -17.64 -2.00 98.97
N ARG CB 219 -18.60 -1.16 98.59
CA ARG CB 219 -19.83 -1.59 97.92
C ARG CB 219 -19.75 -1.10 96.48
N GLN CB 220 -19.68 -2.03 95.54
CA GLN CB 220 -19.43 -1.71 94.14
C GLN CB 220 -20.48 -2.35 93.24
N THR CB 221 -20.62 -1.78 92.04
CA THR CB 221 -21.53 -2.29 91.02
C THR CB 221 -20.71 -2.50 89.74
N LEU CB 222 -20.35 -3.74 89.46
CA LEU CB 222 -19.49 -4.07 88.33
C LEU CB 222 -20.29 -4.76 87.24
N ALA CB 223 -20.13 -4.30 86.00
CA ALA CB 223 -20.74 -4.92 84.84
C ALA CB 223 -19.78 -4.81 83.68
N ILE CB 224 -19.41 -5.95 83.11
CA ILE CB 224 -18.45 -6.02 82.00
C ILE CB 224 -19.21 -6.40 80.74
N TYR CB 225 -19.07 -5.60 79.69
CA TYR CB 225 -19.77 -5.82 78.44
C TYR CB 225 -18.80 -6.36 77.39
N ASP CB 226 -19.32 -7.27 76.56
CA ASP CB 226 -18.55 -7.83 75.46
C ASP CB 226 -18.35 -6.78 74.37
N ARG CB 227 -17.31 -6.99 73.56
CA ARG CB 227 -17.03 -6.06 72.46
C ARG CB 227 -18.16 -5.98 71.47
N PHE CB 228 -19.03 -6.99 71.42
CA PHE CB 228 -20.21 -6.92 70.56
C PHE CB 228 -21.38 -6.21 71.22
N GLY CB 229 -21.24 -5.78 72.47
CA GLY CB 229 -22.28 -5.05 73.16
C GLY CB 229 -23.16 -5.88 74.07
N ARG CB 230 -22.93 -7.18 74.16
CA ARG CB 230 -23.74 -8.05 75.01
C ARG CB 230 -23.10 -8.21 76.39
N LEU CB 231 -23.96 -8.39 77.39
CA LEU CB 231 -23.49 -8.51 78.77
C LEU CB 231 -22.65 -9.78 78.93
N MET CB 232 -21.62 -9.68 79.78
CA MET CB 232 -20.70 -10.79 79.97
C MET CB 232 -20.67 -11.30 81.40
N TYR CB 233 -20.38 -10.45 82.38
CA TYR CB 233 -19.99 -10.90 83.72
C TYR CB 233 -21.03 -10.61 84.80
N GLY CB 234 -21.44 -9.34 84.94
CA GLY CB 234 -22.29 -8.96 86.06
C GLY CB 234 -23.34 -7.96 85.65
N GLN CB 235 -24.35 -7.82 86.52
CA GLN CB 235 -25.43 -6.87 86.31
C GLN CB 235 -24.97 -5.46 86.68
N GLU CB 236 -25.87 -4.50 86.53
CA GLU CB 236 -25.58 -3.08 86.75
C GLU CB 236 -26.14 -2.52 88.04
N ASP CB 237 -27.30 -3.02 88.49
CA ASP CB 237 -28.02 -2.42 89.60
C ASP CB 237 -27.86 -3.19 90.90
N VAL CB 238 -26.94 -4.14 90.97
CA VAL CB 238 -26.72 -4.95 92.16
C VAL CB 238 -25.50 -4.40 92.89
N PRO CB 239 -25.67 -3.80 94.07
CA PRO CB 239 -24.51 -3.30 94.83
C PRO CB 239 -23.84 -4.40 95.65
N ARG CB 240 -23.01 -5.21 95.01
CA ARG CB 240 -22.32 -6.29 95.71
C ARG CB 240 -21.29 -5.71 96.68
N ASP CB 241 -21.19 -6.35 97.85
CA ASP CB 241 -20.22 -5.95 98.86
C ASP CB 241 -18.92 -6.71 98.67
N VAL CB 242 -17.80 -5.98 98.59
CA VAL CB 242 -16.51 -6.57 98.31
C VAL CB 242 -15.49 -6.03 99.31
N LEU CB 243 -14.52 -6.87 99.66
CA LEU CB 243 -13.45 -6.53 100.59
C LEU CB 243 -12.10 -6.78 99.93
N GLU CB 244 -11.17 -5.85 100.10
CA GLU CB 244 -9.86 -5.96 99.50
C GLU CB 244 -8.80 -5.42 100.46
N TYR CB 245 -7.55 -5.82 100.20
CA TYR CB 245 -6.38 -5.33 100.93
C TYR CB 245 -5.47 -4.68 99.91
N VAL CB 246 -5.69 -3.39 99.65
CA VAL CB 246 -4.94 -2.69 98.61
C VAL CB 246 -3.61 -2.22 99.18
N VAL CB 247 -2.53 -2.49 98.44
CA VAL CB 247 -1.17 -2.11 98.84
C VAL CB 247 -0.74 -0.94 97.98
N PHE CB 248 -0.39 0.17 98.63
CA PHE CB 248 0.08 1.37 97.94
C PHE CB 248 1.59 1.47 98.01
N GLU CB 249 2.16 2.33 97.17
CA GLU CB 249 3.60 2.52 97.12
C GLU CB 249 3.93 3.95 96.75
N LYS CB 250 4.98 4.49 97.36
CA LYS CB 250 5.47 5.83 97.07
C LYS CB 250 6.99 5.82 97.05
N HIS CB 251 7.56 6.51 96.07
CA HIS CB 251 9.01 6.66 96.00
C HIS CB 251 9.42 7.84 96.87
N LEU CB 252 10.30 7.60 97.84
CA LEU CB 252 10.66 8.62 98.82
C LEU CB 252 11.86 9.47 98.36
N VAL CB 253 12.82 8.85 97.67
CA VAL CB 253 13.99 9.60 97.21
C VAL CB 253 13.58 10.62 96.14
N ASP CB 254 12.63 10.25 95.29
CA ASP CB 254 12.14 11.13 94.24
C ASP CB 254 11.52 12.37 94.85
N PRO CB 255 11.95 13.58 94.48
CA PRO CB 255 11.32 14.79 95.02
C PRO CB 255 9.83 14.87 94.72
N TYR CB 256 9.40 14.33 93.59
CA TYR CB 256 7.97 14.31 93.26
C TYR CB 256 7.25 13.25 94.09
N GLY CB 257 7.56 11.98 93.84
CA GLY CB 257 7.07 10.87 94.63
C GLY CB 257 5.58 10.84 94.86
N SER CB 258 4.81 10.63 93.80
CA SER CB 258 3.37 10.51 93.94
C SER CB 258 2.99 9.20 94.61
N TRP CB 259 1.92 9.23 95.39
CA TRP CB 259 1.39 8.01 95.99
C TRP CB 259 0.68 7.19 94.92
N ARG CB 260 1.17 5.98 94.69
CA ARG CB 260 0.66 5.12 93.63
C ARG CB 260 0.24 3.78 94.18
N MET CB 261 -0.89 3.27 93.70
CA MET CB 261 -1.34 1.95 94.08
C MET CB 261 -0.43 0.89 93.48
N HIS CB 262 0.01 -0.07 94.30
CA HIS CB 262 0.99 -1.06 93.86
C HIS CB 262 0.34 -2.39 93.51
N GLY CB 263 -0.40 -2.99 94.44
CA GLY CB 263 -0.96 -4.31 94.23
C GLY CB 263 -2.29 -4.45 94.92
N LYS CB 264 -2.91 -5.61 94.68
CA LYS CB 264 -4.22 -5.93 95.25
C LYS CB 264 -4.15 -7.33 95.84
N ILE CB 265 -4.37 -7.44 97.15
CA ILE CB 265 -4.24 -8.70 97.86
C ILE CB 265 -5.63 -9.19 98.24
N ILE CB 266 -5.92 -10.43 97.89
CA ILE CB 266 -7.19 -11.08 98.18
C ILE CB 266 -6.95 -12.13 99.26
N PRO CB 267 -7.75 -12.15 100.33
CA PRO CB 267 -7.54 -13.16 101.37
C PRO CB 267 -7.78 -14.55 100.82
N PRO CB 268 -7.02 -15.54 101.30
CA PRO CB 268 -7.22 -16.91 100.79
C PRO CB 268 -8.61 -17.46 101.05
N TRP CB 269 -9.27 -17.05 102.13
CA TRP CB 269 -10.59 -17.56 102.47
C TRP CB 269 -11.71 -16.70 101.92
N ALA CB 270 -11.41 -15.80 100.98
CA ALA CB 270 -12.43 -14.92 100.44
C ALA CB 270 -13.48 -15.75 99.70
N PRO CB 271 -14.75 -15.34 99.77
CA PRO CB 271 -15.78 -16.10 99.06
C PRO CB 271 -15.53 -16.09 97.57
N PRO CB 272 -15.91 -17.15 96.87
CA PRO CB 272 -15.72 -17.19 95.41
C PRO CB 272 -16.50 -16.08 94.73
N LYS CB 273 -15.92 -15.57 93.63
CA LYS CB 273 -16.54 -14.49 92.89
C LYS CB 273 -17.82 -14.99 92.22
N GLN CB 274 -18.64 -14.03 91.77
CA GLN CB 274 -19.91 -14.37 91.16
C GLN CB 274 -19.67 -15.14 89.87
N PRO CB 275 -20.44 -16.19 89.60
CA PRO CB 275 -20.22 -17.01 88.40
C PRO CB 275 -20.47 -16.24 87.13
N ILE CB 276 -19.75 -16.63 86.08
CA ILE CB 276 -19.89 -15.97 84.78
C ILE CB 276 -21.12 -16.50 84.05
N LEU CB 277 -21.64 -15.70 83.13
CA LEU CB 277 -22.81 -16.11 82.37
C LEU CB 277 -22.48 -17.12 81.28
N LYS CB 278 -21.29 -17.01 80.68
CA LYS CB 278 -20.92 -17.88 79.57
C LYS CB 278 -20.52 -19.26 80.07
N THR CB 279 -20.92 -20.29 79.33
CA THR CB 279 -20.62 -21.67 79.67
C THR CB 279 -19.29 -22.07 79.04
N VAL CB 280 -18.43 -22.70 79.85
CA VAL CB 280 -17.10 -23.09 79.38
C VAL CB 280 -16.99 -24.61 79.42
N MET CB 281 -16.03 -25.12 78.66
CA MET CB 281 -15.74 -26.55 78.61
C MET CB 281 -14.24 -26.77 78.74
N ILE CB 282 -13.84 -27.54 79.74
CA ILE CB 282 -12.42 -27.88 79.91
C ILE CB 282 -12.09 -29.03 78.97
N PRO CB 283 -11.17 -28.84 78.03
CA PRO CB 283 -10.85 -29.91 77.08
C PRO CB 283 -10.15 -31.07 77.76
N GLY CB 284 -10.34 -32.26 77.19
CA GLY CB 284 -9.68 -33.44 77.68
C GLY CB 284 -8.24 -33.51 77.21
N PRO CB 285 -7.49 -34.43 77.83
CA PRO CB 285 -6.07 -34.58 77.46
C PRO CB 285 -5.93 -35.05 76.02
N GLN CB 286 -5.17 -34.29 75.23
CA GLN CB 286 -4.90 -34.69 73.86
C GLN CB 286 -4.01 -35.93 73.86
N LEU CB 287 -4.42 -36.94 73.09
CA LEU CB 287 -3.77 -38.26 73.12
C LEU CB 287 -3.17 -38.58 71.77
N LYS CB 288 -1.88 -38.89 71.75
CA LYS CB 288 -1.23 -39.44 70.58
C LYS CB 288 -1.63 -40.91 70.42
N PRO CB 289 -1.60 -41.43 69.19
CA PRO CB 289 -2.13 -42.78 68.96
C PRO CB 289 -1.45 -43.88 69.77
N TRP CB 290 -0.15 -43.74 70.05
CA TRP CB 290 0.58 -44.77 70.79
C TRP CB 290 0.53 -44.56 72.30
N GLU CB 291 -0.33 -43.68 72.80
CA GLU CB 291 -0.49 -43.46 74.22
C GLU CB 291 -1.94 -43.71 74.61
N GLU CB 292 -2.14 -44.47 75.67
CA GLU CB 292 -3.48 -44.81 76.15
C GLU CB 292 -3.87 -43.90 77.30
N PHE CB 293 -5.18 -43.68 77.43
CA PHE CB 293 -5.69 -42.80 78.48
C PHE CB 293 -5.68 -43.51 79.83
N GLU CB 294 -5.29 -42.77 80.86
CA GLU CB 294 -5.29 -43.26 82.23
C GLU CB 294 -6.14 -42.33 83.08
N GLU CB 295 -6.94 -42.92 83.97
CA GLU CB 295 -7.91 -42.15 84.75
C GLU CB 295 -7.40 -41.99 86.18
N PRO CB 296 -6.98 -40.80 86.58
CA PRO CB 296 -6.62 -40.58 87.99
C PRO CB 296 -7.86 -40.63 88.88
N GLN CB 297 -7.66 -41.06 90.12
CA GLN CB 297 -8.76 -41.16 91.07
C GLN CB 297 -8.52 -40.26 92.29
N SER DB 42 -51.71 10.52 -95.55
CA SER DB 42 -50.64 11.40 -96.01
C SER DB 42 -50.98 12.86 -95.72
N SER DB 43 -50.40 13.77 -96.50
CA SER DB 43 -50.61 15.19 -96.34
C SER DB 43 -50.99 15.81 -97.68
N PRO DB 44 -51.77 16.89 -97.67
CA PRO DB 44 -52.09 17.57 -98.93
C PRO DB 44 -50.87 18.05 -99.69
N TRP DB 45 -49.84 18.50 -98.98
CA TRP DB 45 -48.63 18.96 -99.62
C TRP DB 45 -47.83 17.80 -100.20
N ARG DB 46 -47.18 18.05 -101.33
CA ARG DB 46 -46.35 17.05 -102.00
C ARG DB 46 -44.89 17.30 -101.64
N LEU DB 47 -44.25 16.29 -101.07
CA LEU DB 47 -42.86 16.41 -100.67
C LEU DB 47 -41.95 16.25 -101.87
N LEU DB 48 -41.10 17.25 -102.11
CA LEU DB 48 -40.17 17.25 -103.23
C LEU DB 48 -38.77 17.55 -102.74
N GLY DB 49 -37.79 16.85 -103.30
CA GLY DB 49 -36.40 17.08 -102.95
C GLY DB 49 -35.62 17.72 -104.08
N ALA DB 50 -35.29 19.00 -103.94
CA ALA DB 50 -34.57 19.74 -104.97
C ALA DB 50 -33.07 19.72 -104.69
N LEU DB 51 -32.29 19.73 -105.76
CA LEU DB 51 -30.84 19.72 -105.69
C LEU DB 51 -30.30 21.06 -106.17
N CYS DB 52 -29.52 21.72 -105.30
CA CYS DB 52 -28.87 22.98 -105.66
C CYS DB 52 -27.42 22.69 -106.01
N LEU DB 53 -27.21 22.22 -107.23
CA LEU DB 53 -25.86 21.92 -107.69
C LEU DB 53 -25.12 23.22 -108.02
N GLN DB 54 -23.94 23.38 -107.43
CA GLN DB 54 -23.16 24.60 -107.57
C GLN DB 54 -21.76 24.27 -108.06
N ARG DB 55 -21.27 25.06 -109.02
CA ARG DB 55 -19.93 24.89 -109.54
C ARG DB 55 -18.98 25.85 -108.85
N PRO DB 56 -17.95 25.36 -108.14
CA PRO DB 56 -16.99 26.27 -107.53
C PRO DB 56 -16.22 27.03 -108.59
N PRO DB 57 -15.79 28.26 -108.31
CA PRO DB 57 -15.03 29.03 -109.30
C PRO DB 57 -13.71 28.36 -109.64
N LEU DB 58 -13.30 28.52 -110.90
CA LEU DB 58 -12.08 27.89 -111.38
C LEU DB 58 -10.88 28.83 -111.34
N VAL DB 59 -11.09 30.13 -111.52
CA VAL DB 59 -10.00 31.10 -111.51
C VAL DB 59 -10.25 32.14 -110.44
N THR DB 60 -9.17 32.77 -109.99
CA THR DB 60 -9.26 33.80 -108.96
C THR DB 60 -9.93 35.05 -109.52
N LYS DB 61 -10.85 35.61 -108.74
CA LYS DB 61 -11.59 36.77 -109.18
C LYS DB 61 -10.67 37.99 -109.28
N PRO DB 62 -10.95 38.91 -110.20
CA PRO DB 62 -10.09 40.09 -110.36
C PRO DB 62 -10.04 40.94 -109.10
N LEU DB 63 -8.86 41.49 -108.82
CA LEU DB 63 -8.68 42.38 -107.68
C LEU DB 63 -9.36 43.72 -107.93
N THR DB 64 -10.01 44.24 -106.89
CA THR DB 64 -10.66 45.55 -106.98
C THR DB 64 -9.60 46.64 -107.08
N PRO DB 65 -9.96 47.82 -107.60
CA PRO DB 65 -8.97 48.90 -107.71
C PRO DB 65 -8.32 49.26 -106.38
N LEU DB 66 -9.09 49.24 -105.30
CA LEU DB 66 -8.51 49.51 -103.98
C LEU DB 66 -7.51 48.43 -103.60
N GLN DB 67 -7.82 47.17 -103.87
CA GLN DB 67 -6.91 46.08 -103.52
C GLN DB 67 -5.63 46.13 -104.32
N GLU DB 68 -5.68 46.61 -105.57
CA GLU DB 68 -4.46 46.73 -106.37
C GLU DB 68 -3.47 47.69 -105.72
N GLU DB 69 -3.96 48.83 -105.22
CA GLU DB 69 -3.07 49.81 -104.60
C GLU DB 69 -2.43 49.24 -103.34
N MET DB 70 -3.21 48.55 -102.51
CA MET DB 70 -2.67 47.99 -101.27
C MET DB 70 -1.75 46.81 -101.55
N ALA DB 71 -2.03 46.03 -102.60
CA ALA DB 71 -1.13 44.94 -102.95
C ALA DB 71 0.25 45.44 -103.31
N ASP DB 72 0.31 46.56 -104.04
CA ASP DB 72 1.60 47.18 -104.32
C ASP DB 72 2.29 47.65 -103.05
N LEU DB 73 1.52 48.23 -102.11
CA LEU DB 73 2.10 48.69 -100.86
C LEU DB 73 2.64 47.53 -100.04
N LEU DB 74 1.87 46.44 -99.94
CA LEU DB 74 2.33 45.29 -99.17
C LEU DB 74 3.59 44.69 -99.77
N GLN DB 75 3.65 44.58 -101.10
CA GLN DB 75 4.85 44.06 -101.74
C GLN DB 75 6.03 45.01 -101.54
N GLN DB 76 5.77 46.32 -101.58
CA GLN DB 76 6.85 47.29 -101.38
C GLN DB 76 7.43 47.18 -99.98
N ILE DB 77 6.57 47.01 -98.97
CA ILE DB 77 7.06 46.89 -97.60
C ILE DB 77 7.90 45.63 -97.42
N GLU DB 78 7.54 44.55 -98.12
CA GLU DB 78 8.31 43.31 -98.02
C GLU DB 78 9.77 43.54 -98.40
N ILE DB 79 10.01 44.28 -99.47
CA ILE DB 79 11.38 44.52 -99.93
C ILE DB 79 12.12 45.42 -98.95
N GLU DB 80 11.44 46.43 -98.40
CA GLU DB 80 12.11 47.37 -97.50
C GLU DB 80 12.59 46.70 -96.22
N ARG DB 81 11.78 45.82 -95.65
CA ARG DB 81 12.07 45.20 -94.37
C ARG DB 81 12.80 43.86 -94.50
N SER DB 82 13.18 43.46 -95.70
CA SER DB 82 13.84 42.18 -95.92
C SER DB 82 15.35 42.33 -95.95
N LEU DB 83 16.03 41.18 -95.99
CA LEU DB 83 17.47 41.14 -96.18
C LEU DB 83 17.79 40.91 -97.65
N TYR DB 84 19.08 40.85 -97.97
CA TYR DB 84 19.50 40.60 -99.35
C TYR DB 84 19.49 39.11 -99.62
N SER DB 85 18.75 38.70 -100.64
CA SER DB 85 18.71 37.30 -101.03
C SER DB 85 20.01 36.92 -101.74
N ASP DB 86 20.14 35.62 -102.02
CA ASP DB 86 21.35 35.13 -102.68
C ASP DB 86 21.53 35.76 -104.05
N HIS DB 87 20.43 35.92 -104.80
CA HIS DB 87 20.52 36.60 -106.08
C HIS DB 87 20.95 38.04 -105.92
N GLU DB 88 20.41 38.73 -104.90
CA GLU DB 88 20.83 40.10 -104.63
C GLU DB 88 22.28 40.17 -104.20
N LEU DB 89 22.79 39.12 -103.54
CA LEU DB 89 24.22 39.07 -103.25
C LEU DB 89 25.03 39.00 -104.52
N ARG DB 90 24.59 38.21 -105.50
CA ARG DB 90 25.28 38.15 -106.78
C ARG DB 90 25.21 39.48 -107.53
N ALA DB 91 24.20 40.30 -107.26
CA ALA DB 91 24.17 41.64 -107.85
C ALA DB 91 25.35 42.46 -107.39
N LEU DB 92 25.69 42.38 -106.10
CA LEU DB 92 26.90 43.02 -105.59
C LEU DB 92 28.16 42.26 -106.00
N ASP DB 93 28.05 40.95 -106.24
CA ASP DB 93 29.20 40.18 -106.71
C ASP DB 93 29.67 40.68 -108.06
N GLU DB 94 28.73 41.00 -108.96
CA GLU DB 94 29.10 41.67 -110.20
C GLU DB 94 29.75 43.02 -109.92
N ALA DB 95 29.20 43.77 -108.97
CA ALA DB 95 29.80 45.05 -108.60
C ALA DB 95 31.18 44.85 -108.00
N GLN DB 96 31.37 43.78 -107.21
CA GLN DB 96 32.69 43.49 -106.66
C GLN DB 96 33.69 43.21 -107.76
N GLN DB 97 33.31 42.43 -108.77
CA GLN DB 97 34.23 42.12 -109.86
C GLN DB 97 34.41 43.31 -110.79
N LEU DB 98 33.32 44.00 -111.13
CA LEU DB 98 33.43 45.13 -112.05
C LEU DB 98 34.27 46.25 -111.47
N ALA DB 99 34.14 46.50 -110.16
CA ALA DB 99 34.97 47.52 -109.52
C ALA DB 99 36.45 47.16 -109.64
N LYS DB 100 36.78 45.88 -109.50
CA LYS DB 100 38.15 45.44 -109.75
C LYS DB 100 38.54 45.68 -111.20
N LYS DB 101 37.63 45.41 -112.13
CA LYS DB 101 37.90 45.67 -113.54
C LYS DB 101 38.05 47.16 -113.84
N LYS DB 102 37.62 48.02 -112.93
CA LYS DB 102 37.74 49.46 -113.12
C LYS DB 102 38.99 50.03 -112.46
N SER DB 103 39.20 49.74 -111.18
CA SER DB 103 40.32 50.29 -110.43
C SER DB 103 41.29 49.22 -109.95
N ASP DB 104 40.81 48.19 -109.26
CA ASP DB 104 41.68 47.18 -108.66
C ASP DB 104 41.93 46.05 -109.65
N LEU DB 105 42.76 46.36 -110.65
CA LEU DB 105 43.13 45.38 -111.67
C LEU DB 105 44.29 44.51 -111.18
N TYR DB 106 44.06 43.86 -110.04
CA TYR DB 106 45.06 42.99 -109.43
C TYR DB 106 44.41 41.68 -108.95
N GLU DB 107 43.37 41.24 -109.65
CA GLU DB 107 42.66 40.02 -109.27
C GLU DB 107 43.57 38.80 -109.42
N GLU DB 108 43.50 37.90 -108.44
CA GLU DB 108 44.35 36.71 -108.46
C GLU DB 108 43.93 35.74 -109.56
N GLU DB 109 42.64 35.46 -109.66
CA GLU DB 109 42.11 34.44 -110.57
C GLU DB 109 41.23 35.12 -111.62
N ASP DB 110 41.57 34.91 -112.89
CA ASP DB 110 40.78 35.43 -114.00
C ASP DB 110 39.76 34.44 -114.53
N GLU DB 111 39.66 33.25 -113.91
CA GLU DB 111 38.66 32.27 -114.33
C GLU DB 111 37.27 32.66 -113.86
N GLN DB 112 37.09 32.77 -112.55
CA GLN DB 112 35.85 33.23 -111.92
C GLN DB 112 34.68 32.35 -112.41
N ASN DB 113 33.49 32.92 -112.47
CA ASN DB 113 32.30 32.21 -112.89
C ASN DB 113 32.10 32.34 -114.40
N ILE DB 114 30.94 31.94 -114.89
CA ILE DB 114 30.61 31.98 -116.32
C ILE DB 114 29.39 32.85 -116.58
N LEU DB 115 28.34 32.68 -115.79
CA LEU DB 115 27.10 33.42 -115.97
C LEU DB 115 27.06 34.61 -115.03
N LEU DB 116 26.02 35.44 -115.21
CA LEU DB 116 25.81 36.62 -114.40
C LEU DB 116 24.40 36.62 -113.84
N ALA DB 117 24.20 37.35 -112.74
CA ALA DB 117 22.89 37.44 -112.13
C ALA DB 117 21.87 38.05 -113.07
N GLN DB 118 22.26 39.12 -113.77
CA GLN DB 118 21.38 39.71 -114.78
C GLN DB 118 21.13 38.72 -115.92
N ASP DB 119 22.16 37.98 -116.32
CA ASP DB 119 22.00 36.99 -117.38
C ASP DB 119 21.04 35.88 -116.96
N LEU DB 120 21.12 35.45 -115.70
CA LEU DB 120 20.25 34.38 -115.22
C LEU DB 120 18.79 34.79 -115.32
N GLU DB 121 18.47 36.03 -114.93
CA GLU DB 121 17.10 36.52 -115.05
C GLU DB 121 16.66 36.54 -116.51
N ASP DB 122 17.56 36.91 -117.41
CA ASP DB 122 17.24 36.90 -118.84
C ASP DB 122 16.94 35.49 -119.32
N MET DB 123 17.64 34.49 -118.78
CA MET DB 123 17.40 33.11 -119.17
C MET DB 123 15.98 32.68 -118.83
N TRP DB 124 15.51 33.03 -117.63
CA TRP DB 124 14.14 32.67 -117.25
C TRP DB 124 13.13 33.59 -117.90
N GLU DB 125 13.49 34.85 -118.13
CA GLU DB 125 12.57 35.79 -118.77
C GLU DB 125 12.23 35.34 -120.19
N GLN DB 126 13.25 34.92 -120.95
CA GLN DB 126 13.02 34.49 -122.32
C GLN DB 126 12.10 33.28 -122.38
N LYS DB 127 12.32 32.31 -121.49
CA LYS DB 127 11.44 31.14 -121.44
C LYS DB 127 10.02 31.53 -121.06
N PHE DB 128 9.87 32.44 -120.09
CA PHE DB 128 8.54 32.86 -119.66
C PHE DB 128 7.81 33.63 -120.75
N LEU DB 129 8.50 34.56 -121.41
CA LEU DB 129 7.86 35.32 -122.48
C LEU DB 129 7.47 34.42 -123.65
N HIS DB 130 8.34 33.49 -124.01
CA HIS DB 130 8.01 32.54 -125.07
C HIS DB 130 6.84 31.64 -124.67
N PHE DB 131 6.85 31.17 -123.42
CA PHE DB 131 5.79 30.28 -122.96
C PHE DB 131 4.47 31.05 -122.84
N LYS DB 132 3.39 30.38 -123.21
CA LYS DB 132 2.05 30.97 -123.18
C LYS DB 132 1.12 30.10 -122.34
N LEU DB 133 0.14 30.75 -121.73
CA LEU DB 133 -0.82 30.09 -120.85
C LEU DB 133 -2.21 30.18 -121.46
N GLY DB 134 -3.20 29.67 -120.72
CA GLY DB 134 -4.57 29.73 -121.16
C GLY DB 134 -5.19 31.09 -120.96
N ALA DB 135 -6.44 31.21 -121.41
CA ALA DB 135 -7.20 32.45 -121.34
C ALA DB 135 -8.23 32.34 -120.24
N ARG DB 136 -8.25 33.34 -119.35
CA ARG DB 136 -9.24 33.36 -118.27
C ARG DB 136 -10.66 33.43 -118.82
N LEU DB 137 -10.86 34.25 -119.85
CA LEU DB 137 -12.17 34.37 -120.50
C LEU DB 137 -12.19 33.45 -121.71
N THR DB 138 -12.90 32.33 -121.60
CA THR DB 138 -12.93 31.34 -122.67
C THR DB 138 -13.91 31.79 -123.75
N GLU DB 139 -14.06 30.93 -124.77
CA GLU DB 139 -14.97 31.23 -125.87
C GLU DB 139 -16.42 31.23 -125.43
N ALA DB 140 -16.75 30.58 -124.31
CA ALA DB 140 -18.13 30.57 -123.83
C ALA DB 140 -18.59 31.97 -123.46
N ASP DB 141 -17.73 32.75 -122.81
CA ASP DB 141 -18.09 34.12 -122.45
C ASP DB 141 -18.34 34.97 -123.69
N LYS DB 142 -17.50 34.82 -124.71
CA LYS DB 142 -17.69 35.58 -125.94
C LYS DB 142 -18.98 35.19 -126.64
N LYS DB 143 -19.29 33.89 -126.68
CA LYS DB 143 -20.48 33.40 -127.36
C LYS DB 143 -21.71 33.35 -126.45
N ASP DB 144 -21.55 33.67 -125.16
CA ASP DB 144 -22.66 33.62 -124.20
C ASP DB 144 -23.34 32.25 -124.20
N ASP DB 145 -22.52 31.20 -124.26
CA ASP DB 145 -23.03 29.83 -124.20
C ASP DB 145 -23.28 29.50 -122.73
N ARG DB 146 -24.53 29.68 -122.31
CA ARG DB 146 -24.91 29.52 -120.91
C ARG DB 146 -25.09 28.05 -120.50
N THR DB 147 -24.61 27.11 -121.31
CA THR DB 147 -24.69 25.69 -121.00
C THR DB 147 -23.35 25.07 -120.61
N SER DB 148 -22.27 25.47 -121.27
CA SER DB 148 -20.97 24.89 -120.99
C SER DB 148 -20.47 25.31 -119.61
N LEU DB 149 -19.65 24.45 -119.01
CA LEU DB 149 -19.09 24.71 -117.69
C LEU DB 149 -17.85 25.61 -117.75
N HIS DB 150 -17.40 25.98 -118.94
CA HIS DB 150 -16.21 26.82 -119.10
C HIS DB 150 -16.54 28.30 -119.21
N ARG DB 151 -17.65 28.74 -118.61
CA ARG DB 151 -18.04 30.14 -118.62
C ARG DB 151 -17.98 30.69 -117.20
N LYS DB 152 -17.54 31.94 -117.08
CA LYS DB 152 -17.43 32.63 -115.79
C LYS DB 152 -16.63 31.79 -114.79
N LEU DB 153 -15.37 31.54 -115.15
CA LEU DB 153 -14.51 30.70 -114.31
C LEU DB 153 -14.23 31.33 -112.95
N ASP DB 154 -14.41 32.65 -112.82
CA ASP DB 154 -14.23 33.33 -111.55
C ASP DB 154 -15.54 33.48 -110.77
N ARG DB 155 -16.63 32.95 -111.28
CA ARG DB 155 -17.95 33.06 -110.66
C ARG DB 155 -18.46 31.68 -110.27
N ASN DB 156 -19.70 31.65 -109.79
CA ASN DB 156 -20.36 30.42 -109.39
C ASN DB 156 -21.59 30.20 -110.26
N LEU DB 157 -21.71 29.00 -110.82
CA LEU DB 157 -22.82 28.65 -111.70
C LEU DB 157 -23.72 27.65 -110.98
N ILE DB 158 -25.01 27.93 -110.97
CA ILE DB 158 -26.01 27.07 -110.34
C ILE DB 158 -26.85 26.43 -111.44
N LEU DB 159 -26.97 25.10 -111.37
CA LEU DB 159 -27.63 24.36 -112.45
C LEU DB 159 -29.13 24.67 -112.48
N LEU DB 160 -29.63 24.97 -113.67
CA LEU DB 160 -31.05 25.19 -113.91
C LEU DB 160 -31.52 24.32 -115.06
N VAL DB 161 -32.69 23.72 -114.90
CA VAL DB 161 -33.30 22.89 -115.93
C VAL DB 161 -34.71 23.40 -116.19
N ARG DB 162 -35.22 23.10 -117.37
CA ARG DB 162 -36.56 23.51 -117.78
C ARG DB 162 -37.50 22.32 -117.71
N GLU DB 163 -38.57 22.46 -116.94
CA GLU DB 163 -39.58 21.43 -116.79
C GLU DB 163 -40.93 21.97 -117.23
N LYS DB 164 -41.69 21.15 -117.95
CA LYS DB 164 -42.99 21.53 -118.47
C LYS DB 164 -44.08 20.99 -117.56
N LEU DB 165 -44.83 21.88 -116.92
CA LEU DB 165 -45.95 21.51 -116.06
C LEU DB 165 -47.16 22.34 -116.45
N GLY DB 166 -48.27 21.67 -116.72
CA GLY DB 166 -49.47 22.37 -117.16
C GLY DB 166 -49.31 23.11 -118.46
N ASP DB 167 -48.61 22.50 -119.43
CA ASP DB 167 -48.36 23.12 -120.73
C ASP DB 167 -47.67 24.47 -120.58
N GLN DB 168 -46.76 24.56 -119.61
CA GLN DB 168 -46.01 25.78 -119.36
C GLN DB 168 -44.60 25.41 -118.94
N ASP DB 169 -43.61 26.05 -119.55
CA ASP DB 169 -42.21 25.75 -119.28
C ASP DB 169 -41.67 26.74 -118.26
N ILE DB 170 -41.22 26.23 -117.11
CA ILE DB 170 -40.68 27.05 -116.04
C ILE DB 170 -39.28 26.52 -115.70
N TRP DB 171 -38.29 27.40 -115.76
CA TRP DB 171 -36.94 27.01 -115.36
C TRP DB 171 -36.88 26.87 -113.84
N MET DB 172 -36.35 25.74 -113.38
CA MET DB 172 -36.28 25.46 -111.96
C MET DB 172 -35.08 24.58 -111.67
N LEU DB 173 -34.72 24.51 -110.38
CA LEU DB 173 -33.68 23.61 -109.95
C LEU DB 173 -34.13 22.17 -110.13
N PRO DB 174 -33.21 21.24 -110.39
CA PRO DB 174 -33.59 19.83 -110.50
C PRO DB 174 -34.23 19.34 -109.20
N GLN DB 175 -35.26 18.52 -109.34
CA GLN DB 175 -36.03 18.06 -108.19
C GLN DB 175 -36.64 16.70 -108.49
N SER DB 176 -37.06 16.03 -107.42
CA SER DB 176 -37.72 14.73 -107.53
C SER DB 176 -38.69 14.58 -106.37
N ASP DB 177 -39.65 13.68 -106.54
CA ASP DB 177 -40.67 13.46 -105.53
C ASP DB 177 -40.17 12.50 -104.45
N TRP DB 178 -40.48 12.82 -103.20
CA TRP DB 178 -40.10 11.96 -102.09
C TRP DB 178 -40.89 10.64 -102.14
N GLN DB 179 -40.23 9.57 -101.73
CA GLN DB 179 -40.82 8.23 -101.75
C GLN DB 179 -40.68 7.58 -100.38
N PRO DB 180 -41.59 6.67 -100.05
CA PRO DB 180 -41.49 5.97 -98.75
C PRO DB 180 -40.21 5.15 -98.67
N GLY DB 181 -39.69 5.03 -97.44
CA GLY DB 181 -38.43 4.36 -97.23
C GLY DB 181 -37.26 5.06 -97.86
N GLU DB 182 -37.28 6.40 -97.88
CA GLU DB 182 -36.23 7.19 -98.50
C GLU DB 182 -36.15 8.53 -97.79
N THR DB 183 -34.93 8.91 -97.39
CA THR DB 183 -34.75 10.19 -96.71
C THR DB 183 -34.84 11.33 -97.70
N LEU DB 184 -35.11 12.53 -97.17
CA LEU DB 184 -35.25 13.70 -98.02
C LEU DB 184 -33.95 14.01 -98.75
N ARG DB 185 -32.81 13.82 -98.08
CA ARG DB 185 -31.52 14.03 -98.73
C ARG DB 185 -31.32 13.04 -99.87
N GLN DB 186 -31.72 11.79 -99.68
CA GLN DB 186 -31.60 10.80 -100.74
C GLN DB 186 -32.47 11.16 -101.94
N THR DB 187 -33.57 11.88 -101.72
CA THR DB 187 -34.39 12.33 -102.84
C THR DB 187 -33.61 13.27 -103.74
N ALA DB 188 -32.84 14.19 -103.16
CA ALA DB 188 -31.97 15.04 -103.96
C ALA DB 188 -30.84 14.23 -104.57
N GLU DB 189 -30.33 13.23 -103.85
CA GLU DB 189 -29.29 12.37 -104.40
C GLU DB 189 -29.79 11.60 -105.61
N ARG DB 190 -31.03 11.11 -105.55
CA ARG DB 190 -31.61 10.41 -106.70
C ARG DB 190 -31.79 11.36 -107.89
N THR DB 191 -32.05 12.64 -107.62
CA THR DB 191 -32.28 13.59 -108.70
C THR DB 191 -31.05 13.74 -109.58
N LEU DB 192 -29.85 13.66 -108.99
CA LEU DB 192 -28.63 13.74 -109.79
C LEU DB 192 -28.54 12.57 -110.76
N ALA DB 193 -28.94 11.38 -110.33
CA ALA DB 193 -28.87 10.21 -111.20
C ALA DB 193 -29.93 10.22 -112.30
N THR DB 194 -30.99 11.00 -112.14
CA THR DB 194 -32.07 11.06 -113.11
C THR DB 194 -31.81 12.06 -114.23
N LEU DB 195 -30.68 12.76 -114.21
CA LEU DB 195 -30.38 13.73 -115.24
C LEU DB 195 -30.04 13.02 -116.55
N SER DB 196 -30.28 13.72 -117.66
CA SER DB 196 -30.17 13.15 -119.00
C SER DB 196 -28.69 12.95 -119.34
N GLU DB 197 -28.23 11.70 -119.26
CA GLU DB 197 -26.88 11.31 -119.69
C GLU DB 197 -25.80 12.12 -118.98
N ASN DB 198 -25.75 11.95 -117.66
CA ASN DB 198 -24.81 12.67 -116.81
C ASN DB 198 -23.80 11.70 -116.19
N ASN DB 199 -22.55 12.16 -116.08
CA ASN DB 199 -21.50 11.42 -115.38
C ASN DB 199 -20.96 12.21 -114.20
N MET DB 200 -21.66 13.27 -113.79
CA MET DB 200 -21.14 14.18 -112.78
C MET DB 200 -21.06 13.52 -111.41
N GLU DB 201 -19.97 13.80 -110.70
CA GLU DB 201 -19.80 13.40 -109.31
C GLU DB 201 -19.84 14.64 -108.44
N ALA DB 202 -20.74 14.66 -107.46
CA ALA DB 202 -20.94 15.84 -106.63
C ALA DB 202 -21.00 15.42 -105.17
N LYS DB 203 -20.26 16.13 -104.32
CA LYS DB 203 -20.32 15.91 -102.88
C LYS DB 203 -21.50 16.68 -102.30
N PHE DB 204 -22.29 16.00 -101.49
CA PHE DB 204 -23.43 16.62 -100.83
C PHE DB 204 -22.98 17.23 -99.50
N LEU DB 205 -23.94 17.75 -98.74
CA LEU DB 205 -23.66 18.42 -97.47
C LEU DB 205 -24.52 17.78 -96.38
N GLY DB 206 -24.01 16.71 -95.78
CA GLY DB 206 -24.68 16.07 -94.67
C GLY DB 206 -26.06 15.57 -95.01
N ASN DB 207 -27.00 15.79 -94.10
CA ASN DB 207 -28.39 15.41 -94.29
C ASN DB 207 -29.39 16.52 -94.04
N ALA DB 208 -29.02 17.56 -93.28
CA ALA DB 208 -29.94 18.66 -93.02
C ALA DB 208 -30.18 19.47 -94.29
N PRO DB 209 -31.38 20.03 -94.45
CA PRO DB 209 -31.68 20.81 -95.66
C PRO DB 209 -31.01 22.17 -95.65
N CYS DB 210 -31.30 22.99 -96.67
CA CYS DB 210 -30.77 24.34 -96.75
C CYS DB 210 -31.82 25.40 -97.08
N GLY DB 211 -33.07 25.01 -97.34
CA GLY DB 211 -34.09 25.98 -97.64
C GLY DB 211 -35.41 25.29 -97.86
N HIS DB 212 -36.45 26.10 -98.09
CA HIS DB 212 -37.77 25.58 -98.35
C HIS DB 212 -38.52 26.55 -99.26
N TYR DB 213 -39.55 26.02 -99.93
CA TYR DB 213 -40.41 26.83 -100.79
C TYR DB 213 -41.75 26.12 -100.90
N LYS DB 214 -42.81 26.78 -100.45
CA LYS DB 214 -44.16 26.24 -100.50
C LYS DB 214 -44.98 27.01 -101.53
N PHE DB 215 -45.65 26.28 -102.41
CA PHE DB 215 -46.54 26.87 -103.40
C PHE DB 215 -47.83 26.06 -103.45
N LYS DB 216 -48.91 26.71 -103.82
CA LYS DB 216 -50.23 26.08 -103.93
C LYS DB 216 -50.68 26.09 -105.38
N PHE DB 217 -51.30 24.99 -105.80
CA PHE DB 217 -51.75 24.86 -107.17
C PHE DB 217 -52.85 25.88 -107.48
N PRO DB 218 -53.01 26.24 -108.75
CA PRO DB 218 -54.11 27.14 -109.12
C PRO DB 218 -55.46 26.53 -108.79
N GLN DB 219 -56.42 27.40 -108.50
CA GLN DB 219 -57.75 26.95 -108.06
C GLN DB 219 -58.45 26.09 -109.10
N ALA DB 220 -58.03 26.16 -110.36
CA ALA DB 220 -58.61 25.30 -111.39
C ALA DB 220 -58.34 23.83 -111.09
N MET DB 221 -57.13 23.51 -110.66
CA MET DB 221 -56.74 22.14 -110.35
C MET DB 221 -56.45 21.94 -108.87
N ARG DB 222 -56.86 22.86 -108.01
CA ARG DB 222 -56.62 22.74 -106.57
C ARG DB 222 -57.69 21.85 -105.94
N THR DB 223 -57.25 20.85 -105.18
CA THR DB 223 -58.15 19.94 -104.49
C THR DB 223 -57.62 19.70 -103.07
N GLU DB 224 -58.50 19.16 -102.22
CA GLU DB 224 -58.11 18.86 -100.86
C GLU DB 224 -57.05 17.75 -100.80
N THR DB 225 -57.09 16.81 -101.75
CA THR DB 225 -56.09 15.75 -101.78
C THR DB 225 -54.69 16.31 -102.03
N SER DB 226 -54.57 17.26 -102.95
CA SER DB 226 -53.28 17.89 -103.29
C SER DB 226 -53.48 19.40 -103.28
N LEU DB 227 -53.34 20.01 -102.10
CA LEU DB 227 -53.44 21.47 -102.01
C LEU DB 227 -52.24 22.14 -102.67
N GLY DB 228 -51.05 21.62 -102.42
CA GLY DB 228 -49.84 22.19 -102.98
C GLY DB 228 -48.64 21.26 -102.85
N ALA DB 229 -47.44 21.83 -102.78
CA ALA DB 229 -46.24 21.04 -102.63
C ALA DB 229 -45.20 21.83 -101.85
N LYS DB 230 -44.29 21.10 -101.21
CA LYS DB 230 -43.22 21.70 -100.41
C LYS DB 230 -41.88 21.29 -101.04
N VAL DB 231 -41.13 22.27 -101.54
CA VAL DB 231 -39.85 22.03 -102.19
C VAL DB 231 -38.75 22.30 -101.18
N PHE DB 232 -37.83 21.35 -101.04
CA PHE DB 232 -36.71 21.45 -100.12
C PHE DB 232 -35.40 21.40 -100.91
N PHE DB 233 -34.51 22.35 -100.64
CA PHE DB 233 -33.30 22.52 -101.41
C PHE DB 233 -32.10 21.97 -100.65
N PHE DB 234 -31.24 21.25 -101.38
CA PHE DB 234 -30.01 20.71 -100.83
C PHE DB 234 -28.84 21.14 -101.70
N LYS DB 235 -27.79 21.66 -101.06
CA LYS DB 235 -26.63 22.17 -101.79
C LYS DB 235 -25.60 21.07 -101.99
N ALA DB 236 -24.99 21.07 -103.18
CA ALA DB 236 -23.94 20.12 -103.50
C ALA DB 236 -22.85 20.83 -104.30
N LEU DB 237 -21.63 20.31 -104.18
CA LEU DB 237 -20.47 20.85 -104.88
C LEU DB 237 -20.10 19.92 -106.02
N LEU DB 238 -20.06 20.47 -107.23
CA LEU DB 238 -19.77 19.68 -108.43
C LEU DB 238 -18.25 19.44 -108.51
N LEU DB 239 -17.83 18.20 -108.34
CA LEU DB 239 -16.41 17.88 -108.37
C LEU DB 239 -15.91 17.73 -109.81
N THR DB 240 -16.48 16.78 -110.55
CA THR DB 240 -16.07 16.53 -111.92
C THR DB 240 -17.23 15.92 -112.70
N GLY DB 241 -17.13 15.99 -114.02
CA GLY DB 241 -18.15 15.46 -114.89
C GLY DB 241 -19.04 16.56 -115.46
N ASP DB 242 -19.65 16.25 -116.60
CA ASP DB 242 -20.49 17.20 -117.30
C ASP DB 242 -21.45 16.44 -118.21
N PHE DB 243 -22.49 17.14 -118.66
CA PHE DB 243 -23.48 16.52 -119.52
C PHE DB 243 -22.88 16.20 -120.89
N SER DB 244 -23.51 15.24 -121.57
CA SER DB 244 -23.06 14.82 -122.89
C SER DB 244 -23.48 15.84 -123.95
N GLN DB 245 -23.22 15.52 -125.20
CA GLN DB 245 -23.49 16.41 -126.32
C GLN DB 245 -24.84 16.17 -126.98
N ALA DB 246 -25.67 15.28 -126.44
CA ALA DB 246 -26.98 15.01 -127.03
C ALA DB 246 -27.86 16.26 -126.99
N GLY DB 247 -28.17 16.73 -125.78
CA GLY DB 247 -28.99 17.92 -125.63
C GLY DB 247 -28.38 18.90 -124.62
N LYS DB 248 -28.12 20.12 -125.06
CA LYS DB 248 -27.46 21.12 -124.23
C LYS DB 248 -28.30 22.37 -124.03
N LYS DB 249 -28.75 23.00 -125.11
CA LYS DB 249 -29.49 24.27 -124.98
C LYS DB 249 -30.86 24.05 -124.36
N GLY DB 250 -31.59 23.04 -124.84
CA GLY DB 250 -32.95 22.81 -124.41
C GLY DB 250 -33.14 22.00 -123.15
N HIS DB 251 -32.06 21.57 -122.50
CA HIS DB 251 -32.15 20.77 -121.29
C HIS DB 251 -31.76 21.55 -120.04
N HIS DB 252 -30.56 22.12 -120.01
CA HIS DB 252 -30.07 22.75 -118.79
C HIS DB 252 -29.20 23.94 -119.13
N VAL DB 253 -29.13 24.89 -118.21
CA VAL DB 253 -28.27 26.07 -118.32
C VAL DB 253 -27.55 26.29 -117.00
N TRP DB 254 -26.45 27.03 -117.07
CA TRP DB 254 -25.67 27.41 -115.89
C TRP DB 254 -25.55 28.93 -115.83
N VAL DB 255 -26.02 29.51 -114.73
CA VAL DB 255 -26.03 30.96 -114.55
C VAL DB 255 -25.56 31.30 -113.14
N SER DB 256 -25.20 32.57 -112.96
CA SER DB 256 -24.81 33.07 -111.65
C SER DB 256 -26.01 33.71 -110.96
N LYS DB 257 -25.78 34.18 -109.73
CA LYS DB 257 -26.89 34.76 -108.97
C LYS DB 257 -27.34 36.08 -109.56
N GLU DB 258 -26.45 36.78 -110.29
CA GLU DB 258 -26.81 38.07 -110.88
C GLU DB 258 -27.91 37.91 -111.94
N GLU DB 259 -27.78 36.90 -112.80
CA GLU DB 259 -28.75 36.64 -113.84
C GLU DB 259 -29.69 35.49 -113.47
N LEU DB 260 -29.65 35.02 -112.23
CA LEU DB 260 -30.53 33.93 -111.80
C LEU DB 260 -32.00 34.35 -111.81
N GLY DB 261 -32.27 35.61 -111.49
CA GLY DB 261 -33.66 36.05 -111.39
C GLY DB 261 -34.40 36.06 -112.71
N ASP DB 262 -33.68 36.28 -113.81
CA ASP DB 262 -34.34 36.38 -115.11
C ASP DB 262 -35.02 35.09 -115.50
N TYR DB 263 -34.36 33.95 -115.28
CA TYR DB 263 -34.93 32.65 -115.64
C TYR DB 263 -35.99 32.20 -114.65
N LEU DB 264 -36.04 32.78 -113.46
CA LEU DB 264 -36.99 32.38 -112.43
C LEU DB 264 -38.15 33.36 -112.37
N LYS DB 265 -39.01 33.19 -111.36
CA LYS DB 265 -40.16 34.04 -111.13
C LYS DB 265 -40.13 34.58 -109.70
N PRO DB 266 -40.76 35.74 -109.46
CA PRO DB 266 -40.56 36.41 -108.16
C PRO DB 266 -40.89 35.56 -106.94
N LYS DB 267 -41.92 34.71 -107.03
CA LYS DB 267 -42.28 33.88 -105.88
C LYS DB 267 -41.21 32.82 -105.61
N TYR DB 268 -40.78 32.12 -106.66
CA TYR DB 268 -39.76 31.09 -106.49
C TYR DB 268 -38.37 31.68 -106.30
N LEU DB 269 -38.14 32.89 -106.81
CA LEU DB 269 -36.80 33.49 -106.75
C LEU DB 269 -36.38 33.77 -105.31
N ALA DB 270 -37.31 34.24 -104.48
CA ALA DB 270 -36.95 34.74 -103.15
C ALA DB 270 -36.31 33.65 -102.30
N GLN DB 271 -36.89 32.45 -102.32
CA GLN DB 271 -36.38 31.39 -101.46
C GLN DB 271 -35.04 30.85 -101.94
N VAL DB 272 -34.78 30.91 -103.25
CA VAL DB 272 -33.51 30.39 -103.77
C VAL DB 272 -32.35 31.29 -103.34
N ARG DB 273 -32.56 32.61 -103.38
CA ARG DB 273 -31.47 33.54 -103.07
C ARG DB 273 -31.07 33.51 -101.60
N ARG DB 274 -31.91 32.96 -100.73
CA ARG DB 274 -31.61 32.98 -99.30
C ARG DB 274 -30.38 32.13 -98.98
N PHE DB 275 -30.37 30.88 -99.45
CA PHE DB 275 -29.30 29.95 -99.11
C PHE DB 275 -28.14 30.00 -100.10
N LEU DB 276 -28.26 30.75 -101.19
CA LEU DB 276 -27.18 30.85 -102.17
C LEU DB 276 -26.20 31.92 -101.71
N LEU DB 277 -25.05 31.48 -101.20
CA LEU DB 277 -24.01 32.42 -100.77
C LEU DB 277 -23.42 33.12 -101.98
N ASP DB 278 -23.44 34.46 -101.97
CA ASP DB 278 -22.83 35.22 -103.04
C ASP DB 278 -21.32 35.01 -103.05
N LEU DB 279 -20.78 34.74 -104.22
CA LEU DB 279 -19.35 34.49 -104.37
C LEU DB 279 -18.88 34.80 -105.78
N TYR EB 105 -17.86 34.32 -41.70
CA TYR EB 105 -18.21 33.34 -40.67
C TYR EB 105 -19.41 32.52 -41.11
N ARG EB 106 -19.56 31.33 -40.51
CA ARG EB 106 -20.62 30.42 -40.94
C ARG EB 106 -22.01 30.99 -40.65
N SER EB 107 -22.24 31.43 -39.42
CA SER EB 107 -23.58 31.82 -39.01
C SER EB 107 -24.01 33.16 -39.60
N LYS EB 108 -23.06 33.98 -40.06
CA LYS EB 108 -23.43 35.28 -40.60
C LYS EB 108 -24.12 35.12 -41.94
N PRO EB 109 -25.08 36.00 -42.25
CA PRO EB 109 -25.72 35.95 -43.57
C PRO EB 109 -24.76 36.23 -44.72
N THR EB 110 -23.64 36.89 -44.47
CA THR EB 110 -22.66 37.20 -45.50
C THR EB 110 -21.64 36.08 -45.70
N HIS EB 111 -21.99 34.86 -45.32
CA HIS EB 111 -21.08 33.73 -45.51
C HIS EB 111 -20.91 33.43 -46.99
N GLY EB 112 -19.70 33.03 -47.36
CA GLY EB 112 -19.44 32.66 -48.73
C GLY EB 112 -19.43 33.80 -49.72
N ILE EB 113 -19.31 35.04 -49.24
CA ILE EB 113 -19.26 36.17 -50.15
C ILE EB 113 -17.95 36.21 -50.93
N GLY EB 114 -16.90 35.60 -50.40
CA GLY EB 114 -15.61 35.55 -51.05
C GLY EB 114 -15.36 34.33 -51.90
N ARG EB 115 -16.40 33.55 -52.20
CA ARG EB 115 -16.24 32.34 -52.99
C ARG EB 115 -15.83 32.70 -54.41
N TYR EB 116 -14.71 32.13 -54.87
CA TYR EB 116 -14.26 32.34 -56.24
C TYR EB 116 -13.78 31.09 -56.95
N LYS EB 117 -13.42 30.02 -56.24
CA LYS EB 117 -12.86 28.84 -56.88
C LYS EB 117 -13.85 28.15 -57.80
N HIS EB 118 -15.14 28.41 -57.65
CA HIS EB 118 -16.14 27.87 -58.55
C HIS EB 118 -16.38 28.75 -59.78
N LEU EB 119 -15.70 29.88 -59.87
CA LEU EB 119 -15.82 30.76 -61.03
C LEU EB 119 -14.79 30.42 -62.11
N VAL EB 120 -13.54 30.23 -61.70
CA VAL EB 120 -12.51 29.78 -62.62
C VAL EB 120 -12.47 28.26 -62.62
N LYS EB 121 -11.89 27.70 -63.68
CA LYS EB 121 -11.73 26.25 -63.73
C LYS EB 121 -10.65 25.82 -62.74
N ALA EB 122 -10.53 24.50 -62.57
CA ALA EB 122 -9.52 23.97 -61.66
C ALA EB 122 -8.11 24.26 -62.18
N GLN EB 123 -7.94 24.30 -63.50
CA GLN EB 123 -6.64 24.58 -64.11
C GLN EB 123 -5.56 23.68 -63.51
N GLU EB 124 -5.64 22.38 -63.81
CA GLU EB 124 -4.66 21.42 -63.30
C GLU EB 124 -3.26 21.80 -63.79
N PRO EB 125 -2.35 21.99 -62.85
CA PRO EB 125 -0.98 22.37 -63.21
C PRO EB 125 -0.29 21.22 -63.94
N LYS EB 126 0.58 21.58 -64.89
CA LYS EB 126 1.31 20.60 -65.68
C LYS EB 126 2.41 20.02 -64.81
N LYS EB 127 2.10 18.92 -64.13
CA LYS EB 127 3.07 18.26 -63.28
C LYS EB 127 4.22 17.69 -64.11
N LYS EB 128 5.40 17.65 -63.49
CA LYS EB 128 6.58 17.16 -64.20
C LYS EB 128 6.44 15.71 -64.63
N LYS EB 129 5.90 14.87 -63.73
CA LYS EB 129 5.72 13.46 -64.05
C LYS EB 129 4.41 13.17 -64.76
N GLY EB 130 3.39 14.01 -64.56
CA GLY EB 130 2.07 13.81 -65.14
C GLY EB 130 1.83 14.65 -66.39
N LYS EB 131 2.87 15.27 -66.94
CA LYS EB 131 2.73 16.08 -68.14
C LYS EB 131 2.36 15.19 -69.32
N VAL EB 132 1.11 15.26 -69.75
CA VAL EB 132 0.65 14.48 -70.88
C VAL EB 132 -0.60 15.13 -71.47
N GLU EB 133 -0.69 15.12 -72.79
CA GLU EB 133 -1.83 15.71 -73.49
C GLU EB 133 -3.00 14.72 -73.47
N VAL EB 134 -3.69 14.70 -72.33
CA VAL EB 134 -4.81 13.79 -72.12
C VAL EB 134 -6.03 14.40 -72.80
N ARG EB 135 -6.34 13.95 -74.01
CA ARG EB 135 -7.44 14.48 -74.78
C ARG EB 135 -8.59 13.48 -74.82
N PRO EB 136 -9.70 13.74 -74.14
CA PRO EB 136 -10.85 12.82 -74.20
C PRO EB 136 -11.61 12.96 -75.51
N ILE EB 137 -11.16 12.25 -76.54
CA ILE EB 137 -11.73 12.38 -77.87
C ILE EB 137 -13.22 12.06 -77.83
N ASN EB 138 -14.04 13.06 -78.14
CA ASN EB 138 -15.48 12.88 -78.21
C ASN EB 138 -15.86 12.40 -79.61
N LEU EB 139 -16.77 11.43 -79.67
CA LEU EB 139 -17.10 10.77 -80.93
C LEU EB 139 -18.60 10.50 -80.98
N GLY EB 140 -19.27 11.07 -81.98
CA GLY EB 140 -20.64 10.70 -82.29
C GLY EB 140 -21.69 11.09 -81.26
N THR EB 141 -21.92 12.39 -81.09
CA THR EB 141 -23.02 12.83 -80.26
C THR EB 141 -24.31 12.86 -81.10
N ASP EB 142 -25.41 13.26 -80.47
CA ASP EB 142 -26.68 13.33 -81.19
C ASP EB 142 -26.62 14.35 -82.32
N TYR EB 143 -26.03 15.51 -82.07
CA TYR EB 143 -25.93 16.54 -83.10
C TYR EB 143 -24.57 17.21 -83.11
N GLU EB 144 -23.58 16.66 -82.42
CA GLU EB 144 -22.26 17.27 -82.30
C GLU EB 144 -21.23 16.31 -82.90
N TYR EB 145 -20.57 16.75 -83.95
CA TYR EB 145 -19.48 15.98 -84.54
C TYR EB 145 -18.31 15.89 -83.58
N GLY EB 146 -17.39 14.98 -83.88
CA GLY EB 146 -16.20 14.82 -83.07
C GLY EB 146 -15.19 15.92 -83.31
N VAL EB 147 -14.02 15.76 -82.67
CA VAL EB 147 -12.94 16.71 -82.86
C VAL EB 147 -12.44 16.64 -84.30
N LEU EB 148 -12.31 17.80 -84.94
CA LEU EB 148 -11.92 17.88 -86.34
C LEU EB 148 -10.64 18.70 -86.48
N ASN EB 149 -9.88 18.38 -87.51
CA ASN EB 149 -8.65 19.11 -87.84
C ASN EB 149 -8.81 19.76 -89.20
N ILE EB 150 -8.61 21.07 -89.26
CA ILE EB 150 -8.71 21.83 -90.50
C ILE EB 150 -7.29 21.97 -91.04
N HIS EB 151 -6.89 21.04 -91.90
CA HIS EB 151 -5.55 21.04 -92.47
C HIS EB 151 -5.50 21.99 -93.66
N LEU EB 152 -4.77 23.08 -93.51
CA LEU EB 152 -4.56 24.05 -94.59
C LEU EB 152 -3.12 23.92 -95.08
N ILE EB 153 -2.96 23.47 -96.32
CA ILE EB 153 -1.65 23.19 -96.90
C ILE EB 153 -1.45 24.10 -98.11
N ALA EB 154 -0.32 24.80 -98.14
CA ALA EB 154 0.00 25.67 -99.25
C ALA EB 154 1.51 25.75 -99.41
N TYR EB 155 1.95 26.12 -100.62
CA TYR EB 155 3.38 26.20 -100.90
C TYR EB 155 4.02 27.44 -100.31
N ASP EB 156 3.28 28.53 -100.20
CA ASP EB 156 3.81 29.79 -99.69
C ASP EB 156 3.53 29.90 -98.20
N MET EB 157 4.56 30.25 -97.42
CA MET EB 157 4.41 30.38 -95.98
C MET EB 157 3.44 31.50 -95.63
N ALA EB 158 3.58 32.66 -96.28
CA ALA EB 158 2.75 33.81 -95.95
C ALA EB 158 1.29 33.55 -96.25
N LEU EB 159 1.00 32.97 -97.43
CA LEU EB 159 -0.39 32.74 -97.82
C LEU EB 159 -1.03 31.66 -96.96
N ALA EB 160 -0.29 30.61 -96.61
CA ALA EB 160 -0.85 29.55 -95.78
C ALA EB 160 -1.22 30.06 -94.40
N GLU EB 161 -0.35 30.86 -93.79
CA GLU EB 161 -0.61 31.37 -92.45
C GLU EB 161 -1.72 32.41 -92.45
N SER EB 162 -1.79 33.23 -93.51
CA SER EB 162 -2.81 34.28 -93.57
C SER EB 162 -4.22 33.68 -93.56
N TYR EB 163 -4.43 32.62 -94.32
CA TYR EB 163 -5.74 31.97 -94.30
C TYR EB 163 -5.94 31.16 -93.03
N ALA EB 164 -4.85 30.68 -92.42
CA ALA EB 164 -4.95 29.97 -91.15
C ALA EB 164 -5.46 30.90 -90.06
N GLN EB 165 -4.99 32.16 -90.05
CA GLN EB 165 -5.48 33.12 -89.07
C GLN EB 165 -6.95 33.42 -89.28
N TYR EB 166 -7.38 33.51 -90.54
CA TYR EB 166 -8.79 33.80 -90.82
C TYR EB 166 -9.70 32.70 -90.30
N VAL EB 167 -9.30 31.44 -90.45
CA VAL EB 167 -10.11 30.34 -89.94
C VAL EB 167 -10.20 30.40 -88.41
N HIS EB 168 -9.07 30.64 -87.75
CA HIS EB 168 -9.07 30.68 -86.29
C HIS EB 168 -9.92 31.84 -85.77
N ASN EB 169 -9.81 33.01 -86.41
CA ASN EB 169 -10.60 34.16 -85.97
C ASN EB 169 -12.07 33.99 -86.29
N LEU EB 170 -12.40 33.33 -87.40
CA LEU EB 170 -13.80 33.11 -87.74
C LEU EB 170 -14.49 32.23 -86.71
N CYS EB 171 -13.78 31.21 -86.21
CA CYS EB 171 -14.37 30.32 -85.21
C CYS EB 171 -14.73 31.07 -83.93
N ASN EB 172 -13.85 31.97 -83.49
CA ASN EB 172 -14.10 32.72 -82.26
C ASN EB 172 -15.36 33.58 -82.39
N HIS EB 173 -15.55 34.22 -83.53
CA HIS EB 173 -16.76 35.01 -83.74
C HIS EB 173 -18.01 34.14 -83.80
N LEU EB 174 -17.87 32.90 -84.24
CA LEU EB 174 -18.99 31.97 -84.37
C LEU EB 174 -19.16 31.07 -83.15
N ALA EB 175 -18.46 31.37 -82.05
CA ALA EB 175 -18.56 30.60 -80.81
C ALA EB 175 -18.19 29.14 -81.03
N ILE EB 176 -17.20 28.89 -81.87
CA ILE EB 176 -16.67 27.55 -82.10
C ILE EB 176 -15.39 27.41 -81.29
N LYS EB 177 -15.38 26.44 -80.38
CA LYS EB 177 -14.22 26.25 -79.52
C LYS EB 177 -13.03 25.74 -80.33
N VAL EB 178 -11.88 26.38 -80.16
CA VAL EB 178 -10.65 26.00 -80.84
C VAL EB 178 -9.70 25.45 -79.79
N GLU EB 179 -9.40 24.16 -79.88
CA GLU EB 179 -8.53 23.53 -78.89
C GLU EB 179 -7.08 23.95 -79.08
N GLU EB 180 -6.62 24.01 -80.33
CA GLU EB 180 -5.24 24.39 -80.60
C GLU EB 180 -5.13 24.90 -82.03
N SER EB 181 -4.07 25.66 -82.29
CA SER EB 181 -3.78 26.22 -83.60
C SER EB 181 -2.34 25.89 -83.99
N TYR EB 182 -1.97 24.62 -83.83
CA TYR EB 182 -0.60 24.19 -84.06
C TYR EB 182 -0.27 24.20 -85.55
N ALA EB 183 0.95 23.78 -85.88
CA ALA EB 183 1.43 23.77 -87.25
C ALA EB 183 2.15 22.46 -87.51
N MET EB 184 1.75 21.78 -88.59
CA MET EB 184 2.41 20.53 -88.98
C MET EB 184 3.83 20.84 -89.46
N PRO EB 185 4.79 19.97 -89.18
CA PRO EB 185 6.16 20.20 -89.66
C PRO EB 185 6.20 20.25 -91.19
N THR EB 186 7.03 21.15 -91.71
CA THR EB 186 7.11 21.38 -93.14
C THR EB 186 7.87 20.24 -93.83
N LYS EB 187 7.59 20.07 -95.11
CA LYS EB 187 8.26 19.07 -95.93
C LYS EB 187 8.87 19.76 -97.15
N THR EB 188 10.12 19.42 -97.44
CA THR EB 188 10.87 20.01 -98.54
C THR EB 188 11.15 18.95 -99.58
N MET EB 189 10.80 19.25 -100.83
CA MET EB 189 11.03 18.35 -101.95
C MET EB 189 11.95 19.00 -102.97
N GLU EB 190 12.94 18.24 -103.43
CA GLU EB 190 13.90 18.71 -104.42
C GLU EB 190 13.32 18.47 -105.81
N VAL EB 191 12.95 19.55 -106.49
CA VAL EB 191 12.35 19.44 -107.81
C VAL EB 191 13.46 19.23 -108.84
N LEU EB 192 13.45 18.07 -109.49
CA LEU EB 192 14.42 17.75 -110.54
C LEU EB 192 13.68 17.60 -111.86
N GLN EB 193 14.10 18.34 -112.87
CA GLN EB 193 13.56 18.22 -114.21
C GLN EB 193 14.53 17.47 -115.11
N LEU EB 194 13.99 16.85 -116.15
CA LEU EB 194 14.81 16.09 -117.08
C LEU EB 194 15.43 17.02 -118.12
N GLN EB 195 16.64 16.68 -118.54
CA GLN EB 195 17.36 17.47 -119.54
C GLN EB 195 17.04 16.97 -120.93
N GLU EB 196 16.74 17.90 -121.84
CA GLU EB 196 16.37 17.51 -123.19
C GLU EB 196 17.60 17.00 -123.93
N GLN EB 197 17.36 16.14 -124.93
CA GLN EB 197 18.42 15.50 -125.71
C GLN EB 197 19.39 14.76 -124.79
N GLY EB 198 18.85 14.11 -123.77
CA GLY EB 198 19.70 13.43 -122.80
C GLY EB 198 18.87 12.63 -121.83
N SER EB 199 19.53 12.12 -120.78
CA SER EB 199 18.86 11.30 -119.78
C SER EB 199 19.26 11.72 -118.37
N LYS EB 200 20.48 12.22 -118.19
CA LYS EB 200 20.92 12.68 -116.89
C LYS EB 200 20.11 13.89 -116.43
N MET EB 201 19.82 13.95 -115.13
CA MET EB 201 18.94 14.97 -114.56
C MET EB 201 19.75 16.21 -114.21
N PHE EB 202 19.06 17.23 -113.68
CA PHE EB 202 19.70 18.43 -113.15
C PHE EB 202 18.78 19.06 -112.12
N LEU EB 203 19.38 19.70 -111.13
CA LEU EB 203 18.62 20.32 -110.04
C LEU EB 203 17.86 21.53 -110.59
N ASP EB 204 16.54 21.41 -110.64
CA ASP EB 204 15.72 22.47 -111.20
C ASP EB 204 15.42 23.55 -110.15
N ALA EB 205 14.82 23.17 -109.02
CA ALA EB 205 14.47 24.12 -107.98
C ALA EB 205 14.19 23.36 -106.69
N VAL EB 206 14.03 24.12 -105.61
CA VAL EB 206 13.75 23.57 -104.29
C VAL EB 206 12.42 24.17 -103.83
N LEU EB 207 11.35 23.38 -103.91
CA LEU EB 207 10.03 23.80 -103.47
C LEU EB 207 9.67 23.10 -102.16
N THR EB 208 9.08 23.85 -101.24
CA THR EB 208 8.68 23.34 -99.93
C THR EB 208 7.17 23.42 -99.80
N THR EB 209 6.65 22.70 -98.80
CA THR EB 209 5.24 22.71 -98.46
C THR EB 209 5.07 23.14 -97.02
N HIS EB 210 4.07 24.00 -96.77
CA HIS EB 210 3.78 24.50 -95.44
C HIS EB 210 2.34 24.14 -95.09
N GLU EB 211 2.15 23.53 -93.92
CA GLU EB 211 0.83 23.09 -93.47
C GLU EB 211 0.50 23.77 -92.15
N ARG EB 212 -0.69 24.37 -92.08
CA ARG EB 212 -1.21 24.97 -90.87
C ARG EB 212 -2.53 24.29 -90.52
N VAL EB 213 -2.68 23.88 -89.27
CA VAL EB 213 -3.84 23.14 -88.80
C VAL EB 213 -4.50 23.92 -87.68
N VAL EB 214 -5.81 24.11 -87.79
CA VAL EB 214 -6.61 24.76 -86.76
C VAL EB 214 -7.59 23.71 -86.24
N GLN EB 215 -7.23 23.06 -85.14
CA GLN EB 215 -8.09 22.04 -84.55
C GLN EB 215 -9.33 22.69 -83.94
N ILE EB 216 -10.50 22.12 -84.22
CA ILE EB 216 -11.76 22.67 -83.75
C ILE EB 216 -12.49 21.61 -82.93
N SER EB 217 -13.41 22.08 -82.09
CA SER EB 217 -14.18 21.21 -81.22
C SER EB 217 -15.50 20.83 -81.92
N GLY EB 218 -16.40 20.21 -81.17
CA GLY EB 218 -17.66 19.78 -81.75
C GLY EB 218 -18.51 20.96 -82.19
N LEU EB 219 -19.30 20.74 -83.23
CA LEU EB 219 -20.21 21.74 -83.77
C LEU EB 219 -21.56 21.09 -84.05
N SER EB 220 -22.61 21.91 -84.03
CA SER EB 220 -23.95 21.40 -84.31
C SER EB 220 -24.03 20.87 -85.73
N ALA EB 221 -24.83 19.83 -85.92
CA ALA EB 221 -24.94 19.18 -87.23
C ALA EB 221 -25.45 20.15 -88.29
N THR EB 222 -26.36 21.04 -87.91
CA THR EB 222 -26.84 22.05 -88.84
C THR EB 222 -25.72 22.99 -89.27
N PHE EB 223 -24.86 23.39 -88.33
CA PHE EB 223 -23.81 24.35 -88.61
C PHE EB 223 -22.70 23.78 -89.49
N ALA EB 224 -22.64 22.46 -89.67
CA ALA EB 224 -21.58 21.88 -90.49
C ALA EB 224 -21.68 22.35 -91.93
N GLU EB 225 -22.88 22.40 -92.48
CA GLU EB 225 -23.05 22.89 -93.84
C GLU EB 225 -22.68 24.37 -93.95
N ILE EB 226 -23.11 25.17 -92.97
CA ILE EB 226 -22.88 26.61 -93.04
C ILE EB 226 -21.42 26.94 -92.85
N PHE EB 227 -20.77 26.30 -91.86
CA PHE EB 227 -19.39 26.64 -91.54
C PHE EB 227 -18.44 26.26 -92.67
N LEU EB 228 -18.58 25.05 -93.21
CA LEU EB 228 -17.71 24.63 -94.31
C LEU EB 228 -17.98 25.43 -95.57
N GLU EB 229 -19.20 25.92 -95.76
CA GLU EB 229 -19.51 26.73 -96.93
C GLU EB 229 -18.68 28.00 -96.97
N ILE EB 230 -18.50 28.64 -95.82
CA ILE EB 230 -17.68 29.86 -95.76
C ILE EB 230 -16.22 29.53 -96.03
N ILE EB 231 -15.75 28.38 -95.55
CA ILE EB 231 -14.32 28.05 -95.65
C ILE EB 231 -13.94 27.80 -97.11
N HIS EB 232 -14.58 26.84 -97.75
CA HIS EB 232 -14.18 26.46 -99.11
C HIS EB 232 -14.41 27.58 -100.10
N SER EB 233 -15.35 28.48 -99.81
CA SER EB 233 -15.61 29.59 -100.72
C SER EB 233 -14.49 30.63 -100.67
N ASN EB 234 -13.76 30.71 -99.56
CA ASN EB 234 -12.75 31.73 -99.36
C ASN EB 234 -11.33 31.22 -99.56
N LEU EB 235 -11.16 30.02 -100.11
CA LEU EB 235 -9.82 29.50 -100.40
C LEU EB 235 -9.14 30.43 -101.40
N PRO EB 236 -8.13 31.19 -100.97
CA PRO EB 236 -7.60 32.27 -101.81
C PRO EB 236 -7.05 31.81 -103.15
N GLU EB 237 -6.00 30.99 -103.12
CA GLU EB 237 -5.39 30.51 -104.35
C GLU EB 237 -4.50 29.30 -104.09
N GLY EB 238 -4.96 28.11 -104.46
CA GLY EB 238 -4.15 26.92 -104.31
C GLY EB 238 -4.06 26.35 -102.93
N VAL EB 239 -4.78 26.92 -101.96
CA VAL EB 239 -4.76 26.40 -100.59
C VAL EB 239 -5.58 25.12 -100.55
N LYS EB 240 -4.96 24.03 -100.10
CA LYS EB 240 -5.61 22.71 -100.10
C LYS EB 240 -6.29 22.50 -98.76
N LEU EB 241 -7.56 22.86 -98.69
CA LEU EB 241 -8.35 22.60 -97.49
C LEU EB 241 -8.56 21.10 -97.30
N SER EB 242 -8.46 20.65 -96.06
CA SER EB 242 -8.63 19.23 -95.75
C SER EB 242 -9.18 19.13 -94.33
N VAL EB 243 -10.47 18.85 -94.21
CA VAL EB 243 -11.15 18.73 -92.93
C VAL EB 243 -11.30 17.24 -92.65
N ARG EB 244 -10.39 16.68 -91.86
CA ARG EB 244 -10.40 15.27 -91.52
C ARG EB 244 -10.59 15.09 -90.02
N GLU EB 245 -10.92 13.86 -89.64
CA GLU EB 245 -11.12 13.54 -88.23
C GLU EB 245 -9.80 13.58 -87.47
N HIS EB 246 -9.90 13.86 -86.16
CA HIS EB 246 -8.72 13.97 -85.31
C HIS EB 246 -8.39 12.60 -84.69
N THR EB 247 -7.90 11.71 -85.55
CA THR EB 247 -7.37 10.44 -85.09
C THR EB 247 -5.92 10.61 -84.62
N GLU EB 248 -5.49 9.68 -83.77
CA GLU EB 248 -4.12 9.76 -83.26
C GLU EB 248 -3.09 9.62 -84.38
N GLU EB 249 -3.43 8.90 -85.44
CA GLU EB 249 -2.50 8.77 -86.57
C GLU EB 249 -2.27 10.11 -87.25
N ASP EB 250 -3.35 10.89 -87.44
CA ASP EB 250 -3.20 12.23 -88.01
C ASP EB 250 -2.42 13.15 -87.09
N PHE EB 251 -2.39 12.86 -85.79
CA PHE EB 251 -1.63 13.65 -84.83
C PHE EB 251 -0.23 13.11 -84.59
N LYS EB 252 0.11 11.94 -85.14
CA LYS EB 252 1.43 11.37 -84.94
C LYS EB 252 2.49 12.10 -85.76
N GLY EB 253 2.10 12.74 -86.87
CA GLY EB 253 3.07 13.40 -87.71
C GLY EB 253 3.78 14.57 -87.04
N ARG EB 254 3.18 15.15 -86.00
CA ARG EB 254 3.80 16.27 -85.32
C ARG EB 254 5.01 15.87 -84.49
N PHE EB 255 5.09 14.61 -84.07
CA PHE EB 255 6.16 14.17 -83.19
C PHE EB 255 7.38 13.78 -84.03
N LYS EB 256 8.43 13.30 -83.36
CA LYS EB 256 9.67 12.90 -84.01
C LYS EB 256 9.62 11.42 -84.34
N ALA EB 257 10.73 10.91 -84.85
CA ALA EB 257 10.90 9.48 -85.11
C ALA EB 257 11.77 8.86 -84.02
N ARG EB 258 11.48 7.60 -83.69
CA ARG EB 258 12.16 6.89 -82.62
C ARG EB 258 12.74 5.59 -83.18
N PRO EB 259 13.92 5.65 -83.80
CA PRO EB 259 14.57 4.42 -84.27
C PRO EB 259 14.96 3.49 -83.13
N GLU EB 260 15.14 4.01 -81.91
CA GLU EB 260 15.47 3.14 -80.79
C GLU EB 260 14.37 2.12 -80.53
N LEU EB 261 13.10 2.56 -80.60
CA LEU EB 261 12.00 1.62 -80.50
C LEU EB 261 11.93 0.72 -81.73
N GLU EB 262 12.18 1.29 -82.92
CA GLU EB 262 12.11 0.50 -84.15
C GLU EB 262 13.14 -0.62 -84.16
N GLU EB 263 14.30 -0.39 -83.54
CA GLU EB 263 15.25 -1.48 -83.37
C GLU EB 263 14.66 -2.57 -82.49
N LEU EB 264 13.97 -2.19 -81.41
CA LEU EB 264 13.31 -3.18 -80.56
C LEU EB 264 12.07 -3.74 -81.23
N LEU EB 265 11.28 -2.87 -81.87
CA LEU EB 265 10.03 -3.33 -82.48
C LEU EB 265 10.30 -4.34 -83.59
N ALA EB 266 11.33 -4.12 -84.39
CA ALA EB 266 11.67 -5.07 -85.45
C ALA EB 266 12.07 -6.42 -84.87
N LYS EB 267 12.86 -6.42 -83.80
CA LYS EB 267 13.26 -7.67 -83.18
C LYS EB 267 12.12 -8.34 -82.43
N LEU EB 268 11.19 -7.55 -81.90
CA LEU EB 268 10.02 -8.12 -81.25
C LEU EB 268 9.17 -8.91 -82.23
N ASN EB 269 8.99 -8.39 -83.44
CA ASN EB 269 8.18 -9.04 -84.45
C ASN EB 269 8.87 -10.32 -84.96
N GLU FB 34 64.75 58.50 23.77
CA GLU FB 34 65.02 59.75 23.08
C GLU FB 34 63.75 60.57 22.90
N TYR FB 35 63.09 60.89 24.00
CA TYR FB 35 61.85 61.64 23.94
C TYR FB 35 62.11 63.06 23.45
N PRO FB 36 61.39 63.54 22.45
CA PRO FB 36 61.53 64.94 22.03
C PRO FB 36 60.87 65.89 23.02
N SER FB 37 61.03 67.19 22.81
CA SER FB 37 60.47 68.20 23.69
C SER FB 37 59.20 68.79 23.11
N PHE FB 38 58.35 69.32 23.99
CA PHE FB 38 57.08 69.88 23.60
C PHE FB 38 56.86 71.20 24.32
N VAL FB 39 56.01 72.04 23.73
CA VAL FB 39 55.66 73.35 24.29
C VAL FB 39 54.16 73.36 24.57
N GLU FB 40 53.78 73.76 25.77
CA GLU FB 40 52.39 73.81 26.19
C GLU FB 40 51.84 75.23 26.05
N SER FB 41 50.65 75.34 25.49
CA SER FB 41 49.97 76.62 25.32
C SER FB 41 48.52 76.48 25.74
N VAL FB 42 47.91 77.61 26.10
CA VAL FB 42 46.52 77.63 26.55
C VAL FB 42 45.73 78.62 25.69
N ASP FB 43 46.43 79.40 24.88
CA ASP FB 43 45.80 80.41 24.05
C ASP FB 43 45.32 79.86 22.71
N GLU FB 44 45.57 78.59 22.43
CA GLU FB 44 45.13 77.96 21.18
C GLU FB 44 44.00 76.96 21.40
N TYR FB 45 43.34 77.00 22.56
CA TYR FB 45 42.27 76.06 22.88
C TYR FB 45 40.90 76.62 22.53
N HIS FB 46 40.83 77.85 22.02
CA HIS FB 46 39.55 78.44 21.65
C HIS FB 46 39.05 77.93 20.30
N PHE FB 47 39.92 77.36 19.47
CA PHE FB 47 39.46 76.71 18.24
C PHE FB 47 38.77 75.38 18.56
N VAL FB 48 39.29 74.64 19.54
CA VAL FB 48 38.72 73.34 19.87
C VAL FB 48 37.31 73.49 20.43
N GLU FB 49 37.04 74.56 21.17
CA GLU FB 49 35.72 74.78 21.75
C GLU FB 49 34.66 75.00 20.67
N ARG FB 50 35.05 75.30 19.44
CA ARG FB 50 34.14 75.49 18.33
C ARG FB 50 33.80 74.18 17.62
N LEU FB 51 34.40 73.07 18.06
CA LEU FB 51 34.19 71.75 17.45
C LEU FB 51 33.31 70.85 18.31
N LEU FB 52 32.64 71.42 19.31
CA LEU FB 52 31.83 70.63 20.22
C LEU FB 52 30.36 70.75 19.85
N PRO FB 53 29.70 69.66 19.46
CA PRO FB 53 28.29 69.75 19.12
C PRO FB 53 27.45 70.08 20.34
N PRO FB 54 26.35 70.81 20.17
CA PRO FB 54 25.45 71.06 21.30
C PRO FB 54 24.52 69.87 21.52
N ALA FB 55 24.26 69.57 22.79
CA ALA FB 55 23.33 68.51 23.15
C ALA FB 55 21.89 68.98 23.28
N SER FB 56 21.65 70.28 23.11
CA SER FB 56 20.31 70.85 23.18
C SER FB 56 20.02 71.63 21.91
N ILE FB 57 18.75 71.64 21.52
CA ILE FB 57 18.32 72.32 20.30
C ILE FB 57 18.16 73.81 20.59
N PRO FB 58 18.88 74.68 19.85
CA PRO FB 58 18.75 76.11 20.10
C PRO FB 58 17.39 76.64 19.69
N ARG FB 59 16.94 77.67 20.39
CA ARG FB 59 15.70 78.33 20.03
C ARG FB 59 15.88 79.08 18.72
N PRO FB 60 14.81 79.17 17.91
CA PRO FB 60 14.90 79.90 16.64
C PRO FB 60 15.20 81.36 16.87
N PRO FB 61 16.19 81.92 16.17
CA PRO FB 61 16.52 83.34 16.34
C PRO FB 61 15.38 84.22 15.88
N LYS FB 62 15.26 85.39 16.51
CA LYS FB 62 14.23 86.35 16.15
C LYS FB 62 14.54 86.97 14.79
N HIS FB 63 13.52 87.03 13.93
CA HIS FB 63 13.64 87.63 12.61
C HIS FB 63 12.77 88.88 12.54
N GLU FB 64 13.26 89.87 11.79
CA GLU FB 64 12.52 91.13 11.67
C GLU FB 64 11.27 90.97 10.79
N HIS FB 65 11.27 90.00 9.88
CA HIS FB 65 10.17 89.81 8.97
C HIS FB 65 9.75 88.34 8.97
N TYR FB 66 8.45 88.09 8.90
CA TYR FB 66 7.89 86.76 8.83
C TYR FB 66 6.88 86.68 7.71
N PRO FB 67 6.75 85.50 7.06
CA PRO FB 67 7.47 84.25 7.30
C PRO FB 67 8.90 84.26 6.79
N THR FB 68 9.76 83.40 7.33
CA THR FB 68 11.15 83.32 6.93
C THR FB 68 11.25 82.77 5.51
N PRO FB 69 12.39 82.99 4.84
CA PRO FB 69 12.53 82.50 3.46
C PRO FB 69 12.32 81.00 3.31
N SER FB 70 12.61 80.21 4.33
CA SER FB 70 12.38 78.77 4.27
C SER FB 70 10.94 78.38 4.55
N GLY FB 71 10.06 79.36 4.78
CA GLY FB 71 8.66 79.10 5.05
C GLY FB 71 8.31 78.93 6.51
N TRP FB 72 9.29 78.90 7.40
CA TRP FB 72 9.02 78.70 8.82
C TRP FB 72 8.34 79.93 9.41
N GLN FB 73 7.28 79.71 10.17
CA GLN FB 73 6.51 80.78 10.75
C GLN FB 73 6.29 80.52 12.24
N PRO FB 74 6.78 81.39 13.12
CA PRO FB 74 6.72 81.12 14.56
C PRO FB 74 5.29 81.15 15.07
N PRO FB 75 5.00 80.46 16.17
CA PRO FB 75 3.64 80.48 16.70
C PRO FB 75 3.26 81.85 17.23
N ARG FB 76 1.95 82.09 17.26
CA ARG FB 76 1.44 83.35 17.78
C ARG FB 76 1.74 83.49 19.27
N ASP FB 77 2.00 84.73 19.69
CA ASP FB 77 2.39 84.97 21.09
C ASP FB 77 1.32 84.53 22.09
N PRO FB 78 0.05 84.88 21.94
CA PRO FB 78 -0.97 84.36 22.86
C PRO FB 78 -1.45 82.98 22.41
N ALA FB 79 -1.86 82.20 23.39
CA ALA FB 79 -2.44 80.89 23.09
C ALA FB 79 -3.83 81.08 22.49
N PRO FB 80 -4.14 80.45 21.36
CA PRO FB 80 -5.46 80.63 20.75
C PRO FB 80 -6.57 80.19 21.68
N SER FB 81 -7.68 80.90 21.64
CA SER FB 81 -8.82 80.63 22.51
C SER FB 81 -9.67 79.50 21.91
N LEU FB 82 -9.08 78.31 21.94
CA LEU FB 82 -9.70 77.09 21.42
C LEU FB 82 -9.52 75.97 22.41
N PRO FB 83 -10.44 74.99 22.43
CA PRO FB 83 -10.32 73.89 23.41
C PRO FB 83 -9.06 73.07 23.20
N TYR FB 84 -8.89 72.50 22.01
CA TYR FB 84 -7.73 71.66 21.74
C TYR FB 84 -6.49 72.51 21.49
N PHE FB 85 -5.33 71.87 21.61
CA PHE FB 85 -4.06 72.55 21.38
C PHE FB 85 -3.08 71.56 20.76
N VAL FB 86 -2.25 72.05 19.85
CA VAL FB 86 -1.29 71.22 19.11
C VAL FB 86 0.10 71.74 19.43
N ARG FB 87 0.87 70.94 20.16
CA ARG FB 87 2.24 71.31 20.48
C ARG FB 87 3.12 71.25 19.24
N ARG FB 88 4.11 72.14 19.20
CA ARG FB 88 5.12 72.08 18.15
C ARG FB 88 6.09 70.94 18.42
N SER FB 89 6.79 70.53 17.37
CA SER FB 89 7.81 69.50 17.50
C SER FB 89 9.04 70.07 18.20
N ARG FB 90 9.96 69.17 18.59
CA ARG FB 90 11.21 69.63 19.17
C ARG FB 90 12.06 70.39 18.17
N MET FB 91 11.78 70.24 16.87
CA MET FB 91 12.45 71.00 15.83
C MET FB 91 11.66 72.23 15.39
N HIS FB 92 10.56 72.54 16.09
CA HIS FB 92 9.73 73.70 15.81
C HIS FB 92 9.11 73.63 14.42
N ASN FB 93 8.37 72.55 14.18
CA ASN FB 93 7.60 72.36 12.96
C ASN FB 93 6.24 71.79 13.34
N ILE FB 94 5.27 72.01 12.45
CA ILE FB 94 3.91 71.50 12.69
C ILE FB 94 3.94 69.98 12.65
N PRO FB 95 3.40 69.29 13.66
CA PRO FB 95 3.44 67.82 13.68
C PRO FB 95 2.34 67.18 12.83
N VAL FB 96 2.48 67.29 11.51
CA VAL FB 96 1.61 66.62 10.55
C VAL FB 96 2.50 65.79 9.64
N TYR FB 97 2.22 64.48 9.57
CA TYR FB 97 3.10 63.56 8.86
C TYR FB 97 2.28 62.62 7.99
N ARG FB 98 2.94 62.08 6.97
CA ARG FB 98 2.36 61.05 6.12
C ARG FB 98 2.72 59.67 6.66
N ASP FB 99 1.90 58.69 6.29
CA ASP FB 99 2.16 57.30 6.68
C ASP FB 99 1.50 56.39 5.65
N ILE FB 100 2.25 55.40 5.16
CA ILE FB 100 1.77 54.50 4.13
C ILE FB 100 1.87 53.07 4.63
N THR FB 101 0.82 52.29 4.40
CA THR FB 101 0.75 50.90 4.81
C THR FB 101 0.26 50.05 3.65
N HIS FB 102 0.77 48.81 3.60
CA HIS FB 102 0.41 47.85 2.55
C HIS FB 102 0.83 48.32 1.16
N GLY FB 103 1.50 49.47 1.09
CA GLY FB 103 1.90 50.03 -0.19
C GLY FB 103 0.82 50.78 -0.93
N ASN FB 104 -0.43 50.75 -0.45
CA ASN FB 104 -1.51 51.44 -1.12
C ASN FB 104 -2.43 52.21 -0.18
N ARG FB 105 -2.19 52.17 1.13
CA ARG FB 105 -3.00 52.89 2.10
C ARG FB 105 -2.28 54.16 2.48
N GLN FB 106 -2.90 55.31 2.21
CA GLN FB 106 -2.29 56.61 2.45
C GLN FB 106 -3.04 57.29 3.58
N MET FB 107 -2.29 57.69 4.62
CA MET FB 107 -2.88 58.27 5.81
C MET FB 107 -2.08 59.50 6.24
N THR FB 108 -2.78 60.44 6.87
CA THR FB 108 -2.19 61.64 7.44
C THR FB 108 -2.39 61.61 8.95
N VAL FB 109 -1.32 61.86 9.70
CA VAL FB 109 -1.32 61.71 11.15
C VAL FB 109 -1.01 63.06 11.78
N ILE FB 110 -1.87 63.48 12.71
CA ILE FB 110 -1.66 64.69 13.51
C ILE FB 110 -1.35 64.25 14.93
N ARG FB 111 -0.14 64.58 15.39
CA ARG FB 111 0.33 64.14 16.70
C ARG FB 111 0.39 65.29 17.68
N LYS FB 112 0.64 64.94 18.94
CA LYS FB 112 0.85 65.89 20.03
C LYS FB 112 -0.32 66.86 20.15
N VAL FB 113 -1.49 66.30 20.47
CA VAL FB 113 -2.72 67.06 20.63
C VAL FB 113 -3.18 66.94 22.07
N GLU FB 114 -3.41 68.08 22.72
CA GLU FB 114 -3.89 68.14 24.09
C GLU FB 114 -5.24 68.82 24.13
N GLY FB 115 -6.13 68.33 24.99
CA GLY FB 115 -7.43 68.93 25.14
C GLY FB 115 -8.55 68.06 24.60
N ASP FB 116 -9.58 68.71 24.06
CA ASP FB 116 -10.74 68.01 23.51
C ASP FB 116 -10.42 67.65 22.06
N ILE FB 117 -10.01 66.40 21.84
CA ILE FB 117 -9.65 65.96 20.50
C ILE FB 117 -10.86 65.95 19.58
N TRP FB 118 -12.05 65.63 20.11
CA TRP FB 118 -13.24 65.56 19.28
C TRP FB 118 -13.58 66.92 18.67
N ALA FB 119 -13.18 68.02 19.33
CA ALA FB 119 -13.30 69.32 18.71
C ALA FB 119 -12.39 69.44 17.48
N LEU FB 120 -11.17 68.89 17.58
CA LEU FB 120 -10.26 68.91 16.44
C LEU FB 120 -10.81 68.08 15.28
N GLN FB 121 -11.39 66.91 15.58
CA GLN FB 121 -11.92 66.06 14.52
C GLN FB 121 -13.05 66.76 13.77
N LYS FB 122 -13.96 67.40 14.50
CA LYS FB 122 -15.08 68.08 13.84
C LYS FB 122 -14.60 69.25 13.00
N ASP FB 123 -13.62 70.00 13.48
CA ASP FB 123 -13.07 71.10 12.70
C ASP FB 123 -12.35 70.61 11.45
N VAL FB 124 -11.73 69.42 11.52
CA VAL FB 124 -11.11 68.86 10.33
C VAL FB 124 -12.17 68.39 9.34
N GLU FB 125 -13.25 67.80 9.84
CA GLU FB 125 -14.25 67.20 8.96
C GLU FB 125 -14.89 68.25 8.05
N ASP FB 126 -15.29 69.39 8.61
CA ASP FB 126 -15.90 70.42 7.78
C ASP FB 126 -14.88 71.27 7.04
N PHE FB 127 -13.60 71.18 7.42
CA PHE FB 127 -12.56 71.85 6.65
C PHE FB 127 -12.27 71.13 5.34
N LEU FB 128 -12.23 69.80 5.37
CA LEU FB 128 -11.95 69.00 4.19
C LEU FB 128 -13.21 68.61 3.43
N SER FB 129 -14.40 68.89 3.98
CA SER FB 129 -15.63 68.53 3.28
C SER FB 129 -15.80 69.25 1.95
N PRO FB 130 -15.64 70.58 1.85
CA PRO FB 130 -15.78 71.22 0.52
C PRO FB 130 -14.77 70.74 -0.49
N LEU FB 131 -13.57 70.33 -0.06
CA LEU FB 131 -12.53 69.91 -1.00
C LEU FB 131 -12.85 68.53 -1.59
N LEU FB 132 -13.41 67.63 -0.78
CA LEU FB 132 -13.70 66.28 -1.23
C LEU FB 132 -15.17 66.06 -1.61
N GLY FB 133 -16.08 66.88 -1.08
CA GLY FB 133 -17.49 66.63 -1.26
C GLY FB 133 -18.08 65.63 -0.29
N LYS FB 134 -17.28 65.06 0.60
CA LYS FB 134 -17.77 64.10 1.58
C LYS FB 134 -16.91 64.22 2.83
N THR FB 135 -17.46 63.77 3.95
CA THR FB 135 -16.73 63.81 5.20
C THR FB 135 -15.60 62.79 5.18
N PRO FB 136 -14.36 63.20 5.39
CA PRO FB 136 -13.25 62.25 5.36
C PRO FB 136 -13.32 61.27 6.52
N VAL FB 137 -12.78 60.08 6.30
CA VAL FB 137 -12.76 59.05 7.32
C VAL FB 137 -11.62 59.33 8.28
N THR FB 138 -11.94 59.40 9.57
CA THR FB 138 -10.96 59.77 10.59
C THR FB 138 -10.98 58.77 11.72
N GLN FB 139 -9.85 58.66 12.42
CA GLN FB 139 -9.73 57.85 13.63
C GLN FB 139 -9.22 58.74 14.76
N VAL FB 140 -9.86 58.64 15.92
CA VAL FB 140 -9.50 59.42 17.09
C VAL FB 140 -8.89 58.48 18.13
N ASN FB 141 -7.69 58.81 18.58
CA ASN FB 141 -6.96 58.00 19.54
C ASN FB 141 -6.72 58.85 20.78
N GLU FB 142 -7.67 58.83 21.71
CA GLU FB 142 -7.57 59.69 22.89
C GLU FB 142 -6.46 59.25 23.83
N VAL FB 143 -6.18 57.94 23.90
CA VAL FB 143 -5.13 57.46 24.80
C VAL FB 143 -3.76 57.98 24.39
N THR FB 144 -3.59 58.36 23.13
CA THR FB 144 -2.35 58.92 22.61
C THR FB 144 -2.45 60.39 22.27
N GLY FB 145 -3.60 60.82 21.77
CA GLY FB 145 -3.76 62.20 21.32
C GLY FB 145 -3.35 62.37 19.88
N THR FB 146 -3.84 61.48 19.02
CA THR FB 146 -3.46 61.47 17.61
C THR FB 146 -4.70 61.31 16.76
N LEU FB 147 -4.85 62.19 15.76
CA LEU FB 147 -5.92 62.12 14.80
C LEU FB 147 -5.37 61.60 13.48
N ARG FB 148 -6.01 60.58 12.92
CA ARG FB 148 -5.56 59.93 11.69
C ARG FB 148 -6.61 60.16 10.62
N VAL FB 149 -6.17 60.70 9.48
CA VAL FB 149 -7.06 61.04 8.37
C VAL FB 149 -6.63 60.23 7.16
N LYS FB 150 -7.59 59.59 6.51
CA LYS FB 150 -7.32 58.74 5.35
C LYS FB 150 -7.09 59.62 4.12
N GLY FB 151 -5.87 59.59 3.60
CA GLY FB 151 -5.50 60.39 2.45
C GLY FB 151 -4.30 61.28 2.74
N TYR FB 152 -3.74 61.82 1.66
CA TYR FB 152 -2.57 62.70 1.73
C TYR FB 152 -3.06 64.14 1.74
N PHE FB 153 -3.20 64.70 2.95
CA PHE FB 153 -3.62 66.08 3.13
C PHE FB 153 -2.63 66.84 4.00
N ASP FB 154 -1.36 66.42 4.00
CA ASP FB 154 -0.39 67.00 4.92
C ASP FB 154 -0.15 68.48 4.61
N GLN FB 155 0.00 68.83 3.33
CA GLN FB 155 0.27 70.22 2.97
C GLN FB 155 -0.92 71.12 3.29
N GLN FB 156 -2.13 70.64 3.05
CA GLN FB 156 -3.31 71.43 3.34
C GLN FB 156 -3.50 71.62 4.84
N LEU FB 157 -3.24 70.59 5.62
CA LEU FB 157 -3.41 70.69 7.07
C LEU FB 157 -2.37 71.62 7.71
N LYS FB 158 -1.13 71.55 7.24
CA LYS FB 158 -0.07 72.39 7.81
C LYS FB 158 -0.39 73.87 7.63
N ALA FB 159 -0.88 74.26 6.45
CA ALA FB 159 -1.29 75.63 6.23
C ALA FB 159 -2.49 75.98 7.11
N TRP FB 160 -3.43 75.06 7.27
CA TRP FB 160 -4.62 75.33 8.07
C TRP FB 160 -4.27 75.53 9.54
N LEU FB 161 -3.39 74.69 10.08
CA LEU FB 161 -2.98 74.85 11.48
C LEU FB 161 -2.11 76.09 11.67
N LEU FB 162 -1.32 76.45 10.66
CA LEU FB 162 -0.48 77.64 10.76
C LEU FB 162 -1.33 78.90 10.86
N GLU FB 163 -2.42 78.98 10.08
CA GLU FB 163 -3.31 80.12 10.16
C GLU FB 163 -3.97 80.24 11.52
N LYS FB 164 -4.32 79.10 12.15
CA LYS FB 164 -4.92 79.11 13.47
C LYS FB 164 -3.90 79.34 14.57
N GLY FB 165 -2.61 79.34 14.25
CA GLY FB 165 -1.58 79.64 15.23
C GLY FB 165 -1.34 78.55 16.25
N PHE FB 166 -0.85 77.40 15.80
CA PHE FB 166 -0.47 76.33 16.71
C PHE FB 166 1.02 76.00 16.54
N LEU GB 90 7.38 62.71 72.40
CA LEU GB 90 6.71 62.52 71.13
C LEU GB 90 5.37 61.82 71.31
N VAL GB 91 4.39 62.56 71.83
CA VAL GB 91 3.06 61.99 72.06
C VAL GB 91 2.37 61.76 70.73
N CYS GB 92 1.86 60.56 70.52
CA CYS GB 92 1.16 60.25 69.28
C CYS GB 92 -0.26 60.82 69.33
N PRO GB 93 -0.62 61.73 68.42
CA PRO GB 93 -1.97 62.27 68.43
C PRO GB 93 -2.98 61.23 67.99
N PRO GB 94 -4.23 61.33 68.42
CA PRO GB 94 -5.26 60.41 67.92
C PRO GB 94 -5.47 60.56 66.44
N ILE GB 95 -5.82 59.45 65.78
CA ILE GB 95 -5.96 59.44 64.33
C ILE GB 95 -7.12 60.33 63.92
N GLN GB 96 -6.89 61.16 62.91
CA GLN GB 96 -7.94 62.03 62.41
C GLN GB 96 -8.97 61.23 61.63
N SER GB 97 -10.11 61.87 61.36
CA SER GB 97 -11.19 61.27 60.59
C SER GB 97 -11.41 62.09 59.33
N ARG GB 98 -11.41 61.41 58.18
CA ARG GB 98 -11.61 62.08 56.89
C ARG GB 98 -13.09 62.25 56.58
N THR GB 99 -13.84 62.82 57.51
CA THR GB 99 -15.25 63.10 57.35
C THR GB 99 -15.50 64.58 57.58
N TYR GB 100 -16.08 65.25 56.58
CA TYR GB 100 -16.32 66.67 56.63
C TYR GB 100 -17.79 66.96 56.30
N ILE GB 101 -18.41 67.81 57.10
CA ILE GB 101 -19.78 68.25 56.89
C ILE GB 101 -19.78 69.77 56.82
N PRO GB 102 -20.29 70.37 55.75
CA PRO GB 102 -20.28 71.84 55.63
C PRO GB 102 -21.20 72.48 56.67
N PRO GB 103 -20.70 73.45 57.41
CA PRO GB 103 -21.53 74.11 58.42
C PRO GB 103 -22.42 75.19 57.80
N GLU GB 104 -23.34 75.70 58.63
CA GLU GB 104 -24.25 76.75 58.18
C GLU GB 104 -23.54 78.10 58.08
N ASP GB 105 -22.45 78.30 58.82
CA ASP GB 105 -21.72 79.55 58.82
C ASP GB 105 -20.50 79.52 57.91
N LEU GB 106 -20.56 78.73 56.83
CA LEU GB 106 -19.45 78.67 55.90
C LEU GB 106 -19.24 80.00 55.18
N GLN GB 107 -20.34 80.68 54.82
CA GLN GB 107 -20.23 81.98 54.19
C GLN GB 107 -19.53 82.99 55.10
N SER GB 108 -19.91 83.00 56.37
CA SER GB 108 -19.30 83.96 57.31
C SER GB 108 -17.84 83.61 57.59
N ARG GB 109 -17.53 82.33 57.74
CA ARG GB 109 -16.14 81.94 58.03
C ARG GB 109 -15.21 82.27 56.88
N LEU GB 110 -15.65 82.03 55.65
CA LEU GB 110 -14.79 82.29 54.50
C LEU GB 110 -14.56 83.78 54.31
N GLU GB 111 -15.63 84.58 54.40
CA GLU GB 111 -15.48 86.02 54.21
C GLU GB 111 -14.65 86.64 55.33
N SER GB 112 -14.80 86.14 56.56
CA SER GB 112 -13.97 86.63 57.66
C SER GB 112 -12.51 86.27 57.46
N HIS GB 113 -12.24 85.06 56.98
CA HIS GB 113 -10.86 84.66 56.72
C HIS GB 113 -10.24 85.48 55.60
N VAL GB 114 -11.00 85.75 54.54
CA VAL GB 114 -10.47 86.53 53.41
C VAL GB 114 -10.07 87.92 53.87
N LYS GB 115 -10.91 88.57 54.67
CA LYS GB 115 -10.64 89.95 55.07
C LYS GB 115 -9.33 90.05 55.86
N GLU GB 116 -9.05 89.09 56.73
CA GLU GB 116 -7.87 89.16 57.57
C GLU GB 116 -6.59 88.73 56.87
N VAL GB 117 -6.68 88.11 55.69
CA VAL GB 117 -5.51 87.68 54.96
C VAL GB 117 -5.43 88.24 53.55
N PHE GB 118 -6.49 88.85 53.02
CA PHE GB 118 -6.44 89.49 51.71
C PHE GB 118 -6.52 91.00 51.83
N GLY GB 119 -7.65 91.53 52.28
CA GLY GB 119 -7.86 92.97 52.31
C GLY GB 119 -7.55 93.64 50.99
N SER GB 120 -7.99 93.05 49.88
CA SER GB 120 -7.55 93.45 48.55
C SER GB 120 -8.66 94.04 47.68
N SER GB 121 -9.81 93.37 47.61
CA SER GB 121 -10.81 93.66 46.60
C SER GB 121 -12.15 94.00 47.24
N VAL GB 122 -13.18 94.09 46.40
CA VAL GB 122 -14.50 94.56 46.81
C VAL GB 122 -15.07 93.64 47.89
N PRO GB 123 -15.62 94.17 48.98
CA PRO GB 123 -16.21 93.29 50.00
C PRO GB 123 -17.38 92.45 49.49
N SER GB 124 -18.16 92.96 48.53
CA SER GB 124 -19.30 92.20 48.04
C SER GB 124 -18.87 91.08 47.10
N ASN GB 125 -18.05 91.42 46.10
CA ASN GB 125 -17.55 90.44 45.14
C ASN GB 125 -16.26 89.78 45.63
N TRP GB 126 -16.30 89.26 46.86
CA TRP GB 126 -15.14 88.58 47.42
C TRP GB 126 -14.93 87.19 46.85
N GLN GB 127 -15.89 86.67 46.08
CA GLN GB 127 -15.79 85.36 45.47
C GLN GB 127 -15.05 85.37 44.14
N ASP GB 128 -14.66 86.55 43.65
CA ASP GB 128 -13.91 86.67 42.41
C ASP GB 128 -12.44 87.00 42.63
N ILE GB 129 -11.98 87.00 43.89
CA ILE GB 129 -10.59 87.30 44.17
C ILE GB 129 -9.71 86.14 43.74
N SER GB 130 -8.56 86.45 43.16
CA SER GB 130 -7.67 85.45 42.61
C SER GB 130 -6.75 84.88 43.69
N LEU GB 131 -6.28 83.66 43.46
CA LEU GB 131 -5.37 82.96 44.36
C LEU GB 131 -4.04 82.62 43.69
N GLU GB 132 -3.64 83.42 42.69
CA GLU GB 132 -2.47 83.08 41.89
C GLU GB 132 -1.19 83.08 42.70
N ASP GB 133 -1.03 84.05 43.61
CA ASP GB 133 0.20 84.15 44.38
C ASP GB 133 0.41 82.90 45.23
N VAL GB 134 1.63 82.36 45.19
CA VAL GB 134 1.95 81.14 45.93
C VAL GB 134 1.86 81.39 47.43
N HIS GB 135 2.47 82.49 47.91
CA HIS GB 135 2.43 82.81 49.33
C HIS GB 135 1.02 83.13 49.79
N LEU GB 136 0.26 83.88 48.98
CA LEU GB 136 -1.09 84.26 49.37
C LEU GB 136 -2.00 83.04 49.44
N LYS GB 137 -1.87 82.10 48.51
CA LYS GB 137 -2.69 80.89 48.55
C LYS GB 137 -2.38 80.06 49.79
N PHE GB 138 -1.11 79.94 50.14
CA PHE GB 138 -0.75 79.21 51.36
C PHE GB 138 -1.28 79.91 52.60
N SER GB 139 -1.30 81.24 52.59
CA SER GB 139 -1.82 81.98 53.74
C SER GB 139 -3.33 81.79 53.89
N PHE GB 140 -4.04 81.65 52.77
CA PHE GB 140 -5.50 81.53 52.82
C PHE GB 140 -5.97 80.10 53.03
N LEU GB 141 -5.30 79.12 52.41
CA LEU GB 141 -5.74 77.73 52.53
C LEU GB 141 -5.38 77.15 53.89
N ALA GB 142 -4.24 77.54 54.45
CA ALA GB 142 -3.83 77.00 55.75
C ALA GB 142 -4.82 77.40 56.84
N ARG GB 143 -5.31 78.64 56.80
CA ARG GB 143 -6.29 79.08 57.79
C ARG GB 143 -7.57 78.26 57.69
N LEU GB 144 -8.04 78.01 56.47
CA LEU GB 144 -9.23 77.19 56.29
C LEU GB 144 -9.00 75.76 56.78
N ALA GB 145 -7.81 75.21 56.53
CA ALA GB 145 -7.52 73.85 56.94
C ALA GB 145 -7.56 73.69 58.46
N ASN GB 146 -7.00 74.66 59.19
CA ASN GB 146 -6.99 74.60 60.64
C ASN GB 146 -8.28 75.09 61.28
N ASP GB 147 -9.22 75.62 60.49
CA ASP GB 147 -10.50 76.06 61.00
C ASP GB 147 -11.62 75.07 60.74
N LEU GB 148 -11.69 74.53 59.53
CA LEU GB 148 -12.72 73.55 59.16
C LEU GB 148 -12.24 72.10 59.29
N ARG GB 149 -10.97 71.90 59.61
CA ARG GB 149 -10.38 70.55 59.75
C ARG GB 149 -10.61 69.72 58.49
N HIS GB 150 -10.36 70.33 57.33
CA HIS GB 150 -10.49 69.65 56.04
C HIS GB 150 -9.56 70.35 55.06
N ALA GB 151 -8.50 69.66 54.65
CA ALA GB 151 -7.46 70.24 53.82
C ALA GB 151 -7.64 69.84 52.37
N VAL GB 152 -7.43 70.79 51.47
CA VAL GB 152 -7.50 70.51 50.03
C VAL GB 152 -6.35 69.60 49.65
N PRO GB 153 -6.60 68.48 48.97
CA PRO GB 153 -5.51 67.54 48.65
C PRO GB 153 -4.59 68.11 47.59
N ASN GB 154 -3.52 67.35 47.32
CA ASN GB 154 -2.50 67.78 46.37
C ASN GB 154 -3.07 67.89 44.95
N SER GB 155 -3.92 66.95 44.56
CA SER GB 155 -4.38 66.88 43.18
C SER GB 155 -5.22 68.10 42.82
N ARG GB 156 -6.04 68.59 43.75
CA ARG GB 156 -7.00 69.65 43.47
C ARG GB 156 -6.42 71.04 43.67
N LEU GB 157 -5.14 71.17 44.01
CA LEU GB 157 -4.58 72.49 44.27
C LEU GB 157 -4.47 73.33 43.00
N HIS GB 158 -4.20 72.70 41.85
CA HIS GB 158 -4.14 73.45 40.61
C HIS GB 158 -5.50 73.90 40.12
N GLN GB 159 -6.59 73.39 40.71
CA GLN GB 159 -7.93 73.82 40.37
C GLN GB 159 -8.43 74.96 41.25
N MET GB 160 -7.98 75.01 42.51
CA MET GB 160 -8.39 76.05 43.45
C MET GB 160 -7.59 77.31 43.16
N CYS GB 161 -8.07 78.08 42.20
CA CYS GB 161 -7.43 79.33 41.82
C CYS GB 161 -8.26 80.57 42.11
N ARG GB 162 -9.56 80.42 42.35
CA ARG GB 162 -10.44 81.52 42.69
C ARG GB 162 -11.15 81.23 44.01
N VAL GB 163 -11.68 82.28 44.62
CA VAL GB 163 -12.38 82.12 45.90
C VAL GB 163 -13.61 81.24 45.74
N ARG GB 164 -14.32 81.38 44.60
CA ARG GB 164 -15.48 80.54 44.37
C ARG GB 164 -15.12 79.08 44.28
N ASP GB 165 -13.92 78.77 43.77
CA ASP GB 165 -13.50 77.37 43.64
C ASP GB 165 -13.38 76.71 45.01
N VAL GB 166 -12.75 77.40 45.97
CA VAL GB 166 -12.61 76.81 47.30
C VAL GB 166 -13.94 76.85 48.06
N LEU GB 167 -14.80 77.82 47.76
CA LEU GB 167 -16.12 77.84 48.37
C LEU GB 167 -16.95 76.63 47.92
N ASP GB 168 -16.87 76.29 46.64
CA ASP GB 168 -17.57 75.11 46.14
C ASP GB 168 -16.94 73.82 46.67
N PHE GB 169 -15.63 73.83 46.89
CA PHE GB 169 -14.96 72.64 47.42
C PHE GB 169 -15.48 72.28 48.80
N TYR GB 170 -15.68 73.28 49.66
CA TYR GB 170 -16.16 73.04 51.01
C TYR GB 170 -17.66 72.89 51.10
N ASN GB 171 -18.38 72.98 49.97
CA ASN GB 171 -19.80 72.66 49.94
C ASN GB 171 -20.06 71.21 49.56
N VAL GB 172 -19.02 70.43 49.30
CA VAL GB 172 -19.16 69.04 48.89
C VAL GB 172 -18.76 68.15 50.07
N PRO GB 173 -19.68 67.42 50.68
CA PRO GB 173 -19.30 66.54 51.80
C PRO GB 173 -18.41 65.40 51.35
N VAL GB 174 -17.59 64.92 52.28
CA VAL GB 174 -16.71 63.78 52.06
C VAL GB 174 -16.99 62.74 53.13
N GLN GB 175 -17.24 61.51 52.71
CA GLN GB 175 -17.57 60.42 53.61
C GLN GB 175 -16.46 59.38 53.59
N ASP GB 176 -16.04 58.94 54.77
CA ASP GB 176 -14.98 57.95 54.90
C ASP GB 176 -15.50 56.51 54.93
N ARG GB 177 -16.78 56.32 55.20
CA ARG GB 177 -17.35 54.97 55.25
C ARG GB 177 -17.37 54.35 53.86
N SER GB 178 -17.25 53.02 53.84
CA SER GB 178 -17.27 52.28 52.59
C SER GB 178 -18.71 52.04 52.13
N LYS GB 179 -18.86 51.38 50.98
CA LYS GB 179 -20.18 51.11 50.45
C LYS GB 179 -20.97 50.18 51.37
N PHE GB 180 -20.30 49.18 51.95
CA PHE GB 180 -20.99 48.24 52.82
C PHE GB 180 -21.57 48.94 54.05
N ASP GB 181 -20.76 49.78 54.70
CA ASP GB 181 -21.24 50.51 55.87
C ASP GB 181 -22.40 51.43 55.50
N GLU GB 182 -22.38 51.98 54.29
CA GLU GB 182 -23.55 52.70 53.80
C GLU GB 182 -24.75 51.77 53.63
N LEU GB 183 -24.50 50.54 53.17
CA LEU GB 183 -25.58 49.59 52.96
C LEU GB 183 -26.09 49.01 54.27
N ILE GB 184 -25.19 48.75 55.22
CA ILE GB 184 -25.58 48.09 56.45
C ILE GB 184 -26.55 48.93 57.28
N ALA GB 185 -26.60 50.24 57.04
CA ALA GB 185 -27.64 51.10 57.61
C ALA GB 185 -28.27 51.87 56.46
N SER GB 186 -29.23 51.23 55.78
CA SER GB 186 -29.96 51.87 54.69
C SER GB 186 -31.44 51.50 54.74
N ASN GB 187 -31.96 51.23 55.94
CA ASN GB 187 -33.32 50.74 56.13
C ASN GB 187 -33.54 49.46 55.32
N LEU GB 188 -32.79 48.43 55.69
CA LEU GB 188 -32.84 47.16 54.97
C LEU GB 188 -34.17 46.46 55.22
N PRO GB 189 -34.62 45.64 54.28
CA PRO GB 189 -35.85 44.88 54.48
C PRO GB 189 -35.69 43.87 55.61
N HIS GB 190 -36.83 43.44 56.16
CA HIS GB 190 -36.83 42.55 57.31
C HIS GB 190 -36.27 41.17 56.98
N ASN GB 191 -36.20 40.79 55.70
CA ASN GB 191 -35.74 39.47 55.33
C ASN GB 191 -34.27 39.42 54.95
N LEU GB 192 -33.65 40.56 54.69
CA LEU GB 192 -32.24 40.60 54.33
C LEU GB 192 -31.38 40.64 55.60
N LYS GB 193 -30.56 39.62 55.79
CA LYS GB 193 -29.66 39.54 56.94
C LYS GB 193 -28.22 39.50 56.44
N ILE GB 194 -27.37 40.35 57.01
CA ILE GB 194 -25.97 40.46 56.63
C ILE GB 194 -25.10 40.24 57.86
N THR GB 195 -24.05 39.43 57.72
CA THR GB 195 -23.12 39.12 58.81
C THR GB 195 -21.69 39.42 58.34
N TRP GB 196 -21.22 40.62 58.64
CA TRP GB 196 -19.85 41.00 58.28
C TRP GB 196 -18.85 40.36 59.24
N GLY GB 197 -18.08 39.39 58.73
CA GLY GB 197 -17.08 38.73 59.55
C GLY GB 197 -15.72 38.68 58.92
N TYR GB 198 -14.80 39.49 59.43
CA TYR GB 198 -13.41 39.49 58.97
C TYR GB 198 -12.46 39.63 60.16
N PHE HB 32 -1.97 8.49 37.59
CA PHE HB 32 -2.55 9.82 37.78
C PHE HB 32 -2.86 10.06 39.25
N HIS HB 33 -2.35 9.19 40.12
CA HIS HB 33 -2.60 9.31 41.54
C HIS HB 33 -1.99 10.59 42.08
N VAL HB 34 -2.80 11.37 42.80
CA VAL HB 34 -2.36 12.64 43.36
C VAL HB 34 -2.10 12.44 44.85
N ARG HB 35 -1.34 13.38 45.43
CA ARG HB 35 -0.98 13.28 46.83
C ARG HB 35 -2.22 13.46 47.71
N VAL HB 36 -2.24 12.73 48.83
CA VAL HB 36 -3.42 12.69 49.69
C VAL HB 36 -3.30 13.61 50.90
N THR HB 37 -2.17 14.28 51.06
CA THR HB 37 -1.96 15.19 52.19
C THR HB 37 -1.65 16.58 51.66
N LEU HB 38 -2.22 17.58 52.32
CA LEU HB 38 -1.98 18.96 51.93
C LEU HB 38 -0.53 19.34 52.24
N PRO HB 39 0.20 19.88 51.27
CA PRO HB 39 1.59 20.26 51.53
C PRO HB 39 1.67 21.46 52.44
N PRO HB 40 2.79 21.65 53.14
CA PRO HB 40 2.95 22.87 53.95
C PRO HB 40 2.96 24.11 53.07
N ARG HB 41 2.02 25.00 53.32
CA ARG HB 41 1.89 26.20 52.50
C ARG HB 41 3.13 27.07 52.62
N LYS HB 42 3.62 27.55 51.47
CA LYS HB 42 4.83 28.36 51.44
C LYS HB 42 4.46 29.78 51.85
N VAL HB 43 4.95 30.21 53.00
CA VAL HB 43 4.72 31.57 53.48
C VAL HB 43 5.77 32.48 52.87
N VAL HB 44 5.46 33.04 51.71
CA VAL HB 44 6.38 33.93 51.00
C VAL HB 44 6.14 35.35 51.46
N ASP HB 45 7.20 36.04 51.88
CA ASP HB 45 7.12 37.42 52.30
C ASP HB 45 7.46 38.32 51.11
N ARG HB 46 6.51 39.17 50.72
CA ARG HB 46 6.73 40.04 49.59
C ARG HB 46 7.67 41.19 49.89
N TRP HB 47 8.08 41.37 51.15
CA TRP HB 47 8.90 42.51 51.54
C TRP HB 47 10.23 42.08 52.15
N ASN HB 48 10.93 41.15 51.52
CA ASN HB 48 12.29 40.81 51.96
C ASN HB 48 13.26 41.82 51.34
N GLU HB 49 14.56 41.58 51.53
CA GLU HB 49 15.55 42.52 51.00
C GLU HB 49 15.62 42.46 49.48
N LYS HB 50 15.45 41.27 48.90
CA LYS HB 50 15.56 41.11 47.46
C LYS HB 50 14.41 41.81 46.72
N ARG HB 51 13.17 41.56 47.17
CA ARG HB 51 12.02 42.07 46.44
C ARG HB 51 11.81 43.57 46.66
N ALA HB 52 12.11 44.06 47.86
CA ALA HB 52 11.93 45.49 48.12
C ALA HB 52 12.92 46.33 47.32
N MET HB 53 14.16 45.87 47.21
CA MET HB 53 15.20 46.59 46.49
C MET HB 53 15.36 46.09 45.06
N PHE HB 54 14.38 45.34 44.56
CA PHE HB 54 14.47 44.81 43.20
C PHE HB 54 14.37 45.94 42.19
N GLY HB 55 15.31 45.98 41.25
CA GLY HB 55 15.28 46.96 40.18
C GLY HB 55 15.35 48.39 40.67
N VAL HB 56 16.30 48.68 41.57
CA VAL HB 56 16.43 50.04 42.10
C VAL HB 56 17.20 50.93 41.14
N TYR HB 57 18.38 50.50 40.70
CA TYR HB 57 19.26 51.32 39.88
C TYR HB 57 19.11 51.05 38.39
N ASP HB 58 17.90 50.72 37.95
CA ASP HB 58 17.67 50.50 36.53
C ASP HB 58 17.79 51.77 35.70
N ASN HB 59 17.60 52.94 36.33
CA ASN HB 59 17.70 54.22 35.64
C ASN HB 59 18.96 54.97 36.04
N ILE HB 60 20.06 54.25 36.22
CA ILE HB 60 21.32 54.89 36.57
C ILE HB 60 21.81 55.79 35.43
N GLY HB 61 21.66 55.33 34.19
CA GLY HB 61 22.11 56.13 33.06
C GLY HB 61 21.27 57.39 32.87
N ILE HB 62 19.95 57.27 33.00
CA ILE HB 62 19.07 58.42 32.76
C ILE HB 62 19.32 59.52 33.78
N LEU HB 63 19.45 59.15 35.06
CA LEU HB 63 19.53 60.11 36.15
C LEU HB 63 20.95 60.19 36.73
N GLY HB 64 21.96 59.87 35.94
CA GLY HB 64 23.32 59.87 36.42
C GLY HB 64 24.32 60.45 35.45
N ASN HB 65 23.89 61.42 34.64
CA ASN HB 65 24.73 62.09 33.66
C ASN HB 65 25.29 61.12 32.62
N PHE HB 66 24.64 59.97 32.43
CA PHE HB 66 25.03 58.97 31.45
C PHE HB 66 26.47 58.52 31.65
N GLU HB 67 26.76 58.03 32.86
CA GLU HB 67 28.08 57.53 33.18
C GLU HB 67 28.17 56.02 33.16
N LYS HB 68 27.07 55.31 33.41
CA LYS HB 68 27.04 53.86 33.38
C LYS HB 68 25.76 53.40 32.70
N HIS HB 69 25.90 52.66 31.60
CA HIS HB 69 24.75 52.08 30.94
C HIS HB 69 24.12 51.02 31.84
N PRO HB 70 22.80 50.86 31.80
CA PRO HB 70 22.15 49.83 32.63
C PRO HB 70 22.59 48.41 32.33
N LYS HB 71 23.30 48.18 31.23
CA LYS HB 71 23.83 46.85 30.93
C LYS HB 71 25.07 46.52 31.75
N GLU HB 72 25.63 47.48 32.48
CA GLU HB 72 26.77 47.25 33.34
C GLU HB 72 26.35 46.87 34.76
N LEU HB 73 25.11 46.42 34.94
CA LEU HB 73 24.64 45.89 36.20
C LEU HB 73 24.26 44.43 36.12
N ILE HB 74 24.32 43.82 34.94
CA ILE HB 74 23.90 42.43 34.77
C ILE HB 74 24.92 41.51 35.41
N LYS HB 75 24.46 40.57 36.22
CA LYS HB 75 25.30 39.56 36.84
C LYS HB 75 25.00 38.21 36.19
N GLY HB 76 26.04 37.53 35.73
CA GLY HB 76 25.88 36.24 35.10
C GLY HB 76 27.10 35.81 34.31
N PRO HB 77 26.86 35.06 33.23
CA PRO HB 77 27.98 34.59 32.41
C PRO HB 77 28.75 35.75 31.80
N ILE HB 78 30.04 35.51 31.55
CA ILE HB 78 30.90 36.54 30.97
C ILE HB 78 30.42 36.93 29.58
N TRP HB 79 30.02 35.94 28.78
CA TRP HB 79 29.67 36.17 27.39
C TRP HB 79 28.21 36.58 27.20
N LEU HB 80 27.42 36.67 28.27
CA LEU HB 80 26.01 37.04 28.16
C LEU HB 80 25.67 38.32 28.91
N ARG HB 81 26.66 39.10 29.32
CA ARG HB 81 26.40 40.37 29.97
C ARG HB 81 26.06 41.41 28.90
N GLY HB 82 24.80 41.80 28.84
CA GLY HB 82 24.36 42.75 27.83
C GLY HB 82 24.41 42.23 26.41
N TRP HB 83 23.95 41.00 26.19
CA TRP HB 83 23.91 40.44 24.84
C TRP HB 83 22.73 39.48 24.75
N LYS HB 84 22.22 39.32 23.53
CA LYS HB 84 21.06 38.48 23.29
C LYS HB 84 21.19 37.84 21.92
N GLY HB 85 20.73 36.59 21.80
CA GLY HB 85 20.76 35.91 20.52
C GLY HB 85 20.05 34.58 20.61
N ASN HB 86 19.96 33.92 19.45
CA ASN HB 86 19.35 32.60 19.38
C ASN HB 86 20.35 31.55 19.87
N GLU HB 87 20.02 30.28 19.68
CA GLU HB 87 20.87 29.21 20.21
C GLU HB 87 22.18 29.11 19.46
N LEU HB 88 22.17 29.33 18.15
CA LEU HB 88 23.41 29.23 17.38
C LEU HB 88 24.37 30.35 17.71
N GLN HB 89 23.89 31.60 17.71
CA GLN HB 89 24.77 32.72 18.00
C GLN HB 89 25.28 32.69 19.43
N ARG HB 90 24.55 32.04 20.33
CA ARG HB 90 25.01 31.93 21.71
C ARG HB 90 26.16 30.94 21.83
N CYS HB 91 26.06 29.79 21.17
CA CYS HB 91 27.13 28.79 21.24
C CYS HB 91 28.39 29.29 20.55
N ILE HB 92 28.24 30.01 19.43
CA ILE HB 92 29.40 30.58 18.76
C ILE HB 92 30.08 31.61 19.65
N ARG HB 93 29.30 32.47 20.30
CA ARG HB 93 29.85 33.50 21.16
C ARG HB 93 30.59 32.89 22.35
N LYS HB 94 30.03 31.82 22.92
CA LYS HB 94 30.68 31.16 24.06
C LYS HB 94 32.03 30.58 23.66
N LYS HB 95 32.13 30.01 22.45
CA LYS HB 95 33.39 29.43 22.01
C LYS HB 95 34.44 30.49 21.76
N ARG HB 96 34.03 31.70 21.35
CA ARG HB 96 35.01 32.75 21.06
C ARG HB 96 35.66 33.29 22.32
N MET HB 97 34.86 33.56 23.35
CA MET HB 97 35.36 34.24 24.54
C MET HB 97 36.02 33.28 25.54
N VAL HB 98 35.27 32.30 26.00
CA VAL HB 98 35.74 31.39 27.04
C VAL HB 98 36.09 30.01 26.46
N GLY HB 99 36.32 29.93 25.16
CA GLY HB 99 36.60 28.64 24.55
C GLY HB 99 37.91 28.03 25.03
N ASN HB 100 38.95 28.86 25.18
CA ASN HB 100 40.25 28.36 25.60
C ASN HB 100 40.29 27.98 27.08
N ARG HB 101 39.28 28.36 27.86
CA ARG HB 101 39.23 28.03 29.28
C ARG HB 101 38.32 26.85 29.60
N MET HB 102 37.70 26.24 28.60
CA MET HB 102 36.77 25.14 28.84
C MET HB 102 37.52 23.81 28.96
N PHE HB 103 36.82 22.83 29.51
CA PHE HB 103 37.38 21.49 29.68
C PHE HB 103 37.38 20.75 28.35
N ILE HB 104 38.10 19.63 28.31
CA ILE HB 104 38.22 18.87 27.06
C ILE HB 104 36.87 18.34 26.62
N ASP HB 105 36.14 17.69 27.53
CA ASP HB 105 34.85 17.11 27.17
C ASP HB 105 33.85 18.19 26.80
N ASP HB 106 33.84 19.29 27.54
CA ASP HB 106 32.90 20.38 27.24
C ASP HB 106 33.25 21.03 25.91
N LEU HB 107 34.54 21.12 25.59
CA LEU HB 107 34.96 21.71 24.32
C LEU HB 107 34.51 20.87 23.14
N HIS HB 108 34.49 19.55 23.28
CA HIS HB 108 34.02 18.69 22.19
C HIS HB 108 32.51 18.79 22.02
N ASN HB 109 31.77 18.73 23.12
CA ASN HB 109 30.32 18.80 23.03
C ASN HB 109 29.84 20.11 22.42
N LEU HB 110 30.55 21.21 22.69
CA LEU HB 110 30.18 22.48 22.08
C LEU HB 110 30.38 22.46 20.57
N ASN HB 111 31.46 21.83 20.11
CA ASN HB 111 31.71 21.76 18.67
C ASN HB 111 30.62 20.97 17.96
N LYS HB 112 30.18 19.86 18.54
CA LYS HB 112 29.12 19.09 17.92
C LYS HB 112 27.81 19.85 17.91
N ARG HB 113 27.56 20.65 18.95
CA ARG HB 113 26.33 21.45 18.98
C ARG HB 113 26.35 22.53 17.92
N ILE HB 114 27.52 23.14 17.68
CA ILE HB 114 27.62 24.16 16.64
C ILE HB 114 27.37 23.55 15.27
N SER HB 115 27.96 22.39 14.98
CA SER HB 115 27.81 21.79 13.67
C SER HB 115 26.37 21.40 13.40
N TYR HB 116 25.69 20.80 14.38
CA TYR HB 116 24.31 20.38 14.18
C TYR HB 116 23.39 21.58 13.95
N LEU HB 117 23.56 22.64 14.76
CA LEU HB 117 22.74 23.83 14.59
C LEU HB 117 23.02 24.49 13.25
N TYR HB 118 24.28 24.51 12.83
CA TYR HB 118 24.63 25.09 11.53
C TYR HB 118 23.94 24.34 10.40
N LYS HB 119 23.93 23.01 10.47
CA LYS HB 119 23.27 22.23 9.42
C LYS HB 119 21.76 22.36 9.49
N HIS HB 120 21.19 22.39 10.71
CA HIS HB 120 19.74 22.44 10.83
C HIS HB 120 19.18 23.78 10.40
N PHE HB 121 19.80 24.87 10.82
CA PHE HB 121 19.25 26.20 10.52
C PHE HB 121 19.30 26.53 9.04
N ASN HB 122 20.34 26.07 8.33
CA ASN HB 122 20.54 26.43 6.94
C ASN HB 122 19.97 25.42 5.96
N ARG HB 123 20.08 24.12 6.26
CA ARG HB 123 19.71 23.07 5.32
C ARG HB 123 18.39 22.40 5.67
N HIS HB 124 17.65 22.91 6.64
CA HIS HB 124 16.37 22.32 7.03
C HIS HB 124 15.38 23.42 7.35
N GLY HB 125 14.11 23.05 7.39
CA GLY HB 125 13.03 23.97 7.70
C GLY HB 125 11.93 23.92 6.66
N LYS HB 126 10.93 24.78 6.87
CA LYS HB 126 9.78 24.87 5.98
C LYS HB 126 9.83 26.10 5.09
N TYR HB 127 9.99 27.29 5.68
CA TYR HB 127 10.03 28.52 4.91
C TYR HB 127 11.41 28.67 4.27
N ARG HB 128 11.47 28.60 2.95
CA ARG HB 128 12.74 28.68 2.22
C ARG HB 128 12.50 28.86 0.73
N ASP JB 65 -9.53 -57.60 -90.71
CA ASP JB 65 -10.64 -56.66 -90.55
C ASP JB 65 -11.42 -56.94 -89.27
N THR JB 66 -12.54 -56.23 -89.10
CA THR JB 66 -13.35 -56.39 -87.90
C THR JB 66 -14.15 -57.70 -87.92
N LYS JB 67 -14.48 -58.20 -89.10
CA LYS JB 67 -15.26 -59.44 -89.18
C LYS JB 67 -14.48 -60.62 -88.64
N MET JB 68 -13.17 -60.68 -88.91
CA MET JB 68 -12.35 -61.77 -88.38
C MET JB 68 -12.29 -61.71 -86.86
N LEU JB 69 -12.26 -60.50 -86.29
CA LEU JB 69 -12.20 -60.35 -84.84
C LEU JB 69 -13.45 -60.92 -84.19
N TRP JB 70 -14.62 -60.69 -84.78
CA TRP JB 70 -15.87 -61.21 -84.22
C TRP JB 70 -15.95 -62.72 -84.33
N LYS JB 71 -15.33 -63.30 -85.36
CA LYS JB 71 -15.40 -64.76 -85.56
C LYS JB 71 -14.72 -65.53 -84.44
N HIS JB 72 -13.89 -64.86 -83.63
CA HIS JB 72 -13.30 -65.52 -82.47
C HIS JB 72 -14.38 -65.92 -81.49
N LYS JB 73 -14.26 -67.13 -80.94
CA LYS JB 73 -15.31 -67.67 -80.10
C LYS JB 73 -15.42 -66.93 -78.77
N ALA JB 74 -14.33 -66.34 -78.29
CA ALA JB 74 -14.38 -65.62 -77.02
C ALA JB 74 -15.28 -64.39 -77.10
N LEU JB 75 -15.20 -63.65 -78.21
CA LEU JB 75 -16.00 -62.43 -78.33
C LEU JB 75 -17.48 -62.74 -78.45
N GLN JB 76 -17.84 -63.75 -79.25
CA GLN JB 76 -19.25 -64.12 -79.39
C GLN JB 76 -19.81 -64.64 -78.07
N LYS JB 77 -19.03 -65.46 -77.35
CA LYS JB 77 -19.52 -66.03 -76.10
C LYS JB 77 -19.76 -64.96 -75.04
N TYR JB 78 -18.88 -63.96 -74.98
CA TYR JB 78 -19.05 -62.90 -74.00
C TYR JB 78 -20.31 -62.09 -74.26
N MET JB 79 -20.59 -61.78 -75.53
CA MET JB 79 -21.81 -61.04 -75.85
C MET JB 79 -23.05 -61.85 -75.53
N GLU JB 80 -22.96 -63.18 -75.58
CA GLU JB 80 -24.06 -64.01 -75.12
C GLU JB 80 -24.32 -63.81 -73.63
N ASN JB 81 -23.24 -63.72 -72.84
CA ASN JB 81 -23.40 -63.49 -71.41
C ASN JB 81 -24.07 -62.15 -71.13
N LEU JB 82 -23.69 -61.11 -71.88
CA LEU JB 82 -24.32 -59.81 -71.71
C LEU JB 82 -25.81 -59.87 -72.06
N SER JB 83 -26.15 -60.57 -73.13
CA SER JB 83 -27.55 -60.70 -73.52
C SER JB 83 -28.35 -61.44 -72.45
N LYS JB 84 -27.79 -62.51 -71.90
CA LYS JB 84 -28.46 -63.22 -70.82
C LYS JB 84 -28.54 -62.36 -69.57
N GLU JB 85 -27.44 -61.66 -69.23
CA GLU JB 85 -27.45 -60.79 -68.06
C GLU JB 85 -28.43 -59.65 -68.22
N TYR JB 86 -28.46 -59.03 -69.41
CA TYR JB 86 -29.39 -57.93 -69.64
C TYR JB 86 -30.84 -58.39 -69.52
N GLN JB 87 -31.16 -59.56 -70.07
CA GLN JB 87 -32.49 -60.12 -69.90
C GLN JB 87 -32.75 -60.49 -68.44
N THR JB 88 -31.73 -60.96 -67.74
CA THR JB 88 -31.88 -61.31 -66.33
C THR JB 88 -32.21 -60.07 -65.49
N LEU JB 89 -31.64 -58.92 -65.83
CA LEU JB 89 -31.94 -57.70 -65.09
C LEU JB 89 -33.42 -57.33 -65.20
N GLU JB 90 -34.00 -57.49 -66.41
CA GLU JB 90 -35.41 -57.18 -66.59
C GLU JB 90 -36.30 -58.10 -65.78
N GLN JB 91 -35.97 -59.40 -65.75
CA GLN JB 91 -36.82 -60.36 -65.04
C GLN JB 91 -36.86 -60.07 -63.54
N CYS JB 92 -35.69 -59.77 -62.95
CA CYS JB 92 -35.65 -59.50 -61.51
C CYS JB 92 -36.42 -58.22 -61.17
N LEU JB 93 -36.30 -57.18 -61.99
CA LEU JB 93 -36.95 -55.92 -61.69
C LEU JB 93 -38.46 -56.02 -61.89
N GLN JB 94 -38.89 -56.62 -63.01
CA GLN JB 94 -40.32 -56.69 -63.31
C GLN JB 94 -41.06 -57.60 -62.35
N HIS JB 95 -40.46 -58.74 -61.99
CA HIS JB 95 -41.15 -59.75 -61.20
C HIS JB 95 -40.91 -59.57 -59.70
N ILE JB 96 -39.65 -59.65 -59.28
CA ILE JB 96 -39.33 -59.62 -57.84
C ILE JB 96 -39.51 -58.21 -57.30
N PRO JB 97 -40.19 -58.02 -56.17
CA PRO JB 97 -40.23 -56.69 -55.55
C PRO JB 97 -38.90 -56.31 -54.93
N VAL JB 98 -37.96 -55.88 -55.77
CA VAL JB 98 -36.60 -55.59 -55.32
C VAL JB 98 -36.60 -54.37 -54.40
N ASN JB 99 -35.71 -54.39 -53.41
CA ASN JB 99 -35.57 -53.27 -52.49
C ASN JB 99 -35.08 -52.03 -53.24
N GLU JB 100 -35.42 -50.86 -52.70
CA GLU JB 100 -35.12 -49.60 -53.39
C GLU JB 100 -33.61 -49.43 -53.61
N GLU JB 101 -32.80 -49.76 -52.61
CA GLU JB 101 -31.36 -49.63 -52.76
C GLU JB 101 -30.84 -50.57 -53.85
N ASN JB 102 -31.33 -51.81 -53.88
CA ASN JB 102 -30.90 -52.76 -54.89
C ASN JB 102 -31.53 -52.51 -56.24
N ARG JB 103 -32.78 -52.03 -56.28
CA ARG JB 103 -33.46 -51.81 -57.55
C ARG JB 103 -32.74 -50.76 -58.38
N ARG JB 104 -32.31 -49.65 -57.76
CA ARG JB 104 -31.61 -48.62 -58.50
C ARG JB 104 -30.27 -49.12 -59.02
N SER JB 105 -29.61 -50.01 -58.26
CA SER JB 105 -28.37 -50.59 -58.73
C SER JB 105 -28.60 -51.43 -59.98
N LEU JB 106 -29.69 -52.19 -60.02
CA LEU JB 106 -30.02 -52.96 -61.22
C LEU JB 106 -30.45 -52.05 -62.35
N ASN JB 107 -31.13 -50.94 -62.02
CA ASN JB 107 -31.56 -49.99 -63.06
C ASN JB 107 -30.37 -49.37 -63.76
N ARG JB 108 -29.34 -48.96 -63.00
CA ARG JB 108 -28.16 -48.37 -63.61
C ARG JB 108 -27.42 -49.38 -64.47
N ARG JB 109 -27.32 -50.63 -64.00
CA ARG JB 109 -26.68 -51.68 -64.79
C ARG JB 109 -27.49 -52.00 -66.04
N HIS JB 110 -28.82 -51.92 -65.95
CA HIS JB 110 -29.66 -52.17 -67.11
C HIS JB 110 -29.41 -51.15 -68.21
N ALA JB 111 -29.26 -49.88 -67.85
CA ALA JB 111 -29.03 -48.84 -68.85
C ALA JB 111 -27.66 -49.01 -69.51
N GLU JB 112 -26.65 -49.43 -68.75
CA GLU JB 112 -25.31 -49.60 -69.31
C GLU JB 112 -25.29 -50.69 -70.37
N LEU JB 113 -25.96 -51.81 -70.11
CA LEU JB 113 -25.97 -52.94 -71.03
C LEU JB 113 -27.00 -52.82 -72.14
N ALA JB 114 -27.82 -51.77 -72.13
CA ALA JB 114 -28.82 -51.61 -73.19
C ALA JB 114 -28.19 -51.46 -74.58
N PRO JB 115 -27.18 -50.62 -74.79
CA PRO JB 115 -26.56 -50.59 -76.13
C PRO JB 115 -25.84 -51.88 -76.50
N LEU JB 116 -25.22 -52.55 -75.52
CA LEU JB 116 -24.43 -53.73 -75.81
C LEU JB 116 -25.33 -54.90 -76.24
N ALA JB 117 -26.44 -55.11 -75.54
CA ALA JB 117 -27.33 -56.21 -75.88
C ALA JB 117 -27.95 -56.03 -77.27
N ALA JB 118 -28.34 -54.80 -77.60
CA ALA JB 118 -28.96 -54.55 -78.90
C ALA JB 118 -27.99 -54.80 -80.04
N ILE JB 119 -26.71 -54.47 -79.86
CA ILE JB 119 -25.73 -54.68 -80.92
C ILE JB 119 -25.59 -56.17 -81.23
N TYR JB 120 -25.49 -57.00 -80.19
CA TYR JB 120 -25.30 -58.43 -80.42
C TYR JB 120 -26.50 -59.05 -81.10
N GLN JB 121 -27.71 -58.61 -80.76
CA GLN JB 121 -28.91 -59.15 -81.38
C GLN JB 121 -28.93 -58.86 -82.88
N GLU JB 122 -28.48 -57.67 -83.28
CA GLU JB 122 -28.40 -57.34 -84.70
C GLU JB 122 -27.36 -58.20 -85.40
N ILE JB 123 -26.29 -58.59 -84.69
CA ILE JB 123 -25.29 -59.47 -85.29
C ILE JB 123 -25.90 -60.82 -85.61
N GLN JB 124 -26.69 -61.37 -84.68
CA GLN JB 124 -27.33 -62.67 -84.91
C GLN JB 124 -28.25 -62.62 -86.11
N GLU JB 125 -29.04 -61.55 -86.24
CA GLU JB 125 -29.92 -61.41 -87.40
C GLU JB 125 -29.12 -61.32 -88.69
N THR JB 126 -28.01 -60.59 -88.67
CA THR JB 126 -27.16 -60.48 -89.86
C THR JB 126 -26.52 -61.82 -90.18
N GLU JB 127 -26.09 -62.57 -89.15
CA GLU JB 127 -25.48 -63.87 -89.39
C GLU JB 127 -26.46 -64.85 -90.00
N GLN JB 128 -27.72 -64.82 -89.56
CA GLN JB 128 -28.73 -65.73 -90.11
C GLN JB 128 -28.98 -65.43 -91.58
N ALA JB 129 -28.94 -64.15 -91.98
CA ALA JB 129 -29.11 -63.81 -93.38
C ALA JB 129 -28.00 -64.37 -94.24
N ILE JB 130 -26.80 -64.55 -93.67
CA ILE JB 130 -25.71 -65.18 -94.41
C ILE JB 130 -26.05 -66.64 -94.70
N GLU JB 131 -26.72 -67.31 -93.75
CA GLU JB 131 -27.11 -68.70 -93.96
C GLU JB 131 -28.11 -68.82 -95.12
N GLU JB 132 -28.91 -67.79 -95.35
CA GLU JB 132 -29.80 -67.80 -96.51
C GLU JB 132 -29.02 -67.77 -97.81
N LEU JB 133 -27.88 -67.08 -97.82
CA LEU JB 133 -27.06 -67.02 -99.03
C LEU JB 133 -26.55 -68.40 -99.42
N GLU JB 134 -26.11 -69.20 -98.43
CA GLU JB 134 -25.64 -70.54 -98.73
C GLU JB 134 -26.77 -71.43 -99.27
N SER JB 135 -27.96 -71.30 -98.70
CA SER JB 135 -29.09 -72.11 -99.15
C SER JB 135 -29.48 -71.77 -100.57
N MET JB 136 -29.50 -70.48 -100.91
CA MET JB 136 -29.88 -70.07 -102.27
C MET JB 136 -28.87 -70.60 -103.29
N CYS JB 137 -27.58 -70.55 -102.97
CA CYS JB 137 -26.56 -71.07 -103.88
C CYS JB 137 -26.67 -72.57 -104.09
N LYS JB 138 -27.30 -73.29 -103.15
CA LYS JB 138 -27.46 -74.74 -103.31
C LYS JB 138 -28.51 -75.05 -104.38
N SER JB 139 -29.72 -74.51 -104.22
CA SER JB 139 -30.79 -74.71 -105.19
C SER JB 139 -30.60 -73.71 -106.33
N LEU JB 140 -29.94 -74.15 -107.39
CA LEU JB 140 -29.59 -73.29 -108.51
C LEU JB 140 -30.38 -73.72 -109.74
N ASN JB 141 -31.11 -72.77 -110.33
CA ASN JB 141 -31.82 -72.98 -111.58
C ASN JB 141 -31.21 -72.10 -112.67
N LYS JB 142 -31.45 -72.50 -113.92
CA LYS JB 142 -30.91 -71.74 -115.04
C LYS JB 142 -31.46 -70.32 -115.09
N GLN JB 143 -32.77 -70.18 -114.86
CA GLN JB 143 -33.37 -68.85 -114.80
C GLN JB 143 -33.03 -68.16 -113.48
N ASP JB 144 -32.98 -68.92 -112.39
CA ASP JB 144 -32.66 -68.35 -111.08
C ASP JB 144 -31.19 -68.00 -110.94
N GLU JB 145 -30.32 -68.48 -111.83
CA GLU JB 145 -28.91 -68.16 -111.75
C GLU JB 145 -28.67 -66.66 -111.90
N LYS JB 146 -29.38 -66.03 -112.85
CA LYS JB 146 -29.24 -64.59 -113.04
C LYS JB 146 -29.73 -63.82 -111.82
N GLN JB 147 -30.87 -64.23 -111.26
CA GLN JB 147 -31.42 -63.53 -110.11
C GLN JB 147 -30.52 -63.64 -108.89
N LEU JB 148 -30.00 -64.85 -108.62
CA LEU JB 148 -29.14 -65.04 -107.46
C LEU JB 148 -27.84 -64.25 -107.59
N GLN JB 149 -27.23 -64.26 -108.78
CA GLN JB 149 -25.98 -63.53 -108.98
C GLN JB 149 -26.18 -62.03 -108.88
N GLU JB 150 -27.39 -61.54 -109.16
CA GLU JB 150 -27.68 -60.12 -109.03
C GLU JB 150 -28.20 -59.74 -107.65
N LEU JB 151 -28.51 -60.71 -106.79
CA LEU JB 151 -28.99 -60.44 -105.45
C LEU JB 151 -28.07 -60.98 -104.37
N ALA JB 152 -27.70 -62.26 -104.43
CA ALA JB 152 -26.84 -62.84 -103.40
C ALA JB 152 -25.46 -62.20 -103.39
N LEU JB 153 -24.91 -61.93 -104.58
CA LEU JB 153 -23.61 -61.26 -104.66
C LEU JB 153 -23.66 -59.83 -104.15
N GLU JB 154 -24.84 -59.22 -104.09
CA GLU JB 154 -25.01 -57.88 -103.56
C GLU JB 154 -25.41 -57.87 -102.09
N GLU JB 155 -26.29 -58.78 -101.68
CA GLU JB 155 -26.69 -58.85 -100.27
C GLU JB 155 -25.51 -59.25 -99.39
N ARG JB 156 -24.68 -60.19 -99.86
CA ARG JB 156 -23.51 -60.59 -99.08
C ARG JB 156 -22.56 -59.43 -98.87
N GLN JB 157 -22.32 -58.63 -99.92
CA GLN JB 157 -21.53 -57.41 -99.76
C GLN JB 157 -22.24 -56.41 -98.85
N THR JB 158 -23.56 -56.28 -99.01
CA THR JB 158 -24.32 -55.41 -98.11
C THR JB 158 -24.28 -55.90 -96.68
N ILE JB 159 -24.33 -57.23 -96.49
CA ILE JB 159 -24.17 -57.80 -95.16
C ILE JB 159 -22.80 -57.44 -94.59
N ASP JB 160 -21.76 -57.54 -95.42
CA ASP JB 160 -20.42 -57.17 -94.97
C ASP JB 160 -20.30 -55.70 -94.62
N GLN JB 161 -21.18 -54.85 -95.18
CA GLN JB 161 -21.15 -53.44 -94.84
C GLN JB 161 -21.75 -53.17 -93.46
N LYS JB 162 -22.80 -53.91 -93.09
CA LYS JB 162 -23.45 -53.67 -91.80
C LYS JB 162 -22.61 -54.17 -90.64
N ILE JB 163 -21.97 -55.33 -90.81
CA ILE JB 163 -21.23 -55.94 -89.70
C ILE JB 163 -20.05 -55.08 -89.26
N ASN JB 164 -19.51 -54.27 -90.17
CA ASN JB 164 -18.43 -53.36 -89.81
C ASN JB 164 -18.89 -52.34 -88.78
N MET JB 165 -20.11 -51.81 -88.95
CA MET JB 165 -20.64 -50.84 -87.99
C MET JB 165 -20.81 -51.46 -86.61
N LEU JB 166 -21.33 -52.68 -86.55
CA LEU JB 166 -21.59 -53.33 -85.28
C LEU JB 166 -20.28 -53.70 -84.57
N TYR JB 167 -19.30 -54.22 -85.31
CA TYR JB 167 -18.07 -54.69 -84.68
C TYR JB 167 -17.19 -53.52 -84.25
N ASN JB 168 -17.09 -52.48 -85.08
CA ASN JB 168 -16.29 -51.31 -84.71
C ASN JB 168 -16.87 -50.60 -83.50
N GLU JB 169 -18.19 -50.45 -83.44
CA GLU JB 169 -18.82 -49.76 -82.32
C GLU JB 169 -18.61 -50.51 -81.02
N LEU JB 170 -18.53 -51.84 -81.07
CA LEU JB 170 -18.35 -52.63 -79.85
C LEU JB 170 -17.04 -52.30 -79.17
N PHE JB 171 -15.95 -52.18 -79.94
CA PHE JB 171 -14.66 -51.80 -79.37
C PHE JB 171 -14.56 -50.31 -79.11
N GLN JB 172 -15.28 -49.48 -79.88
CA GLN JB 172 -15.30 -48.05 -79.64
C GLN JB 172 -16.18 -47.67 -78.46
N SER JB 173 -17.01 -48.60 -77.97
CA SER JB 173 -17.85 -48.35 -76.80
C SER JB 173 -17.38 -49.10 -75.56
N LEU JB 174 -16.74 -50.26 -75.71
CA LEU JB 174 -16.19 -50.96 -74.55
C LEU JB 174 -15.13 -50.14 -73.86
N VAL JB 175 -14.17 -49.62 -74.64
CA VAL JB 175 -13.15 -48.69 -74.16
C VAL JB 175 -12.45 -49.25 -72.92
N PRO JB 176 -11.54 -50.21 -73.08
CA PRO JB 176 -10.82 -50.75 -71.92
C PRO JB 176 -10.23 -49.64 -71.06
N LYS JB 177 -10.15 -49.92 -69.76
CA LYS JB 177 -9.85 -48.88 -68.78
C LYS JB 177 -8.53 -48.18 -69.08
N GLU JB 178 -8.54 -46.85 -69.02
CA GLU JB 178 -7.38 -46.03 -69.32
C GLU JB 178 -7.17 -45.04 -68.20
N LYS JB 179 -5.89 -44.74 -67.93
CA LYS JB 179 -5.52 -43.80 -66.88
C LYS JB 179 -4.46 -42.86 -67.41
N TYR JB 180 -4.24 -41.77 -66.66
CA TYR JB 180 -3.24 -40.74 -66.99
C TYR JB 180 -3.62 -40.16 -68.35
N ASP JB 181 -2.71 -40.10 -69.32
CA ASP JB 181 -2.96 -39.65 -70.68
C ASP JB 181 -3.17 -38.13 -70.73
N LYS JB 182 -3.22 -37.49 -69.57
CA LYS JB 182 -3.38 -36.04 -69.48
C LYS JB 182 -2.38 -35.46 -68.50
N ASN JB 183 -1.19 -36.04 -68.45
CA ASN JB 183 -0.10 -35.58 -67.60
C ASN JB 183 1.16 -35.41 -68.44
N ASP JB 184 1.91 -34.35 -68.16
CA ASP JB 184 3.15 -34.10 -68.88
C ASP JB 184 4.13 -35.23 -68.63
N VAL JB 185 4.81 -35.66 -69.68
CA VAL JB 185 5.71 -36.82 -69.65
C VAL JB 185 7.12 -36.36 -69.96
N ILE JB 186 8.07 -36.78 -69.13
CA ILE JB 186 9.49 -36.45 -69.31
C ILE JB 186 10.15 -37.61 -70.03
N LEU JB 187 10.81 -37.31 -71.14
CA LEU JB 187 11.51 -38.31 -71.95
C LEU JB 187 13.00 -38.17 -71.72
N GLU JB 188 13.62 -39.26 -71.26
CA GLU JB 188 15.05 -39.28 -70.95
C GLU JB 188 15.75 -40.28 -71.87
N VAL JB 189 16.83 -39.83 -72.51
CA VAL JB 189 17.63 -40.67 -73.39
C VAL JB 189 19.06 -40.66 -72.88
N THR JB 190 19.69 -41.84 -72.88
CA THR JB 190 21.06 -41.97 -72.40
C THR JB 190 21.93 -42.67 -73.43
N ALA JB 191 23.17 -42.96 -73.06
CA ALA JB 191 24.11 -43.69 -73.91
C ALA JB 191 24.37 -45.04 -73.29
N GLY JB 192 23.95 -46.10 -73.97
CA GLY JB 192 24.16 -47.44 -73.47
C GLY JB 192 25.64 -47.77 -73.39
N ARG JB 193 25.98 -48.64 -72.44
CA ARG JB 193 27.36 -49.02 -72.17
C ARG JB 193 27.53 -50.49 -72.55
N THR JB 194 27.75 -50.73 -73.84
CA THR JB 194 28.00 -52.07 -74.36
C THR JB 194 29.18 -52.16 -75.30
N THR JB 195 29.59 -51.05 -75.92
CA THR JB 195 30.68 -51.07 -76.89
C THR JB 195 31.49 -49.78 -76.76
N GLY JB 196 32.77 -49.88 -77.07
CA GLY JB 196 33.64 -48.72 -77.03
C GLY JB 196 33.40 -47.78 -78.19
N GLY JB 197 34.06 -46.64 -78.14
CA GLY JB 197 33.90 -45.62 -79.15
C GLY JB 197 32.64 -44.81 -78.97
N ASP JB 198 32.33 -44.01 -79.98
CA ASP JB 198 31.17 -43.13 -79.96
C ASP JB 198 30.01 -43.69 -80.78
N ILE JB 199 30.06 -44.98 -81.12
CA ILE JB 199 29.01 -45.57 -81.95
C ILE JB 199 27.66 -45.51 -81.23
N CYS JB 200 27.65 -45.82 -79.93
CA CYS JB 200 26.41 -45.73 -79.16
C CYS JB 200 26.05 -44.28 -78.87
N GLN JB 201 27.05 -43.45 -78.55
CA GLN JB 201 26.78 -42.05 -78.21
C GLN JB 201 26.27 -41.29 -79.43
N GLN JB 202 26.83 -41.54 -80.61
CA GLN JB 202 26.37 -40.87 -81.82
C GLN JB 202 24.94 -41.26 -82.16
N PHE JB 203 24.59 -42.53 -81.97
CA PHE JB 203 23.25 -43.01 -82.28
C PHE JB 203 22.20 -42.36 -81.39
N THR JB 204 22.57 -41.99 -80.16
CA THR JB 204 21.62 -41.37 -79.25
C THR JB 204 21.13 -40.03 -79.80
N ARG JB 205 22.02 -39.26 -80.43
CA ARG JB 205 21.64 -37.96 -80.97
C ARG JB 205 20.57 -38.11 -82.05
N GLU JB 206 20.71 -39.11 -82.92
CA GLU JB 206 19.79 -39.26 -84.05
C GLU JB 206 18.38 -39.57 -83.57
N ILE JB 207 18.25 -40.47 -82.59
CA ILE JB 207 16.91 -40.82 -82.10
C ILE JB 207 16.32 -39.69 -81.27
N PHE JB 208 17.16 -38.92 -80.58
CA PHE JB 208 16.64 -37.80 -79.80
C PHE JB 208 16.01 -36.74 -80.71
N ASP JB 209 16.65 -36.44 -81.83
CA ASP JB 209 16.07 -35.52 -82.80
C ASP JB 209 14.85 -36.12 -83.49
N MET JB 210 14.76 -37.45 -83.55
CA MET JB 210 13.59 -38.09 -84.15
C MET JB 210 12.33 -37.78 -83.35
N TYR JB 211 12.40 -37.89 -82.03
CA TYR JB 211 11.24 -37.59 -81.19
C TYR JB 211 10.95 -36.10 -81.19
N GLN JB 212 12.00 -35.26 -81.26
CA GLN JB 212 11.78 -33.82 -81.33
C GLN JB 212 11.00 -33.44 -82.58
N ASN JB 213 11.37 -34.02 -83.73
CA ASN JB 213 10.61 -33.77 -84.95
C ASN JB 213 9.26 -34.46 -84.91
N TYR JB 214 9.17 -35.60 -84.24
CA TYR JB 214 7.90 -36.31 -84.13
C TYR JB 214 6.88 -35.50 -83.35
N SER JB 215 7.34 -34.76 -82.34
CA SER JB 215 6.42 -33.93 -81.55
C SER JB 215 5.77 -32.86 -82.41
N CYS JB 216 6.55 -32.24 -83.31
CA CYS JB 216 5.97 -31.25 -84.21
C CYS JB 216 4.95 -31.89 -85.15
N TYR JB 217 5.18 -33.15 -85.54
CA TYR JB 217 4.21 -33.86 -86.37
C TYR JB 217 2.90 -34.09 -85.62
N LYS JB 218 2.99 -34.34 -84.32
CA LYS JB 218 1.81 -34.55 -83.48
C LYS JB 218 1.30 -33.25 -82.86
N HIS JB 219 1.89 -32.11 -83.20
CA HIS JB 219 1.48 -30.80 -82.68
C HIS JB 219 1.57 -30.75 -81.16
N TRP JB 220 2.62 -31.37 -80.62
CA TRP JB 220 2.86 -31.33 -79.18
C TRP JB 220 3.77 -30.15 -78.83
N GLN JB 221 4.13 -30.05 -77.55
CA GLN JB 221 5.03 -29.02 -77.06
C GLN JB 221 6.27 -29.68 -76.51
N PHE JB 222 7.44 -29.23 -76.97
CA PHE JB 222 8.72 -29.80 -76.57
C PHE JB 222 9.46 -28.79 -75.69
N GLU JB 223 9.91 -29.25 -74.52
CA GLU JB 223 10.61 -28.41 -73.56
C GLU JB 223 11.91 -29.10 -73.16
N LEU JB 224 13.04 -28.54 -73.56
CA LEU JB 224 14.34 -29.12 -73.23
C LEU JB 224 14.68 -28.83 -71.78
N LEU JB 225 15.02 -29.89 -71.03
CA LEU JB 225 15.38 -29.77 -69.62
C LEU JB 225 16.88 -29.92 -69.39
N ASN JB 226 17.47 -31.00 -69.88
CA ASN JB 226 18.90 -31.25 -69.73
C ASN JB 226 19.47 -31.71 -71.06
N TYR JB 227 20.67 -31.23 -71.38
CA TYR JB 227 21.30 -31.56 -72.65
C TYR JB 227 22.81 -31.54 -72.45
N THR JB 228 23.43 -32.72 -72.42
CA THR JB 228 24.86 -32.85 -72.18
C THR JB 228 25.53 -33.47 -73.40
N PRO JB 229 26.14 -32.66 -74.26
CA PRO JB 229 26.83 -33.23 -75.43
C PRO JB 229 28.07 -34.02 -75.03
N ALA JB 230 28.42 -34.99 -75.87
CA ALA JB 230 29.58 -35.83 -75.63
C ALA JB 230 30.82 -35.23 -76.30
N ASP JB 231 31.97 -35.82 -76.01
CA ASP JB 231 33.23 -35.31 -76.55
C ASP JB 231 33.31 -35.54 -78.06
N TYR JB 232 33.01 -36.75 -78.52
CA TYR JB 232 33.10 -37.08 -79.94
C TYR JB 232 31.78 -36.89 -80.66
N GLY JB 233 31.20 -35.69 -80.54
CA GLY JB 233 29.99 -35.34 -81.25
C GLY JB 233 28.80 -36.22 -80.97
N GLY JB 234 28.48 -36.41 -79.69
CA GLY JB 234 27.36 -37.26 -79.32
C GLY JB 234 26.61 -36.74 -78.11
N LEU JB 235 25.65 -37.51 -77.62
CA LEU JB 235 24.83 -37.13 -76.47
C LEU JB 235 25.04 -38.14 -75.35
N HIS JB 236 25.74 -37.72 -74.29
CA HIS JB 236 25.91 -38.61 -73.14
C HIS JB 236 24.58 -38.93 -72.49
N HIS JB 237 23.74 -37.91 -72.30
CA HIS JB 237 22.39 -38.10 -71.78
C HIS JB 237 21.61 -36.81 -72.03
N ALA JB 238 20.29 -36.95 -72.05
CA ALA JB 238 19.42 -35.79 -72.25
C ALA JB 238 18.06 -36.10 -71.64
N ALA JB 239 17.31 -35.03 -71.37
CA ALA JB 239 15.99 -35.15 -70.77
C ALA JB 239 15.16 -33.96 -71.21
N ALA JB 240 13.89 -34.20 -71.52
CA ALA JB 240 12.99 -33.15 -71.97
C ALA JB 240 11.57 -33.48 -71.55
N ARG JB 241 10.73 -32.45 -71.53
CA ARG JB 241 9.33 -32.57 -71.16
C ARG JB 241 8.45 -32.35 -72.38
N ILE JB 242 7.51 -33.26 -72.61
CA ILE JB 242 6.58 -33.19 -73.73
C ILE JB 242 5.17 -33.05 -73.16
N SER JB 243 4.46 -32.01 -73.58
CA SER JB 243 3.12 -31.72 -73.11
C SER JB 243 2.14 -31.80 -74.28
N GLY JB 244 0.97 -32.37 -74.02
CA GLY JB 244 -0.02 -32.53 -75.07
C GLY JB 244 -1.22 -33.29 -74.56
N ASP JB 245 -2.05 -33.74 -75.51
CA ASP JB 245 -3.27 -34.45 -75.16
C ASP JB 245 -3.10 -35.97 -75.18
N GLY JB 246 -2.25 -36.51 -76.06
CA GLY JB 246 -2.05 -37.94 -76.13
C GLY JB 246 -0.60 -38.35 -76.01
N VAL JB 247 0.15 -37.68 -75.13
CA VAL JB 247 1.58 -37.92 -75.03
C VAL JB 247 1.87 -39.31 -74.48
N TYR JB 248 1.36 -39.59 -73.28
CA TYR JB 248 1.65 -40.89 -72.65
C TYR JB 248 0.96 -42.04 -73.37
N LYS JB 249 -0.17 -41.77 -74.05
CA LYS JB 249 -0.84 -42.83 -74.81
C LYS JB 249 0.04 -43.33 -75.94
N HIS JB 250 0.55 -42.41 -76.76
CA HIS JB 250 1.42 -42.81 -77.87
C HIS JB 250 2.81 -43.20 -77.39
N LEU JB 251 3.38 -42.44 -76.46
CA LEU JB 251 4.74 -42.68 -75.98
C LEU JB 251 4.74 -43.57 -74.74
N LYS JB 252 4.15 -44.76 -74.85
CA LYS JB 252 4.10 -45.72 -73.75
C LYS JB 252 5.00 -46.92 -73.97
N TYR JB 253 5.03 -47.47 -75.19
CA TYR JB 253 5.85 -48.63 -75.51
C TYR JB 253 7.19 -48.26 -76.14
N GLU JB 254 7.52 -46.97 -76.18
CA GLU JB 254 8.81 -46.52 -76.71
C GLU JB 254 9.92 -46.58 -75.66
N GLY JB 255 9.60 -46.94 -74.42
CA GLY JB 255 10.60 -47.03 -73.38
C GLY JB 255 11.28 -48.38 -73.33
N GLY JB 256 12.60 -48.39 -73.45
CA GLY JB 256 13.36 -49.63 -73.44
C GLY JB 256 14.78 -49.44 -73.93
N ILE JB 257 15.26 -50.37 -74.74
CA ILE JB 257 16.60 -50.31 -75.30
C ILE JB 257 16.50 -50.43 -76.82
N HIS JB 258 17.12 -49.51 -77.53
CA HIS JB 258 17.10 -49.45 -78.99
C HIS JB 258 18.48 -49.82 -79.51
N ARG JB 259 18.62 -51.03 -80.02
CA ARG JB 259 19.90 -51.50 -80.54
C ARG JB 259 20.12 -50.99 -81.95
N VAL JB 260 21.37 -50.64 -82.25
CA VAL JB 260 21.76 -50.12 -83.55
C VAL JB 260 22.91 -50.96 -84.10
N GLN JB 261 22.79 -51.38 -85.36
CA GLN JB 261 23.85 -52.10 -86.07
C GLN JB 261 24.10 -51.37 -87.37
N ARG JB 262 25.26 -50.73 -87.48
CA ARG JB 262 25.58 -49.94 -88.67
C ARG JB 262 27.10 -49.85 -88.84
N ILE JB 263 27.51 -49.54 -90.05
CA ILE JB 263 28.91 -49.26 -90.36
C ILE JB 263 29.18 -47.81 -90.00
N PRO JB 264 30.15 -47.51 -89.15
CA PRO JB 264 30.39 -46.12 -88.76
C PRO JB 264 30.72 -45.25 -89.97
N GLU JB 265 30.12 -44.06 -89.99
CA GLU JB 265 30.33 -43.10 -91.07
C GLU JB 265 30.88 -41.77 -90.57
N VAL JB 266 30.27 -41.20 -89.54
CA VAL JB 266 30.69 -39.93 -88.97
C VAL JB 266 30.94 -40.13 -87.48
N GLY JB 267 32.11 -39.69 -87.01
CA GLY JB 267 32.45 -39.76 -85.61
C GLY JB 267 33.80 -40.44 -85.40
N LEU JB 268 34.09 -40.75 -84.14
CA LEU JB 268 35.34 -41.40 -83.80
C LEU JB 268 35.43 -42.81 -84.38
N SER JB 269 34.30 -43.52 -84.42
CA SER JB 269 34.30 -44.90 -84.94
C SER JB 269 34.53 -44.96 -86.44
N SER JB 270 34.51 -43.82 -87.13
CA SER JB 270 34.72 -43.80 -88.58
C SER JB 270 36.14 -44.17 -88.98
N ARG JB 271 37.08 -44.23 -88.03
CA ARG JB 271 38.44 -44.59 -88.36
C ARG JB 271 38.54 -46.02 -88.88
N MET JB 272 37.62 -46.89 -88.47
CA MET JB 272 37.56 -48.26 -88.97
C MET JB 272 36.13 -48.54 -89.41
N GLN JB 273 35.96 -48.92 -90.69
CA GLN JB 273 34.64 -49.15 -91.26
C GLN JB 273 34.30 -50.63 -91.21
N ARG JB 274 34.02 -51.09 -89.99
CA ARG JB 274 33.54 -52.44 -89.74
C ARG JB 274 32.24 -52.36 -88.95
N ILE JB 275 31.31 -53.29 -89.23
CA ILE JB 275 30.01 -53.24 -88.60
C ILE JB 275 30.13 -53.40 -87.09
N HIS JB 276 29.51 -52.50 -86.34
CA HIS JB 276 29.52 -52.51 -84.89
C HIS JB 276 28.08 -52.46 -84.38
N THR JB 277 27.87 -53.04 -83.21
CA THR JB 277 26.55 -53.08 -82.59
C THR JB 277 26.56 -52.23 -81.32
N GLY JB 278 25.61 -51.30 -81.23
CA GLY JB 278 25.49 -50.45 -80.07
C GLY JB 278 24.06 -50.42 -79.57
N THR JB 279 23.91 -49.93 -78.33
CA THR JB 279 22.61 -49.85 -77.68
C THR JB 279 22.48 -48.52 -76.96
N MET JB 280 21.23 -48.11 -76.75
CA MET JB 280 20.93 -46.92 -75.95
C MET JB 280 19.58 -47.12 -75.30
N SER JB 281 19.37 -46.46 -74.17
CA SER JB 281 18.18 -46.63 -73.36
C SER JB 281 17.34 -45.35 -73.37
N VAL JB 282 16.03 -45.51 -73.49
CA VAL JB 282 15.07 -44.41 -73.46
C VAL JB 282 14.15 -44.63 -72.27
N ILE JB 283 13.99 -43.59 -71.45
CA ILE JB 283 13.20 -43.66 -70.23
C ILE JB 283 12.00 -42.73 -70.38
N VAL JB 284 10.81 -43.28 -70.18
CA VAL JB 284 9.56 -42.52 -70.23
C VAL JB 284 8.94 -42.55 -68.84
N LEU JB 285 8.76 -41.39 -68.23
CA LEU JB 285 8.22 -41.28 -66.89
C LEU JB 285 7.08 -40.28 -66.87
N PRO JB 286 5.87 -40.68 -66.46
CA PRO JB 286 4.75 -39.73 -66.38
C PRO JB 286 4.87 -38.87 -65.12
N GLN JB 287 5.07 -37.57 -65.33
CA GLN JB 287 5.20 -36.67 -64.19
C GLN JB 287 3.85 -36.48 -63.51
N PRO JB 288 3.80 -36.52 -62.18
CA PRO JB 288 2.52 -36.41 -61.48
C PRO JB 288 1.94 -35.01 -61.52
N ASP JB 289 0.81 -34.81 -60.83
CA ASP JB 289 0.09 -33.54 -60.85
C ASP JB 289 0.66 -32.62 -59.78
N GLU JB 290 -0.01 -31.49 -59.54
CA GLU JB 290 0.44 -30.52 -58.56
C GLU JB 290 0.03 -30.95 -57.16
N VAL JB 291 0.52 -30.22 -56.16
CA VAL JB 291 0.28 -30.50 -54.76
C VAL JB 291 -0.34 -29.27 -54.11
N ASP JB 292 -1.46 -29.46 -53.41
CA ASP JB 292 -2.12 -28.37 -52.70
C ASP JB 292 -2.67 -28.94 -51.40
N VAL JB 293 -2.14 -28.48 -50.27
CA VAL JB 293 -2.54 -29.01 -48.98
C VAL JB 293 -3.89 -28.43 -48.58
N LYS JB 294 -4.84 -29.29 -48.25
CA LYS JB 294 -6.17 -28.91 -47.81
C LYS JB 294 -6.35 -29.35 -46.38
N LEU JB 295 -6.61 -28.40 -45.47
CA LEU JB 295 -6.79 -28.70 -44.06
C LEU JB 295 -7.99 -27.91 -43.52
N ASP JB 296 -8.59 -28.46 -42.48
CA ASP JB 296 -9.78 -27.88 -41.86
C ASP JB 296 -9.86 -28.35 -40.43
N PRO JB 297 -10.63 -27.68 -39.57
CA PRO JB 297 -10.73 -28.13 -38.17
C PRO JB 297 -11.29 -29.53 -38.00
N LYS JB 298 -12.03 -30.04 -38.99
CA LYS JB 298 -12.50 -31.42 -38.92
C LYS JB 298 -11.37 -32.43 -38.95
N ASP JB 299 -10.19 -32.04 -39.46
CA ASP JB 299 -9.07 -32.95 -39.61
C ASP JB 299 -7.97 -32.72 -38.58
N LEU JB 300 -8.15 -31.78 -37.65
CA LEU JB 300 -7.14 -31.47 -36.65
C LEU JB 300 -7.74 -31.58 -35.26
N ARG JB 301 -7.05 -32.29 -34.38
CA ARG JB 301 -7.39 -32.37 -32.96
C ARG JB 301 -6.27 -31.74 -32.16
N ILE JB 302 -6.59 -30.71 -31.38
CA ILE JB 302 -5.60 -29.90 -30.68
C ILE JB 302 -5.71 -30.23 -29.19
N ASP JB 303 -4.65 -30.81 -28.65
CA ASP JB 303 -4.56 -31.10 -27.22
C ASP JB 303 -3.68 -30.03 -26.57
N THR JB 304 -4.30 -29.15 -25.78
CA THR JB 304 -3.58 -28.06 -25.13
C THR JB 304 -3.03 -28.52 -23.77
N PHE JB 305 -2.09 -29.46 -23.85
CA PHE JB 305 -1.41 -29.95 -22.67
C PHE JB 305 -0.28 -28.99 -22.29
N ARG JB 306 0.34 -29.25 -21.14
CA ARG JB 306 1.37 -28.36 -20.61
C ARG JB 306 2.73 -28.73 -21.21
N ALA JB 307 3.77 -28.05 -20.72
CA ALA JB 307 5.12 -28.26 -21.21
C ALA JB 307 6.06 -28.40 -20.02
N LYS JB 308 7.29 -28.82 -20.31
CA LYS JB 308 8.34 -28.98 -19.30
C LYS JB 308 9.49 -28.03 -19.61
N GLY JB 309 9.98 -27.35 -18.57
CA GLY JB 309 11.05 -26.40 -18.74
C GLY JB 309 11.47 -25.76 -17.43
N ALA JB 310 11.69 -24.45 -17.44
CA ALA JB 310 12.09 -23.73 -16.24
C ALA JB 310 11.57 -22.30 -16.36
N GLY JB 311 10.43 -22.03 -15.71
CA GLY JB 311 9.85 -20.70 -15.73
C GLY JB 311 9.25 -20.30 -14.41
N GLY JB 312 9.45 -21.12 -13.39
CA GLY JB 312 8.94 -20.78 -12.06
C GLY JB 312 7.43 -20.90 -12.01
N GLN JB 313 6.78 -19.85 -11.52
CA GLN JB 313 5.32 -19.86 -11.37
C GLN JB 313 4.63 -19.93 -12.72
N HIS JB 314 5.26 -19.40 -13.78
CA HIS JB 314 4.61 -19.34 -15.08
C HIS JB 314 4.41 -20.73 -15.68
N VAL JB 315 5.45 -21.56 -15.63
CA VAL JB 315 5.36 -22.91 -16.21
C VAL JB 315 4.31 -23.74 -15.48
N ASN JB 316 4.30 -23.67 -14.14
CA ASN JB 316 3.39 -24.47 -13.36
C ASN JB 316 1.92 -24.10 -13.58
N LYS JB 317 1.66 -22.91 -14.12
CA LYS JB 317 0.30 -22.39 -14.27
C LYS JB 317 0.03 -21.95 -15.70
N THR JB 318 0.51 -22.70 -16.68
CA THR JB 318 0.29 -22.34 -18.08
C THR JB 318 0.32 -23.59 -18.95
N ASP JB 319 -0.67 -23.73 -19.82
CA ASP JB 319 -0.71 -24.80 -20.81
C ASP JB 319 -0.07 -24.31 -22.11
N SER JB 320 1.23 -24.06 -22.02
CA SER JB 320 2.00 -23.49 -23.14
C SER JB 320 2.59 -24.61 -24.00
N ALA JB 321 1.71 -25.46 -24.52
CA ALA JB 321 2.12 -26.52 -25.43
C ALA JB 321 0.93 -26.93 -26.28
N VAL JB 322 1.21 -27.32 -27.52
CA VAL JB 322 0.20 -27.71 -28.49
C VAL JB 322 0.57 -29.06 -29.07
N ARG JB 323 -0.38 -29.98 -29.10
CA ARG JB 323 -0.20 -31.29 -29.72
C ARG JB 323 -1.19 -31.40 -30.89
N LEU JB 324 -0.70 -31.16 -32.10
CA LEU JB 324 -1.52 -31.27 -33.29
C LEU JB 324 -1.55 -32.72 -33.78
N VAL JB 325 -2.75 -33.27 -33.93
CA VAL JB 325 -2.94 -34.62 -34.44
C VAL JB 325 -3.75 -34.53 -35.73
N HIS JB 326 -3.18 -35.05 -36.81
CA HIS JB 326 -3.87 -35.07 -38.10
C HIS JB 326 -4.77 -36.29 -38.14
N ILE JB 327 -6.09 -36.06 -38.02
CA ILE JB 327 -7.03 -37.18 -37.92
C ILE JB 327 -7.01 -38.07 -39.15
N PRO JB 328 -7.05 -37.56 -40.39
CA PRO JB 328 -7.05 -38.48 -41.54
C PRO JB 328 -5.83 -39.38 -41.63
N THR JB 329 -4.65 -38.89 -41.24
CA THR JB 329 -3.42 -39.64 -41.37
C THR JB 329 -2.92 -40.23 -40.06
N GLY JB 330 -3.06 -39.50 -38.95
CA GLY JB 330 -2.58 -39.95 -37.66
C GLY JB 330 -1.26 -39.35 -37.22
N LEU JB 331 -0.72 -38.40 -37.99
CA LEU JB 331 0.53 -37.77 -37.62
C LEU JB 331 0.34 -36.90 -36.38
N VAL JB 332 1.33 -36.91 -35.49
CA VAL JB 332 1.31 -36.13 -34.26
C VAL JB 332 2.46 -35.14 -34.31
N VAL JB 333 2.14 -33.85 -34.25
CA VAL JB 333 3.13 -32.79 -34.25
C VAL JB 333 2.96 -31.98 -32.97
N GLU JB 334 4.03 -31.86 -32.19
CA GLU JB 334 4.01 -31.15 -30.92
C GLU JB 334 5.03 -30.02 -30.96
N CYS JB 335 4.60 -28.82 -30.60
CA CYS JB 335 5.47 -27.65 -30.53
C CYS JB 335 5.30 -27.00 -29.17
N GLN JB 336 6.40 -26.91 -28.42
CA GLN JB 336 6.42 -26.29 -27.11
C GLN JB 336 7.66 -25.43 -26.93
N GLN JB 337 7.99 -24.65 -27.96
CA GLN JB 337 9.25 -23.91 -27.96
C GLN JB 337 9.15 -22.61 -27.16
N GLU JB 338 8.25 -21.72 -27.55
CA GLU JB 338 8.19 -20.39 -26.95
C GLU JB 338 7.39 -20.42 -25.64
N ARG JB 339 7.25 -19.24 -25.04
CA ARG JB 339 6.56 -19.13 -23.76
C ARG JB 339 5.04 -19.06 -23.94
N SER JB 340 4.58 -18.37 -24.97
CA SER JB 340 3.16 -18.18 -25.22
C SER JB 340 2.61 -19.31 -26.08
N GLN JB 341 1.39 -19.74 -25.78
CA GLN JB 341 0.75 -20.79 -26.57
C GLN JB 341 0.49 -20.33 -28.00
N ILE JB 342 0.29 -19.02 -28.20
CA ILE JB 342 0.04 -18.50 -29.54
C ILE JB 342 1.25 -18.76 -30.44
N LYS JB 343 2.45 -18.49 -29.94
CA LYS JB 343 3.65 -18.78 -30.70
C LYS JB 343 3.79 -20.28 -30.96
N ASN JB 344 3.52 -21.11 -29.94
CA ASN JB 344 3.60 -22.55 -30.12
C ASN JB 344 2.55 -23.05 -31.11
N LYS JB 345 1.34 -22.50 -31.05
CA LYS JB 345 0.30 -22.89 -32.00
C LYS JB 345 0.65 -22.48 -33.41
N GLU JB 346 1.24 -21.28 -33.58
CA GLU JB 346 1.60 -20.80 -34.91
C GLU JB 346 2.63 -21.71 -35.57
N ILE JB 347 3.67 -22.09 -34.82
CA ILE JB 347 4.71 -22.94 -35.38
C ILE JB 347 4.19 -24.34 -35.65
N ALA JB 348 3.31 -24.85 -34.77
CA ALA JB 348 2.81 -26.21 -34.92
C ALA JB 348 2.02 -26.37 -36.22
N PHE JB 349 1.20 -25.38 -36.57
CA PHE JB 349 0.47 -25.43 -37.83
C PHE JB 349 1.43 -25.42 -39.02
N ARG JB 350 2.47 -24.58 -38.96
CA ARG JB 350 3.41 -24.51 -40.06
C ARG JB 350 4.17 -25.83 -40.24
N VAL JB 351 4.58 -26.45 -39.14
CA VAL JB 351 5.32 -27.70 -39.21
C VAL JB 351 4.45 -28.81 -39.77
N LEU JB 352 3.18 -28.86 -39.35
CA LEU JB 352 2.30 -29.92 -39.81
C LEU JB 352 2.08 -29.88 -41.32
N ARG JB 353 1.91 -28.68 -41.87
CA ARG JB 353 1.76 -28.55 -43.32
C ARG JB 353 3.04 -28.96 -44.04
N ALA JB 354 4.20 -28.55 -43.52
CA ALA JB 354 5.47 -28.88 -44.17
C ALA JB 354 5.72 -30.39 -44.16
N ARG JB 355 5.45 -31.06 -43.05
CA ARG JB 355 5.68 -32.50 -42.97
C ARG JB 355 4.74 -33.26 -43.89
N LEU JB 356 3.48 -32.83 -43.98
CA LEU JB 356 2.54 -33.50 -44.89
C LEU JB 356 2.96 -33.31 -46.34
N TYR JB 357 3.46 -32.12 -46.69
CA TYR JB 357 3.93 -31.88 -48.05
C TYR JB 357 5.14 -32.75 -48.38
N GLN JB 358 6.02 -32.98 -47.40
CA GLN JB 358 7.18 -33.82 -47.65
C GLN JB 358 6.77 -35.26 -47.94
N GLN JB 359 5.73 -35.75 -47.26
CA GLN JB 359 5.29 -37.12 -47.47
C GLN JB 359 4.80 -37.33 -48.90
N ILE JB 360 4.09 -36.35 -49.45
CA ILE JB 360 3.60 -36.47 -50.82
C ILE JB 360 4.76 -36.57 -51.81
N ILE JB 361 5.80 -35.77 -51.61
CA ILE JB 361 6.96 -35.81 -52.50
C ILE JB 361 7.64 -37.18 -52.43
N GLU JB 362 7.83 -37.70 -51.22
CA GLU JB 362 8.46 -39.01 -51.08
C GLU JB 362 7.63 -40.11 -51.71
N LYS JB 363 6.31 -39.96 -51.73
CA LYS JB 363 5.46 -40.90 -52.46
C LYS JB 363 5.74 -40.85 -53.95
N ASP JB 364 5.94 -39.63 -54.49
CA ASP JB 364 6.25 -39.50 -55.91
C ASP JB 364 7.59 -40.12 -56.25
N LYS JB 365 8.58 -39.96 -55.37
CA LYS JB 365 9.91 -40.48 -55.66
C LYS JB 365 9.90 -42.00 -55.77
N ARG JB 366 9.20 -42.68 -54.86
CA ARG JB 366 9.14 -44.14 -54.92
C ARG JB 366 8.47 -44.62 -56.20
N GLN JB 367 7.39 -43.95 -56.62
CA GLN JB 367 6.71 -44.36 -57.84
C GLN JB 367 7.60 -44.17 -59.06
N GLN JB 368 8.31 -43.05 -59.14
CA GLN JB 368 9.17 -42.79 -60.29
C GLN JB 368 10.39 -43.71 -60.27
N GLN JB 369 10.98 -43.94 -59.09
CA GLN JB 369 12.14 -44.83 -59.01
C GLN JB 369 11.76 -46.26 -59.36
N SER JB 370 10.60 -46.72 -58.88
CA SER JB 370 10.16 -48.08 -59.19
C SER JB 370 9.85 -48.27 -60.66
N ALA JB 371 9.64 -47.18 -61.40
CA ALA JB 371 9.38 -47.25 -62.84
C ALA JB 371 10.63 -46.99 -63.67
N ARG JB 372 11.46 -46.02 -63.28
CA ARG JB 372 12.66 -45.72 -64.04
C ARG JB 372 13.77 -46.74 -63.84
N LYS JB 373 13.71 -47.51 -62.76
CA LYS JB 373 14.66 -48.60 -62.53
C LYS JB 373 14.17 -49.93 -63.09
N LEU JB 374 13.00 -49.94 -63.74
CA LEU JB 374 12.48 -51.11 -64.43
C LEU JB 374 12.77 -51.08 -65.92
N GLN JB 375 12.51 -49.95 -66.58
CA GLN JB 375 12.81 -49.82 -68.01
C GLN JB 375 14.31 -49.90 -68.25
N VAL JB 376 15.12 -49.28 -67.39
CA VAL JB 376 16.56 -49.31 -67.57
C VAL JB 376 17.10 -50.73 -67.47
N GLY JB 377 16.64 -51.46 -66.46
CA GLY JB 377 17.14 -52.81 -66.25
C GLY JB 377 18.63 -52.81 -65.97
N THR JB 378 19.35 -53.70 -66.66
CA THR JB 378 20.79 -53.82 -66.52
C THR JB 378 21.56 -53.20 -67.68
N ARG JB 379 20.88 -52.59 -68.64
CA ARG JB 379 21.50 -51.94 -69.78
C ARG JB 379 22.36 -52.93 -70.58
N ALA JB 380 21.71 -53.96 -71.10
CA ALA JB 380 22.36 -55.02 -71.84
C ALA JB 380 21.62 -55.30 -73.13
N GLN JB 381 22.34 -55.88 -74.10
CA GLN JB 381 21.75 -56.17 -75.39
C GLN JB 381 20.66 -57.23 -75.31
N SER JB 382 20.64 -58.05 -74.25
CA SER JB 382 19.61 -59.07 -74.12
C SER JB 382 18.22 -58.47 -74.04
N GLU JB 383 18.09 -57.29 -73.45
CA GLU JB 383 16.83 -56.57 -73.39
C GLU JB 383 16.80 -55.50 -74.48
N ARG JB 384 15.80 -55.58 -75.34
CA ARG JB 384 15.66 -54.59 -76.42
C ARG JB 384 14.24 -54.64 -76.95
N ILE JB 385 13.75 -53.48 -77.39
CA ILE JB 385 12.41 -53.37 -77.95
C ILE JB 385 12.42 -53.03 -79.44
N ARG JB 386 13.54 -52.57 -79.97
CA ARG JB 386 13.63 -52.22 -81.39
C ARG JB 386 15.09 -52.26 -81.81
N THR JB 387 15.33 -52.80 -83.00
CA THR JB 387 16.68 -52.91 -83.55
C THR JB 387 16.75 -52.14 -84.85
N TYR JB 388 17.72 -51.24 -84.94
CA TYR JB 388 17.97 -50.44 -86.15
C TYR JB 388 19.17 -51.04 -86.87
N ASN JB 389 18.92 -51.66 -88.02
CA ASN JB 389 19.96 -52.30 -88.83
C ASN JB 389 20.12 -51.51 -90.11
N PHE JB 390 21.04 -50.54 -90.09
CA PHE JB 390 21.28 -49.71 -91.27
C PHE JB 390 21.93 -50.51 -92.39
N THR JB 391 22.62 -51.61 -92.07
CA THR JB 391 23.27 -52.41 -93.10
C THR JB 391 22.26 -53.00 -94.07
N GLN JB 392 21.16 -53.55 -93.55
CA GLN JB 392 20.10 -54.11 -94.39
C GLN JB 392 18.88 -53.21 -94.50
N ASP JB 393 18.94 -51.99 -93.94
CA ASP JB 393 17.87 -50.99 -94.07
C ASP JB 393 16.55 -51.55 -93.54
N ARG JB 394 16.57 -51.94 -92.26
CA ARG JB 394 15.40 -52.51 -91.62
CA ARG JB 394 15.40 -52.53 -91.61
C ARG JB 394 15.27 -51.97 -90.21
N VAL JB 395 14.03 -51.69 -89.80
CA VAL JB 395 13.70 -51.25 -88.46
C VAL JB 395 12.59 -52.17 -87.97
N SER JB 396 12.92 -53.03 -87.01
CA SER JB 396 12.00 -54.08 -86.56
C SER JB 396 11.69 -53.90 -85.07
N ASP JB 397 10.42 -54.10 -84.74
CA ASP JB 397 9.97 -54.13 -83.34
C ASP JB 397 9.72 -55.57 -82.93
N HIS JB 398 10.38 -56.01 -81.87
CA HIS JB 398 10.30 -57.40 -81.46
C HIS JB 398 8.91 -57.77 -80.93
N ARG JB 399 8.21 -56.82 -80.31
CA ARG JB 399 6.91 -57.12 -79.73
C ARG JB 399 5.91 -57.54 -80.80
N ILE JB 400 5.81 -56.76 -81.89
CA ILE JB 400 4.83 -57.02 -82.93
C ILE JB 400 5.42 -57.71 -84.15
N ALA JB 401 6.74 -57.95 -84.16
CA ALA JB 401 7.42 -58.60 -85.28
C ALA JB 401 7.14 -57.88 -86.60
N TYR JB 402 7.17 -56.55 -86.55
CA TYR JB 402 6.89 -55.70 -87.70
C TYR JB 402 8.15 -54.99 -88.12
N GLU JB 403 8.48 -55.08 -89.41
CA GLU JB 403 9.73 -54.55 -89.96
C GLU JB 403 9.42 -53.39 -90.90
N VAL JB 404 10.21 -52.33 -90.80
CA VAL JB 404 10.06 -51.14 -91.62
C VAL JB 404 11.38 -50.88 -92.34
N ARG JB 405 11.27 -50.52 -93.63
CA ARG JB 405 12.43 -50.17 -94.43
C ARG JB 405 12.61 -48.65 -94.43
N ASP JB 406 13.63 -48.19 -95.16
CA ASP JB 406 13.90 -46.76 -95.36
C ASP JB 406 14.11 -46.06 -94.01
N ILE JB 407 15.18 -46.46 -93.34
CA ILE JB 407 15.52 -45.90 -92.03
C ILE JB 407 15.79 -44.40 -92.14
N LYS JB 408 16.19 -43.93 -93.32
CA LYS JB 408 16.46 -42.51 -93.51
C LYS JB 408 15.22 -41.67 -93.21
N GLU JB 409 14.07 -42.08 -93.74
CA GLU JB 409 12.82 -41.39 -93.43
C GLU JB 409 12.32 -41.73 -92.03
N PHE JB 410 12.62 -42.93 -91.54
CA PHE JB 410 12.13 -43.34 -90.23
C PHE JB 410 12.72 -42.48 -89.12
N LEU JB 411 14.00 -42.14 -89.23
CA LEU JB 411 14.68 -41.35 -88.20
C LEU JB 411 14.34 -39.88 -88.25
N CYS JB 412 13.58 -39.43 -89.27
CA CYS JB 412 13.15 -38.05 -89.36
C CYS JB 412 11.77 -37.83 -88.77
N GLY JB 413 11.25 -38.82 -88.03
CA GLY JB 413 9.93 -38.71 -87.46
C GLY JB 413 8.84 -38.74 -88.52
N GLY JB 414 7.75 -38.02 -88.25
CA GLY JB 414 6.65 -37.97 -89.18
C GLY JB 414 5.89 -39.29 -89.22
N LYS JB 415 5.39 -39.63 -90.41
CA LYS JB 415 4.60 -40.85 -90.57
C LYS JB 415 5.42 -42.11 -90.38
N GLY JB 416 6.75 -42.02 -90.43
CA GLY JB 416 7.58 -43.20 -90.23
C GLY JB 416 7.42 -43.80 -88.84
N LEU JB 417 7.44 -42.95 -87.81
CA LEU JB 417 7.24 -43.44 -86.45
C LEU JB 417 5.77 -43.55 -86.08
N ASP JB 418 4.93 -42.69 -86.65
CA ASP JB 418 3.50 -42.74 -86.32
C ASP JB 418 2.87 -44.05 -86.76
N GLN JB 419 3.25 -44.54 -87.94
CA GLN JB 419 2.70 -45.80 -88.44
C GLN JB 419 3.06 -46.96 -87.52
N LEU JB 420 4.29 -46.98 -87.03
CA LEU JB 420 4.72 -48.05 -86.12
C LEU JB 420 3.94 -48.03 -84.82
N ILE JB 421 3.67 -46.83 -84.29
CA ILE JB 421 2.97 -46.71 -83.01
C ILE JB 421 1.54 -47.23 -83.12
N GLN JB 422 0.89 -47.03 -84.26
CA GLN JB 422 -0.50 -47.45 -84.42
C GLN JB 422 -0.66 -48.96 -84.22
N ARG JB 423 0.25 -49.75 -84.79
CA ARG JB 423 0.19 -51.20 -84.59
C ARG JB 423 0.50 -51.59 -83.16
N LEU JB 424 1.37 -50.82 -82.49
CA LEU JB 424 1.66 -51.10 -81.08
C LEU JB 424 0.44 -50.90 -80.20
N LEU JB 425 -0.33 -49.84 -80.46
CA LEU JB 425 -1.51 -49.57 -79.67
C LEU JB 425 -2.62 -50.57 -79.97
N GLN JB 426 -2.77 -50.96 -81.24
CA GLN JB 426 -3.78 -51.96 -81.59
C GLN JB 426 -3.44 -53.31 -80.97
N SER JB 427 -2.17 -53.68 -80.96
CA SER JB 427 -1.75 -54.92 -80.30
C SER JB 427 -2.00 -54.86 -78.80
N ALA JB 428 -1.76 -53.69 -78.20
CA ALA JB 428 -2.03 -53.52 -76.78
C ALA JB 428 -3.51 -53.71 -76.47
N ASP JB 429 -4.38 -53.12 -77.28
CA ASP JB 429 -5.82 -53.31 -77.09
C ASP JB 429 -6.22 -54.77 -77.31
N GLU JB 430 -5.61 -55.42 -78.31
CA GLU JB 430 -5.99 -56.79 -78.63
C GLU JB 430 -5.71 -57.73 -77.47
N GLU JB 431 -4.52 -57.62 -76.86
CA GLU JB 431 -4.17 -58.48 -75.74
C GLU JB 431 -5.07 -58.21 -74.53
N ALA JB 432 -5.33 -56.94 -74.24
CA ALA JB 432 -6.15 -56.60 -73.08
C ALA JB 432 -7.58 -57.08 -73.27
N ILE JB 433 -8.16 -56.86 -74.46
CA ILE JB 433 -9.54 -57.28 -74.71
C ILE JB 433 -9.64 -58.80 -74.71
N ALA JB 434 -8.69 -59.49 -75.35
CA ALA JB 434 -8.73 -60.94 -75.40
C ALA JB 434 -8.64 -61.54 -74.01
N GLU JB 435 -7.76 -61.01 -73.16
CA GLU JB 435 -7.66 -61.50 -71.80
C GLU JB 435 -8.94 -61.22 -71.01
N LEU JB 436 -9.54 -60.04 -71.23
CA LEU JB 436 -10.77 -59.69 -70.52
C LEU JB 436 -11.90 -60.67 -70.86
N LEU JB 437 -12.01 -61.05 -72.13
CA LEU JB 437 -13.03 -62.00 -72.53
C LEU JB 437 -12.85 -63.34 -71.81
N ASP JB 438 -11.60 -63.81 -71.71
CA ASP JB 438 -11.33 -64.99 -70.91
C ASP JB 438 -11.59 -64.72 -69.43
N GLU JB 439 -11.23 -63.52 -68.95
CA GLU JB 439 -11.50 -63.17 -67.57
C GLU JB 439 -13.00 -63.09 -67.30
N HIS JB 440 -13.79 -62.74 -68.31
CA HIS JB 440 -15.24 -62.82 -68.16
C HIS JB 440 -15.67 -64.27 -67.93
N LEU JB 441 -15.06 -65.21 -68.63
CA LEU JB 441 -15.32 -66.62 -68.37
C LEU JB 441 -14.85 -67.02 -66.98
N LYS JB 442 -13.69 -66.50 -66.55
CA LYS JB 442 -13.19 -66.79 -65.22
C LYS JB 442 -14.15 -66.27 -64.15
N SER JB 443 -14.69 -65.07 -64.34
CA SER JB 443 -15.68 -64.54 -63.40
C SER JB 443 -16.97 -65.36 -63.41
N ALA JB 444 -17.32 -65.93 -64.56
CA ALA JB 444 -18.51 -66.77 -64.67
C ALA JB 444 -18.27 -68.21 -64.25
N LYS JB 445 -17.01 -68.61 -64.04
CA LYS JB 445 -16.71 -69.97 -63.63
C LYS JB 445 -16.03 -70.00 -62.26
MG MG KB . 34.31 -21.89 -8.52
MG MG LB . -3.31 -2.45 -8.58
MG MG MB . 26.01 -33.21 4.10
MG MG NB . 21.47 5.73 13.11
MG MG OB . 17.08 11.73 9.88
MG MG PB . 14.12 -5.95 1.83
MG MG QB . 16.91 -9.85 -7.30
MG MG RB . -4.04 -26.40 -5.38
MG MG SB . -4.21 -25.22 4.22
MG MG TB . -22.70 -17.39 20.67
MG MG UB . -19.96 -13.67 -0.56
MG MG VB . 4.14 -67.71 4.82
MG MG WB . 1.40 -1.45 3.28
MG MG XB . -0.90 -8.78 8.23
MG MG YB . -1.35 -6.62 15.10
MG MG ZB . 28.85 -47.99 -8.37
MG MG AC . 18.03 -49.23 2.54
MG MG BC . 37.09 12.02 -2.76
MG MG CC . 1.41 -33.74 29.34
MG MG DC . -2.14 -31.29 37.08
MG MG EC . 3.48 -12.15 28.95
MG MG FC . -11.01 4.27 -16.04
MG MG GC . -1.69 5.66 -9.94
MG MG HC . 3.43 14.20 -8.32
MG MG IC . 3.54 12.83 -2.53
MG MG JC . 17.91 8.02 38.64
MG MG KC . 37.29 -40.86 -0.95
MG MG LC . 37.58 -39.16 -6.86
MG MG MC . 5.76 18.32 25.90
MG MG NC . -19.74 -19.76 3.85
MG MG OC . 23.87 -37.43 -1.51
MG MG PC . -1.69 -48.62 4.69
MG MG QC . -3.48 -18.38 34.58
MG MG RC . 2.71 -15.51 32.94
MG MG SC . 1.99 10.46 7.22
MG MG TC . -5.99 -25.56 24.82
MG MG UC . 14.96 10.16 -11.12
MG MG VC . 27.30 -27.97 4.55
MG MG WC . -30.23 -8.96 8.51
MG MG XC . -6.98 -1.42 41.31
MG MG YC . -3.34 -12.83 -13.04
MG MG ZC . -30.54 -6.31 19.91
MG MG AD . -0.48 -15.01 7.95
MG MG BD . 3.68 -29.34 7.76
MG MG CD . 46.84 -28.07 -30.10
MG MG DD . -1.69 38.42 -23.58
MG MG ED . -30.05 4.41 1.78
MG MG FD . -4.09 11.68 15.85
MG MG GD . 19.65 17.84 -16.91
MG MG HD . 4.25 -49.44 14.11
MG MG ID . 45.85 -48.39 -9.87
MG MG JD . 22.95 -22.83 24.77
MG MG KD . 6.37 -2.94 -21.72
MG MG LD . 8.96 -3.83 2.60
MG MG MD . 53.76 -28.54 51.63
MG MG ND . 0.03 -29.58 -3.30
MG MG OD . 30.86 -12.93 13.94
MG MG PD . -17.39 26.09 6.65
MG MG QD . 23.91 6.78 -5.98
MG MG RD . -13.74 17.89 -15.11
MG MG SD . 19.35 2.65 -18.24
MG MG TD . 17.77 0.10 -26.57
MG MG UD . 18.80 12.42 31.92
MG MG VD . 25.96 15.25 -2.68
MG MG WD . 34.75 -30.91 8.14
MG MG XD . -41.46 14.07 6.56
MG MG YD . -0.88 8.02 28.65
MG MG ZD . 27.19 27.12 -14.08
MG MG AE . 12.79 3.45 -16.33
MG MG BE . 8.98 55.41 -40.80
MG MG CE . -2.29 -45.99 19.56
MG MG DE . -12.83 -10.38 10.36
MG MG EE . -7.36 -4.67 9.83
MG MG FE . -65.53 -35.44 -33.63
MG MG GE . -18.40 -36.61 -5.69
MG MG HE . 4.62 -8.69 15.30
MG MG IE . 1.98 -47.00 -9.68
MG MG JE . 55.07 -38.01 -23.72
MG MG KE . -18.03 1.50 3.06
MG MG LE . 45.65 -38.03 -19.89
MG MG ME . 6.36 -50.20 -10.46
MG MG NE . -20.13 -57.22 4.14
MG MG OE . 28.64 3.06 14.32
MG MG PE . -2.79 -19.42 -4.07
MG MG QE . 27.26 9.54 21.20
MG MG RE . 26.78 -25.66 53.58
MG MG SE . -30.10 -33.41 -20.37
MG MG TE . 46.95 -52.75 13.84
MG MG UE . 10.67 24.13 -24.70
MG MG VE . -7.93 -12.86 -3.39
MG MG WE . 20.50 -31.53 -27.10
MG MG XE . -27.69 -46.17 -21.27
MG MG YE . -26.47 -48.37 36.96
MG MG ZE . 9.79 -57.84 11.74
MG MG AF . -4.29 -19.75 4.00
MG MG BF . 40.34 -32.35 -11.59
MG MG CF . 42.26 -27.77 4.12
MG MG DF . 45.63 -28.56 39.07
MG MG EF . 43.99 -26.11 -11.03
MG MG FF . 32.98 -25.45 -30.58
MG MG GF . 17.56 -32.20 -9.10
MG MG HF . 36.48 18.05 5.80
MG MG IF . 44.30 -22.77 -25.42
MG MG JF . 10.29 -32.93 9.77
MG MG KF . 30.95 -44.99 -33.18
MG MG LF . 9.63 -60.18 -25.73
MG MG MF . 44.10 -49.14 4.37
MG MG NF . 35.31 -49.57 6.51
MG MG OF . -17.43 8.11 -21.44
MG MG PF . 33.15 8.96 -0.27
MG MG QF . 45.88 -22.19 18.37
MG MG RF . 33.79 -11.82 32.68
MG MG SF . -25.04 38.72 -30.26
MG MG TF . 12.22 42.45 10.35
MG MG UF . -11.83 -27.37 20.78
MG MG VF . 41.82 44.40 13.50
MG MG WF . 35.12 -27.52 -25.12
MG MG XF . 5.11 -39.86 34.87
MG MG YF . 3.38 -46.67 33.99
MG MG ZF . 13.27 -42.48 37.49
MG MG AG . -19.95 44.61 -20.34
MG MG BG . -3.25 -31.09 15.68
MG MG CG . 30.27 -16.55 23.36
MG MG DG . 38.59 -48.85 1.38
MG MG EG . -40.94 -42.35 8.59
MG MG FG . 17.54 -25.19 -16.90
MG MG GG . 1.28 19.25 -27.29
MG MG HG . 14.57 17.93 -21.71
MG MG IG . 27.24 7.99 -1.58
MG MG JG . 6.40 28.94 18.29
MG MG KG . 54.11 -10.51 -36.27
MG MG LG . 40.31 3.80 -19.77
MG MG MG . 30.79 -21.33 37.11
MG MG NG . 40.33 31.09 -12.38
MG MG OG . 19.89 -43.22 13.69
MG MG PG . -36.78 -16.99 1.40
MG MG QG . -2.27 32.95 33.43
MG MG RG . -27.20 -10.32 7.71
MG MG SG . -58.65 -28.21 -58.17
MG MG TG . 29.94 -47.24 14.96
MG MG UG . -55.53 -42.31 -34.23
MG MG VG . 25.59 22.17 -11.49
MG MG WG . 42.56 -10.53 0.74
MG MG XG . 35.41 -1.15 0.54
MG MG YG . 15.38 -50.83 13.36
MG MG ZG . -29.47 -29.98 -24.74
MG MG AH . -20.92 -13.56 -22.83
MG MG BH . -58.76 -23.16 -73.96
MG MG CH . -27.19 -33.24 -54.70
MG MG DH . 67.19 -29.16 52.08
MG MG EH . -33.40 -63.04 -21.32
MG MG FH . 1.53 29.49 12.72
MG MG GH . -4.07 12.96 -1.50
MG MG HH . 1.93 29.66 -6.51
MG MG IH . 2.19 3.02 22.52
MG MG JH . -31.89 24.71 6.35
MG MG KH . -4.73 1.14 -4.57
MG MG LH . 2.90 -62.01 5.08
MG MG MH . 30.25 -18.29 -6.77
MG MG NH . 25.50 -20.70 -9.59
MG MG OH . 4.87 0.80 38.30
MG MG PH . 17.29 -27.12 30.65
MG MG QH . 38.43 1.16 8.22
MG MG RH . 16.73 -39.18 -6.15
MG MG SH . -6.44 -31.39 26.98
MG MG TH . -21.25 -13.69 -29.74
MG MG UH . 0.08 14.38 -12.64
MG MG VH . 15.62 -33.16 43.01
MG MG WH . -8.82 -30.25 21.71
MG MG XH . 31.35 -23.57 -19.64
MG MG YH . 15.88 -41.14 -14.96
MG MG ZH . 13.19 -60.22 -9.21
MG MG AI . 41.55 -26.34 21.97
MG MG BI . -6.58 -35.57 -6.39
MG MG CI . 60.31 11.01 -8.27
MG MG DI . 36.92 -42.31 -17.87
MG MG EI . 11.82 -48.06 -13.13
MG MG FI . 31.62 -40.46 -24.70
MG MG GI . -8.99 9.36 -14.68
MG MG HI . 20.95 -32.21 58.17
MG MG II . -5.25 3.25 -14.56
MG MG JI . 23.41 -41.56 -20.00
MG MG KI . -7.72 12.89 -1.33
MG MG LI . 9.38 11.49 37.79
MG MG MI . 47.84 -7.66 17.88
MG MG NI . 20.03 -0.93 -8.10
MG MG OI . 14.91 -31.37 -5.97
MG MG PI . 24.08 -40.72 15.50
K K QI . 19.72 6.14 34.13
K K RI . -0.71 -7.04 4.13
K K SI . 32.31 -40.80 -3.32
K K TI . 11.83 11.20 -6.26
K K UI . 51.39 -11.99 -33.30
K K VI . 23.18 -44.87 -26.70
K K WI . 17.84 -44.95 -28.48
K K XI . 33.19 -38.27 0.92
K K YI . -9.32 -25.30 10.45
K K ZI . -0.78 3.42 12.38
K K AJ . -3.04 -60.04 13.78
K K BJ . 17.88 16.15 -19.60
K K CJ . -10.33 -9.15 -23.06
K K DJ . 33.85 -24.31 41.30
K K EJ . -0.47 -3.72 -17.70
K K FJ . 2.04 -10.49 -2.16
K K GJ . -57.15 -29.18 -32.83
K K HJ . 48.74 -17.01 18.88
K K IJ . 22.08 -31.51 24.65
K K JJ . 1.67 0.98 3.59
K K KJ . -38.57 -33.03 -71.63
K K LJ . 9.28 -43.41 -12.73
K K MJ . -14.49 -16.33 14.72
K K NJ . -21.41 -38.17 -9.88
K K OJ . -4.68 19.98 10.85
K K PJ . 15.59 27.32 7.23
MG MG QJ . 24.89 -45.13 -27.24
MG MG RJ . 38.53 -32.86 -17.28
MG MG SJ . -0.12 19.51 -34.48
MG MG TJ . 18.45 15.57 0.18
MG MG UJ . -19.76 -7.04 -7.57
N PHE VJ . -51.08 23.91 -114.68
CA PHE VJ . -50.59 24.04 -113.32
C PHE VJ . -49.73 25.29 -113.17
O PHE VJ . -50.21 26.42 -113.35
CB PHE VJ . -49.77 22.81 -112.91
CG PHE VJ . -50.55 21.53 -112.99
CD1 PHE VJ . -51.32 21.10 -111.91
CD2 PHE VJ . -50.53 20.74 -114.14
CE1 PHE VJ . -52.03 19.91 -111.99
CE2 PHE VJ . -51.24 19.57 -114.21
CZ PHE VJ . -52.00 19.15 -113.13
MG MG WJ . -1.80 38.24 -82.92
ZN ZN XJ . -10.89 -44.98 64.66
K K YJ . 69.91 -36.16 -1.14
MG MG ZJ . 65.13 -28.79 1.98
MG MG AK . 52.23 -28.01 -9.36
MG MG BK . -17.09 -40.60 23.21
MG MG CK . 6.08 -42.21 10.47
MG MG DK . 24.68 57.86 4.54
K K EK . -30.34 -10.85 -39.04
MG MG FK . -9.68 -54.81 32.22
MG MG GK . -9.18 -57.09 40.29
MG MG HK . -15.26 -51.51 25.23
K K IK . -13.97 80.80 -37.26
MG MG JK . -29.57 0.89 -15.30
K K KK . -20.94 -3.96 -14.46
FE1 FES LK . -70.20 -5.71 -30.50
FE2 FES LK . -69.52 -8.32 -30.64
S1 FES LK . -69.35 -6.98 -28.90
S2 FES LK . -70.05 -6.97 -32.30
ZN ZN MK . -44.56 -34.80 -43.37
MG MG NK . 49.07 -24.05 40.57
MG MG OK . 5.17 53.99 8.48
N FME PK . 8.21 -17.42 -7.34
CN FME PK . 7.79 -16.83 -6.23
O1 FME PK . 6.75 -17.09 -5.64
CA FME PK . 9.47 -17.07 -7.99
CB FME PK . 10.65 -17.36 -7.05
CG FME PK . 11.96 -16.77 -7.53
SD FME PK . 13.32 -17.02 -6.35
CE FME PK . 13.29 -18.80 -6.18
C FME PK . 9.61 -17.84 -9.31
O FME PK . 10.55 -18.65 -9.44
#